data_7PI0
#
_entry.id   7PI0
#
_cell.length_a   1.00
_cell.length_b   1.00
_cell.length_c   1.00
_cell.angle_alpha   90.00
_cell.angle_beta   90.00
_cell.angle_gamma   90.00
#
_symmetry.space_group_name_H-M   'P 1'
#
loop_
_entity.id
_entity.type
_entity.pdbx_description
1 polymer 'Photosystem II protein D1'
2 polymer 'Photosystem II CP47 reaction center protein'
3 polymer 'Photosystem II reaction center protein Ycf12'
4 polymer 'Photosystem II CP43 reaction center protein'
5 polymer 'Photosystem II D2 protein'
6 polymer 'Cytochrome b559 subunit alpha'
7 polymer 'Cytochrome b559 subunit beta'
8 polymer 'Photosystem II reaction center protein H'
9 polymer 'Photosystem II reaction center protein I'
10 polymer 'Photosystem II reaction center protein J'
11 polymer 'Photosystem II reaction center protein K'
12 polymer 'Photosystem II reaction center protein L'
13 polymer 'Photosystem II reaction center protein M'
14 polymer 'Oxygen-evolving enhancer protein 1, chloroplastic'
15 polymer 'Oxygen-evolving enhancer protein 2, chloroplastic'
16 polymer 'Photosystem II reaction center protein T'
17 polymer 'PSII 6.1 kDa protein'
18 polymer 'Hypothetical protein'
19 polymer 'Photosystem II reaction center protein Z'
20 polymer 'Chlorophyll a-b binding protein of LHCII type 3, chloroplastic'
21 polymer 'Chlorophyll a-b binding protein of LHCII type 2, chloroplastic'
22 polymer 'Chlorophyll a-b binding protein, chloroplastic, CP29'
23 polymer 'Chlorophyll a-b binding protein, chloroplastic, CP26'
24 polymer 'Chlorophyll a-b binding protein of LHCII type 1, chloroplastic'
25 polymer 'Photosystem II extrinsic protein U'
26 non-polymer 'CA-MN4-O5 CLUSTER'
27 non-polymer 'FE (II) ION'
28 non-polymer 'CHLORIDE ION'
29 non-polymer 'CHLOROPHYLL A'
30 non-polymer 'PHEOPHYTIN A'
31 non-polymer BETA-CAROTENE
32 non-polymer 'SODIUM ION'
33 non-polymer 1,2-DIACYL-GLYCEROL-3-SN-PHOSPHATE
34 non-polymer (1~{S})-3,5,5-trimethyl-4-[(1~{E},3~{E},5~{E},7~{E},9~{E},11~{E},13~{E},15~{E},17~{E})-3,7,12,16-tetramethyl-18-[(4~{S})-2,6,6-trimethyl-4-oxidanyl-cyclohexen-1-yl]octadeca-1,3,5,7,9,11,13,15,17-nonaenyl]cyclohex-3-en-1-ol
35 non-polymer 1,2-DISTEAROYL-MONOGALACTOSYL-DIGLYCERIDE
36 non-polymer 'DIGALACTOSYL DIACYL GLYCEROL (DGDG)'
37 non-polymer 1,2-DIPALMITOYL-PHOSPHATIDYL-GLYCEROLE
38 non-polymer DODECYL-BETA-D-MALTOSIDE
39 non-polymer 1,2-DI-O-ACYL-3-O-[6-DEOXY-6-SULFO-ALPHA-D-GLUCOPYRANOSYL]-SN-GLYCEROL
40 non-polymer SPHINGOSINE
41 non-polymer 'DIACYL GLYCEROL'
42 non-polymer 'BICARBONATE ION'
43 non-polymer 2,3-DIMETHYL-5-(3,7,11,15,19,23,27,31,35-NONAMETHYL-2,6,10,14,18,22,26,30,34-HEXATRIACONTANONAENYL-2,5-CYCLOHEXADIENE-1,4-DIONE-2,3-DIMETHYL-5-SOLANESYL-1,4-BENZOQUINONE
44 non-polymer 'PROTOPORPHYRIN IX CONTAINING FE'
45 non-polymer (3R)-beta,beta-caroten-3-ol
46 non-polymer 'CHLOROPHYLL B'
47 non-polymer "(3R,3'R,6S)-4,5-DIDEHYDRO-5,6-DIHYDRO-BETA,BETA-CAROTENE-3,3'-DIOL"
48 non-polymer (1R,3R)-6-{(3E,5E,7E,9E,11E,13E,15E,17E)-18-[(1S,4R,6R)-4-HYDROXY-2,2,6-TRIMETHYL-7-OXABICYCLO[4.1.0]HEPT-1-YL]-3,7,12,16-TETRAMETHYLOCTADECA-1,3,5,7,9,11,13,15,17-NONAENYLIDENE}-1,5,5-TRIMETHYLCYCLOHEXANE-1,3-DIOL
49 non-polymer "(3S,5R,6S,3'S,5'R,6'S)-5,6,5',6'-DIEPOXY-5,6,5',6'- TETRAHYDRO-BETA,BETA-CAROTENE-3,3'-DIOL"
50 non-polymer PHOSPHATIDYLETHANOLAMINE
51 non-polymer '(2S)-3-{[(R)-(2-aminoethoxy)(hydroxy)phosphoryl]oxy}-2-hydroxypropyl hexadecanoate'
52 water water
#
loop_
_entity_poly.entity_id
_entity_poly.type
_entity_poly.pdbx_seq_one_letter_code
_entity_poly.pdbx_strand_id
1 'polypeptide(L)'
;ENTSLWARFCEWITSTENRLYIGWFGVIMIPTLLTAISVYIIAFIAAPPVDIDGIREPVSGSLLYGNNIITGAVVPTSNA
IGLHFYPIWEAASLDEWLYNGGPYQLVVCHFFLGVCCYMGREWELSYRLGMRPWIAVAYSAPVAAATAVFIIYPIGQGSF
SDGMPLGISGTFNFMIVFQAEHNILMHPFHMFGVAGVFGGSLFSAMHGSLVTSSLIRETTENESANAGYKFGQEEETYNI
VAAHGYFGRLIFQYASFNNSRSLHFFLAVWPVVCIWLTALGISTMAFNLNGFNFNQSVVDSNGRVLNTWADIINRANLGM
EVMHERNAHNFPLDLA
;
A,a
2 'polypeptide(L)'
;GLPWYRVHTVVINDPGRLISVHLMHTALVAGWAGAMTLFEIAVFDPSDPVLNPMWRQGMFVLPFLTRLGVTQSWGGWTIS
GETSSNPGIWSYEGAAASHIVLSGLLFLASVWHWVYWDLELFRDPRTGKTALDLPKIFGIHLFLAGLLCFGFGAFHVTGV
FGPGIWVSDPYGLTGSVQPVAPSWGAEGFDPYNPGGVPAHHIAAGILGVLAGLFHL(CSD)VRPSIRLYFGLSMGSIESV
LSSSIAAVFWAAFVVAGTMWYGSAATPIELFGPTRYQWDQGFFQQEIQKRVAQSTSEGLSVSEAWAKIPEKLAFYDYIGN
NPAKGGLFRTGAMNSGDGIAVGWLGHASFKDQEGRELFVRRMPTFFETFPVVLIDKDGVVRADVPFRKAESKYSIEQVGV
SVTFYGGELNGLTFTDPSTVKKYARKAQLGEIFEFDRSTLQSDGVFRSSPRGWFTFGHLSFALLFFFGHIWHGSRTIFRD
VFAGIDED
;
B,b
3 'polypeptide(L)' SLTLILQLVALFAVVAAGPLVVVLLSVRGGNL V,v
4 'polypeptide(L)'
;GRDQETTGFAWWAGNARLINLSGKLLGAHVAHAGLIVFWAGAMNLFEVSHFVPEKPMYEQGLILLPHIATLGYGVGPGGE
VLDTFPYFVSGVLHLISSAVLGFGGVYHSLIGPETLEESYPFFGYVWKDKNKMTNILGYHLIILGCGAWLLVLKALYFGG
VYDTWAPGGGDVRIISNPTTNAAIIFGYIVKSPFGGDGWIVSVDNLEDIIGGHIWIGTLCILGGIWHIYTTPWPWARRAF
VWSGEAYLSYSLAAVSLMGFTACCFAWFNNTAYPSEFYGPTGPEASQAQAFTFLVRDQRLGANVASAQGPTGLGKYLMRS
PTGEIIFGGETMRFWDFRGPWVEPLRGPSGLDLVKLKNDIQPWQERRAAEYMTHAPLGSLNSVGGVATEINAVNFVSPRS
WLATSHFCLGFFFFVGHLWHAGRARAAAAGFEKGIDRVDEPVLSMRPLD
;
C,c
5 'polypeptide(L)'
;IGTYQEKRTWFDDADDWLRQDRFVFVGWSGLLLLPCAYFAVGGWLTGCTFVTSWYTHGLASSYIEGCNFLTAAVSTPANS
LGHSLLFVWGPEAQGDLTRWFQLGGLWAFVALHGAFGLIGFMLRQFEIARSVNLRPYNAIAFSAPIAVFVSVFLIYPLGQ
SGWFFAPSFGVASIFRFILFFQGFHNWTLNPFHMMGVAGVLGAALLCAIHGATVENTLFEDGDGANTFRAFNPTQAEETY
SMVTANRFWSQIFGVAFSNKRWLHFFMLFVPVTGLWMSALGVVGLALNLRAYDFVSQEIRAAEDPEFETFYTKNILLNEG
IRAWMAAQDQPHEKLTLPEEVLPRGNAL
;
D,d
6 'polypeptide(L)' ERPFSDILTSIRYWVIHSITVPSLFIAGWLFVSTGLAYDVFGSPRPNEYFTEDRQDAPLITDRFNALEQVKKLSAQ E,e
7 'polypeptide(L)' IFTVRWLAIHAIAVPTIFFLGAITAMQFIQR F,f
8 'polypeptide(L)' EPGIVTPLGTLLRPLNSEAGKVLPGWGTTVLMAVAILLFAVFLLIILEIYNSSLILDGVTNSWESLA H,h
9 'polypeptide(L)' MLTLKIFVYTVVTFFVGLFIFGFLSNDPSRNPGKG I,i
10 'polypeptide(L)' IGRIPLWLVGTVVGLLAIGLLAIFFYGSYVGLGSSL J,j
11 'polypeptide(L)' KLPEAYAPFSPIVDVLPIIPVLFILLAFVWQASVSFR K,k
12 'polypeptide(L)' MARPNPNKQVVELNRSSLYWGLLLIFVLAVLFSSYIFN L,l
13 'polypeptide(L)' VNILGLTATALFIIIPTSFLLILYVKTAASE M,m
14 'polypeptide(L)'
;LTYDELQGLTYLQVKGTGIANTCPVVEQGTSNVRELKPGDYKLEKFCMEPTSFTVKEEDAKGREEFVKTKLLTRLTYGLD
GMNGSMKINNDGSVEFREDEGLDYAATTVKLPGGEYVPFLFTIKEFDGKGTLDSFSGDFLVPSYRGSTFLDPKGRGGATG
YDNAIALPAKADADEIQRLNNKSYTPGKGSAVFSVAKVDTETGEIAGVFESIQPSDTEMGAHPAKDIKITGLWYGQLT
;
O,o
15 'polypeptide(L)'
;AYGEGANVFGRVTNKSGFVPYAGDSFALLLPSKWNPSDEKEVDSIVLRYADNFDAVNNVYVIAQDTDKSSIQDYGSPEEF
ISQFGYLLGRQAWAGQTVSEGGFDANKVSSAALLGVATEKDKKGKTYYKFEILSRTADGNEGGRHQLVKATVSNGKLYLL
KVQAGDKRWFKGTDKECLGVLDSFTVV
;
P,p
16 'polypeptide(L)' MEALVYTFLLIGTLGIIFFSIFFREPPRIA T,t
17 'polypeptide(L)' LVDDRMNGDGTGLPFGVNDGILGWVIAGTLGTIWAIYFVSQKDL W,w
18 'polypeptide(L)' SVTPSLKNFLLSLVAGAVVLAAIAGAVTAV X,x
19 'polypeptide(L)' MTSILQIALLGLVLVSFALVVGVPVVFASPNGWTENKGVVFSGLSVWFLLVFAVGVFNSFA Z,z
20 'polypeptide(L)'
;TINQFYGPDRNKWLGPYSTNTPPYLTGEFPGDYGWDTAGLSADPETFKRYRELELIHARWALLGALGMVTPELLQDDDGI
MFGESAIWFKAGAAIFQEGGLNYLGNPSLIHAQNIVATLAVQVVLMGLVEGYRVNGGPAGEGLDPLYPGEAFDPLGLADD
PEAFAELKVKEIKNGRLAMFACLGFFVQAIVTGKGPIENLTDHLANPAENNAFAYATKFTPQ
;
N,n
21 'polypeptide(L)'
;EFYGPDRAKFLGPFSENDTPEYLTGEFPGDYGWDTAGLSADPQTFARYREIELIHARWALLGALGILTPELLSQYAGVQF
GEPVWFKAGAQIFAAGGLNYLGNESLIHAQSIIATLAVQVVLMGLAEAYRANGGSEGFLDDLDTLYPGGAFDPLGLADDP
DTFAELKVKEIKNGRLAMFSCLGFFVQAIVTGKGPVQNLTDHLADPTVNNAFASATKFTPG
;
G,g
22 'polypeptide(L)'
;SLSYLDGHLPGDMGFDPLHLSSPTV(SEP)LQIGVDEEDQNQAQNKKGDVEAIFRPEVFGLARFRETEVIHGRWAMLGTL
GAIVGEAATGVSWVDAGKVELDGAQYLGQSLPFSISQLIWIEAILVGGVEVLRNNELDLEKRIYPGGAFDPLNLADEEDE
EKSFRLKTAEIKHGRLAMVAFLGFGIQAAATGEGALGSLA
;
R,r
23 'polypeptide(L)'
;PDLEKWYGPDRKLFLPGGLLDRDDVPEYLNGELAGDYGYDPLGLGKDEEQVEKYRANELLHARWAMLAAAGIIIPEGLQA
NGADIKGGTWFETGAEMLNGGTLNYFAVPFGVVQNPLPLAAVTLIEIVLLGAVEKFRVDGTGPAGFSPGVGKFDSDIFDG
LDKLYPGGPFDPLNLADDPEVFAELQVKEIKNGRLAMIAVLAFAIQSYVTGEGPYANITKHLSDPFGYNLLTVLQGDDRV
PTL
;
S,s
24 'polypeptide(L)'
;SAWYGPDRPLFLGSLSGEPPSYLTGEFPGDYGWDTAGLSADPTTFARYRTIELIHARWALLGALGIITPELLAKNGVPFS
EDGAIWFKAGAEIFKEGGLNYLGNENLIHAQSILATLAVQVIVMGAAEGFRANGEAPGVEGLDPLYPGGPFDPLGLADDP
EAFAELKVKEIKNGRLAMFSCLGFFVQAIVTGKGPIQNLQDHLADPGVNNAFASATKFVPTP
;
Y,y
25 'polypeptide(L)' QRVRTVLDMDDPAKEETVKELRKDINN U,u
#
# COMPACT_ATOMS: atom_id res chain seq x y z
N GLU A 1 40.76 35.38 25.74
CA GLU A 1 40.59 36.83 25.79
C GLU A 1 39.45 37.18 24.83
N ASN A 2 38.79 36.13 24.33
CA ASN A 2 37.58 36.16 23.51
C ASN A 2 37.89 36.61 22.08
N THR A 3 39.14 36.95 21.81
CA THR A 3 39.56 37.37 20.48
C THR A 3 40.64 36.47 19.88
N SER A 4 41.51 35.88 20.70
CA SER A 4 42.50 34.97 20.16
C SER A 4 41.83 33.74 19.59
N LEU A 5 42.43 33.20 18.53
CA LEU A 5 41.81 32.11 17.77
C LEU A 5 41.62 30.88 18.63
N TRP A 6 42.63 30.52 19.42
CA TRP A 6 42.53 29.34 20.25
C TRP A 6 41.48 29.51 21.34
N ALA A 7 41.38 30.71 21.93
CA ALA A 7 40.37 30.93 22.96
C ALA A 7 38.96 30.87 22.38
N ARG A 8 38.77 31.42 21.19
CA ARG A 8 37.47 31.33 20.54
C ARG A 8 37.11 29.89 20.22
N PHE A 9 38.09 29.11 19.72
CA PHE A 9 37.87 27.71 19.46
C PHE A 9 37.54 26.95 20.74
N CYS A 10 38.23 27.27 21.83
CA CYS A 10 37.99 26.61 23.12
C CYS A 10 36.61 26.93 23.65
N GLU A 11 36.19 28.19 23.57
CA GLU A 11 34.87 28.53 24.10
C GLU A 11 33.76 27.98 23.22
N TRP A 12 34.03 27.74 21.93
CA TRP A 12 33.03 27.04 21.14
C TRP A 12 33.00 25.55 21.47
N ILE A 13 34.16 24.93 21.67
CA ILE A 13 34.20 23.49 21.92
C ILE A 13 33.56 23.15 23.25
N THR A 14 33.88 23.92 24.29
CA THR A 14 33.37 23.64 25.63
C THR A 14 32.04 24.34 25.90
N SER A 15 31.37 24.84 24.87
CA SER A 15 30.12 25.56 25.06
C SER A 15 29.01 24.60 25.46
N THR A 16 28.26 25.00 26.50
CA THR A 16 27.06 24.28 26.90
C THR A 16 25.82 24.82 26.22
N GLU A 17 25.99 25.54 25.12
CA GLU A 17 24.89 26.08 24.35
C GLU A 17 24.73 25.41 23.00
N ASN A 18 25.69 24.60 22.57
CA ASN A 18 25.50 23.79 21.37
C ASN A 18 24.43 22.74 21.63
N ARG A 19 23.69 22.39 20.57
CA ARG A 19 22.59 21.43 20.72
C ARG A 19 23.10 20.08 21.21
N LEU A 20 24.20 19.61 20.65
CA LEU A 20 24.91 18.47 21.18
C LEU A 20 26.26 18.95 21.68
N TYR A 21 26.59 18.59 22.92
CA TYR A 21 27.88 18.98 23.49
C TYR A 21 29.01 18.31 22.74
N ILE A 22 30.10 19.04 22.54
CA ILE A 22 31.27 18.46 21.90
C ILE A 22 32.33 18.15 22.94
N GLY A 23 32.90 19.18 23.53
CA GLY A 23 33.99 19.00 24.48
C GLY A 23 35.25 18.42 23.85
N TRP A 24 36.28 18.34 24.68
CA TRP A 24 37.56 17.80 24.23
C TRP A 24 37.49 16.30 24.04
N PHE A 25 36.66 15.60 24.81
CA PHE A 25 36.40 14.21 24.49
C PHE A 25 35.58 14.08 23.23
N GLY A 26 34.74 15.07 22.94
CA GLY A 26 33.95 15.02 21.72
C GLY A 26 34.75 15.27 20.46
N VAL A 27 35.85 16.04 20.57
CA VAL A 27 36.66 16.26 19.37
C VAL A 27 37.40 15.02 18.93
N ILE A 28 37.47 13.98 19.76
CA ILE A 28 37.91 12.67 19.32
C ILE A 28 36.73 11.75 19.04
N MET A 29 35.68 11.87 19.85
CA MET A 29 34.51 10.99 19.71
C MET A 29 33.83 11.18 18.36
N ILE A 30 33.61 12.44 17.96
CA ILE A 30 32.84 12.69 16.74
C ILE A 30 33.54 12.17 15.47
N PRO A 31 34.82 12.48 15.21
CA PRO A 31 35.42 11.93 13.98
C PRO A 31 35.57 10.41 14.00
N THR A 32 35.96 9.81 15.13
CA THR A 32 36.10 8.36 15.18
C THR A 32 34.75 7.67 15.00
N LEU A 33 33.71 8.17 15.66
CA LEU A 33 32.40 7.54 15.52
C LEU A 33 31.81 7.76 14.14
N LEU A 34 32.06 8.93 13.54
CA LEU A 34 31.59 9.15 12.18
C LEU A 34 32.30 8.24 11.19
N THR A 35 33.61 8.04 11.39
CA THR A 35 34.34 7.08 10.56
C THR A 35 33.77 5.68 10.71
N ALA A 36 33.54 5.26 11.96
CA ALA A 36 33.03 3.91 12.20
C ALA A 36 31.63 3.73 11.63
N ILE A 37 30.77 4.74 11.77
CA ILE A 37 29.41 4.69 11.25
C ILE A 37 29.43 4.60 9.73
N SER A 38 30.25 5.43 9.08
CA SER A 38 30.33 5.44 7.63
C SER A 38 30.79 4.09 7.11
N VAL A 39 31.88 3.57 7.67
CA VAL A 39 32.42 2.30 7.19
C VAL A 39 31.45 1.17 7.49
N TYR A 40 30.79 1.19 8.66
CA TYR A 40 29.86 0.14 9.00
C TYR A 40 28.67 0.10 8.05
N ILE A 41 28.09 1.26 7.76
CA ILE A 41 26.94 1.31 6.86
C ILE A 41 27.33 0.85 5.46
N ILE A 42 28.46 1.38 4.96
CA ILE A 42 28.89 1.02 3.61
C ILE A 42 29.22 -0.47 3.52
N ALA A 43 29.91 -1.02 4.53
CA ALA A 43 30.27 -2.42 4.51
C ALA A 43 29.05 -3.32 4.66
N PHE A 44 28.13 -2.96 5.56
CA PHE A 44 26.91 -3.72 5.77
C PHE A 44 26.07 -3.76 4.51
N ILE A 45 26.09 -2.69 3.71
CA ILE A 45 25.32 -2.70 2.48
C ILE A 45 26.04 -3.46 1.37
N ALA A 46 27.33 -3.17 1.15
CA ALA A 46 27.94 -3.59 -0.11
C ALA A 46 29.32 -4.21 0.07
N ALA A 47 29.61 -4.84 1.19
CA ALA A 47 30.94 -5.40 1.30
C ALA A 47 31.02 -6.76 0.62
N PRO A 48 32.12 -7.06 -0.07
CA PRO A 48 32.31 -8.38 -0.67
C PRO A 48 32.65 -9.41 0.39
N PRO A 49 32.60 -10.71 0.07
CA PRO A 49 32.77 -11.74 1.10
C PRO A 49 34.16 -11.72 1.74
N VAL A 50 34.19 -12.09 3.02
CA VAL A 50 35.39 -12.03 3.85
C VAL A 50 35.80 -13.44 4.24
N ASP A 51 37.07 -13.78 4.00
CA ASP A 51 37.65 -15.04 4.45
C ASP A 51 37.97 -14.91 5.95
N ILE A 52 36.94 -15.11 6.78
CA ILE A 52 37.10 -14.89 8.21
C ILE A 52 38.03 -15.93 8.84
N ASP A 53 37.91 -17.19 8.43
CA ASP A 53 38.68 -18.26 9.06
C ASP A 53 40.08 -18.39 8.48
N GLY A 54 40.43 -17.59 7.47
CA GLY A 54 41.74 -17.70 6.87
C GLY A 54 41.94 -18.97 6.08
N ILE A 55 40.87 -19.64 5.69
CA ILE A 55 40.95 -20.92 4.99
C ILE A 55 40.46 -20.77 3.55
N ARG A 56 40.49 -19.55 3.02
CA ARG A 56 40.08 -19.22 1.65
C ARG A 56 38.65 -19.67 1.38
N GLU A 57 37.79 -19.52 2.38
CA GLU A 57 36.36 -19.81 2.27
C GLU A 57 35.62 -18.58 2.78
N PRO A 58 35.28 -17.65 1.89
CA PRO A 58 34.80 -16.34 2.34
C PRO A 58 33.33 -16.35 2.74
N VAL A 59 32.99 -15.46 3.67
CA VAL A 59 31.63 -15.31 4.18
C VAL A 59 31.09 -13.95 3.72
N SER A 60 29.93 -13.97 3.06
CA SER A 60 29.41 -12.82 2.34
C SER A 60 29.12 -11.61 3.23
N GLY A 61 28.14 -11.72 4.12
CA GLY A 61 27.90 -10.67 5.09
C GLY A 61 26.99 -9.52 4.70
N SER A 62 27.00 -9.08 3.45
CA SER A 62 26.34 -7.83 3.09
C SER A 62 25.06 -8.06 2.31
N LEU A 63 24.18 -7.06 2.36
CA LEU A 63 22.86 -7.13 1.74
C LEU A 63 22.97 -7.37 0.23
N LEU A 64 23.86 -6.64 -0.43
CA LEU A 64 24.04 -6.78 -1.86
C LEU A 64 24.54 -8.16 -2.25
N TYR A 65 25.04 -8.95 -1.31
CA TYR A 65 25.47 -10.31 -1.60
C TYR A 65 24.48 -11.33 -1.07
N GLY A 66 23.22 -10.94 -0.92
CA GLY A 66 22.16 -11.88 -0.63
C GLY A 66 21.78 -12.03 0.81
N ASN A 67 22.13 -11.09 1.67
CA ASN A 67 21.77 -11.14 3.08
C ASN A 67 20.55 -10.26 3.34
N ASN A 68 19.82 -10.59 4.39
CA ASN A 68 18.76 -9.72 4.88
C ASN A 68 19.28 -8.96 6.09
N ILE A 69 18.40 -8.20 6.74
CA ILE A 69 18.80 -7.40 7.89
C ILE A 69 19.24 -8.30 9.03
N ILE A 70 18.56 -9.44 9.21
CA ILE A 70 18.89 -10.34 10.30
C ILE A 70 20.24 -11.02 10.05
N THR A 71 20.44 -11.57 8.86
CA THR A 71 21.65 -12.33 8.58
C THR A 71 22.81 -11.46 8.09
N GLY A 72 22.57 -10.20 7.79
CA GLY A 72 23.65 -9.34 7.34
C GLY A 72 24.59 -8.98 8.49
N ALA A 73 25.87 -8.87 8.16
CA ALA A 73 26.87 -8.57 9.18
C ALA A 73 28.10 -7.99 8.52
N VAL A 74 28.87 -7.25 9.32
CA VAL A 74 30.26 -6.95 8.98
C VAL A 74 31.10 -8.07 9.58
N VAL A 75 31.74 -8.84 8.71
CA VAL A 75 32.42 -10.09 9.06
C VAL A 75 33.77 -9.77 9.68
N PRO A 76 34.17 -10.46 10.75
CA PRO A 76 35.45 -10.19 11.39
C PRO A 76 36.64 -10.45 10.48
N THR A 77 37.78 -9.89 10.90
CA THR A 77 39.01 -9.92 10.14
C THR A 77 39.51 -11.35 9.96
N SER A 78 40.26 -11.59 8.88
CA SER A 78 40.77 -12.92 8.56
C SER A 78 41.64 -13.46 9.69
N ASN A 79 41.55 -14.78 9.88
CA ASN A 79 42.38 -15.46 10.87
C ASN A 79 43.85 -15.44 10.51
N ALA A 80 44.18 -15.31 9.22
CA ALA A 80 45.57 -15.20 8.80
C ALA A 80 46.22 -13.94 9.35
N ILE A 81 45.46 -12.85 9.41
CA ILE A 81 45.96 -11.62 10.02
C ILE A 81 46.15 -11.79 11.52
N GLY A 82 45.22 -12.46 12.18
CA GLY A 82 45.35 -12.68 13.62
C GLY A 82 45.13 -11.39 14.38
N LEU A 83 46.13 -10.99 15.15
CA LEU A 83 46.09 -9.74 15.90
C LEU A 83 46.88 -8.63 15.23
N HIS A 84 47.39 -8.86 14.02
CA HIS A 84 48.15 -7.84 13.31
C HIS A 84 47.27 -6.67 12.92
N PHE A 85 47.85 -5.47 12.98
CA PHE A 85 47.15 -4.27 12.57
C PHE A 85 47.06 -4.23 11.05
N TYR A 86 45.85 -4.04 10.52
CA TYR A 86 45.58 -4.12 9.09
C TYR A 86 44.84 -2.87 8.62
N PRO A 87 45.54 -1.75 8.49
CA PRO A 87 44.90 -0.56 7.89
C PRO A 87 44.81 -0.69 6.39
N ILE A 88 44.04 0.21 5.79
CA ILE A 88 43.88 0.25 4.34
C ILE A 88 45.23 0.40 3.66
N TRP A 89 46.08 1.28 4.17
CA TRP A 89 47.38 1.50 3.56
C TRP A 89 48.32 0.32 3.74
N GLU A 90 48.00 -0.65 4.59
CA GLU A 90 48.81 -1.85 4.65
C GLU A 90 48.35 -2.92 3.67
N ALA A 91 47.28 -2.66 2.92
CA ALA A 91 46.84 -3.56 1.87
C ALA A 91 47.35 -3.08 0.53
N ALA A 92 47.63 -4.03 -0.36
CA ALA A 92 48.03 -3.67 -1.72
C ALA A 92 46.87 -3.03 -2.47
N SER A 93 45.65 -3.50 -2.24
CA SER A 93 44.48 -2.93 -2.88
C SER A 93 43.31 -2.95 -1.90
N LEU A 94 42.33 -2.09 -2.19
CA LEU A 94 41.09 -2.09 -1.42
C LEU A 94 40.40 -3.43 -1.50
N ASP A 95 40.53 -4.13 -2.62
CA ASP A 95 39.94 -5.46 -2.76
C ASP A 95 40.57 -6.46 -1.81
N GLU A 96 41.89 -6.41 -1.64
CA GLU A 96 42.55 -7.26 -0.66
C GLU A 96 42.14 -6.88 0.75
N TRP A 97 42.07 -5.57 1.03
CA TRP A 97 41.61 -5.10 2.33
C TRP A 97 40.21 -5.60 2.66
N LEU A 98 39.32 -5.62 1.68
CA LEU A 98 37.97 -6.12 1.84
C LEU A 98 37.90 -7.63 1.96
N TYR A 99 38.73 -8.35 1.20
CA TYR A 99 38.75 -9.80 1.28
C TYR A 99 39.27 -10.28 2.62
N ASN A 100 40.14 -9.52 3.27
CA ASN A 100 40.76 -9.96 4.50
C ASN A 100 40.13 -9.37 5.75
N GLY A 101 38.99 -8.70 5.65
CA GLY A 101 38.29 -8.23 6.83
C GLY A 101 38.77 -6.92 7.42
N GLY A 102 39.38 -6.05 6.60
CA GLY A 102 39.78 -4.74 7.07
C GLY A 102 38.68 -3.84 7.61
N PRO A 103 37.48 -3.81 7.00
CA PRO A 103 36.41 -2.96 7.56
C PRO A 103 36.06 -3.29 9.00
N TYR A 104 36.10 -4.57 9.38
CA TYR A 104 35.80 -4.92 10.76
C TYR A 104 36.81 -4.30 11.71
N GLN A 105 38.10 -4.42 11.38
CA GLN A 105 39.13 -3.86 12.24
C GLN A 105 39.02 -2.35 12.34
N LEU A 106 38.75 -1.69 11.21
CA LEU A 106 38.58 -0.23 11.21
C LEU A 106 37.42 0.18 12.10
N VAL A 107 36.26 -0.46 11.93
CA VAL A 107 35.08 -0.10 12.70
C VAL A 107 35.29 -0.40 14.18
N VAL A 108 35.91 -1.52 14.50
CA VAL A 108 36.13 -1.89 15.90
C VAL A 108 37.06 -0.91 16.59
N CYS A 109 38.17 -0.55 15.95
CA CYS A 109 39.10 0.39 16.58
C CYS A 109 38.46 1.76 16.76
N HIS A 110 37.77 2.25 15.73
CA HIS A 110 37.14 3.57 15.83
C HIS A 110 36.00 3.56 16.82
N PHE A 111 35.25 2.46 16.90
CA PHE A 111 34.16 2.34 17.86
C PHE A 111 34.66 2.30 19.28
N PHE A 112 35.79 1.61 19.51
CA PHE A 112 36.37 1.57 20.85
C PHE A 112 36.80 2.96 21.29
N LEU A 113 37.53 3.67 20.42
CA LEU A 113 37.94 5.03 20.75
C LEU A 113 36.71 5.93 20.95
N GLY A 114 35.69 5.74 20.13
CA GLY A 114 34.50 6.57 20.24
C GLY A 114 33.71 6.33 21.51
N VAL A 115 33.62 5.08 21.97
CA VAL A 115 32.86 4.84 23.20
C VAL A 115 33.66 5.25 24.43
N CYS A 116 34.99 5.11 24.40
CA CYS A 116 35.80 5.66 25.48
C CYS A 116 35.67 7.17 25.56
N CYS A 117 35.69 7.84 24.41
CA CYS A 117 35.51 9.28 24.42
C CYS A 117 34.06 9.69 24.68
N TYR A 118 33.09 8.80 24.41
CA TYR A 118 31.72 9.05 24.80
C TYR A 118 31.58 9.05 26.32
N MET A 119 32.25 8.11 26.98
CA MET A 119 32.29 8.09 28.45
C MET A 119 32.95 9.35 29.00
N GLY A 120 34.09 9.73 28.41
CA GLY A 120 34.75 10.96 28.82
C GLY A 120 33.89 12.19 28.57
N ARG A 121 33.15 12.20 27.47
CA ARG A 121 32.26 13.31 27.14
C ARG A 121 31.11 13.40 28.13
N GLU A 122 30.60 12.25 28.58
CA GLU A 122 29.58 12.25 29.62
C GLU A 122 30.11 12.89 30.89
N TRP A 123 31.34 12.51 31.30
CA TRP A 123 31.94 13.18 32.45
C TRP A 123 32.06 14.68 32.20
N GLU A 124 32.51 15.05 31.00
CA GLU A 124 32.81 16.46 30.71
C GLU A 124 31.56 17.31 30.76
N LEU A 125 30.45 16.83 30.20
CA LEU A 125 29.22 17.60 30.27
C LEU A 125 28.70 17.66 31.69
N SER A 126 28.82 16.56 32.45
CA SER A 126 28.40 16.59 33.85
C SER A 126 29.20 17.62 34.64
N TYR A 127 30.48 17.78 34.31
CA TYR A 127 31.32 18.77 34.98
C TYR A 127 30.97 20.18 34.55
N ARG A 128 30.71 20.38 33.25
CA ARG A 128 30.32 21.70 32.74
C ARG A 128 28.95 22.14 33.23
N LEU A 129 28.08 21.19 33.61
CA LEU A 129 26.75 21.51 34.07
C LEU A 129 26.65 21.63 35.58
N GLY A 130 27.74 21.41 36.31
CA GLY A 130 27.69 21.41 37.75
C GLY A 130 27.10 20.17 38.37
N MET A 131 27.07 19.06 37.64
CA MET A 131 26.51 17.82 38.15
C MET A 131 27.56 17.01 38.89
N ARG A 132 27.18 15.88 39.30
CA ARG A 132 28.04 14.86 39.86
C ARG A 132 28.48 13.91 38.76
N PRO A 133 29.68 13.31 38.85
CA PRO A 133 30.36 12.83 37.65
C PRO A 133 30.21 11.35 37.30
N TRP A 134 29.36 10.59 37.99
CA TRP A 134 29.46 9.14 37.94
C TRP A 134 28.48 8.49 36.96
N ILE A 135 27.79 9.28 36.14
CA ILE A 135 27.07 8.70 35.00
C ILE A 135 28.04 8.04 34.05
N ALA A 136 29.24 8.61 33.90
CA ALA A 136 30.28 7.97 33.11
C ALA A 136 30.71 6.65 33.73
N VAL A 137 30.78 6.58 35.05
CA VAL A 137 31.10 5.33 35.74
C VAL A 137 30.02 4.29 35.47
N ALA A 138 28.75 4.71 35.47
CA ALA A 138 27.67 3.78 35.11
C ALA A 138 27.79 3.31 33.67
N TYR A 139 28.14 4.22 32.76
CA TYR A 139 28.29 3.87 31.35
C TYR A 139 29.53 3.03 31.08
N SER A 140 30.47 2.98 32.02
CA SER A 140 31.66 2.16 31.84
C SER A 140 31.35 0.66 31.74
N ALA A 141 30.19 0.22 32.19
CA ALA A 141 29.87 -1.21 32.15
C ALA A 141 29.52 -1.69 30.73
N PRO A 142 28.62 -1.04 29.97
CA PRO A 142 28.48 -1.44 28.57
C PRO A 142 29.74 -1.21 27.74
N VAL A 143 30.53 -0.19 28.07
CA VAL A 143 31.82 0.00 27.40
C VAL A 143 32.74 -1.17 27.67
N ALA A 144 32.78 -1.64 28.92
CA ALA A 144 33.57 -2.82 29.26
C ALA A 144 33.10 -4.03 28.50
N ALA A 145 31.78 -4.21 28.38
CA ALA A 145 31.25 -5.36 27.66
C ALA A 145 31.60 -5.31 26.17
N ALA A 146 31.48 -4.14 25.56
CA ALA A 146 31.84 -3.99 24.15
C ALA A 146 33.33 -4.19 23.93
N THR A 147 34.16 -3.67 24.83
CA THR A 147 35.60 -3.87 24.74
C THR A 147 35.95 -5.34 24.89
N ALA A 148 35.27 -6.05 25.80
CA ALA A 148 35.51 -7.47 25.96
C ALA A 148 35.15 -8.26 24.70
N VAL A 149 34.02 -7.94 24.08
CA VAL A 149 33.61 -8.75 22.93
C VAL A 149 34.33 -8.36 21.64
N PHE A 150 34.83 -7.14 21.53
CA PHE A 150 35.44 -6.70 20.28
C PHE A 150 36.97 -6.65 20.31
N ILE A 151 37.58 -6.52 21.48
CA ILE A 151 39.03 -6.33 21.56
C ILE A 151 39.65 -7.37 22.48
N ILE A 152 39.12 -7.50 23.69
CA ILE A 152 39.80 -8.30 24.72
C ILE A 152 39.72 -9.79 24.39
N TYR A 153 38.55 -10.27 23.98
CA TYR A 153 38.46 -11.66 23.54
C TYR A 153 39.32 -11.96 22.31
N PRO A 154 39.35 -11.12 21.26
CA PRO A 154 40.36 -11.35 20.20
C PRO A 154 41.78 -11.33 20.69
N ILE A 155 42.13 -10.49 21.68
CA ILE A 155 43.49 -10.47 22.19
C ILE A 155 43.81 -11.78 22.89
N GLY A 156 42.90 -12.25 23.74
CA GLY A 156 43.12 -13.50 24.46
C GLY A 156 43.16 -14.71 23.53
N GLN A 157 42.36 -14.70 22.47
CA GLN A 157 42.31 -15.84 21.57
C GLN A 157 43.28 -15.73 20.41
N GLY A 158 43.96 -14.59 20.25
CA GLY A 158 45.00 -14.44 19.26
C GLY A 158 44.55 -13.96 17.89
N SER A 159 43.26 -13.68 17.69
CA SER A 159 42.80 -13.31 16.37
C SER A 159 41.53 -12.48 16.45
N PHE A 160 41.49 -11.39 15.67
CA PHE A 160 40.28 -10.60 15.54
C PHE A 160 39.15 -11.35 14.86
N SER A 161 39.45 -12.47 14.20
CA SER A 161 38.41 -13.37 13.71
C SER A 161 37.57 -13.93 14.85
N ASP A 162 38.07 -13.88 16.08
CA ASP A 162 37.31 -14.31 17.24
C ASP A 162 36.47 -13.19 17.84
N GLY A 163 36.51 -12.00 17.26
CA GLY A 163 35.63 -10.94 17.71
C GLY A 163 34.19 -11.23 17.35
N MET A 164 33.28 -10.55 18.04
CA MET A 164 31.87 -10.70 17.73
C MET A 164 31.59 -10.05 16.38
N PRO A 165 30.99 -10.78 15.44
CA PRO A 165 30.66 -10.18 14.14
C PRO A 165 29.65 -9.05 14.29
N LEU A 166 29.80 -8.02 13.47
CA LEU A 166 28.93 -6.86 13.58
C LEU A 166 27.62 -7.17 12.88
N GLY A 167 26.78 -7.93 13.57
CA GLY A 167 25.54 -8.42 13.00
C GLY A 167 24.71 -9.11 14.05
N ILE A 168 23.56 -9.63 13.61
CA ILE A 168 22.59 -10.25 14.50
C ILE A 168 22.86 -11.76 14.54
N SER A 169 22.78 -12.40 13.38
CA SER A 169 23.13 -13.81 13.30
C SER A 169 24.61 -14.03 13.61
N GLY A 170 25.46 -13.06 13.30
CA GLY A 170 26.85 -13.13 13.72
C GLY A 170 26.99 -13.09 15.23
N THR A 171 26.19 -12.26 15.90
CA THR A 171 26.17 -12.26 17.35
C THR A 171 25.75 -13.61 17.90
N PHE A 172 24.73 -14.23 17.30
CA PHE A 172 24.29 -15.55 17.74
C PHE A 172 25.38 -16.59 17.52
N ASN A 173 26.08 -16.52 16.39
CA ASN A 173 27.19 -17.43 16.13
C ASN A 173 28.29 -17.26 17.18
N PHE A 174 28.60 -16.02 17.52
CA PHE A 174 29.58 -15.74 18.57
C PHE A 174 29.16 -16.36 19.89
N MET A 175 27.88 -16.21 20.26
CA MET A 175 27.39 -16.77 21.52
C MET A 175 27.49 -18.30 21.53
N ILE A 176 27.06 -18.94 20.44
CA ILE A 176 27.02 -20.40 20.42
C ILE A 176 28.43 -20.98 20.46
N VAL A 177 29.35 -20.42 19.66
CA VAL A 177 30.72 -20.91 19.66
C VAL A 177 31.40 -20.62 20.99
N PHE A 178 31.07 -19.47 21.60
CA PHE A 178 31.62 -19.14 22.92
C PHE A 178 31.17 -20.15 23.97
N GLN A 179 29.90 -20.53 23.95
CA GLN A 179 29.41 -21.55 24.87
C GLN A 179 30.09 -22.89 24.61
N ALA A 180 30.26 -23.25 23.34
CA ALA A 180 30.90 -24.51 23.00
C ALA A 180 32.32 -24.59 23.54
N GLU A 181 33.06 -23.49 23.48
CA GLU A 181 34.46 -23.53 23.85
C GLU A 181 34.73 -23.15 25.30
N HIS A 182 33.82 -22.48 25.98
CA HIS A 182 34.10 -21.96 27.30
C HIS A 182 33.06 -22.29 28.36
N ASN A 183 31.89 -22.80 27.99
CA ASN A 183 30.79 -23.09 28.90
C ASN A 183 30.42 -21.85 29.72
N ILE A 184 30.05 -20.79 28.99
CA ILE A 184 29.78 -19.51 29.62
C ILE A 184 28.53 -19.59 30.51
N LEU A 185 27.60 -20.50 30.20
CA LEU A 185 26.42 -20.66 31.05
C LEU A 185 26.79 -21.08 32.46
N MET A 186 27.77 -21.98 32.59
CA MET A 186 28.24 -22.44 33.88
C MET A 186 29.32 -21.55 34.47
N HIS A 187 29.47 -20.34 33.96
CA HIS A 187 30.41 -19.38 34.52
C HIS A 187 29.69 -18.48 35.53
N PRO A 188 30.21 -18.37 36.76
CA PRO A 188 29.55 -17.52 37.76
C PRO A 188 29.45 -16.05 37.38
N PHE A 189 30.43 -15.53 36.65
CA PHE A 189 30.35 -14.13 36.23
C PHE A 189 29.21 -13.92 35.25
N HIS A 190 29.01 -14.87 34.35
CA HIS A 190 27.85 -14.80 33.47
C HIS A 190 26.55 -15.02 34.21
N MET A 191 26.55 -15.86 35.25
CA MET A 191 25.37 -15.99 36.09
C MET A 191 25.03 -14.66 36.77
N PHE A 192 26.06 -13.96 37.24
CA PHE A 192 25.88 -12.63 37.81
C PHE A 192 25.34 -11.66 36.77
N GLY A 193 25.83 -11.74 35.53
CA GLY A 193 25.32 -10.88 34.48
C GLY A 193 23.86 -11.15 34.16
N VAL A 194 23.47 -12.43 34.12
CA VAL A 194 22.07 -12.77 33.90
C VAL A 194 21.21 -12.28 35.06
N ALA A 195 21.70 -12.45 36.30
CA ALA A 195 21.01 -11.90 37.45
C ALA A 195 20.89 -10.39 37.35
N GLY A 196 21.92 -9.74 36.79
CA GLY A 196 21.86 -8.29 36.63
C GLY A 196 20.86 -7.83 35.61
N VAL A 197 20.78 -8.49 34.46
CA VAL A 197 19.80 -8.06 33.47
C VAL A 197 18.38 -8.40 33.92
N PHE A 198 18.19 -9.58 34.51
CA PHE A 198 16.87 -9.95 35.03
C PHE A 198 16.46 -9.04 36.18
N GLY A 199 17.38 -8.74 37.08
CA GLY A 199 17.10 -7.81 38.16
C GLY A 199 16.92 -6.39 37.68
N GLY A 200 17.64 -5.97 36.65
CA GLY A 200 17.42 -4.66 36.07
C GLY A 200 16.04 -4.53 35.48
N SER A 201 15.57 -5.58 34.79
CA SER A 201 14.20 -5.59 34.32
C SER A 201 13.21 -5.58 35.48
N LEU A 202 13.45 -6.40 36.49
CA LEU A 202 12.56 -6.48 37.65
C LEU A 202 12.49 -5.14 38.38
N PHE A 203 13.63 -4.51 38.62
CA PHE A 203 13.69 -3.28 39.39
C PHE A 203 13.23 -2.08 38.58
N SER A 204 13.47 -2.07 37.27
CA SER A 204 12.88 -1.05 36.42
C SER A 204 11.36 -1.14 36.44
N ALA A 205 10.81 -2.35 36.28
CA ALA A 205 9.38 -2.54 36.34
C ALA A 205 8.84 -2.19 37.72
N MET A 206 9.37 -2.54 38.77
CA MET A 206 9.03 -2.14 40.09
C MET A 206 9.19 -0.77 40.46
N HIS A 207 10.13 -0.03 40.13
CA HIS A 207 10.20 1.35 40.30
C HIS A 207 9.14 2.06 39.67
N GLY A 208 9.17 1.80 38.55
CA GLY A 208 8.16 2.20 37.70
C GLY A 208 6.81 1.99 37.98
N SER A 209 6.41 0.89 38.36
CA SER A 209 5.08 0.53 38.84
C SER A 209 4.75 1.24 40.14
N LEU A 210 5.69 1.45 40.88
CA LEU A 210 5.53 2.10 42.13
C LEU A 210 5.36 3.58 42.12
N VAL A 211 5.92 4.24 41.32
CA VAL A 211 5.89 5.62 41.04
C VAL A 211 4.66 5.89 40.32
N THR A 212 4.29 5.14 39.42
CA THR A 212 3.10 5.15 38.69
C THR A 212 1.90 4.79 39.56
N SER A 213 1.96 3.96 40.44
CA SER A 213 0.86 3.64 41.35
C SER A 213 0.62 4.75 42.36
N SER A 214 1.66 5.45 42.78
CA SER A 214 1.54 6.50 43.78
C SER A 214 1.43 7.89 43.18
N LEU A 215 1.04 8.00 41.92
CA LEU A 215 0.93 9.30 41.28
C LEU A 215 -0.19 10.12 41.91
N ILE A 216 0.10 11.39 42.18
CA ILE A 216 -0.86 12.30 42.79
C ILE A 216 -1.89 12.72 41.75
N ARG A 217 -3.15 12.77 42.15
CA ARG A 217 -4.22 13.14 41.23
C ARG A 217 -4.11 14.62 40.89
N GLU A 218 -3.66 14.91 39.68
CA GLU A 218 -3.62 16.27 39.15
C GLU A 218 -4.45 16.43 37.87
N THR A 219 -4.90 15.35 37.27
CA THR A 219 -5.60 15.36 36.00
C THR A 219 -6.97 14.72 36.15
N THR A 220 -7.71 14.71 35.05
CA THR A 220 -8.99 14.02 34.96
C THR A 220 -8.82 12.73 34.15
N GLU A 221 -9.89 11.95 34.07
CA GLU A 221 -9.80 10.65 33.43
C GLU A 221 -9.74 10.75 31.91
N ASN A 222 -10.09 11.89 31.34
CA ASN A 222 -10.01 12.08 29.89
C ASN A 222 -8.66 12.63 29.46
N GLU A 223 -7.74 12.86 30.39
CA GLU A 223 -6.40 13.31 30.09
C GLU A 223 -5.40 12.19 30.38
N SER A 224 -4.20 12.35 29.84
CA SER A 224 -3.10 11.48 30.21
C SER A 224 -2.61 11.84 31.61
N ALA A 225 -2.30 10.80 32.41
CA ALA A 225 -1.79 11.04 33.76
C ALA A 225 -0.45 11.77 33.72
N ASN A 226 0.32 11.58 32.64
CA ASN A 226 1.56 12.32 32.47
C ASN A 226 1.33 13.82 32.44
N ALA A 227 0.13 14.25 32.01
CA ALA A 227 -0.20 15.67 32.01
C ALA A 227 -0.23 16.25 33.41
N GLY A 228 -0.26 15.41 34.45
CA GLY A 228 -0.16 15.88 35.82
C GLY A 228 1.23 16.30 36.23
N TYR A 229 2.24 16.06 35.39
CA TYR A 229 3.60 16.50 35.67
C TYR A 229 3.95 17.64 34.73
N LYS A 230 4.53 18.70 35.29
CA LYS A 230 5.03 19.83 34.53
C LYS A 230 6.55 19.84 34.58
N PHE A 231 7.18 20.19 33.47
CA PHE A 231 8.63 20.19 33.38
C PHE A 231 9.21 21.28 34.26
N GLY A 232 9.99 20.88 35.27
CA GLY A 232 10.60 21.82 36.17
C GLY A 232 9.76 22.20 37.37
N GLN A 233 8.70 21.47 37.67
CA GLN A 233 7.91 21.74 38.86
C GLN A 233 8.71 21.39 40.11
N GLU A 234 8.55 22.19 41.16
CA GLU A 234 9.34 21.97 42.36
C GLU A 234 8.82 20.81 43.20
N GLU A 235 7.51 20.55 43.17
CA GLU A 235 6.92 19.58 44.07
C GLU A 235 7.12 18.17 43.55
N GLU A 236 7.10 17.21 44.48
CA GLU A 236 7.19 15.81 44.11
C GLU A 236 5.87 15.35 43.49
N THR A 237 5.77 14.72 42.38
CA THR A 237 4.59 14.16 41.63
C THR A 237 4.05 12.83 42.08
N TYR A 238 4.53 12.20 43.03
CA TYR A 238 4.19 10.91 43.56
C TYR A 238 4.34 10.87 45.07
N ASN A 239 3.80 9.99 45.82
CA ASN A 239 3.85 9.82 47.31
C ASN A 239 4.77 8.75 47.63
N ILE A 240 6.00 9.10 47.80
CA ILE A 240 7.06 8.14 48.11
C ILE A 240 6.74 7.37 49.37
N VAL A 241 6.10 8.03 50.34
CA VAL A 241 5.72 7.37 51.58
C VAL A 241 4.70 6.27 51.32
N ALA A 242 3.69 6.55 50.48
CA ALA A 242 2.68 5.55 50.16
C ALA A 242 3.28 4.39 49.37
N ALA A 243 4.15 4.69 48.41
CA ALA A 243 4.81 3.63 47.64
C ALA A 243 5.66 2.74 48.54
N HIS A 244 6.42 3.36 49.45
CA HIS A 244 7.24 2.59 50.39
C HIS A 244 6.38 1.75 51.32
N GLY A 245 5.24 2.29 51.76
CA GLY A 245 4.34 1.51 52.60
C GLY A 245 3.77 0.32 51.88
N TYR A 246 3.38 0.50 50.61
CA TYR A 246 2.90 -0.61 49.81
C TYR A 246 3.98 -1.68 49.65
N PHE A 247 5.21 -1.27 49.34
CA PHE A 247 6.29 -2.24 49.15
C PHE A 247 6.61 -2.97 50.44
N GLY A 248 6.58 -2.26 51.57
CA GLY A 248 6.83 -2.90 52.85
C GLY A 248 5.75 -3.90 53.22
N ARG A 249 4.49 -3.56 52.96
CA ARG A 249 3.41 -4.53 53.20
C ARG A 249 3.49 -5.70 52.22
N LEU A 250 4.00 -5.47 51.02
CA LEU A 250 4.06 -6.53 50.03
C LEU A 250 5.16 -7.53 50.35
N ILE A 251 6.33 -7.06 50.78
CA ILE A 251 7.43 -8.00 51.02
C ILE A 251 7.82 -8.03 52.49
N PHE A 252 8.40 -6.92 52.98
CA PHE A 252 8.92 -6.83 54.33
C PHE A 252 9.06 -5.36 54.68
N GLN A 253 8.86 -5.04 55.96
CA GLN A 253 8.84 -3.65 56.39
C GLN A 253 10.22 -3.01 56.33
N TYR A 254 11.17 -3.55 57.09
CA TYR A 254 12.50 -2.95 57.18
C TYR A 254 13.41 -3.35 56.04
N ALA A 255 12.96 -4.22 55.14
CA ALA A 255 13.72 -4.57 53.94
C ALA A 255 13.39 -3.65 52.76
N SER A 256 12.57 -2.64 52.97
CA SER A 256 12.17 -1.71 51.93
C SER A 256 13.01 -0.44 52.00
N PHE A 257 13.19 0.20 50.85
CA PHE A 257 13.95 1.44 50.76
C PHE A 257 13.06 2.59 51.22
N ASN A 258 13.39 3.20 52.34
CA ASN A 258 12.71 4.42 52.79
C ASN A 258 13.39 5.68 52.28
N ASN A 259 14.49 5.75 51.55
CA ASN A 259 15.28 6.83 50.96
C ASN A 259 15.26 6.68 49.44
N SER A 260 14.79 7.57 48.72
CA SER A 260 14.83 7.61 47.29
C SER A 260 16.26 7.65 46.78
N ARG A 261 17.22 8.15 47.57
CA ARG A 261 18.57 8.32 47.24
C ARG A 261 19.12 6.96 47.31
N SER A 262 18.78 6.29 48.24
CA SER A 262 19.30 4.94 48.40
C SER A 262 18.69 3.98 47.38
N LEU A 263 17.52 4.05 46.93
CA LEU A 263 16.86 3.36 45.98
C LEU A 263 17.43 3.61 44.61
N HIS A 264 17.69 4.73 44.18
CA HIS A 264 18.27 5.13 42.96
C HIS A 264 19.62 4.63 42.87
N PHE A 265 20.42 4.57 43.86
CA PHE A 265 21.68 4.00 43.95
C PHE A 265 21.55 2.57 43.78
N PHE A 266 20.71 2.00 44.43
CA PHE A 266 20.58 0.56 44.20
C PHE A 266 20.25 0.26 42.74
N LEU A 267 19.30 1.03 42.17
CA LEU A 267 18.93 0.87 40.77
C LEU A 267 20.11 1.10 39.86
N ALA A 268 20.97 2.06 40.20
CA ALA A 268 22.16 2.30 39.41
C ALA A 268 23.17 1.16 39.58
N VAL A 269 23.42 0.75 40.81
CA VAL A 269 24.58 -0.08 41.09
C VAL A 269 24.35 -1.53 40.64
N TRP A 270 23.12 -2.05 40.77
CA TRP A 270 22.93 -3.49 40.57
C TRP A 270 23.22 -3.94 39.13
N PRO A 271 22.56 -3.42 38.09
CA PRO A 271 22.92 -3.86 36.74
C PRO A 271 24.33 -3.45 36.33
N VAL A 272 24.84 -2.33 36.86
CA VAL A 272 26.17 -1.88 36.46
C VAL A 272 27.23 -2.83 37.00
N VAL A 273 27.14 -3.21 38.29
CA VAL A 273 28.15 -4.12 38.84
C VAL A 273 27.99 -5.51 38.24
N CYS A 274 26.77 -5.93 37.92
CA CYS A 274 26.60 -7.26 37.33
C CYS A 274 27.12 -7.30 35.89
N ILE A 275 26.92 -6.22 35.13
CA ILE A 275 27.47 -6.16 33.79
C ILE A 275 28.99 -6.04 33.82
N TRP A 276 29.53 -5.34 34.83
CA TRP A 276 30.97 -5.38 35.07
C TRP A 276 31.45 -6.82 35.25
N LEU A 277 30.74 -7.58 36.08
CA LEU A 277 31.14 -8.95 36.35
C LEU A 277 31.07 -9.82 35.11
N THR A 278 30.01 -9.69 34.31
CA THR A 278 29.90 -10.55 33.13
C THR A 278 30.84 -10.13 32.02
N ALA A 279 31.15 -8.83 31.90
CA ALA A 279 32.16 -8.37 30.97
C ALA A 279 33.54 -8.91 31.37
N LEU A 280 33.83 -8.90 32.67
CA LEU A 280 35.06 -9.52 33.15
C LEU A 280 35.06 -11.02 32.93
N GLY A 281 33.89 -11.66 33.00
CA GLY A 281 33.83 -13.07 32.69
C GLY A 281 34.20 -13.37 31.26
N ILE A 282 33.69 -12.56 30.32
CA ILE A 282 34.09 -12.67 28.92
C ILE A 282 35.60 -12.43 28.78
N SER A 283 36.11 -11.41 29.47
CA SER A 283 37.52 -11.07 29.38
C SER A 283 38.41 -12.15 30.00
N THR A 284 37.92 -12.90 30.98
CA THR A 284 38.70 -13.96 31.59
C THR A 284 38.62 -15.25 30.80
N MET A 285 37.46 -15.52 30.18
CA MET A 285 37.38 -16.63 29.24
C MET A 285 38.13 -16.33 27.96
N ALA A 286 38.51 -15.08 27.72
CA ALA A 286 39.45 -14.78 26.65
C ALA A 286 40.79 -15.49 26.87
N PHE A 287 41.22 -15.60 28.13
CA PHE A 287 42.42 -16.32 28.48
C PHE A 287 42.13 -17.75 28.94
N ASN A 288 40.98 -18.28 28.52
CA ASN A 288 40.62 -19.70 28.68
C ASN A 288 40.55 -20.11 30.16
N LEU A 289 39.85 -19.31 30.96
CA LEU A 289 39.58 -19.73 32.33
C LEU A 289 38.27 -20.48 32.46
N ASN A 290 37.28 -20.18 31.61
CA ASN A 290 36.09 -21.01 31.38
C ASN A 290 35.16 -21.17 32.58
N GLY A 291 33.94 -21.65 32.33
CA GLY A 291 32.98 -21.87 33.38
C GLY A 291 33.23 -23.18 34.11
N PHE A 292 32.31 -23.50 35.01
CA PHE A 292 32.45 -24.70 35.83
C PHE A 292 32.37 -25.96 34.96
N ASN A 293 33.32 -26.86 35.17
CA ASN A 293 33.38 -28.14 34.47
C ASN A 293 32.98 -29.21 35.48
N PHE A 294 31.75 -29.70 35.35
CA PHE A 294 31.24 -30.77 36.20
C PHE A 294 30.98 -32.05 35.41
N ASN A 295 31.67 -32.23 34.29
CA ASN A 295 31.48 -33.42 33.48
C ASN A 295 32.07 -34.64 34.18
N GLN A 296 31.25 -35.68 34.31
CA GLN A 296 31.63 -36.92 35.00
C GLN A 296 32.04 -36.67 36.45
N SER A 297 31.38 -35.70 37.10
CA SER A 297 31.65 -35.43 38.50
C SER A 297 31.02 -36.46 39.42
N VAL A 298 29.85 -36.97 39.05
CA VAL A 298 29.11 -37.92 39.88
C VAL A 298 29.36 -39.32 39.34
N VAL A 299 29.90 -40.20 40.17
CA VAL A 299 30.11 -41.59 39.83
C VAL A 299 29.56 -42.46 40.96
N ASP A 300 29.18 -43.68 40.61
CA ASP A 300 28.57 -44.60 41.57
C ASP A 300 29.67 -45.34 42.33
N SER A 301 29.26 -46.33 43.14
CA SER A 301 30.22 -47.07 43.96
C SER A 301 31.19 -47.87 43.11
N ASN A 302 30.78 -48.32 41.94
CA ASN A 302 31.66 -49.04 41.04
C ASN A 302 32.44 -48.12 40.11
N GLY A 303 32.22 -46.81 40.20
CA GLY A 303 32.93 -45.85 39.38
C GLY A 303 32.29 -45.54 38.04
N ARG A 304 31.12 -46.11 37.75
CA ARG A 304 30.41 -45.76 36.53
C ARG A 304 29.90 -44.33 36.62
N VAL A 305 30.04 -43.58 35.53
CA VAL A 305 29.63 -42.19 35.51
C VAL A 305 28.12 -42.11 35.53
N LEU A 306 27.59 -41.36 36.49
CA LEU A 306 26.16 -41.03 36.54
C LEU A 306 26.00 -39.66 35.92
N ASN A 307 25.38 -39.62 34.75
CA ASN A 307 25.21 -38.37 34.01
C ASN A 307 24.33 -37.40 34.78
N THR A 308 24.60 -36.11 34.60
CA THR A 308 23.80 -35.06 35.21
C THR A 308 23.35 -34.09 34.13
N TRP A 309 22.64 -33.04 34.56
CA TRP A 309 22.28 -31.96 33.66
C TRP A 309 23.53 -31.28 33.10
N ALA A 310 24.62 -31.26 33.88
CA ALA A 310 25.89 -30.78 33.36
C ALA A 310 26.38 -31.67 32.22
N ASP A 311 26.17 -32.99 32.32
CA ASP A 311 26.57 -33.89 31.24
C ASP A 311 25.71 -33.69 30.00
N ILE A 312 24.41 -33.40 30.19
CA ILE A 312 23.56 -33.08 29.04
C ILE A 312 24.01 -31.79 28.36
N ILE A 313 24.34 -30.78 29.16
CA ILE A 313 24.91 -29.54 28.64
C ILE A 313 26.21 -29.83 27.89
N ASN A 314 27.01 -30.76 28.41
CA ASN A 314 28.26 -31.13 27.75
C ASN A 314 28.01 -31.79 26.41
N ARG A 315 26.96 -32.61 26.31
CA ARG A 315 26.59 -33.19 25.02
C ARG A 315 26.20 -32.11 24.02
N ALA A 316 25.42 -31.12 24.47
CA ALA A 316 25.07 -30.00 23.60
C ALA A 316 26.32 -29.21 23.19
N ASN A 317 27.25 -29.01 24.13
CA ASN A 317 28.47 -28.29 23.83
C ASN A 317 29.33 -29.06 22.83
N LEU A 318 29.38 -30.38 22.96
CA LEU A 318 30.07 -31.20 21.98
C LEU A 318 29.44 -31.08 20.60
N GLY A 319 28.11 -31.03 20.56
CA GLY A 319 27.43 -30.82 19.29
C GLY A 319 27.79 -29.50 18.63
N MET A 320 27.82 -28.42 19.41
CA MET A 320 28.29 -27.15 18.85
C MET A 320 29.77 -27.22 18.48
N GLU A 321 30.56 -27.92 19.27
CA GLU A 321 32.01 -27.86 19.19
C GLU A 321 32.51 -28.58 17.95
N VAL A 322 32.00 -29.78 17.68
CA VAL A 322 32.43 -30.53 16.51
C VAL A 322 31.93 -29.94 15.20
N MET A 323 31.10 -28.91 15.24
CA MET A 323 30.55 -28.31 14.04
C MET A 323 31.10 -26.94 13.70
N HIS A 324 31.56 -26.17 14.69
CA HIS A 324 32.02 -24.82 14.41
C HIS A 324 33.37 -24.89 13.69
N GLU A 325 33.52 -24.06 12.66
CA GLU A 325 34.70 -24.08 11.78
C GLU A 325 34.99 -25.49 11.29
N ARG A 326 34.03 -26.02 10.53
CA ARG A 326 34.04 -27.41 10.12
C ARG A 326 35.25 -27.78 9.28
N ASN A 327 35.90 -26.80 8.63
CA ASN A 327 37.02 -27.06 7.76
C ASN A 327 38.32 -26.43 8.23
N ALA A 328 38.31 -25.74 9.37
CA ALA A 328 39.46 -24.94 9.79
C ALA A 328 40.42 -25.68 10.71
N HIS A 329 40.12 -26.91 11.11
CA HIS A 329 40.92 -27.62 12.10
C HIS A 329 41.64 -28.80 11.45
N ASN A 330 42.96 -28.82 11.59
CA ASN A 330 43.78 -29.93 11.11
C ASN A 330 44.25 -30.84 12.23
N PHE A 331 44.11 -30.42 13.48
CA PHE A 331 44.57 -31.15 14.64
C PHE A 331 43.46 -31.24 15.67
N PRO A 332 43.44 -32.29 16.50
CA PRO A 332 42.26 -32.54 17.34
C PRO A 332 42.02 -31.49 18.42
N LEU A 333 43.06 -31.05 19.12
CA LEU A 333 42.86 -30.09 20.19
C LEU A 333 42.56 -28.71 19.62
N ASP A 334 41.63 -28.00 20.24
CA ASP A 334 41.26 -26.64 19.85
C ASP A 334 42.05 -25.62 20.68
N LEU A 335 43.37 -25.67 20.51
CA LEU A 335 44.24 -24.81 21.31
C LEU A 335 44.23 -23.37 20.82
N ALA A 336 44.12 -23.17 19.51
CA ALA A 336 44.04 -21.82 18.96
C ALA A 336 42.60 -21.31 19.03
N GLY B 1 -6.04 16.20 25.22
CA GLY B 1 -7.28 15.46 25.28
C GLY B 1 -7.07 13.98 25.56
N LEU B 2 -7.92 13.12 25.00
CA LEU B 2 -7.77 11.70 25.23
C LEU B 2 -6.50 11.18 24.57
N PRO B 3 -5.82 10.23 25.21
CA PRO B 3 -4.83 9.42 24.50
C PRO B 3 -5.50 8.57 23.44
N TRP B 4 -4.71 8.22 22.42
CA TRP B 4 -5.23 7.41 21.32
C TRP B 4 -5.74 6.06 21.80
N TYR B 5 -5.20 5.54 22.90
CA TYR B 5 -5.61 4.26 23.44
C TYR B 5 -6.82 4.37 24.37
N ARG B 6 -7.47 5.53 24.43
CA ARG B 6 -8.66 5.69 25.25
C ARG B 6 -9.87 6.15 24.47
N VAL B 7 -9.77 6.25 23.14
CA VAL B 7 -10.84 6.85 22.34
C VAL B 7 -12.15 6.10 22.52
N HIS B 8 -12.09 4.77 22.50
CA HIS B 8 -13.28 3.95 22.61
C HIS B 8 -13.94 4.03 23.96
N THR B 9 -13.32 4.70 24.93
CA THR B 9 -14.00 4.96 26.19
C THR B 9 -15.18 5.91 26.05
N VAL B 10 -15.30 6.63 24.93
CA VAL B 10 -16.41 7.57 24.79
C VAL B 10 -17.78 6.92 24.78
N VAL B 11 -17.85 5.59 24.67
CA VAL B 11 -19.12 4.88 24.68
C VAL B 11 -19.31 4.09 25.96
N ILE B 12 -18.54 4.37 27.02
CA ILE B 12 -18.77 3.65 28.28
C ILE B 12 -20.13 4.00 28.86
N ASN B 13 -20.49 5.27 28.89
CA ASN B 13 -21.74 5.71 29.47
C ASN B 13 -22.79 6.08 28.42
N ASP B 14 -22.69 5.48 27.24
CA ASP B 14 -23.63 5.71 26.14
C ASP B 14 -24.11 4.35 25.67
N PRO B 15 -25.21 3.83 26.24
CA PRO B 15 -25.67 2.49 25.83
C PRO B 15 -26.05 2.38 24.36
N GLY B 16 -26.65 3.43 23.78
CA GLY B 16 -27.02 3.36 22.38
C GLY B 16 -25.82 3.27 21.46
N ARG B 17 -24.78 4.05 21.74
CA ARG B 17 -23.59 3.97 20.90
C ARG B 17 -22.72 2.78 21.25
N LEU B 18 -22.86 2.23 22.45
CA LEU B 18 -22.26 0.92 22.73
C LEU B 18 -22.91 -0.16 21.89
N ILE B 19 -24.23 -0.12 21.78
CA ILE B 19 -24.94 -1.03 20.88
C ILE B 19 -24.50 -0.79 19.45
N SER B 20 -24.28 0.47 19.08
CA SER B 20 -23.86 0.80 17.72
C SER B 20 -22.49 0.23 17.40
N VAL B 21 -21.51 0.39 18.30
CA VAL B 21 -20.18 -0.14 18.03
C VAL B 21 -20.17 -1.66 18.09
N HIS B 22 -21.01 -2.25 18.94
CA HIS B 22 -21.16 -3.70 18.92
C HIS B 22 -21.73 -4.17 17.60
N LEU B 23 -22.71 -3.45 17.07
CA LEU B 23 -23.32 -3.81 15.80
C LEU B 23 -22.34 -3.66 14.65
N MET B 24 -21.51 -2.61 14.69
CA MET B 24 -20.46 -2.45 13.69
C MET B 24 -19.45 -3.57 13.77
N HIS B 25 -19.05 -3.95 14.99
CA HIS B 25 -18.14 -5.07 15.16
C HIS B 25 -18.73 -6.36 14.61
N THR B 26 -20.00 -6.61 14.91
CA THR B 26 -20.68 -7.81 14.41
C THR B 26 -20.76 -7.79 12.89
N ALA B 27 -21.01 -6.62 12.31
CA ALA B 27 -21.02 -6.48 10.86
C ALA B 27 -19.65 -6.80 10.27
N LEU B 28 -18.59 -6.30 10.89
CA LEU B 28 -17.25 -6.56 10.40
C LEU B 28 -16.91 -8.05 10.48
N VAL B 29 -17.29 -8.70 11.58
CA VAL B 29 -16.96 -10.11 11.76
C VAL B 29 -17.75 -10.98 10.79
N ALA B 30 -19.05 -10.70 10.60
CA ALA B 30 -19.85 -11.44 9.63
C ALA B 30 -19.34 -11.22 8.21
N GLY B 31 -18.96 -9.98 7.88
CA GLY B 31 -18.41 -9.70 6.58
C GLY B 31 -17.09 -10.40 6.35
N TRP B 32 -16.25 -10.49 7.39
CA TRP B 32 -15.04 -11.28 7.27
C TRP B 32 -15.36 -12.74 7.00
N ALA B 33 -16.35 -13.29 7.70
CA ALA B 33 -16.69 -14.69 7.50
C ALA B 33 -17.14 -14.94 6.06
N GLY B 34 -17.99 -14.06 5.53
CA GLY B 34 -18.43 -14.22 4.15
C GLY B 34 -17.30 -14.06 3.15
N ALA B 35 -16.47 -13.03 3.33
CA ALA B 35 -15.38 -12.77 2.39
C ALA B 35 -14.33 -13.87 2.44
N MET B 36 -14.04 -14.38 3.62
CA MET B 36 -13.10 -15.49 3.76
C MET B 36 -13.64 -16.74 3.10
N THR B 37 -14.94 -17.00 3.24
CA THR B 37 -15.56 -18.12 2.54
C THR B 37 -15.42 -17.98 1.04
N LEU B 38 -15.67 -16.78 0.51
CA LEU B 38 -15.58 -16.59 -0.93
C LEU B 38 -14.15 -16.73 -1.43
N PHE B 39 -13.18 -16.25 -0.64
CA PHE B 39 -11.77 -16.45 -0.99
C PHE B 39 -11.42 -17.93 -1.02
N GLU B 40 -11.84 -18.68 -0.01
CA GLU B 40 -11.50 -20.09 0.06
C GLU B 40 -12.21 -20.90 -1.02
N ILE B 41 -13.42 -20.51 -1.40
CA ILE B 41 -14.09 -21.16 -2.52
C ILE B 41 -13.38 -20.84 -3.83
N ALA B 42 -12.95 -19.60 -4.00
CA ALA B 42 -12.25 -19.21 -5.23
C ALA B 42 -10.93 -19.95 -5.38
N VAL B 43 -10.24 -20.22 -4.27
CA VAL B 43 -8.92 -20.86 -4.37
C VAL B 43 -8.96 -22.35 -4.05
N PHE B 44 -10.12 -22.92 -3.74
CA PHE B 44 -10.19 -24.32 -3.35
C PHE B 44 -10.28 -25.23 -4.57
N ASP B 45 -9.56 -26.35 -4.51
CA ASP B 45 -9.58 -27.37 -5.54
C ASP B 45 -10.23 -28.63 -5.01
N PRO B 46 -11.46 -28.96 -5.42
CA PRO B 46 -12.17 -30.12 -4.84
C PRO B 46 -11.99 -31.43 -5.60
N SER B 47 -11.12 -31.49 -6.61
CA SER B 47 -11.10 -32.63 -7.52
C SER B 47 -10.47 -33.88 -6.93
N ASP B 48 -9.88 -33.81 -5.74
CA ASP B 48 -9.23 -34.98 -5.13
C ASP B 48 -9.35 -34.90 -3.63
N PRO B 49 -10.48 -35.36 -3.06
CA PRO B 49 -10.62 -35.35 -1.61
C PRO B 49 -9.68 -36.28 -0.88
N VAL B 50 -9.04 -37.22 -1.57
CA VAL B 50 -8.17 -38.17 -0.90
C VAL B 50 -6.77 -37.59 -0.70
N LEU B 51 -6.11 -37.22 -1.79
CA LEU B 51 -4.73 -36.76 -1.72
C LEU B 51 -4.59 -35.25 -1.68
N ASN B 52 -5.64 -34.50 -2.00
CA ASN B 52 -5.65 -33.04 -1.84
C ASN B 52 -6.90 -32.62 -1.08
N PRO B 53 -6.99 -32.95 0.20
CA PRO B 53 -8.13 -32.47 1.00
C PRO B 53 -7.94 -31.01 1.37
N MET B 54 -8.99 -30.45 1.99
CA MET B 54 -9.02 -29.02 2.26
C MET B 54 -7.91 -28.60 3.21
N TRP B 55 -7.53 -29.45 4.16
CA TRP B 55 -6.47 -29.08 5.09
C TRP B 55 -5.09 -29.14 4.46
N ARG B 56 -4.96 -29.68 3.26
CA ARG B 56 -3.73 -29.53 2.50
C ARG B 56 -3.70 -28.24 1.72
N GLN B 57 -4.82 -27.53 1.63
CA GLN B 57 -4.93 -26.34 0.78
C GLN B 57 -5.06 -25.06 1.58
N GLY B 58 -4.81 -25.10 2.88
CA GLY B 58 -4.85 -23.88 3.67
C GLY B 58 -6.25 -23.39 3.99
N MET B 59 -7.25 -24.24 3.87
CA MET B 59 -8.63 -23.85 4.12
C MET B 59 -8.86 -23.75 5.62
N PHE B 60 -9.31 -22.57 6.07
CA PHE B 60 -9.47 -22.30 7.50
C PHE B 60 -10.92 -22.33 7.94
N VAL B 61 -11.80 -21.63 7.22
CA VAL B 61 -13.22 -21.62 7.57
C VAL B 61 -14.01 -22.68 6.83
N LEU B 62 -13.48 -23.21 5.73
CA LEU B 62 -14.13 -24.33 5.06
C LEU B 62 -14.33 -25.55 5.97
N PRO B 63 -13.37 -25.97 6.83
CA PRO B 63 -13.70 -27.03 7.79
C PRO B 63 -14.81 -26.66 8.75
N PHE B 64 -14.91 -25.40 9.15
CA PHE B 64 -15.95 -25.02 10.10
C PHE B 64 -17.32 -25.00 9.44
N LEU B 65 -17.37 -24.72 8.12
CA LEU B 65 -18.62 -24.90 7.39
C LEU B 65 -18.97 -26.38 7.25
N THR B 66 -17.97 -27.21 6.92
CA THR B 66 -18.23 -28.63 6.71
C THR B 66 -18.60 -29.34 8.00
N ARG B 67 -18.14 -28.83 9.14
CA ARG B 67 -18.34 -29.50 10.42
C ARG B 67 -19.82 -29.56 10.80
N LEU B 68 -20.57 -28.51 10.49
CA LEU B 68 -21.96 -28.43 10.91
C LEU B 68 -22.96 -28.82 9.83
N GLY B 69 -22.50 -29.18 8.64
CA GLY B 69 -23.43 -29.71 7.66
C GLY B 69 -23.33 -29.16 6.25
N VAL B 70 -22.75 -27.98 6.09
CA VAL B 70 -22.61 -27.40 4.76
C VAL B 70 -21.52 -28.16 4.02
N THR B 71 -21.92 -29.02 3.08
CA THR B 71 -20.99 -29.89 2.39
C THR B 71 -21.03 -29.77 0.88
N GLN B 72 -21.98 -29.03 0.32
CA GLN B 72 -22.14 -28.93 -1.12
C GLN B 72 -21.86 -27.50 -1.56
N SER B 73 -21.50 -27.35 -2.83
CA SER B 73 -21.22 -26.06 -3.41
C SER B 73 -22.16 -25.79 -4.57
N TRP B 74 -22.23 -24.53 -4.97
CA TRP B 74 -22.97 -24.15 -6.16
C TRP B 74 -22.19 -24.48 -7.44
N GLY B 75 -20.93 -24.87 -7.32
CA GLY B 75 -20.12 -25.33 -8.43
C GLY B 75 -20.31 -26.78 -8.79
N GLY B 76 -21.32 -27.44 -8.22
CA GLY B 76 -21.66 -28.78 -8.63
C GLY B 76 -20.88 -29.89 -7.96
N TRP B 77 -20.02 -29.57 -7.00
CA TRP B 77 -19.22 -30.57 -6.33
C TRP B 77 -19.59 -30.66 -4.85
N THR B 78 -19.50 -31.86 -4.31
CA THR B 78 -19.65 -32.11 -2.89
C THR B 78 -18.27 -32.28 -2.26
N ILE B 79 -18.17 -31.92 -0.98
CA ILE B 79 -16.88 -32.02 -0.30
C ILE B 79 -16.43 -33.47 -0.13
N SER B 80 -17.35 -34.42 -0.20
CA SER B 80 -17.02 -35.83 -0.10
C SER B 80 -16.72 -36.46 -1.45
N GLY B 81 -16.53 -35.65 -2.49
CA GLY B 81 -16.17 -36.14 -3.80
C GLY B 81 -17.33 -36.58 -4.67
N GLU B 82 -18.55 -36.49 -4.17
CA GLU B 82 -19.72 -36.88 -4.94
C GLU B 82 -20.17 -35.71 -5.82
N THR B 83 -21.31 -35.87 -6.49
CA THR B 83 -21.89 -34.82 -7.32
C THR B 83 -23.11 -34.25 -6.63
N SER B 84 -23.16 -32.93 -6.54
CA SER B 84 -24.30 -32.23 -5.96
C SER B 84 -25.15 -31.67 -7.09
N SER B 85 -26.32 -32.28 -7.30
CA SER B 85 -27.23 -31.81 -8.33
C SER B 85 -28.21 -30.77 -7.84
N ASN B 86 -28.44 -30.68 -6.52
CA ASN B 86 -29.28 -29.65 -5.93
C ASN B 86 -28.68 -29.24 -4.60
N PRO B 87 -27.65 -28.37 -4.63
CA PRO B 87 -27.04 -27.92 -3.37
C PRO B 87 -27.96 -27.10 -2.50
N GLY B 88 -29.01 -26.51 -3.06
CA GLY B 88 -29.90 -25.70 -2.27
C GLY B 88 -29.31 -24.33 -1.97
N ILE B 89 -30.00 -23.61 -1.10
CA ILE B 89 -29.54 -22.28 -0.69
C ILE B 89 -28.29 -22.40 0.16
N TRP B 90 -28.27 -23.35 1.10
CA TRP B 90 -27.18 -23.44 2.07
C TRP B 90 -26.04 -24.27 1.52
N SER B 91 -25.41 -23.71 0.49
CA SER B 91 -24.11 -24.18 0.03
C SER B 91 -23.03 -23.34 0.69
N TYR B 92 -21.77 -23.57 0.30
CA TYR B 92 -20.68 -22.75 0.80
C TYR B 92 -20.85 -21.30 0.38
N GLU B 93 -21.11 -21.09 -0.91
CA GLU B 93 -21.35 -19.74 -1.40
C GLU B 93 -22.64 -19.16 -0.86
N GLY B 94 -23.63 -20.02 -0.57
CA GLY B 94 -24.85 -19.52 0.04
C GLY B 94 -24.63 -18.99 1.45
N ALA B 95 -23.85 -19.72 2.25
CA ALA B 95 -23.49 -19.24 3.58
C ALA B 95 -22.64 -17.98 3.50
N ALA B 96 -21.74 -17.91 2.52
CA ALA B 96 -20.94 -16.70 2.33
C ALA B 96 -21.81 -15.50 2.00
N ALA B 97 -22.75 -15.67 1.06
CA ALA B 97 -23.64 -14.58 0.69
C ALA B 97 -24.53 -14.17 1.85
N SER B 98 -25.00 -15.16 2.63
CA SER B 98 -25.83 -14.84 3.79
C SER B 98 -25.05 -14.01 4.80
N HIS B 99 -23.77 -14.33 4.99
CA HIS B 99 -22.96 -13.54 5.90
C HIS B 99 -22.69 -12.14 5.37
N ILE B 100 -22.51 -11.99 4.05
CA ILE B 100 -22.32 -10.66 3.48
C ILE B 100 -23.58 -9.81 3.66
N VAL B 101 -24.75 -10.40 3.41
CA VAL B 101 -26.01 -9.68 3.59
C VAL B 101 -26.22 -9.33 5.05
N LEU B 102 -25.90 -10.27 5.95
CA LEU B 102 -26.00 -10.00 7.38
C LEU B 102 -25.08 -8.86 7.78
N SER B 103 -23.87 -8.83 7.23
CA SER B 103 -22.94 -7.73 7.51
C SER B 103 -23.51 -6.39 7.08
N GLY B 104 -24.11 -6.34 5.89
CA GLY B 104 -24.72 -5.08 5.45
C GLY B 104 -25.87 -4.63 6.32
N LEU B 105 -26.74 -5.57 6.71
CA LEU B 105 -27.87 -5.23 7.56
C LEU B 105 -27.41 -4.76 8.92
N LEU B 106 -26.37 -5.40 9.47
CA LEU B 106 -25.84 -4.97 10.75
C LEU B 106 -25.16 -3.62 10.65
N PHE B 107 -24.54 -3.32 9.51
CA PHE B 107 -23.99 -1.98 9.28
C PHE B 107 -25.09 -0.92 9.31
N LEU B 108 -26.22 -1.19 8.65
CA LEU B 108 -27.34 -0.24 8.68
C LEU B 108 -27.88 -0.07 10.08
N ALA B 109 -28.03 -1.17 10.82
CA ALA B 109 -28.52 -1.08 12.19
C ALA B 109 -27.55 -0.31 13.08
N SER B 110 -26.24 -0.49 12.84
CA SER B 110 -25.23 0.25 13.58
C SER B 110 -25.34 1.74 13.31
N VAL B 111 -25.59 2.12 12.05
CA VAL B 111 -25.78 3.53 11.71
C VAL B 111 -27.00 4.08 12.44
N TRP B 112 -28.10 3.32 12.44
CA TRP B 112 -29.32 3.78 13.11
C TRP B 112 -29.09 3.96 14.60
N HIS B 113 -28.41 3.02 15.24
CA HIS B 113 -28.19 3.14 16.67
C HIS B 113 -27.16 4.20 17.03
N TRP B 114 -26.26 4.52 16.11
CA TRP B 114 -25.35 5.62 16.36
C TRP B 114 -26.10 6.95 16.32
N VAL B 115 -27.00 7.11 15.35
CA VAL B 115 -27.74 8.36 15.24
C VAL B 115 -28.75 8.49 16.38
N TYR B 116 -29.54 7.45 16.62
CA TYR B 116 -30.60 7.49 17.62
C TYR B 116 -30.12 6.83 18.90
N TRP B 117 -29.14 7.49 19.52
CA TRP B 117 -28.54 7.00 20.75
C TRP B 117 -29.34 7.37 21.99
N ASP B 118 -30.08 8.48 21.95
CA ASP B 118 -30.70 9.07 23.13
C ASP B 118 -32.10 8.50 23.36
N LEU B 119 -32.17 7.18 23.50
CA LEU B 119 -33.43 6.49 23.70
C LEU B 119 -33.82 6.54 25.17
N GLU B 120 -35.09 6.86 25.44
CA GLU B 120 -35.59 6.87 26.81
C GLU B 120 -35.51 5.49 27.46
N LEU B 121 -35.44 4.43 26.65
CA LEU B 121 -35.18 3.09 27.16
C LEU B 121 -33.92 3.04 28.01
N PHE B 122 -32.91 3.82 27.65
CA PHE B 122 -31.67 3.83 28.40
C PHE B 122 -31.71 4.75 29.60
N ARG B 123 -32.81 5.45 29.83
CA ARG B 123 -32.93 6.32 30.99
C ARG B 123 -33.55 5.57 32.16
N ASP B 124 -32.97 5.73 33.33
CA ASP B 124 -33.57 5.15 34.53
C ASP B 124 -34.84 5.92 34.87
N PRO B 125 -35.97 5.23 35.03
CA PRO B 125 -37.24 5.96 35.28
C PRO B 125 -37.27 6.70 36.60
N ARG B 126 -36.41 6.34 37.56
CA ARG B 126 -36.42 7.00 38.85
C ARG B 126 -35.73 8.36 38.78
N THR B 127 -34.45 8.38 38.41
CA THR B 127 -33.65 9.59 38.45
C THR B 127 -33.51 10.27 37.10
N GLY B 128 -33.86 9.60 36.00
CA GLY B 128 -33.68 10.16 34.68
C GLY B 128 -32.28 10.05 34.13
N LYS B 129 -31.36 9.44 34.87
CA LYS B 129 -29.98 9.26 34.43
C LYS B 129 -29.87 8.02 33.56
N THR B 130 -28.88 8.03 32.67
CA THR B 130 -28.63 6.85 31.84
C THR B 130 -28.07 5.72 32.69
N ALA B 131 -28.64 4.53 32.51
CA ALA B 131 -28.26 3.38 33.32
C ALA B 131 -28.65 2.11 32.59
N LEU B 132 -27.98 1.02 32.95
CA LEU B 132 -28.31 -0.31 32.46
C LEU B 132 -28.50 -1.23 33.66
N ASP B 133 -29.60 -1.97 33.66
CA ASP B 133 -29.86 -2.95 34.71
C ASP B 133 -29.11 -4.22 34.35
N LEU B 134 -27.81 -4.20 34.61
CA LEU B 134 -26.92 -5.27 34.14
C LEU B 134 -27.28 -6.66 34.66
N PRO B 135 -27.70 -6.88 35.92
CA PRO B 135 -28.20 -8.22 36.27
C PRO B 135 -29.39 -8.68 35.44
N LYS B 136 -30.35 -7.80 35.19
CA LYS B 136 -31.51 -8.16 34.38
C LYS B 136 -31.11 -8.44 32.94
N ILE B 137 -30.20 -7.64 32.39
CA ILE B 137 -29.72 -7.84 31.03
C ILE B 137 -28.98 -9.17 30.93
N PHE B 138 -28.18 -9.50 31.94
CA PHE B 138 -27.50 -10.79 31.97
C PHE B 138 -28.50 -11.93 32.04
N GLY B 139 -29.57 -11.77 32.82
CA GLY B 139 -30.60 -12.79 32.87
C GLY B 139 -31.26 -13.01 31.52
N ILE B 140 -31.58 -11.92 30.82
CA ILE B 140 -32.18 -12.03 29.49
C ILE B 140 -31.22 -12.72 28.53
N HIS B 141 -29.95 -12.31 28.54
CA HIS B 141 -28.96 -12.88 27.63
C HIS B 141 -28.69 -14.34 27.93
N LEU B 142 -28.62 -14.70 29.21
CA LEU B 142 -28.39 -16.08 29.60
C LEU B 142 -29.57 -16.96 29.21
N PHE B 143 -30.80 -16.44 29.38
CA PHE B 143 -31.99 -17.16 28.94
C PHE B 143 -31.96 -17.40 27.43
N LEU B 144 -31.62 -16.37 26.66
CA LEU B 144 -31.56 -16.51 25.21
C LEU B 144 -30.44 -17.47 24.79
N ALA B 145 -29.28 -17.38 25.44
CA ALA B 145 -28.17 -18.26 25.13
C ALA B 145 -28.51 -19.71 25.45
N GLY B 146 -29.20 -19.94 26.58
CA GLY B 146 -29.64 -21.28 26.90
C GLY B 146 -30.64 -21.83 25.90
N LEU B 147 -31.57 -20.97 25.47
CA LEU B 147 -32.53 -21.40 24.44
C LEU B 147 -31.81 -21.77 23.15
N LEU B 148 -30.86 -20.95 22.73
CA LEU B 148 -30.15 -21.21 21.48
C LEU B 148 -29.27 -22.45 21.58
N CYS B 149 -28.59 -22.64 22.72
CA CYS B 149 -27.77 -23.81 22.93
C CYS B 149 -28.61 -25.08 22.94
N PHE B 150 -29.76 -25.04 23.62
CA PHE B 150 -30.65 -26.19 23.65
C PHE B 150 -31.19 -26.51 22.26
N GLY B 151 -31.59 -25.48 21.51
CA GLY B 151 -32.09 -25.72 20.16
C GLY B 151 -31.02 -26.29 19.24
N PHE B 152 -29.79 -25.77 19.34
CA PHE B 152 -28.70 -26.26 18.53
C PHE B 152 -28.38 -27.72 18.86
N GLY B 153 -28.44 -28.09 20.14
CA GLY B 153 -28.16 -29.45 20.52
C GLY B 153 -29.28 -30.43 20.28
N ALA B 154 -30.53 -29.96 20.33
CA ALA B 154 -31.67 -30.85 20.23
C ALA B 154 -32.22 -30.96 18.82
N PHE B 155 -31.91 -30.01 17.94
CA PHE B 155 -32.46 -30.06 16.59
C PHE B 155 -31.41 -30.11 15.50
N HIS B 156 -30.34 -29.33 15.61
CA HIS B 156 -29.32 -29.35 14.58
C HIS B 156 -28.48 -30.63 14.65
N VAL B 157 -27.77 -30.81 15.77
CA VAL B 157 -26.75 -31.85 15.81
C VAL B 157 -27.33 -33.25 16.00
N THR B 158 -28.58 -33.36 16.47
CA THR B 158 -29.23 -34.65 16.54
C THR B 158 -29.82 -35.09 15.22
N GLY B 159 -29.93 -34.20 14.25
CA GLY B 159 -30.60 -34.51 13.01
C GLY B 159 -32.11 -34.57 13.10
N VAL B 160 -32.68 -34.16 14.23
CA VAL B 160 -34.14 -34.13 14.36
C VAL B 160 -34.73 -33.12 13.39
N PHE B 161 -34.14 -31.95 13.33
CA PHE B 161 -34.58 -30.93 12.39
C PHE B 161 -33.44 -30.40 11.53
N GLY B 162 -32.22 -30.32 12.06
CA GLY B 162 -31.07 -29.92 11.31
C GLY B 162 -30.37 -31.09 10.64
N PRO B 163 -29.18 -30.83 10.10
CA PRO B 163 -28.47 -31.87 9.34
C PRO B 163 -27.54 -32.78 10.14
N GLY B 164 -27.35 -32.52 11.43
CA GLY B 164 -26.35 -33.26 12.18
C GLY B 164 -25.00 -32.57 12.11
N ILE B 165 -23.97 -33.33 12.49
CA ILE B 165 -22.60 -32.83 12.45
C ILE B 165 -21.72 -33.86 11.79
N TRP B 166 -20.50 -33.44 11.46
CA TRP B 166 -19.54 -34.32 10.81
C TRP B 166 -19.06 -35.40 11.79
N VAL B 167 -19.17 -36.65 11.37
CA VAL B 167 -18.74 -37.80 12.14
C VAL B 167 -17.94 -38.70 11.22
N SER B 168 -16.81 -39.20 11.72
CA SER B 168 -15.93 -40.03 10.93
C SER B 168 -15.57 -41.30 11.70
N ASP B 169 -14.95 -42.23 10.97
CA ASP B 169 -14.32 -43.38 11.60
C ASP B 169 -13.08 -42.92 12.35
N PRO B 170 -12.55 -43.76 13.26
CA PRO B 170 -11.34 -43.35 14.00
C PRO B 170 -10.13 -43.05 13.13
N TYR B 171 -10.08 -43.55 11.90
CA TYR B 171 -8.92 -43.35 11.04
C TYR B 171 -9.21 -42.42 9.87
N GLY B 172 -10.31 -41.67 9.92
CA GLY B 172 -10.58 -40.62 8.97
C GLY B 172 -10.73 -41.06 7.53
N LEU B 173 -11.48 -42.13 7.29
CA LEU B 173 -11.65 -42.66 5.95
C LEU B 173 -13.05 -42.50 5.40
N THR B 174 -14.08 -42.64 6.22
CA THR B 174 -15.47 -42.69 5.77
C THR B 174 -16.32 -41.67 6.52
N GLY B 175 -15.82 -40.45 6.63
CA GLY B 175 -16.54 -39.43 7.37
C GLY B 175 -17.58 -38.72 6.53
N SER B 176 -18.65 -38.30 7.21
CA SER B 176 -19.77 -37.62 6.56
C SER B 176 -20.55 -36.88 7.64
N VAL B 177 -21.42 -35.98 7.20
CA VAL B 177 -22.30 -35.30 8.16
C VAL B 177 -23.48 -36.21 8.45
N GLN B 178 -23.61 -36.59 9.72
CA GLN B 178 -24.62 -37.53 10.17
C GLN B 178 -25.37 -36.97 11.35
N PRO B 179 -26.62 -37.41 11.56
CA PRO B 179 -27.28 -37.15 12.84
C PRO B 179 -26.58 -37.90 13.96
N VAL B 180 -26.61 -37.31 15.15
CA VAL B 180 -25.86 -37.83 16.29
C VAL B 180 -26.81 -37.99 17.47
N ALA B 181 -26.90 -39.22 17.99
CA ALA B 181 -27.69 -39.48 19.19
C ALA B 181 -26.94 -38.99 20.43
N PRO B 182 -27.64 -38.40 21.39
CA PRO B 182 -26.97 -37.97 22.62
C PRO B 182 -26.51 -39.16 23.46
N SER B 183 -25.44 -38.94 24.20
CA SER B 183 -24.89 -39.94 25.12
C SER B 183 -25.04 -39.40 26.53
N TRP B 184 -25.95 -40.02 27.29
CA TRP B 184 -26.31 -39.51 28.62
C TRP B 184 -25.57 -40.21 29.75
N GLY B 185 -24.69 -41.16 29.43
CA GLY B 185 -23.86 -41.80 30.43
C GLY B 185 -22.51 -41.13 30.56
N ALA B 186 -21.60 -41.84 31.25
CA ALA B 186 -20.25 -41.33 31.41
C ALA B 186 -19.52 -41.20 30.07
N GLU B 187 -19.88 -42.04 29.10
CA GLU B 187 -19.32 -41.91 27.75
C GLU B 187 -19.67 -40.59 27.10
N GLY B 188 -20.72 -39.92 27.58
CA GLY B 188 -21.03 -38.58 27.11
C GLY B 188 -19.97 -37.55 27.44
N PHE B 189 -19.09 -37.85 28.38
CA PHE B 189 -17.95 -37.00 28.69
C PHE B 189 -16.68 -37.53 28.04
N ASP B 190 -16.79 -38.52 27.17
CA ASP B 190 -15.67 -38.88 26.33
C ASP B 190 -15.49 -37.76 25.30
N PRO B 191 -14.32 -37.11 25.26
CA PRO B 191 -14.11 -36.02 24.30
C PRO B 191 -14.22 -36.44 22.86
N TYR B 192 -13.82 -37.67 22.53
CA TYR B 192 -13.84 -38.16 21.18
C TYR B 192 -15.17 -38.80 20.81
N ASN B 193 -16.09 -38.92 21.75
CA ASN B 193 -17.42 -39.40 21.47
C ASN B 193 -18.25 -38.29 20.83
N PRO B 194 -18.73 -38.46 19.59
CA PRO B 194 -19.60 -37.43 19.00
C PRO B 194 -20.91 -37.23 19.75
N GLY B 195 -21.39 -38.25 20.46
CA GLY B 195 -22.62 -38.16 21.20
C GLY B 195 -22.59 -37.23 22.38
N GLY B 196 -21.40 -36.82 22.81
CA GLY B 196 -21.29 -35.89 23.92
C GLY B 196 -21.76 -34.49 23.57
N VAL B 197 -21.64 -34.09 22.32
CA VAL B 197 -21.99 -32.74 21.87
C VAL B 197 -23.50 -32.47 22.01
N PRO B 198 -24.40 -33.31 21.46
CA PRO B 198 -25.83 -33.05 21.69
C PRO B 198 -26.23 -33.11 23.16
N ALA B 199 -25.68 -34.05 23.91
CA ALA B 199 -26.03 -34.18 25.33
C ALA B 199 -25.59 -32.96 26.11
N HIS B 200 -24.35 -32.49 25.86
CA HIS B 200 -23.87 -31.26 26.48
C HIS B 200 -24.78 -30.10 26.14
N HIS B 201 -25.13 -29.95 24.87
CA HIS B 201 -25.86 -28.76 24.48
C HIS B 201 -27.29 -28.79 25.03
N ILE B 202 -27.91 -29.96 25.07
CA ILE B 202 -29.25 -30.07 25.66
C ILE B 202 -29.20 -29.77 27.15
N ALA B 203 -28.29 -30.41 27.88
CA ALA B 203 -28.23 -30.22 29.33
C ALA B 203 -27.82 -28.80 29.70
N ALA B 204 -26.79 -28.27 29.03
CA ALA B 204 -26.33 -26.91 29.30
C ALA B 204 -27.34 -25.87 28.85
N GLY B 205 -28.11 -26.13 27.80
CA GLY B 205 -29.16 -25.22 27.41
C GLY B 205 -30.30 -25.20 28.43
N ILE B 206 -30.66 -26.36 28.96
CA ILE B 206 -31.67 -26.40 30.01
C ILE B 206 -31.19 -25.66 31.24
N LEU B 207 -29.92 -25.88 31.62
CA LEU B 207 -29.36 -25.17 32.77
C LEU B 207 -29.27 -23.67 32.51
N GLY B 208 -28.93 -23.28 31.28
CA GLY B 208 -28.87 -21.87 30.96
C GLY B 208 -30.22 -21.21 31.00
N VAL B 209 -31.26 -21.91 30.55
CA VAL B 209 -32.62 -21.39 30.65
C VAL B 209 -33.04 -21.23 32.10
N LEU B 210 -32.76 -22.24 32.94
CA LEU B 210 -33.13 -22.17 34.35
C LEU B 210 -32.37 -21.06 35.07
N ALA B 211 -31.06 -20.94 34.81
CA ALA B 211 -30.27 -19.89 35.43
C ALA B 211 -30.65 -18.51 34.91
N GLY B 212 -31.03 -18.41 33.64
CA GLY B 212 -31.52 -17.14 33.13
C GLY B 212 -32.83 -16.73 33.78
N LEU B 213 -33.72 -17.69 34.01
CA LEU B 213 -34.94 -17.40 34.76
C LEU B 213 -34.62 -16.95 36.18
N PHE B 214 -33.65 -17.61 36.82
CA PHE B 214 -33.21 -17.20 38.16
C PHE B 214 -32.70 -15.76 38.14
N HIS B 215 -31.90 -15.41 37.15
CA HIS B 215 -31.32 -14.07 37.10
C HIS B 215 -32.33 -13.02 36.63
N LEU B 216 -33.40 -13.44 35.99
CA LEU B 216 -34.51 -12.56 35.69
C LEU B 216 -35.24 -12.22 36.98
N VAL B 218 -34.44 -13.11 40.65
CA VAL B 218 -33.73 -12.75 41.87
C VAL B 218 -32.70 -11.63 41.70
N ARG B 219 -32.90 -10.54 42.43
CA ARG B 219 -31.95 -9.44 42.42
C ARG B 219 -30.68 -9.81 43.18
N PRO B 220 -29.54 -9.23 42.80
CA PRO B 220 -28.30 -9.50 43.55
C PRO B 220 -28.35 -8.89 44.94
N SER B 221 -27.49 -9.41 45.81
CA SER B 221 -27.37 -8.84 47.14
C SER B 221 -26.50 -7.58 47.08
N ILE B 222 -26.62 -6.77 48.13
CA ILE B 222 -25.85 -5.52 48.19
C ILE B 222 -24.37 -5.82 48.35
N ARG B 223 -24.02 -6.83 49.15
CA ARG B 223 -22.62 -7.17 49.37
C ARG B 223 -21.96 -7.60 48.07
N LEU B 224 -22.60 -8.51 47.34
CA LEU B 224 -22.00 -9.00 46.11
C LEU B 224 -22.08 -7.95 45.01
N TYR B 225 -23.12 -7.12 45.01
CA TYR B 225 -23.23 -6.00 44.07
C TYR B 225 -22.05 -5.05 44.22
N PHE B 226 -21.73 -4.66 45.46
CA PHE B 226 -20.59 -3.76 45.66
C PHE B 226 -19.27 -4.47 45.45
N GLY B 227 -19.19 -5.76 45.79
CA GLY B 227 -17.95 -6.49 45.62
C GLY B 227 -17.56 -6.66 44.17
N LEU B 228 -18.53 -6.99 43.31
CA LEU B 228 -18.24 -7.22 41.91
C LEU B 228 -18.52 -6.01 41.03
N SER B 229 -18.99 -4.90 41.61
CA SER B 229 -19.28 -3.66 40.90
C SER B 229 -20.25 -3.91 39.74
N MET B 230 -21.43 -4.40 40.09
CA MET B 230 -22.42 -4.75 39.08
C MET B 230 -23.07 -3.53 38.46
N GLY B 231 -22.83 -2.33 38.99
CA GLY B 231 -23.26 -1.11 38.34
C GLY B 231 -22.31 -0.58 37.28
N SER B 232 -21.13 -1.17 37.14
CA SER B 232 -20.14 -0.72 36.17
C SER B 232 -20.03 -1.71 35.03
N ILE B 233 -20.10 -1.20 33.80
CA ILE B 233 -19.99 -2.02 32.61
C ILE B 233 -18.58 -2.56 32.43
N GLU B 234 -17.56 -1.91 33.00
CA GLU B 234 -16.21 -2.40 32.86
C GLU B 234 -15.97 -3.67 33.68
N SER B 235 -16.70 -3.84 34.78
CA SER B 235 -16.65 -5.10 35.52
C SER B 235 -17.16 -6.25 34.66
N VAL B 236 -18.28 -6.02 33.97
CA VAL B 236 -18.82 -7.00 33.05
C VAL B 236 -17.82 -7.27 31.94
N LEU B 237 -17.13 -6.22 31.47
CA LEU B 237 -16.11 -6.41 30.44
C LEU B 237 -14.97 -7.30 30.94
N SER B 238 -14.51 -7.08 32.16
CA SER B 238 -13.41 -7.88 32.70
C SER B 238 -13.82 -9.34 32.85
N SER B 239 -15.01 -9.59 33.39
CA SER B 239 -15.46 -10.97 33.55
C SER B 239 -15.72 -11.64 32.19
N SER B 240 -16.24 -10.88 31.23
CA SER B 240 -16.46 -11.42 29.89
C SER B 240 -15.14 -11.77 29.22
N ILE B 241 -14.13 -10.91 29.34
CA ILE B 241 -12.82 -11.20 28.78
C ILE B 241 -12.21 -12.43 29.44
N ALA B 242 -12.43 -12.59 30.75
CA ALA B 242 -11.97 -13.77 31.47
C ALA B 242 -12.61 -15.04 30.91
N ALA B 243 -13.94 -15.04 30.76
CA ALA B 243 -14.64 -16.19 30.21
C ALA B 243 -14.20 -16.47 28.77
N VAL B 244 -13.94 -15.42 28.00
CA VAL B 244 -13.59 -15.60 26.60
C VAL B 244 -12.19 -16.20 26.46
N PHE B 245 -11.21 -15.78 27.30
CA PHE B 245 -9.92 -16.45 27.14
C PHE B 245 -9.91 -17.84 27.77
N TRP B 246 -10.76 -18.09 28.77
CA TRP B 246 -10.96 -19.47 29.23
C TRP B 246 -11.45 -20.35 28.08
N ALA B 247 -12.44 -19.86 27.34
CA ALA B 247 -12.96 -20.61 26.20
C ALA B 247 -11.91 -20.74 25.10
N ALA B 248 -11.09 -19.71 24.91
CA ALA B 248 -10.03 -19.77 23.90
C ALA B 248 -8.99 -20.83 24.25
N PHE B 249 -8.61 -20.91 25.52
CA PHE B 249 -7.71 -21.98 25.97
C PHE B 249 -8.35 -23.35 25.75
N VAL B 250 -9.64 -23.47 26.04
CA VAL B 250 -10.33 -24.75 25.87
C VAL B 250 -10.34 -25.16 24.41
N VAL B 251 -10.70 -24.24 23.50
CA VAL B 251 -10.77 -24.60 22.09
C VAL B 251 -9.40 -24.84 21.50
N ALA B 252 -8.37 -24.11 21.99
CA ALA B 252 -7.02 -24.35 21.50
C ALA B 252 -6.52 -25.74 21.92
N GLY B 253 -6.76 -26.11 23.18
CA GLY B 253 -6.37 -27.45 23.61
C GLY B 253 -7.15 -28.54 22.90
N THR B 254 -8.46 -28.32 22.70
CA THR B 254 -9.29 -29.28 22.00
C THR B 254 -8.85 -29.46 20.55
N MET B 255 -8.52 -28.37 19.87
CA MET B 255 -8.04 -28.45 18.50
C MET B 255 -6.68 -29.12 18.42
N TRP B 256 -5.79 -28.83 19.38
CA TRP B 256 -4.44 -29.38 19.30
C TRP B 256 -4.40 -30.86 19.64
N TYR B 257 -5.14 -31.28 20.67
CA TYR B 257 -5.15 -32.69 21.05
C TYR B 257 -6.16 -33.51 20.27
N GLY B 258 -7.08 -32.87 19.56
CA GLY B 258 -8.10 -33.61 18.85
C GLY B 258 -9.30 -33.93 19.72
N SER B 259 -10.45 -34.03 19.08
CA SER B 259 -11.70 -34.39 19.74
C SER B 259 -12.69 -34.81 18.66
N ALA B 260 -13.93 -35.08 19.08
CA ALA B 260 -14.99 -35.39 18.13
C ALA B 260 -15.36 -34.16 17.31
N ALA B 261 -15.14 -32.96 17.85
CA ALA B 261 -15.48 -31.72 17.17
C ALA B 261 -14.36 -31.19 16.28
N THR B 262 -13.23 -31.88 16.21
CA THR B 262 -12.12 -31.50 15.33
C THR B 262 -11.69 -32.71 14.53
N PRO B 263 -12.45 -33.08 13.50
CA PRO B 263 -12.12 -34.27 12.72
C PRO B 263 -10.87 -34.10 11.88
N ILE B 264 -10.17 -35.21 11.68
CA ILE B 264 -8.92 -35.15 10.93
C ILE B 264 -9.17 -34.98 9.44
N GLU B 265 -10.33 -35.44 8.94
CA GLU B 265 -10.65 -35.21 7.54
C GLU B 265 -10.90 -33.74 7.23
N LEU B 266 -11.21 -32.94 8.24
CA LEU B 266 -11.42 -31.51 8.05
C LEU B 266 -10.23 -30.67 8.45
N PHE B 267 -9.56 -31.01 9.55
CA PHE B 267 -8.48 -30.18 10.07
C PHE B 267 -7.10 -30.78 9.90
N GLY B 268 -6.98 -32.01 9.43
CA GLY B 268 -5.69 -32.67 9.34
C GLY B 268 -5.43 -33.54 10.55
N PRO B 269 -4.40 -34.38 10.46
CA PRO B 269 -4.02 -35.19 11.62
C PRO B 269 -3.41 -34.35 12.72
N THR B 270 -3.38 -34.90 13.92
CA THR B 270 -2.70 -34.28 15.04
C THR B 270 -1.26 -34.78 15.11
N ARG B 271 -0.44 -34.03 15.85
CA ARG B 271 0.96 -34.44 16.02
C ARG B 271 1.08 -35.69 16.87
N TYR B 272 0.13 -35.93 17.77
CA TYR B 272 0.19 -37.09 18.64
C TYR B 272 -0.17 -38.37 17.92
N GLN B 273 -0.89 -38.28 16.81
CA GLN B 273 -1.13 -39.46 15.98
C GLN B 273 0.15 -39.91 15.30
N TRP B 274 1.03 -38.97 14.94
CA TRP B 274 2.35 -39.34 14.46
C TRP B 274 3.26 -39.80 15.59
N ASP B 275 3.20 -39.12 16.73
CA ASP B 275 4.08 -39.48 17.86
C ASP B 275 3.79 -40.87 18.39
N GLN B 276 2.51 -41.23 18.51
CA GLN B 276 2.10 -42.49 19.10
C GLN B 276 1.86 -43.57 18.07
N GLY B 277 2.20 -43.31 16.80
CA GLY B 277 2.07 -44.31 15.75
C GLY B 277 0.65 -44.78 15.49
N PHE B 278 -0.30 -43.84 15.45
CA PHE B 278 -1.70 -44.19 15.26
C PHE B 278 -1.94 -44.84 13.89
N PHE B 279 -1.70 -44.08 12.82
CA PHE B 279 -1.93 -44.60 11.49
C PHE B 279 -0.92 -45.67 11.12
N GLN B 280 0.31 -45.56 11.59
CA GLN B 280 1.30 -46.61 11.37
C GLN B 280 0.84 -47.93 11.97
N GLN B 281 0.33 -47.87 13.20
CA GLN B 281 -0.17 -49.07 13.86
C GLN B 281 -1.36 -49.66 13.13
N GLU B 282 -2.28 -48.80 12.69
CA GLU B 282 -3.45 -49.30 11.97
C GLU B 282 -3.06 -49.94 10.63
N ILE B 283 -2.15 -49.30 9.90
CA ILE B 283 -1.70 -49.84 8.61
C ILE B 283 -1.01 -51.17 8.81
N GLN B 284 -0.12 -51.25 9.80
CA GLN B 284 0.60 -52.50 10.03
C GLN B 284 -0.32 -53.60 10.56
N LYS B 285 -1.36 -53.24 11.32
CA LYS B 285 -2.32 -54.25 11.75
C LYS B 285 -3.15 -54.75 10.58
N ARG B 286 -3.54 -53.87 9.67
CA ARG B 286 -4.26 -54.28 8.48
C ARG B 286 -3.39 -55.08 7.52
N VAL B 287 -2.07 -54.91 7.58
CA VAL B 287 -1.18 -55.73 6.76
C VAL B 287 -0.93 -57.08 7.43
N ALA B 288 -0.79 -57.09 8.76
CA ALA B 288 -0.64 -58.35 9.48
C ALA B 288 -1.86 -59.23 9.34
N GLN B 289 -3.05 -58.66 9.47
CA GLN B 289 -4.25 -59.33 9.00
C GLN B 289 -4.21 -59.40 7.47
N SER B 290 -4.83 -60.45 6.93
CA SER B 290 -4.78 -60.86 5.53
C SER B 290 -3.40 -61.37 5.11
N THR B 291 -2.39 -61.27 5.97
CA THR B 291 -1.19 -62.07 5.82
C THR B 291 -1.35 -63.40 6.54
N SER B 292 -1.90 -63.37 7.75
CA SER B 292 -2.30 -64.60 8.42
C SER B 292 -3.41 -65.31 7.66
N GLU B 293 -4.28 -64.55 6.99
CA GLU B 293 -5.34 -65.14 6.18
C GLU B 293 -4.82 -65.79 4.91
N GLY B 294 -3.65 -65.37 4.43
CA GLY B 294 -3.01 -66.08 3.33
C GLY B 294 -2.82 -65.34 2.03
N LEU B 295 -2.61 -64.02 2.09
CA LEU B 295 -2.27 -63.23 0.91
C LEU B 295 -0.78 -62.91 0.94
N SER B 296 -0.22 -62.68 -0.25
CA SER B 296 1.18 -62.32 -0.34
C SER B 296 1.39 -60.87 0.08
N VAL B 297 2.61 -60.38 -0.08
CA VAL B 297 2.92 -59.02 0.36
C VAL B 297 2.59 -57.99 -0.73
N SER B 298 2.60 -58.41 -2.00
CA SER B 298 2.27 -57.49 -3.08
C SER B 298 0.81 -57.03 -3.00
N GLU B 299 -0.10 -57.97 -2.78
CA GLU B 299 -1.44 -57.60 -2.34
C GLU B 299 -1.42 -57.45 -0.82
N ALA B 300 -2.55 -56.98 -0.27
CA ALA B 300 -2.73 -56.63 1.14
C ALA B 300 -1.92 -55.40 1.54
N TRP B 301 -1.08 -54.92 0.62
CA TRP B 301 -0.55 -53.57 0.64
C TRP B 301 -1.22 -52.70 -0.40
N ALA B 302 -1.66 -53.31 -1.50
CA ALA B 302 -2.57 -52.64 -2.42
C ALA B 302 -3.96 -52.50 -1.82
N LYS B 303 -4.29 -53.35 -0.85
CA LYS B 303 -5.55 -53.22 -0.12
C LYS B 303 -5.53 -52.03 0.83
N ILE B 304 -4.34 -51.55 1.20
CA ILE B 304 -4.23 -50.39 2.09
C ILE B 304 -4.70 -49.14 1.37
N PRO B 305 -5.61 -48.36 1.95
CA PRO B 305 -6.07 -47.14 1.26
C PRO B 305 -5.00 -46.06 1.23
N GLU B 306 -4.95 -45.36 0.09
CA GLU B 306 -4.02 -44.24 -0.04
C GLU B 306 -4.34 -43.12 0.94
N LYS B 307 -5.60 -42.99 1.36
CA LYS B 307 -5.94 -42.00 2.37
C LYS B 307 -5.25 -42.31 3.69
N LEU B 308 -5.27 -43.58 4.11
CA LEU B 308 -4.59 -43.99 5.32
C LEU B 308 -3.08 -43.83 5.18
N ALA B 309 -2.54 -44.21 4.01
CA ALA B 309 -1.11 -44.04 3.78
C ALA B 309 -0.70 -42.57 3.84
N PHE B 310 -1.53 -41.69 3.30
CA PHE B 310 -1.28 -40.25 3.37
C PHE B 310 -1.37 -39.74 4.79
N TYR B 311 -2.27 -40.30 5.59
CA TYR B 311 -2.34 -39.95 7.00
C TYR B 311 -1.05 -40.32 7.73
N ASP B 312 -0.44 -41.44 7.34
CA ASP B 312 0.83 -41.85 7.96
C ASP B 312 2.00 -41.20 7.21
N TYR B 313 2.12 -39.89 7.37
CA TYR B 313 3.17 -39.14 6.69
C TYR B 313 3.43 -37.84 7.45
N ILE B 314 4.69 -37.62 7.85
CA ILE B 314 5.03 -36.53 8.76
C ILE B 314 4.83 -35.16 8.10
N GLY B 315 4.78 -35.09 6.78
CA GLY B 315 4.46 -33.84 6.12
C GLY B 315 3.06 -33.35 6.40
N ASN B 316 2.17 -34.23 6.87
CA ASN B 316 0.85 -33.84 7.32
C ASN B 316 0.81 -33.57 8.81
N ASN B 317 1.95 -33.64 9.49
CA ASN B 317 2.04 -33.32 10.90
C ASN B 317 1.82 -31.82 11.10
N PRO B 318 0.91 -31.40 11.98
CA PRO B 318 0.72 -29.97 12.22
C PRO B 318 1.87 -29.30 12.94
N ALA B 319 2.79 -30.06 13.53
CA ALA B 319 3.90 -29.52 14.28
C ALA B 319 5.23 -29.69 13.53
N LYS B 320 5.17 -29.57 12.20
CA LYS B 320 6.37 -29.61 11.38
C LYS B 320 6.52 -28.36 10.51
N GLY B 321 5.74 -27.33 10.75
CA GLY B 321 5.76 -26.12 9.98
C GLY B 321 6.65 -25.05 10.57
N GLY B 322 6.29 -23.79 10.30
CA GLY B 322 7.09 -22.67 10.78
C GLY B 322 6.24 -21.43 10.90
N LEU B 323 6.75 -20.48 11.70
CA LEU B 323 6.02 -19.25 11.94
C LEU B 323 5.88 -18.41 10.68
N PHE B 324 6.86 -18.48 9.77
CA PHE B 324 6.85 -17.67 8.56
C PHE B 324 6.86 -18.52 7.30
N ARG B 325 6.55 -19.80 7.41
CA ARG B 325 6.27 -20.65 6.25
C ARG B 325 4.78 -20.53 5.99
N THR B 326 4.41 -19.68 5.03
CA THR B 326 3.05 -19.22 4.87
C THR B 326 2.30 -20.04 3.83
N GLY B 327 0.99 -20.19 4.07
CA GLY B 327 0.11 -20.75 3.06
C GLY B 327 -0.23 -22.21 3.25
N ALA B 328 -0.57 -22.87 2.14
CA ALA B 328 -0.99 -24.25 2.12
C ALA B 328 0.21 -25.19 2.26
N MET B 329 -0.06 -26.40 2.76
CA MET B 329 0.94 -27.45 2.76
C MET B 329 1.32 -27.87 1.35
N ASN B 330 0.41 -27.71 0.40
CA ASN B 330 0.71 -27.96 -1.00
C ASN B 330 1.79 -27.02 -1.50
N SER B 331 1.75 -25.76 -1.07
CA SER B 331 2.83 -24.83 -1.37
C SER B 331 4.12 -25.18 -0.65
N GLY B 332 4.06 -26.09 0.31
CA GLY B 332 5.25 -26.51 1.03
C GLY B 332 5.94 -27.70 0.41
N ASP B 333 5.21 -28.79 0.15
CA ASP B 333 5.84 -30.00 -0.35
C ASP B 333 5.23 -30.50 -1.67
N GLY B 334 4.46 -29.68 -2.36
CA GLY B 334 3.78 -30.10 -3.57
C GLY B 334 2.43 -30.72 -3.29
N ILE B 335 1.66 -30.89 -4.36
CA ILE B 335 0.38 -31.59 -4.29
C ILE B 335 0.66 -33.08 -4.42
N ALA B 336 0.21 -33.86 -3.44
CA ALA B 336 0.42 -35.30 -3.50
C ALA B 336 -0.44 -35.90 -4.60
N VAL B 337 0.19 -36.62 -5.52
CA VAL B 337 -0.50 -37.16 -6.68
C VAL B 337 -0.41 -38.68 -6.76
N GLY B 338 0.19 -39.33 -5.78
CA GLY B 338 0.22 -40.77 -5.80
C GLY B 338 1.03 -41.41 -4.69
N TRP B 339 0.52 -42.50 -4.14
CA TRP B 339 1.25 -43.30 -3.18
C TRP B 339 2.17 -44.27 -3.90
N LEU B 340 3.45 -44.25 -3.54
CA LEU B 340 4.42 -45.11 -4.21
C LEU B 340 4.43 -46.53 -3.65
N GLY B 341 3.72 -46.79 -2.57
CA GLY B 341 3.72 -48.10 -1.96
C GLY B 341 4.67 -48.18 -0.78
N HIS B 342 4.42 -49.19 0.06
CA HIS B 342 5.29 -49.44 1.20
C HIS B 342 6.68 -49.88 0.73
N ALA B 343 7.70 -49.38 1.42
CA ALA B 343 9.09 -49.70 1.10
C ALA B 343 9.63 -50.64 2.16
N SER B 344 9.98 -51.86 1.74
CA SER B 344 10.60 -52.85 2.61
C SER B 344 12.08 -52.93 2.27
N PHE B 345 12.92 -52.84 3.30
CA PHE B 345 14.37 -52.83 3.12
C PHE B 345 14.95 -54.16 3.61
N LYS B 346 15.92 -54.68 2.86
CA LYS B 346 16.60 -55.90 3.25
C LYS B 346 18.09 -55.73 3.02
N ASP B 347 18.87 -56.51 3.74
CA ASP B 347 20.31 -56.49 3.57
C ASP B 347 20.76 -57.70 2.73
N GLN B 348 22.07 -57.89 2.62
CA GLN B 348 22.59 -59.05 1.90
C GLN B 348 22.24 -60.35 2.60
N GLU B 349 22.14 -60.32 3.93
CA GLU B 349 21.81 -61.52 4.70
C GLU B 349 20.34 -61.87 4.62
N GLY B 350 19.49 -60.95 4.18
CA GLY B 350 18.08 -61.22 4.01
C GLY B 350 17.18 -60.80 5.15
N ARG B 351 17.73 -60.25 6.22
CA ARG B 351 16.89 -59.79 7.31
C ARG B 351 16.22 -58.47 6.96
N GLU B 352 15.03 -58.25 7.51
CA GLU B 352 14.24 -57.08 7.19
C GLU B 352 14.65 -55.91 8.08
N LEU B 353 14.78 -54.73 7.48
CA LEU B 353 15.20 -53.51 8.16
C LEU B 353 14.12 -52.46 8.01
N PHE B 354 14.09 -51.54 8.97
CA PHE B 354 13.09 -50.49 9.02
C PHE B 354 13.79 -49.16 9.25
N VAL B 355 13.35 -48.14 8.51
CA VAL B 355 13.92 -46.81 8.70
C VAL B 355 13.39 -46.21 9.99
N ARG B 356 14.29 -45.73 10.83
CA ARG B 356 13.89 -44.98 12.02
C ARG B 356 13.20 -43.70 11.58
N ARG B 357 11.96 -43.53 12.02
CA ARG B 357 11.16 -42.39 11.59
C ARG B 357 11.58 -41.12 12.31
N MET B 358 11.47 -40.00 11.62
CA MET B 358 11.89 -38.72 12.16
C MET B 358 10.94 -38.28 13.27
N PRO B 359 11.44 -37.96 14.45
CA PRO B 359 10.57 -37.40 15.50
C PRO B 359 10.16 -35.97 15.16
N THR B 360 9.14 -35.50 15.88
CA THR B 360 8.53 -34.22 15.56
C THR B 360 9.47 -33.04 15.81
N PHE B 361 10.34 -33.14 16.82
CA PHE B 361 11.27 -32.03 17.12
C PHE B 361 12.23 -31.76 15.98
N PHE B 362 12.74 -32.81 15.34
CA PHE B 362 13.92 -32.71 14.52
C PHE B 362 13.58 -32.12 13.15
N GLU B 363 14.17 -30.96 12.85
CA GLU B 363 14.11 -30.43 11.48
C GLU B 363 14.81 -31.38 10.53
N THR B 364 15.97 -31.91 10.94
CA THR B 364 16.73 -32.88 10.17
C THR B 364 16.98 -34.09 11.05
N PHE B 365 17.05 -35.27 10.42
CA PHE B 365 17.23 -36.51 11.15
C PHE B 365 18.12 -37.44 10.34
N PRO B 366 19.09 -38.08 10.99
CA PRO B 366 19.94 -39.05 10.28
C PRO B 366 19.15 -40.28 9.85
N VAL B 367 19.51 -40.81 8.69
CA VAL B 367 18.86 -42.00 8.14
C VAL B 367 19.46 -43.24 8.78
N VAL B 368 18.66 -43.99 9.51
CA VAL B 368 19.12 -45.17 10.25
C VAL B 368 18.15 -46.31 9.97
N LEU B 369 18.70 -47.48 9.60
CA LEU B 369 17.94 -48.68 9.32
C LEU B 369 18.23 -49.70 10.43
N ILE B 370 17.18 -50.10 11.13
CA ILE B 370 17.24 -50.92 12.33
C ILE B 370 16.54 -52.24 12.05
N ASP B 371 17.08 -53.34 12.59
CA ASP B 371 16.49 -54.65 12.37
C ASP B 371 15.27 -54.85 13.26
N LYS B 372 14.78 -56.10 13.32
CA LYS B 372 13.61 -56.41 14.11
C LYS B 372 13.88 -56.30 15.61
N ASP B 373 15.09 -56.64 16.05
CA ASP B 373 15.43 -56.71 17.46
C ASP B 373 16.00 -55.43 18.02
N GLY B 374 15.93 -54.32 17.28
CA GLY B 374 16.38 -53.04 17.78
C GLY B 374 17.84 -52.72 17.58
N VAL B 375 18.54 -53.47 16.72
CA VAL B 375 19.94 -53.23 16.44
C VAL B 375 20.05 -52.43 15.15
N VAL B 376 20.83 -51.35 15.18
CA VAL B 376 21.09 -50.59 13.96
C VAL B 376 21.93 -51.46 13.02
N ARG B 377 21.42 -51.65 11.81
CA ARG B 377 22.10 -52.46 10.82
C ARG B 377 22.62 -51.67 9.63
N ALA B 378 22.04 -50.53 9.31
CA ALA B 378 22.55 -49.73 8.21
C ALA B 378 22.28 -48.26 8.49
N ASP B 379 22.94 -47.40 7.74
CA ASP B 379 22.67 -45.97 7.80
C ASP B 379 23.22 -45.28 6.57
N VAL B 380 22.93 -43.99 6.47
CA VAL B 380 23.60 -43.10 5.54
C VAL B 380 24.61 -42.31 6.36
N PRO B 381 25.89 -42.69 6.35
CA PRO B 381 26.85 -42.08 7.27
C PRO B 381 27.14 -40.63 6.92
N PHE B 382 27.46 -39.86 7.96
CA PHE B 382 28.04 -38.54 7.73
C PHE B 382 29.50 -38.64 7.35
N ARG B 383 30.21 -39.65 7.88
CA ARG B 383 31.63 -39.84 7.64
C ARG B 383 31.80 -41.09 6.79
N LYS B 384 31.99 -40.90 5.49
CA LYS B 384 32.10 -42.04 4.58
C LYS B 384 33.52 -42.57 4.53
N ALA B 385 34.11 -42.78 5.71
CA ALA B 385 35.46 -43.31 5.83
C ALA B 385 35.53 -43.97 7.20
N GLU B 386 36.13 -45.17 7.24
CA GLU B 386 36.12 -46.09 8.39
C GLU B 386 34.70 -46.33 8.91
N SER B 387 33.70 -46.16 8.05
CA SER B 387 32.32 -46.45 8.40
C SER B 387 32.07 -47.96 8.35
N LYS B 388 31.06 -48.40 9.11
CA LYS B 388 30.76 -49.82 9.21
C LYS B 388 29.33 -50.16 8.84
N TYR B 389 28.46 -49.18 8.61
CA TYR B 389 27.04 -49.44 8.41
C TYR B 389 26.48 -48.73 7.18
N SER B 390 27.30 -48.45 6.17
CA SER B 390 26.71 -47.75 5.05
C SER B 390 25.88 -48.70 4.20
N ILE B 391 25.03 -48.12 3.35
CA ILE B 391 24.18 -48.91 2.47
C ILE B 391 25.03 -49.75 1.52
N GLU B 392 26.14 -49.19 1.06
CA GLU B 392 27.05 -49.94 0.19
C GLU B 392 27.66 -51.14 0.90
N GLN B 393 28.11 -50.94 2.15
CA GLN B 393 28.74 -52.02 2.89
C GLN B 393 27.74 -53.10 3.26
N VAL B 394 26.54 -52.71 3.65
CA VAL B 394 25.57 -53.69 4.15
C VAL B 394 24.84 -54.37 3.00
N GLY B 395 24.71 -53.69 1.85
CA GLY B 395 24.03 -54.27 0.72
C GLY B 395 22.53 -54.28 0.89
N VAL B 396 21.93 -53.10 0.98
CA VAL B 396 20.51 -52.93 1.25
C VAL B 396 19.78 -52.72 -0.06
N SER B 397 18.76 -53.53 -0.30
CA SER B 397 17.81 -53.36 -1.39
C SER B 397 16.45 -52.97 -0.83
N VAL B 398 15.63 -52.36 -1.67
CA VAL B 398 14.30 -51.92 -1.28
C VAL B 398 13.26 -52.44 -2.27
N THR B 399 12.15 -52.95 -1.75
CA THR B 399 11.06 -53.46 -2.56
C THR B 399 9.78 -52.74 -2.17
N PHE B 400 9.02 -52.29 -3.16
CA PHE B 400 7.79 -51.55 -2.91
C PHE B 400 6.58 -52.45 -3.14
N TYR B 401 5.59 -52.30 -2.26
CA TYR B 401 4.36 -53.08 -2.33
C TYR B 401 3.16 -52.14 -2.26
N GLY B 402 2.25 -52.27 -3.21
CA GLY B 402 0.92 -51.68 -3.12
C GLY B 402 0.73 -50.38 -3.86
N GLY B 403 1.79 -49.68 -4.23
CA GLY B 403 1.62 -48.38 -4.85
C GLY B 403 1.94 -48.35 -6.32
N GLU B 404 2.45 -47.21 -6.79
CA GLU B 404 2.85 -47.09 -8.18
C GLU B 404 4.16 -47.80 -8.49
N LEU B 405 4.88 -48.26 -7.46
CA LEU B 405 6.10 -49.03 -7.63
C LEU B 405 5.94 -50.46 -7.15
N ASN B 406 4.72 -50.98 -7.13
CA ASN B 406 4.45 -52.30 -6.60
C ASN B 406 5.18 -53.38 -7.40
N GLY B 407 5.88 -54.26 -6.69
CA GLY B 407 6.65 -55.32 -7.31
C GLY B 407 8.05 -54.94 -7.71
N LEU B 408 8.38 -53.65 -7.75
CA LEU B 408 9.70 -53.20 -8.18
C LEU B 408 10.70 -53.30 -7.04
N THR B 409 11.91 -53.74 -7.36
CA THR B 409 13.00 -53.87 -6.40
C THR B 409 14.20 -53.09 -6.91
N PHE B 410 14.78 -52.28 -6.03
CA PHE B 410 15.92 -51.43 -6.34
C PHE B 410 17.10 -51.87 -5.49
N THR B 411 18.25 -52.05 -6.13
CA THR B 411 19.45 -52.50 -5.44
C THR B 411 20.59 -51.50 -5.48
N ASP B 412 20.56 -50.52 -6.39
CA ASP B 412 21.61 -49.52 -6.44
C ASP B 412 21.58 -48.60 -5.23
N PRO B 413 22.72 -48.38 -4.56
CA PRO B 413 22.73 -47.59 -3.33
C PRO B 413 22.27 -46.16 -3.51
N SER B 414 22.49 -45.56 -4.69
CA SER B 414 22.10 -44.17 -4.89
C SER B 414 20.58 -43.99 -4.81
N THR B 415 19.82 -45.02 -5.19
CA THR B 415 18.37 -44.94 -5.10
C THR B 415 17.87 -45.51 -3.77
N VAL B 416 18.56 -46.50 -3.22
CA VAL B 416 18.20 -47.00 -1.89
C VAL B 416 18.34 -45.91 -0.85
N LYS B 417 19.37 -45.06 -0.98
CA LYS B 417 19.56 -43.96 -0.04
C LYS B 417 18.41 -42.97 -0.10
N LYS B 418 17.99 -42.59 -1.30
CA LYS B 418 16.92 -41.61 -1.42
C LYS B 418 15.58 -42.19 -0.97
N TYR B 419 15.35 -43.49 -1.21
CA TYR B 419 14.10 -44.08 -0.74
C TYR B 419 14.10 -44.27 0.77
N ALA B 420 15.26 -44.55 1.37
CA ALA B 420 15.34 -44.60 2.82
C ALA B 420 15.14 -43.22 3.44
N ARG B 421 15.70 -42.19 2.80
CA ARG B 421 15.51 -40.83 3.29
C ARG B 421 14.06 -40.39 3.17
N LYS B 422 13.36 -40.87 2.15
CA LYS B 422 11.93 -40.60 2.05
C LYS B 422 11.12 -41.43 3.05
N ALA B 423 11.54 -42.67 3.31
CA ALA B 423 10.86 -43.50 4.29
C ALA B 423 11.07 -43.01 5.71
N GLN B 424 12.09 -42.17 5.92
CA GLN B 424 12.24 -41.48 7.20
C GLN B 424 11.02 -40.63 7.54
N LEU B 425 10.35 -40.09 6.53
CA LEU B 425 9.18 -39.25 6.72
C LEU B 425 7.87 -40.02 6.79
N GLY B 426 7.92 -41.34 6.74
CA GLY B 426 6.71 -42.15 6.76
C GLY B 426 6.43 -42.80 5.43
N GLU B 427 5.17 -42.86 5.05
CA GLU B 427 4.82 -43.41 3.74
C GLU B 427 5.28 -42.49 2.62
N ILE B 428 5.74 -43.08 1.53
CA ILE B 428 6.39 -42.34 0.45
C ILE B 428 5.37 -42.03 -0.62
N PHE B 429 5.31 -40.76 -1.02
CA PHE B 429 4.37 -40.28 -2.01
C PHE B 429 5.13 -39.52 -3.09
N GLU B 430 4.51 -39.38 -4.24
CA GLU B 430 5.02 -38.51 -5.29
C GLU B 430 4.25 -37.20 -5.27
N PHE B 431 4.98 -36.10 -5.45
CA PHE B 431 4.45 -34.76 -5.27
C PHE B 431 4.67 -33.94 -6.53
N ASP B 432 3.63 -33.29 -7.00
CA ASP B 432 3.73 -32.30 -8.06
C ASP B 432 4.11 -30.96 -7.43
N ARG B 433 5.32 -30.50 -7.71
CA ARG B 433 5.79 -29.24 -7.17
C ARG B 433 5.82 -28.10 -8.18
N SER B 434 5.63 -28.39 -9.46
CA SER B 434 5.71 -27.35 -10.48
C SER B 434 4.45 -26.50 -10.52
N THR B 435 3.32 -27.03 -10.05
CA THR B 435 2.06 -26.31 -10.16
C THR B 435 2.06 -25.06 -9.28
N LEU B 436 2.50 -25.20 -8.03
CA LEU B 436 2.48 -24.10 -7.09
C LEU B 436 3.87 -23.56 -6.77
N GLN B 437 4.91 -24.08 -7.41
CA GLN B 437 6.31 -23.74 -7.14
C GLN B 437 6.63 -23.95 -5.65
N SER B 438 6.41 -25.18 -5.20
CA SER B 438 6.66 -25.53 -3.81
C SER B 438 8.16 -25.47 -3.51
N ASP B 439 8.49 -25.00 -2.31
CA ASP B 439 9.87 -24.79 -1.92
C ASP B 439 10.48 -25.99 -1.19
N GLY B 440 9.73 -27.07 -1.03
CA GLY B 440 10.28 -28.27 -0.43
C GLY B 440 10.50 -28.20 1.06
N VAL B 441 9.73 -27.36 1.77
CA VAL B 441 9.83 -27.26 3.21
C VAL B 441 8.42 -27.35 3.80
N PHE B 442 8.29 -28.03 4.93
CA PHE B 442 6.98 -28.39 5.46
C PHE B 442 6.24 -27.17 5.99
N ARG B 443 4.92 -27.15 5.77
CA ARG B 443 4.06 -26.11 6.29
C ARG B 443 3.28 -26.64 7.50
N SER B 444 2.41 -25.80 8.02
CA SER B 444 1.58 -26.15 9.17
C SER B 444 0.14 -26.38 8.73
N SER B 445 -0.56 -27.18 9.51
CA SER B 445 -1.94 -27.51 9.26
C SER B 445 -2.86 -26.40 9.75
N PRO B 446 -4.09 -26.34 9.24
CA PRO B 446 -5.09 -25.42 9.82
C PRO B 446 -5.32 -25.61 11.31
N ARG B 447 -5.25 -26.84 11.84
CA ARG B 447 -5.41 -26.98 13.29
C ARG B 447 -4.24 -26.36 14.03
N GLY B 448 -3.04 -26.45 13.47
CA GLY B 448 -1.89 -25.80 14.09
C GLY B 448 -2.00 -24.29 14.06
N TRP B 449 -2.42 -23.72 12.93
CA TRP B 449 -2.60 -22.28 12.85
C TRP B 449 -3.70 -21.79 13.79
N PHE B 450 -4.79 -22.55 13.87
CA PHE B 450 -5.88 -22.23 14.79
C PHE B 450 -5.38 -22.23 16.23
N THR B 451 -4.63 -23.25 16.61
CA THR B 451 -4.12 -23.35 17.97
C THR B 451 -3.18 -22.21 18.29
N PHE B 452 -2.31 -21.85 17.35
CA PHE B 452 -1.36 -20.76 17.59
C PHE B 452 -2.08 -19.44 17.79
N GLY B 453 -3.00 -19.12 16.86
CA GLY B 453 -3.73 -17.88 16.96
C GLY B 453 -4.54 -17.78 18.25
N HIS B 454 -5.20 -18.88 18.63
CA HIS B 454 -6.06 -18.82 19.79
C HIS B 454 -5.30 -18.86 21.11
N LEU B 455 -4.15 -19.52 21.16
CA LEU B 455 -3.33 -19.44 22.36
C LEU B 455 -2.74 -18.04 22.55
N SER B 456 -2.28 -17.43 21.45
CA SER B 456 -1.79 -16.06 21.54
C SER B 456 -2.89 -15.10 21.97
N PHE B 457 -4.08 -15.23 21.38
CA PHE B 457 -5.21 -14.41 21.77
C PHE B 457 -5.60 -14.67 23.22
N ALA B 458 -5.47 -15.93 23.68
CA ALA B 458 -5.82 -16.26 25.06
C ALA B 458 -4.89 -15.58 26.06
N LEU B 459 -3.58 -15.56 25.77
CA LEU B 459 -2.69 -14.83 26.68
C LEU B 459 -2.93 -13.32 26.65
N LEU B 460 -3.08 -12.75 25.45
CA LEU B 460 -3.35 -11.32 25.35
C LEU B 460 -4.64 -10.95 26.06
N PHE B 461 -5.64 -11.82 25.99
CA PHE B 461 -6.89 -11.58 26.69
C PHE B 461 -6.78 -11.82 28.18
N PHE B 462 -5.86 -12.66 28.63
CA PHE B 462 -5.57 -12.70 30.06
C PHE B 462 -5.05 -11.35 30.54
N PHE B 463 -4.14 -10.75 29.75
CA PHE B 463 -3.66 -9.41 30.12
C PHE B 463 -4.80 -8.39 30.10
N GLY B 464 -5.67 -8.47 29.08
CA GLY B 464 -6.79 -7.55 29.02
C GLY B 464 -7.75 -7.70 30.18
N HIS B 465 -7.98 -8.94 30.61
CA HIS B 465 -8.83 -9.19 31.76
C HIS B 465 -8.21 -8.63 33.03
N ILE B 466 -6.89 -8.79 33.18
CA ILE B 466 -6.19 -8.18 34.32
C ILE B 466 -6.35 -6.66 34.30
N TRP B 467 -6.14 -6.06 33.12
CA TRP B 467 -6.21 -4.61 33.01
C TRP B 467 -7.61 -4.09 33.33
N HIS B 468 -8.64 -4.78 32.85
CA HIS B 468 -9.99 -4.28 33.07
C HIS B 468 -10.53 -4.57 34.46
N GLY B 469 -10.13 -5.70 35.06
CA GLY B 469 -10.44 -5.91 36.47
C GLY B 469 -9.76 -4.87 37.34
N SER B 470 -8.52 -4.53 37.00
CA SER B 470 -7.80 -3.45 37.68
C SER B 470 -8.54 -2.13 37.55
N ARG B 471 -8.98 -1.82 36.33
CA ARG B 471 -9.69 -0.57 36.08
C ARG B 471 -10.99 -0.50 36.85
N THR B 472 -11.71 -1.63 36.93
CA THR B 472 -12.97 -1.65 37.68
C THR B 472 -12.74 -1.46 39.17
N ILE B 473 -11.84 -2.26 39.75
CA ILE B 473 -11.64 -2.21 41.20
C ILE B 473 -11.01 -0.89 41.63
N PHE B 474 -10.13 -0.34 40.81
CA PHE B 474 -9.36 0.86 41.15
C PHE B 474 -9.80 2.05 40.32
N ARG B 475 -11.11 2.18 40.09
CA ARG B 475 -11.61 3.27 39.26
C ARG B 475 -11.41 4.63 39.91
N ASP B 476 -11.69 4.74 41.21
CA ASP B 476 -11.64 6.01 41.90
C ASP B 476 -10.22 6.56 42.02
N VAL B 477 -9.20 5.73 41.82
CA VAL B 477 -7.82 6.19 41.81
C VAL B 477 -7.22 6.12 40.41
N PHE B 478 -8.06 6.09 39.37
CA PHE B 478 -7.55 5.93 38.01
C PHE B 478 -6.74 7.14 37.58
N ALA B 479 -7.17 8.34 37.94
CA ALA B 479 -6.44 9.56 37.61
C ALA B 479 -5.39 9.92 38.66
N GLY B 480 -5.31 9.17 39.76
CA GLY B 480 -4.33 9.45 40.79
C GLY B 480 -4.85 9.21 42.19
N ILE B 481 -3.97 9.31 43.18
CA ILE B 481 -4.33 9.05 44.57
C ILE B 481 -4.84 10.31 45.25
N ASP B 482 -5.45 10.15 46.42
CA ASP B 482 -6.20 11.21 47.09
C ASP B 482 -5.33 12.29 47.72
N GLU B 483 -4.02 12.05 47.87
CA GLU B 483 -3.04 13.03 48.35
C GLU B 483 -3.20 13.34 49.84
N ASP B 484 -4.26 12.83 50.47
CA ASP B 484 -4.45 13.03 51.90
C ASP B 484 -4.31 11.70 52.65
N SER C 1 43.70 -36.86 61.43
CA SER C 1 45.16 -36.80 61.34
C SER C 1 45.72 -35.69 62.22
N LEU C 2 46.98 -35.83 62.62
CA LEU C 2 47.63 -34.77 63.39
C LEU C 2 47.80 -33.50 62.56
N THR C 3 48.06 -33.67 61.25
CA THR C 3 48.17 -32.52 60.36
C THR C 3 46.85 -31.76 60.28
N LEU C 4 45.74 -32.49 60.13
CA LEU C 4 44.43 -31.84 60.11
C LEU C 4 44.10 -31.22 61.46
N ILE C 5 44.48 -31.87 62.56
CA ILE C 5 44.22 -31.34 63.89
C ILE C 5 44.95 -30.01 64.09
N LEU C 6 46.22 -29.97 63.71
CA LEU C 6 47.01 -28.75 63.87
C LEU C 6 46.55 -27.65 62.92
N GLN C 7 46.13 -28.03 61.69
CA GLN C 7 45.56 -27.04 60.78
C GLN C 7 44.29 -26.44 61.34
N LEU C 8 43.43 -27.28 61.94
CA LEU C 8 42.20 -26.78 62.57
C LEU C 8 42.52 -25.90 63.77
N VAL C 9 43.53 -26.27 64.56
CA VAL C 9 43.93 -25.47 65.72
C VAL C 9 44.41 -24.10 65.28
N ALA C 10 45.28 -24.06 64.27
CA ALA C 10 45.77 -22.79 63.76
C ALA C 10 44.66 -21.95 63.14
N LEU C 11 43.74 -22.61 62.41
CA LEU C 11 42.62 -21.90 61.82
C LEU C 11 41.73 -21.28 62.88
N PHE C 12 41.39 -22.06 63.92
CA PHE C 12 40.56 -21.53 64.99
C PHE C 12 41.26 -20.40 65.73
N ALA C 13 42.57 -20.53 65.94
CA ALA C 13 43.31 -19.47 66.62
C ALA C 13 43.30 -18.17 65.82
N VAL C 14 43.61 -18.25 64.52
CA VAL C 14 43.67 -17.03 63.73
C VAL C 14 42.27 -16.44 63.52
N VAL C 15 41.25 -17.28 63.39
CA VAL C 15 39.89 -16.77 63.23
C VAL C 15 39.41 -16.10 64.52
N ALA C 16 39.77 -16.66 65.68
CA ALA C 16 39.34 -16.09 66.94
C ALA C 16 40.16 -14.88 67.36
N ALA C 17 41.38 -14.71 66.84
CA ALA C 17 42.29 -13.69 67.35
C ALA C 17 41.74 -12.27 67.16
N GLY C 18 41.23 -11.97 65.97
CA GLY C 18 40.71 -10.66 65.67
C GLY C 18 39.51 -10.24 66.51
N PRO C 19 38.43 -11.04 66.44
CA PRO C 19 37.28 -10.77 67.33
C PRO C 19 37.61 -10.82 68.80
N LEU C 20 38.61 -11.61 69.21
CA LEU C 20 39.03 -11.56 70.61
C LEU C 20 39.62 -10.20 70.96
N VAL C 21 40.40 -9.62 70.06
CA VAL C 21 40.92 -8.27 70.26
C VAL C 21 39.77 -7.27 70.36
N VAL C 22 38.77 -7.42 69.48
CA VAL C 22 37.64 -6.49 69.49
C VAL C 22 36.84 -6.63 70.79
N VAL C 23 36.60 -7.86 71.23
CA VAL C 23 35.85 -8.10 72.47
C VAL C 23 36.61 -7.57 73.67
N LEU C 24 37.91 -7.81 73.72
CA LEU C 24 38.74 -7.33 74.82
C LEU C 24 38.74 -5.80 74.87
N LEU C 25 38.81 -5.15 73.71
CA LEU C 25 38.77 -3.69 73.69
C LEU C 25 37.38 -3.15 74.01
N SER C 26 36.33 -3.92 73.73
CA SER C 26 34.98 -3.48 74.07
C SER C 26 34.71 -3.60 75.57
N VAL C 27 35.23 -4.66 76.21
CA VAL C 27 35.00 -4.85 77.64
C VAL C 27 36.12 -4.27 78.50
N ARG C 28 37.19 -3.76 77.89
CA ARG C 28 38.34 -3.22 78.60
C ARG C 28 38.44 -1.72 78.40
N GLY C 29 37.30 -1.04 78.38
CA GLY C 29 37.31 0.38 78.10
C GLY C 29 36.69 0.72 76.76
N GLY C 30 37.53 1.06 75.79
CA GLY C 30 37.04 1.53 74.50
C GLY C 30 38.13 2.03 73.59
N ASN C 31 37.97 3.24 73.06
CA ASN C 31 38.88 3.85 72.08
C ASN C 31 39.06 2.94 70.86
N LEU C 32 37.95 2.37 70.40
CA LEU C 32 37.94 1.56 69.20
C LEU C 32 36.93 2.15 68.23
N GLY D 1 38.54 6.50 66.50
CA GLY D 1 38.01 6.76 65.19
C GLY D 1 37.02 7.91 65.15
N ARG D 2 36.53 8.22 63.96
CA ARG D 2 35.61 9.33 63.76
C ARG D 2 34.21 8.79 63.46
N ASP D 3 33.28 9.71 63.19
CA ASP D 3 31.92 9.34 62.86
C ASP D 3 31.38 10.24 61.76
N GLN D 4 30.21 9.85 61.25
CA GLN D 4 29.56 10.61 60.19
C GLN D 4 29.13 11.99 60.66
N GLU D 5 28.80 12.13 61.94
CA GLU D 5 28.41 13.43 62.48
C GLU D 5 29.53 14.45 62.34
N THR D 6 30.76 14.06 62.62
CA THR D 6 31.88 14.99 62.58
C THR D 6 32.61 15.00 61.23
N THR D 7 32.39 14.00 60.37
CA THR D 7 33.14 13.93 59.13
C THR D 7 32.31 14.12 57.87
N GLY D 8 31.02 13.83 57.90
CA GLY D 8 30.23 13.83 56.69
C GLY D 8 30.36 12.58 55.85
N PHE D 9 31.18 11.62 56.28
CA PHE D 9 31.37 10.36 55.58
C PHE D 9 30.75 9.23 56.38
N ALA D 10 29.98 8.39 55.71
CA ALA D 10 29.45 7.20 56.34
C ALA D 10 30.56 6.17 56.52
N TRP D 11 30.23 5.11 57.27
CA TRP D 11 31.22 4.09 57.61
C TRP D 11 31.77 3.41 56.36
N TRP D 12 30.92 3.21 55.35
CA TRP D 12 31.38 2.57 54.12
C TRP D 12 32.29 3.46 53.30
N ALA D 13 32.42 4.74 53.66
CA ALA D 13 33.44 5.62 53.10
C ALA D 13 34.38 6.12 54.18
N GLY D 14 34.55 5.32 55.24
CA GLY D 14 35.26 5.80 56.42
C GLY D 14 36.72 6.09 56.20
N ASN D 15 37.34 5.44 55.22
CA ASN D 15 38.72 5.75 54.89
C ASN D 15 38.88 7.16 54.33
N ALA D 16 37.81 7.74 53.77
CA ALA D 16 37.86 9.13 53.37
C ALA D 16 38.09 10.05 54.57
N ARG D 17 37.71 9.60 55.78
CA ARG D 17 37.99 10.37 56.99
C ARG D 17 39.47 10.54 57.23
N LEU D 18 40.31 9.72 56.58
CA LEU D 18 41.76 9.82 56.70
C LEU D 18 42.39 10.76 55.69
N ILE D 19 41.58 11.48 54.89
CA ILE D 19 42.15 12.29 53.80
C ILE D 19 43.06 13.39 54.36
N ASN D 20 42.62 14.07 55.41
CA ASN D 20 43.37 15.18 55.98
C ASN D 20 43.98 14.84 57.34
N LEU D 21 44.24 13.56 57.59
CA LEU D 21 44.93 13.12 58.80
C LEU D 21 46.22 12.41 58.36
N SER D 22 47.33 13.15 58.38
CA SER D 22 48.57 12.65 57.79
C SER D 22 49.10 11.43 58.53
N GLY D 23 49.10 11.48 59.87
CA GLY D 23 49.63 10.37 60.65
C GLY D 23 48.81 9.10 60.52
N LYS D 24 47.49 9.22 60.61
CA LYS D 24 46.64 8.05 60.47
C LYS D 24 46.65 7.52 59.04
N LEU D 25 46.73 8.40 58.05
CA LEU D 25 46.84 7.95 56.66
C LEU D 25 48.14 7.19 56.44
N LEU D 26 49.24 7.69 57.02
CA LEU D 26 50.50 6.97 56.98
C LEU D 26 50.39 5.61 57.66
N GLY D 27 49.66 5.55 58.77
CA GLY D 27 49.48 4.28 59.45
C GLY D 27 48.70 3.28 58.62
N ALA D 28 47.63 3.73 57.97
CA ALA D 28 46.89 2.88 57.05
C ALA D 28 47.79 2.37 55.94
N HIS D 29 48.63 3.25 55.39
CA HIS D 29 49.54 2.87 54.32
C HIS D 29 50.55 1.83 54.78
N VAL D 30 51.16 2.02 55.95
CA VAL D 30 52.19 1.10 56.41
C VAL D 30 51.58 -0.23 56.80
N ALA D 31 50.39 -0.21 57.41
CA ALA D 31 49.69 -1.47 57.71
C ALA D 31 49.35 -2.21 56.42
N HIS D 32 48.94 -1.47 55.39
CA HIS D 32 48.64 -2.08 54.10
C HIS D 32 49.88 -2.68 53.45
N ALA D 33 51.01 -1.97 53.52
CA ALA D 33 52.26 -2.50 53.00
C ALA D 33 52.66 -3.76 53.74
N GLY D 34 52.45 -3.78 55.06
CA GLY D 34 52.65 -5.00 55.82
C GLY D 34 51.74 -6.12 55.36
N LEU D 35 50.50 -5.79 55.00
CA LEU D 35 49.58 -6.79 54.47
C LEU D 35 50.09 -7.37 53.16
N ILE D 36 50.60 -6.52 52.27
CA ILE D 36 51.11 -6.99 50.99
C ILE D 36 52.32 -7.91 51.20
N VAL D 37 53.25 -7.47 52.05
CA VAL D 37 54.44 -8.28 52.31
C VAL D 37 54.05 -9.56 53.06
N PHE D 38 53.00 -9.49 53.88
CA PHE D 38 52.49 -10.68 54.54
C PHE D 38 51.96 -11.69 53.55
N TRP D 39 51.17 -11.23 52.58
CA TRP D 39 50.67 -12.15 51.58
C TRP D 39 51.81 -12.74 50.78
N ALA D 40 52.81 -11.93 50.45
CA ALA D 40 53.98 -12.43 49.73
C ALA D 40 54.66 -13.56 50.50
N GLY D 41 54.98 -13.31 51.78
CA GLY D 41 55.65 -14.33 52.57
C GLY D 41 54.81 -15.56 52.83
N ALA D 42 53.54 -15.36 53.19
CA ALA D 42 52.66 -16.49 53.48
C ALA D 42 52.40 -17.33 52.24
N MET D 43 52.15 -16.69 51.09
CA MET D 43 51.92 -17.42 49.86
C MET D 43 53.20 -18.13 49.41
N ASN D 44 54.36 -17.51 49.61
CA ASN D 44 55.62 -18.16 49.29
C ASN D 44 55.83 -19.40 50.15
N LEU D 45 55.56 -19.31 51.44
CA LEU D 45 55.73 -20.46 52.32
C LEU D 45 54.71 -21.55 52.00
N PHE D 46 53.49 -21.15 51.66
CA PHE D 46 52.47 -22.11 51.23
C PHE D 46 52.91 -22.84 49.97
N GLU D 47 53.45 -22.09 49.00
CA GLU D 47 53.87 -22.70 47.74
C GLU D 47 55.05 -23.63 47.92
N VAL D 48 56.01 -23.26 48.79
CA VAL D 48 57.14 -24.16 49.00
C VAL D 48 56.73 -25.38 49.81
N SER D 49 55.78 -25.24 50.74
CA SER D 49 55.30 -26.39 51.48
C SER D 49 54.52 -27.35 50.58
N HIS D 50 53.77 -26.81 49.63
CA HIS D 50 53.02 -27.63 48.69
C HIS D 50 53.83 -27.98 47.44
N PHE D 51 55.07 -27.53 47.34
CA PHE D 51 55.87 -27.80 46.16
C PHE D 51 56.30 -29.26 46.11
N VAL D 52 56.28 -29.83 44.90
CA VAL D 52 56.70 -31.20 44.65
C VAL D 52 57.84 -31.14 43.63
N PRO D 53 59.00 -31.73 43.93
CA PRO D 53 60.19 -31.44 43.11
C PRO D 53 60.14 -32.00 41.70
N GLU D 54 59.63 -33.24 41.53
CA GLU D 54 59.70 -33.88 40.22
C GLU D 54 58.74 -33.24 39.21
N LYS D 55 57.62 -32.70 39.67
CA LYS D 55 56.68 -32.08 38.74
C LYS D 55 57.12 -30.66 38.40
N PRO D 56 56.83 -30.20 37.19
CA PRO D 56 57.02 -28.78 36.86
C PRO D 56 56.12 -27.89 37.72
N MET D 57 56.66 -26.74 38.12
CA MET D 57 55.94 -25.89 39.07
C MET D 57 54.67 -25.31 38.48
N TYR D 58 54.60 -25.14 37.16
CA TYR D 58 53.37 -24.66 36.56
C TYR D 58 52.25 -25.70 36.60
N GLU D 59 52.57 -26.96 36.86
CA GLU D 59 51.55 -27.96 37.11
C GLU D 59 51.08 -27.97 38.56
N GLN D 60 51.68 -27.16 39.42
CA GLN D 60 51.39 -27.18 40.85
C GLN D 60 50.68 -25.93 41.32
N GLY D 61 50.21 -25.09 40.41
CA GLY D 61 49.48 -23.89 40.79
C GLY D 61 50.29 -22.85 41.54
N LEU D 62 51.51 -22.58 41.08
CA LEU D 62 52.41 -21.68 41.77
C LEU D 62 52.66 -20.43 40.93
N ILE D 63 52.63 -19.27 41.57
CA ILE D 63 52.84 -18.01 40.86
C ILE D 63 54.01 -17.21 41.41
N LEU D 64 54.47 -17.45 42.63
CA LEU D 64 55.57 -16.70 43.21
C LEU D 64 56.92 -17.40 43.06
N LEU D 65 56.91 -18.73 43.23
CA LEU D 65 58.10 -19.52 42.92
C LEU D 65 58.57 -19.35 41.47
N PRO D 66 57.69 -19.27 40.44
CA PRO D 66 58.20 -18.92 39.11
C PRO D 66 58.91 -17.57 39.05
N HIS D 67 58.43 -16.58 39.80
CA HIS D 67 59.12 -15.28 39.83
C HIS D 67 60.51 -15.40 40.43
N ILE D 68 60.61 -16.07 41.58
CA ILE D 68 61.90 -16.22 42.24
C ILE D 68 62.85 -17.09 41.41
N ALA D 69 62.31 -18.10 40.72
CA ALA D 69 63.11 -18.93 39.84
C ALA D 69 63.60 -18.15 38.63
N THR D 70 62.75 -17.28 38.08
CA THR D 70 63.16 -16.40 36.98
C THR D 70 64.26 -15.46 37.42
N LEU D 71 64.25 -15.07 38.71
CA LEU D 71 65.38 -14.32 39.24
C LEU D 71 66.66 -15.14 39.30
N GLY D 72 66.58 -16.47 39.15
CA GLY D 72 67.77 -17.29 39.12
C GLY D 72 68.14 -17.86 40.47
N TYR D 73 67.15 -18.43 41.18
CA TYR D 73 67.37 -19.00 42.49
C TYR D 73 66.87 -20.44 42.51
N GLY D 74 67.75 -21.34 42.94
CA GLY D 74 67.37 -22.73 43.11
C GLY D 74 67.04 -23.49 41.85
N VAL D 75 67.45 -22.98 40.68
CA VAL D 75 67.14 -23.63 39.42
C VAL D 75 68.42 -23.85 38.63
N GLY D 76 68.39 -24.84 37.76
CA GLY D 76 69.50 -25.14 36.89
C GLY D 76 69.10 -25.18 35.44
N PRO D 77 69.84 -25.96 34.64
CA PRO D 77 69.55 -26.04 33.20
C PRO D 77 68.15 -26.56 32.94
N GLY D 78 67.54 -26.04 31.88
CA GLY D 78 66.17 -26.36 31.53
C GLY D 78 65.19 -25.93 32.61
N GLY D 79 65.65 -25.07 33.53
CA GLY D 79 64.84 -24.72 34.65
C GLY D 79 64.57 -25.84 35.63
N GLU D 80 65.43 -26.86 35.68
CA GLU D 80 65.24 -27.89 36.68
C GLU D 80 65.49 -27.32 38.07
N VAL D 81 64.61 -27.66 39.01
CA VAL D 81 64.73 -27.13 40.37
C VAL D 81 65.80 -27.91 41.11
N LEU D 82 66.77 -27.18 41.67
CA LEU D 82 67.85 -27.77 42.44
C LEU D 82 67.70 -27.59 43.93
N ASP D 83 67.05 -26.52 44.38
CA ASP D 83 66.94 -26.21 45.79
C ASP D 83 65.72 -25.31 46.01
N THR D 84 65.03 -25.53 47.12
CA THR D 84 63.89 -24.70 47.50
C THR D 84 64.17 -23.84 48.72
N PHE D 85 65.35 -24.00 49.32
CA PHE D 85 65.75 -23.12 50.43
C PHE D 85 65.77 -21.64 50.07
N PRO D 86 66.23 -21.20 48.89
CA PRO D 86 66.06 -19.77 48.55
C PRO D 86 64.62 -19.29 48.59
N TYR D 87 63.68 -20.09 48.08
CA TYR D 87 62.28 -19.71 48.12
C TYR D 87 61.76 -19.64 49.55
N PHE D 88 62.18 -20.60 50.39
CA PHE D 88 61.80 -20.58 51.79
C PHE D 88 62.36 -19.35 52.50
N VAL D 89 63.60 -18.98 52.19
CA VAL D 89 64.21 -17.81 52.80
C VAL D 89 63.48 -16.54 52.38
N SER D 90 63.12 -16.45 51.10
CA SER D 90 62.34 -15.30 50.63
C SER D 90 61.02 -15.18 51.38
N GLY D 91 60.31 -16.31 51.53
CA GLY D 91 59.05 -16.29 52.26
C GLY D 91 59.21 -15.88 53.72
N VAL D 92 60.25 -16.40 54.38
CA VAL D 92 60.47 -16.08 55.78
C VAL D 92 60.83 -14.61 55.97
N LEU D 93 61.70 -14.09 55.10
CA LEU D 93 62.10 -12.70 55.20
C LEU D 93 60.92 -11.77 54.99
N HIS D 94 60.05 -12.11 54.03
CA HIS D 94 58.85 -11.31 53.84
C HIS D 94 57.92 -11.41 55.05
N LEU D 95 57.76 -12.58 55.64
CA LEU D 95 56.84 -12.70 56.77
C LEU D 95 57.32 -11.88 57.97
N ILE D 96 58.63 -11.91 58.26
CA ILE D 96 59.16 -11.15 59.38
C ILE D 96 59.10 -9.65 59.10
N SER D 97 59.47 -9.23 57.88
CA SER D 97 59.38 -7.82 57.52
C SER D 97 57.94 -7.33 57.56
N SER D 98 56.99 -8.21 57.23
CA SER D 98 55.58 -7.84 57.34
C SER D 98 55.16 -7.69 58.78
N ALA D 99 55.73 -8.48 59.69
CA ALA D 99 55.46 -8.25 61.10
C ALA D 99 55.92 -6.87 61.54
N VAL D 100 57.11 -6.46 61.09
CA VAL D 100 57.63 -5.13 61.45
C VAL D 100 56.75 -4.03 60.85
N LEU D 101 56.38 -4.18 59.57
CA LEU D 101 55.53 -3.19 58.91
C LEU D 101 54.14 -3.14 59.53
N GLY D 102 53.63 -4.29 59.96
CA GLY D 102 52.34 -4.31 60.63
C GLY D 102 52.38 -3.60 61.97
N PHE D 103 53.48 -3.78 62.72
CA PHE D 103 53.62 -3.04 63.97
C PHE D 103 53.64 -1.54 63.71
N GLY D 104 54.40 -1.11 62.70
CA GLY D 104 54.45 0.31 62.37
C GLY D 104 53.11 0.87 61.96
N GLY D 105 52.39 0.13 61.10
CA GLY D 105 51.08 0.58 60.65
C GLY D 105 50.06 0.64 61.76
N VAL D 106 50.04 -0.38 62.64
CA VAL D 106 49.11 -0.37 63.75
C VAL D 106 49.44 0.77 64.72
N TYR D 107 50.73 1.01 64.95
CA TYR D 107 51.12 2.11 65.83
C TYR D 107 50.64 3.45 65.29
N HIS D 108 50.95 3.74 64.02
CA HIS D 108 50.60 5.03 63.47
C HIS D 108 49.09 5.16 63.24
N SER D 109 48.38 4.04 63.09
CA SER D 109 46.93 4.11 62.97
C SER D 109 46.24 4.35 64.30
N LEU D 110 46.79 3.81 65.40
CA LEU D 110 46.10 3.84 66.67
C LEU D 110 46.61 4.95 67.60
N ILE D 111 47.90 4.95 67.93
CA ILE D 111 48.40 5.84 68.96
C ILE D 111 49.44 6.81 68.44
N GLY D 112 49.72 6.81 67.14
CA GLY D 112 50.59 7.79 66.56
C GLY D 112 49.91 9.14 66.51
N PRO D 113 50.67 10.19 66.20
CA PRO D 113 50.06 11.51 66.03
C PRO D 113 49.07 11.51 64.88
N GLU D 114 47.94 12.19 65.08
CA GLU D 114 46.87 12.17 64.08
C GLU D 114 47.28 12.94 62.83
N THR D 115 47.93 14.08 63.01
CA THR D 115 48.51 14.84 61.90
C THR D 115 49.99 15.04 62.17
N LEU D 116 50.80 14.95 61.13
CA LEU D 116 52.25 15.04 61.27
C LEU D 116 52.77 16.46 61.10
N GLU D 117 51.89 17.42 60.82
CA GLU D 117 52.36 18.75 60.41
C GLU D 117 52.95 19.53 61.56
N GLU D 118 52.32 19.46 62.74
CA GLU D 118 52.72 20.33 63.84
C GLU D 118 54.00 19.88 64.53
N SER D 119 54.27 18.58 64.60
CA SER D 119 55.42 18.09 65.34
C SER D 119 56.50 17.47 64.47
N TYR D 120 56.19 17.05 63.25
CA TYR D 120 57.14 16.43 62.35
C TYR D 120 57.04 17.09 60.97
N PRO D 121 57.53 18.32 60.84
CA PRO D 121 57.32 19.08 59.59
C PRO D 121 58.00 18.47 58.38
N PHE D 122 59.00 17.61 58.55
CA PHE D 122 59.58 16.92 57.40
C PHE D 122 58.56 15.98 56.76
N PHE D 123 57.80 15.26 57.59
CA PHE D 123 56.77 14.35 57.09
C PHE D 123 55.41 15.01 56.96
N GLY D 124 55.22 16.19 57.53
CA GLY D 124 53.95 16.87 57.41
C GLY D 124 53.71 17.38 56.01
N TYR D 125 52.45 17.35 55.58
CA TYR D 125 52.10 17.81 54.25
C TYR D 125 50.63 18.21 54.23
N VAL D 126 50.31 19.18 53.40
CA VAL D 126 48.95 19.39 52.94
C VAL D 126 48.93 19.03 51.46
N TRP D 127 47.75 18.64 50.96
CA TRP D 127 47.67 18.10 49.61
C TRP D 127 47.94 19.17 48.55
N LYS D 128 47.66 20.44 48.86
CA LYS D 128 47.90 21.51 47.91
C LYS D 128 49.32 22.04 47.98
N ASP D 129 50.15 21.52 48.87
CA ASP D 129 51.58 21.89 48.93
C ASP D 129 52.29 21.13 47.82
N LYS D 130 52.36 21.77 46.64
CA LYS D 130 52.89 21.11 45.46
C LYS D 130 54.37 20.80 45.59
N ASN D 131 55.13 21.65 46.28
CA ASN D 131 56.55 21.39 46.49
C ASN D 131 56.76 20.14 47.34
N LYS D 132 56.02 20.01 48.43
CA LYS D 132 56.16 18.83 49.27
C LYS D 132 55.63 17.58 48.57
N MET D 133 54.59 17.73 47.75
CA MET D 133 54.10 16.62 46.96
C MET D 133 55.18 16.11 46.01
N THR D 134 55.86 17.02 45.31
CA THR D 134 56.94 16.61 44.43
C THR D 134 58.14 16.11 45.21
N ASN D 135 58.32 16.55 46.45
CA ASN D 135 59.39 15.99 47.28
C ASN D 135 59.14 14.52 47.59
N ILE D 136 57.92 14.19 48.02
CA ILE D 136 57.57 12.81 48.31
C ILE D 136 57.65 11.96 47.05
N LEU D 137 57.14 12.50 45.94
CA LEU D 137 57.25 11.82 44.65
C LEU D 137 58.71 11.57 44.27
N GLY D 138 59.58 12.55 44.54
CA GLY D 138 60.99 12.38 44.24
C GLY D 138 61.66 11.31 45.08
N TYR D 139 61.33 11.27 46.38
CA TYR D 139 61.86 10.21 47.24
C TYR D 139 61.44 8.85 46.74
N HIS D 140 60.17 8.71 46.36
CA HIS D 140 59.69 7.42 45.88
C HIS D 140 60.28 7.06 44.52
N LEU D 141 60.52 8.06 43.66
CA LEU D 141 61.19 7.79 42.39
C LEU D 141 62.62 7.31 42.62
N ILE D 142 63.31 7.88 43.61
CA ILE D 142 64.66 7.42 43.94
C ILE D 142 64.63 5.98 44.45
N ILE D 143 63.65 5.66 45.31
CA ILE D 143 63.52 4.29 45.82
C ILE D 143 63.24 3.31 44.68
N LEU D 144 62.36 3.68 43.75
CA LEU D 144 62.05 2.80 42.63
C LEU D 144 63.23 2.62 41.69
N GLY D 145 64.00 3.70 41.47
CA GLY D 145 65.21 3.57 40.68
C GLY D 145 66.23 2.66 41.35
N CYS D 146 66.31 2.73 42.68
CA CYS D 146 67.18 1.80 43.41
C CYS D 146 66.71 0.36 43.29
N GLY D 147 65.40 0.14 43.26
CA GLY D 147 64.90 -1.22 43.05
C GLY D 147 65.20 -1.76 41.67
N ALA D 148 65.03 -0.93 40.64
CA ALA D 148 65.40 -1.33 39.29
C ALA D 148 66.90 -1.60 39.19
N TRP D 149 67.70 -0.78 39.86
CA TRP D 149 69.14 -1.03 39.89
C TRP D 149 69.47 -2.28 40.70
N LEU D 150 68.64 -2.64 41.67
CA LEU D 150 68.83 -3.91 42.38
C LEU D 150 68.65 -5.08 41.43
N LEU D 151 67.62 -5.01 40.58
CA LEU D 151 67.45 -6.04 39.56
C LEU D 151 68.65 -6.08 38.62
N VAL D 152 69.15 -4.91 38.22
CA VAL D 152 70.33 -4.84 37.35
C VAL D 152 71.54 -5.46 38.03
N LEU D 153 71.75 -5.15 39.30
CA LEU D 153 72.89 -5.68 40.03
C LEU D 153 72.80 -7.19 40.19
N LYS D 154 71.60 -7.70 40.47
CA LYS D 154 71.39 -9.13 40.52
C LYS D 154 71.79 -9.80 39.21
N ALA D 155 71.27 -9.27 38.10
CA ALA D 155 71.53 -9.87 36.79
C ALA D 155 72.99 -9.74 36.38
N LEU D 156 73.67 -8.66 36.77
CA LEU D 156 75.04 -8.42 36.32
C LEU D 156 76.07 -9.13 37.17
N TYR D 157 75.88 -9.18 38.49
CA TYR D 157 76.92 -9.67 39.39
C TYR D 157 76.48 -10.77 40.34
N PHE D 158 75.19 -10.89 40.67
CA PHE D 158 74.78 -11.69 41.81
C PHE D 158 74.11 -12.99 41.38
N GLY D 159 74.69 -13.63 40.37
CA GLY D 159 74.22 -14.92 39.89
C GLY D 159 73.50 -14.87 38.57
N GLY D 160 73.20 -13.68 38.06
CA GLY D 160 72.45 -13.58 36.82
C GLY D 160 70.99 -13.91 37.05
N VAL D 161 70.27 -14.07 35.94
CA VAL D 161 68.88 -14.49 35.97
C VAL D 161 68.68 -15.57 34.92
N TYR D 162 67.54 -16.22 34.97
CA TYR D 162 67.28 -17.35 34.08
C TYR D 162 67.03 -16.86 32.66
N ASP D 163 67.91 -17.25 31.74
CA ASP D 163 67.73 -17.02 30.31
C ASP D 163 67.10 -18.27 29.72
N THR D 164 65.85 -18.13 29.26
CA THR D 164 65.21 -19.21 28.53
C THR D 164 65.78 -19.37 27.13
N TRP D 165 66.45 -18.34 26.62
CA TRP D 165 67.07 -18.36 25.30
C TRP D 165 68.51 -18.87 25.32
N ALA D 166 69.00 -19.31 26.47
CA ALA D 166 70.32 -19.90 26.53
C ALA D 166 70.34 -21.19 25.72
N PRO D 167 71.43 -21.48 25.00
CA PRO D 167 71.45 -22.66 24.12
C PRO D 167 71.39 -23.96 24.92
N GLY D 168 70.56 -24.88 24.47
CA GLY D 168 70.37 -26.15 25.13
C GLY D 168 69.13 -26.26 25.99
N GLY D 169 68.29 -25.24 26.03
CA GLY D 169 67.06 -25.30 26.79
C GLY D 169 66.97 -24.31 27.93
N GLY D 170 67.87 -23.34 27.96
CA GLY D 170 67.81 -22.30 28.98
C GLY D 170 68.61 -22.66 30.22
N ASP D 171 69.14 -21.62 30.86
CA ASP D 171 69.98 -21.78 32.05
C ASP D 171 70.08 -20.42 32.72
N VAL D 172 70.56 -20.41 33.96
CA VAL D 172 70.82 -19.15 34.64
C VAL D 172 72.10 -18.54 34.06
N ARG D 173 72.01 -17.28 33.66
CA ARG D 173 73.08 -16.62 32.91
C ARG D 173 73.42 -15.28 33.55
N ILE D 174 74.71 -14.96 33.51
CA ILE D 174 75.18 -13.60 33.76
C ILE D 174 75.00 -12.80 32.49
N ILE D 175 74.30 -11.67 32.59
CA ILE D 175 74.16 -10.78 31.44
C ILE D 175 75.41 -9.91 31.34
N SER D 176 76.14 -10.05 30.25
CA SER D 176 77.24 -9.17 29.93
C SER D 176 76.85 -8.32 28.74
N ASN D 177 77.22 -7.05 28.79
CA ASN D 177 76.88 -6.03 27.81
C ASN D 177 75.36 -5.91 27.64
N PRO D 178 74.65 -5.35 28.63
CA PRO D 178 73.23 -5.08 28.44
C PRO D 178 73.02 -3.99 27.40
N THR D 179 71.89 -4.06 26.71
CA THR D 179 71.59 -3.14 25.62
C THR D 179 71.26 -1.78 26.20
N THR D 180 72.24 -0.87 26.19
CA THR D 180 72.04 0.48 26.66
C THR D 180 71.75 1.46 25.54
N ASN D 181 71.60 0.96 24.30
CA ASN D 181 71.32 1.83 23.17
C ASN D 181 69.92 2.44 23.32
N ALA D 182 69.86 3.77 23.24
CA ALA D 182 68.61 4.48 23.46
C ALA D 182 67.60 4.18 22.37
N ALA D 183 68.05 4.04 21.13
CA ALA D 183 67.14 3.71 20.03
C ALA D 183 66.47 2.36 20.27
N ILE D 184 67.26 1.35 20.64
CA ILE D 184 66.70 0.03 20.90
C ILE D 184 65.79 0.05 22.12
N ILE D 185 66.20 0.74 23.18
CA ILE D 185 65.42 0.73 24.42
C ILE D 185 64.09 1.46 24.23
N PHE D 186 64.12 2.64 23.63
CA PHE D 186 62.91 3.44 23.49
C PHE D 186 62.12 3.12 22.23
N GLY D 187 62.60 2.22 21.37
CA GLY D 187 61.75 1.72 20.31
C GLY D 187 60.68 0.77 20.80
N TYR D 188 60.90 0.14 21.96
CA TYR D 188 59.87 -0.72 22.54
C TYR D 188 58.65 0.08 22.97
N ILE D 189 58.88 1.26 23.56
CA ILE D 189 57.78 2.00 24.17
C ILE D 189 56.96 2.78 23.15
N VAL D 190 57.47 2.99 21.95
CA VAL D 190 56.72 3.62 20.87
C VAL D 190 56.32 2.63 19.80
N LYS D 191 56.61 1.35 19.99
CA LYS D 191 56.14 0.30 19.11
C LYS D 191 54.63 0.13 19.27
N SER D 192 53.97 -0.25 18.18
CA SER D 192 52.55 -0.50 18.22
C SER D 192 52.27 -1.75 19.07
N PRO D 193 51.11 -1.81 19.73
CA PRO D 193 50.78 -2.98 20.54
C PRO D 193 50.15 -4.14 19.78
N PHE D 194 50.00 -4.04 18.46
CA PHE D 194 49.26 -5.03 17.70
C PHE D 194 50.13 -6.24 17.37
N GLY D 195 49.57 -7.16 16.59
CA GLY D 195 50.22 -8.43 16.34
C GLY D 195 51.51 -8.26 15.56
N GLY D 196 52.53 -9.02 15.95
CA GLY D 196 53.85 -8.90 15.38
C GLY D 196 54.69 -7.79 15.95
N ASP D 197 54.09 -6.86 16.71
CA ASP D 197 54.83 -5.79 17.35
C ASP D 197 54.74 -5.90 18.88
N GLY D 198 53.54 -5.89 19.44
CA GLY D 198 53.34 -6.20 20.85
C GLY D 198 53.80 -5.17 21.84
N TRP D 199 54.25 -4.00 21.40
CA TRP D 199 54.70 -2.88 22.26
C TRP D 199 55.86 -3.39 23.13
N ILE D 200 55.79 -3.24 24.45
CA ILE D 200 56.89 -3.66 25.32
C ILE D 200 56.80 -5.12 25.74
N VAL D 201 55.66 -5.78 25.48
CA VAL D 201 55.50 -7.19 25.82
C VAL D 201 56.40 -8.06 24.96
N SER D 202 56.82 -7.58 23.80
CA SER D 202 57.62 -8.36 22.87
C SER D 202 59.11 -8.29 23.16
N VAL D 203 59.52 -7.81 24.34
CA VAL D 203 60.93 -7.84 24.67
C VAL D 203 61.36 -9.29 24.83
N ASP D 204 62.39 -9.67 24.09
CA ASP D 204 62.66 -11.08 23.84
C ASP D 204 64.03 -11.53 24.32
N ASN D 205 64.80 -10.68 25.00
CA ASN D 205 66.06 -11.14 25.54
C ASN D 205 66.46 -10.36 26.78
N LEU D 206 67.30 -11.02 27.59
CA LEU D 206 67.70 -10.49 28.88
C LEU D 206 68.54 -9.23 28.73
N GLU D 207 69.27 -9.10 27.63
CA GLU D 207 70.05 -7.90 27.40
C GLU D 207 69.16 -6.67 27.28
N ASP D 208 68.08 -6.77 26.49
CA ASP D 208 67.13 -5.67 26.39
C ASP D 208 66.43 -5.42 27.72
N ILE D 209 66.08 -6.50 28.44
CA ILE D 209 65.40 -6.33 29.72
C ILE D 209 66.29 -5.58 30.72
N ILE D 210 67.54 -6.01 30.85
CA ILE D 210 68.44 -5.41 31.83
C ILE D 210 68.87 -4.02 31.40
N GLY D 211 69.07 -3.79 30.10
CA GLY D 211 69.38 -2.44 29.64
C GLY D 211 68.24 -1.47 29.87
N GLY D 212 67.00 -1.90 29.58
CA GLY D 212 65.86 -1.09 29.90
C GLY D 212 65.72 -0.83 31.38
N HIS D 213 66.14 -1.78 32.22
CA HIS D 213 66.08 -1.53 33.65
C HIS D 213 67.16 -0.57 34.11
N ILE D 214 68.34 -0.59 33.47
CA ILE D 214 69.35 0.44 33.71
C ILE D 214 68.77 1.81 33.37
N TRP D 215 68.12 1.89 32.21
CA TRP D 215 67.52 3.15 31.78
C TRP D 215 66.45 3.62 32.75
N ILE D 216 65.56 2.72 33.18
CA ILE D 216 64.45 3.13 34.03
C ILE D 216 64.96 3.48 35.42
N GLY D 217 65.99 2.80 35.93
CA GLY D 217 66.53 3.15 37.22
C GLY D 217 67.22 4.50 37.21
N THR D 218 68.04 4.76 36.18
CA THR D 218 68.71 6.05 36.09
C THR D 218 67.70 7.17 35.89
N LEU D 219 66.69 6.94 35.04
CA LEU D 219 65.66 7.95 34.84
C LEU D 219 64.87 8.21 36.12
N CYS D 220 64.58 7.16 36.89
CA CYS D 220 63.85 7.34 38.14
C CYS D 220 64.68 8.12 39.16
N ILE D 221 65.97 7.84 39.25
CA ILE D 221 66.84 8.60 40.16
C ILE D 221 66.90 10.07 39.73
N LEU D 222 67.10 10.30 38.44
CA LEU D 222 67.21 11.67 37.94
C LEU D 222 65.91 12.44 38.10
N GLY D 223 64.77 11.81 37.80
CA GLY D 223 63.49 12.44 38.02
C GLY D 223 63.18 12.67 39.48
N GLY D 224 63.64 11.77 40.35
CA GLY D 224 63.48 11.99 41.78
C GLY D 224 64.24 13.20 42.27
N ILE D 225 65.49 13.35 41.83
CA ILE D 225 66.25 14.54 42.18
C ILE D 225 65.60 15.79 41.59
N TRP D 226 65.10 15.67 40.35
CA TRP D 226 64.44 16.78 39.68
C TRP D 226 63.21 17.24 40.46
N HIS D 227 62.40 16.30 40.95
CA HIS D 227 61.20 16.67 41.69
C HIS D 227 61.49 17.06 43.13
N ILE D 228 62.60 16.62 43.70
CA ILE D 228 63.02 17.17 44.99
C ILE D 228 63.39 18.64 44.83
N TYR D 229 64.10 18.98 43.77
CA TYR D 229 64.63 20.33 43.62
C TYR D 229 63.81 21.23 42.70
N THR D 230 62.62 20.80 42.27
CA THR D 230 61.77 21.65 41.45
C THR D 230 60.37 21.72 42.02
N THR D 231 59.63 22.71 41.54
CA THR D 231 58.24 23.01 41.78
C THR D 231 57.48 22.86 40.47
N PRO D 232 56.25 22.32 40.48
CA PRO D 232 55.50 22.17 39.22
C PRO D 232 55.30 23.50 38.51
N TRP D 233 55.45 23.46 37.19
CA TRP D 233 55.42 24.66 36.38
C TRP D 233 53.98 25.20 36.31
N PRO D 234 53.83 26.48 35.96
CA PRO D 234 52.46 27.05 35.85
C PRO D 234 51.54 26.32 34.89
N TRP D 235 52.07 25.74 33.81
CA TRP D 235 51.20 24.97 32.92
C TRP D 235 50.68 23.71 33.61
N ALA D 236 51.53 23.05 34.39
CA ALA D 236 51.08 21.90 35.17
C ALA D 236 50.09 22.31 36.25
N ARG D 237 50.32 23.46 36.88
CA ARG D 237 49.40 23.95 37.91
C ARG D 237 48.03 24.26 37.32
N ARG D 238 47.99 24.82 36.11
CA ARG D 238 46.72 25.06 35.45
C ARG D 238 46.07 23.75 35.00
N ALA D 239 46.88 22.79 34.54
CA ALA D 239 46.33 21.59 33.92
C ALA D 239 45.77 20.61 34.95
N PHE D 240 46.44 20.46 36.09
CA PHE D 240 46.08 19.43 37.05
C PHE D 240 45.14 19.95 38.13
N VAL D 241 44.60 19.01 38.90
CA VAL D 241 43.85 19.29 40.12
C VAL D 241 44.70 18.81 41.28
N TRP D 242 44.85 19.66 42.28
CA TRP D 242 45.83 19.44 43.35
C TRP D 242 45.08 19.09 44.64
N SER D 243 44.83 17.80 44.81
CA SER D 243 44.20 17.26 46.01
C SER D 243 44.55 15.80 46.13
N GLY D 244 44.35 15.25 47.33
CA GLY D 244 44.70 13.87 47.58
C GLY D 244 43.90 12.89 46.74
N GLU D 245 42.62 13.17 46.54
CA GLU D 245 41.81 12.32 45.68
C GLU D 245 42.27 12.40 44.23
N ALA D 246 42.67 13.57 43.78
CA ALA D 246 43.17 13.71 42.41
C ALA D 246 44.48 12.94 42.22
N TYR D 247 45.39 13.03 43.19
CA TYR D 247 46.63 12.25 43.10
C TYR D 247 46.33 10.76 43.12
N LEU D 248 45.37 10.35 43.95
CA LEU D 248 44.95 8.97 43.97
C LEU D 248 44.41 8.53 42.61
N SER D 249 43.62 9.38 41.96
CA SER D 249 43.06 9.03 40.65
C SER D 249 44.15 8.91 39.59
N TYR D 250 45.17 9.78 39.66
CA TYR D 250 46.29 9.67 38.72
C TYR D 250 47.00 8.34 38.90
N SER D 251 47.27 7.98 40.16
CA SER D 251 47.90 6.69 40.44
C SER D 251 47.01 5.53 40.03
N LEU D 252 45.69 5.68 40.16
CA LEU D 252 44.77 4.61 39.77
C LEU D 252 44.79 4.37 38.28
N ALA D 253 44.80 5.45 37.48
CA ALA D 253 44.95 5.30 36.05
C ALA D 253 46.27 4.64 35.68
N ALA D 254 47.36 5.06 36.33
CA ALA D 254 48.67 4.50 36.03
C ALA D 254 48.73 3.02 36.35
N VAL D 255 48.22 2.61 37.52
CA VAL D 255 48.29 1.21 37.89
C VAL D 255 47.26 0.38 37.12
N SER D 256 46.18 0.98 36.64
CA SER D 256 45.29 0.25 35.74
C SER D 256 45.99 -0.08 34.44
N LEU D 257 46.71 0.89 33.88
CA LEU D 257 47.51 0.62 32.68
C LEU D 257 48.55 -0.45 32.96
N MET D 258 49.21 -0.37 34.12
CA MET D 258 50.22 -1.37 34.48
C MET D 258 49.61 -2.75 34.64
N GLY D 259 48.40 -2.84 35.21
CA GLY D 259 47.76 -4.14 35.37
C GLY D 259 47.37 -4.76 34.05
N PHE D 260 46.84 -3.96 33.13
CA PHE D 260 46.56 -4.47 31.79
C PHE D 260 47.84 -4.93 31.09
N THR D 261 48.91 -4.15 31.24
CA THR D 261 50.19 -4.53 30.63
C THR D 261 50.75 -5.80 31.25
N ALA D 262 50.62 -5.96 32.56
CA ALA D 262 51.10 -7.18 33.23
C ALA D 262 50.29 -8.39 32.81
N CYS D 263 48.98 -8.22 32.63
CA CYS D 263 48.15 -9.25 32.01
C CYS D 263 48.72 -9.68 30.67
N CYS D 264 49.07 -8.70 29.83
CA CYS D 264 49.61 -9.03 28.51
C CYS D 264 50.99 -9.69 28.60
N PHE D 265 51.83 -9.26 29.54
CA PHE D 265 53.11 -9.94 29.76
C PHE D 265 52.91 -11.40 30.15
N ALA D 266 52.04 -11.65 31.13
CA ALA D 266 51.79 -13.01 31.59
C ALA D 266 51.20 -13.86 30.48
N TRP D 267 50.42 -13.27 29.57
CA TRP D 267 49.83 -14.08 28.52
C TRP D 267 50.76 -14.31 27.33
N PHE D 268 51.61 -13.35 26.99
CA PHE D 268 52.38 -13.44 25.75
C PHE D 268 53.87 -13.65 25.95
N ASN D 269 54.49 -12.98 26.92
CA ASN D 269 55.94 -12.96 27.03
C ASN D 269 56.44 -14.27 27.63
N ASN D 270 57.44 -14.88 26.97
CA ASN D 270 58.08 -16.08 27.48
C ASN D 270 59.54 -15.85 27.86
N THR D 271 60.00 -14.60 27.83
CA THR D 271 61.35 -14.26 28.27
C THR D 271 61.38 -13.85 29.74
N ALA D 272 60.64 -12.81 30.09
CA ALA D 272 60.47 -12.45 31.49
C ALA D 272 59.61 -13.44 32.23
N TYR D 273 58.83 -14.26 31.51
CA TYR D 273 58.00 -15.31 32.09
C TYR D 273 58.33 -16.60 31.39
N PRO D 274 59.45 -17.24 31.76
CA PRO D 274 59.90 -18.44 31.05
C PRO D 274 58.88 -19.56 31.12
N SER D 275 58.69 -20.25 30.00
CA SER D 275 57.70 -21.32 29.93
C SER D 275 58.07 -22.51 30.81
N GLU D 276 59.36 -22.67 31.13
CA GLU D 276 59.79 -23.73 32.03
C GLU D 276 59.16 -23.58 33.42
N PHE D 277 58.89 -22.34 33.84
CA PHE D 277 58.29 -22.08 35.14
C PHE D 277 56.82 -21.72 35.08
N TYR D 278 56.39 -21.04 34.02
CA TYR D 278 55.02 -20.56 33.93
C TYR D 278 54.14 -21.40 33.02
N GLY D 279 54.69 -22.43 32.38
CA GLY D 279 53.96 -23.15 31.38
C GLY D 279 54.02 -22.43 30.04
N PRO D 280 53.61 -23.10 28.98
CA PRO D 280 53.60 -22.45 27.66
C PRO D 280 52.54 -21.37 27.59
N THR D 281 52.77 -20.41 26.70
CA THR D 281 51.72 -19.49 26.34
C THR D 281 50.72 -20.18 25.42
N GLY D 282 49.62 -19.51 25.13
CA GLY D 282 48.61 -20.03 24.22
C GLY D 282 49.15 -20.26 22.82
N PRO D 283 49.76 -19.22 22.23
CA PRO D 283 50.49 -19.43 20.97
C PRO D 283 51.56 -20.51 21.06
N GLU D 284 52.29 -20.58 22.18
CA GLU D 284 53.33 -21.59 22.32
C GLU D 284 52.74 -22.99 22.27
N ALA D 285 51.63 -23.21 22.96
CA ALA D 285 51.02 -24.54 23.00
C ALA D 285 50.41 -24.92 21.66
N SER D 286 49.81 -23.95 20.96
CA SER D 286 49.24 -24.25 19.65
C SER D 286 50.33 -24.57 18.63
N GLN D 287 51.40 -23.78 18.61
CA GLN D 287 52.54 -24.09 17.75
C GLN D 287 53.19 -25.40 18.14
N ALA D 288 53.19 -25.74 19.44
CA ALA D 288 53.75 -27.00 19.89
C ALA D 288 52.93 -28.17 19.40
N GLN D 289 51.60 -28.05 19.40
CA GLN D 289 50.75 -29.10 18.84
C GLN D 289 51.03 -29.29 17.35
N ALA D 290 51.13 -28.18 16.61
CA ALA D 290 51.42 -28.28 15.18
C ALA D 290 52.76 -28.94 14.94
N PHE D 291 53.79 -28.55 15.70
CA PHE D 291 55.11 -29.12 15.56
C PHE D 291 55.13 -30.60 15.93
N THR D 292 54.40 -30.98 16.97
CA THR D 292 54.35 -32.38 17.40
C THR D 292 53.70 -33.25 16.34
N PHE D 293 52.58 -32.80 15.78
CA PHE D 293 51.94 -33.59 14.74
C PHE D 293 52.77 -33.63 13.48
N LEU D 294 53.49 -32.54 13.17
CA LEU D 294 54.41 -32.54 12.04
C LEU D 294 55.51 -33.58 12.21
N VAL D 295 56.18 -33.58 13.37
CA VAL D 295 57.29 -34.51 13.55
C VAL D 295 56.79 -35.94 13.64
N ARG D 296 55.60 -36.17 14.20
CA ARG D 296 55.03 -37.51 14.21
C ARG D 296 54.78 -38.02 12.81
N ASP D 297 54.07 -37.22 12.00
CA ASP D 297 53.73 -37.68 10.66
C ASP D 297 54.94 -37.73 9.73
N GLN D 298 56.01 -37.00 10.04
CA GLN D 298 57.23 -37.15 9.25
C GLN D 298 58.09 -38.31 9.72
N ARG D 299 57.96 -38.73 10.98
CA ARG D 299 58.47 -40.04 11.36
C ARG D 299 57.71 -41.14 10.63
N LEU D 300 56.43 -40.93 10.39
CA LEU D 300 55.63 -41.84 9.57
C LEU D 300 55.76 -41.55 8.08
N GLY D 301 56.69 -40.70 7.69
CA GLY D 301 56.89 -40.33 6.29
C GLY D 301 56.03 -39.16 5.86
N ALA D 302 55.11 -39.42 4.93
CA ALA D 302 53.95 -38.58 4.64
C ALA D 302 54.26 -37.24 3.97
N ASN D 303 55.54 -36.87 3.88
CA ASN D 303 55.99 -35.69 3.13
C ASN D 303 55.26 -34.42 3.57
N VAL D 304 55.56 -33.99 4.80
CA VAL D 304 54.84 -32.90 5.44
C VAL D 304 54.94 -31.58 4.69
N ALA D 305 55.94 -31.41 3.82
CA ALA D 305 56.07 -30.18 3.06
C ALA D 305 55.05 -30.07 1.94
N SER D 306 54.50 -31.19 1.48
CA SER D 306 53.56 -31.19 0.37
C SER D 306 52.17 -31.68 0.75
N ALA D 307 51.96 -32.09 1.99
CA ALA D 307 50.63 -32.52 2.42
C ALA D 307 49.68 -31.33 2.45
N GLN D 308 48.44 -31.58 2.02
CA GLN D 308 47.47 -30.52 1.77
C GLN D 308 46.23 -30.75 2.61
N GLY D 309 45.74 -29.69 3.24
CA GLY D 309 44.56 -29.78 4.07
C GLY D 309 43.29 -29.85 3.25
N PRO D 310 42.17 -30.07 3.95
CA PRO D 310 40.88 -30.14 3.26
C PRO D 310 40.51 -28.86 2.53
N THR D 311 40.90 -27.70 3.07
CA THR D 311 40.66 -26.44 2.40
C THR D 311 41.62 -26.22 1.24
N GLY D 312 42.73 -26.94 1.20
CA GLY D 312 43.72 -26.78 0.16
C GLY D 312 44.88 -25.87 0.50
N LEU D 313 45.03 -25.50 1.77
CA LEU D 313 45.99 -24.47 2.16
C LEU D 313 47.28 -25.05 2.71
N GLY D 314 47.30 -26.30 3.14
CA GLY D 314 48.50 -26.90 3.69
C GLY D 314 48.27 -27.45 5.08
N LYS D 315 48.45 -28.75 5.25
CA LYS D 315 48.11 -29.40 6.51
C LYS D 315 49.11 -29.05 7.61
N TYR D 316 50.41 -29.12 7.29
CA TYR D 316 51.45 -28.86 8.29
C TYR D 316 52.19 -27.56 8.08
N LEU D 317 52.38 -27.12 6.84
CA LEU D 317 53.13 -25.91 6.54
C LEU D 317 52.36 -25.04 5.57
N MET D 318 52.50 -23.74 5.72
CA MET D 318 51.85 -22.77 4.86
C MET D 318 52.67 -21.48 4.89
N ARG D 319 52.09 -20.42 4.33
CA ARG D 319 52.75 -19.12 4.27
C ARG D 319 52.02 -18.11 5.15
N SER D 320 52.80 -17.26 5.80
CA SER D 320 52.26 -16.09 6.45
C SER D 320 51.85 -15.08 5.39
N PRO D 321 51.02 -14.10 5.71
CA PRO D 321 50.66 -13.07 4.72
C PRO D 321 51.83 -12.26 4.21
N THR D 322 52.99 -12.32 4.86
CA THR D 322 54.21 -11.71 4.36
C THR D 322 55.17 -12.71 3.71
N GLY D 323 54.89 -14.00 3.76
CA GLY D 323 55.64 -14.98 3.00
C GLY D 323 56.49 -15.95 3.79
N GLU D 324 56.50 -15.87 5.11
CA GLU D 324 57.31 -16.78 5.91
C GLU D 324 56.67 -18.16 5.98
N ILE D 325 57.51 -19.19 5.96
CA ILE D 325 57.03 -20.56 6.12
C ILE D 325 56.63 -20.76 7.57
N ILE D 326 55.36 -21.09 7.81
CA ILE D 326 54.78 -21.18 9.13
C ILE D 326 54.02 -22.49 9.25
N PHE D 327 53.65 -22.83 10.48
CA PHE D 327 52.83 -24.01 10.72
C PHE D 327 51.41 -23.79 10.20
N GLY D 328 50.81 -24.86 9.68
CA GLY D 328 49.49 -24.77 9.10
C GLY D 328 48.37 -24.92 10.11
N GLY D 329 47.16 -24.72 9.63
CA GLY D 329 45.99 -24.74 10.49
C GLY D 329 45.75 -23.41 11.17
N GLU D 330 44.85 -23.44 12.17
CA GLU D 330 44.47 -22.23 12.89
C GLU D 330 45.65 -21.60 13.62
N THR D 331 46.69 -22.38 13.95
CA THR D 331 47.89 -21.82 14.55
C THR D 331 48.62 -20.86 13.61
N MET D 332 48.16 -20.68 12.37
CA MET D 332 48.64 -19.59 11.54
C MET D 332 48.47 -18.25 12.25
N ARG D 333 47.40 -18.10 13.05
CA ARG D 333 47.20 -16.87 13.81
C ARG D 333 48.31 -16.63 14.80
N PHE D 334 49.03 -17.67 15.20
CA PHE D 334 50.16 -17.57 16.12
C PHE D 334 51.49 -17.71 15.40
N TRP D 335 51.54 -17.34 14.12
CA TRP D 335 52.76 -17.50 13.36
C TRP D 335 53.88 -16.59 13.85
N ASP D 336 53.56 -15.51 14.56
CA ASP D 336 54.57 -14.60 15.09
C ASP D 336 55.15 -15.06 16.42
N PHE D 337 54.73 -16.21 16.93
CA PHE D 337 55.29 -16.75 18.16
C PHE D 337 56.76 -17.07 17.99
N ARG D 338 57.57 -16.71 18.98
CA ARG D 338 58.98 -17.04 19.02
C ARG D 338 59.26 -17.75 20.33
N GLY D 339 59.91 -18.92 20.24
CA GLY D 339 60.21 -19.71 21.40
C GLY D 339 61.54 -20.44 21.26
N PRO D 340 62.20 -20.69 22.39
CA PRO D 340 63.55 -21.29 22.34
C PRO D 340 63.60 -22.67 21.73
N TRP D 341 62.49 -23.42 21.74
CA TRP D 341 62.46 -24.75 21.16
C TRP D 341 62.15 -24.75 19.68
N VAL D 342 61.85 -23.59 19.09
CA VAL D 342 61.51 -23.51 17.68
C VAL D 342 62.40 -22.55 16.90
N GLU D 343 63.00 -21.55 17.55
CA GLU D 343 63.91 -20.63 16.86
C GLU D 343 65.12 -21.28 16.20
N PRO D 344 65.78 -22.29 16.78
CA PRO D 344 66.87 -22.95 16.03
C PRO D 344 66.42 -23.64 14.75
N LEU D 345 65.12 -23.91 14.58
CA LEU D 345 64.61 -24.53 13.38
C LEU D 345 64.15 -23.52 12.32
N ARG D 346 64.30 -22.23 12.57
CA ARG D 346 63.90 -21.20 11.62
C ARG D 346 65.11 -20.55 11.00
N GLY D 347 65.07 -20.38 9.68
CA GLY D 347 66.00 -19.54 8.97
C GLY D 347 65.30 -18.28 8.49
N PRO D 348 65.94 -17.55 7.58
CA PRO D 348 65.40 -16.25 7.16
C PRO D 348 64.01 -16.32 6.54
N SER D 349 63.68 -17.40 5.83
CA SER D 349 62.37 -17.57 5.23
C SER D 349 61.38 -18.26 6.15
N GLY D 350 61.65 -18.30 7.45
CA GLY D 350 60.74 -18.96 8.37
C GLY D 350 61.18 -20.38 8.67
N LEU D 351 60.22 -21.30 8.80
CA LEU D 351 60.55 -22.69 9.09
C LEU D 351 61.31 -23.30 7.93
N ASP D 352 62.58 -23.66 8.17
CA ASP D 352 63.42 -24.23 7.13
C ASP D 352 63.03 -25.68 6.91
N LEU D 353 62.90 -26.07 5.64
CA LEU D 353 62.38 -27.40 5.31
C LEU D 353 63.40 -28.49 5.64
N VAL D 354 64.65 -28.33 5.21
CA VAL D 354 65.63 -29.37 5.48
C VAL D 354 66.03 -29.39 6.94
N LYS D 355 66.05 -28.22 7.59
CA LYS D 355 66.31 -28.18 9.03
C LYS D 355 65.19 -28.86 9.80
N LEU D 356 63.95 -28.67 9.36
CA LEU D 356 62.81 -29.32 9.99
C LEU D 356 62.76 -30.80 9.67
N LYS D 357 63.39 -31.23 8.56
CA LYS D 357 63.44 -32.63 8.22
C LYS D 357 64.53 -33.37 9.00
N ASN D 358 65.68 -32.73 9.23
CA ASN D 358 66.85 -33.45 9.72
C ASN D 358 67.37 -33.01 11.08
N ASP D 359 66.97 -31.84 11.58
CA ASP D 359 67.62 -31.23 12.75
C ASP D 359 66.71 -31.12 13.95
N ILE D 360 65.72 -32.00 14.06
CA ILE D 360 64.79 -31.96 15.18
C ILE D 360 65.45 -32.59 16.40
N GLN D 361 65.64 -31.78 17.45
CA GLN D 361 66.34 -32.23 18.63
C GLN D 361 65.38 -32.95 19.59
N PRO D 362 65.87 -33.97 20.31
CA PRO D 362 65.00 -34.67 21.27
C PRO D 362 64.47 -33.79 22.39
N TRP D 363 65.27 -32.81 22.86
CA TRP D 363 64.76 -31.90 23.88
C TRP D 363 63.67 -31.01 23.32
N GLN D 364 63.80 -30.59 22.06
CA GLN D 364 62.72 -29.84 21.41
C GLN D 364 61.47 -30.68 21.29
N GLU D 365 61.62 -31.95 20.92
CA GLU D 365 60.47 -32.85 20.83
C GLU D 365 59.76 -33.00 22.17
N ARG D 366 60.54 -33.25 23.22
CA ARG D 366 59.95 -33.43 24.55
C ARG D 366 59.26 -32.16 25.03
N ARG D 367 59.90 -31.01 24.83
CA ARG D 367 59.32 -29.76 25.29
C ARG D 367 58.06 -29.43 24.52
N ALA D 368 58.04 -29.69 23.21
CA ALA D 368 56.84 -29.42 22.42
C ALA D 368 55.70 -30.35 22.80
N ALA D 369 55.99 -31.63 23.06
CA ALA D 369 54.95 -32.56 23.48
C ALA D 369 54.38 -32.15 24.83
N GLU D 370 55.25 -31.76 25.76
CA GLU D 370 54.79 -31.31 27.07
C GLU D 370 53.94 -30.05 26.95
N TYR D 371 54.36 -29.10 26.12
CA TYR D 371 53.61 -27.85 25.99
C TYR D 371 52.28 -28.07 25.27
N MET D 372 52.22 -29.03 24.35
CA MET D 372 50.94 -29.41 23.76
C MET D 372 50.02 -30.01 24.80
N THR D 373 50.54 -30.88 25.66
CA THR D 373 49.70 -31.49 26.67
C THR D 373 49.36 -30.56 27.82
N HIS D 374 50.03 -29.41 27.94
CA HIS D 374 49.74 -28.49 29.04
C HIS D 374 49.39 -27.10 28.54
N ALA D 375 48.47 -27.04 27.58
CA ALA D 375 48.03 -25.77 27.04
C ALA D 375 47.28 -24.96 28.10
N PRO D 376 47.35 -23.63 28.04
CA PRO D 376 46.65 -22.80 29.02
C PRO D 376 45.14 -22.77 28.81
N LEU D 377 44.50 -23.92 28.89
CA LEU D 377 43.04 -24.03 28.81
C LEU D 377 42.56 -24.89 29.96
N GLY D 378 41.55 -24.40 30.66
CA GLY D 378 41.00 -25.13 31.79
C GLY D 378 39.81 -24.38 32.35
N SER D 379 39.16 -25.01 33.31
CA SER D 379 37.99 -24.44 33.97
C SER D 379 38.39 -23.78 35.28
N LEU D 380 37.50 -22.93 35.79
CA LEU D 380 37.81 -22.21 37.02
C LEU D 380 37.71 -23.10 38.27
N ASN D 381 37.12 -24.29 38.17
CA ASN D 381 37.31 -25.31 39.20
C ASN D 381 38.50 -26.20 38.88
N SER D 382 39.38 -25.76 37.98
CA SER D 382 40.66 -26.39 37.67
C SER D 382 40.48 -27.80 37.11
N VAL D 383 39.78 -27.86 35.98
CA VAL D 383 39.70 -29.05 35.15
C VAL D 383 40.41 -28.72 33.85
N GLY D 384 41.53 -29.39 33.59
CA GLY D 384 42.33 -29.08 32.42
C GLY D 384 41.64 -29.47 31.13
N GLY D 385 41.89 -28.67 30.09
CA GLY D 385 41.35 -28.91 28.78
C GLY D 385 40.28 -27.89 28.42
N VAL D 386 39.65 -28.11 27.26
CA VAL D 386 38.57 -27.28 26.78
C VAL D 386 37.32 -27.55 27.61
N ALA D 387 36.29 -26.72 27.43
CA ALA D 387 35.08 -26.83 28.23
C ALA D 387 34.37 -28.17 28.04
N THR D 388 34.59 -28.85 26.91
CA THR D 388 33.96 -30.15 26.70
C THR D 388 34.71 -31.30 27.37
N GLU D 389 35.91 -31.05 27.89
CA GLU D 389 36.70 -32.12 28.49
C GLU D 389 36.07 -32.62 29.78
N ILE D 390 36.31 -33.90 30.08
CA ILE D 390 35.83 -34.52 31.31
C ILE D 390 36.80 -34.26 32.45
N ASN D 391 36.35 -34.54 33.68
CA ASN D 391 37.14 -34.33 34.87
C ASN D 391 38.25 -35.37 35.00
N ALA D 392 39.38 -35.13 34.39
CA ALA D 392 40.51 -36.04 34.53
C ALA D 392 41.79 -35.34 34.94
N VAL D 393 42.03 -34.13 34.45
CA VAL D 393 43.28 -33.41 34.66
C VAL D 393 42.98 -32.20 35.53
N ASN D 394 43.74 -32.07 36.63
CA ASN D 394 43.60 -30.94 37.55
C ASN D 394 44.70 -29.93 37.23
N PHE D 395 44.44 -29.07 36.25
CA PHE D 395 45.44 -28.14 35.78
C PHE D 395 44.79 -26.88 35.23
N VAL D 396 45.27 -25.72 35.68
CA VAL D 396 45.06 -24.44 35.03
C VAL D 396 46.39 -23.72 35.00
N SER D 397 46.72 -23.11 33.87
CA SER D 397 48.02 -22.47 33.70
C SER D 397 48.16 -21.27 34.63
N PRO D 398 49.34 -21.11 35.25
CA PRO D 398 49.61 -19.86 35.98
C PRO D 398 49.52 -18.63 35.11
N ARG D 399 49.87 -18.74 33.83
CA ARG D 399 49.69 -17.63 32.90
C ARG D 399 48.22 -17.25 32.81
N SER D 400 47.34 -18.24 32.73
CA SER D 400 45.91 -17.97 32.67
C SER D 400 45.43 -17.33 33.97
N TRP D 401 45.86 -17.85 35.12
CA TRP D 401 45.45 -17.26 36.39
C TRP D 401 45.91 -15.81 36.50
N LEU D 402 47.17 -15.54 36.15
CA LEU D 402 47.72 -14.20 36.24
C LEU D 402 47.02 -13.24 35.30
N ALA D 403 46.81 -13.66 34.04
CA ALA D 403 46.19 -12.79 33.07
C ALA D 403 44.75 -12.47 33.44
N THR D 404 44.00 -13.47 33.88
CA THR D 404 42.60 -13.22 34.27
C THR D 404 42.52 -12.28 35.47
N SER D 405 43.29 -12.59 36.52
CA SER D 405 43.24 -11.78 37.75
C SER D 405 43.67 -10.36 37.46
N HIS D 406 44.71 -10.17 36.64
CA HIS D 406 45.25 -8.84 36.47
C HIS D 406 44.49 -8.04 35.44
N PHE D 407 43.81 -8.67 34.48
CA PHE D 407 42.85 -7.92 33.69
C PHE D 407 41.70 -7.43 34.56
N CYS D 408 41.19 -8.29 35.46
CA CYS D 408 40.11 -7.85 36.35
C CYS D 408 40.56 -6.69 37.23
N LEU D 409 41.77 -6.79 37.80
CA LEU D 409 42.28 -5.72 38.65
C LEU D 409 42.52 -4.44 37.87
N GLY D 410 43.07 -4.55 36.65
CA GLY D 410 43.26 -3.36 35.83
C GLY D 410 41.96 -2.69 35.46
N PHE D 411 40.92 -3.47 35.17
CA PHE D 411 39.64 -2.87 34.83
C PHE D 411 39.00 -2.18 36.02
N PHE D 412 38.98 -2.85 37.18
CA PHE D 412 38.41 -2.20 38.34
C PHE D 412 39.20 -0.96 38.75
N PHE D 413 40.51 -0.97 38.54
CA PHE D 413 41.27 0.22 38.91
C PHE D 413 41.13 1.33 37.89
N PHE D 414 40.83 1.01 36.63
CA PHE D 414 40.38 2.04 35.70
C PHE D 414 39.06 2.65 36.13
N VAL D 415 38.12 1.81 36.59
CA VAL D 415 36.84 2.32 37.07
C VAL D 415 37.04 3.20 38.30
N GLY D 416 37.91 2.77 39.21
CA GLY D 416 38.23 3.58 40.37
C GLY D 416 38.90 4.88 40.00
N HIS D 417 39.74 4.87 38.96
CA HIS D 417 40.30 6.10 38.44
C HIS D 417 39.22 7.04 37.94
N LEU D 418 38.23 6.51 37.21
CA LEU D 418 37.13 7.33 36.75
C LEU D 418 36.37 7.94 37.92
N TRP D 419 36.05 7.11 38.91
CA TRP D 419 35.32 7.56 40.09
C TRP D 419 36.07 8.67 40.81
N HIS D 420 37.35 8.46 41.08
CA HIS D 420 38.10 9.43 41.86
C HIS D 420 38.49 10.66 41.06
N ALA D 421 38.72 10.53 39.75
CA ALA D 421 39.00 11.70 38.94
C ALA D 421 37.78 12.59 38.83
N GLY D 422 36.60 12.00 38.59
CA GLY D 422 35.39 12.78 38.57
C GLY D 422 35.09 13.41 39.91
N ARG D 423 35.27 12.66 41.01
CA ARG D 423 34.98 13.22 42.31
C ARG D 423 35.98 14.31 42.69
N ALA D 424 37.24 14.15 42.31
CA ALA D 424 38.23 15.18 42.57
C ALA D 424 37.92 16.46 41.81
N ARG D 425 37.52 16.33 40.55
CA ARG D 425 37.13 17.51 39.77
C ARG D 425 35.90 18.17 40.38
N ALA D 426 34.90 17.39 40.76
CA ALA D 426 33.66 17.95 41.30
C ALA D 426 33.89 18.59 42.67
N ALA D 427 34.77 18.01 43.48
CA ALA D 427 35.06 18.55 44.80
C ALA D 427 35.92 19.81 44.71
N ALA D 428 36.87 19.85 43.77
CA ALA D 428 37.62 21.06 43.54
C ALA D 428 36.73 22.18 43.03
N ALA D 429 35.77 21.84 42.15
CA ALA D 429 34.85 22.84 41.63
C ALA D 429 33.76 23.22 42.62
N GLY D 430 33.51 22.39 43.62
CA GLY D 430 32.58 22.74 44.68
C GLY D 430 31.18 22.16 44.56
N PHE D 431 30.93 21.21 43.66
CA PHE D 431 29.60 20.62 43.55
C PHE D 431 29.67 19.10 43.63
N GLU D 432 30.50 18.57 44.51
CA GLU D 432 30.54 17.12 44.72
C GLU D 432 29.39 16.63 45.59
N LYS D 433 28.68 17.53 46.27
CA LYS D 433 27.57 17.15 47.13
C LYS D 433 26.20 17.37 46.47
N GLY D 434 26.16 18.03 45.31
CA GLY D 434 24.90 18.25 44.65
C GLY D 434 24.71 19.65 44.12
N ILE D 435 23.54 19.91 43.55
CA ILE D 435 23.21 21.20 42.98
C ILE D 435 22.66 22.11 44.07
N ASP D 436 23.01 23.39 44.00
CA ASP D 436 22.80 24.31 45.12
C ASP D 436 21.33 24.63 45.38
N ARG D 437 20.45 24.44 44.39
CA ARG D 437 19.01 24.65 44.45
C ARG D 437 18.64 26.13 44.48
N VAL D 438 19.64 27.00 44.66
CA VAL D 438 19.42 28.44 44.58
C VAL D 438 20.28 29.09 43.51
N ASP D 439 21.33 28.43 43.04
CA ASP D 439 22.20 28.92 41.97
C ASP D 439 22.44 27.80 40.96
N GLU D 440 21.36 27.14 40.56
CA GLU D 440 21.45 26.02 39.63
C GLU D 440 21.96 26.49 38.28
N PRO D 441 23.07 25.94 37.78
CA PRO D 441 23.68 26.48 36.54
C PRO D 441 22.78 26.38 35.31
N VAL D 442 22.09 25.25 35.12
CA VAL D 442 21.28 25.04 33.94
C VAL D 442 20.14 26.06 33.86
N LEU D 443 19.59 26.46 35.00
CA LEU D 443 18.55 27.47 35.06
C LEU D 443 19.02 28.83 34.59
N SER D 444 20.33 29.05 34.47
CA SER D 444 20.87 30.29 33.93
C SER D 444 21.35 30.14 32.50
N MET D 445 21.14 28.99 31.87
CA MET D 445 21.58 28.75 30.51
C MET D 445 20.45 29.03 29.53
N ARG D 446 20.83 29.31 28.29
CA ARG D 446 19.80 29.50 27.29
C ARG D 446 19.14 28.16 26.94
N PRO D 447 17.83 28.15 26.71
CA PRO D 447 17.13 26.89 26.44
C PRO D 447 17.49 26.29 25.08
N LEU D 448 16.77 25.22 24.74
CA LEU D 448 17.00 24.38 23.57
C LEU D 448 18.35 23.70 23.67
N ASP D 449 18.84 23.59 24.90
CA ASP D 449 19.98 22.78 25.26
C ASP D 449 21.24 23.18 24.52
N ILE E 1 -21.12 0.52 54.21
CA ILE E 1 -21.60 0.45 52.84
C ILE E 1 -22.79 1.39 52.65
N GLY E 2 -22.50 2.67 52.44
CA GLY E 2 -23.52 3.67 52.16
C GLY E 2 -24.54 3.88 53.24
N THR E 3 -24.07 4.14 54.48
CA THR E 3 -24.85 4.33 55.71
C THR E 3 -26.05 3.39 55.83
N TYR E 4 -25.84 2.14 55.43
CA TYR E 4 -26.84 1.09 55.53
C TYR E 4 -26.59 0.29 56.82
N GLN E 5 -27.60 -0.51 57.22
CA GLN E 5 -27.54 -1.21 58.50
C GLN E 5 -26.32 -2.11 58.61
N GLU E 6 -26.01 -2.85 57.55
CA GLU E 6 -24.81 -3.70 57.38
C GLU E 6 -24.50 -4.53 58.63
N LYS E 7 -25.46 -5.39 58.98
CA LYS E 7 -25.27 -6.27 60.12
C LYS E 7 -24.11 -7.24 59.87
N ARG E 8 -23.24 -7.37 60.87
CA ARG E 8 -22.00 -8.11 60.69
C ARG E 8 -22.25 -9.62 60.64
N THR E 9 -21.46 -10.30 59.81
CA THR E 9 -21.46 -11.75 59.69
C THR E 9 -20.05 -12.25 60.02
N TRP E 10 -19.83 -13.56 59.79
CA TRP E 10 -18.48 -14.10 59.99
C TRP E 10 -17.51 -13.57 58.95
N PHE E 11 -18.02 -13.16 57.77
CA PHE E 11 -17.16 -12.61 56.74
C PHE E 11 -16.48 -11.34 57.20
N ASP E 12 -17.21 -10.49 57.92
CA ASP E 12 -16.63 -9.23 58.39
C ASP E 12 -15.53 -9.48 59.42
N ASP E 13 -15.73 -10.43 60.32
CA ASP E 13 -14.68 -10.79 61.27
C ASP E 13 -13.46 -11.38 60.56
N ALA E 14 -13.71 -12.27 59.59
CA ALA E 14 -12.61 -12.86 58.83
C ALA E 14 -11.83 -11.81 58.06
N ASP E 15 -12.53 -10.86 57.45
CA ASP E 15 -11.86 -9.79 56.72
C ASP E 15 -11.08 -8.88 57.67
N ASP E 16 -11.66 -8.58 58.84
CA ASP E 16 -10.99 -7.75 59.82
C ASP E 16 -9.68 -8.38 60.29
N TRP E 17 -9.70 -9.70 60.54
CA TRP E 17 -8.46 -10.33 60.97
C TRP E 17 -7.48 -10.52 59.81
N LEU E 18 -7.98 -10.87 58.62
CA LEU E 18 -7.09 -11.16 57.51
C LEU E 18 -6.39 -9.91 57.00
N ARG E 19 -7.07 -8.77 57.02
CA ARG E 19 -6.50 -7.53 56.53
C ARG E 19 -5.91 -6.67 57.64
N GLN E 20 -5.72 -7.23 58.82
CA GLN E 20 -5.03 -6.51 59.89
C GLN E 20 -3.55 -6.39 59.56
N ASP E 21 -2.97 -5.23 59.89
CA ASP E 21 -1.57 -4.95 59.57
C ASP E 21 -0.66 -5.64 60.57
N ARG E 22 0.09 -6.64 60.10
CA ARG E 22 1.05 -7.35 60.93
C ARG E 22 2.39 -7.40 60.20
N PHE E 23 3.34 -8.18 60.72
CA PHE E 23 4.65 -8.26 60.08
C PHE E 23 4.55 -8.90 58.70
N VAL E 24 3.76 -9.95 58.57
CA VAL E 24 3.45 -10.56 57.28
C VAL E 24 1.97 -10.36 57.04
N PHE E 25 1.62 -9.52 56.06
CA PHE E 25 0.23 -9.35 55.69
C PHE E 25 -0.30 -10.62 55.05
N VAL E 26 -1.47 -11.06 55.49
CA VAL E 26 -2.07 -12.26 54.92
C VAL E 26 -3.12 -11.86 53.89
N GLY E 27 -4.19 -11.23 54.35
CA GLY E 27 -5.30 -10.91 53.48
C GLY E 27 -6.05 -12.16 53.03
N TRP E 28 -7.06 -11.93 52.19
CA TRP E 28 -7.79 -13.04 51.61
C TRP E 28 -6.95 -13.79 50.60
N SER E 29 -6.02 -13.10 49.94
CA SER E 29 -5.12 -13.73 48.99
C SER E 29 -4.03 -14.54 49.68
N GLY E 30 -3.79 -14.30 50.97
CA GLY E 30 -2.79 -15.09 51.68
C GLY E 30 -3.15 -16.55 51.80
N LEU E 31 -4.44 -16.85 51.93
CA LEU E 31 -4.90 -18.23 52.05
C LEU E 31 -4.61 -19.04 50.79
N LEU E 32 -4.41 -18.38 49.66
CA LEU E 32 -3.93 -19.04 48.46
C LEU E 32 -2.42 -18.94 48.31
N LEU E 33 -1.86 -17.76 48.58
CA LEU E 33 -0.45 -17.52 48.30
C LEU E 33 0.46 -18.29 49.24
N LEU E 34 0.29 -18.11 50.55
CA LEU E 34 1.24 -18.65 51.52
C LEU E 34 1.34 -20.18 51.47
N PRO E 35 0.25 -20.96 51.46
CA PRO E 35 0.42 -22.42 51.31
C PRO E 35 1.02 -22.81 49.98
N CYS E 36 0.54 -22.25 48.86
CA CYS E 36 1.03 -22.67 47.55
C CYS E 36 2.48 -22.27 47.33
N ALA E 37 2.83 -21.03 47.65
CA ALA E 37 4.22 -20.59 47.50
C ALA E 37 5.15 -21.35 48.44
N TYR E 38 4.70 -21.55 49.68
CA TYR E 38 5.51 -22.31 50.64
C TYR E 38 5.75 -23.73 50.14
N PHE E 39 4.71 -24.39 49.62
CA PHE E 39 4.85 -25.75 49.14
C PHE E 39 5.71 -25.82 47.89
N ALA E 40 5.60 -24.83 47.00
CA ALA E 40 6.42 -24.83 45.80
C ALA E 40 7.90 -24.66 46.14
N VAL E 41 8.22 -23.68 46.98
CA VAL E 41 9.61 -23.43 47.34
C VAL E 41 10.18 -24.61 48.13
N GLY E 42 9.42 -25.09 49.11
CA GLY E 42 9.88 -26.22 49.91
C GLY E 42 10.01 -27.50 49.11
N GLY E 43 9.11 -27.70 48.13
CA GLY E 43 9.23 -28.86 47.26
C GLY E 43 10.43 -28.79 46.36
N TRP E 44 10.75 -27.60 45.83
CA TRP E 44 11.97 -27.47 45.04
C TRP E 44 13.20 -27.73 45.87
N LEU E 45 13.26 -27.18 47.08
CA LEU E 45 14.41 -27.44 47.96
C LEU E 45 14.50 -28.91 48.34
N THR E 46 13.35 -29.53 48.62
CA THR E 46 13.32 -30.95 48.98
C THR E 46 13.79 -31.82 47.82
N GLY E 47 13.35 -31.51 46.60
CA GLY E 47 13.76 -32.28 45.45
C GLY E 47 15.23 -32.10 45.12
N CYS E 48 15.74 -30.87 45.21
CA CYS E 48 17.15 -30.65 44.96
C CYS E 48 18.03 -31.23 46.06
N THR E 49 17.48 -31.45 47.25
CA THR E 49 18.26 -32.06 48.33
C THR E 49 18.23 -33.57 48.30
N PHE E 50 17.05 -34.17 48.08
CA PHE E 50 16.87 -35.60 48.31
C PHE E 50 16.39 -36.39 47.11
N VAL E 51 15.55 -35.80 46.24
CA VAL E 51 14.84 -36.57 45.23
C VAL E 51 15.71 -36.72 43.98
N THR E 52 15.77 -37.94 43.47
CA THR E 52 16.56 -38.26 42.29
C THR E 52 15.75 -38.08 41.00
N SER E 53 16.47 -38.06 39.89
CA SER E 53 15.89 -38.09 38.55
C SER E 53 16.39 -39.30 37.78
N TRP E 54 16.73 -40.37 38.51
CA TRP E 54 17.37 -41.52 37.90
C TRP E 54 16.40 -42.33 37.06
N TYR E 55 15.10 -42.29 37.39
CA TYR E 55 14.11 -43.08 36.69
C TYR E 55 13.38 -42.32 35.58
N THR E 56 13.29 -41.00 35.69
CA THR E 56 12.64 -40.19 34.67
C THR E 56 13.59 -39.69 33.59
N HIS E 57 14.86 -39.46 33.94
CA HIS E 57 15.83 -38.94 32.98
C HIS E 57 17.12 -39.74 32.93
N GLY E 58 17.33 -40.68 33.85
CA GLY E 58 18.63 -41.33 33.96
C GLY E 58 19.71 -40.38 34.42
N LEU E 59 19.39 -39.47 35.33
CA LEU E 59 20.31 -38.43 35.75
C LEU E 59 20.37 -38.36 37.28
N ALA E 60 21.55 -38.05 37.79
CA ALA E 60 21.68 -37.66 39.19
C ALA E 60 21.37 -36.17 39.30
N SER E 61 20.45 -35.82 40.20
CA SER E 61 20.01 -34.43 40.26
C SER E 61 19.77 -33.93 41.69
N SER E 62 20.34 -34.56 42.71
CA SER E 62 20.14 -34.10 44.07
C SER E 62 21.48 -34.08 44.81
N TYR E 63 21.50 -33.28 45.88
CA TYR E 63 22.70 -33.17 46.71
C TYR E 63 23.07 -34.52 47.31
N ILE E 64 22.08 -35.33 47.68
CA ILE E 64 22.35 -36.64 48.24
C ILE E 64 22.97 -37.57 47.20
N GLU E 65 22.87 -37.24 45.92
CA GLU E 65 23.55 -38.00 44.87
C GLU E 65 24.92 -37.44 44.56
N GLY E 66 25.30 -36.31 45.14
CA GLY E 66 26.57 -35.68 44.88
C GLY E 66 26.51 -34.43 44.03
N CYS E 67 25.32 -34.00 43.61
CA CYS E 67 25.21 -32.77 42.85
C CYS E 67 25.43 -31.55 43.74
N ASN E 68 25.80 -30.44 43.11
CA ASN E 68 25.90 -29.17 43.79
C ASN E 68 24.68 -28.31 43.44
N PHE E 69 24.71 -27.06 43.90
CA PHE E 69 23.58 -26.16 43.69
C PHE E 69 23.33 -25.89 42.21
N LEU E 70 24.38 -25.92 41.40
CA LEU E 70 24.21 -25.65 39.97
C LEU E 70 23.62 -26.84 39.23
N THR E 71 23.98 -28.06 39.62
CA THR E 71 23.61 -29.25 38.87
C THR E 71 22.43 -30.02 39.47
N ALA E 72 21.86 -29.57 40.58
CA ALA E 72 20.70 -30.22 41.18
C ALA E 72 19.42 -29.61 40.63
N ALA E 73 18.43 -30.46 40.39
CA ALA E 73 17.18 -29.99 39.82
C ALA E 73 16.05 -30.93 40.20
N VAL E 74 14.86 -30.34 40.40
CA VAL E 74 13.62 -31.11 40.40
C VAL E 74 13.25 -31.32 38.92
N SER E 75 13.37 -32.56 38.46
CA SER E 75 13.27 -32.85 37.04
C SER E 75 11.85 -33.25 36.66
N THR E 76 11.54 -33.03 35.39
CA THR E 76 10.25 -33.33 34.82
C THR E 76 10.01 -34.84 34.78
N PRO E 77 8.74 -35.26 34.75
CA PRO E 77 8.45 -36.69 34.64
C PRO E 77 8.87 -37.26 33.29
N ALA E 78 8.80 -38.58 33.19
CA ALA E 78 9.15 -39.26 31.95
C ALA E 78 8.14 -38.95 30.85
N ASN E 79 8.63 -38.95 29.61
CA ASN E 79 7.81 -38.56 28.48
C ASN E 79 6.65 -39.51 28.25
N SER E 80 6.80 -40.78 28.64
CA SER E 80 5.69 -41.72 28.52
C SER E 80 4.54 -41.38 29.44
N LEU E 81 4.79 -40.60 30.51
CA LEU E 81 3.69 -40.13 31.32
C LEU E 81 2.91 -39.02 30.62
N GLY E 82 3.48 -38.43 29.57
CA GLY E 82 2.75 -37.44 28.79
C GLY E 82 2.48 -36.17 29.58
N HIS E 83 1.24 -35.68 29.47
CA HIS E 83 0.79 -34.52 30.22
C HIS E 83 -0.04 -34.92 31.43
N SER E 84 0.27 -36.06 32.04
CA SER E 84 -0.43 -36.49 33.24
C SER E 84 -0.19 -35.51 34.37
N LEU E 85 -1.22 -35.31 35.18
CA LEU E 85 -1.11 -34.36 36.29
C LEU E 85 -0.27 -34.88 37.43
N LEU E 86 0.00 -36.19 37.47
CA LEU E 86 0.87 -36.83 38.47
C LEU E 86 0.41 -36.52 39.89
N PHE E 87 -0.90 -36.64 40.12
CA PHE E 87 -1.42 -36.60 41.48
C PHE E 87 -0.83 -37.75 42.28
N VAL E 88 -0.57 -37.52 43.56
CA VAL E 88 -0.05 -38.59 44.40
C VAL E 88 -1.09 -39.69 44.54
N TRP E 89 -2.38 -39.32 44.53
CA TRP E 89 -3.47 -40.29 44.48
C TRP E 89 -3.77 -40.74 43.05
N GLY E 90 -3.07 -40.21 42.05
CA GLY E 90 -3.39 -40.46 40.67
C GLY E 90 -3.10 -41.88 40.23
N PRO E 91 -3.52 -42.23 39.02
CA PRO E 91 -3.37 -43.61 38.54
C PRO E 91 -1.94 -44.05 38.30
N GLU E 92 -0.96 -43.14 38.40
CA GLU E 92 0.45 -43.52 38.28
C GLU E 92 1.04 -43.80 39.67
N ALA E 93 1.00 -42.82 40.56
CA ALA E 93 1.57 -43.00 41.90
C ALA E 93 0.71 -43.90 42.76
N GLN E 94 -0.62 -43.70 42.71
CA GLN E 94 -1.60 -44.51 43.45
C GLN E 94 -1.34 -44.49 44.95
N GLY E 95 -0.98 -43.32 45.48
CA GLY E 95 -0.84 -43.13 46.89
C GLY E 95 0.57 -43.33 47.45
N ASP E 96 1.45 -43.97 46.69
CA ASP E 96 2.80 -44.26 47.17
C ASP E 96 3.65 -43.00 47.00
N LEU E 97 4.00 -42.36 48.12
CA LEU E 97 4.70 -41.09 48.06
C LEU E 97 6.13 -41.25 47.55
N THR E 98 6.81 -42.32 47.94
CA THR E 98 8.19 -42.53 47.51
C THR E 98 8.26 -42.77 46.00
N ARG E 99 7.38 -43.63 45.49
CA ARG E 99 7.33 -43.86 44.05
C ARG E 99 6.81 -42.64 43.30
N TRP E 100 5.99 -41.83 43.95
CA TRP E 100 5.58 -40.56 43.36
C TRP E 100 6.76 -39.62 43.20
N PHE E 101 7.64 -39.58 44.20
CA PHE E 101 8.88 -38.83 44.08
C PHE E 101 9.75 -39.39 42.96
N GLN E 102 9.83 -40.72 42.86
CA GLN E 102 10.67 -41.34 41.85
C GLN E 102 10.13 -41.14 40.44
N LEU E 103 8.81 -40.98 40.29
CA LEU E 103 8.18 -40.91 38.98
C LEU E 103 8.13 -39.50 38.41
N GLY E 104 8.63 -38.50 39.14
CA GLY E 104 8.60 -37.14 38.68
C GLY E 104 7.39 -36.34 39.09
N GLY E 105 6.56 -36.86 40.00
CA GLY E 105 5.38 -36.13 40.44
C GLY E 105 5.69 -34.87 41.22
N LEU E 106 6.88 -34.79 41.80
CA LEU E 106 7.28 -33.58 42.50
C LEU E 106 7.41 -32.40 41.55
N TRP E 107 7.78 -32.65 40.29
CA TRP E 107 7.82 -31.56 39.32
C TRP E 107 6.43 -30.97 39.10
N ALA E 108 5.43 -31.82 38.90
CA ALA E 108 4.07 -31.33 38.73
C ALA E 108 3.56 -30.65 39.98
N PHE E 109 3.91 -31.20 41.15
CA PHE E 109 3.57 -30.56 42.43
C PHE E 109 4.12 -29.14 42.49
N VAL E 110 5.41 -28.99 42.23
CA VAL E 110 6.06 -27.68 42.32
C VAL E 110 5.50 -26.74 41.27
N ALA E 111 5.30 -27.22 40.04
CA ALA E 111 4.83 -26.35 38.97
C ALA E 111 3.41 -25.85 39.24
N LEU E 112 2.50 -26.74 39.62
CA LEU E 112 1.12 -26.32 39.85
C LEU E 112 1.00 -25.45 41.09
N HIS E 113 1.71 -25.80 42.16
CA HIS E 113 1.67 -24.96 43.35
C HIS E 113 2.33 -23.60 43.12
N GLY E 114 3.39 -23.56 42.30
CA GLY E 114 3.99 -22.29 41.94
C GLY E 114 3.11 -21.43 41.07
N ALA E 115 2.36 -22.06 40.15
CA ALA E 115 1.41 -21.30 39.34
C ALA E 115 0.32 -20.68 40.20
N PHE E 116 -0.26 -21.47 41.11
CA PHE E 116 -1.28 -20.92 41.99
C PHE E 116 -0.70 -19.93 42.98
N GLY E 117 0.57 -20.11 43.37
CA GLY E 117 1.23 -19.12 44.20
C GLY E 117 1.47 -17.81 43.47
N LEU E 118 1.78 -17.87 42.18
CA LEU E 118 1.90 -16.66 41.38
C LEU E 118 0.57 -15.94 41.28
N ILE E 119 -0.51 -16.70 41.08
CA ILE E 119 -1.85 -16.11 41.11
C ILE E 119 -2.11 -15.45 42.46
N GLY E 120 -1.75 -16.15 43.55
CA GLY E 120 -1.95 -15.59 44.88
C GLY E 120 -1.13 -14.35 45.14
N PHE E 121 0.10 -14.30 44.61
CA PHE E 121 0.94 -13.12 44.82
C PHE E 121 0.42 -11.93 44.03
N MET E 122 -0.09 -12.18 42.81
CA MET E 122 -0.73 -11.10 42.06
C MET E 122 -1.98 -10.60 42.77
N LEU E 123 -2.76 -11.52 43.32
CA LEU E 123 -3.91 -11.13 44.13
C LEU E 123 -3.50 -10.38 45.39
N ARG E 124 -2.34 -10.73 45.96
CA ARG E 124 -1.80 -9.99 47.09
C ARG E 124 -1.45 -8.57 46.71
N GLN E 125 -0.83 -8.39 45.54
CA GLN E 125 -0.54 -7.06 45.04
C GLN E 125 -1.82 -6.25 44.88
N PHE E 126 -2.85 -6.89 44.29
CA PHE E 126 -4.14 -6.22 44.13
C PHE E 126 -4.75 -5.83 45.47
N GLU E 127 -4.73 -6.76 46.43
CA GLU E 127 -5.39 -6.54 47.71
C GLU E 127 -4.66 -5.46 48.52
N ILE E 128 -3.34 -5.47 48.52
CA ILE E 128 -2.60 -4.46 49.28
C ILE E 128 -2.75 -3.10 48.63
N ALA E 129 -2.70 -3.03 47.30
CA ALA E 129 -2.91 -1.75 46.62
C ALA E 129 -4.31 -1.20 46.87
N ARG E 130 -5.32 -2.08 46.93
CA ARG E 130 -6.67 -1.63 47.25
C ARG E 130 -6.79 -1.19 48.71
N SER E 131 -6.08 -1.87 49.61
CA SER E 131 -6.12 -1.49 51.01
C SER E 131 -5.49 -0.12 51.24
N VAL E 132 -4.37 0.16 50.57
CA VAL E 132 -3.68 1.44 50.76
C VAL E 132 -4.08 2.48 49.71
N ASN E 133 -5.06 2.16 48.86
CA ASN E 133 -5.59 3.08 47.84
C ASN E 133 -4.51 3.57 46.89
N LEU E 134 -3.76 2.63 46.34
CA LEU E 134 -2.81 2.89 45.26
C LEU E 134 -3.29 2.21 43.99
N ARG E 135 -2.81 2.70 42.86
CA ARG E 135 -3.18 2.13 41.57
C ARG E 135 -2.48 0.78 41.37
N PRO E 136 -3.13 -0.17 40.68
CA PRO E 136 -2.60 -1.54 40.65
C PRO E 136 -1.56 -1.80 39.57
N TYR E 137 -0.65 -0.86 39.37
CA TYR E 137 0.33 -1.01 38.31
C TYR E 137 1.41 -2.01 38.66
N ASN E 138 1.63 -2.28 39.95
CA ASN E 138 2.56 -3.33 40.34
C ASN E 138 2.06 -4.71 39.90
N ALA E 139 0.77 -4.97 40.09
CA ALA E 139 0.19 -6.23 39.62
C ALA E 139 0.14 -6.27 38.09
N ILE E 140 -0.14 -5.13 37.46
CA ILE E 140 -0.13 -5.08 36.01
C ILE E 140 1.26 -5.42 35.47
N ALA E 141 2.30 -4.92 36.13
CA ALA E 141 3.67 -5.26 35.74
C ALA E 141 4.01 -6.71 36.04
N PHE E 142 3.50 -7.25 37.16
CA PHE E 142 3.75 -8.64 37.51
C PHE E 142 2.99 -9.61 36.60
N SER E 143 2.05 -9.13 35.80
CA SER E 143 1.40 -9.99 34.81
C SER E 143 2.39 -10.60 33.83
N ALA E 144 3.51 -9.93 33.56
CA ALA E 144 4.48 -10.43 32.58
C ALA E 144 5.32 -11.61 33.10
N PRO E 145 5.81 -11.61 34.36
CA PRO E 145 6.38 -12.85 34.89
C PRO E 145 5.42 -14.03 34.88
N ILE E 146 4.14 -13.80 35.17
CA ILE E 146 3.18 -14.89 35.13
C ILE E 146 2.93 -15.36 33.71
N ALA E 147 2.90 -14.42 32.75
CA ALA E 147 2.77 -14.81 31.36
C ALA E 147 3.95 -15.66 30.91
N VAL E 148 5.16 -15.28 31.32
CA VAL E 148 6.36 -16.05 30.99
C VAL E 148 6.28 -17.43 31.62
N PHE E 149 5.92 -17.51 32.90
CA PHE E 149 5.84 -18.80 33.58
C PHE E 149 4.80 -19.71 32.94
N VAL E 150 3.63 -19.16 32.63
CA VAL E 150 2.56 -19.96 32.04
C VAL E 150 3.00 -20.48 30.67
N SER E 151 3.50 -19.59 29.81
CA SER E 151 3.87 -20.00 28.46
C SER E 151 5.02 -21.00 28.46
N VAL E 152 5.98 -20.82 29.36
CA VAL E 152 7.18 -21.65 29.34
C VAL E 152 6.93 -22.99 30.02
N PHE E 153 6.43 -22.97 31.26
CA PHE E 153 6.33 -24.17 32.06
C PHE E 153 5.02 -24.94 31.87
N LEU E 154 4.01 -24.33 31.26
CA LEU E 154 2.77 -25.05 31.03
C LEU E 154 2.41 -25.16 29.56
N ILE E 155 2.35 -24.03 28.83
CA ILE E 155 1.86 -24.04 27.46
C ILE E 155 2.83 -24.78 26.55
N TYR E 156 4.13 -24.55 26.71
CA TYR E 156 5.10 -25.25 25.85
C TYR E 156 5.09 -26.76 26.04
N PRO E 157 5.19 -27.31 27.25
CA PRO E 157 5.07 -28.78 27.36
C PRO E 157 3.71 -29.31 26.96
N LEU E 158 2.64 -28.53 27.18
CA LEU E 158 1.32 -28.99 26.76
C LEU E 158 1.22 -29.05 25.24
N GLY E 159 1.91 -28.16 24.54
CA GLY E 159 1.99 -28.26 23.09
C GLY E 159 2.90 -29.35 22.62
N GLN E 160 3.92 -29.70 23.41
CA GLN E 160 4.81 -30.79 23.07
C GLN E 160 4.19 -32.12 23.52
N SER E 161 4.99 -33.19 23.52
CA SER E 161 4.47 -34.51 23.83
C SER E 161 4.32 -34.79 25.32
N GLY E 162 4.87 -33.95 26.18
CA GLY E 162 4.69 -34.17 27.61
C GLY E 162 5.52 -33.23 28.43
N TRP E 163 5.25 -33.29 29.75
CA TRP E 163 5.94 -32.46 30.73
C TRP E 163 7.45 -32.66 30.69
N PHE E 164 7.91 -33.79 30.16
CA PHE E 164 9.33 -34.06 29.98
C PHE E 164 10.04 -32.90 29.28
N PHE E 165 9.39 -32.26 28.33
CA PHE E 165 10.06 -31.21 27.57
C PHE E 165 9.86 -29.83 28.16
N ALA E 166 9.20 -29.75 29.32
CA ALA E 166 9.19 -28.54 30.12
C ALA E 166 10.56 -28.34 30.77
N PRO E 167 10.89 -27.12 31.23
CA PRO E 167 12.13 -26.96 31.98
C PRO E 167 12.04 -27.62 33.34
N SER E 168 13.14 -28.24 33.75
CA SER E 168 13.25 -28.79 35.09
C SER E 168 13.75 -27.69 36.02
N PHE E 169 13.19 -27.65 37.23
CA PHE E 169 13.49 -26.59 38.17
C PHE E 169 14.90 -26.78 38.71
N GLY E 170 15.85 -26.04 38.15
CA GLY E 170 17.25 -26.14 38.53
C GLY E 170 18.13 -25.36 37.58
N VAL E 171 19.36 -25.06 37.99
CA VAL E 171 20.21 -24.15 37.23
C VAL E 171 20.66 -24.79 35.93
N ALA E 172 21.38 -25.90 36.02
CA ALA E 172 21.88 -26.58 34.83
C ALA E 172 20.76 -27.16 33.98
N SER E 173 19.61 -27.47 34.57
CA SER E 173 18.49 -27.94 33.77
C SER E 173 17.86 -26.81 32.97
N ILE E 174 17.82 -25.59 33.53
CA ILE E 174 17.44 -24.43 32.74
C ILE E 174 18.43 -24.19 31.62
N PHE E 175 19.72 -24.39 31.89
CA PHE E 175 20.71 -24.25 30.82
C PHE E 175 20.48 -25.29 29.72
N ARG E 176 20.16 -26.53 30.11
CA ARG E 176 19.76 -27.55 29.16
C ARG E 176 18.58 -27.08 28.31
N PHE E 177 17.57 -26.52 28.97
CA PHE E 177 16.37 -26.05 28.28
C PHE E 177 16.72 -24.98 27.25
N ILE E 178 17.63 -24.08 27.63
CA ILE E 178 18.05 -23.00 26.74
C ILE E 178 18.78 -23.55 25.52
N LEU E 179 19.74 -24.44 25.75
CA LEU E 179 20.49 -25.02 24.63
C LEU E 179 19.60 -25.90 23.76
N PHE E 180 18.61 -26.56 24.37
CA PHE E 180 17.63 -27.31 23.60
C PHE E 180 16.83 -26.40 22.68
N PHE E 181 16.38 -25.25 23.19
CA PHE E 181 15.66 -24.34 22.31
C PHE E 181 16.55 -23.83 21.18
N GLN E 182 17.81 -23.50 21.48
CA GLN E 182 18.72 -23.11 20.42
C GLN E 182 18.78 -24.18 19.33
N GLY E 183 19.16 -25.40 19.70
CA GLY E 183 19.37 -26.44 18.73
C GLY E 183 18.13 -26.86 17.97
N PHE E 184 16.98 -26.91 18.64
CA PHE E 184 15.78 -27.49 18.04
C PHE E 184 14.81 -26.45 17.48
N HIS E 185 14.88 -25.19 17.89
CA HIS E 185 13.94 -24.19 17.44
C HIS E 185 14.61 -23.00 16.78
N ASN E 186 15.94 -22.84 16.92
CA ASN E 186 16.63 -21.61 16.52
C ASN E 186 15.96 -20.40 17.17
N TRP E 187 15.82 -20.47 18.49
CA TRP E 187 15.06 -19.49 19.25
C TRP E 187 15.71 -18.12 19.27
N THR E 188 17.02 -18.02 19.03
CA THR E 188 17.64 -16.72 18.84
C THR E 188 17.12 -16.03 17.59
N LEU E 189 16.87 -16.80 16.53
CA LEU E 189 16.40 -16.24 15.27
C LEU E 189 14.95 -15.78 15.35
N ASN E 190 14.23 -16.13 16.41
CA ASN E 190 12.82 -15.77 16.52
C ASN E 190 12.67 -14.28 16.81
N PRO E 191 11.88 -13.55 16.01
CA PRO E 191 11.70 -12.11 16.26
C PRO E 191 11.00 -11.80 17.58
N PHE E 192 10.10 -12.66 18.05
CA PHE E 192 9.47 -12.44 19.35
C PHE E 192 10.49 -12.53 20.47
N HIS E 193 11.40 -13.51 20.37
CA HIS E 193 12.50 -13.58 21.32
C HIS E 193 13.43 -12.38 21.18
N MET E 194 13.62 -11.87 19.97
CA MET E 194 14.45 -10.68 19.79
C MET E 194 13.82 -9.48 20.49
N MET E 195 12.50 -9.33 20.39
CA MET E 195 11.81 -8.27 21.10
C MET E 195 11.90 -8.46 22.61
N GLY E 196 11.84 -9.71 23.07
CA GLY E 196 12.02 -9.98 24.49
C GLY E 196 13.40 -9.60 24.99
N VAL E 197 14.44 -9.94 24.22
CA VAL E 197 15.81 -9.58 24.60
C VAL E 197 15.97 -8.07 24.60
N ALA E 198 15.39 -7.39 23.60
CA ALA E 198 15.44 -5.94 23.55
C ALA E 198 14.76 -5.34 24.77
N GLY E 199 13.61 -5.88 25.18
CA GLY E 199 12.93 -5.39 26.36
C GLY E 199 13.73 -5.59 27.64
N VAL E 200 14.33 -6.77 27.80
CA VAL E 200 15.10 -7.04 29.01
C VAL E 200 16.34 -6.16 29.08
N LEU E 201 17.08 -6.07 27.98
CA LEU E 201 18.30 -5.28 27.97
C LEU E 201 18.00 -3.78 28.07
N GLY E 202 16.94 -3.32 27.41
CA GLY E 202 16.55 -1.93 27.55
C GLY E 202 16.06 -1.60 28.94
N ALA E 203 15.41 -2.55 29.62
CA ALA E 203 14.98 -2.32 30.99
C ALA E 203 16.17 -2.27 31.95
N ALA E 204 17.16 -3.14 31.74
CA ALA E 204 18.39 -3.05 32.54
C ALA E 204 19.12 -1.73 32.30
N LEU E 205 19.18 -1.30 31.04
CA LEU E 205 19.75 0.00 30.72
C LEU E 205 18.98 1.12 31.39
N LEU E 206 17.65 1.04 31.37
CA LEU E 206 16.82 2.09 31.97
C LEU E 206 17.03 2.15 33.47
N CYS E 207 17.10 0.99 34.12
CA CYS E 207 17.36 0.94 35.55
C CYS E 207 18.69 1.60 35.89
N ALA E 208 19.76 1.20 35.19
CA ALA E 208 21.08 1.75 35.45
C ALA E 208 21.12 3.25 35.18
N ILE E 209 20.64 3.75 34.14
CA ILE E 209 20.64 5.12 33.74
C ILE E 209 19.90 6.00 34.58
N HIS E 210 18.86 5.63 34.99
CA HIS E 210 18.07 6.31 35.92
C HIS E 210 18.56 6.51 37.27
N GLY E 211 18.86 5.51 37.85
CA GLY E 211 19.55 5.54 38.99
C GLY E 211 20.79 6.31 39.01
N ALA E 212 21.59 6.22 37.97
CA ALA E 212 22.77 7.08 37.86
C ALA E 212 22.40 8.53 37.64
N THR E 213 21.40 8.79 36.80
CA THR E 213 20.98 10.16 36.54
C THR E 213 20.42 10.83 37.78
N VAL E 214 19.61 10.10 38.56
CA VAL E 214 19.09 10.65 39.80
C VAL E 214 20.22 10.91 40.78
N GLU E 215 21.11 9.92 40.96
CA GLU E 215 22.18 10.06 41.93
C GLU E 215 23.19 11.14 41.56
N ASN E 216 23.29 11.50 40.27
CA ASN E 216 24.25 12.50 39.85
C ASN E 216 23.61 13.86 39.55
N THR E 217 22.28 13.96 39.58
CA THR E 217 21.60 15.25 39.47
C THR E 217 20.98 15.68 40.78
N LEU E 218 21.46 15.15 41.90
CA LEU E 218 20.87 15.46 43.19
C LEU E 218 21.08 16.93 43.56
N PHE E 219 20.09 17.48 44.24
CA PHE E 219 20.28 18.76 44.90
C PHE E 219 21.15 18.56 46.14
N GLU E 220 21.79 19.64 46.58
CA GLU E 220 22.72 19.54 47.70
C GLU E 220 22.00 19.15 48.98
N ASP E 221 21.07 19.99 49.43
CA ASP E 221 20.09 19.66 50.48
C ASP E 221 20.70 19.32 51.83
N GLY E 222 22.02 19.43 51.96
CA GLY E 222 22.69 19.07 53.19
C GLY E 222 24.06 19.73 53.29
N ASP E 223 24.92 19.22 54.17
CA ASP E 223 26.24 19.80 54.34
C ASP E 223 27.30 18.70 54.30
N GLY E 224 26.92 17.49 54.67
CA GLY E 224 27.85 16.39 54.70
C GLY E 224 28.15 15.83 53.32
N ALA E 225 29.23 15.06 53.26
CA ALA E 225 29.66 14.44 52.01
C ALA E 225 28.90 13.16 51.70
N ASN E 226 28.07 12.68 52.62
CA ASN E 226 27.19 11.55 52.36
C ASN E 226 25.82 12.10 51.98
N THR E 227 25.47 11.95 50.70
CA THR E 227 24.22 12.51 50.20
C THR E 227 23.00 11.72 50.63
N PHE E 228 23.18 10.47 51.04
CA PHE E 228 22.04 9.63 51.44
C PHE E 228 21.36 10.14 52.70
N ARG E 229 22.03 10.97 53.49
CA ARG E 229 21.43 11.58 54.66
C ARG E 229 20.68 12.87 54.36
N ALA E 230 20.70 13.32 53.11
CA ALA E 230 20.08 14.59 52.74
C ALA E 230 18.69 14.42 52.16
N PHE E 231 18.05 13.29 52.42
CA PHE E 231 16.68 13.04 51.97
C PHE E 231 15.83 12.66 53.17
N ASN E 232 14.67 13.30 53.30
CA ASN E 232 13.65 12.94 54.27
C ASN E 232 12.43 12.39 53.54
N PRO E 233 11.82 11.31 54.05
CA PRO E 233 10.67 10.73 53.35
C PRO E 233 9.47 11.66 53.21
N THR E 234 9.26 12.57 54.17
CA THR E 234 8.14 13.49 54.11
C THR E 234 8.46 14.78 53.36
N GLN E 235 9.64 14.85 52.73
CA GLN E 235 10.01 16.02 51.94
C GLN E 235 9.06 16.21 50.77
N ALA E 236 8.64 17.46 50.56
CA ALA E 236 7.64 17.78 49.54
C ALA E 236 8.25 18.03 48.17
N GLU E 237 9.42 18.67 48.11
CA GLU E 237 10.02 19.01 46.84
C GLU E 237 10.91 17.88 46.33
N GLU E 238 11.23 17.95 45.03
CA GLU E 238 12.02 16.90 44.40
C GLU E 238 13.45 16.92 44.91
N THR E 239 14.22 15.90 44.82
CA THR E 239 15.58 15.58 45.23
C THR E 239 16.63 15.63 44.16
N TYR E 240 16.38 15.90 43.02
CA TYR E 240 17.11 15.77 41.81
C TYR E 240 16.58 16.70 40.90
N SER E 241 17.38 17.33 40.24
CA SER E 241 16.99 18.21 39.19
C SER E 241 16.63 17.59 37.94
N MET E 242 15.40 17.57 37.67
CA MET E 242 14.88 17.09 36.40
C MET E 242 15.35 17.96 35.24
N VAL E 243 15.45 19.27 35.48
CA VAL E 243 15.88 20.21 34.44
C VAL E 243 17.31 19.93 34.02
N THR E 244 18.20 19.76 35.00
CA THR E 244 19.59 19.47 34.70
C THR E 244 19.76 18.10 34.07
N ALA E 245 18.99 17.12 34.55
CA ALA E 245 19.01 15.79 33.93
C ALA E 245 18.60 15.85 32.47
N ASN E 246 17.53 16.59 32.17
CA ASN E 246 17.07 16.77 30.80
C ASN E 246 18.12 17.47 29.96
N ARG E 247 18.75 18.51 30.50
CA ARG E 247 19.77 19.22 29.74
C ARG E 247 20.95 18.32 29.42
N PHE E 248 21.41 17.56 30.42
CA PHE E 248 22.53 16.65 30.23
C PHE E 248 22.22 15.61 29.16
N TRP E 249 21.06 14.95 29.26
CA TRP E 249 20.82 13.86 28.33
C TRP E 249 20.44 14.35 26.95
N SER E 250 19.83 15.53 26.84
CA SER E 250 19.59 16.09 25.52
C SER E 250 20.90 16.49 24.84
N GLN E 251 21.86 16.98 25.60
CA GLN E 251 23.12 17.37 24.98
C GLN E 251 24.09 16.22 24.80
N ILE E 252 23.90 15.11 25.50
CA ILE E 252 24.74 13.92 25.32
C ILE E 252 24.17 12.99 24.27
N PHE E 253 22.93 12.55 24.46
CA PHE E 253 22.33 11.49 23.67
C PHE E 253 21.40 12.02 22.58
N GLY E 254 21.02 13.29 22.64
CA GLY E 254 20.16 13.91 21.67
C GLY E 254 18.72 14.06 22.14
N VAL E 255 18.23 13.10 22.92
CA VAL E 255 16.88 13.16 23.47
C VAL E 255 16.97 12.92 24.97
N ALA E 256 15.94 13.37 25.68
CA ALA E 256 15.86 13.18 27.11
C ALA E 256 14.39 13.17 27.50
N PHE E 257 14.11 12.59 28.66
CA PHE E 257 12.79 12.70 29.23
C PHE E 257 12.58 14.09 29.78
N SER E 258 11.37 14.60 29.64
CA SER E 258 10.97 15.82 30.31
C SER E 258 9.80 15.60 31.24
N ASN E 259 9.37 14.50 31.25
CA ASN E 259 8.20 14.17 32.08
C ASN E 259 8.47 13.05 32.94
N LYS E 260 8.47 13.06 34.22
CA LYS E 260 8.77 12.07 35.24
C LYS E 260 7.81 10.92 35.23
N ARG E 261 6.58 11.11 35.05
CA ARG E 261 5.53 10.27 34.77
C ARG E 261 5.76 9.42 33.63
N TRP E 262 5.99 9.98 32.63
CA TRP E 262 6.25 9.23 31.40
C TRP E 262 7.52 8.39 31.54
N LEU E 263 8.53 8.73 32.06
CA LEU E 263 9.62 8.00 32.46
C LEU E 263 9.52 6.83 33.35
N HIS E 264 8.74 6.84 34.36
CA HIS E 264 8.44 5.78 35.19
C HIS E 264 7.58 4.80 34.56
N PHE E 265 6.73 5.06 33.74
CA PHE E 265 5.90 4.28 32.95
C PHE E 265 6.67 3.67 31.93
N PHE E 266 7.49 4.40 31.25
CA PHE E 266 8.34 3.76 30.26
C PHE E 266 9.20 2.67 30.89
N MET E 267 9.72 2.94 32.08
CA MET E 267 10.47 1.94 32.82
C MET E 267 9.60 0.74 33.21
N LEU E 268 8.32 0.97 33.48
CA LEU E 268 7.39 -0.14 33.61
C LEU E 268 7.19 -0.86 32.29
N PHE E 269 7.03 -0.10 31.20
CA PHE E 269 6.48 -0.62 29.96
C PHE E 269 7.47 -1.51 29.23
N VAL E 270 8.75 -1.14 29.21
CA VAL E 270 9.72 -1.88 28.40
C VAL E 270 9.88 -3.34 28.82
N PRO E 271 10.14 -3.67 30.10
CA PRO E 271 10.31 -5.10 30.43
C PRO E 271 9.03 -5.91 30.33
N VAL E 272 7.88 -5.32 30.66
CA VAL E 272 6.61 -6.05 30.56
C VAL E 272 6.30 -6.38 29.11
N THR E 273 6.48 -5.39 28.21
CA THR E 273 6.26 -5.64 26.80
C THR E 273 7.23 -6.68 26.24
N GLY E 274 8.50 -6.59 26.64
CA GLY E 274 9.46 -7.59 26.18
C GLY E 274 9.13 -8.99 26.64
N LEU E 275 8.74 -9.15 27.91
CA LEU E 275 8.39 -10.47 28.41
C LEU E 275 7.12 -11.00 27.76
N TRP E 276 6.16 -10.12 27.48
CA TRP E 276 4.95 -10.57 26.80
C TRP E 276 5.23 -11.01 25.36
N MET E 277 6.12 -10.29 24.66
CA MET E 277 6.51 -10.72 23.32
C MET E 277 7.22 -12.07 23.36
N SER E 278 8.11 -12.26 24.32
CA SER E 278 8.80 -13.55 24.44
C SER E 278 7.82 -14.67 24.78
N ALA E 279 6.81 -14.38 25.60
CA ALA E 279 5.79 -15.37 25.91
C ALA E 279 5.00 -15.78 24.67
N LEU E 280 4.67 -14.79 23.83
CA LEU E 280 4.01 -15.12 22.57
C LEU E 280 4.89 -16.00 21.68
N GLY E 281 6.19 -15.71 21.66
CA GLY E 281 7.10 -16.55 20.90
C GLY E 281 7.20 -17.97 21.42
N VAL E 282 7.22 -18.12 22.74
CA VAL E 282 7.26 -19.46 23.34
C VAL E 282 5.96 -20.21 23.05
N VAL E 283 4.83 -19.49 23.02
CA VAL E 283 3.58 -20.10 22.59
C VAL E 283 3.68 -20.60 21.16
N GLY E 284 4.33 -19.82 20.28
CA GLY E 284 4.60 -20.29 18.94
C GLY E 284 5.46 -21.54 18.92
N LEU E 285 6.48 -21.58 19.79
CA LEU E 285 7.36 -22.74 19.87
C LEU E 285 6.66 -23.97 20.44
N ALA E 286 5.59 -23.79 21.22
CA ALA E 286 4.83 -24.91 21.76
C ALA E 286 4.29 -25.81 20.66
N LEU E 287 3.98 -25.23 19.50
CA LEU E 287 3.45 -25.97 18.37
C LEU E 287 4.50 -26.23 17.31
N ASN E 288 5.78 -26.02 17.64
CA ASN E 288 6.92 -26.09 16.72
C ASN E 288 6.75 -25.12 15.56
N LEU E 289 6.04 -24.02 15.78
CA LEU E 289 5.92 -22.95 14.79
C LEU E 289 7.10 -22.01 14.99
N ARG E 290 8.26 -22.47 14.53
CA ARG E 290 9.52 -21.79 14.76
C ARG E 290 9.83 -20.80 13.65
N ALA E 291 10.66 -19.82 13.97
CA ALA E 291 11.37 -19.01 12.98
C ALA E 291 12.74 -19.63 12.83
N TYR E 292 12.78 -20.78 12.17
CA TYR E 292 13.99 -21.59 12.10
C TYR E 292 14.87 -21.26 10.91
N ASP E 293 14.29 -21.08 9.72
CA ASP E 293 15.08 -20.97 8.51
C ASP E 293 14.58 -19.80 7.66
N PHE E 294 15.51 -19.25 6.87
CA PHE E 294 15.18 -18.32 5.80
C PHE E 294 15.24 -19.10 4.50
N VAL E 295 14.07 -19.33 3.90
CA VAL E 295 13.96 -20.29 2.81
C VAL E 295 14.71 -19.82 1.58
N SER E 296 14.71 -18.51 1.32
CA SER E 296 15.45 -18.00 0.17
C SER E 296 16.94 -18.23 0.33
N GLN E 297 17.48 -18.00 1.53
CA GLN E 297 18.89 -18.26 1.78
C GLN E 297 19.21 -19.75 1.73
N GLU E 298 18.27 -20.60 2.17
CA GLU E 298 18.48 -22.05 2.03
C GLU E 298 18.52 -22.46 0.56
N ILE E 299 17.65 -21.86 -0.26
CA ILE E 299 17.65 -22.13 -1.70
C ILE E 299 18.97 -21.70 -2.31
N ARG E 300 19.42 -20.50 -1.98
CA ARG E 300 20.68 -20.00 -2.53
C ARG E 300 21.86 -20.85 -2.09
N ALA E 301 21.85 -21.30 -0.84
CA ALA E 301 22.92 -22.17 -0.35
C ALA E 301 22.87 -23.55 -1.02
N ALA E 302 21.68 -24.07 -1.30
CA ALA E 302 21.58 -25.36 -1.97
C ALA E 302 22.02 -25.27 -3.43
N GLU E 303 21.78 -24.14 -4.07
CA GLU E 303 22.16 -23.96 -5.47
C GLU E 303 23.53 -23.29 -5.63
N ASP E 304 24.21 -22.98 -4.54
CA ASP E 304 25.49 -22.29 -4.63
C ASP E 304 26.41 -22.70 -3.49
N PRO E 305 27.47 -23.47 -3.77
CA PRO E 305 28.37 -23.92 -2.70
C PRO E 305 29.31 -22.84 -2.17
N GLU E 306 29.33 -21.65 -2.77
CA GLU E 306 30.16 -20.57 -2.24
C GLU E 306 29.46 -19.76 -1.16
N PHE E 307 28.13 -19.68 -1.23
CA PHE E 307 27.34 -18.85 -0.35
C PHE E 307 27.35 -19.34 1.10
N GLU E 308 28.03 -18.61 1.98
CA GLU E 308 28.01 -18.89 3.40
C GLU E 308 27.72 -17.62 4.17
N THR E 309 26.77 -17.70 5.09
CA THR E 309 26.48 -16.63 6.03
C THR E 309 26.53 -17.19 7.45
N PHE E 310 26.54 -16.28 8.42
CA PHE E 310 26.49 -16.68 9.82
C PHE E 310 25.20 -17.42 10.13
N TYR E 311 24.12 -17.11 9.40
CA TYR E 311 22.88 -17.87 9.56
C TYR E 311 23.06 -19.33 9.14
N THR E 312 23.76 -19.56 8.02
CA THR E 312 24.05 -20.94 7.61
C THR E 312 24.95 -21.64 8.61
N LYS E 313 25.92 -20.90 9.17
CA LYS E 313 26.78 -21.46 10.23
C LYS E 313 25.95 -21.87 11.43
N ASN E 314 24.98 -21.04 11.82
CA ASN E 314 24.15 -21.36 12.97
C ASN E 314 23.23 -22.54 12.68
N ILE E 315 22.77 -22.68 11.44
CA ILE E 315 21.98 -23.86 11.08
C ILE E 315 22.82 -25.13 11.24
N LEU E 316 24.08 -25.08 10.79
CA LEU E 316 24.98 -26.22 11.00
C LEU E 316 25.19 -26.51 12.48
N LEU E 317 25.38 -25.45 13.28
CA LEU E 317 25.58 -25.62 14.71
C LEU E 317 24.35 -26.24 15.37
N ASN E 318 23.15 -25.82 14.97
CA ASN E 318 21.93 -26.40 15.51
C ASN E 318 21.81 -27.87 15.14
N GLU E 319 22.18 -28.22 13.91
CA GLU E 319 22.17 -29.63 13.52
C GLU E 319 23.11 -30.44 14.40
N GLY E 320 24.31 -29.90 14.67
CA GLY E 320 25.22 -30.57 15.58
C GLY E 320 24.65 -30.73 16.98
N ILE E 321 24.01 -29.68 17.49
CA ILE E 321 23.40 -29.72 18.82
C ILE E 321 22.37 -30.83 18.89
N ARG E 322 21.46 -30.88 17.92
CA ARG E 322 20.41 -31.90 17.94
C ARG E 322 20.99 -33.30 17.86
N ALA E 323 21.93 -33.51 16.93
CA ALA E 323 22.46 -34.86 16.72
C ALA E 323 23.25 -35.35 17.92
N TRP E 324 24.06 -34.49 18.53
CA TRP E 324 24.87 -34.94 19.67
C TRP E 324 24.12 -34.86 20.99
N MET E 325 22.96 -34.22 21.04
CA MET E 325 22.20 -34.10 22.27
C MET E 325 21.09 -35.13 22.39
N ALA E 326 20.56 -35.61 21.25
CA ALA E 326 19.30 -36.34 21.24
C ALA E 326 19.35 -37.64 22.03
N ALA E 327 20.42 -38.42 21.87
CA ALA E 327 20.47 -39.76 22.46
C ALA E 327 20.42 -39.71 23.98
N GLN E 328 21.14 -38.77 24.58
CA GLN E 328 21.16 -38.65 26.03
C GLN E 328 20.00 -37.80 26.54
N ASP E 329 19.48 -36.89 25.71
CA ASP E 329 18.49 -35.93 26.17
C ASP E 329 17.06 -36.46 26.06
N GLN E 330 16.80 -37.36 25.11
CA GLN E 330 15.47 -37.93 24.91
C GLN E 330 15.63 -39.45 24.96
N PRO E 331 15.77 -40.03 26.15
CA PRO E 331 15.95 -41.49 26.26
C PRO E 331 14.78 -42.29 25.74
N HIS E 332 13.57 -41.73 25.80
CA HIS E 332 12.38 -42.43 25.33
C HIS E 332 12.45 -42.70 23.83
N GLU E 333 13.21 -41.90 23.09
CA GLU E 333 13.38 -42.15 21.67
C GLU E 333 14.30 -43.33 21.40
N LYS E 334 15.09 -43.74 22.38
CA LYS E 334 15.95 -44.92 22.31
C LYS E 334 16.89 -44.87 21.10
N LEU E 335 17.49 -43.71 20.90
CA LEU E 335 18.34 -43.48 19.73
C LEU E 335 19.74 -44.04 20.00
N THR E 336 20.07 -45.15 19.36
CA THR E 336 21.42 -45.71 19.38
C THR E 336 22.11 -45.32 18.07
N LEU E 337 22.49 -44.05 17.99
CA LEU E 337 23.07 -43.53 16.76
C LEU E 337 24.54 -43.89 16.67
N PRO E 338 24.98 -44.57 15.62
CA PRO E 338 26.42 -44.77 15.41
C PRO E 338 27.13 -43.45 15.13
N GLU E 339 28.38 -43.36 15.57
CA GLU E 339 29.14 -42.12 15.46
C GLU E 339 29.30 -41.68 14.00
N GLU E 340 29.28 -42.63 13.07
CA GLU E 340 29.42 -42.29 11.66
C GLU E 340 28.25 -41.49 11.11
N VAL E 341 27.11 -41.41 11.80
CA VAL E 341 26.05 -40.52 11.35
C VAL E 341 26.07 -39.18 12.08
N LEU E 342 26.92 -39.03 13.09
CA LEU E 342 26.98 -37.76 13.80
C LEU E 342 27.71 -36.73 12.94
N PRO E 343 27.10 -35.59 12.64
CA PRO E 343 27.79 -34.55 11.87
C PRO E 343 28.99 -34.02 12.63
N ARG E 344 30.13 -33.98 11.95
CA ARG E 344 31.37 -33.49 12.54
C ARG E 344 32.07 -32.59 11.54
N GLY E 345 32.98 -31.77 12.05
CA GLY E 345 33.85 -31.00 11.18
C GLY E 345 35.03 -31.83 10.72
N ASN E 346 36.23 -31.26 10.80
CA ASN E 346 37.45 -31.95 10.43
C ASN E 346 38.38 -32.00 11.62
N ALA E 347 39.04 -33.16 11.81
CA ALA E 347 40.06 -33.39 12.83
C ALA E 347 39.52 -33.21 14.24
N LEU E 348 39.15 -31.99 14.58
CA LEU E 348 38.47 -31.69 15.82
C LEU E 348 37.20 -32.52 15.95
N GLU F 1 5.11 -5.16 67.82
CA GLU F 1 5.50 -6.46 68.36
C GLU F 1 6.66 -6.31 69.33
N ARG F 2 7.84 -6.72 68.87
CA ARG F 2 9.08 -6.61 69.61
C ARG F 2 10.24 -6.72 68.62
N PRO F 3 11.19 -5.79 68.64
CA PRO F 3 12.21 -5.74 67.58
C PRO F 3 13.07 -6.99 67.51
N PHE F 4 13.51 -7.30 66.29
CA PHE F 4 14.38 -8.46 66.09
C PHE F 4 15.70 -8.31 66.83
N SER F 5 16.27 -7.11 66.82
CA SER F 5 17.51 -6.86 67.56
C SER F 5 17.28 -7.00 69.06
N ASP F 6 16.06 -6.77 69.53
CA ASP F 6 15.75 -6.98 70.94
C ASP F 6 15.79 -8.47 71.29
N ILE F 7 15.15 -9.30 70.47
CA ILE F 7 15.08 -10.73 70.77
C ILE F 7 16.44 -11.39 70.59
N LEU F 8 17.16 -11.04 69.52
CA LEU F 8 18.44 -11.66 69.23
C LEU F 8 19.53 -11.28 70.21
N THR F 9 19.35 -10.22 71.00
CA THR F 9 20.31 -9.81 72.01
C THR F 9 19.95 -10.32 73.40
N SER F 10 18.86 -11.06 73.55
CA SER F 10 18.44 -11.55 74.86
C SER F 10 18.99 -12.94 75.10
N ILE F 11 19.23 -13.24 76.38
CA ILE F 11 19.78 -14.55 76.73
C ILE F 11 18.71 -15.62 76.81
N ARG F 12 17.44 -15.25 76.98
CA ARG F 12 16.37 -16.25 76.95
C ARG F 12 16.26 -16.88 75.55
N TYR F 13 16.37 -16.04 74.52
CA TYR F 13 16.43 -16.54 73.15
C TYR F 13 17.55 -17.56 72.99
N TRP F 14 18.73 -17.25 73.49
CA TRP F 14 19.86 -18.12 73.26
C TRP F 14 19.83 -19.38 74.11
N VAL F 15 19.27 -19.33 75.32
CA VAL F 15 19.13 -20.56 76.08
C VAL F 15 18.04 -21.45 75.50
N ILE F 16 17.05 -20.88 74.80
CA ILE F 16 16.12 -21.71 74.05
C ILE F 16 16.80 -22.32 72.82
N HIS F 17 17.56 -21.51 72.09
CA HIS F 17 17.95 -21.92 70.75
C HIS F 17 19.28 -22.64 70.70
N SER F 18 20.13 -22.50 71.72
CA SER F 18 21.33 -23.32 71.82
C SER F 18 21.01 -24.79 72.04
N ILE F 19 19.76 -25.12 72.38
CA ILE F 19 19.33 -26.50 72.42
C ILE F 19 18.32 -26.83 71.32
N THR F 20 17.53 -25.88 70.83
CA THR F 20 16.63 -26.25 69.73
C THR F 20 17.35 -26.37 68.39
N VAL F 21 18.20 -25.39 68.05
CA VAL F 21 18.87 -25.38 66.74
C VAL F 21 19.82 -26.56 66.56
N PRO F 22 20.73 -26.87 67.50
CA PRO F 22 21.57 -28.06 67.30
C PRO F 22 20.77 -29.36 67.26
N SER F 23 19.63 -29.42 67.94
CA SER F 23 18.79 -30.61 67.85
C SER F 23 18.28 -30.81 66.43
N LEU F 24 17.83 -29.73 65.77
CA LEU F 24 17.39 -29.83 64.38
C LEU F 24 18.55 -30.18 63.45
N PHE F 25 19.73 -29.60 63.70
CA PHE F 25 20.89 -29.93 62.88
C PHE F 25 21.26 -31.40 62.99
N ILE F 26 21.29 -31.93 64.22
CA ILE F 26 21.59 -33.33 64.43
C ILE F 26 20.49 -34.21 63.85
N ALA F 27 19.23 -33.77 63.92
CA ALA F 27 18.14 -34.53 63.32
C ALA F 27 18.33 -34.67 61.81
N GLY F 28 18.71 -33.58 61.13
CA GLY F 28 18.99 -33.68 59.70
C GLY F 28 20.19 -34.56 59.41
N TRP F 29 21.24 -34.45 60.24
CA TRP F 29 22.42 -35.29 60.07
C TRP F 29 22.07 -36.76 60.18
N LEU F 30 21.28 -37.12 61.18
CA LEU F 30 20.91 -38.51 61.39
C LEU F 30 19.92 -38.99 60.33
N PHE F 31 19.08 -38.08 59.83
CA PHE F 31 18.17 -38.42 58.74
C PHE F 31 18.94 -38.83 57.50
N VAL F 32 20.04 -38.14 57.20
CA VAL F 32 20.87 -38.58 56.08
C VAL F 32 21.68 -39.83 56.43
N SER F 33 22.32 -39.84 57.61
CA SER F 33 23.29 -40.89 57.91
C SER F 33 22.66 -42.23 58.24
N THR F 34 21.37 -42.28 58.54
CA THR F 34 20.73 -43.56 58.82
C THR F 34 20.09 -44.19 57.58
N GLY F 35 20.13 -43.51 56.43
CA GLY F 35 19.48 -44.01 55.25
C GLY F 35 18.00 -43.72 55.17
N LEU F 36 17.44 -43.07 56.19
CA LEU F 36 16.03 -42.74 56.18
C LEU F 36 15.69 -41.77 55.05
N ALA F 37 16.64 -40.91 54.67
CA ALA F 37 16.43 -40.04 53.52
C ALA F 37 16.28 -40.84 52.24
N TYR F 38 17.13 -41.85 52.05
CA TYR F 38 17.00 -42.74 50.90
C TYR F 38 15.67 -43.46 50.92
N ASP F 39 15.25 -43.94 52.09
CA ASP F 39 14.00 -44.68 52.19
C ASP F 39 12.80 -43.79 51.89
N VAL F 40 12.79 -42.57 52.40
CA VAL F 40 11.64 -41.68 52.22
C VAL F 40 11.55 -41.21 50.78
N PHE F 41 12.67 -40.77 50.20
CA PHE F 41 12.62 -40.08 48.92
C PHE F 41 13.01 -40.92 47.72
N GLY F 42 13.38 -42.18 47.92
CA GLY F 42 13.57 -43.08 46.79
C GLY F 42 14.82 -42.87 45.98
N SER F 43 15.72 -42.00 46.42
CA SER F 43 16.98 -41.84 45.71
C SER F 43 17.86 -43.06 45.94
N PRO F 44 18.51 -43.56 44.89
CA PRO F 44 19.36 -44.75 45.07
C PRO F 44 20.61 -44.43 45.88
N ARG F 45 21.04 -45.43 46.64
CA ARG F 45 22.36 -45.41 47.25
C ARG F 45 23.41 -45.60 46.15
N PRO F 46 24.66 -45.20 46.41
CA PRO F 46 25.67 -45.24 45.32
C PRO F 46 25.92 -46.63 44.74
N ASN F 47 25.63 -47.70 45.48
CA ASN F 47 25.88 -49.04 44.96
C ASN F 47 24.71 -49.63 44.18
N GLU F 48 23.52 -49.03 44.29
CA GLU F 48 22.31 -49.62 43.71
C GLU F 48 21.74 -48.78 42.57
N TYR F 49 22.60 -48.14 41.78
CA TYR F 49 22.12 -47.47 40.58
C TYR F 49 21.84 -48.47 39.46
N PHE F 50 22.61 -49.56 39.41
CA PHE F 50 22.43 -50.59 38.41
C PHE F 50 22.30 -51.93 39.11
N THR F 51 21.54 -52.83 38.49
CA THR F 51 21.38 -54.20 38.95
C THR F 51 22.16 -55.12 38.03
N GLU F 52 22.15 -56.41 38.35
CA GLU F 52 22.79 -57.38 37.48
C GLU F 52 21.97 -57.65 36.22
N ASP F 53 20.71 -57.23 36.19
CA ASP F 53 19.85 -57.42 35.02
C ASP F 53 20.00 -56.27 34.02
N ARG F 54 19.88 -55.03 34.47
CA ARG F 54 20.08 -53.86 33.63
C ARG F 54 21.33 -53.12 34.05
N GLN F 55 22.18 -52.80 33.09
CA GLN F 55 23.40 -52.04 33.36
C GLN F 55 23.38 -50.67 32.69
N ASP F 56 22.19 -50.14 32.42
CA ASP F 56 22.03 -48.80 31.88
C ASP F 56 20.95 -48.07 32.67
N ALA F 57 20.65 -46.85 32.25
CA ALA F 57 19.69 -46.03 32.97
C ALA F 57 18.28 -46.58 32.80
N PRO F 58 17.44 -46.48 33.83
CA PRO F 58 16.06 -46.95 33.71
C PRO F 58 15.25 -46.07 32.78
N LEU F 59 14.20 -46.66 32.19
CA LEU F 59 13.25 -45.94 31.36
C LEU F 59 11.85 -46.34 31.81
N ILE F 60 11.04 -45.36 32.21
CA ILE F 60 9.72 -45.65 32.74
C ILE F 60 8.81 -46.25 31.67
N THR F 61 8.78 -45.63 30.48
CA THR F 61 8.15 -46.09 29.24
C THR F 61 6.75 -46.69 29.40
N ASP F 62 6.02 -46.29 30.44
CA ASP F 62 4.66 -46.77 30.67
C ASP F 62 4.00 -45.84 31.67
N ARG F 63 2.72 -45.55 31.45
CA ARG F 63 2.00 -44.60 32.29
C ARG F 63 1.04 -45.26 33.26
N PHE F 64 0.18 -46.14 32.79
CA PHE F 64 -0.88 -46.68 33.64
C PHE F 64 -0.41 -47.84 34.51
N ASN F 65 0.80 -48.35 34.29
CA ASN F 65 1.44 -49.30 35.20
C ASN F 65 2.81 -48.77 35.62
N ALA F 66 2.93 -47.45 35.72
CA ALA F 66 4.20 -46.83 36.07
C ALA F 66 4.65 -47.19 37.48
N LEU F 67 3.70 -47.37 38.40
CA LEU F 67 4.03 -47.80 39.76
C LEU F 67 4.71 -49.17 39.75
N GLU F 68 4.12 -50.12 39.02
CA GLU F 68 4.68 -51.46 38.94
C GLU F 68 6.04 -51.45 38.25
N GLN F 69 6.19 -50.64 37.20
CA GLN F 69 7.46 -50.65 36.50
C GLN F 69 8.57 -49.94 37.28
N VAL F 70 8.24 -48.88 38.03
CA VAL F 70 9.29 -48.27 38.84
C VAL F 70 9.61 -49.17 40.03
N LYS F 71 8.65 -49.98 40.48
CA LYS F 71 8.96 -51.00 41.48
C LYS F 71 9.93 -52.03 40.91
N LYS F 72 9.72 -52.43 39.66
CA LYS F 72 10.64 -53.39 39.03
C LYS F 72 12.02 -52.80 38.81
N LEU F 73 12.08 -51.56 38.33
CA LEU F 73 13.35 -50.94 37.97
C LEU F 73 14.10 -50.35 39.16
N SER F 74 13.45 -50.21 40.32
CA SER F 74 14.10 -49.64 41.48
C SER F 74 14.96 -50.68 42.17
N ALA F 75 15.57 -50.28 43.29
CA ALA F 75 16.51 -51.13 44.00
C ALA F 75 15.82 -52.13 44.91
N GLN F 76 14.89 -52.90 44.34
CA GLN F 76 14.16 -53.96 45.05
C GLN F 76 13.48 -53.50 46.33
N ILE G 1 4.22 -16.34 71.82
CA ILE G 1 4.48 -17.03 70.57
C ILE G 1 3.18 -17.30 69.83
N PHE G 2 3.23 -18.23 68.88
CA PHE G 2 2.11 -18.63 68.04
C PHE G 2 1.53 -17.47 67.23
N THR G 3 2.31 -16.42 67.03
CA THR G 3 1.89 -15.30 66.22
C THR G 3 2.18 -15.57 64.75
N VAL G 4 1.66 -14.70 63.89
CA VAL G 4 1.93 -14.81 62.45
C VAL G 4 3.42 -14.63 62.18
N ARG G 5 4.05 -13.68 62.89
CA ARG G 5 5.49 -13.47 62.78
C ARG G 5 6.27 -14.74 63.16
N TRP G 6 5.93 -15.32 64.31
CA TRP G 6 6.62 -16.50 64.81
C TRP G 6 6.45 -17.69 63.86
N LEU G 7 5.22 -17.91 63.39
CA LEU G 7 4.95 -19.03 62.50
C LEU G 7 5.65 -18.85 61.16
N ALA G 8 5.62 -17.63 60.60
CA ALA G 8 6.28 -17.37 59.33
C ALA G 8 7.79 -17.52 59.44
N ILE G 9 8.37 -17.14 60.59
CA ILE G 9 9.79 -17.37 60.80
C ILE G 9 10.09 -18.85 60.89
N HIS G 10 9.30 -19.59 61.66
CA HIS G 10 9.67 -20.97 61.98
C HIS G 10 9.45 -21.91 60.80
N ALA G 11 8.40 -21.68 60.01
CA ALA G 11 8.15 -22.50 58.84
C ALA G 11 9.30 -22.46 57.85
N ILE G 12 10.10 -21.40 57.87
CA ILE G 12 11.30 -21.34 57.06
C ILE G 12 12.53 -21.83 57.83
N ALA G 13 12.65 -21.43 59.10
CA ALA G 13 13.88 -21.64 59.84
C ALA G 13 14.08 -23.10 60.22
N VAL G 14 13.04 -23.76 60.72
CA VAL G 14 13.19 -25.15 61.17
C VAL G 14 13.55 -26.09 60.02
N PRO G 15 12.85 -26.09 58.88
CA PRO G 15 13.34 -26.91 57.75
C PRO G 15 14.68 -26.46 57.22
N THR G 16 15.02 -25.18 57.32
CA THR G 16 16.32 -24.72 56.85
C THR G 16 17.45 -25.36 57.65
N ILE G 17 17.33 -25.35 58.98
CA ILE G 17 18.37 -25.92 59.83
C ILE G 17 18.40 -27.44 59.68
N PHE G 18 17.23 -28.07 59.56
CA PHE G 18 17.18 -29.51 59.31
C PHE G 18 17.90 -29.87 58.01
N PHE G 19 17.60 -29.12 56.94
CA PHE G 19 18.22 -29.38 55.64
C PHE G 19 19.71 -29.07 55.66
N LEU G 20 20.13 -28.05 56.42
CA LEU G 20 21.56 -27.75 56.52
C LEU G 20 22.31 -28.87 57.23
N GLY G 21 21.73 -29.43 58.30
CA GLY G 21 22.31 -30.60 58.92
C GLY G 21 22.36 -31.78 57.97
N ALA G 22 21.30 -31.97 57.18
CA ALA G 22 21.26 -33.05 56.21
C ALA G 22 22.35 -32.90 55.14
N ILE G 23 22.52 -31.70 54.61
CA ILE G 23 23.50 -31.46 53.56
C ILE G 23 24.92 -31.55 54.11
N THR G 24 25.12 -31.08 55.34
CA THR G 24 26.42 -31.24 56.00
C THR G 24 26.76 -32.71 56.19
N ALA G 25 25.76 -33.52 56.56
CA ALA G 25 25.99 -34.97 56.62
C ALA G 25 26.31 -35.54 55.26
N MET G 26 25.66 -35.03 54.20
CA MET G 26 25.95 -35.48 52.85
C MET G 26 27.38 -35.18 52.44
N GLN G 27 27.95 -34.10 52.97
CA GLN G 27 29.34 -33.75 52.63
C GLN G 27 30.34 -34.81 53.09
N PHE G 28 29.96 -35.66 54.04
CA PHE G 28 30.86 -36.67 54.57
C PHE G 28 30.43 -38.08 54.21
N ILE G 29 29.73 -38.25 53.08
CA ILE G 29 29.37 -39.55 52.57
C ILE G 29 30.48 -39.99 51.61
N GLN G 30 31.26 -40.98 52.03
CA GLN G 30 32.38 -41.48 51.22
C GLN G 30 31.96 -42.58 50.27
N ARG G 31 30.91 -42.30 49.49
CA ARG G 31 30.37 -43.18 48.45
C ARG G 31 29.83 -44.51 49.01
N GLU H 1 -34.44 17.12 30.23
CA GLU H 1 -35.04 16.77 28.96
C GLU H 1 -35.13 15.25 28.83
N PRO H 2 -36.20 14.76 28.20
CA PRO H 2 -36.40 13.33 28.06
C PRO H 2 -35.72 12.78 26.82
N GLY H 3 -35.66 11.45 26.74
CA GLY H 3 -35.06 10.77 25.62
C GLY H 3 -36.02 10.64 24.44
N ILE H 4 -35.58 9.85 23.47
CA ILE H 4 -36.39 9.56 22.29
C ILE H 4 -37.30 8.39 22.61
N VAL H 5 -38.61 8.60 22.44
CA VAL H 5 -39.60 7.56 22.73
C VAL H 5 -39.88 6.78 21.46
N THR H 6 -39.75 5.46 21.53
CA THR H 6 -40.07 4.55 20.46
C THR H 6 -41.01 3.48 20.97
N PRO H 7 -41.84 2.90 20.11
CA PRO H 7 -42.69 1.78 20.55
C PRO H 7 -41.92 0.60 21.10
N LEU H 8 -40.84 0.20 20.44
CA LEU H 8 -40.02 -0.88 20.95
C LEU H 8 -39.34 -0.50 22.26
N GLY H 9 -38.92 0.77 22.39
CA GLY H 9 -38.34 1.21 23.64
C GLY H 9 -39.33 1.19 24.79
N THR H 10 -40.58 1.55 24.51
CA THR H 10 -41.63 1.43 25.52
C THR H 10 -41.87 -0.03 25.89
N LEU H 11 -41.84 -0.92 24.89
CA LEU H 11 -42.02 -2.35 25.15
C LEU H 11 -40.89 -2.89 26.03
N LEU H 12 -39.66 -2.46 25.78
CA LEU H 12 -38.50 -2.97 26.50
C LEU H 12 -38.20 -2.19 27.77
N ARG H 13 -38.92 -1.10 28.04
CA ARG H 13 -38.63 -0.25 29.19
C ARG H 13 -38.70 -0.97 30.55
N PRO H 14 -39.68 -1.84 30.85
CA PRO H 14 -39.65 -2.51 32.16
C PRO H 14 -38.45 -3.41 32.38
N LEU H 15 -37.79 -3.88 31.31
CA LEU H 15 -36.63 -4.74 31.47
C LEU H 15 -35.36 -3.98 31.82
N ASN H 16 -35.39 -2.64 31.77
CA ASN H 16 -34.23 -1.82 32.12
C ASN H 16 -34.60 -0.75 33.13
N SER H 17 -35.61 -1.01 33.95
CA SER H 17 -36.14 -0.02 34.87
C SER H 17 -35.76 -0.26 36.33
N GLU H 18 -35.03 -1.32 36.62
CA GLU H 18 -34.70 -1.68 37.99
C GLU H 18 -33.19 -1.71 38.23
N ALA H 19 -32.49 -0.72 37.68
CA ALA H 19 -31.05 -0.61 37.91
C ALA H 19 -30.77 -0.16 39.34
N GLY H 20 -29.84 -0.84 40.00
CA GLY H 20 -29.48 -0.52 41.36
C GLY H 20 -30.35 -1.14 42.42
N LYS H 21 -31.26 -2.03 42.05
CA LYS H 21 -32.13 -2.70 43.01
C LYS H 21 -31.45 -3.96 43.52
N VAL H 22 -31.18 -4.00 44.82
CA VAL H 22 -30.41 -5.09 45.40
C VAL H 22 -31.16 -5.65 46.61
N LEU H 23 -30.76 -6.87 47.00
CA LEU H 23 -31.27 -7.50 48.21
C LEU H 23 -30.40 -7.11 49.40
N PRO H 24 -31.00 -6.91 50.57
CA PRO H 24 -30.20 -6.69 51.78
C PRO H 24 -29.46 -7.95 52.19
N GLY H 25 -28.32 -7.75 52.85
CA GLY H 25 -27.54 -8.87 53.33
C GLY H 25 -26.74 -9.54 52.24
N TRP H 26 -26.56 -10.85 52.38
CA TRP H 26 -25.78 -11.62 51.43
C TRP H 26 -26.63 -12.33 50.37
N GLY H 27 -27.95 -12.36 50.56
CA GLY H 27 -28.83 -12.94 49.55
C GLY H 27 -28.56 -14.41 49.32
N THR H 28 -28.39 -14.79 48.06
CA THR H 28 -28.16 -16.17 47.64
C THR H 28 -26.69 -16.48 47.43
N THR H 29 -25.80 -15.80 48.16
CA THR H 29 -24.37 -15.98 47.97
C THR H 29 -23.91 -17.38 48.39
N VAL H 30 -24.52 -17.94 49.44
CA VAL H 30 -24.15 -19.30 49.85
C VAL H 30 -24.54 -20.31 48.78
N LEU H 31 -25.75 -20.16 48.21
CA LEU H 31 -26.16 -21.05 47.13
C LEU H 31 -25.28 -20.88 45.90
N MET H 32 -24.88 -19.64 45.62
CA MET H 32 -23.96 -19.39 44.51
C MET H 32 -22.62 -20.06 44.75
N ALA H 33 -22.12 -20.01 45.98
CA ALA H 33 -20.86 -20.68 46.30
C ALA H 33 -20.98 -22.19 46.16
N VAL H 34 -22.11 -22.75 46.56
CA VAL H 34 -22.34 -24.18 46.38
C VAL H 34 -22.34 -24.54 44.89
N ALA H 35 -23.02 -23.73 44.07
CA ALA H 35 -23.03 -23.97 42.63
C ALA H 35 -21.63 -23.83 42.04
N ILE H 36 -20.86 -22.87 42.51
CA ILE H 36 -19.50 -22.66 42.02
C ILE H 36 -18.61 -23.84 42.36
N LEU H 37 -18.70 -24.36 43.60
CA LEU H 37 -17.87 -25.48 43.98
C LEU H 37 -18.28 -26.75 43.24
N LEU H 38 -19.58 -26.93 43.00
CA LEU H 38 -20.04 -28.06 42.19
C LEU H 38 -19.52 -27.96 40.76
N PHE H 39 -19.54 -26.75 40.19
CA PHE H 39 -19.01 -26.55 38.85
C PHE H 39 -17.51 -26.79 38.80
N ALA H 40 -16.79 -26.40 39.85
CA ALA H 40 -15.36 -26.67 39.93
C ALA H 40 -15.09 -28.17 39.98
N VAL H 41 -15.89 -28.91 40.75
CA VAL H 41 -15.74 -30.36 40.82
C VAL H 41 -16.03 -30.98 39.47
N PHE H 42 -17.07 -30.50 38.77
CA PHE H 42 -17.40 -31.02 37.45
C PHE H 42 -16.28 -30.76 36.44
N LEU H 43 -15.73 -29.54 36.45
CA LEU H 43 -14.63 -29.21 35.54
C LEU H 43 -13.40 -30.04 35.86
N LEU H 44 -13.16 -30.30 37.15
CA LEU H 44 -12.04 -31.17 37.53
C LEU H 44 -12.27 -32.59 37.04
N ILE H 45 -13.52 -33.08 37.09
CA ILE H 45 -13.85 -34.40 36.58
C ILE H 45 -13.53 -34.50 35.10
N ILE H 46 -14.02 -33.55 34.31
CA ILE H 46 -13.82 -33.65 32.87
C ILE H 46 -12.35 -33.41 32.50
N LEU H 47 -11.65 -32.55 33.25
CA LEU H 47 -10.22 -32.36 33.03
C LEU H 47 -9.45 -33.64 33.31
N GLU H 48 -9.80 -34.35 34.38
CA GLU H 48 -9.09 -35.57 34.72
C GLU H 48 -9.45 -36.71 33.78
N ILE H 49 -10.66 -36.71 33.23
CA ILE H 49 -11.00 -37.69 32.20
C ILE H 49 -10.18 -37.45 30.95
N TYR H 50 -10.11 -36.20 30.50
CA TYR H 50 -9.41 -35.88 29.26
C TYR H 50 -7.89 -35.84 29.44
N ASN H 51 -7.42 -35.83 30.68
CA ASN H 51 -6.01 -35.97 31.03
C ASN H 51 -5.62 -37.42 31.28
N SER H 52 -6.60 -38.34 31.28
CA SER H 52 -6.44 -39.74 31.63
C SER H 52 -5.97 -39.93 33.08
N SER H 53 -6.17 -38.93 33.92
CA SER H 53 -6.00 -39.10 35.36
C SER H 53 -7.24 -39.70 36.01
N LEU H 54 -8.36 -39.71 35.31
CA LEU H 54 -9.59 -40.36 35.76
C LEU H 54 -9.99 -41.37 34.70
N ILE H 55 -10.04 -42.64 35.10
CA ILE H 55 -10.34 -43.74 34.19
C ILE H 55 -11.70 -44.30 34.54
N LEU H 56 -12.59 -44.35 33.56
CA LEU H 56 -13.95 -44.85 33.75
C LEU H 56 -14.14 -46.08 32.86
N ASP H 57 -15.31 -46.72 33.02
CA ASP H 57 -15.55 -48.02 32.39
C ASP H 57 -15.71 -47.87 30.88
N GLY H 58 -16.70 -47.11 30.45
CA GLY H 58 -16.99 -46.98 29.03
C GLY H 58 -16.33 -45.81 28.34
N VAL H 59 -15.41 -45.12 29.01
CA VAL H 59 -14.79 -43.91 28.46
C VAL H 59 -13.42 -44.33 27.94
N THR H 60 -13.30 -44.45 26.62
CA THR H 60 -12.05 -44.89 26.01
C THR H 60 -11.00 -43.78 26.00
N ASN H 61 -11.42 -42.53 25.85
CA ASN H 61 -10.53 -41.36 25.84
C ASN H 61 -9.48 -41.48 24.73
N SER H 62 -9.92 -41.85 23.54
CA SER H 62 -9.04 -41.95 22.39
C SER H 62 -9.90 -41.88 21.13
N TRP H 63 -9.21 -41.79 19.99
CA TRP H 63 -9.90 -41.75 18.70
C TRP H 63 -10.74 -42.98 18.44
N GLU H 64 -10.46 -44.10 19.11
CA GLU H 64 -11.28 -45.29 18.97
C GLU H 64 -12.69 -45.10 19.51
N SER H 65 -12.92 -44.05 20.31
CA SER H 65 -14.28 -43.68 20.68
C SER H 65 -15.12 -43.29 19.47
N LEU H 66 -14.48 -42.91 18.37
CA LEU H 66 -15.21 -42.68 17.12
C LEU H 66 -15.79 -43.96 16.54
N ALA H 67 -15.27 -45.12 16.95
CA ALA H 67 -15.77 -46.40 16.43
C ALA H 67 -17.15 -46.72 16.97
N MET I 1 48.81 4.43 -1.42
CA MET I 1 48.49 4.07 -0.04
C MET I 1 49.26 4.93 0.95
N LEU I 2 50.49 5.31 0.57
CA LEU I 2 51.30 6.15 1.44
C LEU I 2 50.71 7.54 1.58
N THR I 3 50.09 8.06 0.51
CA THR I 3 49.38 9.34 0.61
C THR I 3 48.22 9.24 1.60
N LEU I 4 47.48 8.13 1.55
CA LEU I 4 46.40 7.91 2.48
C LEU I 4 46.91 7.83 3.92
N LYS I 5 48.04 7.15 4.12
CA LYS I 5 48.62 7.05 5.45
C LYS I 5 49.07 8.40 5.96
N ILE I 6 49.67 9.22 5.09
CA ILE I 6 50.10 10.56 5.48
C ILE I 6 48.90 11.41 5.88
N PHE I 7 47.83 11.34 5.09
CA PHE I 7 46.63 12.12 5.40
C PHE I 7 46.00 11.67 6.71
N VAL I 8 45.91 10.35 6.93
CA VAL I 8 45.30 9.84 8.15
C VAL I 8 46.16 10.20 9.36
N TYR I 9 47.48 10.11 9.21
CA TYR I 9 48.37 10.51 10.30
C TYR I 9 48.21 11.98 10.64
N THR I 10 48.08 12.83 9.61
CA THR I 10 47.86 14.26 9.85
C THR I 10 46.53 14.50 10.56
N VAL I 11 45.48 13.81 10.14
CA VAL I 11 44.16 13.99 10.75
C VAL I 11 44.17 13.54 12.21
N VAL I 12 44.73 12.36 12.48
CA VAL I 12 44.76 11.83 13.83
C VAL I 12 45.61 12.71 14.72
N THR I 13 46.77 13.17 14.22
CA THR I 13 47.63 14.05 15.00
C THR I 13 46.93 15.37 15.29
N PHE I 14 46.18 15.90 14.32
CA PHE I 14 45.45 17.14 14.53
C PHE I 14 44.42 17.00 15.63
N PHE I 15 43.61 15.94 15.58
CA PHE I 15 42.56 15.78 16.58
C PHE I 15 43.14 15.46 17.95
N VAL I 16 44.21 14.66 18.01
CA VAL I 16 44.85 14.36 19.29
C VAL I 16 45.48 15.60 19.88
N GLY I 17 46.14 16.42 19.06
CA GLY I 17 46.68 17.67 19.56
C GLY I 17 45.63 18.62 20.06
N LEU I 18 44.48 18.67 19.37
CA LEU I 18 43.36 19.47 19.85
C LEU I 18 42.91 18.99 21.22
N PHE I 19 42.77 17.67 21.38
CA PHE I 19 42.39 17.08 22.67
C PHE I 19 43.38 17.45 23.77
N ILE I 20 44.68 17.27 23.48
CA ILE I 20 45.72 17.46 24.48
C ILE I 20 45.79 18.91 24.93
N PHE I 21 45.86 19.84 23.97
CA PHE I 21 45.97 21.23 24.35
C PHE I 21 44.64 21.82 24.82
N GLY I 22 43.53 21.19 24.48
CA GLY I 22 42.26 21.58 25.08
C GLY I 22 42.19 21.26 26.56
N PHE I 23 42.66 20.08 26.96
CA PHE I 23 42.75 19.87 28.40
C PHE I 23 43.94 20.58 29.04
N LEU I 24 44.92 21.01 28.25
CA LEU I 24 45.95 21.89 28.79
C LEU I 24 45.48 23.32 28.97
N SER I 25 44.37 23.71 28.33
CA SER I 25 43.91 25.09 28.33
C SER I 25 43.02 25.39 29.55
N ASN I 26 43.62 25.23 30.74
CA ASN I 26 43.01 25.62 32.01
C ASN I 26 41.63 24.99 32.22
N ASP I 27 41.52 23.72 31.83
CA ASP I 27 40.24 23.02 31.91
C ASP I 27 39.62 22.96 33.31
N PRO I 28 40.37 22.73 34.42
CA PRO I 28 39.73 22.79 35.74
C PRO I 28 39.14 24.14 36.12
N SER I 29 39.38 25.18 35.31
CA SER I 29 38.74 26.47 35.54
C SER I 29 37.42 26.64 34.78
N ARG I 30 37.06 25.69 33.90
CA ARG I 30 35.85 25.83 33.09
C ARG I 30 34.75 24.99 33.71
N ASN I 31 34.10 25.56 34.71
CA ASN I 31 32.99 24.92 35.40
C ASN I 31 32.15 26.00 36.05
N PRO I 32 30.85 25.76 36.25
CA PRO I 32 29.99 26.78 36.87
C PRO I 32 30.07 26.84 38.39
N GLY I 33 30.96 26.06 39.01
CA GLY I 33 31.02 26.02 40.46
C GLY I 33 31.63 27.28 41.05
N LYS I 34 31.44 27.42 42.36
CA LYS I 34 32.07 28.50 43.12
C LYS I 34 33.38 27.95 43.67
N GLY I 35 34.49 28.41 43.09
CA GLY I 35 35.81 27.91 43.46
C GLY I 35 36.51 27.19 42.32
N ILE J 1 16.25 -8.05 77.55
CA ILE J 1 16.23 -7.14 76.42
C ILE J 1 17.58 -7.14 75.73
N GLY J 2 18.52 -6.35 76.24
CA GLY J 2 19.86 -6.34 75.68
C GLY J 2 20.90 -6.89 76.64
N ARG J 3 21.37 -8.09 76.36
CA ARG J 3 22.41 -8.72 77.18
C ARG J 3 23.67 -9.03 76.39
N ILE J 4 23.55 -9.72 75.26
CA ILE J 4 24.68 -10.03 74.40
C ILE J 4 24.68 -9.06 73.23
N PRO J 5 25.80 -8.46 72.87
CA PRO J 5 25.80 -7.47 71.78
C PRO J 5 25.39 -8.07 70.44
N LEU J 6 24.60 -7.31 69.69
CA LEU J 6 24.15 -7.76 68.38
C LEU J 6 25.31 -7.91 67.40
N TRP J 7 26.36 -7.10 67.53
CA TRP J 7 27.52 -7.27 66.67
C TRP J 7 28.24 -8.58 66.96
N LEU J 8 28.33 -8.96 68.23
CA LEU J 8 28.93 -10.26 68.57
C LEU J 8 28.06 -11.41 68.07
N VAL J 9 26.74 -11.26 68.19
CA VAL J 9 25.82 -12.28 67.67
C VAL J 9 26.00 -12.44 66.16
N GLY J 10 26.05 -11.31 65.44
CA GLY J 10 26.24 -11.36 64.01
C GLY J 10 27.59 -11.92 63.60
N THR J 11 28.63 -11.63 64.39
CA THR J 11 29.95 -12.17 64.10
C THR J 11 29.97 -13.68 64.26
N VAL J 12 29.36 -14.20 65.33
CA VAL J 12 29.30 -15.64 65.54
C VAL J 12 28.47 -16.30 64.45
N VAL J 13 27.33 -15.70 64.09
CA VAL J 13 26.47 -16.26 63.05
C VAL J 13 27.19 -16.26 61.70
N GLY J 14 27.88 -15.17 61.38
CA GLY J 14 28.64 -15.12 60.13
C GLY J 14 29.78 -16.11 60.11
N LEU J 15 30.43 -16.32 61.25
CA LEU J 15 31.47 -17.34 61.34
C LEU J 15 30.89 -18.74 61.08
N LEU J 16 29.73 -19.03 61.65
CA LEU J 16 29.10 -20.32 61.39
C LEU J 16 28.69 -20.47 59.93
N ALA J 17 28.18 -19.39 59.32
CA ALA J 17 27.80 -19.44 57.92
C ALA J 17 29.01 -19.65 57.01
N ILE J 18 30.10 -18.95 57.29
CA ILE J 18 31.33 -19.11 56.52
C ILE J 18 31.89 -20.52 56.72
N GLY J 19 31.79 -21.06 57.93
CA GLY J 19 32.23 -22.42 58.16
C GLY J 19 31.41 -23.45 57.40
N LEU J 20 30.09 -23.25 57.35
CA LEU J 20 29.24 -24.15 56.56
C LEU J 20 29.55 -24.05 55.08
N LEU J 21 29.80 -22.83 54.59
CA LEU J 21 30.18 -22.67 53.19
C LEU J 21 31.51 -23.34 52.89
N ALA J 22 32.46 -23.24 53.82
CA ALA J 22 33.76 -23.90 53.65
C ALA J 22 33.61 -25.41 53.67
N ILE J 23 32.72 -25.93 54.52
CA ILE J 23 32.45 -27.36 54.56
C ILE J 23 31.82 -27.82 53.24
N PHE J 24 30.90 -27.03 52.70
CA PHE J 24 30.27 -27.38 51.43
C PHE J 24 31.29 -27.35 50.30
N PHE J 25 32.21 -26.39 50.31
CA PHE J 25 33.25 -26.34 49.29
C PHE J 25 34.24 -27.48 49.45
N TYR J 26 34.53 -27.88 50.69
CA TYR J 26 35.37 -29.05 50.92
C TYR J 26 34.70 -30.31 50.40
N GLY J 27 33.39 -30.44 50.59
CA GLY J 27 32.65 -31.58 50.10
C GLY J 27 32.56 -31.67 48.60
N SER J 28 32.90 -30.61 47.88
CA SER J 28 32.97 -30.67 46.43
C SER J 28 34.19 -31.44 45.95
N TYR J 29 35.22 -31.57 46.80
CA TYR J 29 36.44 -32.26 46.43
C TYR J 29 36.56 -33.64 47.05
N VAL J 30 35.61 -34.04 47.89
CA VAL J 30 35.62 -35.34 48.55
C VAL J 30 34.26 -35.98 48.40
N GLY J 31 34.24 -37.31 48.55
CA GLY J 31 32.98 -38.03 48.61
C GLY J 31 32.26 -38.05 47.27
N LEU J 32 30.94 -37.90 47.33
CA LEU J 32 30.11 -37.93 46.14
C LEU J 32 30.26 -36.63 45.35
N GLY J 33 30.18 -36.74 44.02
CA GLY J 33 30.26 -35.59 43.17
C GLY J 33 31.62 -34.92 43.13
N SER J 34 32.68 -35.66 43.42
CA SER J 34 34.03 -35.10 43.51
C SER J 34 34.94 -35.58 42.39
N SER J 35 34.40 -36.32 41.41
CA SER J 35 35.09 -36.82 40.22
C SER J 35 36.17 -37.85 40.54
N LEU J 36 36.32 -38.25 41.80
CA LEU J 36 37.41 -39.14 42.18
C LEU J 36 36.87 -40.39 42.88
N LYS K 1 58.58 -29.07 49.46
CA LYS K 1 58.36 -29.18 50.90
C LYS K 1 59.18 -28.15 51.66
N LEU K 2 58.81 -27.92 52.92
CA LEU K 2 59.62 -27.09 53.80
C LEU K 2 60.91 -27.83 54.15
N PRO K 3 61.92 -27.10 54.63
CA PRO K 3 63.11 -27.78 55.18
C PRO K 3 62.71 -28.68 56.36
N GLU K 4 63.58 -29.66 56.62
CA GLU K 4 63.24 -30.73 57.55
C GLU K 4 62.99 -30.21 58.97
N ALA K 5 63.79 -29.23 59.40
CA ALA K 5 63.58 -28.65 60.73
C ALA K 5 62.26 -27.92 60.82
N TYR K 6 61.77 -27.36 59.71
CA TYR K 6 60.53 -26.61 59.68
C TYR K 6 59.35 -27.46 59.22
N ALA K 7 59.56 -28.76 59.02
CA ALA K 7 58.47 -29.64 58.61
C ALA K 7 57.26 -29.68 59.55
N PRO K 8 57.40 -29.73 60.88
CA PRO K 8 56.20 -29.74 61.74
C PRO K 8 55.48 -28.41 61.84
N PHE K 9 55.80 -27.42 61.02
CA PHE K 9 55.09 -26.15 61.00
C PHE K 9 54.31 -25.93 59.70
N SER K 10 54.32 -26.92 58.80
CA SER K 10 53.45 -26.87 57.63
C SER K 10 51.97 -26.69 57.95
N PRO K 11 51.38 -27.31 58.99
CA PRO K 11 49.98 -26.97 59.31
C PRO K 11 49.75 -25.50 59.63
N ILE K 12 50.71 -24.84 60.28
CA ILE K 12 50.62 -23.40 60.45
C ILE K 12 50.75 -22.70 59.11
N VAL K 13 51.65 -23.19 58.25
CA VAL K 13 51.91 -22.56 56.96
C VAL K 13 50.67 -22.59 56.07
N ASP K 14 49.90 -23.68 56.13
CA ASP K 14 48.75 -23.85 55.25
C ASP K 14 47.58 -22.92 55.56
N VAL K 15 47.59 -22.24 56.70
CA VAL K 15 46.50 -21.35 57.08
C VAL K 15 46.81 -19.89 56.81
N LEU K 16 48.09 -19.52 56.78
CA LEU K 16 48.48 -18.11 56.73
C LEU K 16 47.92 -17.27 55.56
N PRO K 17 47.79 -17.76 54.32
CA PRO K 17 47.33 -16.86 53.24
C PRO K 17 45.94 -16.27 53.42
N ILE K 18 45.05 -16.87 54.22
CA ILE K 18 43.69 -16.34 54.36
C ILE K 18 43.60 -15.14 55.28
N ILE K 19 44.68 -14.79 55.96
CA ILE K 19 44.70 -13.74 56.96
C ILE K 19 44.41 -12.34 56.39
N PRO K 20 44.82 -11.99 55.16
CA PRO K 20 44.29 -10.74 54.57
C PRO K 20 42.76 -10.70 54.43
N VAL K 21 42.14 -11.80 54.01
CA VAL K 21 40.68 -11.85 53.98
C VAL K 21 40.12 -11.70 55.39
N LEU K 22 40.79 -12.32 56.36
CA LEU K 22 40.40 -12.13 57.76
C LEU K 22 40.51 -10.67 58.18
N PHE K 23 41.48 -9.94 57.63
CA PHE K 23 41.63 -8.52 57.98
C PHE K 23 40.51 -7.68 57.41
N ILE K 24 40.15 -7.91 56.14
CA ILE K 24 39.05 -7.13 55.57
C ILE K 24 37.74 -7.49 56.25
N LEU K 25 37.59 -8.71 56.78
CA LEU K 25 36.40 -9.02 57.57
C LEU K 25 36.48 -8.44 58.97
N LEU K 26 37.68 -8.34 59.55
CA LEU K 26 37.85 -7.75 60.87
C LEU K 26 37.52 -6.28 60.87
N ALA K 27 37.74 -5.59 59.75
CA ALA K 27 37.32 -4.20 59.64
C ALA K 27 35.80 -4.07 59.80
N PHE K 28 35.04 -4.98 59.18
CA PHE K 28 33.59 -4.96 59.35
C PHE K 28 33.18 -5.38 60.75
N VAL K 29 33.93 -6.29 61.38
CA VAL K 29 33.65 -6.65 62.77
C VAL K 29 33.81 -5.43 63.67
N TRP K 30 34.89 -4.68 63.50
CA TRP K 30 35.12 -3.48 64.29
C TRP K 30 34.03 -2.43 64.04
N GLN K 31 33.63 -2.26 62.78
CA GLN K 31 32.58 -1.31 62.46
C GLN K 31 31.24 -1.71 63.08
N ALA K 32 30.95 -3.01 63.09
CA ALA K 32 29.74 -3.47 63.76
C ALA K 32 29.84 -3.27 65.27
N SER K 33 31.04 -3.45 65.83
CA SER K 33 31.23 -3.24 67.26
C SER K 33 31.01 -1.79 67.65
N VAL K 34 31.34 -0.85 66.77
CA VAL K 34 31.05 0.55 67.06
C VAL K 34 29.71 0.95 66.44
N SER K 35 28.93 -0.07 66.05
CA SER K 35 27.57 0.10 65.51
C SER K 35 27.56 0.96 64.24
N PHE K 36 28.64 0.90 63.46
CA PHE K 36 28.77 1.63 62.19
C PHE K 36 28.56 3.12 62.37
N ARG K 37 29.15 3.68 63.43
CA ARG K 37 29.02 5.11 63.71
C ARG K 37 29.68 5.96 62.64
N MET L 1 -28.48 12.28 26.89
CA MET L 1 -28.80 13.54 27.53
C MET L 1 -29.68 14.41 26.64
N ALA L 2 -29.05 15.21 25.79
CA ALA L 2 -29.72 16.18 24.95
C ALA L 2 -29.53 15.81 23.48
N ARG L 3 -29.92 16.72 22.59
CA ARG L 3 -29.69 16.50 21.17
C ARG L 3 -28.21 16.30 20.81
N PRO L 4 -27.26 17.11 21.30
CA PRO L 4 -25.85 16.74 21.13
C PRO L 4 -25.47 15.59 22.05
N ASN L 5 -24.51 14.80 21.61
CA ASN L 5 -24.01 13.72 22.45
C ASN L 5 -23.06 14.30 23.50
N PRO L 6 -23.34 14.12 24.79
CA PRO L 6 -22.49 14.75 25.82
C PRO L 6 -21.15 14.08 26.02
N ASN L 7 -20.94 12.90 25.44
CA ASN L 7 -19.73 12.13 25.66
C ASN L 7 -18.65 12.44 24.62
N LYS L 8 -18.67 13.64 24.05
CA LYS L 8 -17.67 14.03 23.07
C LYS L 8 -16.32 14.28 23.75
N GLN L 9 -15.28 13.65 23.20
CA GLN L 9 -13.93 13.82 23.70
C GLN L 9 -12.97 13.99 22.54
N VAL L 10 -11.90 14.75 22.77
CA VAL L 10 -10.97 15.15 21.73
C VAL L 10 -9.70 14.32 21.88
N VAL L 11 -9.34 13.58 20.83
CA VAL L 11 -8.13 12.76 20.87
C VAL L 11 -6.91 13.63 20.59
N GLU L 12 -5.81 13.33 21.28
CA GLU L 12 -4.59 14.12 21.22
C GLU L 12 -3.40 13.20 20.97
N LEU L 13 -2.43 13.71 20.20
CA LEU L 13 -1.21 12.97 19.93
C LEU L 13 -0.08 13.98 19.75
N ASN L 14 0.80 14.10 20.73
CA ASN L 14 1.87 15.08 20.63
C ASN L 14 3.00 14.55 19.76
N ARG L 15 4.00 15.41 19.53
CA ARG L 15 5.08 15.07 18.61
C ARG L 15 5.97 13.96 19.14
N SER L 16 6.18 13.90 20.46
CA SER L 16 6.97 12.81 21.02
C SER L 16 6.28 11.47 20.82
N SER L 17 4.96 11.43 21.00
CA SER L 17 4.22 10.21 20.76
C SER L 17 4.19 9.87 19.26
N LEU L 18 4.16 10.88 18.40
CA LEU L 18 4.28 10.63 16.97
C LEU L 18 5.63 10.00 16.63
N TYR L 19 6.71 10.52 17.21
CA TYR L 19 8.03 9.96 16.97
C TYR L 19 8.14 8.54 17.51
N TRP L 20 7.55 8.29 18.69
CA TRP L 20 7.55 6.94 19.24
C TRP L 20 6.77 5.98 18.36
N GLY L 21 5.61 6.39 17.86
CA GLY L 21 4.84 5.53 17.00
C GLY L 21 5.52 5.25 15.67
N LEU L 22 6.12 6.28 15.07
CA LEU L 22 6.85 6.09 13.83
C LEU L 22 8.05 5.18 14.03
N LEU L 23 8.77 5.36 15.14
CA LEU L 23 9.88 4.48 15.45
C LEU L 23 9.41 3.05 15.66
N LEU L 24 8.29 2.86 16.37
CA LEU L 24 7.76 1.53 16.59
C LEU L 24 7.40 0.86 15.27
N ILE L 25 6.72 1.60 14.38
CA ILE L 25 6.28 1.03 13.12
C ILE L 25 7.47 0.66 12.25
N PHE L 26 8.43 1.59 12.11
CA PHE L 26 9.57 1.32 11.24
C PHE L 26 10.50 0.26 11.82
N VAL L 27 10.66 0.21 13.14
CA VAL L 27 11.50 -0.80 13.75
C VAL L 27 10.84 -2.17 13.65
N LEU L 28 9.53 -2.25 13.82
CA LEU L 28 8.83 -3.51 13.57
C LEU L 28 8.96 -3.95 12.13
N ALA L 29 8.89 -3.00 11.19
CA ALA L 29 9.09 -3.35 9.79
C ALA L 29 10.50 -3.87 9.54
N VAL L 30 11.50 -3.21 10.12
CA VAL L 30 12.89 -3.65 9.97
C VAL L 30 13.06 -5.05 10.54
N LEU L 31 12.51 -5.29 11.72
CA LEU L 31 12.66 -6.58 12.38
C LEU L 31 11.96 -7.70 11.62
N PHE L 32 10.73 -7.45 11.13
CA PHE L 32 9.93 -8.52 10.57
C PHE L 32 10.03 -8.65 9.05
N SER L 33 10.68 -7.71 8.36
CA SER L 33 10.70 -7.77 6.90
C SER L 33 11.51 -8.95 6.40
N SER L 34 12.60 -9.28 7.10
CA SER L 34 13.40 -10.45 6.70
C SER L 34 12.58 -11.72 6.78
N TYR L 35 11.76 -11.85 7.82
CA TYR L 35 10.92 -13.03 7.98
C TYR L 35 9.74 -13.04 7.00
N ILE L 36 9.18 -11.88 6.69
CA ILE L 36 8.07 -11.83 5.74
C ILE L 36 8.55 -12.14 4.34
N PHE L 37 9.69 -11.59 3.93
CA PHE L 37 10.26 -11.93 2.64
C PHE L 37 10.84 -13.34 2.61
N ASN L 38 11.19 -13.88 3.77
CA ASN L 38 11.65 -15.26 3.94
C ASN L 38 12.88 -15.59 3.07
N VAL M 1 6.93 -13.57 0.20
CA VAL M 1 7.54 -13.79 -1.11
C VAL M 1 7.98 -12.40 -1.60
N ASN M 2 8.45 -12.32 -2.85
CA ASN M 2 9.08 -11.09 -3.34
C ASN M 2 8.12 -9.92 -3.40
N ILE M 3 6.84 -10.16 -3.68
CA ILE M 3 5.93 -9.05 -3.95
C ILE M 3 4.78 -9.02 -2.95
N LEU M 4 4.38 -10.18 -2.43
CA LEU M 4 3.35 -10.19 -1.40
C LEU M 4 3.93 -9.69 -0.08
N GLY M 5 5.18 -10.05 0.22
CA GLY M 5 5.88 -9.42 1.31
C GLY M 5 6.09 -7.94 1.08
N LEU M 6 6.28 -7.54 -0.17
CA LEU M 6 6.44 -6.13 -0.49
C LEU M 6 5.17 -5.34 -0.16
N THR M 7 4.01 -5.84 -0.60
CA THR M 7 2.78 -5.11 -0.28
C THR M 7 2.44 -5.19 1.19
N ALA M 8 2.78 -6.30 1.85
CA ALA M 8 2.57 -6.38 3.31
C ALA M 8 3.40 -5.34 4.04
N THR M 9 4.68 -5.21 3.66
CA THR M 9 5.55 -4.23 4.30
C THR M 9 5.08 -2.81 4.01
N ALA M 10 4.69 -2.53 2.76
CA ALA M 10 4.22 -1.20 2.41
C ALA M 10 2.96 -0.82 3.17
N LEU M 11 2.01 -1.75 3.30
CA LEU M 11 0.79 -1.46 4.03
C LEU M 11 1.05 -1.29 5.52
N PHE M 12 1.88 -2.16 6.11
CA PHE M 12 2.22 -2.03 7.52
C PHE M 12 2.97 -0.74 7.80
N ILE M 13 3.71 -0.22 6.81
CA ILE M 13 4.32 1.09 7.00
C ILE M 13 3.26 2.18 6.92
N ILE M 14 2.44 2.16 5.86
CA ILE M 14 1.67 3.35 5.50
C ILE M 14 0.42 3.52 6.36
N ILE M 15 -0.33 2.45 6.59
CA ILE M 15 -1.61 2.59 7.31
C ILE M 15 -1.43 3.08 8.74
N PRO M 16 -0.56 2.49 9.56
CA PRO M 16 -0.31 3.09 10.89
C PRO M 16 0.35 4.45 10.82
N THR M 17 1.21 4.70 9.83
CA THR M 17 1.75 6.04 9.64
C THR M 17 0.64 7.03 9.31
N SER M 18 -0.32 6.61 8.49
CA SER M 18 -1.46 7.47 8.18
C SER M 18 -2.26 7.79 9.43
N PHE M 19 -2.51 6.78 10.27
CA PHE M 19 -3.24 6.97 11.51
C PHE M 19 -2.52 7.95 12.44
N LEU M 20 -1.22 7.74 12.60
CA LEU M 20 -0.41 8.60 13.48
C LEU M 20 -0.35 10.02 12.94
N LEU M 21 -0.19 10.18 11.63
CA LEU M 21 -0.14 11.52 11.04
C LEU M 21 -1.46 12.23 11.16
N ILE M 22 -2.58 11.52 11.01
CA ILE M 22 -3.89 12.13 11.22
C ILE M 22 -3.99 12.69 12.63
N LEU M 23 -3.66 11.86 13.63
CA LEU M 23 -3.80 12.30 15.00
C LEU M 23 -2.84 13.44 15.33
N TYR M 24 -1.59 13.35 14.85
CA TYR M 24 -0.61 14.38 15.15
C TYR M 24 -0.98 15.71 14.51
N VAL M 25 -1.39 15.70 13.24
CA VAL M 25 -1.69 16.95 12.56
C VAL M 25 -2.92 17.60 13.17
N LYS M 26 -3.91 16.79 13.55
CA LYS M 26 -5.06 17.31 14.28
C LYS M 26 -4.64 17.95 15.59
N THR M 27 -3.76 17.30 16.34
CA THR M 27 -3.29 17.84 17.62
C THR M 27 -2.51 19.12 17.43
N ALA M 28 -1.57 19.14 16.49
CA ALA M 28 -0.70 20.29 16.28
C ALA M 28 -1.49 21.48 15.76
N ALA M 29 -2.54 21.25 14.98
CA ALA M 29 -3.43 22.34 14.62
C ALA M 29 -4.26 22.80 15.82
N SER M 30 -4.60 21.88 16.73
CA SER M 30 -5.37 22.26 17.91
C SER M 30 -4.58 23.20 18.82
N GLU M 31 -3.30 22.90 19.06
CA GLU M 31 -2.50 23.67 20.00
C GLU M 31 -1.94 24.95 19.38
N LEU N 1 67.50 -10.29 -4.62
CA LEU N 1 68.52 -10.64 -3.63
C LEU N 1 69.19 -11.95 -3.98
N THR N 2 70.48 -12.05 -3.69
CA THR N 2 71.18 -13.30 -3.94
C THR N 2 70.93 -14.29 -2.80
N TYR N 3 71.15 -15.57 -3.10
CA TYR N 3 70.91 -16.61 -2.11
C TYR N 3 71.86 -16.48 -0.92
N ASP N 4 73.11 -16.10 -1.17
CA ASP N 4 74.08 -15.93 -0.10
C ASP N 4 73.67 -14.80 0.84
N GLU N 5 73.21 -13.67 0.29
CA GLU N 5 72.74 -12.58 1.11
C GLU N 5 71.46 -12.92 1.86
N LEU N 6 70.57 -13.70 1.22
CA LEU N 6 69.36 -14.16 1.89
C LEU N 6 69.70 -15.04 3.09
N GLN N 7 70.66 -15.95 2.92
CA GLN N 7 71.10 -16.76 4.07
C GLN N 7 71.81 -15.92 5.12
N GLY N 8 72.53 -14.87 4.69
CA GLY N 8 73.15 -13.98 5.65
C GLY N 8 72.15 -13.20 6.48
N LEU N 9 71.01 -12.86 5.91
CA LEU N 9 69.96 -12.20 6.67
C LEU N 9 69.34 -13.17 7.67
N THR N 10 68.88 -12.62 8.80
CA THR N 10 68.24 -13.41 9.83
C THR N 10 66.72 -13.33 9.72
N TYR N 11 66.05 -14.23 10.45
CA TYR N 11 64.60 -14.31 10.40
C TYR N 11 63.96 -13.03 10.93
N LEU N 12 64.57 -12.41 11.94
CA LEU N 12 64.05 -11.16 12.47
C LEU N 12 64.19 -10.03 11.45
N GLN N 13 65.24 -10.07 10.62
CA GLN N 13 65.41 -9.05 9.59
C GLN N 13 64.46 -9.26 8.42
N VAL N 14 64.19 -10.52 8.06
CA VAL N 14 63.31 -10.79 6.93
C VAL N 14 61.84 -10.70 7.31
N LYS N 15 61.49 -10.92 8.57
CA LYS N 15 60.10 -11.04 8.98
C LYS N 15 59.32 -9.76 8.72
N GLY N 16 58.23 -9.88 7.96
CA GLY N 16 57.37 -8.77 7.63
C GLY N 16 57.78 -7.96 6.42
N THR N 17 58.92 -8.28 5.80
CA THR N 17 59.41 -7.51 4.67
C THR N 17 58.89 -8.00 3.33
N GLY N 18 58.48 -9.27 3.23
CA GLY N 18 58.04 -9.85 1.99
C GLY N 18 59.11 -10.61 1.24
N ILE N 19 60.38 -10.45 1.63
CA ILE N 19 61.50 -11.10 0.94
C ILE N 19 61.37 -12.62 1.02
N ALA N 20 60.71 -13.13 2.07
CA ALA N 20 60.51 -14.56 2.21
C ALA N 20 59.65 -15.16 1.10
N ASN N 21 58.90 -14.33 0.37
CA ASN N 21 58.12 -14.79 -0.76
C ASN N 21 58.84 -14.62 -2.08
N THR N 22 60.09 -14.15 -2.06
CA THR N 22 60.84 -13.80 -3.26
C THR N 22 61.87 -14.88 -3.57
N CYS N 23 62.03 -15.17 -4.86
CA CYS N 23 63.10 -16.04 -5.31
C CYS N 23 64.46 -15.35 -5.16
N PRO N 24 65.52 -16.12 -4.92
CA PRO N 24 66.87 -15.55 -5.02
C PRO N 24 67.16 -15.10 -6.45
N VAL N 25 67.85 -13.97 -6.56
CA VAL N 25 68.21 -13.40 -7.86
C VAL N 25 69.73 -13.40 -7.96
N VAL N 26 70.25 -14.16 -8.91
CA VAL N 26 71.69 -14.23 -9.11
C VAL N 26 72.16 -12.99 -9.84
N GLU N 27 73.21 -12.36 -9.33
CA GLU N 27 73.73 -11.12 -9.89
C GLU N 27 75.02 -11.30 -10.68
N GLN N 28 75.75 -12.38 -10.43
CA GLN N 28 76.99 -12.65 -11.14
C GLN N 28 76.71 -13.55 -12.34
N GLY N 29 77.77 -13.91 -13.06
CA GLY N 29 77.64 -14.80 -14.19
C GLY N 29 77.15 -14.10 -15.45
N THR N 30 76.91 -14.92 -16.46
CA THR N 30 76.55 -14.43 -17.79
C THR N 30 75.27 -15.11 -18.25
N SER N 31 74.67 -14.54 -19.30
CA SER N 31 73.50 -15.09 -19.96
C SER N 31 73.87 -16.05 -21.09
N ASN N 32 75.07 -16.65 -21.03
CA ASN N 32 75.51 -17.53 -22.10
C ASN N 32 74.67 -18.81 -22.16
N VAL N 33 74.23 -19.31 -21.00
CA VAL N 33 73.26 -20.40 -20.87
C VAL N 33 73.84 -21.72 -21.37
N ARG N 34 74.40 -21.74 -22.57
CA ARG N 34 75.14 -22.90 -23.06
C ARG N 34 76.49 -23.07 -22.35
N GLU N 35 76.91 -22.08 -21.56
CA GLU N 35 78.13 -22.22 -20.75
C GLU N 35 77.96 -23.32 -19.71
N LEU N 36 76.73 -23.59 -19.29
CA LEU N 36 76.47 -24.58 -18.26
C LEU N 36 76.89 -25.97 -18.70
N LYS N 37 77.57 -26.68 -17.80
CA LYS N 37 78.15 -27.98 -18.15
C LYS N 37 77.07 -29.04 -18.25
N PRO N 38 76.98 -29.77 -19.36
CA PRO N 38 76.00 -30.86 -19.45
C PRO N 38 76.31 -31.98 -18.48
N GLY N 39 75.26 -32.59 -17.96
CA GLY N 39 75.44 -33.68 -17.01
C GLY N 39 74.10 -34.15 -16.48
N ASP N 40 74.14 -34.78 -15.31
CA ASP N 40 72.95 -35.24 -14.61
C ASP N 40 73.00 -34.65 -13.20
N TYR N 41 72.35 -33.51 -13.01
CA TYR N 41 72.34 -32.81 -11.74
C TYR N 41 71.07 -33.15 -10.97
N LYS N 42 71.14 -32.96 -9.65
CA LYS N 42 69.98 -33.07 -8.78
C LYS N 42 69.49 -31.66 -8.48
N LEU N 43 68.34 -31.30 -9.03
CA LEU N 43 67.76 -29.98 -8.78
C LEU N 43 67.36 -29.86 -7.31
N GLU N 44 67.75 -28.75 -6.68
CA GLU N 44 67.42 -28.52 -5.29
C GLU N 44 67.34 -27.01 -5.06
N LYS N 45 66.53 -26.64 -4.07
CA LYS N 45 66.17 -25.24 -3.81
C LYS N 45 65.51 -24.59 -5.02
N PHE N 46 64.71 -25.38 -5.74
CA PHE N 46 63.88 -24.82 -6.80
C PHE N 46 62.85 -23.87 -6.19
N CYS N 47 62.74 -22.68 -6.76
CA CYS N 47 61.84 -21.64 -6.27
C CYS N 47 61.19 -20.96 -7.46
N MET N 48 59.91 -20.61 -7.31
CA MET N 48 59.16 -19.91 -8.36
C MET N 48 58.41 -18.73 -7.74
N GLU N 49 58.56 -17.57 -8.34
CA GLU N 49 57.90 -16.34 -7.87
C GLU N 49 57.08 -15.73 -8.99
N PRO N 50 55.75 -15.71 -8.87
CA PRO N 50 54.93 -15.05 -9.89
C PRO N 50 55.19 -13.56 -9.93
N THR N 51 55.03 -12.98 -11.12
CA THR N 51 55.07 -11.55 -11.31
C THR N 51 53.77 -10.99 -11.88
N SER N 52 52.86 -11.86 -12.32
CA SER N 52 51.59 -11.43 -12.89
C SER N 52 50.62 -12.61 -12.87
N PHE N 53 49.35 -12.32 -12.59
CA PHE N 53 48.27 -13.27 -12.73
C PHE N 53 47.26 -12.70 -13.72
N THR N 54 46.92 -13.48 -14.74
CA THR N 54 45.90 -13.10 -15.70
C THR N 54 44.96 -14.27 -15.90
N VAL N 55 43.69 -13.95 -16.13
CA VAL N 55 42.63 -14.96 -16.19
C VAL N 55 41.93 -14.84 -17.54
N LYS N 56 41.70 -15.98 -18.20
CA LYS N 56 41.07 -15.97 -19.50
C LYS N 56 39.59 -15.63 -19.38
N GLU N 57 39.19 -14.54 -20.02
CA GLU N 57 37.82 -14.06 -19.97
C GLU N 57 37.34 -13.71 -21.38
N GLU N 58 36.05 -13.88 -21.60
CA GLU N 58 35.41 -13.58 -22.87
C GLU N 58 34.54 -12.34 -22.72
N ASP N 59 34.66 -11.41 -23.68
CA ASP N 59 33.85 -10.20 -23.66
C ASP N 59 32.42 -10.52 -24.08
N ALA N 60 31.55 -9.53 -23.89
CA ALA N 60 30.19 -9.63 -24.39
C ALA N 60 30.15 -9.61 -25.91
N LYS N 61 31.06 -8.85 -26.53
CA LYS N 61 31.15 -8.79 -27.97
C LYS N 61 31.73 -10.05 -28.58
N GLY N 62 32.25 -10.97 -27.78
CA GLY N 62 32.77 -12.23 -28.26
C GLY N 62 34.28 -12.39 -28.17
N ARG N 63 35.02 -11.34 -27.81
CA ARG N 63 36.47 -11.42 -27.76
C ARG N 63 36.92 -12.12 -26.49
N GLU N 64 37.80 -13.10 -26.64
CA GLU N 64 38.36 -13.85 -25.52
C GLU N 64 39.85 -13.50 -25.39
N GLU N 65 40.26 -13.12 -24.19
CA GLU N 65 41.62 -12.68 -23.94
C GLU N 65 42.00 -13.08 -22.52
N PHE N 66 43.16 -12.63 -22.07
CA PHE N 66 43.60 -12.80 -20.69
C PHE N 66 43.58 -11.43 -20.02
N VAL N 67 42.75 -11.28 -19.00
CA VAL N 67 42.56 -10.00 -18.34
C VAL N 67 43.33 -9.98 -17.02
N LYS N 68 43.71 -8.78 -16.62
CA LYS N 68 44.46 -8.53 -15.40
C LYS N 68 43.54 -8.64 -14.19
N THR N 69 44.10 -9.11 -13.07
CA THR N 69 43.34 -9.35 -11.86
C THR N 69 43.95 -8.53 -10.73
N LYS N 70 43.33 -8.62 -9.56
CA LYS N 70 43.95 -8.10 -8.35
C LYS N 70 44.11 -9.22 -7.33
N LEU N 71 45.33 -9.41 -6.85
CA LEU N 71 45.60 -10.47 -5.89
C LEU N 71 44.93 -10.18 -4.56
N LEU N 72 44.32 -11.21 -3.97
CA LEU N 72 43.56 -11.06 -2.74
C LEU N 72 44.20 -11.71 -1.53
N THR N 73 44.97 -12.78 -1.72
CA THR N 73 45.48 -13.58 -0.61
C THR N 73 46.88 -13.19 -0.19
N ARG N 74 47.37 -12.03 -0.63
CA ARG N 74 48.62 -11.43 -0.18
C ARG N 74 49.82 -12.31 -0.49
N LEU N 75 50.96 -12.06 0.17
CA LEU N 75 52.21 -12.71 -0.17
C LEU N 75 52.23 -14.16 0.34
N THR N 76 51.39 -14.97 -0.28
CA THR N 76 51.33 -16.40 0.03
C THR N 76 51.45 -17.26 -1.21
N TYR N 77 51.83 -16.69 -2.35
CA TYR N 77 51.75 -17.37 -3.64
C TYR N 77 53.09 -17.93 -4.10
N GLY N 78 54.12 -17.86 -3.26
CA GLY N 78 55.44 -18.29 -3.66
C GLY N 78 55.61 -19.80 -3.53
N LEU N 79 56.23 -20.39 -4.55
CA LEU N 79 56.69 -21.77 -4.51
C LEU N 79 58.20 -21.76 -4.33
N ASP N 80 58.70 -22.54 -3.37
CA ASP N 80 60.12 -22.52 -3.06
C ASP N 80 60.51 -23.83 -2.40
N GLY N 81 61.82 -24.05 -2.34
CA GLY N 81 62.38 -25.20 -1.65
C GLY N 81 62.00 -26.54 -2.24
N MET N 82 61.94 -26.63 -3.57
CA MET N 82 61.59 -27.87 -4.23
C MET N 82 62.85 -28.61 -4.68
N ASN N 83 62.71 -29.92 -4.88
CA ASN N 83 63.82 -30.78 -5.24
C ASN N 83 63.45 -31.61 -6.46
N GLY N 84 64.45 -31.93 -7.26
CA GLY N 84 64.21 -32.72 -8.45
C GLY N 84 65.51 -33.13 -9.10
N SER N 85 65.40 -33.57 -10.35
CA SER N 85 66.56 -33.97 -11.14
C SER N 85 66.50 -33.29 -12.50
N MET N 86 67.66 -32.82 -12.96
CA MET N 86 67.76 -32.17 -14.26
C MET N 86 68.86 -32.83 -15.06
N LYS N 87 68.54 -33.33 -16.25
CA LYS N 87 69.49 -33.96 -17.15
C LYS N 87 69.77 -33.01 -18.30
N ILE N 88 70.94 -32.39 -18.28
CA ILE N 88 71.36 -31.43 -19.30
C ILE N 88 72.22 -32.18 -20.31
N ASN N 89 71.87 -32.06 -21.58
CA ASN N 89 72.53 -32.81 -22.63
C ASN N 89 73.56 -31.95 -23.35
N ASN N 90 74.47 -32.63 -24.06
CA ASN N 90 75.57 -31.95 -24.72
C ASN N 90 75.10 -31.05 -25.86
N ASP N 91 74.09 -31.49 -26.62
CA ASP N 91 73.56 -30.69 -27.71
C ASP N 91 72.80 -29.46 -27.22
N GLY N 92 72.47 -29.39 -25.94
CA GLY N 92 71.71 -28.30 -25.38
C GLY N 92 70.28 -28.64 -25.00
N SER N 93 69.95 -29.91 -24.78
CA SER N 93 68.61 -30.34 -24.41
C SER N 93 68.54 -30.67 -22.93
N VAL N 94 67.35 -30.50 -22.35
CA VAL N 94 67.15 -30.69 -20.92
C VAL N 94 65.92 -31.54 -20.67
N GLU N 95 66.02 -32.40 -19.65
CA GLU N 95 64.90 -33.09 -19.04
C GLU N 95 64.78 -32.58 -17.61
N PHE N 96 63.56 -32.19 -17.23
CA PHE N 96 63.31 -31.46 -16.00
C PHE N 96 62.20 -32.15 -15.23
N ARG N 97 62.47 -32.50 -13.98
CA ARG N 97 61.46 -33.12 -13.12
C ARG N 97 61.45 -32.42 -11.77
N GLU N 98 60.25 -32.10 -11.29
CA GLU N 98 60.06 -31.61 -9.93
C GLU N 98 59.53 -32.77 -9.09
N ASP N 99 60.29 -33.17 -8.07
CA ASP N 99 59.92 -34.34 -7.29
C ASP N 99 58.97 -33.98 -6.15
N GLU N 100 59.40 -33.09 -5.26
CA GLU N 100 58.61 -32.73 -4.09
C GLU N 100 59.08 -31.40 -3.55
N GLY N 101 58.34 -30.88 -2.58
CA GLY N 101 58.60 -29.62 -1.91
C GLY N 101 57.32 -28.82 -1.77
N LEU N 102 57.49 -27.53 -1.44
CA LEU N 102 56.36 -26.60 -1.40
C LEU N 102 56.00 -26.23 -2.84
N ASP N 103 55.27 -27.12 -3.50
CA ASP N 103 54.94 -26.99 -4.90
C ASP N 103 53.46 -26.70 -5.13
N TYR N 104 52.80 -26.08 -4.15
CA TYR N 104 51.42 -25.68 -4.30
C TYR N 104 51.15 -24.48 -3.39
N ALA N 105 50.33 -23.55 -3.88
CA ALA N 105 49.95 -22.39 -3.10
C ALA N 105 48.53 -22.00 -3.50
N ALA N 106 47.60 -22.10 -2.56
CA ALA N 106 46.24 -21.62 -2.82
C ALA N 106 46.25 -20.10 -2.93
N THR N 107 45.62 -19.58 -3.97
CA THR N 107 45.70 -18.16 -4.30
C THR N 107 44.37 -17.74 -4.90
N THR N 108 43.85 -16.61 -4.44
CA THR N 108 42.60 -16.08 -4.96
C THR N 108 42.87 -14.73 -5.61
N VAL N 109 42.38 -14.56 -6.84
CA VAL N 109 42.47 -13.28 -7.52
C VAL N 109 41.07 -12.77 -7.82
N LYS N 110 40.92 -11.46 -7.81
CA LYS N 110 39.64 -10.82 -8.10
C LYS N 110 39.66 -10.35 -9.55
N LEU N 111 38.66 -10.79 -10.30
CA LEU N 111 38.45 -10.42 -11.68
C LEU N 111 37.83 -9.03 -11.76
N PRO N 112 38.09 -8.26 -12.82
CA PRO N 112 37.42 -6.96 -12.97
C PRO N 112 35.92 -7.17 -13.12
N GLY N 113 35.18 -6.73 -12.12
CA GLY N 113 33.77 -7.06 -12.04
C GLY N 113 33.38 -7.68 -10.72
N GLY N 114 34.37 -8.03 -9.91
CA GLY N 114 34.13 -8.47 -8.55
C GLY N 114 33.96 -9.95 -8.33
N GLU N 115 34.45 -10.79 -9.23
CA GLU N 115 34.33 -12.23 -9.10
C GLU N 115 35.62 -12.79 -8.49
N TYR N 116 35.48 -13.58 -7.43
CA TYR N 116 36.63 -14.25 -6.83
C TYR N 116 36.97 -15.49 -7.64
N VAL N 117 38.25 -15.65 -7.96
CA VAL N 117 38.76 -16.81 -8.67
C VAL N 117 39.82 -17.47 -7.80
N PRO N 118 39.48 -18.55 -7.10
CA PRO N 118 40.50 -19.32 -6.40
C PRO N 118 41.16 -20.32 -7.31
N PHE N 119 42.45 -20.55 -7.09
CA PHE N 119 43.19 -21.53 -7.86
C PHE N 119 44.40 -21.96 -7.07
N LEU N 120 44.83 -23.20 -7.30
CA LEU N 120 46.01 -23.75 -6.66
C LEU N 120 47.18 -23.56 -7.62
N PHE N 121 47.97 -22.53 -7.39
CA PHE N 121 49.19 -22.33 -8.17
C PHE N 121 50.18 -23.43 -7.82
N THR N 122 50.38 -24.37 -8.75
CA THR N 122 51.15 -25.56 -8.47
C THR N 122 52.07 -25.87 -9.64
N ILE N 123 53.13 -26.61 -9.35
CA ILE N 123 54.09 -27.03 -10.36
C ILE N 123 54.44 -28.51 -10.16
N LYS N 124 53.75 -29.18 -9.24
CA LYS N 124 54.16 -30.51 -8.83
C LYS N 124 54.06 -31.52 -9.96
N GLU N 125 55.01 -32.47 -9.95
CA GLU N 125 55.11 -33.54 -10.96
C GLU N 125 55.31 -32.99 -12.37
N PHE N 126 56.00 -31.85 -12.48
CA PHE N 126 56.22 -31.23 -13.77
C PHE N 126 57.28 -31.99 -14.55
N ASP N 127 56.92 -32.44 -15.74
CA ASP N 127 57.84 -33.17 -16.61
C ASP N 127 58.10 -32.29 -17.83
N GLY N 128 59.18 -31.50 -17.76
CA GLY N 128 59.51 -30.56 -18.80
C GLY N 128 60.63 -31.05 -19.70
N LYS N 129 60.31 -31.24 -20.96
CA LYS N 129 61.31 -31.62 -21.97
C LYS N 129 61.62 -30.41 -22.84
N GLY N 130 62.88 -30.30 -23.27
CA GLY N 130 63.19 -29.27 -24.23
C GLY N 130 64.65 -28.95 -24.37
N THR N 131 64.96 -27.65 -24.39
CA THR N 131 66.33 -27.17 -24.51
C THR N 131 66.62 -26.18 -23.40
N LEU N 132 67.88 -25.74 -23.33
CA LEU N 132 68.26 -24.73 -22.36
C LEU N 132 67.52 -23.42 -22.57
N ASP N 133 67.24 -23.07 -23.83
CA ASP N 133 66.52 -21.83 -24.11
C ASP N 133 65.08 -21.89 -23.60
N SER N 134 64.41 -23.03 -23.78
CA SER N 134 63.04 -23.20 -23.34
C SER N 134 62.71 -24.68 -23.30
N PHE N 135 62.12 -25.14 -22.19
CA PHE N 135 61.61 -26.49 -22.08
C PHE N 135 60.20 -26.45 -21.55
N SER N 136 59.32 -27.21 -22.19
CA SER N 136 57.89 -27.18 -21.88
C SER N 136 57.44 -28.54 -21.38
N GLY N 137 56.34 -28.55 -20.65
CA GLY N 137 55.84 -29.80 -20.12
C GLY N 137 54.54 -29.61 -19.36
N ASP N 138 54.09 -30.71 -18.77
CA ASP N 138 52.84 -30.74 -18.02
C ASP N 138 53.11 -31.03 -16.55
N PHE N 139 52.18 -30.59 -15.72
CA PHE N 139 52.22 -30.83 -14.28
C PHE N 139 50.81 -31.14 -13.80
N LEU N 140 50.73 -31.88 -12.70
CA LEU N 140 49.44 -32.20 -12.11
C LEU N 140 48.90 -31.01 -11.35
N VAL N 141 47.60 -30.76 -11.49
CA VAL N 141 46.91 -29.73 -10.73
C VAL N 141 45.94 -30.44 -9.79
N PRO N 142 46.25 -30.56 -8.51
CA PRO N 142 45.33 -31.22 -7.58
C PRO N 142 44.05 -30.42 -7.39
N SER N 143 43.04 -31.11 -6.88
CA SER N 143 41.78 -30.44 -6.55
C SER N 143 42.02 -29.38 -5.48
N TYR N 144 41.34 -28.25 -5.63
CA TYR N 144 41.52 -27.14 -4.70
C TYR N 144 41.08 -27.52 -3.29
N ARG N 145 39.97 -28.24 -3.16
CA ARG N 145 39.45 -28.67 -1.88
C ARG N 145 39.60 -30.18 -1.75
N GLY N 146 39.93 -30.64 -0.55
CA GLY N 146 39.95 -32.06 -0.29
C GLY N 146 38.55 -32.63 -0.22
N SER N 147 38.48 -33.97 -0.22
CA SER N 147 37.18 -34.63 -0.16
C SER N 147 36.52 -34.48 1.20
N THR N 148 37.28 -34.18 2.25
CA THR N 148 36.69 -33.94 3.55
C THR N 148 36.24 -32.50 3.75
N PHE N 149 36.40 -31.65 2.73
CA PHE N 149 35.87 -30.30 2.81
C PHE N 149 34.36 -30.32 2.85
N LEU N 150 33.78 -29.42 3.64
CA LEU N 150 32.34 -29.34 3.82
C LEU N 150 31.84 -28.01 3.28
N ASP N 151 30.76 -28.05 2.51
CA ASP N 151 30.14 -26.86 1.97
C ASP N 151 29.40 -26.12 3.09
N PRO N 152 28.89 -24.91 2.85
CA PRO N 152 28.14 -24.21 3.91
C PRO N 152 26.91 -24.94 4.43
N LYS N 153 26.40 -25.93 3.71
CA LYS N 153 25.30 -26.76 4.19
C LYS N 153 25.77 -28.14 4.67
N GLY N 154 27.06 -28.31 4.89
CA GLY N 154 27.58 -29.57 5.39
C GLY N 154 27.47 -30.71 4.41
N ARG N 155 27.61 -30.45 3.12
CA ARG N 155 27.70 -31.47 2.09
C ARG N 155 29.13 -31.52 1.60
N GLY N 156 29.66 -32.72 1.43
CA GLY N 156 31.04 -32.88 0.99
C GLY N 156 31.22 -34.15 0.21
N GLY N 157 32.47 -34.63 0.21
CA GLY N 157 32.87 -35.85 -0.46
C GLY N 157 32.97 -36.98 0.54
N ALA N 158 34.18 -37.17 1.07
CA ALA N 158 34.42 -38.16 2.12
C ALA N 158 33.53 -37.95 3.32
N THR N 159 33.12 -36.71 3.59
CA THR N 159 32.17 -36.39 4.65
C THR N 159 30.92 -35.76 4.03
N GLY N 160 30.00 -35.32 4.88
CA GLY N 160 28.87 -34.53 4.44
C GLY N 160 27.55 -35.27 4.59
N TYR N 161 26.48 -34.51 4.38
CA TYR N 161 25.12 -35.02 4.42
C TYR N 161 24.68 -35.67 3.11
N ASP N 162 25.42 -35.44 2.01
CA ASP N 162 25.18 -35.92 0.65
C ASP N 162 23.94 -35.26 0.02
N ASN N 163 23.20 -34.44 0.75
CA ASN N 163 22.04 -33.76 0.22
C ASN N 163 21.75 -32.54 1.07
N ALA N 164 20.89 -31.66 0.57
CA ALA N 164 20.42 -30.52 1.32
C ALA N 164 19.34 -30.98 2.30
N ILE N 165 19.68 -31.03 3.58
CA ILE N 165 18.76 -31.54 4.59
C ILE N 165 17.87 -30.47 5.21
N ALA N 166 18.24 -29.19 5.06
CA ALA N 166 17.35 -28.12 5.49
C ALA N 166 16.09 -28.02 4.63
N LEU N 167 16.06 -28.74 3.51
CA LEU N 167 14.94 -28.77 2.59
C LEU N 167 14.50 -30.24 2.48
N PRO N 168 13.60 -30.70 3.35
CA PRO N 168 13.27 -32.13 3.39
C PRO N 168 12.44 -32.61 2.21
N ALA N 169 12.02 -31.73 1.30
CA ALA N 169 11.27 -32.16 0.14
C ALA N 169 11.74 -31.44 -1.13
N LYS N 170 13.00 -31.03 -1.16
CA LYS N 170 13.53 -30.27 -2.29
C LYS N 170 14.81 -30.89 -2.83
N ALA N 171 15.56 -31.59 -1.98
CA ALA N 171 16.85 -32.15 -2.40
C ALA N 171 16.62 -33.28 -3.39
N ASP N 172 16.61 -32.94 -4.68
CA ASP N 172 16.16 -33.84 -5.73
C ASP N 172 17.18 -33.94 -6.87
N ALA N 173 16.78 -34.56 -7.97
CA ALA N 173 17.67 -34.80 -9.11
C ALA N 173 17.97 -33.56 -9.93
N ASP N 174 17.27 -32.45 -9.70
CA ASP N 174 17.52 -31.23 -10.45
C ASP N 174 18.69 -30.42 -9.91
N GLU N 175 19.28 -30.85 -8.80
CA GLU N 175 20.49 -30.25 -8.25
C GLU N 175 21.49 -31.34 -7.92
N ILE N 176 21.60 -32.33 -8.81
CA ILE N 176 22.56 -33.43 -8.69
C ILE N 176 23.99 -32.91 -8.76
N GLN N 177 24.22 -31.80 -9.47
CA GLN N 177 25.56 -31.23 -9.56
C GLN N 177 26.03 -30.68 -8.22
N ARG N 178 25.10 -30.24 -7.38
CA ARG N 178 25.45 -29.60 -6.11
C ARG N 178 25.58 -30.61 -4.98
N LEU N 179 24.65 -31.54 -4.85
CA LEU N 179 24.57 -32.38 -3.66
C LEU N 179 24.75 -33.86 -3.93
N ASN N 180 24.05 -34.43 -4.92
CA ASN N 180 24.11 -35.88 -5.12
C ASN N 180 25.49 -36.35 -5.56
N ASN N 181 26.24 -35.48 -6.24
CA ASN N 181 27.61 -35.80 -6.63
C ASN N 181 28.54 -34.67 -6.22
N LYS N 182 29.70 -35.04 -5.70
CA LYS N 182 30.80 -34.11 -5.44
C LYS N 182 32.03 -34.65 -6.13
N SER N 183 32.65 -33.83 -6.99
CA SER N 183 33.74 -34.28 -7.84
C SER N 183 35.05 -33.61 -7.42
N TYR N 184 36.10 -34.41 -7.32
CA TYR N 184 37.43 -33.94 -6.96
C TYR N 184 38.47 -34.48 -7.92
N THR N 185 38.12 -34.52 -9.20
CA THR N 185 39.01 -35.05 -10.22
C THR N 185 40.22 -34.12 -10.39
N PRO N 186 41.45 -34.64 -10.34
CA PRO N 186 42.62 -33.80 -10.61
C PRO N 186 42.69 -33.38 -12.07
N GLY N 187 43.34 -32.25 -12.31
CA GLY N 187 43.52 -31.71 -13.62
C GLY N 187 44.98 -31.65 -14.05
N LYS N 188 45.21 -31.04 -15.21
CA LYS N 188 46.54 -30.89 -15.77
C LYS N 188 46.81 -29.42 -16.05
N GLY N 189 48.08 -29.07 -16.06
CA GLY N 189 48.49 -27.71 -16.40
C GLY N 189 49.76 -27.74 -17.23
N SER N 190 49.95 -26.68 -18.00
CA SER N 190 51.09 -26.58 -18.92
C SER N 190 52.06 -25.52 -18.44
N ALA N 191 53.35 -25.75 -18.64
CA ALA N 191 54.35 -24.78 -18.22
C ALA N 191 55.54 -24.81 -19.16
N VAL N 192 56.03 -23.61 -19.51
CA VAL N 192 57.22 -23.43 -20.33
C VAL N 192 58.22 -22.62 -19.51
N PHE N 193 59.43 -23.16 -19.37
CA PHE N 193 60.48 -22.51 -18.61
C PHE N 193 61.61 -22.09 -19.55
N SER N 194 62.20 -20.94 -19.26
CA SER N 194 63.34 -20.44 -20.01
C SER N 194 64.47 -20.16 -19.04
N VAL N 195 65.70 -20.49 -19.44
CA VAL N 195 66.86 -20.37 -18.58
C VAL N 195 67.69 -19.17 -19.00
N ALA N 196 68.07 -18.34 -18.03
CA ALA N 196 68.98 -17.23 -18.24
C ALA N 196 69.69 -16.97 -16.91
N LYS N 197 70.85 -16.31 -16.99
CA LYS N 197 71.63 -15.95 -15.80
C LYS N 197 72.03 -17.20 -15.00
N VAL N 198 72.97 -17.93 -15.59
CA VAL N 198 73.52 -19.15 -15.02
C VAL N 198 74.87 -18.86 -14.38
N ASP N 199 75.03 -19.23 -13.11
CA ASP N 199 76.33 -19.26 -12.45
C ASP N 199 76.82 -20.70 -12.48
N THR N 200 77.91 -20.93 -13.22
CA THR N 200 78.47 -22.26 -13.39
C THR N 200 79.52 -22.62 -12.35
N GLU N 201 79.95 -21.66 -11.53
CA GLU N 201 80.87 -21.95 -10.44
C GLU N 201 80.16 -22.35 -9.17
N THR N 202 78.92 -21.89 -8.97
CA THR N 202 78.10 -22.31 -7.85
C THR N 202 77.00 -23.27 -8.27
N GLY N 203 76.87 -23.56 -9.56
CA GLY N 203 75.87 -24.50 -10.04
C GLY N 203 74.44 -24.04 -9.84
N GLU N 204 74.17 -22.76 -10.08
CA GLU N 204 72.84 -22.22 -9.91
C GLU N 204 72.38 -21.55 -11.20
N ILE N 205 71.07 -21.55 -11.40
CA ILE N 205 70.46 -21.06 -12.63
C ILE N 205 69.25 -20.21 -12.27
N ALA N 206 69.04 -19.13 -13.03
CA ALA N 206 67.81 -18.36 -12.93
C ALA N 206 66.98 -18.58 -14.20
N GLY N 207 65.83 -17.92 -14.25
CA GLY N 207 65.08 -17.89 -15.49
C GLY N 207 63.67 -17.39 -15.28
N VAL N 208 62.91 -17.44 -16.37
CA VAL N 208 61.51 -17.04 -16.38
C VAL N 208 60.65 -18.24 -16.72
N PHE N 209 59.40 -18.21 -16.24
CA PHE N 209 58.47 -19.29 -16.47
C PHE N 209 57.11 -18.72 -16.86
N GLU N 210 56.35 -19.57 -17.56
CA GLU N 210 55.08 -19.23 -18.18
C GLU N 210 54.16 -20.43 -18.01
N SER N 211 53.17 -20.32 -17.13
CA SER N 211 52.30 -21.46 -16.84
C SER N 211 50.85 -21.10 -17.14
N ILE N 212 50.10 -22.09 -17.60
CA ILE N 212 48.65 -21.96 -17.77
C ILE N 212 47.99 -23.14 -17.07
N GLN N 213 47.05 -22.84 -16.17
CA GLN N 213 46.43 -23.88 -15.37
C GLN N 213 44.96 -23.56 -15.11
N PRO N 214 44.13 -24.58 -14.90
CA PRO N 214 42.72 -24.32 -14.59
C PRO N 214 42.53 -23.81 -13.16
N SER N 215 41.36 -23.23 -12.94
CA SER N 215 40.98 -22.71 -11.64
C SER N 215 40.26 -23.78 -10.83
N ASP N 216 39.74 -23.40 -9.67
CA ASP N 216 38.87 -24.29 -8.92
C ASP N 216 37.53 -24.43 -9.61
N THR N 217 36.99 -25.65 -9.59
CA THR N 217 35.68 -25.94 -10.15
C THR N 217 34.62 -26.05 -9.06
N GLU N 218 34.74 -25.24 -8.01
CA GLU N 218 34.09 -25.47 -6.73
C GLU N 218 34.38 -26.92 -6.30
N MET N 219 33.37 -27.77 -6.35
CA MET N 219 33.54 -29.21 -6.25
C MET N 219 32.88 -29.90 -7.44
N GLY N 220 33.07 -29.32 -8.62
CA GLY N 220 32.37 -29.75 -9.82
C GLY N 220 31.14 -28.93 -10.17
N ALA N 221 30.89 -27.85 -9.44
CA ALA N 221 29.67 -27.07 -9.63
C ALA N 221 29.80 -26.00 -10.72
N HIS N 222 31.02 -25.66 -11.14
CA HIS N 222 31.20 -24.62 -12.15
C HIS N 222 32.35 -25.01 -13.05
N PRO N 223 32.32 -24.60 -14.32
CA PRO N 223 33.49 -24.82 -15.19
C PRO N 223 34.67 -23.98 -14.75
N ALA N 224 35.86 -24.49 -15.02
CA ALA N 224 37.08 -23.85 -14.58
C ALA N 224 37.53 -22.78 -15.56
N LYS N 225 38.05 -21.68 -15.02
CA LYS N 225 38.72 -20.66 -15.82
C LYS N 225 40.19 -21.02 -15.96
N ASP N 226 40.85 -20.38 -16.91
CA ASP N 226 42.26 -20.61 -17.17
C ASP N 226 43.06 -19.41 -16.68
N ILE N 227 44.10 -19.66 -15.90
CA ILE N 227 44.95 -18.63 -15.33
C ILE N 227 46.33 -18.77 -15.96
N LYS N 228 46.85 -17.65 -16.46
CA LYS N 228 48.18 -17.55 -17.02
C LYS N 228 49.07 -16.85 -16.00
N ILE N 229 50.05 -17.59 -15.48
CA ILE N 229 50.99 -17.08 -14.48
C ILE N 229 52.33 -16.90 -15.16
N THR N 230 52.79 -15.66 -15.22
CA THR N 230 54.15 -15.36 -15.65
C THR N 230 54.99 -15.15 -14.39
N GLY N 231 56.27 -15.44 -14.47
CA GLY N 231 57.09 -15.12 -13.33
C GLY N 231 58.53 -15.54 -13.50
N LEU N 232 59.27 -15.42 -12.41
CA LEU N 232 60.67 -15.81 -12.35
C LEU N 232 60.82 -17.12 -11.59
N TRP N 233 61.97 -17.75 -11.77
CA TRP N 233 62.28 -18.97 -11.07
C TRP N 233 63.79 -19.10 -10.92
N TYR N 234 64.19 -19.87 -9.92
CA TYR N 234 65.57 -20.01 -9.49
C TYR N 234 65.80 -21.46 -9.08
N GLY N 235 67.03 -21.92 -9.26
CA GLY N 235 67.36 -23.27 -8.83
C GLY N 235 68.84 -23.44 -8.66
N GLN N 236 69.21 -24.50 -7.93
CA GLN N 236 70.59 -24.90 -7.75
C GLN N 236 70.75 -26.34 -8.22
N LEU N 237 71.80 -26.60 -8.99
CA LEU N 237 72.02 -27.90 -9.60
C LEU N 237 73.02 -28.70 -8.78
N THR N 238 72.68 -29.96 -8.52
CA THR N 238 73.43 -30.89 -7.66
C THR N 238 73.56 -30.38 -6.22
N ALA O 1 11.27 -48.00 51.68
CA ALA O 1 11.25 -47.74 53.11
C ALA O 1 12.04 -48.80 53.87
N TYR O 2 12.82 -49.61 53.13
CA TYR O 2 13.60 -50.68 53.73
C TYR O 2 14.85 -50.08 54.37
N GLY O 3 14.93 -50.16 55.69
CA GLY O 3 15.99 -49.49 56.43
C GLY O 3 17.39 -50.01 56.18
N GLU O 4 18.19 -49.24 55.46
CA GLU O 4 19.59 -49.55 55.22
C GLU O 4 20.41 -48.29 55.45
N GLY O 5 21.43 -48.39 56.30
CA GLY O 5 22.18 -47.21 56.71
C GLY O 5 23.08 -46.67 55.61
N ALA O 6 23.26 -45.35 55.61
CA ALA O 6 24.13 -44.70 54.66
C ALA O 6 25.60 -44.94 55.03
N ASN O 7 26.48 -44.66 54.07
CA ASN O 7 27.92 -44.89 54.23
C ASN O 7 28.58 -43.56 54.55
N VAL O 8 28.58 -43.19 55.83
CA VAL O 8 29.23 -41.99 56.32
C VAL O 8 30.48 -42.41 57.07
N PHE O 9 31.62 -41.79 56.74
CA PHE O 9 32.94 -42.14 57.29
C PHE O 9 33.28 -43.60 57.04
N GLY O 10 32.85 -44.14 55.90
CA GLY O 10 33.00 -45.56 55.62
C GLY O 10 34.18 -45.89 54.75
N ARG O 11 35.29 -45.17 54.94
CA ARG O 11 36.57 -45.39 54.24
C ARG O 11 36.35 -45.23 52.74
N VAL O 12 36.63 -46.24 51.91
CA VAL O 12 36.55 -46.11 50.47
C VAL O 12 35.83 -47.32 49.88
N THR O 13 35.35 -47.15 48.65
CA THR O 13 34.88 -48.24 47.82
C THR O 13 35.97 -48.58 46.81
N ASN O 14 35.63 -49.42 45.83
CA ASN O 14 36.58 -49.77 44.78
C ASN O 14 36.81 -48.58 43.86
N LYS O 15 38.03 -48.02 43.90
CA LYS O 15 38.42 -46.93 43.03
C LYS O 15 39.57 -47.35 42.11
N SER O 16 39.62 -48.63 41.75
CA SER O 16 40.73 -49.14 40.95
C SER O 16 40.68 -48.67 39.50
N GLY O 17 39.57 -48.09 39.07
CA GLY O 17 39.42 -47.68 37.69
C GLY O 17 39.06 -48.80 36.73
N PHE O 18 38.91 -50.02 37.23
CA PHE O 18 38.58 -51.16 36.40
C PHE O 18 37.57 -52.04 37.11
N VAL O 19 36.75 -52.73 36.32
CA VAL O 19 35.80 -53.72 36.85
C VAL O 19 36.07 -55.05 36.17
N PRO O 20 35.98 -56.17 36.89
CA PRO O 20 36.19 -57.48 36.25
C PRO O 20 34.93 -57.95 35.56
N TYR O 21 35.05 -58.33 34.29
CA TYR O 21 33.96 -58.91 33.53
C TYR O 21 34.36 -60.31 33.11
N ALA O 22 33.52 -61.29 33.43
CA ALA O 22 33.71 -62.67 33.01
C ALA O 22 32.60 -62.99 32.02
N GLY O 23 32.95 -63.02 30.73
CA GLY O 23 32.03 -63.41 29.70
C GLY O 23 32.00 -64.92 29.55
N ASP O 24 31.59 -65.37 28.36
CA ASP O 24 31.59 -66.79 28.07
C ASP O 24 32.98 -67.18 27.57
N SER O 25 33.71 -67.91 28.41
CA SER O 25 35.06 -68.41 28.13
C SER O 25 36.08 -67.29 27.90
N PHE O 26 35.89 -66.15 28.57
CA PHE O 26 36.93 -65.12 28.62
C PHE O 26 36.68 -64.23 29.83
N ALA O 27 37.74 -63.54 30.25
CA ALA O 27 37.66 -62.60 31.37
C ALA O 27 38.57 -61.42 31.09
N LEU O 28 38.07 -60.21 31.31
CA LEU O 28 38.81 -59.00 30.99
C LEU O 28 38.40 -57.87 31.93
N LEU O 29 39.24 -56.85 31.98
CA LEU O 29 39.01 -55.68 32.83
C LEU O 29 38.43 -54.55 32.00
N LEU O 30 37.30 -54.00 32.44
CA LEU O 30 36.69 -52.90 31.73
C LEU O 30 36.97 -51.59 32.47
N PRO O 31 37.03 -50.46 31.76
CA PRO O 31 37.16 -49.18 32.44
C PRO O 31 35.96 -48.92 33.33
N SER O 32 36.20 -48.31 34.48
CA SER O 32 35.15 -48.19 35.49
C SER O 32 34.02 -47.29 35.01
N LYS O 33 34.32 -46.31 34.15
CA LYS O 33 33.34 -45.33 33.73
C LYS O 33 32.61 -45.69 32.45
N TRP O 34 32.98 -46.79 31.79
CA TRP O 34 32.40 -47.10 30.49
C TRP O 34 31.07 -47.83 30.63
N ASN O 35 30.11 -47.45 29.80
CA ASN O 35 28.77 -48.02 29.77
C ASN O 35 28.68 -49.11 28.70
N PRO O 36 27.98 -50.20 28.99
CA PRO O 36 27.74 -51.21 27.95
C PRO O 36 26.84 -50.67 26.86
N SER O 37 27.08 -51.13 25.64
CA SER O 37 26.30 -50.71 24.48
C SER O 37 25.88 -51.93 23.68
N ASP O 38 24.67 -51.87 23.13
CA ASP O 38 24.09 -52.98 22.39
C ASP O 38 24.52 -53.01 20.93
N GLU O 39 25.36 -52.08 20.51
CA GLU O 39 25.79 -52.03 19.12
C GLU O 39 26.69 -53.22 18.79
N LYS O 40 26.49 -53.79 17.60
CA LYS O 40 27.29 -54.90 17.09
C LYS O 40 27.67 -54.58 15.65
N GLU O 41 28.82 -53.92 15.45
CA GLU O 41 29.27 -53.64 14.09
C GLU O 41 29.74 -54.90 13.39
N VAL O 42 30.23 -55.88 14.14
CA VAL O 42 30.51 -57.22 13.64
C VAL O 42 29.47 -58.15 14.24
N ASP O 43 28.87 -58.99 13.40
CA ASP O 43 27.77 -59.84 13.84
C ASP O 43 28.19 -60.92 14.83
N SER O 44 29.50 -61.16 14.99
CA SER O 44 30.01 -62.15 15.93
C SER O 44 30.62 -61.50 17.16
N ILE O 45 30.03 -60.40 17.63
CA ILE O 45 30.49 -59.68 18.81
C ILE O 45 29.67 -60.13 20.00
N VAL O 46 30.35 -60.49 21.10
CA VAL O 46 29.66 -60.91 22.32
C VAL O 46 29.75 -59.86 23.43
N LEU O 47 30.46 -58.76 23.21
CA LEU O 47 30.64 -57.76 24.26
C LEU O 47 30.95 -56.43 23.59
N ARG O 48 30.36 -55.35 24.11
CA ARG O 48 30.76 -54.01 23.71
C ARG O 48 30.56 -53.04 24.86
N TYR O 49 31.56 -52.20 25.09
CA TYR O 49 31.48 -51.10 26.03
C TYR O 49 31.99 -49.85 25.34
N ALA O 50 31.47 -48.70 25.77
CA ALA O 50 31.85 -47.43 25.21
C ALA O 50 32.00 -46.39 26.32
N ASP O 51 32.84 -45.40 26.06
CA ASP O 51 33.09 -44.37 27.05
C ASP O 51 31.88 -43.46 27.21
N ASN O 52 31.64 -43.02 28.45
CA ASN O 52 30.57 -42.06 28.71
C ASN O 52 30.84 -40.72 28.04
N PHE O 53 32.12 -40.39 27.84
CA PHE O 53 32.48 -39.16 27.14
C PHE O 53 32.15 -39.25 25.66
N ASP O 54 32.79 -40.17 24.95
CA ASP O 54 32.59 -40.32 23.51
C ASP O 54 32.59 -41.79 23.14
N ALA O 55 31.86 -42.12 22.08
CA ALA O 55 31.77 -43.49 21.60
C ALA O 55 32.92 -43.86 20.68
N VAL O 56 33.88 -42.97 20.48
CA VAL O 56 35.11 -43.32 19.77
C VAL O 56 35.94 -44.31 20.59
N ASN O 57 36.06 -44.05 21.89
CA ASN O 57 36.74 -44.98 22.79
C ASN O 57 35.79 -46.13 23.09
N ASN O 58 35.96 -47.25 22.40
CA ASN O 58 35.13 -48.42 22.63
C ASN O 58 36.02 -49.66 22.73
N VAL O 59 35.36 -50.80 22.94
CA VAL O 59 36.05 -52.08 23.09
C VAL O 59 35.04 -53.17 22.76
N TYR O 60 35.50 -54.20 22.05
CA TYR O 60 34.63 -55.34 21.82
C TYR O 60 35.41 -56.64 21.75
N VAL O 61 34.68 -57.73 21.97
CA VAL O 61 35.19 -59.09 22.01
C VAL O 61 34.45 -59.89 20.94
N ILE O 62 35.15 -60.19 19.85
CA ILE O 62 34.64 -61.12 18.84
C ILE O 62 34.90 -62.55 19.28
N ALA O 63 33.87 -63.40 19.18
CA ALA O 63 33.99 -64.82 19.42
C ALA O 63 34.18 -65.59 18.11
N GLN O 64 33.25 -65.44 17.18
CA GLN O 64 33.33 -65.96 15.80
C GLN O 64 33.47 -67.48 15.82
N ASP O 65 34.19 -68.02 14.84
CA ASP O 65 34.41 -69.45 14.67
C ASP O 65 35.61 -69.61 13.76
N THR O 66 36.46 -70.59 14.04
CA THR O 66 37.67 -70.79 13.28
C THR O 66 37.90 -72.29 13.07
N ASP O 67 38.69 -72.61 12.04
CA ASP O 67 39.02 -73.99 11.73
C ASP O 67 40.45 -74.36 12.05
N LYS O 68 41.34 -73.38 12.20
CA LYS O 68 42.72 -73.66 12.57
C LYS O 68 42.79 -74.16 14.01
N SER O 69 43.76 -75.06 14.26
CA SER O 69 43.96 -75.58 15.60
C SER O 69 44.41 -74.48 16.56
N SER O 70 45.29 -73.59 16.09
CA SER O 70 45.79 -72.51 16.92
C SER O 70 45.99 -71.28 16.04
N ILE O 71 46.07 -70.12 16.71
CA ILE O 71 46.31 -68.86 15.99
C ILE O 71 47.70 -68.84 15.36
N GLN O 72 48.62 -69.67 15.87
CA GLN O 72 49.92 -69.83 15.23
C GLN O 72 49.79 -70.37 13.82
N ASP O 73 48.68 -71.07 13.53
CA ASP O 73 48.42 -71.55 12.17
C ASP O 73 48.11 -70.41 11.20
N TYR O 74 47.91 -69.19 11.68
CA TYR O 74 47.70 -68.06 10.80
C TYR O 74 49.00 -67.49 10.24
N GLY O 75 50.09 -68.26 10.29
CA GLY O 75 51.35 -67.87 9.69
C GLY O 75 52.20 -66.98 10.58
N SER O 76 51.74 -65.76 10.80
CA SER O 76 52.49 -64.76 11.55
C SER O 76 51.52 -63.71 12.03
N PRO O 77 51.95 -62.84 12.96
CA PRO O 77 51.09 -61.70 13.33
C PRO O 77 50.70 -60.81 12.16
N GLU O 78 51.62 -60.54 11.24
CA GLU O 78 51.29 -59.67 10.10
C GLU O 78 50.28 -60.34 9.17
N GLU O 79 50.45 -61.63 8.90
CA GLU O 79 49.48 -62.34 8.08
C GLU O 79 48.14 -62.51 8.80
N PHE O 80 48.15 -62.52 10.13
CA PHE O 80 46.89 -62.58 10.87
C PHE O 80 46.14 -61.26 10.81
N ILE O 81 46.86 -60.14 10.89
CA ILE O 81 46.17 -58.84 10.86
C ILE O 81 45.86 -58.40 9.44
N SER O 82 46.51 -58.97 8.43
CA SER O 82 46.15 -58.62 7.05
C SER O 82 44.78 -59.13 6.64
N GLN O 83 44.16 -60.01 7.42
CA GLN O 83 42.88 -60.61 7.09
C GLN O 83 41.71 -59.99 7.83
N PHE O 84 41.94 -58.94 8.63
CA PHE O 84 40.88 -58.34 9.42
C PHE O 84 40.75 -56.85 9.16
N GLY O 85 41.10 -56.42 7.94
CA GLY O 85 40.99 -55.01 7.58
C GLY O 85 39.58 -54.47 7.61
N TYR O 86 38.57 -55.34 7.51
CA TYR O 86 37.19 -54.91 7.64
C TYR O 86 36.86 -54.44 9.05
N LEU O 87 37.68 -54.77 10.04
CA LEU O 87 37.53 -54.17 11.36
C LEU O 87 37.80 -52.67 11.31
N LEU O 88 38.62 -52.23 10.36
CA LEU O 88 38.93 -50.82 10.22
C LEU O 88 37.70 -50.01 9.82
N GLY O 89 36.92 -50.54 8.87
CA GLY O 89 35.81 -49.81 8.31
C GLY O 89 36.04 -49.45 6.86
N ARG O 90 35.16 -49.90 5.97
CA ARG O 90 35.36 -49.72 4.55
C ARG O 90 35.24 -48.26 4.15
N GLN O 91 36.15 -47.82 3.28
CA GLN O 91 36.09 -46.47 2.73
C GLN O 91 34.94 -46.37 1.75
N ALA O 92 33.93 -45.57 2.08
CA ALA O 92 32.74 -45.44 1.26
C ALA O 92 32.87 -44.35 0.20
N TRP O 93 34.03 -43.70 0.11
CA TRP O 93 34.27 -42.71 -0.93
C TRP O 93 34.73 -43.39 -2.21
N ALA O 94 34.16 -42.95 -3.34
CA ALA O 94 34.39 -43.59 -4.62
C ALA O 94 34.97 -42.66 -5.67
N GLY O 95 35.22 -41.38 -5.35
CA GLY O 95 35.81 -40.45 -6.28
C GLY O 95 37.32 -40.39 -6.12
N GLN O 96 38.01 -40.16 -7.23
CA GLN O 96 39.47 -40.07 -7.17
C GLN O 96 39.90 -38.76 -6.54
N THR O 97 40.79 -38.86 -5.55
CA THR O 97 41.26 -37.70 -4.80
C THR O 97 42.76 -37.85 -4.57
N VAL O 98 43.55 -37.06 -5.28
CA VAL O 98 44.97 -36.94 -5.01
C VAL O 98 45.29 -35.62 -4.30
N SER O 99 44.26 -35.00 -3.70
CA SER O 99 44.40 -33.71 -3.03
C SER O 99 44.05 -33.81 -1.55
N GLU O 100 44.35 -34.95 -0.93
CA GLU O 100 44.12 -35.11 0.50
C GLU O 100 45.38 -34.93 1.33
N GLY O 101 46.56 -35.15 0.75
CA GLY O 101 47.81 -34.86 1.42
C GLY O 101 48.34 -36.05 2.18
N GLY O 102 49.41 -36.65 1.66
CA GLY O 102 49.98 -37.83 2.29
C GLY O 102 49.02 -39.00 2.41
N PHE O 103 48.19 -39.22 1.38
CA PHE O 103 47.19 -40.28 1.41
C PHE O 103 47.15 -41.02 0.10
N ASP O 104 48.33 -41.23 -0.51
CA ASP O 104 48.51 -42.07 -1.69
C ASP O 104 47.67 -41.61 -2.88
N ALA O 105 46.64 -42.38 -3.21
CA ALA O 105 45.79 -42.07 -4.36
C ALA O 105 44.42 -42.67 -4.12
N ASN O 106 43.38 -41.84 -4.23
CA ASN O 106 41.98 -42.20 -4.02
C ASN O 106 41.70 -42.69 -2.60
N LYS O 107 42.61 -42.46 -1.66
CA LYS O 107 42.50 -42.97 -0.31
C LYS O 107 42.25 -41.82 0.67
N VAL O 108 41.29 -42.03 1.57
CA VAL O 108 41.03 -41.12 2.67
C VAL O 108 41.19 -41.81 4.01
N SER O 109 41.75 -43.02 4.02
CA SER O 109 42.01 -43.75 5.25
C SER O 109 43.34 -44.48 5.12
N SER O 110 44.05 -44.61 6.24
CA SER O 110 45.33 -45.29 6.25
C SER O 110 45.50 -46.00 7.59
N ALA O 111 46.25 -47.10 7.58
CA ALA O 111 46.50 -47.87 8.78
C ALA O 111 48.01 -48.09 8.90
N ALA O 112 48.63 -47.43 9.87
CA ALA O 112 50.04 -47.67 10.17
C ALA O 112 50.12 -48.71 11.27
N LEU O 113 50.76 -49.83 10.97
CA LEU O 113 50.94 -50.92 11.94
C LEU O 113 52.13 -50.57 12.81
N LEU O 114 51.87 -50.02 14.00
CA LEU O 114 52.95 -49.55 14.86
C LEU O 114 53.76 -50.70 15.44
N GLY O 115 53.13 -51.84 15.68
CA GLY O 115 53.85 -52.97 16.25
C GLY O 115 53.10 -54.27 16.25
N VAL O 116 53.83 -55.37 16.09
CA VAL O 116 53.30 -56.72 16.20
C VAL O 116 54.12 -57.48 17.24
N ALA O 117 53.43 -58.28 18.05
CA ALA O 117 54.11 -59.02 19.12
C ALA O 117 53.34 -60.29 19.42
N THR O 118 54.04 -61.26 20.00
CA THR O 118 53.46 -62.52 20.43
C THR O 118 53.58 -62.63 21.94
N GLU O 119 52.45 -62.87 22.61
CA GLU O 119 52.41 -62.96 24.06
C GLU O 119 51.86 -64.32 24.46
N LYS O 120 52.68 -65.12 25.14
CA LYS O 120 52.26 -66.41 25.63
C LYS O 120 51.91 -66.31 27.11
N ASP O 121 50.92 -67.10 27.53
CA ASP O 121 50.25 -66.91 28.82
C ASP O 121 50.55 -68.12 29.72
N LYS O 122 50.08 -68.03 30.97
CA LYS O 122 50.36 -69.05 31.97
C LYS O 122 49.77 -70.40 31.58
N LYS O 123 48.54 -70.41 31.08
CA LYS O 123 47.84 -71.65 30.77
C LYS O 123 48.32 -72.31 29.49
N GLY O 124 49.30 -71.74 28.80
CA GLY O 124 49.72 -72.22 27.51
C GLY O 124 49.15 -71.44 26.35
N LYS O 125 48.25 -70.49 26.62
CA LYS O 125 47.67 -69.68 25.56
C LYS O 125 48.70 -68.71 25.00
N THR O 126 48.68 -68.54 23.68
CA THR O 126 49.54 -67.58 22.99
C THR O 126 48.67 -66.55 22.32
N TYR O 127 48.98 -65.27 22.55
CA TYR O 127 48.17 -64.16 22.06
C TYR O 127 48.94 -63.34 21.04
N TYR O 128 48.24 -62.87 20.01
CA TYR O 128 48.78 -61.90 19.07
C TYR O 128 48.26 -60.52 19.47
N LYS O 129 49.18 -59.56 19.61
CA LYS O 129 48.88 -58.26 20.20
C LYS O 129 49.37 -57.15 19.28
N PHE O 130 48.48 -56.24 18.92
CA PHE O 130 48.62 -55.35 17.78
C PHE O 130 48.31 -53.91 18.16
N GLU O 131 49.26 -53.01 17.89
CA GLU O 131 49.05 -51.57 17.94
C GLU O 131 48.92 -51.06 16.51
N ILE O 132 47.77 -50.49 16.18
CA ILE O 132 47.52 -49.94 14.84
C ILE O 132 47.00 -48.53 14.97
N LEU O 133 47.56 -47.60 14.21
CA LEU O 133 47.06 -46.22 14.19
C LEU O 133 46.37 -46.01 12.85
N SER O 134 45.05 -45.83 12.89
CA SER O 134 44.26 -45.54 11.70
C SER O 134 44.01 -44.03 11.64
N ARG O 135 44.30 -43.44 10.48
CA ARG O 135 44.17 -42.01 10.30
C ARG O 135 43.37 -41.72 9.04
N THR O 136 42.54 -40.68 9.09
CA THR O 136 41.67 -40.33 7.98
C THR O 136 42.07 -38.97 7.41
N ALA O 137 41.50 -38.65 6.26
CA ALA O 137 41.82 -37.39 5.60
C ALA O 137 41.38 -36.19 6.42
N ASP O 138 40.20 -36.26 7.04
CA ASP O 138 39.87 -35.25 8.03
C ASP O 138 40.65 -35.45 9.32
N GLY O 139 40.94 -36.70 9.67
CA GLY O 139 41.80 -37.00 10.80
C GLY O 139 41.13 -36.79 12.15
N ASN O 140 39.94 -37.37 12.32
CA ASN O 140 39.17 -37.20 13.54
C ASN O 140 39.96 -37.61 14.77
N GLU O 141 39.99 -36.71 15.76
CA GLU O 141 40.70 -36.90 17.02
C GLU O 141 42.18 -37.21 16.80
N GLY O 142 42.74 -36.69 15.71
CA GLY O 142 44.14 -36.95 15.41
C GLY O 142 44.45 -38.38 15.06
N GLY O 143 43.47 -39.14 14.59
CA GLY O 143 43.64 -40.57 14.36
C GLY O 143 43.18 -41.39 15.54
N ARG O 144 42.88 -42.65 15.27
CA ARG O 144 42.38 -43.58 16.27
C ARG O 144 43.35 -44.74 16.44
N HIS O 145 43.70 -45.03 17.68
CA HIS O 145 44.56 -46.16 18.02
C HIS O 145 43.71 -47.39 18.29
N GLN O 146 44.03 -48.48 17.61
CA GLN O 146 43.37 -49.77 17.76
C GLN O 146 44.32 -50.74 18.44
N LEU O 147 43.80 -51.44 19.43
CA LEU O 147 44.53 -52.40 20.25
C LEU O 147 43.87 -53.76 20.06
N VAL O 148 44.61 -54.71 19.49
CA VAL O 148 44.04 -56.03 19.20
C VAL O 148 44.79 -57.08 19.99
N LYS O 149 44.05 -57.91 20.73
CA LYS O 149 44.61 -59.08 21.39
C LYS O 149 43.75 -60.28 21.01
N ALA O 150 44.34 -61.23 20.27
CA ALA O 150 43.55 -62.32 19.73
C ALA O 150 44.25 -63.66 19.99
N THR O 151 43.43 -64.69 20.13
CA THR O 151 43.92 -66.07 20.26
C THR O 151 42.81 -67.01 19.80
N VAL O 152 43.21 -68.25 19.51
CA VAL O 152 42.26 -69.29 19.12
C VAL O 152 42.08 -70.22 20.30
N SER O 153 40.84 -70.39 20.75
CA SER O 153 40.52 -71.28 21.85
C SER O 153 39.27 -72.07 21.51
N ASN O 154 39.20 -73.28 22.07
CA ASN O 154 38.18 -74.27 21.74
C ASN O 154 38.17 -74.52 20.24
N GLY O 155 37.20 -73.94 19.54
CA GLY O 155 37.18 -73.98 18.09
C GLY O 155 36.81 -72.63 17.50
N LYS O 156 37.17 -71.56 18.21
CA LYS O 156 36.76 -70.22 17.87
C LYS O 156 37.94 -69.26 17.99
N LEU O 157 37.81 -68.11 17.33
CA LEU O 157 38.85 -67.08 17.30
C LEU O 157 38.39 -65.92 18.17
N TYR O 158 38.88 -65.89 19.41
CA TYR O 158 38.59 -64.79 20.31
C TYR O 158 39.48 -63.60 19.96
N LEU O 159 38.88 -62.42 19.84
CA LEU O 159 39.64 -61.22 19.49
C LEU O 159 39.11 -60.04 20.29
N LEU O 160 40.02 -59.23 20.80
CA LEU O 160 39.69 -58.02 21.54
C LEU O 160 40.19 -56.82 20.75
N LYS O 161 39.30 -55.88 20.45
CA LYS O 161 39.71 -54.62 19.83
C LYS O 161 39.31 -53.46 20.73
N VAL O 162 40.26 -52.58 20.99
CA VAL O 162 40.09 -51.39 21.81
C VAL O 162 40.40 -50.18 20.95
N GLN O 163 39.44 -49.30 20.76
CA GLN O 163 39.61 -48.13 19.93
C GLN O 163 39.60 -46.87 20.78
N ALA O 164 40.60 -46.01 20.57
CA ALA O 164 40.71 -44.77 21.34
C ALA O 164 41.13 -43.64 20.42
N GLY O 165 40.76 -42.42 20.79
CA GLY O 165 41.23 -41.26 20.05
C GLY O 165 42.64 -40.88 20.44
N ASP O 166 43.39 -40.36 19.45
CA ASP O 166 44.75 -39.90 19.73
C ASP O 166 44.74 -38.72 20.68
N LYS O 167 43.77 -37.81 20.53
CA LYS O 167 43.58 -36.75 21.51
C LYS O 167 43.28 -37.32 22.88
N ARG O 168 42.41 -38.32 22.95
CA ARG O 168 42.20 -39.06 24.19
C ARG O 168 43.46 -39.80 24.61
N TRP O 169 44.26 -40.27 23.63
CA TRP O 169 45.45 -41.05 23.93
C TRP O 169 46.47 -40.22 24.71
N PHE O 170 46.71 -38.98 24.29
CA PHE O 170 47.60 -38.15 25.10
C PHE O 170 46.87 -37.38 26.19
N LYS O 171 45.53 -37.41 26.21
CA LYS O 171 44.79 -36.94 27.38
C LYS O 171 44.96 -37.90 28.55
N GLY O 172 45.10 -39.19 28.27
CA GLY O 172 45.30 -40.16 29.34
C GLY O 172 44.33 -41.32 29.35
N THR O 173 43.76 -41.65 28.19
CA THR O 173 43.04 -42.91 28.04
C THR O 173 43.95 -44.05 27.60
N ASP O 174 45.23 -43.77 27.36
CA ASP O 174 46.17 -44.82 26.99
C ASP O 174 46.34 -45.82 28.14
N LYS O 175 46.36 -45.33 29.37
CA LYS O 175 46.51 -46.19 30.54
C LYS O 175 45.35 -47.18 30.65
N GLU O 176 44.12 -46.69 30.54
CA GLU O 176 42.97 -47.59 30.66
C GLU O 176 42.83 -48.50 29.45
N CYS O 177 43.19 -48.02 28.26
CA CYS O 177 43.14 -48.89 27.08
C CYS O 177 44.16 -50.02 27.19
N LEU O 178 45.38 -49.72 27.64
CA LEU O 178 46.37 -50.78 27.84
C LEU O 178 45.98 -51.69 29.00
N GLY O 179 45.30 -51.17 30.01
CA GLY O 179 44.79 -52.03 31.07
C GLY O 179 43.73 -53.00 30.59
N VAL O 180 42.87 -52.54 29.67
CA VAL O 180 41.92 -53.45 29.03
C VAL O 180 42.66 -54.48 28.19
N LEU O 181 43.68 -54.03 27.44
CA LEU O 181 44.40 -54.92 26.54
C LEU O 181 45.13 -56.03 27.28
N ASP O 182 45.83 -55.67 28.37
CA ASP O 182 46.70 -56.62 29.06
C ASP O 182 45.93 -57.53 30.01
N SER O 183 44.62 -57.38 30.12
CA SER O 183 43.81 -58.21 30.99
C SER O 183 42.98 -59.25 30.22
N PHE O 184 43.15 -59.35 28.91
CA PHE O 184 42.36 -60.25 28.10
C PHE O 184 42.89 -61.66 28.25
N THR O 185 42.19 -62.47 29.03
CA THR O 185 42.50 -63.89 29.20
C THR O 185 41.32 -64.71 28.73
N VAL O 186 41.57 -65.65 27.83
CA VAL O 186 40.47 -66.42 27.24
C VAL O 186 40.34 -67.76 27.93
N VAL O 187 41.37 -68.60 27.79
CA VAL O 187 41.42 -70.02 28.19
C VAL O 187 40.06 -70.75 28.29
N MET P 1 16.04 -6.28 -5.15
CA MET P 1 14.69 -5.86 -4.80
C MET P 1 14.50 -5.82 -3.29
N GLU P 2 14.75 -6.95 -2.63
CA GLU P 2 14.63 -7.00 -1.18
C GLU P 2 15.71 -6.16 -0.51
N ALA P 3 16.90 -6.07 -1.14
CA ALA P 3 17.95 -5.21 -0.60
C ALA P 3 17.52 -3.75 -0.59
N LEU P 4 16.78 -3.33 -1.63
CA LEU P 4 16.20 -2.00 -1.65
C LEU P 4 15.27 -1.79 -0.48
N VAL P 5 14.42 -2.77 -0.19
CA VAL P 5 13.47 -2.64 0.92
C VAL P 5 14.20 -2.53 2.25
N TYR P 6 15.23 -3.36 2.45
CA TYR P 6 15.99 -3.32 3.68
C TYR P 6 16.70 -1.98 3.85
N THR P 7 17.35 -1.50 2.79
CA THR P 7 18.05 -0.22 2.86
C THR P 7 17.07 0.92 3.09
N PHE P 8 15.92 0.89 2.43
CA PHE P 8 14.92 1.93 2.62
C PHE P 8 14.40 1.95 4.04
N LEU P 9 14.14 0.78 4.62
CA LEU P 9 13.66 0.72 5.99
C LEU P 9 14.70 1.25 6.98
N LEU P 10 15.96 0.86 6.80
CA LEU P 10 17.02 1.35 7.67
C LEU P 10 17.19 2.86 7.55
N ILE P 11 17.17 3.38 6.32
CA ILE P 11 17.36 4.81 6.11
C ILE P 11 16.16 5.59 6.66
N GLY P 12 14.95 5.05 6.53
CA GLY P 12 13.79 5.70 7.10
C GLY P 12 13.83 5.72 8.62
N THR P 13 14.32 4.64 9.23
CA THR P 13 14.50 4.63 10.68
C THR P 13 15.52 5.69 11.10
N LEU P 14 16.62 5.81 10.36
CA LEU P 14 17.61 6.84 10.69
C LEU P 14 17.05 8.24 10.47
N GLY P 15 16.18 8.43 9.48
CA GLY P 15 15.54 9.72 9.30
C GLY P 15 14.60 10.07 10.45
N ILE P 16 13.85 9.09 10.93
CA ILE P 16 13.01 9.29 12.11
C ILE P 16 13.86 9.68 13.31
N ILE P 17 15.02 9.03 13.46
CA ILE P 17 15.94 9.38 14.55
C ILE P 17 16.42 10.82 14.41
N PHE P 18 16.81 11.21 13.20
CA PHE P 18 17.29 12.57 12.94
C PHE P 18 16.24 13.60 13.29
N PHE P 19 14.99 13.34 12.88
CA PHE P 19 13.91 14.27 13.16
C PHE P 19 13.58 14.30 14.65
N SER P 20 13.61 13.14 15.31
CA SER P 20 13.31 13.11 16.73
C SER P 20 14.37 13.85 17.55
N ILE P 21 15.61 13.86 17.07
CA ILE P 21 16.64 14.64 17.77
C ILE P 21 16.48 16.12 17.49
N PHE P 22 16.57 16.51 16.22
CA PHE P 22 16.74 17.93 15.91
C PHE P 22 15.44 18.69 15.74
N PHE P 23 14.31 18.01 15.61
CA PHE P 23 13.02 18.66 15.45
C PHE P 23 12.05 18.16 16.50
N ARG P 24 12.58 17.92 17.69
CA ARG P 24 11.78 17.48 18.83
C ARG P 24 10.90 18.63 19.31
N GLU P 25 9.86 18.26 20.03
CA GLU P 25 9.09 19.26 20.74
C GLU P 25 9.94 19.73 21.91
N PRO P 26 10.28 21.01 22.01
CA PRO P 26 11.25 21.46 23.00
C PRO P 26 10.68 21.36 24.41
N PRO P 27 11.48 20.90 25.37
CA PRO P 27 11.02 20.87 26.76
C PRO P 27 10.87 22.28 27.31
N ARG P 28 9.63 22.67 27.63
CA ARG P 28 9.35 24.02 28.07
C ARG P 28 9.37 24.09 29.59
N ILE P 29 10.14 25.05 30.11
CA ILE P 29 10.26 25.24 31.55
C ILE P 29 9.20 26.20 32.08
N ALA P 30 8.44 26.84 31.21
CA ALA P 30 7.40 27.83 31.53
C ALA P 30 7.96 29.08 32.22
N LEU Q 1 57.28 -10.34 -7.38
CA LEU Q 1 56.01 -9.93 -6.78
C LEU Q 1 55.02 -9.49 -7.86
N VAL Q 2 53.74 -9.57 -7.54
CA VAL Q 2 52.70 -9.17 -8.50
C VAL Q 2 52.13 -7.79 -8.19
N ASP Q 3 52.39 -7.23 -7.02
CA ASP Q 3 51.84 -5.95 -6.64
C ASP Q 3 52.71 -5.34 -5.54
N ASP Q 4 52.52 -4.04 -5.32
CA ASP Q 4 53.32 -3.30 -4.35
C ASP Q 4 52.57 -3.16 -3.03
N ARG Q 5 53.32 -3.27 -1.94
CA ARG Q 5 52.79 -3.09 -0.60
C ARG Q 5 53.77 -2.21 0.17
N MET Q 6 53.26 -1.54 1.20
CA MET Q 6 54.16 -0.78 2.06
C MET Q 6 55.04 -1.69 2.90
N ASN Q 7 54.56 -2.90 3.21
CA ASN Q 7 55.28 -3.91 3.99
C ASN Q 7 55.74 -3.34 5.33
N GLY Q 8 54.78 -2.83 6.08
CA GLY Q 8 55.07 -2.19 7.34
C GLY Q 8 54.50 -2.89 8.56
N ASP Q 9 53.60 -3.86 8.32
CA ASP Q 9 53.02 -4.61 9.42
C ASP Q 9 54.10 -5.42 10.14
N GLY Q 10 54.13 -5.33 11.46
CA GLY Q 10 55.26 -5.85 12.21
C GLY Q 10 56.45 -4.91 12.11
N THR Q 11 57.64 -5.48 12.28
CA THR Q 11 58.96 -4.85 12.14
C THR Q 11 59.24 -3.78 13.18
N GLY Q 12 58.30 -3.46 14.06
CA GLY Q 12 58.56 -2.54 15.16
C GLY Q 12 58.92 -1.12 14.77
N LEU Q 13 58.21 -0.55 13.81
CA LEU Q 13 58.49 0.82 13.41
C LEU Q 13 57.99 1.79 14.48
N PRO Q 14 58.79 2.80 14.85
CA PRO Q 14 58.36 3.74 15.90
C PRO Q 14 57.18 4.57 15.41
N PHE Q 15 56.09 4.54 16.18
CA PHE Q 15 54.81 5.14 15.81
C PHE Q 15 54.30 4.64 14.46
N GLY Q 16 54.75 3.47 14.03
CA GLY Q 16 54.44 2.98 12.69
C GLY Q 16 54.95 3.88 11.59
N VAL Q 17 56.09 4.53 11.77
CA VAL Q 17 56.64 5.46 10.79
C VAL Q 17 57.59 4.66 9.90
N ASN Q 18 57.14 4.35 8.69
CA ASN Q 18 57.96 3.70 7.69
C ASN Q 18 58.61 4.68 6.73
N ASP Q 19 58.23 5.96 6.80
CA ASP Q 19 58.83 7.00 5.98
C ASP Q 19 58.91 8.25 6.84
N GLY Q 20 60.07 8.90 6.84
CA GLY Q 20 60.33 10.03 7.73
C GLY Q 20 59.40 11.20 7.53
N ILE Q 21 58.73 11.26 6.38
CA ILE Q 21 57.72 12.29 6.15
C ILE Q 21 56.57 12.14 7.13
N LEU Q 22 56.29 10.92 7.60
CA LEU Q 22 55.24 10.72 8.59
C LEU Q 22 55.61 11.33 9.93
N GLY Q 23 56.85 11.10 10.38
CA GLY Q 23 57.31 11.74 11.59
C GLY Q 23 57.33 13.25 11.45
N TRP Q 24 57.68 13.75 10.26
CA TRP Q 24 57.70 15.19 10.04
C TRP Q 24 56.31 15.78 10.08
N VAL Q 25 55.31 15.11 9.49
CA VAL Q 25 53.97 15.68 9.53
C VAL Q 25 53.36 15.57 10.91
N ILE Q 26 53.70 14.51 11.67
CA ILE Q 26 53.26 14.44 13.07
C ILE Q 26 53.83 15.60 13.87
N ALA Q 27 55.14 15.80 13.76
CA ALA Q 27 55.79 16.89 14.49
C ALA Q 27 55.28 18.24 14.05
N GLY Q 28 55.05 18.41 12.74
CA GLY Q 28 54.56 19.69 12.25
C GLY Q 28 53.15 20.01 12.71
N THR Q 29 52.25 19.01 12.68
CA THR Q 29 50.88 19.24 13.13
C THR Q 29 50.83 19.53 14.62
N LEU Q 30 51.56 18.72 15.41
CA LEU Q 30 51.59 18.96 16.85
C LEU Q 30 52.22 20.30 17.18
N GLY Q 31 53.30 20.66 16.48
CA GLY Q 31 53.94 21.94 16.71
C GLY Q 31 53.08 23.12 16.30
N THR Q 32 52.31 22.97 15.22
CA THR Q 32 51.42 24.04 14.80
C THR Q 32 50.31 24.27 15.82
N ILE Q 33 49.72 23.17 16.32
CA ILE Q 33 48.69 23.31 17.34
C ILE Q 33 49.28 23.88 18.63
N TRP Q 34 50.48 23.42 19.00
CA TRP Q 34 51.15 23.95 20.18
C TRP Q 34 51.47 25.43 20.03
N ALA Q 35 51.92 25.84 18.84
CA ALA Q 35 52.26 27.24 18.63
C ALA Q 35 51.02 28.12 18.66
N ILE Q 36 49.90 27.64 18.12
CA ILE Q 36 48.64 28.39 18.21
C ILE Q 36 48.22 28.52 19.67
N TYR Q 37 48.29 27.43 20.42
CA TYR Q 37 47.94 27.45 21.83
C TYR Q 37 48.89 28.31 22.64
N PHE Q 38 50.16 28.40 22.23
CA PHE Q 38 51.17 29.12 22.98
C PHE Q 38 51.10 30.61 22.72
N VAL Q 39 50.84 31.02 21.48
CA VAL Q 39 50.66 32.44 21.23
C VAL Q 39 49.31 32.89 21.81
N SER Q 40 48.31 32.02 21.79
CA SER Q 40 47.05 32.29 22.44
C SER Q 40 46.99 31.61 23.81
N GLN Q 41 47.90 32.00 24.69
CA GLN Q 41 48.07 31.31 25.97
C GLN Q 41 47.60 32.10 27.17
N LYS Q 42 47.91 33.40 27.27
CA LYS Q 42 47.38 34.21 28.36
C LYS Q 42 45.96 34.64 28.04
N ASP Q 43 45.13 33.69 27.64
CA ASP Q 43 43.80 33.94 27.10
C ASP Q 43 42.88 32.82 27.58
N LEU Q 44 41.61 33.14 27.76
CA LEU Q 44 40.64 32.14 28.21
C LEU Q 44 39.31 32.30 27.50
N SER R 1 -18.39 -50.37 37.90
CA SER R 1 -18.89 -49.13 38.50
C SER R 1 -17.74 -48.19 38.85
N VAL R 2 -17.39 -48.15 40.13
CA VAL R 2 -16.37 -47.23 40.61
C VAL R 2 -15.00 -47.86 40.38
N THR R 3 -14.20 -47.24 39.53
CA THR R 3 -12.83 -47.64 39.31
C THR R 3 -11.95 -47.18 40.46
N PRO R 4 -10.75 -47.77 40.61
CA PRO R 4 -9.80 -47.23 41.60
C PRO R 4 -9.45 -45.78 41.36
N SER R 5 -9.37 -45.34 40.11
CA SER R 5 -9.15 -43.94 39.82
C SER R 5 -10.29 -43.08 40.32
N LEU R 6 -11.53 -43.53 40.15
CA LEU R 6 -12.68 -42.78 40.64
C LEU R 6 -12.71 -42.73 42.15
N LYS R 7 -12.38 -43.86 42.80
CA LYS R 7 -12.33 -43.87 44.26
C LYS R 7 -11.26 -42.93 44.79
N ASN R 8 -10.09 -42.93 44.16
CA ASN R 8 -9.03 -42.01 44.58
C ASN R 8 -9.41 -40.56 44.32
N PHE R 9 -10.14 -40.30 43.24
CA PHE R 9 -10.59 -38.94 42.97
C PHE R 9 -11.59 -38.46 44.01
N LEU R 10 -12.54 -39.31 44.40
CA LEU R 10 -13.50 -38.94 45.44
C LEU R 10 -12.80 -38.73 46.79
N LEU R 11 -11.84 -39.60 47.11
CA LEU R 11 -11.07 -39.41 48.34
C LEU R 11 -10.24 -38.14 48.29
N SER R 12 -9.76 -37.76 47.10
CA SER R 12 -9.04 -36.50 46.96
C SER R 12 -9.95 -35.30 47.17
N LEU R 13 -11.20 -35.40 46.71
CA LEU R 13 -12.17 -34.35 47.01
C LEU R 13 -12.42 -34.24 48.51
N VAL R 14 -12.52 -35.39 49.19
CA VAL R 14 -12.69 -35.38 50.64
C VAL R 14 -11.48 -34.73 51.31
N ALA R 15 -10.27 -35.07 50.85
CA ALA R 15 -9.06 -34.50 51.43
C ALA R 15 -8.97 -33.00 51.18
N GLY R 16 -9.40 -32.54 50.00
CA GLY R 16 -9.43 -31.12 49.74
C GLY R 16 -10.40 -30.37 50.64
N ALA R 17 -11.58 -30.96 50.86
CA ALA R 17 -12.51 -30.37 51.83
C ALA R 17 -11.91 -30.34 53.22
N VAL R 18 -11.18 -31.40 53.59
CA VAL R 18 -10.55 -31.46 54.90
C VAL R 18 -9.50 -30.37 55.05
N VAL R 19 -8.67 -30.16 54.03
CA VAL R 19 -7.61 -29.17 54.17
C VAL R 19 -8.18 -27.74 54.11
N LEU R 20 -9.27 -27.52 53.37
CA LEU R 20 -9.93 -26.22 53.44
C LEU R 20 -10.51 -25.96 54.82
N ALA R 21 -11.12 -26.97 55.43
CA ALA R 21 -11.59 -26.82 56.81
C ALA R 21 -10.43 -26.57 57.76
N ALA R 22 -9.29 -27.22 57.51
CA ALA R 22 -8.12 -27.03 58.36
C ALA R 22 -7.57 -25.62 58.26
N ILE R 23 -7.49 -25.06 57.04
CA ILE R 23 -6.99 -23.69 56.93
C ILE R 23 -8.00 -22.70 57.47
N ALA R 24 -9.30 -22.99 57.39
CA ALA R 24 -10.28 -22.13 58.05
C ALA R 24 -10.11 -22.16 59.57
N GLY R 25 -9.86 -23.35 60.13
CA GLY R 25 -9.58 -23.44 61.55
C GLY R 25 -8.29 -22.75 61.94
N ALA R 26 -7.29 -22.78 61.06
CA ALA R 26 -6.05 -22.05 61.32
C ALA R 26 -6.27 -20.54 61.28
N VAL R 27 -7.15 -20.08 60.40
CA VAL R 27 -7.51 -18.67 60.35
C VAL R 27 -8.19 -18.26 61.65
N THR R 28 -9.17 -19.05 62.09
CA THR R 28 -9.91 -18.70 63.31
C THR R 28 -9.12 -18.99 64.58
N ALA R 29 -8.00 -19.71 64.50
CA ALA R 29 -7.20 -19.97 65.68
C ALA R 29 -6.40 -18.74 66.11
N VAL R 30 -6.18 -17.80 65.19
CA VAL R 30 -5.46 -16.52 65.37
C VAL R 30 -4.20 -16.59 66.26
N MET S 1 70.38 -29.74 67.74
CA MET S 1 70.28 -28.36 67.28
C MET S 1 68.96 -28.13 66.56
N THR S 2 68.45 -29.17 65.91
CA THR S 2 67.15 -29.09 65.27
C THR S 2 66.05 -28.92 66.31
N SER S 3 66.14 -29.64 67.43
CA SER S 3 65.14 -29.51 68.48
C SER S 3 65.18 -28.14 69.14
N ILE S 4 66.39 -27.59 69.31
CA ILE S 4 66.51 -26.24 69.86
C ILE S 4 65.87 -25.22 68.92
N LEU S 5 66.10 -25.38 67.61
CA LEU S 5 65.46 -24.52 66.63
C LEU S 5 63.95 -24.66 66.68
N GLN S 6 63.44 -25.88 66.81
CA GLN S 6 62.00 -26.09 66.84
C GLN S 6 61.37 -25.47 68.09
N ILE S 7 62.03 -25.60 69.24
CA ILE S 7 61.54 -24.98 70.46
C ILE S 7 61.57 -23.46 70.35
N ALA S 8 62.64 -22.91 69.76
CA ALA S 8 62.72 -21.47 69.56
C ALA S 8 61.65 -20.97 68.61
N LEU S 9 61.35 -21.75 67.56
CA LEU S 9 60.31 -21.35 66.62
C LEU S 9 58.93 -21.45 67.24
N LEU S 10 58.70 -22.45 68.08
CA LEU S 10 57.43 -22.54 68.81
C LEU S 10 57.27 -21.36 69.76
N GLY S 11 58.34 -21.00 70.45
CA GLY S 11 58.29 -19.82 71.29
C GLY S 11 58.05 -18.55 70.49
N LEU S 12 58.63 -18.47 69.29
CA LEU S 12 58.39 -17.32 68.42
C LEU S 12 56.93 -17.27 67.98
N VAL S 13 56.33 -18.43 67.70
CA VAL S 13 54.91 -18.47 67.35
C VAL S 13 54.06 -17.99 68.51
N LEU S 14 54.37 -18.44 69.72
CA LEU S 14 53.60 -18.00 70.90
C LEU S 14 53.77 -16.52 71.16
N VAL S 15 55.00 -15.99 71.04
CA VAL S 15 55.23 -14.57 71.27
C VAL S 15 54.55 -13.74 70.18
N SER S 16 54.58 -14.23 68.94
CA SER S 16 53.88 -13.54 67.86
C SER S 16 52.38 -13.50 68.11
N PHE S 17 51.82 -14.62 68.59
CA PHE S 17 50.39 -14.65 68.93
C PHE S 17 50.06 -13.68 70.06
N ALA S 18 50.91 -13.64 71.08
CA ALA S 18 50.71 -12.71 72.19
C ALA S 18 50.78 -11.27 71.72
N LEU S 19 51.73 -10.95 70.84
CA LEU S 19 51.84 -9.59 70.32
C LEU S 19 50.65 -9.24 69.45
N VAL S 20 50.21 -10.17 68.60
CA VAL S 20 49.04 -9.95 67.73
C VAL S 20 47.79 -9.67 68.56
N VAL S 21 47.60 -10.42 69.64
CA VAL S 21 46.41 -10.22 70.45
C VAL S 21 46.55 -9.03 71.40
N GLY S 22 47.77 -8.65 71.78
CA GLY S 22 47.93 -7.66 72.82
C GLY S 22 48.29 -6.25 72.40
N VAL S 23 49.14 -6.12 71.37
CA VAL S 23 49.59 -4.79 70.94
C VAL S 23 48.44 -3.88 70.53
N PRO S 24 47.48 -4.31 69.69
CA PRO S 24 46.32 -3.43 69.46
C PRO S 24 45.49 -3.19 70.72
N VAL S 25 45.39 -4.20 71.60
CA VAL S 25 44.65 -4.03 72.85
C VAL S 25 45.33 -3.01 73.74
N VAL S 26 46.65 -3.10 73.87
CA VAL S 26 47.40 -2.14 74.67
C VAL S 26 47.29 -0.74 74.06
N PHE S 27 47.40 -0.65 72.73
CA PHE S 27 47.35 0.64 72.05
C PHE S 27 46.00 1.33 72.26
N ALA S 28 44.91 0.61 72.00
CA ALA S 28 43.59 1.21 72.09
C ALA S 28 42.98 1.14 73.49
N SER S 29 43.69 0.57 74.45
CA SER S 29 43.20 0.59 75.82
C SER S 29 43.24 2.01 76.38
N PRO S 30 42.26 2.40 77.20
CA PRO S 30 42.25 3.75 77.76
C PRO S 30 43.38 3.95 78.76
N ASN S 31 44.37 4.76 78.36
CA ASN S 31 45.60 4.98 79.13
C ASN S 31 46.29 3.66 79.45
N GLY S 32 46.27 2.75 78.48
CA GLY S 32 46.91 1.46 78.62
C GLY S 32 48.27 1.36 78.00
N TRP S 33 48.76 2.42 77.37
CA TRP S 33 50.08 2.42 76.75
C TRP S 33 51.17 2.89 77.70
N THR S 34 50.83 3.65 78.73
CA THR S 34 51.85 4.16 79.65
C THR S 34 52.41 3.04 80.53
N GLU S 35 51.55 2.37 81.30
CA GLU S 35 52.03 1.38 82.25
C GLU S 35 52.42 0.07 81.60
N ASN S 36 51.95 -0.21 80.40
CA ASN S 36 52.30 -1.43 79.69
C ASN S 36 53.50 -1.24 78.78
N LYS S 37 54.21 -0.12 78.90
CA LYS S 37 55.42 0.13 78.12
C LYS S 37 56.42 -0.99 78.29
N GLY S 38 56.69 -1.39 79.53
CA GLY S 38 57.68 -2.42 79.78
C GLY S 38 57.28 -3.77 79.23
N VAL S 39 56.00 -4.14 79.38
CA VAL S 39 55.53 -5.42 78.87
C VAL S 39 55.61 -5.47 77.36
N VAL S 40 55.17 -4.40 76.69
CA VAL S 40 55.21 -4.36 75.23
C VAL S 40 56.65 -4.38 74.73
N PHE S 41 57.54 -3.62 75.40
CA PHE S 41 58.94 -3.60 75.01
C PHE S 41 59.60 -4.95 75.21
N SER S 42 59.26 -5.63 76.31
CA SER S 42 59.80 -6.97 76.55
C SER S 42 59.31 -7.97 75.50
N GLY S 43 58.04 -7.88 75.14
CA GLY S 43 57.52 -8.76 74.09
C GLY S 43 58.19 -8.53 72.75
N LEU S 44 58.37 -7.25 72.37
CA LEU S 44 59.05 -6.95 71.12
C LEU S 44 60.51 -7.39 71.14
N SER S 45 61.19 -7.17 72.28
CA SER S 45 62.60 -7.56 72.38
C SER S 45 62.76 -9.07 72.30
N VAL S 46 61.91 -9.83 73.00
CA VAL S 46 62.02 -11.28 72.95
C VAL S 46 61.61 -11.80 71.58
N TRP S 47 60.71 -11.09 70.88
CA TRP S 47 60.34 -11.49 69.53
C TRP S 47 61.52 -11.33 68.57
N PHE S 48 62.18 -10.18 68.59
CA PHE S 48 63.35 -9.98 67.75
C PHE S 48 64.48 -10.94 68.13
N LEU S 49 64.65 -11.19 69.43
CA LEU S 49 65.66 -12.13 69.89
C LEU S 49 65.37 -13.54 69.37
N LEU S 50 64.11 -13.96 69.38
CA LEU S 50 63.77 -15.28 68.89
C LEU S 50 63.93 -15.37 67.37
N VAL S 51 63.63 -14.29 66.66
CA VAL S 51 63.84 -14.28 65.20
C VAL S 51 65.32 -14.44 64.90
N PHE S 52 66.17 -13.67 65.59
CA PHE S 52 67.61 -13.77 65.38
C PHE S 52 68.13 -15.14 65.79
N ALA S 53 67.59 -15.69 66.89
CA ALA S 53 68.03 -17.01 67.35
C ALA S 53 67.67 -18.10 66.37
N VAL S 54 66.47 -18.05 65.80
CA VAL S 54 66.08 -19.04 64.79
C VAL S 54 66.95 -18.90 63.55
N GLY S 55 67.23 -17.66 63.15
CA GLY S 55 68.13 -17.46 62.01
C GLY S 55 69.53 -17.99 62.24
N VAL S 56 70.03 -17.84 63.46
CA VAL S 56 71.35 -18.37 63.79
C VAL S 56 71.34 -19.88 63.84
N PHE S 57 70.33 -20.47 64.49
CA PHE S 57 70.25 -21.92 64.64
C PHE S 57 69.94 -22.62 63.32
N ASN S 58 69.42 -21.90 62.32
CA ASN S 58 69.23 -22.49 61.02
C ASN S 58 70.56 -22.85 60.36
N SER S 59 71.62 -22.11 60.67
CA SER S 59 72.94 -22.42 60.13
C SER S 59 73.54 -23.69 60.74
N PHE S 60 73.11 -24.07 61.94
CA PHE S 60 73.62 -25.28 62.59
C PHE S 60 72.66 -26.45 62.48
N ALA S 61 71.41 -26.21 62.12
CA ALA S 61 70.45 -27.30 61.96
C ALA S 61 70.36 -27.71 60.49
N THR T 1 114.13 47.60 51.84
CA THR T 1 114.00 46.46 50.93
C THR T 1 112.67 46.52 50.20
N ILE T 2 111.64 47.05 50.87
CA ILE T 2 110.34 47.26 50.25
C ILE T 2 110.46 48.22 49.07
N ASN T 3 111.33 49.23 49.20
CA ASN T 3 111.60 50.14 48.10
C ASN T 3 112.19 49.43 46.88
N GLN T 4 112.78 48.25 47.07
CA GLN T 4 113.26 47.47 45.95
C GLN T 4 112.12 46.94 45.08
N PHE T 5 110.91 46.81 45.63
CA PHE T 5 109.78 46.28 44.89
C PHE T 5 108.51 47.12 45.02
N TYR T 6 108.55 48.22 45.78
CA TYR T 6 107.41 49.10 45.92
C TYR T 6 107.86 50.54 45.87
N GLY T 7 106.92 51.44 45.59
CA GLY T 7 107.21 52.85 45.56
C GLY T 7 107.78 53.33 44.24
N PRO T 8 108.18 54.59 44.18
CA PRO T 8 108.68 55.14 42.92
C PRO T 8 110.02 54.59 42.49
N ASP T 9 110.92 54.27 43.43
CA ASP T 9 112.26 53.81 43.10
C ASP T 9 112.34 52.29 42.96
N ARG T 10 111.20 51.63 42.73
CA ARG T 10 111.19 50.18 42.64
C ARG T 10 111.86 49.71 41.36
N ASN T 11 112.18 48.42 41.32
CA ASN T 11 112.78 47.81 40.15
C ASN T 11 111.77 47.76 39.01
N LYS T 12 112.18 48.22 37.83
CA LYS T 12 111.28 48.36 36.69
C LYS T 12 111.66 47.39 35.59
N TRP T 13 110.82 47.34 34.56
CA TRP T 13 110.92 46.33 33.52
C TRP T 13 111.91 46.67 32.42
N LEU T 14 112.62 47.79 32.52
CA LEU T 14 113.70 48.11 31.59
C LEU T 14 114.90 48.71 32.31
N GLY T 15 115.03 48.46 33.61
CA GLY T 15 116.14 48.95 34.39
C GLY T 15 116.21 50.46 34.42
N PRO T 16 117.35 51.02 34.00
CA PRO T 16 117.48 52.47 33.92
C PRO T 16 116.78 53.09 32.73
N TYR T 17 116.28 52.29 31.80
CA TYR T 17 115.71 52.80 30.55
C TYR T 17 114.19 52.74 30.57
N SER T 18 113.58 53.03 31.72
CA SER T 18 112.13 52.93 31.89
C SER T 18 111.60 54.09 32.71
N THR T 19 112.03 55.32 32.40
CA THR T 19 111.59 56.45 33.21
C THR T 19 110.15 56.85 32.92
N ASN T 20 109.59 56.44 31.78
CA ASN T 20 108.19 56.73 31.46
C ASN T 20 107.29 55.55 31.79
N THR T 21 107.31 55.19 33.07
CA THR T 21 106.35 54.23 33.60
C THR T 21 104.94 54.82 33.47
N PRO T 22 103.95 54.01 33.11
CA PRO T 22 102.57 54.51 33.03
C PRO T 22 102.11 55.09 34.36
N PRO T 23 101.35 56.18 34.34
CA PRO T 23 101.03 56.89 35.58
C PRO T 23 100.12 56.12 36.53
N TYR T 24 99.42 55.09 36.06
CA TYR T 24 98.56 54.28 36.93
C TYR T 24 99.31 53.14 37.60
N LEU T 25 100.57 52.90 37.24
CA LEU T 25 101.39 51.88 37.88
C LEU T 25 102.28 52.59 38.91
N THR T 26 101.70 52.81 40.09
CA THR T 26 102.28 53.68 41.11
C THR T 26 103.09 52.90 42.15
N GLY T 27 103.43 51.65 41.87
CA GLY T 27 104.19 50.85 42.81
C GLY T 27 103.42 50.48 44.06
N GLU T 28 102.14 50.16 43.92
CA GLU T 28 101.28 49.81 45.04
C GLU T 28 101.12 48.30 45.20
N PHE T 29 100.97 47.59 44.10
CA PHE T 29 100.61 46.19 44.06
C PHE T 29 101.83 45.30 43.88
N PRO T 30 101.73 44.02 44.24
CA PRO T 30 102.86 43.10 44.05
C PRO T 30 103.27 42.98 42.60
N GLY T 31 104.57 42.78 42.39
CA GLY T 31 105.14 42.84 41.06
C GLY T 31 105.40 44.28 40.68
N ASP T 32 104.63 44.80 39.73
CA ASP T 32 104.63 46.21 39.35
C ASP T 32 106.02 46.66 38.90
N TYR T 33 106.48 46.06 37.80
CA TYR T 33 107.70 46.53 37.15
C TYR T 33 107.44 47.68 36.18
N GLY T 34 106.22 48.22 36.18
CA GLY T 34 105.89 49.32 35.29
C GLY T 34 105.70 48.93 33.85
N TRP T 35 105.35 47.67 33.57
CA TRP T 35 105.20 47.17 32.21
C TRP T 35 103.73 47.18 31.83
N ASP T 36 103.31 48.23 31.11
CA ASP T 36 102.02 48.21 30.41
C ASP T 36 102.20 49.07 29.16
N THR T 37 102.58 48.43 28.06
CA THR T 37 102.82 49.12 26.81
C THR T 37 101.58 49.18 25.92
N ALA T 38 100.53 48.45 26.26
CA ALA T 38 99.30 48.46 25.49
C ALA T 38 98.20 49.27 26.16
N GLY T 39 98.40 49.72 27.39
CA GLY T 39 97.37 50.46 28.10
C GLY T 39 96.18 49.65 28.49
N LEU T 40 96.34 48.33 28.62
CA LEU T 40 95.22 47.47 28.97
C LEU T 40 94.70 47.73 30.38
N SER T 41 95.58 48.17 31.27
CA SER T 41 95.25 48.39 32.67
C SER T 41 95.06 49.86 33.02
N ALA T 42 94.79 50.71 32.02
CA ALA T 42 94.60 52.13 32.28
C ALA T 42 93.35 52.36 33.13
N ASP T 43 92.28 51.63 32.86
CA ASP T 43 91.09 51.72 33.71
C ASP T 43 91.33 50.94 35.00
N PRO T 44 91.15 51.58 36.16
CA PRO T 44 91.52 50.92 37.43
C PRO T 44 90.76 49.63 37.73
N GLU T 45 89.47 49.56 37.37
CA GLU T 45 88.70 48.35 37.66
C GLU T 45 89.17 47.19 36.80
N THR T 46 89.45 47.46 35.52
CA THR T 46 90.04 46.44 34.66
C THR T 46 91.43 46.05 35.11
N PHE T 47 92.18 47.01 35.68
CA PHE T 47 93.49 46.68 36.27
C PHE T 47 93.33 45.74 37.45
N LYS T 48 92.32 45.97 38.30
CA LYS T 48 92.05 45.07 39.40
C LYS T 48 91.68 43.68 38.92
N ARG T 49 90.83 43.60 37.89
CA ARG T 49 90.48 42.31 37.31
C ARG T 49 91.70 41.61 36.73
N TYR T 50 92.57 42.36 36.04
CA TYR T 50 93.78 41.79 35.47
C TYR T 50 94.72 41.29 36.55
N ARG T 51 94.82 42.01 37.67
CA ARG T 51 95.68 41.57 38.76
C ARG T 51 95.16 40.28 39.38
N GLU T 52 93.85 40.19 39.61
CA GLU T 52 93.27 38.96 40.15
C GLU T 52 93.51 37.79 39.19
N LEU T 53 93.28 38.02 37.91
CA LEU T 53 93.43 36.97 36.92
C LEU T 53 94.89 36.55 36.77
N GLU T 54 95.81 37.52 36.84
CA GLU T 54 97.23 37.21 36.77
C GLU T 54 97.68 36.39 37.96
N LEU T 55 97.22 36.72 39.17
CA LEU T 55 97.61 35.94 40.33
C LEU T 55 97.04 34.52 40.28
N ILE T 56 95.80 34.38 39.83
CA ILE T 56 95.21 33.05 39.70
C ILE T 56 95.98 32.23 38.67
N HIS T 57 96.32 32.84 37.54
CA HIS T 57 97.13 32.17 36.53
C HIS T 57 98.51 31.83 37.06
N ALA T 58 99.08 32.70 37.89
CA ALA T 58 100.40 32.46 38.47
C ALA T 58 100.40 31.22 39.34
N ARG T 59 99.40 31.11 40.23
CA ARG T 59 99.33 29.94 41.11
C ARG T 59 99.04 28.67 40.31
N TRP T 60 98.13 28.76 39.33
CA TRP T 60 97.85 27.62 38.48
C TRP T 60 99.09 27.18 37.71
N ALA T 61 99.91 28.13 37.28
CA ALA T 61 101.10 27.80 36.52
C ALA T 61 102.22 27.26 37.39
N LEU T 62 102.33 27.72 38.64
CA LEU T 62 103.27 27.08 39.57
C LEU T 62 102.93 25.61 39.74
N LEU T 63 101.65 25.33 40.03
CA LEU T 63 101.21 23.94 40.17
C LEU T 63 101.39 23.17 38.87
N GLY T 64 101.07 23.80 37.74
CA GLY T 64 101.16 23.11 36.46
C GLY T 64 102.58 22.80 36.02
N ALA T 65 103.50 23.74 36.22
CA ALA T 65 104.89 23.49 35.89
C ALA T 65 105.47 22.40 36.76
N LEU T 66 105.18 22.43 38.07
CA LEU T 66 105.65 21.36 38.94
C LEU T 66 105.06 20.02 38.53
N GLY T 67 103.77 19.99 38.17
CA GLY T 67 103.15 18.74 37.78
C GLY T 67 103.53 18.26 36.40
N MET T 68 104.01 19.16 35.55
CA MET T 68 104.52 18.76 34.24
C MET T 68 105.95 18.29 34.30
N VAL T 69 106.70 18.69 35.33
CA VAL T 69 108.10 18.28 35.41
C VAL T 69 108.25 17.06 36.31
N THR T 70 107.33 16.87 37.28
CA THR T 70 107.57 15.88 38.33
C THR T 70 107.53 14.43 37.86
N PRO T 71 106.49 13.94 37.18
CA PRO T 71 106.48 12.50 36.83
C PRO T 71 107.55 12.10 35.83
N GLU T 72 108.02 13.01 35.00
CA GLU T 72 109.13 12.68 34.11
C GLU T 72 110.44 12.59 34.88
N LEU T 73 110.59 13.37 35.95
CA LEU T 73 111.75 13.24 36.82
C LEU T 73 111.67 11.97 37.66
N LEU T 74 110.47 11.56 38.05
CA LEU T 74 110.28 10.37 38.86
C LEU T 74 110.22 9.10 38.01
N GLN T 75 110.57 9.17 36.74
CA GLN T 75 110.66 8.00 35.90
C GLN T 75 111.81 7.10 36.34
N ASP T 76 111.61 5.80 36.23
CA ASP T 76 112.63 4.82 36.60
C ASP T 76 113.59 4.61 35.43
N ASP T 77 114.40 3.56 35.51
CA ASP T 77 115.39 3.27 34.48
C ASP T 77 114.83 2.49 33.29
N ASP T 78 113.58 2.05 33.33
CA ASP T 78 113.05 1.21 32.27
C ASP T 78 111.63 1.55 31.85
N GLY T 79 111.06 2.66 32.32
CA GLY T 79 109.73 3.06 31.91
C GLY T 79 108.62 2.11 32.34
N ILE T 80 108.73 1.57 33.55
CA ILE T 80 107.75 0.61 34.06
C ILE T 80 106.74 1.29 34.98
N MET T 81 107.20 2.24 35.81
CA MET T 81 106.32 3.05 36.65
C MET T 81 105.28 3.75 35.79
N PHE T 82 105.75 4.64 34.93
CA PHE T 82 104.91 5.32 33.95
C PHE T 82 105.41 4.93 32.56
N GLY T 83 104.47 4.67 31.67
CA GLY T 83 104.85 4.45 30.29
C GLY T 83 104.94 5.78 29.58
N GLU T 84 104.23 5.91 28.46
CA GLU T 84 104.22 7.17 27.71
C GLU T 84 103.67 8.31 28.56
N SER T 85 102.85 7.97 29.56
CA SER T 85 102.27 8.92 30.51
C SER T 85 103.30 9.59 31.40
N ALA T 86 104.56 9.13 31.40
CA ALA T 86 105.61 9.90 32.06
C ALA T 86 105.75 11.28 31.43
N ILE T 87 105.38 11.42 30.16
CA ILE T 87 105.41 12.70 29.46
C ILE T 87 104.05 13.39 29.64
N TRP T 88 104.10 14.67 30.03
CA TRP T 88 102.89 15.34 30.51
C TRP T 88 101.82 15.43 29.44
N PHE T 89 102.19 15.75 28.20
CA PHE T 89 101.18 15.89 27.15
C PHE T 89 100.66 14.54 26.68
N LYS T 90 101.13 13.45 27.26
CA LYS T 90 100.61 12.12 27.01
C LYS T 90 100.09 11.49 28.31
N ALA T 91 99.91 12.30 29.35
CA ALA T 91 99.48 11.78 30.64
C ALA T 91 98.00 11.37 30.63
N GLY T 92 97.15 12.18 30.00
CA GLY T 92 95.71 11.94 30.06
C GLY T 92 95.30 10.60 29.49
N ALA T 93 95.95 10.20 28.39
CA ALA T 93 95.65 8.92 27.75
C ALA T 93 95.94 7.74 28.67
N ALA T 94 96.69 7.95 29.75
CA ALA T 94 96.91 6.91 30.75
C ALA T 94 95.60 6.38 31.30
N ILE T 95 94.55 7.21 31.38
CA ILE T 95 93.29 6.71 31.93
C ILE T 95 92.64 5.71 31.00
N PHE T 96 93.05 5.67 29.73
CA PHE T 96 92.57 4.66 28.79
C PHE T 96 93.37 3.37 28.85
N GLN T 97 94.39 3.29 29.69
CA GLN T 97 95.15 2.06 29.85
C GLN T 97 94.28 0.97 30.48
N GLU T 98 94.66 -0.28 30.23
CA GLU T 98 93.87 -1.41 30.70
C GLU T 98 93.85 -1.48 32.23
N GLY T 99 94.98 -1.19 32.88
CA GLY T 99 95.03 -1.11 34.32
C GLY T 99 94.54 0.20 34.89
N GLY T 100 94.18 1.15 34.02
CA GLY T 100 93.76 2.45 34.47
C GLY T 100 94.91 3.33 34.89
N LEU T 101 94.57 4.51 35.39
CA LEU T 101 95.57 5.46 35.85
C LEU T 101 95.93 5.11 37.29
N ASN T 102 97.10 4.52 37.47
CA ASN T 102 97.61 4.18 38.79
C ASN T 102 98.61 5.25 39.22
N TYR T 103 98.38 5.86 40.38
CA TYR T 103 99.24 6.94 40.84
C TYR T 103 100.62 6.40 41.20
N LEU T 104 101.66 6.98 40.60
CA LEU T 104 103.05 6.58 40.79
C LEU T 104 103.27 5.10 40.45
N GLY T 105 102.49 4.59 39.49
CA GLY T 105 102.59 3.21 39.06
C GLY T 105 102.07 2.17 40.02
N ASN T 106 101.54 2.58 41.17
CA ASN T 106 101.08 1.64 42.18
C ASN T 106 99.59 1.39 41.98
N PRO T 107 99.17 0.15 41.70
CA PRO T 107 97.73 -0.10 41.48
C PRO T 107 96.88 0.03 42.73
N SER T 108 97.47 0.15 43.92
CA SER T 108 96.69 0.42 45.11
C SER T 108 96.30 1.89 45.25
N LEU T 109 96.84 2.76 44.40
CA LEU T 109 96.53 4.19 44.43
C LEU T 109 95.70 4.56 43.21
N ILE T 110 94.56 5.19 43.47
CA ILE T 110 93.64 5.74 42.46
C ILE T 110 93.11 4.63 41.55
N HIS T 111 93.93 4.09 40.64
CA HIS T 111 93.49 3.01 39.75
C HIS T 111 92.26 3.43 38.93
N ALA T 112 92.24 4.69 38.51
CA ALA T 112 91.04 5.27 37.92
C ALA T 112 90.80 4.73 36.51
N GLN T 113 89.55 4.38 36.22
CA GLN T 113 89.18 3.76 34.94
C GLN T 113 88.31 4.64 34.07
N ASN T 114 87.42 5.44 34.65
CA ASN T 114 86.36 6.13 33.91
C ASN T 114 86.68 7.62 33.80
N ILE T 115 87.06 8.05 32.59
CA ILE T 115 87.39 9.45 32.36
C ILE T 115 86.15 10.32 32.51
N VAL T 116 84.99 9.81 32.10
CA VAL T 116 83.75 10.58 32.24
C VAL T 116 83.43 10.80 33.71
N ALA T 117 83.60 9.76 34.53
CA ALA T 117 83.33 9.88 35.96
C ALA T 117 84.29 10.85 36.63
N THR T 118 85.60 10.75 36.32
CA THR T 118 86.53 11.65 36.97
C THR T 118 86.35 13.10 36.48
N LEU T 119 85.97 13.29 35.22
CA LEU T 119 85.67 14.64 34.75
C LEU T 119 84.43 15.20 35.43
N ALA T 120 83.39 14.38 35.61
CA ALA T 120 82.19 14.87 36.30
C ALA T 120 82.49 15.23 37.75
N VAL T 121 83.29 14.41 38.44
CA VAL T 121 83.69 14.71 39.80
C VAL T 121 84.47 16.01 39.84
N GLN T 122 85.40 16.20 38.89
CA GLN T 122 86.19 17.41 38.86
C GLN T 122 85.33 18.64 38.55
N VAL T 123 84.35 18.50 37.66
CA VAL T 123 83.46 19.63 37.36
C VAL T 123 82.69 20.04 38.61
N VAL T 124 82.14 19.07 39.33
CA VAL T 124 81.38 19.40 40.54
C VAL T 124 82.30 20.05 41.58
N LEU T 125 83.46 19.45 41.84
CA LEU T 125 84.35 19.94 42.88
C LEU T 125 84.90 21.31 42.53
N MET T 126 85.41 21.49 41.31
CA MET T 126 85.99 22.77 40.92
C MET T 126 84.93 23.85 40.77
N GLY T 127 83.71 23.50 40.35
CA GLY T 127 82.65 24.49 40.34
C GLY T 127 82.32 24.99 41.73
N LEU T 128 82.23 24.08 42.70
CA LEU T 128 82.03 24.50 44.09
C LEU T 128 83.18 25.35 44.59
N VAL T 129 84.42 24.94 44.28
CA VAL T 129 85.60 25.66 44.77
C VAL T 129 85.68 27.07 44.18
N GLU T 130 85.43 27.21 42.88
CA GLU T 130 85.51 28.53 42.26
C GLU T 130 84.33 29.41 42.69
N GLY T 131 83.16 28.80 42.91
CA GLY T 131 82.06 29.55 43.50
C GLY T 131 82.40 30.05 44.89
N TYR T 132 83.09 29.23 45.69
CA TYR T 132 83.52 29.68 47.00
C TYR T 132 84.54 30.81 46.90
N ARG T 133 85.48 30.70 45.96
CA ARG T 133 86.48 31.75 45.78
C ARG T 133 85.84 33.06 45.34
N VAL T 134 84.77 33.00 44.57
CA VAL T 134 84.12 34.21 44.09
C VAL T 134 83.20 34.81 45.14
N ASN T 135 82.36 33.99 45.77
CA ASN T 135 81.30 34.48 46.62
C ASN T 135 81.61 34.41 48.11
N GLY T 136 82.25 33.36 48.57
CA GLY T 136 82.46 33.09 49.98
C GLY T 136 81.80 31.76 50.31
N GLY T 137 82.41 31.00 51.19
CA GLY T 137 81.90 29.69 51.53
C GLY T 137 82.39 29.17 52.86
N PRO T 138 82.63 27.85 52.93
CA PRO T 138 83.04 27.24 54.20
C PRO T 138 84.34 27.76 54.76
N ALA T 139 85.28 28.14 53.91
CA ALA T 139 86.59 28.60 54.36
C ALA T 139 86.69 30.11 54.51
N GLY T 140 85.61 30.84 54.26
CA GLY T 140 85.63 32.28 54.39
C GLY T 140 84.40 32.93 53.78
N GLU T 141 84.06 34.13 54.23
CA GLU T 141 82.86 34.81 53.77
C GLU T 141 83.13 36.20 53.21
N GLY T 142 84.04 36.96 53.82
CA GLY T 142 84.31 38.30 53.35
C GLY T 142 85.78 38.65 53.33
N LEU T 143 86.63 37.65 53.11
CA LEU T 143 88.07 37.85 53.08
C LEU T 143 88.50 38.48 51.77
N ASP T 144 89.80 38.68 51.61
CA ASP T 144 90.34 39.27 50.39
C ASP T 144 90.14 38.30 49.23
N PRO T 145 89.74 38.81 48.05
CA PRO T 145 89.55 37.91 46.90
C PRO T 145 90.82 37.21 46.42
N LEU T 146 91.99 37.76 46.71
CA LEU T 146 93.25 37.16 46.29
C LEU T 146 94.07 36.57 47.43
N TYR T 147 94.01 37.18 48.61
CA TYR T 147 94.77 36.72 49.77
C TYR T 147 93.82 36.59 50.97
N PRO T 148 92.99 35.54 51.01
CA PRO T 148 92.11 35.34 52.16
C PRO T 148 92.88 35.14 53.46
N GLY T 149 93.75 34.14 53.48
CA GLY T 149 94.73 33.99 54.53
C GLY T 149 94.20 33.69 55.92
N GLU T 150 93.09 32.98 56.03
CA GLU T 150 92.63 32.47 57.31
C GLU T 150 92.65 30.95 57.35
N ALA T 151 91.92 30.29 56.46
CA ALA T 151 92.04 28.84 56.32
C ALA T 151 93.11 28.45 55.32
N PHE T 152 93.44 29.34 54.39
CA PHE T 152 94.45 29.10 53.37
C PHE T 152 95.81 29.63 53.78
N ASP T 153 95.95 30.05 55.03
CA ASP T 153 97.25 30.38 55.62
C ASP T 153 97.38 29.64 56.94
N PRO T 154 97.49 28.30 56.90
CA PRO T 154 97.52 27.56 58.16
C PRO T 154 98.82 27.71 58.92
N LEU T 155 99.92 27.99 58.24
CA LEU T 155 101.25 27.98 58.85
C LEU T 155 101.72 29.36 59.32
N GLY T 156 100.93 30.40 59.13
CA GLY T 156 101.34 31.74 59.53
C GLY T 156 102.08 32.45 58.40
N LEU T 157 103.34 32.81 58.66
CA LEU T 157 104.28 33.28 57.63
C LEU T 157 103.87 34.62 56.99
N ALA T 158 102.70 35.15 57.35
CA ALA T 158 102.21 36.37 56.71
C ALA T 158 101.53 37.31 57.71
N ASP T 159 101.64 37.05 59.01
CA ASP T 159 101.07 37.97 59.99
C ASP T 159 101.83 39.30 59.99
N ASP T 160 103.14 39.25 59.80
CA ASP T 160 103.93 40.47 59.69
C ASP T 160 103.68 41.11 58.33
N PRO T 161 103.24 42.37 58.27
CA PRO T 161 102.97 43.00 56.96
C PRO T 161 104.20 43.11 56.05
N GLU T 162 105.39 43.30 56.62
CA GLU T 162 106.60 43.35 55.79
C GLU T 162 106.86 42.01 55.12
N ALA T 163 106.80 40.93 55.90
CA ALA T 163 106.94 39.59 55.33
C ALA T 163 105.83 39.30 54.35
N PHE T 164 104.62 39.80 54.63
CA PHE T 164 103.50 39.62 53.71
C PHE T 164 103.77 40.28 52.37
N ALA T 165 104.30 41.51 52.38
CA ALA T 165 104.58 42.21 51.13
C ALA T 165 105.69 41.54 50.35
N GLU T 166 106.79 41.17 51.03
CA GLU T 166 107.88 40.53 50.31
C GLU T 166 107.51 39.14 49.80
N LEU T 167 106.66 38.42 50.53
CA LEU T 167 106.20 37.13 50.04
C LEU T 167 105.19 37.28 48.91
N LYS T 168 104.42 38.38 48.90
CA LYS T 168 103.59 38.69 47.75
C LYS T 168 104.44 38.90 46.51
N VAL T 169 105.53 39.65 46.65
CA VAL T 169 106.45 39.87 45.52
C VAL T 169 107.07 38.55 45.08
N LYS T 170 107.49 37.73 46.04
CA LYS T 170 108.07 36.42 45.72
C LYS T 170 107.06 35.54 44.98
N GLU T 171 105.82 35.54 45.45
CA GLU T 171 104.77 34.73 44.83
C GLU T 171 104.50 35.17 43.40
N ILE T 172 104.37 36.49 43.18
CA ILE T 172 104.05 36.94 41.83
C ILE T 172 105.25 36.73 40.89
N LYS T 173 106.48 36.86 41.38
CA LYS T 173 107.63 36.66 40.51
C LYS T 173 107.81 35.17 40.18
N ASN T 174 107.65 34.29 41.17
CA ASN T 174 107.70 32.86 40.92
C ASN T 174 106.57 32.44 39.99
N GLY T 175 105.39 33.03 40.16
CA GLY T 175 104.27 32.70 39.28
C GLY T 175 104.48 33.17 37.86
N ARG T 176 105.07 34.35 37.67
CA ARG T 176 105.38 34.80 36.31
C ARG T 176 106.44 33.92 35.67
N LEU T 177 107.45 33.50 36.45
CA LEU T 177 108.43 32.56 35.93
C LEU T 177 107.78 31.23 35.56
N ALA T 178 106.83 30.76 36.37
CA ALA T 178 106.14 29.51 36.09
C ALA T 178 105.22 29.64 34.87
N MET T 179 104.59 30.80 34.68
CA MET T 179 103.78 31.03 33.50
C MET T 179 104.65 31.02 32.25
N PHE T 180 105.82 31.67 32.32
CA PHE T 180 106.77 31.63 31.21
C PHE T 180 107.21 30.21 30.91
N ALA T 181 107.49 29.43 31.97
CA ALA T 181 107.90 28.05 31.80
C ALA T 181 106.79 27.19 31.23
N CYS T 182 105.53 27.45 31.61
CA CYS T 182 104.42 26.66 31.10
C CYS T 182 104.15 26.96 29.63
N LEU T 183 104.27 28.24 29.23
CA LEU T 183 104.21 28.57 27.82
C LEU T 183 105.35 27.90 27.06
N GLY T 184 106.55 27.89 27.65
CA GLY T 184 107.65 27.15 27.06
C GLY T 184 107.36 25.67 26.92
N PHE T 185 106.72 25.08 27.92
CA PHE T 185 106.34 23.67 27.87
C PHE T 185 105.38 23.41 26.72
N PHE T 186 104.37 24.27 26.57
CA PHE T 186 103.39 24.11 25.50
C PHE T 186 104.06 24.22 24.13
N VAL T 187 104.87 25.26 23.92
CA VAL T 187 105.49 25.47 22.63
C VAL T 187 106.50 24.38 22.32
N GLN T 188 107.29 23.97 23.32
CA GLN T 188 108.26 22.89 23.12
C GLN T 188 107.57 21.59 22.78
N ALA T 189 106.46 21.28 23.46
CA ALA T 189 105.70 20.08 23.14
C ALA T 189 105.21 20.12 21.71
N ILE T 190 104.65 21.26 21.29
CA ILE T 190 104.10 21.38 19.94
C ILE T 190 105.20 21.22 18.89
N VAL T 191 106.36 21.84 19.11
CA VAL T 191 107.39 21.85 18.08
C VAL T 191 108.35 20.67 18.14
N THR T 192 108.38 19.91 19.23
CA THR T 192 109.32 18.80 19.33
C THR T 192 108.66 17.44 19.47
N GLY T 193 107.58 17.33 20.24
CA GLY T 193 106.99 16.04 20.49
C GLY T 193 107.66 15.25 21.59
N LYS T 194 108.63 15.82 22.29
CA LYS T 194 109.29 15.18 23.42
C LYS T 194 108.99 15.97 24.69
N GLY T 195 109.24 15.32 25.83
CA GLY T 195 109.01 15.95 27.12
C GLY T 195 109.99 17.06 27.39
N PRO T 196 109.66 17.95 28.33
CA PRO T 196 110.56 19.07 28.64
C PRO T 196 111.89 18.62 29.23
N ILE T 197 111.88 17.59 30.09
CA ILE T 197 113.14 17.08 30.63
C ILE T 197 113.96 16.42 29.55
N GLU T 198 113.30 15.72 28.62
CA GLU T 198 113.98 15.16 27.47
C GLU T 198 114.62 16.25 26.62
N ASN T 199 113.90 17.37 26.43
CA ASN T 199 114.46 18.51 25.72
C ASN T 199 115.67 19.09 26.45
N LEU T 200 115.59 19.19 27.77
CA LEU T 200 116.70 19.71 28.55
C LEU T 200 117.94 18.83 28.43
N THR T 201 117.76 17.51 28.56
CA THR T 201 118.90 16.60 28.46
C THR T 201 119.44 16.55 27.04
N ASP T 202 118.57 16.62 26.04
CA ASP T 202 119.01 16.67 24.65
C ASP T 202 119.82 17.92 24.38
N HIS T 203 119.40 19.06 24.94
CA HIS T 203 120.16 20.29 24.80
C HIS T 203 121.50 20.19 25.50
N LEU T 204 121.51 19.63 26.72
CA LEU T 204 122.76 19.47 27.44
C LEU T 204 123.71 18.49 26.78
N ALA T 205 123.20 17.59 25.94
CA ALA T 205 124.06 16.69 25.18
C ALA T 205 124.96 17.46 24.23
N ASN T 206 124.38 18.39 23.47
CA ASN T 206 125.15 19.28 22.59
C ASN T 206 124.35 20.54 22.31
N PRO T 207 124.55 21.60 23.08
CA PRO T 207 123.73 22.81 22.91
C PRO T 207 123.98 23.55 21.61
N ALA T 208 125.03 23.22 20.87
CA ALA T 208 125.32 23.92 19.62
C ALA T 208 124.25 23.66 18.57
N GLU T 209 123.75 22.42 18.48
CA GLU T 209 122.75 22.07 17.49
C GLU T 209 121.46 21.51 18.07
N ASN T 210 121.40 21.25 19.37
CA ASN T 210 120.16 20.78 20.00
C ASN T 210 119.41 21.99 20.58
N ASN T 211 118.84 22.77 19.67
CA ASN T 211 118.15 23.99 20.03
C ASN T 211 116.96 24.18 19.09
N ALA T 212 116.17 25.22 19.38
CA ALA T 212 114.93 25.45 18.66
C ALA T 212 115.17 25.70 17.17
N PHE T 213 116.32 26.25 16.81
CA PHE T 213 116.63 26.48 15.41
C PHE T 213 116.76 25.18 14.63
N ALA T 214 117.09 24.08 15.30
CA ALA T 214 117.09 22.77 14.65
C ALA T 214 115.69 22.35 14.21
N TYR T 215 114.65 22.97 14.76
CA TYR T 215 113.28 22.77 14.31
C TYR T 215 112.73 24.00 13.61
N ALA T 216 113.60 24.90 13.13
CA ALA T 216 113.15 26.16 12.56
C ALA T 216 112.40 25.98 11.24
N THR T 217 112.62 24.87 10.54
CA THR T 217 111.95 24.61 9.27
C THR T 217 110.87 23.54 9.40
N LYS T 218 110.21 23.47 10.56
CA LYS T 218 109.23 22.41 10.77
C LYS T 218 107.88 22.76 10.15
N PHE T 219 107.38 23.97 10.39
CA PHE T 219 106.07 24.39 9.91
C PHE T 219 106.15 25.15 8.60
N THR T 220 107.15 24.88 7.78
CA THR T 220 107.26 25.55 6.49
C THR T 220 106.21 25.01 5.53
N PRO T 221 105.57 25.89 4.74
CA PRO T 221 104.54 25.45 3.81
C PRO T 221 105.10 24.98 2.48
N GLN T 222 104.37 24.06 1.86
CA GLN T 222 104.74 23.56 0.54
C GLN T 222 103.58 23.72 -0.43
N GLU U 1 89.76 67.29 5.16
CA GLU U 1 90.46 66.16 4.57
C GLU U 1 91.51 65.61 5.52
N PHE U 2 91.23 64.42 6.06
CA PHE U 2 92.08 63.67 6.98
C PHE U 2 92.28 64.38 8.31
N TYR U 3 91.59 65.49 8.55
CA TYR U 3 91.68 66.21 9.81
C TYR U 3 90.36 66.95 10.05
N GLY U 4 90.11 67.26 11.32
CA GLY U 4 88.93 68.00 11.69
C GLY U 4 87.66 67.16 11.60
N PRO U 5 86.51 67.84 11.64
CA PRO U 5 85.23 67.10 11.59
C PRO U 5 84.77 66.73 10.19
N ASP U 6 85.30 67.36 9.15
CA ASP U 6 84.92 67.06 7.78
C ASP U 6 85.87 66.08 7.10
N ARG U 7 86.61 65.30 7.89
CA ARG U 7 87.67 64.46 7.37
C ARG U 7 87.11 63.25 6.65
N ALA U 8 87.97 62.61 5.87
CA ALA U 8 87.65 61.34 5.23
C ALA U 8 87.45 60.26 6.27
N LYS U 9 86.45 59.41 6.08
CA LYS U 9 86.06 58.44 7.08
C LYS U 9 85.88 57.06 6.45
N PHE U 10 85.79 56.05 7.31
CA PHE U 10 86.00 54.66 6.93
C PHE U 10 84.75 53.97 6.39
N LEU U 11 83.61 54.66 6.32
CA LEU U 11 82.43 54.13 5.67
C LEU U 11 81.77 55.17 4.77
N GLY U 12 82.48 56.26 4.47
CA GLY U 12 82.00 57.30 3.60
C GLY U 12 80.67 57.86 4.02
N PRO U 13 79.68 57.76 3.13
CA PRO U 13 78.35 58.31 3.41
C PRO U 13 77.63 57.61 4.54
N PHE U 14 78.23 56.56 5.11
CA PHE U 14 77.66 55.86 6.24
C PHE U 14 78.36 56.19 7.56
N SER U 15 79.23 57.20 7.59
CA SER U 15 80.02 57.44 8.79
C SER U 15 79.56 58.64 9.62
N GLU U 16 78.59 59.42 9.15
CA GLU U 16 78.30 60.68 9.83
C GLU U 16 77.58 60.50 11.17
N ASN U 17 76.97 59.34 11.41
CA ASN U 17 76.14 59.17 12.60
C ASN U 17 76.67 58.10 13.55
N ASP U 18 77.85 57.52 13.28
CA ASP U 18 78.40 56.54 14.20
C ASP U 18 79.90 56.73 14.42
N THR U 19 80.42 57.92 14.18
CA THR U 19 81.80 58.19 14.54
C THR U 19 81.90 58.34 16.05
N PRO U 20 82.83 57.64 16.70
CA PRO U 20 82.94 57.73 18.16
C PRO U 20 83.32 59.14 18.61
N GLU U 21 82.87 59.49 19.82
CA GLU U 21 83.10 60.82 20.36
C GLU U 21 84.59 61.11 20.55
N TYR U 22 85.38 60.08 20.90
CA TYR U 22 86.79 60.27 21.18
C TYR U 22 87.64 60.33 19.92
N LEU U 23 87.05 60.11 18.74
CA LEU U 23 87.76 60.23 17.47
C LEU U 23 87.33 61.55 16.83
N THR U 24 88.02 62.62 17.19
CA THR U 24 87.66 63.98 16.77
C THR U 24 88.48 64.47 15.58
N GLY U 25 89.25 63.60 14.94
CA GLY U 25 90.10 64.02 13.85
C GLY U 25 91.26 64.89 14.27
N GLU U 26 91.89 64.56 15.41
CA GLU U 26 93.06 65.29 15.89
C GLU U 26 94.36 64.65 15.43
N PHE U 27 94.45 63.33 15.47
CA PHE U 27 95.60 62.51 15.17
C PHE U 27 95.53 61.98 13.74
N PRO U 28 96.68 61.74 13.11
CA PRO U 28 96.66 61.20 11.74
C PRO U 28 96.07 59.80 11.67
N GLY U 29 95.46 59.50 10.53
CA GLY U 29 94.84 58.21 10.31
C GLY U 29 93.47 58.05 10.91
N ASP U 30 92.91 59.09 11.52
CA ASP U 30 91.59 59.02 12.13
C ASP U 30 90.55 59.04 11.03
N TYR U 31 90.13 57.85 10.61
CA TYR U 31 88.99 57.69 9.74
C TYR U 31 87.71 57.40 10.52
N GLY U 32 87.76 57.51 11.84
CA GLY U 32 86.61 57.24 12.67
C GLY U 32 86.34 55.78 12.95
N TRP U 33 87.29 54.89 12.63
CA TRP U 33 87.08 53.45 12.75
C TRP U 33 87.48 52.98 14.15
N ASP U 34 86.51 52.94 15.05
CA ASP U 34 86.64 52.22 16.33
C ASP U 34 85.28 51.59 16.61
N THR U 35 85.07 50.37 16.13
CA THR U 35 83.79 49.70 16.30
C THR U 35 83.75 48.84 17.56
N ALA U 36 84.88 48.26 17.96
CA ALA U 36 84.94 47.49 19.19
C ALA U 36 85.12 48.36 20.42
N GLY U 37 85.32 49.65 20.25
CA GLY U 37 85.54 50.54 21.39
C GLY U 37 86.82 50.27 22.14
N LEU U 38 87.88 49.85 21.43
CA LEU U 38 89.12 49.48 22.10
C LEU U 38 89.88 50.71 22.58
N SER U 39 89.69 51.86 21.93
CA SER U 39 90.40 53.08 22.26
C SER U 39 89.49 54.14 22.88
N ALA U 40 88.45 53.71 23.60
CA ALA U 40 87.57 54.65 24.27
C ALA U 40 88.31 55.43 25.34
N ASP U 41 89.16 54.77 26.12
CA ASP U 41 89.97 55.46 27.11
C ASP U 41 91.10 56.21 26.42
N PRO U 42 91.39 57.45 26.82
CA PRO U 42 92.45 58.22 26.16
C PRO U 42 93.85 57.64 26.29
N GLN U 43 94.23 57.13 27.48
CA GLN U 43 95.56 56.57 27.65
C GLN U 43 95.75 55.31 26.80
N THR U 44 94.74 54.45 26.78
CA THR U 44 94.77 53.27 25.93
C THR U 44 94.76 53.66 24.45
N PHE U 45 94.06 54.74 24.10
CA PHE U 45 94.09 55.25 22.73
C PHE U 45 95.49 55.71 22.35
N ALA U 46 96.19 56.39 23.25
CA ALA U 46 97.56 56.83 22.97
C ALA U 46 98.49 55.64 22.81
N ARG U 47 98.35 54.63 23.68
CA ARG U 47 99.17 53.43 23.58
C ARG U 47 98.88 52.67 22.29
N TYR U 48 97.61 52.60 21.90
CA TYR U 48 97.26 51.92 20.65
C TYR U 48 97.76 52.69 19.43
N ARG U 49 97.72 54.02 19.49
CA ARG U 49 98.24 54.82 18.39
C ARG U 49 99.74 54.63 18.22
N GLU U 50 100.48 54.61 19.32
CA GLU U 50 101.93 54.42 19.18
C GLU U 50 102.27 52.99 18.77
N ILE U 51 101.52 52.00 19.26
CA ILE U 51 101.72 50.62 18.83
C ILE U 51 101.43 50.50 17.34
N GLU U 52 100.35 51.13 16.87
CA GLU U 52 100.01 51.12 15.45
C GLU U 52 101.10 51.76 14.61
N LEU U 53 101.65 52.88 15.07
CA LEU U 53 102.68 53.55 14.28
C LEU U 53 103.96 52.72 14.20
N ILE U 54 104.37 52.12 15.32
CA ILE U 54 105.55 51.26 15.30
C ILE U 54 105.32 50.05 14.40
N HIS U 55 104.12 49.46 14.48
CA HIS U 55 103.78 48.34 13.62
C HIS U 55 103.76 48.76 12.16
N ALA U 56 103.26 49.96 11.87
CA ALA U 56 103.19 50.45 10.51
C ALA U 56 104.57 50.63 9.91
N ARG U 57 105.51 51.21 10.67
CA ARG U 57 106.86 51.39 10.16
C ARG U 57 107.57 50.05 9.99
N TRP U 58 107.39 49.14 10.96
CA TRP U 58 107.96 47.80 10.82
C TRP U 58 107.39 47.07 9.62
N ALA U 59 106.10 47.26 9.34
CA ALA U 59 105.48 46.62 8.20
C ALA U 59 105.86 47.27 6.88
N LEU U 60 106.15 48.57 6.88
CA LEU U 60 106.69 49.18 5.68
C LEU U 60 108.05 48.59 5.34
N LEU U 61 108.93 48.48 6.36
CA LEU U 61 110.22 47.85 6.16
C LEU U 61 110.07 46.40 5.72
N GLY U 62 109.17 45.66 6.37
CA GLY U 62 108.98 44.26 6.05
C GLY U 62 108.37 44.02 4.68
N ALA U 63 107.43 44.87 4.27
CA ALA U 63 106.81 44.74 2.96
C ALA U 63 107.80 45.10 1.86
N LEU U 64 108.68 46.07 2.10
CA LEU U 64 109.73 46.32 1.12
C LEU U 64 110.74 45.18 1.08
N GLY U 65 111.08 44.61 2.24
CA GLY U 65 112.10 43.57 2.29
C GLY U 65 111.64 42.19 1.92
N ILE U 66 110.33 41.94 1.93
CA ILE U 66 109.80 40.67 1.47
C ILE U 66 109.82 40.60 -0.05
N LEU U 67 109.49 41.71 -0.71
CA LEU U 67 109.34 41.72 -2.15
C LEU U 67 110.67 41.94 -2.88
N THR U 68 111.64 42.61 -2.25
CA THR U 68 112.87 42.98 -2.96
C THR U 68 113.70 41.79 -3.42
N PRO U 69 114.04 40.80 -2.59
CA PRO U 69 114.88 39.69 -3.09
C PRO U 69 114.14 38.72 -3.98
N GLU U 70 112.83 38.87 -4.17
CA GLU U 70 112.09 38.04 -5.12
C GLU U 70 111.84 38.77 -6.43
N LEU U 71 111.61 40.09 -6.38
CA LEU U 71 111.63 40.89 -7.60
C LEU U 71 113.00 40.86 -8.26
N LEU U 72 114.07 40.93 -7.46
CA LEU U 72 115.41 40.89 -8.03
C LEU U 72 115.73 39.52 -8.63
N SER U 73 115.18 38.46 -8.06
CA SER U 73 115.35 37.13 -8.64
C SER U 73 114.38 36.86 -9.78
N GLN U 74 113.34 37.67 -9.94
CA GLN U 74 112.37 37.49 -11.02
C GLN U 74 112.83 38.15 -12.31
N TYR U 75 113.07 39.47 -12.27
CA TYR U 75 113.45 40.22 -13.46
C TYR U 75 114.93 40.52 -13.52
N ALA U 76 115.52 41.03 -12.43
CA ALA U 76 116.91 41.45 -12.43
C ALA U 76 117.88 40.28 -12.55
N GLY U 77 117.43 39.04 -12.38
CA GLY U 77 118.31 37.90 -12.55
C GLY U 77 119.31 37.70 -11.45
N VAL U 78 119.13 38.33 -10.30
CA VAL U 78 120.05 38.19 -9.19
C VAL U 78 119.83 36.83 -8.53
N GLN U 79 120.92 36.09 -8.34
CA GLN U 79 120.86 34.82 -7.61
C GLN U 79 121.00 35.09 -6.12
N PHE U 80 120.25 34.34 -5.33
CA PHE U 80 120.25 34.54 -3.88
C PHE U 80 120.53 33.26 -3.10
N GLY U 81 120.07 32.12 -3.59
CA GLY U 81 120.10 30.90 -2.81
C GLY U 81 118.70 30.55 -2.35
N GLU U 82 117.96 31.58 -1.94
CA GLU U 82 116.55 31.42 -1.60
C GLU U 82 115.84 32.77 -1.66
N PRO U 83 115.28 33.14 -2.82
CA PRO U 83 114.54 34.42 -2.89
C PRO U 83 113.26 34.43 -2.08
N VAL U 84 112.68 33.26 -1.80
CA VAL U 84 111.38 33.18 -1.15
C VAL U 84 111.54 33.54 0.33
N TRP U 85 110.81 34.57 0.76
CA TRP U 85 111.08 35.20 2.04
C TRP U 85 110.85 34.24 3.21
N PHE U 86 109.79 33.45 3.16
CA PHE U 86 109.51 32.55 4.28
C PHE U 86 110.41 31.32 4.27
N LYS U 87 111.24 31.16 3.25
CA LYS U 87 112.33 30.19 3.29
C LYS U 87 113.70 30.86 3.36
N ALA U 88 113.73 32.18 3.58
CA ALA U 88 115.00 32.90 3.54
C ALA U 88 115.88 32.60 4.74
N GLY U 89 115.28 32.55 5.94
CA GLY U 89 116.05 32.38 7.16
C GLY U 89 116.81 31.07 7.24
N ALA U 90 116.37 30.05 6.52
CA ALA U 90 117.07 28.78 6.50
C ALA U 90 118.37 28.82 5.70
N GLN U 91 118.63 29.93 4.98
CA GLN U 91 119.86 30.05 4.20
C GLN U 91 121.09 29.94 5.09
N ILE U 92 121.00 30.46 6.31
CA ILE U 92 122.11 30.37 7.26
C ILE U 92 122.42 28.95 7.68
N PHE U 93 121.54 28.00 7.38
CA PHE U 93 121.79 26.59 7.65
C PHE U 93 122.39 25.87 6.46
N ALA U 94 122.58 26.55 5.33
CA ALA U 94 123.06 25.90 4.12
C ALA U 94 124.58 25.71 4.19
N ALA U 95 125.14 25.13 3.13
CA ALA U 95 126.58 24.92 3.06
C ALA U 95 127.32 26.25 2.94
N GLY U 96 126.85 27.13 2.07
CA GLY U 96 127.46 28.42 1.88
C GLY U 96 127.04 29.49 2.87
N GLY U 97 126.14 29.18 3.80
CA GLY U 97 125.67 30.18 4.73
C GLY U 97 124.80 31.22 4.04
N LEU U 98 124.74 32.39 4.65
CA LEU U 98 123.94 33.49 4.14
C LEU U 98 124.87 34.54 3.55
N ASN U 99 124.88 34.63 2.22
CA ASN U 99 125.59 35.67 1.50
C ASN U 99 124.56 36.68 1.01
N TYR U 100 124.84 37.97 1.24
CA TYR U 100 123.82 39.00 1.16
C TYR U 100 123.15 39.10 -0.21
N LEU U 101 123.88 39.52 -1.23
CA LEU U 101 123.31 39.66 -2.56
C LEU U 101 123.47 38.40 -3.40
N GLY U 102 123.98 37.33 -2.81
CA GLY U 102 124.23 36.09 -3.53
C GLY U 102 125.70 35.78 -3.61
N ASN U 103 126.51 36.81 -3.83
CA ASN U 103 127.95 36.63 -3.90
C ASN U 103 128.51 36.33 -2.51
N GLU U 104 129.40 35.35 -2.44
CA GLU U 104 129.94 34.80 -1.19
C GLU U 104 130.88 35.76 -0.47
N SER U 105 131.14 36.98 -0.93
CA SER U 105 132.07 37.87 -0.26
C SER U 105 131.38 38.98 0.52
N LEU U 106 130.06 38.95 0.66
CA LEU U 106 129.35 40.04 1.31
C LEU U 106 129.17 39.79 2.80
N ILE U 107 128.48 38.72 3.17
CA ILE U 107 128.26 38.43 4.59
C ILE U 107 128.86 37.08 4.92
N HIS U 108 128.34 36.02 4.28
CA HIS U 108 128.79 34.64 4.51
C HIS U 108 128.67 34.25 5.99
N ALA U 109 127.47 34.48 6.54
CA ALA U 109 127.21 34.18 7.94
C ALA U 109 126.82 32.71 8.09
N GLN U 110 127.42 32.05 9.08
CA GLN U 110 127.11 30.65 9.37
C GLN U 110 126.69 30.41 10.81
N SER U 111 126.59 31.46 11.65
CA SER U 111 126.28 31.30 13.06
C SER U 111 124.97 32.01 13.38
N ILE U 112 123.89 31.22 13.43
CA ILE U 112 122.60 31.75 13.83
C ILE U 112 122.64 32.24 15.28
N ILE U 113 123.42 31.57 16.13
CA ILE U 113 123.55 31.99 17.52
C ILE U 113 124.21 33.37 17.61
N ALA U 114 125.28 33.57 16.84
CA ALA U 114 125.97 34.86 16.87
C ALA U 114 125.11 35.97 16.28
N THR U 115 124.44 35.71 15.15
CA THR U 115 123.62 36.77 14.57
C THR U 115 122.43 37.09 15.46
N LEU U 116 121.86 36.09 16.14
CA LEU U 116 120.77 36.35 17.07
C LEU U 116 121.24 37.12 18.28
N ALA U 117 122.43 36.80 18.80
CA ALA U 117 122.97 37.55 19.93
C ALA U 117 123.22 39.01 19.57
N VAL U 118 123.80 39.26 18.40
CA VAL U 118 124.06 40.63 17.95
C VAL U 118 122.74 41.38 17.77
N GLN U 119 121.75 40.73 17.15
CA GLN U 119 120.45 41.37 16.95
C GLN U 119 119.77 41.67 18.27
N VAL U 120 119.81 40.72 19.22
CA VAL U 120 119.18 40.95 20.52
C VAL U 120 119.82 42.12 21.23
N VAL U 121 121.17 42.19 21.22
CA VAL U 121 121.84 43.29 21.90
C VAL U 121 121.48 44.63 21.26
N LEU U 122 121.61 44.71 19.93
CA LEU U 122 121.38 45.99 19.25
C LEU U 122 119.92 46.42 19.35
N MET U 123 118.99 45.51 19.08
CA MET U 123 117.57 45.86 19.12
C MET U 123 117.10 46.13 20.54
N GLY U 124 117.64 45.41 21.52
CA GLY U 124 117.29 45.70 22.90
C GLY U 124 117.74 47.07 23.34
N LEU U 125 118.98 47.45 22.99
CA LEU U 125 119.45 48.79 23.30
C LEU U 125 118.61 49.85 22.59
N ALA U 126 118.33 49.64 21.30
CA ALA U 126 117.58 50.63 20.53
C ALA U 126 116.16 50.78 21.04
N GLU U 127 115.49 49.67 21.36
CA GLU U 127 114.12 49.75 21.85
C GLU U 127 114.06 50.26 23.28
N ALA U 128 115.07 49.95 24.10
CA ALA U 128 115.14 50.56 25.42
C ALA U 128 115.31 52.07 25.33
N TYR U 129 116.14 52.53 24.39
CA TYR U 129 116.29 53.97 24.18
C TYR U 129 114.99 54.60 23.69
N ARG U 130 114.31 53.95 22.76
CA ARG U 130 113.03 54.47 22.26
C ARG U 130 111.99 54.54 23.38
N ALA U 131 111.91 53.49 24.20
CA ALA U 131 110.94 53.47 25.29
C ALA U 131 111.27 54.51 26.35
N ASN U 132 112.54 54.62 26.74
CA ASN U 132 112.93 55.58 27.75
C ASN U 132 112.81 57.02 27.25
N GLY U 133 112.87 57.21 25.93
CA GLY U 133 112.94 58.55 25.39
C GLY U 133 114.24 59.26 25.66
N GLY U 134 115.36 58.54 25.59
CA GLY U 134 116.67 59.10 25.82
C GLY U 134 117.43 58.31 26.88
N SER U 135 118.62 58.81 27.20
CA SER U 135 119.46 58.20 28.23
C SER U 135 120.11 59.27 29.10
N GLU U 136 119.30 60.25 29.54
CA GLU U 136 119.73 61.33 30.44
C GLU U 136 120.88 62.12 29.82
N GLY U 137 120.55 62.83 28.75
CA GLY U 137 121.49 63.63 27.99
C GLY U 137 121.54 63.28 26.53
N PHE U 138 121.11 62.08 26.15
CA PHE U 138 121.02 61.68 24.75
C PHE U 138 119.57 61.83 24.31
N LEU U 139 119.17 63.07 24.03
CA LEU U 139 117.89 63.42 23.45
C LEU U 139 116.72 62.99 24.35
N ASP U 140 116.66 63.63 25.52
CA ASP U 140 115.50 63.48 26.39
C ASP U 140 114.35 64.42 26.01
N ASP U 141 114.53 65.25 24.99
CA ASP U 141 113.56 66.29 24.64
C ASP U 141 112.94 66.07 23.26
N LEU U 142 112.72 64.81 22.89
CA LEU U 142 112.17 64.47 21.59
C LEU U 142 110.81 63.81 21.76
N ASP U 143 110.08 63.71 20.66
CA ASP U 143 108.74 63.13 20.66
C ASP U 143 108.82 61.61 20.61
N THR U 144 107.87 60.95 21.28
CA THR U 144 107.92 59.51 21.42
C THR U 144 107.63 58.77 20.11
N LEU U 145 106.93 59.42 19.18
CA LEU U 145 106.64 58.82 17.89
C LEU U 145 107.30 59.52 16.72
N TYR U 146 107.55 60.82 16.84
CA TYR U 146 108.16 61.62 15.79
C TYR U 146 109.33 62.39 16.39
N PRO U 147 110.46 61.71 16.68
CA PRO U 147 111.58 62.37 17.39
C PRO U 147 112.09 63.62 16.71
N GLY U 148 112.48 63.52 15.44
CA GLY U 148 112.81 64.68 14.63
C GLY U 148 114.22 65.21 14.80
N GLY U 149 115.00 64.68 15.73
CA GLY U 149 116.39 65.07 15.85
C GLY U 149 117.30 63.89 15.57
N ALA U 150 118.02 63.96 14.46
CA ALA U 150 118.84 62.90 13.86
C ALA U 150 118.01 61.74 13.33
N PHE U 151 116.68 61.78 13.49
CA PHE U 151 115.78 60.85 12.81
C PHE U 151 115.02 61.51 11.69
N ASP U 152 115.17 62.83 11.51
CA ASP U 152 114.75 63.55 10.31
C ASP U 152 115.94 64.38 9.83
N PRO U 153 117.00 63.74 9.33
CA PRO U 153 118.18 64.51 8.92
C PRO U 153 117.95 65.41 7.72
N LEU U 154 116.99 65.08 6.84
CA LEU U 154 116.76 65.85 5.63
C LEU U 154 115.69 66.92 5.80
N GLY U 155 115.02 66.96 6.95
CA GLY U 155 114.10 68.06 7.25
C GLY U 155 112.89 68.15 6.35
N LEU U 156 112.25 67.03 6.05
CA LEU U 156 111.02 67.06 5.25
C LEU U 156 109.83 67.61 6.03
N ALA U 157 109.97 67.79 7.34
CA ALA U 157 108.89 68.25 8.21
C ALA U 157 109.13 69.66 8.73
N ASP U 158 109.65 70.55 7.88
CA ASP U 158 109.92 71.91 8.30
C ASP U 158 108.63 72.69 8.59
N ASP U 159 107.64 72.55 7.72
CA ASP U 159 106.36 73.26 7.83
C ASP U 159 105.37 72.39 8.59
N PRO U 160 104.71 72.93 9.63
CA PRO U 160 103.76 72.10 10.42
C PRO U 160 102.65 71.41 9.63
N ASP U 161 102.03 72.07 8.65
CA ASP U 161 100.98 71.38 7.91
C ASP U 161 101.57 70.34 6.97
N THR U 162 102.77 70.59 6.45
CA THR U 162 103.48 69.56 5.70
C THR U 162 103.78 68.35 6.59
N PHE U 163 104.14 68.61 7.86
CA PHE U 163 104.34 67.54 8.82
C PHE U 163 103.05 66.75 9.05
N ALA U 164 101.93 67.45 9.18
CA ALA U 164 100.66 66.76 9.40
C ALA U 164 100.26 65.91 8.20
N GLU U 165 100.39 66.47 6.99
CA GLU U 165 100.06 65.70 5.79
C GLU U 165 101.03 64.54 5.58
N LEU U 166 102.30 64.72 5.97
CA LEU U 166 103.26 63.63 5.87
C LEU U 166 102.98 62.55 6.91
N LYS U 167 102.47 62.92 8.08
CA LYS U 167 101.97 61.93 9.02
C LYS U 167 100.83 61.12 8.43
N VAL U 168 99.90 61.80 7.75
CA VAL U 168 98.79 61.10 7.11
C VAL U 168 99.31 60.14 6.04
N LYS U 169 100.28 60.61 5.23
CA LYS U 169 100.90 59.76 4.22
C LYS U 169 101.55 58.54 4.86
N GLU U 170 102.30 58.75 5.93
CA GLU U 170 103.00 57.67 6.60
C GLU U 170 102.02 56.64 7.19
N ILE U 171 100.96 57.12 7.83
CA ILE U 171 100.05 56.18 8.47
C ILE U 171 99.24 55.40 7.43
N LYS U 172 98.85 56.04 6.32
CA LYS U 172 98.14 55.32 5.27
C LYS U 172 99.04 54.31 4.59
N ASN U 173 100.30 54.69 4.32
CA ASN U 173 101.27 53.77 3.76
C ASN U 173 101.54 52.60 4.69
N GLY U 174 101.66 52.87 5.99
CA GLY U 174 101.90 51.80 6.94
C GLY U 174 100.73 50.86 7.09
N ARG U 175 99.50 51.39 7.04
CA ARG U 175 98.33 50.53 7.09
C ARG U 175 98.23 49.66 5.84
N LEU U 176 98.56 50.24 4.67
CA LEU U 176 98.62 49.43 3.45
C LEU U 176 99.68 48.34 3.56
N ALA U 177 100.83 48.67 4.16
CA ALA U 177 101.89 47.68 4.32
C ALA U 177 101.51 46.60 5.33
N MET U 178 100.78 46.96 6.38
CA MET U 178 100.31 45.96 7.35
C MET U 178 99.31 45.01 6.70
N PHE U 179 98.39 45.56 5.90
CA PHE U 179 97.43 44.74 5.16
C PHE U 179 98.17 43.81 4.19
N SER U 180 99.18 44.34 3.50
CA SER U 180 99.93 43.52 2.55
C SER U 180 100.78 42.48 3.26
N CYS U 181 101.26 42.76 4.48
CA CYS U 181 102.05 41.77 5.20
C CYS U 181 101.17 40.64 5.72
N LEU U 182 99.95 40.98 6.18
CA LEU U 182 99.00 39.92 6.51
C LEU U 182 98.67 39.09 5.28
N GLY U 183 98.52 39.74 4.13
CA GLY U 183 98.35 39.00 2.89
C GLY U 183 99.53 38.11 2.56
N PHE U 184 100.75 38.61 2.80
CA PHE U 184 101.96 37.80 2.59
C PHE U 184 101.92 36.55 3.45
N PHE U 185 101.59 36.72 4.74
CA PHE U 185 101.56 35.59 5.67
C PHE U 185 100.51 34.56 5.25
N VAL U 186 99.30 35.03 4.93
CA VAL U 186 98.22 34.12 4.60
C VAL U 186 98.49 33.42 3.26
N GLN U 187 99.01 34.16 2.27
CA GLN U 187 99.37 33.54 1.00
C GLN U 187 100.46 32.50 1.17
N ALA U 188 101.46 32.81 2.00
CA ALA U 188 102.51 31.83 2.27
C ALA U 188 101.94 30.56 2.88
N ILE U 189 101.03 30.71 3.85
CA ILE U 189 100.44 29.56 4.51
C ILE U 189 99.63 28.73 3.52
N VAL U 190 98.80 29.40 2.69
CA VAL U 190 97.85 28.66 1.86
C VAL U 190 98.40 28.24 0.51
N THR U 191 99.59 28.71 0.12
CA THR U 191 100.14 28.33 -1.18
C THR U 191 101.52 27.69 -1.12
N GLY U 192 102.33 28.02 -0.11
CA GLY U 192 103.71 27.53 -0.12
C GLY U 192 104.56 28.16 -1.19
N LYS U 193 104.15 29.30 -1.74
CA LYS U 193 104.87 29.99 -2.78
C LYS U 193 104.99 31.46 -2.40
N GLY U 194 105.99 32.13 -2.97
CA GLY U 194 106.22 33.52 -2.70
C GLY U 194 105.13 34.40 -3.27
N PRO U 195 105.02 35.63 -2.76
CA PRO U 195 104.00 36.55 -3.29
C PRO U 195 104.20 36.91 -4.75
N VAL U 196 105.45 36.99 -5.21
CA VAL U 196 105.70 37.27 -6.62
C VAL U 196 105.26 36.09 -7.47
N GLN U 197 105.50 34.87 -7.00
CA GLN U 197 105.00 33.69 -7.70
C GLN U 197 103.47 33.68 -7.73
N ASN U 198 102.84 34.07 -6.62
CA ASN U 198 101.38 34.14 -6.58
C ASN U 198 100.85 35.15 -7.60
N LEU U 199 101.48 36.33 -7.67
CA LEU U 199 101.06 37.34 -8.63
C LEU U 199 101.29 36.87 -10.06
N THR U 200 102.40 36.19 -10.31
CA THR U 200 102.69 35.68 -11.65
C THR U 200 101.65 34.64 -12.07
N ASP U 201 101.31 33.72 -11.17
CA ASP U 201 100.28 32.72 -11.49
C ASP U 201 98.92 33.37 -11.70
N HIS U 202 98.59 34.38 -10.90
CA HIS U 202 97.32 35.07 -11.06
C HIS U 202 97.24 35.79 -12.39
N LEU U 203 98.33 36.45 -12.80
CA LEU U 203 98.34 37.10 -14.09
C LEU U 203 98.33 36.09 -15.24
N ALA U 204 98.90 34.89 -15.00
CA ALA U 204 98.85 33.85 -16.02
C ALA U 204 97.43 33.33 -16.21
N ASP U 205 96.67 33.21 -15.12
CA ASP U 205 95.27 32.76 -15.22
C ASP U 205 94.47 33.39 -14.09
N PRO U 206 93.82 34.52 -14.35
CA PRO U 206 93.06 35.21 -13.28
C PRO U 206 91.86 34.43 -12.78
N THR U 207 91.03 33.95 -13.70
CA THR U 207 89.79 33.26 -13.33
C THR U 207 90.03 31.88 -12.75
N VAL U 208 91.25 31.36 -12.82
CA VAL U 208 91.60 30.04 -12.28
C VAL U 208 92.51 30.18 -11.07
N ASN U 209 93.66 30.84 -11.24
CA ASN U 209 94.63 31.00 -10.15
C ASN U 209 94.17 32.15 -9.26
N ASN U 210 93.31 31.83 -8.30
CA ASN U 210 92.85 32.79 -7.31
C ASN U 210 92.69 32.07 -5.98
N ALA U 211 92.38 32.84 -4.94
CA ALA U 211 92.35 32.29 -3.58
C ALA U 211 91.27 31.22 -3.42
N PHE U 212 90.17 31.33 -4.15
CA PHE U 212 89.13 30.31 -4.08
C PHE U 212 89.61 28.97 -4.64
N ALA U 213 90.60 29.00 -5.54
CA ALA U 213 91.22 27.76 -6.00
C ALA U 213 91.90 27.02 -4.87
N SER U 214 92.28 27.70 -3.80
CA SER U 214 92.81 27.08 -2.61
C SER U 214 91.80 27.06 -1.46
N ALA U 215 90.51 27.15 -1.79
CA ALA U 215 89.49 27.20 -0.74
C ALA U 215 89.29 25.87 -0.04
N THR U 216 89.64 24.76 -0.68
CA THR U 216 89.44 23.42 -0.11
C THR U 216 90.72 22.83 0.44
N LYS U 217 91.75 23.64 0.67
CA LYS U 217 93.04 23.11 1.10
C LYS U 217 92.99 22.62 2.55
N PHE U 218 92.35 23.38 3.44
CA PHE U 218 92.34 23.07 4.86
C PHE U 218 91.04 22.40 5.30
N THR U 219 90.41 21.63 4.41
CA THR U 219 89.20 20.92 4.80
C THR U 219 89.55 19.77 5.73
N PRO U 220 88.81 19.58 6.83
CA PRO U 220 89.09 18.46 7.72
C PRO U 220 88.63 17.14 7.11
N GLY U 221 89.32 16.07 7.50
CA GLY U 221 88.99 14.74 7.00
C GLY U 221 88.47 13.81 8.07
N SER V 1 -55.71 -16.64 51.82
CA SER V 1 -55.00 -17.10 53.02
C SER V 1 -53.78 -16.23 53.30
N LEU V 2 -53.02 -15.92 52.25
CA LEU V 2 -51.82 -15.12 52.42
C LEU V 2 -52.18 -13.63 52.53
N SER V 3 -51.26 -12.86 53.11
CA SER V 3 -51.52 -11.47 53.42
C SER V 3 -51.38 -10.54 52.21
N TYR V 4 -50.89 -11.06 51.08
CA TYR V 4 -50.64 -10.23 49.91
C TYR V 4 -51.56 -10.55 48.74
N LEU V 5 -52.50 -11.48 48.90
CA LEU V 5 -53.50 -11.76 47.88
C LEU V 5 -54.80 -11.00 48.14
N ASP V 6 -55.40 -11.18 49.31
CA ASP V 6 -56.52 -10.43 49.86
C ASP V 6 -57.82 -10.61 49.06
N GLY V 7 -57.83 -11.42 48.01
CA GLY V 7 -59.05 -11.80 47.34
C GLY V 7 -59.57 -10.84 46.29
N HIS V 8 -58.91 -9.71 46.05
CA HIS V 8 -59.40 -8.74 45.08
C HIS V 8 -58.85 -8.99 43.68
N LEU V 9 -58.92 -10.24 43.23
CA LEU V 9 -58.44 -10.64 41.91
C LEU V 9 -59.33 -11.75 41.36
N PRO V 10 -59.58 -11.75 40.06
CA PRO V 10 -60.27 -12.90 39.45
C PRO V 10 -59.41 -14.16 39.54
N GLY V 11 -60.07 -15.29 39.77
CA GLY V 11 -59.36 -16.54 39.89
C GLY V 11 -58.50 -16.66 41.12
N ASP V 12 -58.74 -15.83 42.14
CA ASP V 12 -57.93 -15.84 43.35
C ASP V 12 -58.46 -16.92 44.28
N MET V 13 -57.81 -18.09 44.25
CA MET V 13 -58.09 -19.18 45.18
C MET V 13 -57.08 -19.19 46.33
N GLY V 14 -56.33 -18.12 46.51
CA GLY V 14 -55.36 -18.04 47.59
C GLY V 14 -54.17 -18.96 47.43
N PHE V 15 -53.85 -19.37 46.21
CA PHE V 15 -52.80 -20.36 45.97
C PHE V 15 -51.49 -19.66 45.65
N ASP V 16 -50.57 -19.70 46.61
CA ASP V 16 -49.19 -19.27 46.40
C ASP V 16 -48.33 -19.92 47.47
N PRO V 17 -48.04 -21.23 47.36
CA PRO V 17 -47.23 -21.89 48.40
C PRO V 17 -45.84 -21.31 48.55
N LEU V 18 -45.26 -20.84 47.46
CA LEU V 18 -43.98 -20.15 47.50
C LEU V 18 -44.22 -18.64 47.59
N HIS V 19 -43.16 -17.86 47.43
CA HIS V 19 -43.23 -16.41 47.59
C HIS V 19 -43.10 -15.69 46.24
N LEU V 20 -43.75 -16.24 45.21
CA LEU V 20 -43.63 -15.65 43.88
C LEU V 20 -44.35 -14.30 43.79
N SER V 21 -45.37 -14.08 44.61
CA SER V 21 -46.07 -12.80 44.63
C SER V 21 -45.93 -12.05 45.95
N SER V 22 -45.21 -12.61 46.92
CA SER V 22 -45.01 -11.92 48.19
C SER V 22 -44.15 -10.68 47.98
N PRO V 23 -44.48 -9.56 48.61
CA PRO V 23 -43.63 -8.37 48.51
C PRO V 23 -42.29 -8.60 49.20
N THR V 24 -41.21 -8.32 48.48
CA THR V 24 -39.86 -8.51 48.98
C THR V 24 -39.27 -7.19 49.42
N VAL V 25 -38.26 -7.28 50.28
CA VAL V 25 -37.54 -6.11 50.76
C VAL V 25 -36.32 -5.87 49.86
N LEU V 27 -33.23 -2.64 48.25
CA LEU V 27 -32.49 -1.41 48.41
C LEU V 27 -32.18 -0.80 47.06
N GLN V 28 -32.11 0.52 47.01
CA GLN V 28 -31.72 1.24 45.81
C GLN V 28 -30.27 1.67 45.91
N ILE V 29 -29.48 1.36 44.88
CA ILE V 29 -28.09 1.76 44.80
C ILE V 29 -27.99 2.89 43.79
N GLY V 30 -27.28 3.96 44.17
CA GLY V 30 -27.06 5.04 43.22
C GLY V 30 -26.21 4.59 42.06
N VAL V 31 -26.45 5.22 40.90
CA VAL V 31 -25.72 4.86 39.69
C VAL V 31 -24.25 5.24 39.84
N ASP V 32 -23.38 4.49 39.17
CA ASP V 32 -21.97 4.78 39.21
C ASP V 32 -21.67 6.10 38.50
N GLU V 33 -20.76 6.88 39.10
CA GLU V 33 -20.26 8.06 38.42
C GLU V 33 -19.30 7.61 37.32
N GLU V 34 -19.62 7.95 36.07
CA GLU V 34 -18.88 7.43 34.93
C GLU V 34 -18.52 8.53 33.94
N ASP V 35 -18.41 9.78 34.41
CA ASP V 35 -17.98 10.87 33.55
C ASP V 35 -16.46 11.01 33.64
N GLN V 36 -15.79 10.76 32.52
CA GLN V 36 -14.32 10.83 32.52
C GLN V 36 -13.80 12.26 32.47
N ASN V 37 -14.68 13.25 32.28
CA ASN V 37 -14.28 14.64 32.42
C ASN V 37 -14.02 15.03 33.86
N GLN V 38 -14.44 14.21 34.83
CA GLN V 38 -14.19 14.46 36.24
C GLN V 38 -12.85 13.85 36.65
N ALA V 39 -12.38 14.25 37.83
CA ALA V 39 -11.10 13.77 38.33
C ALA V 39 -11.23 12.48 39.11
N GLN V 40 -12.28 12.32 39.91
CA GLN V 40 -12.52 11.12 40.69
C GLN V 40 -13.95 10.66 40.49
N ASN V 41 -14.12 9.37 40.20
CA ASN V 41 -15.43 8.79 39.93
C ASN V 41 -15.68 7.65 40.92
N LYS V 42 -16.81 7.72 41.62
CA LYS V 42 -17.16 6.74 42.64
C LYS V 42 -18.18 5.74 42.09
N LYS V 43 -18.34 4.64 42.83
CA LYS V 43 -19.10 3.48 42.37
C LYS V 43 -20.52 3.43 42.92
N GLY V 44 -21.10 4.57 43.28
CA GLY V 44 -22.47 4.61 43.74
C GLY V 44 -22.60 4.30 45.22
N ASP V 45 -23.81 4.56 45.74
CA ASP V 45 -24.07 4.41 47.16
C ASP V 45 -25.55 4.06 47.36
N VAL V 46 -25.89 3.76 48.61
CA VAL V 46 -27.26 3.42 48.96
C VAL V 46 -28.08 4.70 49.00
N GLU V 47 -29.19 4.72 48.26
CA GLU V 47 -30.06 5.88 48.18
C GLU V 47 -31.41 5.70 48.87
N ALA V 48 -32.00 4.51 48.79
CA ALA V 48 -33.31 4.27 49.38
C ALA V 48 -33.41 2.81 49.83
N ILE V 49 -34.30 2.56 50.78
CA ILE V 49 -34.48 1.22 51.33
C ILE V 49 -35.98 0.94 51.40
N PHE V 50 -36.42 -0.14 50.75
CA PHE V 50 -37.79 -0.60 50.89
C PHE V 50 -38.00 -1.29 52.24
N ARG V 51 -39.25 -1.28 52.70
CA ARG V 51 -39.63 -2.02 53.90
C ARG V 51 -41.14 -2.22 53.94
N PRO V 52 -41.70 -3.12 53.12
CA PRO V 52 -43.14 -3.32 53.11
C PRO V 52 -43.64 -4.17 54.30
N GLU V 53 -40.64 -5.21 41.77
CA GLU V 53 -41.64 -4.23 41.37
C GLU V 53 -42.12 -4.49 39.95
N VAL V 54 -41.19 -4.79 39.05
CA VAL V 54 -41.56 -5.14 37.68
C VAL V 54 -41.97 -6.60 37.58
N PHE V 55 -41.19 -7.50 38.17
CA PHE V 55 -41.55 -8.92 38.22
C PHE V 55 -42.34 -9.19 39.50
N GLY V 56 -43.52 -8.59 39.56
CA GLY V 56 -44.40 -8.75 40.70
C GLY V 56 -45.78 -9.20 40.32
N LEU V 57 -46.74 -9.02 41.24
CA LEU V 57 -48.11 -9.48 40.99
C LEU V 57 -48.75 -8.74 39.82
N ALA V 58 -48.39 -7.47 39.61
CA ALA V 58 -48.97 -6.68 38.55
C ALA V 58 -48.64 -7.27 37.17
N ARG V 59 -47.38 -7.63 36.96
CA ARG V 59 -47.01 -8.28 35.70
C ARG V 59 -47.45 -9.74 35.65
N PHE V 60 -47.44 -10.43 36.80
CA PHE V 60 -47.80 -11.83 36.83
C PHE V 60 -49.27 -12.04 36.48
N ARG V 61 -50.14 -11.10 36.86
CA ARG V 61 -51.55 -11.17 36.49
C ARG V 61 -51.71 -11.14 34.98
N GLU V 62 -51.08 -10.15 34.33
CA GLU V 62 -51.18 -10.04 32.88
C GLU V 62 -50.55 -11.23 32.18
N THR V 63 -49.43 -11.72 32.72
CA THR V 63 -48.77 -12.89 32.16
C THR V 63 -49.67 -14.11 32.23
N GLU V 64 -50.35 -14.29 33.38
CA GLU V 64 -51.29 -15.40 33.52
C GLU V 64 -52.46 -15.28 32.55
N VAL V 65 -53.00 -14.07 32.39
CA VAL V 65 -54.15 -13.90 31.50
C VAL V 65 -53.76 -14.18 30.06
N ILE V 66 -52.62 -13.64 29.62
CA ILE V 66 -52.16 -13.85 28.25
C ILE V 66 -51.84 -15.32 28.02
N HIS V 67 -51.23 -15.98 29.00
CA HIS V 67 -50.94 -17.40 28.90
C HIS V 67 -52.23 -18.21 28.80
N GLY V 68 -53.23 -17.88 29.61
CA GLY V 68 -54.48 -18.60 29.57
C GLY V 68 -55.19 -18.44 28.23
N ARG V 69 -55.21 -17.22 27.70
CA ARG V 69 -55.85 -16.99 26.40
C ARG V 69 -55.13 -17.73 25.29
N TRP V 70 -53.79 -17.70 25.30
CA TRP V 70 -53.03 -18.42 24.29
C TRP V 70 -53.25 -19.92 24.41
N ALA V 71 -53.29 -20.45 25.63
CA ALA V 71 -53.51 -21.88 25.83
C ALA V 71 -54.90 -22.31 25.38
N MET V 72 -55.93 -21.50 25.68
CA MET V 72 -57.29 -21.83 25.26
C MET V 72 -57.42 -21.81 23.75
N LEU V 73 -56.87 -20.78 23.10
CA LEU V 73 -56.90 -20.72 21.65
C LEU V 73 -56.12 -21.87 21.03
N GLY V 74 -54.96 -22.21 21.62
CA GLY V 74 -54.17 -23.31 21.11
C GLY V 74 -54.82 -24.65 21.26
N THR V 75 -55.50 -24.89 22.38
CA THR V 75 -56.14 -26.19 22.57
C THR V 75 -57.40 -26.31 21.73
N LEU V 76 -58.12 -25.20 21.50
CA LEU V 76 -59.21 -25.23 20.54
C LEU V 76 -58.70 -25.55 19.15
N GLY V 77 -57.61 -24.91 18.74
CA GLY V 77 -57.04 -25.18 17.43
C GLY V 77 -56.52 -26.61 17.30
N ALA V 78 -55.90 -27.13 18.36
CA ALA V 78 -55.41 -28.50 18.34
C ALA V 78 -56.54 -29.50 18.25
N ILE V 79 -57.67 -29.20 18.90
CA ILE V 79 -58.84 -30.08 18.79
C ILE V 79 -59.41 -30.04 17.38
N VAL V 80 -59.60 -28.84 16.83
CA VAL V 80 -60.33 -28.73 15.57
C VAL V 80 -59.48 -28.95 14.33
N GLY V 81 -58.16 -28.83 14.41
CA GLY V 81 -57.30 -29.12 13.28
C GLY V 81 -57.18 -30.60 13.07
N GLU V 82 -57.06 -31.34 14.17
CA GLU V 82 -57.19 -32.79 14.11
C GLU V 82 -58.62 -33.15 13.78
N ALA V 83 -58.78 -34.23 13.01
CA ALA V 83 -60.01 -34.76 12.44
C ALA V 83 -60.61 -33.84 11.37
N ALA V 84 -60.04 -32.66 11.14
CA ALA V 84 -60.31 -31.89 9.94
C ALA V 84 -59.21 -32.03 8.91
N THR V 85 -58.05 -32.56 9.30
CA THR V 85 -56.99 -32.93 8.38
C THR V 85 -56.41 -34.31 8.64
N GLY V 86 -56.60 -34.87 9.84
CA GLY V 86 -56.09 -36.18 10.17
C GLY V 86 -54.70 -36.21 10.78
N VAL V 87 -53.95 -35.12 10.65
CA VAL V 87 -52.60 -35.05 11.20
C VAL V 87 -52.66 -34.53 12.62
N SER V 88 -51.78 -35.03 13.47
CA SER V 88 -51.74 -34.59 14.85
C SER V 88 -51.19 -33.17 14.94
N TRP V 89 -51.51 -32.50 16.04
CA TRP V 89 -50.98 -31.16 16.29
C TRP V 89 -49.47 -31.17 16.47
N VAL V 90 -48.89 -32.30 16.89
CA VAL V 90 -47.44 -32.42 16.97
C VAL V 90 -46.82 -32.43 15.59
N ASP V 91 -47.40 -33.20 14.66
CA ASP V 91 -46.87 -33.35 13.31
C ASP V 91 -47.31 -32.23 12.39
N ALA V 92 -48.04 -31.24 12.88
CA ALA V 92 -48.54 -30.17 12.03
C ALA V 92 -47.41 -29.37 11.42
N GLY V 93 -46.38 -29.06 12.21
CA GLY V 93 -45.22 -28.36 11.67
C GLY V 93 -44.50 -29.16 10.59
N LYS V 94 -44.37 -30.47 10.80
CA LYS V 94 -43.72 -31.33 9.81
C LYS V 94 -44.51 -31.36 8.51
N VAL V 95 -45.83 -31.53 8.60
CA VAL V 95 -46.61 -31.66 7.37
C VAL V 95 -46.77 -30.31 6.67
N GLU V 96 -46.74 -29.21 7.41
CA GLU V 96 -46.76 -27.90 6.77
C GLU V 96 -45.42 -27.55 6.15
N LEU V 97 -44.32 -28.04 6.74
CA LEU V 97 -43.02 -27.94 6.10
C LEU V 97 -42.97 -28.74 4.81
N ASP V 98 -43.56 -29.94 4.81
CA ASP V 98 -43.67 -30.73 3.59
C ASP V 98 -44.52 -30.01 2.55
N GLY V 99 -45.61 -29.38 2.98
CA GLY V 99 -46.43 -28.56 2.12
C GLY V 99 -47.43 -27.75 2.90
N ALA V 100 -47.48 -26.44 2.64
CA ALA V 100 -48.36 -25.57 3.38
C ALA V 100 -49.79 -25.70 2.86
N GLN V 101 -50.73 -25.88 3.78
CA GLN V 101 -52.12 -26.07 3.40
C GLN V 101 -53.01 -25.59 4.54
N TYR V 102 -54.27 -25.33 4.21
CA TYR V 102 -55.29 -25.01 5.20
C TYR V 102 -56.60 -25.61 4.70
N LEU V 103 -57.09 -26.64 5.42
CA LEU V 103 -58.27 -27.40 5.03
C LEU V 103 -58.13 -28.02 3.64
N GLY V 104 -56.90 -28.32 3.25
CA GLY V 104 -56.61 -28.84 1.94
C GLY V 104 -56.35 -27.79 0.89
N GLN V 105 -56.72 -26.54 1.14
CA GLN V 105 -56.42 -25.46 0.22
C GLN V 105 -54.92 -25.17 0.28
N SER V 106 -54.24 -25.27 -0.85
CA SER V 106 -52.78 -25.14 -0.86
C SER V 106 -52.37 -23.70 -0.62
N LEU V 107 -51.37 -23.52 0.24
CA LEU V 107 -50.86 -22.19 0.58
C LEU V 107 -49.43 -22.04 0.10
N PRO V 108 -49.11 -20.96 -0.60
CA PRO V 108 -47.76 -20.80 -1.18
C PRO V 108 -46.80 -20.07 -0.25
N PHE V 109 -46.55 -20.65 0.92
CA PHE V 109 -45.70 -20.02 1.91
C PHE V 109 -44.65 -21.00 2.42
N SER V 110 -43.39 -20.57 2.40
CA SER V 110 -42.30 -21.35 2.97
C SER V 110 -42.20 -21.10 4.46
N ILE V 111 -41.40 -21.93 5.14
CA ILE V 111 -41.25 -21.81 6.58
C ILE V 111 -40.51 -20.52 6.95
N SER V 112 -39.48 -20.17 6.17
CA SER V 112 -38.79 -18.90 6.39
C SER V 112 -39.72 -17.72 6.17
N GLN V 113 -40.55 -17.78 5.13
CA GLN V 113 -41.51 -16.72 4.87
C GLN V 113 -42.52 -16.61 6.01
N LEU V 114 -42.99 -17.75 6.53
CA LEU V 114 -43.90 -17.73 7.66
C LEU V 114 -43.24 -17.15 8.90
N ILE V 115 -41.97 -17.49 9.14
CA ILE V 115 -41.22 -16.90 10.26
C ILE V 115 -41.19 -15.39 10.14
N TRP V 116 -40.82 -14.88 8.96
CA TRP V 116 -40.66 -13.44 8.81
C TRP V 116 -42.00 -12.71 8.92
N ILE V 117 -43.04 -13.24 8.25
CA ILE V 117 -44.34 -12.57 8.27
C ILE V 117 -44.95 -12.61 9.66
N GLU V 118 -44.87 -13.77 10.33
CA GLU V 118 -45.38 -13.88 11.69
C GLU V 118 -44.61 -12.97 12.63
N ALA V 119 -43.29 -12.90 12.48
CA ALA V 119 -42.48 -12.03 13.33
C ALA V 119 -42.92 -10.58 13.20
N ILE V 120 -43.02 -10.08 11.96
CA ILE V 120 -43.38 -8.68 11.75
C ILE V 120 -44.81 -8.41 12.25
N LEU V 121 -45.76 -9.27 11.87
CA LEU V 121 -47.16 -9.01 12.18
C LEU V 121 -47.42 -9.11 13.68
N VAL V 122 -47.00 -10.20 14.31
CA VAL V 122 -47.24 -10.36 15.74
C VAL V 122 -46.41 -9.38 16.55
N GLY V 123 -45.25 -8.95 16.03
CA GLY V 123 -44.50 -7.91 16.72
C GLY V 123 -45.25 -6.59 16.75
N GLY V 124 -45.79 -6.17 15.61
CA GLY V 124 -46.60 -4.97 15.58
C GLY V 124 -47.84 -5.09 16.44
N VAL V 125 -48.50 -6.24 16.40
CA VAL V 125 -49.71 -6.45 17.18
C VAL V 125 -49.42 -6.42 18.68
N GLU V 126 -48.32 -7.03 19.09
CA GLU V 126 -47.97 -7.04 20.51
C GLU V 126 -47.50 -5.67 20.99
N VAL V 127 -46.85 -4.90 20.11
CA VAL V 127 -46.58 -3.50 20.43
C VAL V 127 -47.89 -2.74 20.66
N LEU V 128 -48.89 -2.99 19.81
CA LEU V 128 -50.19 -2.35 19.99
C LEU V 128 -50.84 -2.76 21.30
N ARG V 129 -50.73 -4.04 21.65
CA ARG V 129 -51.30 -4.51 22.92
C ARG V 129 -50.60 -3.89 24.12
N ASN V 130 -49.28 -3.82 24.10
CA ASN V 130 -48.50 -3.30 25.21
C ASN V 130 -48.50 -1.77 25.25
N ASN V 131 -48.98 -1.10 24.20
CA ASN V 131 -48.93 0.35 24.14
C ASN V 131 -49.74 1.01 25.25
N GLU V 132 -50.84 0.37 25.67
CA GLU V 132 -51.76 1.00 26.60
C GLU V 132 -51.14 1.09 28.00
N LEU V 133 -51.40 2.21 28.68
CA LEU V 133 -50.69 2.53 29.92
C LEU V 133 -51.28 1.80 31.12
N ASP V 134 -52.60 1.85 31.29
CA ASP V 134 -53.25 1.34 32.49
C ASP V 134 -53.07 -0.18 32.60
N LEU V 135 -53.37 -0.72 33.79
CA LEU V 135 -53.20 -2.14 34.01
C LEU V 135 -54.44 -2.92 33.59
N GLU V 136 -55.59 -2.56 34.18
CA GLU V 136 -56.84 -3.26 33.87
C GLU V 136 -57.26 -3.02 32.43
N LYS V 137 -57.00 -1.84 31.89
CA LYS V 137 -57.33 -1.57 30.50
C LYS V 137 -56.41 -2.34 29.56
N ARG V 138 -55.16 -2.58 29.97
CA ARG V 138 -54.24 -3.34 29.11
C ARG V 138 -54.54 -4.83 29.15
N ILE V 139 -54.96 -5.36 30.30
CA ILE V 139 -55.34 -6.76 30.35
C ILE V 139 -56.70 -6.97 29.68
N TYR V 140 -57.65 -6.07 29.94
CA TYR V 140 -59.03 -6.17 29.45
C TYR V 140 -59.37 -4.88 28.69
N PRO V 141 -59.01 -4.80 27.41
CA PRO V 141 -59.37 -3.60 26.63
C PRO V 141 -60.86 -3.49 26.34
N GLY V 142 -61.26 -2.43 25.65
CA GLY V 142 -62.65 -2.07 25.54
C GLY V 142 -63.41 -2.85 24.49
N GLY V 143 -64.51 -2.23 24.04
CA GLY V 143 -65.48 -2.86 23.16
C GLY V 143 -64.94 -3.27 21.80
N ALA V 144 -63.79 -2.75 21.41
CA ALA V 144 -63.13 -3.23 20.20
C ALA V 144 -62.85 -4.73 20.29
N PHE V 145 -62.56 -5.22 21.49
CA PHE V 145 -62.48 -6.65 21.76
C PHE V 145 -63.68 -7.16 22.54
N ASP V 146 -64.73 -6.34 22.70
CA ASP V 146 -65.97 -6.78 23.33
C ASP V 146 -67.16 -6.36 22.47
N PRO V 147 -67.40 -7.07 21.35
CA PRO V 147 -68.64 -6.82 20.59
C PRO V 147 -69.91 -7.08 21.38
N LEU V 148 -70.01 -8.24 22.04
CA LEU V 148 -71.23 -8.58 22.77
C LEU V 148 -71.45 -7.70 23.99
N ASN V 149 -70.40 -7.04 24.48
CA ASN V 149 -70.48 -6.10 25.60
C ASN V 149 -71.08 -6.76 26.84
N LEU V 150 -70.70 -8.01 27.08
CA LEU V 150 -71.26 -8.80 28.17
C LEU V 150 -70.44 -8.68 29.46
N ALA V 151 -69.44 -7.80 29.50
CA ALA V 151 -68.72 -7.51 30.73
C ALA V 151 -68.24 -6.07 30.66
N ASP V 152 -68.99 -5.16 31.28
CA ASP V 152 -68.67 -3.75 31.33
C ASP V 152 -69.15 -3.23 32.68
N GLU V 153 -69.25 -1.91 32.82
CA GLU V 153 -69.78 -1.34 34.07
C GLU V 153 -71.30 -1.21 33.95
N GLU V 154 -71.99 -2.35 34.09
CA GLU V 154 -73.43 -2.36 34.29
C GLU V 154 -73.90 -3.31 35.39
N ASP V 155 -73.09 -4.28 35.81
CA ASP V 155 -73.50 -5.21 36.86
C ASP V 155 -72.44 -5.34 37.95
N GLU V 156 -71.16 -5.18 37.56
CA GLU V 156 -69.99 -5.26 38.42
C GLU V 156 -69.79 -6.63 39.07
N GLU V 157 -70.65 -7.60 38.74
CA GLU V 157 -70.53 -8.95 39.24
C GLU V 157 -70.50 -10.00 38.14
N LYS V 158 -71.32 -9.83 37.10
CA LYS V 158 -71.22 -10.70 35.94
C LYS V 158 -69.87 -10.56 35.26
N SER V 159 -69.35 -9.33 35.21
CA SER V 159 -68.02 -9.10 34.65
C SER V 159 -66.95 -9.79 35.48
N PHE V 160 -67.04 -9.70 36.81
CA PHE V 160 -66.06 -10.35 37.67
C PHE V 160 -66.15 -11.87 37.54
N ARG V 161 -67.37 -12.41 37.47
CA ARG V 161 -67.53 -13.84 37.30
C ARG V 161 -67.00 -14.30 35.95
N LEU V 162 -67.17 -13.47 34.92
CA LEU V 162 -66.63 -13.80 33.61
C LEU V 162 -65.11 -13.77 33.61
N LYS V 163 -64.51 -12.82 34.34
CA LYS V 163 -63.07 -12.80 34.48
C LYS V 163 -62.56 -14.03 35.21
N THR V 164 -63.26 -14.45 36.27
CA THR V 164 -62.87 -15.66 36.99
C THR V 164 -63.00 -16.89 36.11
N ALA V 165 -64.06 -16.95 35.30
CA ALA V 165 -64.24 -18.09 34.39
C ALA V 165 -63.16 -18.12 33.32
N GLU V 166 -62.78 -16.95 32.80
CA GLU V 166 -61.65 -16.86 31.88
C GLU V 166 -60.37 -17.38 32.51
N ILE V 167 -60.10 -16.95 33.74
CA ILE V 167 -58.88 -17.39 34.42
C ILE V 167 -58.90 -18.89 34.65
N LYS V 168 -60.03 -19.42 35.09
CA LYS V 168 -60.16 -20.85 35.37
C LYS V 168 -59.97 -21.67 34.10
N HIS V 169 -60.62 -21.26 33.01
CA HIS V 169 -60.49 -22.01 31.77
C HIS V 169 -59.10 -21.89 31.20
N GLY V 170 -58.44 -20.75 31.41
CA GLY V 170 -57.06 -20.63 31.00
C GLY V 170 -56.13 -21.54 31.76
N ARG V 171 -56.34 -21.66 33.07
CA ARG V 171 -55.52 -22.58 33.87
C ARG V 171 -55.75 -24.03 33.45
N LEU V 172 -57.01 -24.41 33.23
CA LEU V 172 -57.30 -25.76 32.73
C LEU V 172 -56.68 -25.99 31.35
N ALA V 173 -56.71 -24.99 30.49
CA ALA V 173 -56.13 -25.15 29.15
C ALA V 173 -54.61 -25.22 29.21
N MET V 174 -53.99 -24.47 30.12
CA MET V 174 -52.54 -24.57 30.28
C MET V 174 -52.13 -25.95 30.77
N VAL V 175 -52.85 -26.47 31.77
CA VAL V 175 -52.60 -27.84 32.24
C VAL V 175 -52.88 -28.84 31.13
N ALA V 176 -53.91 -28.59 30.32
CA ALA V 176 -54.25 -29.49 29.21
C ALA V 176 -53.16 -29.52 28.16
N PHE V 177 -52.58 -28.36 27.83
CA PHE V 177 -51.52 -28.33 26.84
C PHE V 177 -50.26 -28.98 27.38
N LEU V 178 -49.98 -28.79 28.67
CA LEU V 178 -48.88 -29.53 29.30
C LEU V 178 -49.12 -31.03 29.23
N GLY V 179 -50.36 -31.47 29.47
CA GLY V 179 -50.68 -32.88 29.38
C GLY V 179 -50.56 -33.43 27.97
N PHE V 180 -50.99 -32.64 26.98
CA PHE V 180 -50.80 -33.05 25.59
C PHE V 180 -49.33 -33.19 25.25
N GLY V 181 -48.51 -32.25 25.73
CA GLY V 181 -47.08 -32.32 25.48
C GLY V 181 -46.43 -33.54 26.11
N ILE V 182 -46.76 -33.81 27.38
CA ILE V 182 -46.14 -34.96 28.05
C ILE V 182 -46.68 -36.26 27.49
N GLN V 183 -47.92 -36.29 27.00
CA GLN V 183 -48.45 -37.49 26.38
C GLN V 183 -47.79 -37.75 25.03
N ALA V 184 -47.55 -36.69 24.25
CA ALA V 184 -46.81 -36.85 23.00
C ALA V 184 -45.36 -37.24 23.25
N ALA V 185 -44.77 -36.75 24.34
CA ALA V 185 -43.43 -37.20 24.72
C ALA V 185 -43.43 -38.67 25.10
N ALA V 186 -44.44 -39.11 25.83
CA ALA V 186 -44.60 -40.52 26.16
C ALA V 186 -45.25 -41.24 24.99
N THR V 187 -45.68 -42.48 25.21
CA THR V 187 -46.32 -43.24 24.15
C THR V 187 -47.73 -42.71 23.90
N GLY V 188 -47.98 -42.31 22.65
CA GLY V 188 -49.30 -41.87 22.25
C GLY V 188 -49.37 -40.38 21.90
N GLU V 189 -49.31 -40.09 20.61
CA GLU V 189 -49.53 -38.76 20.08
C GLU V 189 -51.02 -38.63 19.73
N GLY V 190 -51.39 -37.61 18.96
CA GLY V 190 -52.77 -37.55 18.53
C GLY V 190 -53.75 -37.20 19.63
N ALA V 191 -53.82 -35.92 20.00
CA ALA V 191 -54.62 -35.49 21.15
C ALA V 191 -56.08 -35.93 21.06
N LEU V 192 -56.64 -36.03 19.86
CA LEU V 192 -57.98 -36.64 19.75
C LEU V 192 -57.92 -38.15 19.90
N GLY V 193 -56.88 -38.79 19.35
CA GLY V 193 -56.66 -40.19 19.67
C GLY V 193 -56.24 -40.40 21.11
N SER V 194 -55.66 -39.37 21.73
CA SER V 194 -55.39 -39.37 23.16
C SER V 194 -56.59 -38.92 23.98
N LEU V 195 -57.62 -38.38 23.33
CA LEU V 195 -58.83 -37.99 24.04
C LEU V 195 -59.56 -39.22 24.54
N ALA V 196 -60.11 -39.13 25.75
CA ALA V 196 -60.80 -40.25 26.37
C ALA V 196 -62.11 -39.79 27.01
N PRO W 1 75.23 25.84 64.17
CA PRO W 1 73.85 26.26 64.43
C PRO W 1 72.87 25.09 64.45
N ASP W 2 71.59 25.39 64.68
CA ASP W 2 70.54 24.37 64.86
C ASP W 2 70.92 23.41 66.00
N LEU W 3 71.32 23.99 67.12
CA LEU W 3 71.76 23.21 68.27
C LEU W 3 70.62 22.64 69.10
N GLU W 4 69.38 22.99 68.80
CA GLU W 4 68.25 22.47 69.56
C GLU W 4 68.05 20.98 69.33
N LYS W 5 68.56 20.44 68.22
CA LYS W 5 68.47 19.01 67.96
C LYS W 5 69.39 18.20 68.85
N TRP W 6 70.41 18.82 69.44
CA TRP W 6 71.41 18.09 70.22
C TRP W 6 71.53 18.58 71.66
N TYR W 7 70.98 19.74 72.00
CA TYR W 7 71.05 20.28 73.35
C TYR W 7 69.68 20.77 73.78
N GLY W 8 69.49 20.80 75.09
CA GLY W 8 68.24 21.25 75.66
C GLY W 8 67.22 20.15 75.82
N PRO W 9 65.98 20.51 76.16
CA PRO W 9 64.95 19.49 76.40
C PRO W 9 64.32 18.93 75.13
N ASP W 10 64.50 19.57 73.98
CA ASP W 10 63.90 19.12 72.73
C ASP W 10 64.95 18.54 71.78
N ARG W 11 65.90 17.81 72.34
CA ARG W 11 66.97 17.22 71.56
C ARG W 11 66.60 15.81 71.10
N LYS W 12 67.39 15.28 70.17
CA LYS W 12 67.17 13.94 69.67
C LYS W 12 67.49 12.91 70.75
N LEU W 13 66.58 11.97 70.95
CA LEU W 13 66.72 10.92 71.95
C LEU W 13 66.94 9.57 71.28
N PHE W 14 67.36 8.59 72.08
CA PHE W 14 67.62 7.25 71.54
C PHE W 14 66.34 6.48 71.25
N LEU W 15 65.18 7.00 71.62
CA LEU W 15 63.92 6.43 71.18
C LEU W 15 62.99 7.56 70.76
N PRO W 16 62.14 7.34 69.75
CA PRO W 16 61.27 8.41 69.26
C PRO W 16 60.15 8.75 70.23
N GLY W 17 59.31 9.71 69.84
CA GLY W 17 58.34 10.27 70.78
C GLY W 17 57.29 9.28 71.24
N GLY W 18 56.81 8.43 70.33
CA GLY W 18 55.78 7.48 70.70
C GLY W 18 56.24 6.32 71.53
N LEU W 19 57.55 6.10 71.62
CA LEU W 19 58.10 5.02 72.44
C LEU W 19 58.76 5.51 73.71
N LEU W 20 59.08 6.80 73.82
CA LEU W 20 59.83 7.32 74.95
C LEU W 20 59.24 8.67 75.35
N ASP W 21 58.42 8.67 76.41
CA ASP W 21 57.99 9.92 77.00
C ASP W 21 59.17 10.60 77.69
N ARG W 22 59.15 11.93 77.67
CA ARG W 22 60.25 12.71 78.22
C ARG W 22 60.17 12.89 79.73
N ASP W 23 59.40 12.05 80.42
CA ASP W 23 59.58 11.82 81.85
C ASP W 23 60.28 10.49 82.11
N ASP W 24 60.74 9.81 81.07
CA ASP W 24 61.52 8.58 81.21
C ASP W 24 63.01 8.79 81.02
N VAL W 25 63.41 9.98 80.58
CA VAL W 25 64.84 10.31 80.47
C VAL W 25 65.41 10.55 81.86
N PRO W 26 66.59 10.01 82.18
CA PRO W 26 67.17 10.25 83.51
C PRO W 26 67.50 11.71 83.74
N GLU W 27 67.50 12.11 85.01
CA GLU W 27 67.72 13.51 85.35
C GLU W 27 69.16 13.93 85.13
N TYR W 28 70.11 12.99 85.18
CA TYR W 28 71.51 13.34 84.96
C TYR W 28 71.83 13.54 83.48
N LEU W 29 70.90 13.24 82.59
CA LEU W 29 71.06 13.46 81.15
C LEU W 29 70.00 14.47 80.73
N ASN W 30 70.35 15.76 80.78
CA ASN W 30 69.40 16.81 80.42
C ASN W 30 69.98 17.74 79.37
N GLY W 31 70.70 17.18 78.41
CA GLY W 31 71.08 17.89 77.20
C GLY W 31 72.03 19.05 77.33
N GLU W 32 73.10 18.90 78.10
CA GLU W 32 74.18 19.87 78.12
C GLU W 32 75.49 19.29 77.63
N LEU W 33 75.56 17.98 77.39
CA LEU W 33 76.71 17.33 76.76
C LEU W 33 76.37 16.94 75.33
N ALA W 34 77.40 16.90 74.49
CA ALA W 34 77.23 16.42 73.13
C ALA W 34 76.92 14.94 73.13
N GLY W 35 76.06 14.51 72.22
CA GLY W 35 75.68 13.11 72.15
C GLY W 35 74.75 12.65 73.24
N ASP W 36 74.04 13.57 73.89
CA ASP W 36 73.07 13.21 74.93
C ASP W 36 71.78 12.79 74.22
N TYR W 37 71.60 11.48 74.06
CA TYR W 37 70.35 10.93 73.56
C TYR W 37 69.47 10.43 74.70
N GLY W 38 69.82 10.76 75.94
CA GLY W 38 69.09 10.24 77.09
C GLY W 38 69.21 8.73 77.22
N TYR W 39 70.38 8.19 76.93
CA TYR W 39 70.59 6.75 76.87
C TYR W 39 71.46 6.30 78.05
N ASP W 40 70.79 5.86 79.11
CA ASP W 40 71.43 5.14 80.21
C ASP W 40 70.44 4.12 80.76
N PRO W 41 70.15 3.06 80.00
CA PRO W 41 69.15 2.09 80.44
C PRO W 41 69.52 1.35 81.71
N LEU W 42 70.81 1.09 81.93
CA LEU W 42 71.26 0.32 83.07
C LEU W 42 71.71 1.18 84.23
N GLY W 43 71.59 2.50 84.11
CA GLY W 43 71.91 3.40 85.21
C GLY W 43 73.37 3.42 85.62
N LEU W 44 74.28 3.20 84.67
CA LEU W 44 75.71 3.26 85.00
C LEU W 44 76.16 4.68 85.34
N GLY W 45 75.44 5.69 84.87
CA GLY W 45 75.60 7.04 85.37
C GLY W 45 74.63 7.29 86.50
N LYS W 46 75.05 8.09 87.46
CA LYS W 46 74.22 8.38 88.62
C LYS W 46 73.94 9.86 88.80
N ASP W 47 74.94 10.72 88.58
CA ASP W 47 74.76 12.15 88.73
C ASP W 47 75.61 12.84 87.67
N GLU W 48 75.55 14.18 87.69
CA GLU W 48 76.16 14.99 86.64
C GLU W 48 77.67 14.78 86.55
N GLU W 49 78.34 14.67 87.69
CA GLU W 49 79.79 14.53 87.65
C GLU W 49 80.24 13.09 87.39
N GLN W 50 79.44 12.09 87.76
CA GLN W 50 79.67 10.74 87.24
C GLN W 50 79.58 10.73 85.71
N VAL W 51 78.59 11.43 85.16
CA VAL W 51 78.46 11.53 83.71
C VAL W 51 79.67 12.25 83.12
N GLU W 52 80.18 13.28 83.80
CA GLU W 52 81.37 13.98 83.31
C GLU W 52 82.60 13.09 83.27
N LYS W 53 82.82 12.32 84.33
CA LYS W 53 83.96 11.40 84.36
C LYS W 53 83.84 10.32 83.28
N TYR W 54 82.64 9.75 83.14
CA TYR W 54 82.43 8.75 82.11
C TYR W 54 82.52 9.37 80.72
N ARG W 55 82.23 10.67 80.58
CA ARG W 55 82.41 11.35 79.30
C ARG W 55 83.88 11.55 78.99
N ALA W 56 84.71 11.79 80.01
CA ALA W 56 86.15 11.79 79.78
C ALA W 56 86.61 10.45 79.21
N ASN W 57 86.18 9.35 79.85
CA ASN W 57 86.53 8.03 79.36
C ASN W 57 85.99 7.79 77.95
N GLU W 58 84.73 8.18 77.71
CA GLU W 58 84.10 8.00 76.41
C GLU W 58 84.81 8.76 75.31
N LEU W 59 85.20 10.01 75.58
CA LEU W 59 85.84 10.83 74.55
C LEU W 59 87.21 10.29 74.19
N LEU W 60 88.01 9.90 75.20
CA LEU W 60 89.30 9.30 74.90
C LEU W 60 89.12 8.01 74.11
N HIS W 61 88.15 7.18 74.50
CA HIS W 61 87.87 5.94 73.78
C HIS W 61 87.44 6.21 72.35
N ALA W 62 86.61 7.24 72.16
CA ALA W 62 86.09 7.59 70.84
C ALA W 62 87.21 8.00 69.89
N ARG W 63 88.12 8.85 70.38
CA ARG W 63 89.22 9.30 69.52
C ARG W 63 90.18 8.15 69.21
N TRP W 64 90.50 7.32 70.22
CA TRP W 64 91.36 6.17 69.98
C TRP W 64 90.72 5.20 68.99
N ALA W 65 89.40 5.00 69.09
CA ALA W 65 88.74 4.06 68.19
C ALA W 65 88.57 4.62 66.78
N MET W 66 88.47 5.94 66.63
CA MET W 66 88.45 6.51 65.28
C MET W 66 89.79 6.27 64.59
N LEU W 67 90.88 6.56 65.31
CA LEU W 67 92.21 6.26 64.76
C LEU W 67 92.37 4.76 64.49
N ALA W 68 91.85 3.93 65.39
CA ALA W 68 91.95 2.49 65.25
C ALA W 68 91.17 1.97 64.06
N ALA W 69 89.96 2.49 63.83
CA ALA W 69 89.16 2.06 62.70
C ALA W 69 89.84 2.40 61.39
N ALA W 70 90.38 3.62 61.28
CA ALA W 70 91.12 3.98 60.07
C ALA W 70 92.34 3.08 59.88
N GLY W 71 93.10 2.85 60.95
CA GLY W 71 94.31 2.06 60.85
C GLY W 71 94.08 0.57 60.73
N ILE W 72 92.88 0.10 61.01
CA ILE W 72 92.52 -1.29 60.75
C ILE W 72 92.07 -1.47 59.31
N ILE W 73 91.23 -0.57 58.82
CA ILE W 73 90.62 -0.82 57.52
C ILE W 73 91.52 -0.41 56.36
N ILE W 74 92.40 0.57 56.53
CA ILE W 74 93.13 1.09 55.37
C ILE W 74 94.28 0.20 54.91
N PRO W 75 95.21 -0.24 55.78
CA PRO W 75 96.33 -1.07 55.28
C PRO W 75 95.89 -2.39 54.66
N GLU W 76 94.83 -3.01 55.16
CA GLU W 76 94.35 -4.26 54.57
C GLU W 76 93.83 -4.03 53.15
N GLY W 77 93.07 -2.95 52.95
CA GLY W 77 92.62 -2.62 51.60
C GLY W 77 93.76 -2.29 50.66
N LEU W 78 94.76 -1.58 51.17
CA LEU W 78 95.93 -1.27 50.33
C LEU W 78 96.68 -2.54 49.94
N GLN W 79 96.87 -3.46 50.88
CA GLN W 79 97.54 -4.72 50.56
C GLN W 79 96.74 -5.54 49.56
N ALA W 80 95.42 -5.60 49.73
CA ALA W 80 94.61 -6.40 48.81
C ALA W 80 94.53 -5.77 47.44
N ASN W 81 94.67 -4.44 47.35
CA ASN W 81 94.68 -3.77 46.06
C ASN W 81 96.07 -3.61 45.48
N GLY W 82 97.11 -4.08 46.18
CA GLY W 82 98.41 -4.25 45.55
C GLY W 82 99.56 -3.51 46.21
N ALA W 83 99.37 -2.83 47.33
CA ALA W 83 100.48 -2.18 48.00
C ALA W 83 101.39 -3.21 48.66
N ASP W 84 102.69 -2.97 48.61
CA ASP W 84 103.67 -3.86 49.23
C ASP W 84 103.63 -3.63 50.73
N ILE W 85 102.66 -4.28 51.37
CA ILE W 85 102.43 -4.17 52.80
C ILE W 85 102.36 -5.57 53.38
N LYS W 86 103.03 -5.78 54.50
CA LYS W 86 102.93 -7.03 55.23
C LYS W 86 102.16 -6.79 56.53
N GLY W 87 101.37 -7.79 56.91
CA GLY W 87 100.52 -7.67 58.09
C GLY W 87 99.41 -6.66 57.92
N GLY W 88 98.91 -6.45 56.71
CA GLY W 88 97.83 -5.52 56.50
C GLY W 88 96.56 -5.91 57.22
N THR W 89 96.34 -7.21 57.41
CA THR W 89 95.25 -7.67 58.26
C THR W 89 95.57 -7.31 59.70
N TRP W 90 94.62 -6.65 60.36
CA TRP W 90 94.90 -5.92 61.60
C TRP W 90 95.29 -6.85 62.75
N PHE W 91 94.79 -8.08 62.77
CA PHE W 91 95.14 -9.01 63.85
C PHE W 91 96.35 -9.87 63.50
N GLU W 92 97.01 -9.61 62.37
CA GLU W 92 98.19 -10.35 61.99
C GLU W 92 99.45 -9.50 61.94
N THR W 93 99.34 -8.19 62.17
CA THR W 93 100.49 -7.31 62.03
C THR W 93 101.51 -7.49 63.15
N GLY W 94 101.08 -7.98 64.31
CA GLY W 94 102.03 -8.18 65.40
C GLY W 94 103.00 -9.31 65.13
N ALA W 95 102.49 -10.43 64.60
CA ALA W 95 103.33 -11.60 64.36
C ALA W 95 104.36 -11.37 63.25
N GLU W 96 104.19 -10.32 62.45
CA GLU W 96 105.14 -10.00 61.39
C GLU W 96 106.45 -9.44 61.92
N MET W 97 106.53 -9.14 63.22
CA MET W 97 107.71 -8.56 63.84
C MET W 97 108.18 -9.41 65.02
N LEU W 98 108.14 -10.73 64.89
CA LEU W 98 108.46 -11.59 66.03
C LEU W 98 109.92 -12.02 66.03
N ASN W 99 110.35 -12.74 65.00
CA ASN W 99 111.72 -13.23 64.94
C ASN W 99 112.55 -12.32 64.02
N GLY W 100 112.85 -11.13 64.53
CA GLY W 100 113.59 -10.15 63.77
C GLY W 100 112.85 -9.58 62.58
N GLY W 101 111.55 -9.82 62.46
CA GLY W 101 110.81 -9.30 61.33
C GLY W 101 110.55 -7.81 61.44
N THR W 102 110.44 -7.16 60.28
CA THR W 102 110.18 -5.75 60.19
C THR W 102 108.80 -5.52 59.57
N LEU W 103 108.48 -4.26 59.31
CA LEU W 103 107.24 -3.88 58.66
C LEU W 103 107.54 -2.90 57.54
N ASN W 104 106.67 -2.88 56.53
CA ASN W 104 106.73 -1.90 55.47
C ASN W 104 105.68 -0.83 55.73
N TYR W 105 106.12 0.43 55.77
CA TYR W 105 105.21 1.55 56.00
C TYR W 105 104.98 2.25 54.66
N PHE W 106 103.74 2.23 54.20
CA PHE W 106 103.40 2.85 52.92
C PHE W 106 102.86 4.24 53.17
N ALA W 107 103.69 5.25 52.88
CA ALA W 107 103.29 6.65 52.97
C ALA W 107 102.56 7.01 51.69
N VAL W 108 101.24 7.16 51.79
CA VAL W 108 100.40 7.40 50.61
C VAL W 108 100.67 8.80 50.08
N PRO W 109 100.83 8.98 48.76
CA PRO W 109 100.91 7.96 47.72
C PRO W 109 102.35 7.78 47.26
N PHE W 110 103.30 8.21 48.10
CA PHE W 110 104.67 8.36 47.65
C PHE W 110 105.38 7.03 47.51
N GLY W 111 105.21 6.12 48.46
CA GLY W 111 105.74 4.79 48.28
C GLY W 111 105.97 4.07 49.59
N VAL W 112 106.29 2.79 49.45
CA VAL W 112 106.63 1.94 50.58
C VAL W 112 108.04 2.28 51.04
N VAL W 113 108.21 2.45 52.35
CA VAL W 113 109.54 2.52 52.96
C VAL W 113 109.67 1.34 53.91
N GLN W 114 110.80 0.64 53.81
CA GLN W 114 111.09 -0.46 54.73
C GLN W 114 111.50 0.09 56.08
N ASN W 115 110.78 -0.29 57.13
CA ASN W 115 111.03 0.24 58.46
C ASN W 115 112.09 -0.61 59.14
N PRO W 116 113.24 -0.05 59.51
CA PRO W 116 114.31 -0.86 60.12
C PRO W 116 114.19 -1.04 61.62
N LEU W 117 113.23 -0.42 62.28
CA LEU W 117 113.13 -0.52 63.73
C LEU W 117 112.65 -1.91 64.14
N PRO W 118 113.35 -2.60 65.03
CA PRO W 118 112.90 -3.90 65.52
C PRO W 118 111.79 -3.73 66.55
N LEU W 119 111.20 -4.87 66.95
CA LEU W 119 110.05 -4.86 67.85
C LEU W 119 110.41 -4.25 69.21
N ALA W 120 111.61 -4.54 69.73
CA ALA W 120 112.01 -3.99 71.01
C ALA W 120 112.14 -2.48 70.96
N ALA W 121 112.75 -1.94 69.90
CA ALA W 121 112.87 -0.51 69.76
C ALA W 121 111.50 0.14 69.60
N VAL W 122 110.62 -0.49 68.82
CA VAL W 122 109.27 0.02 68.64
C VAL W 122 108.53 0.10 69.96
N THR W 123 108.56 -0.98 70.74
CA THR W 123 107.80 -0.98 71.99
C THR W 123 108.41 -0.04 73.02
N LEU W 124 109.75 0.12 73.02
CA LEU W 124 110.36 1.07 73.95
C LEU W 124 109.97 2.50 73.60
N ILE W 125 110.06 2.85 72.31
CA ILE W 125 109.71 4.21 71.87
C ILE W 125 108.23 4.48 72.13
N GLU W 126 107.36 3.51 71.84
CA GLU W 126 105.94 3.70 72.08
C GLU W 126 105.66 3.87 73.56
N ILE W 127 106.31 3.07 74.42
CA ILE W 127 106.06 3.16 75.86
C ILE W 127 106.47 4.53 76.38
N VAL W 128 107.65 5.01 75.99
CA VAL W 128 108.10 6.28 76.54
C VAL W 128 107.27 7.44 75.99
N LEU W 129 106.93 7.40 74.69
CA LEU W 129 106.17 8.50 74.10
C LEU W 129 104.75 8.55 74.65
N LEU W 130 104.08 7.39 74.71
CA LEU W 130 102.70 7.36 75.22
C LEU W 130 102.66 7.67 76.71
N GLY W 131 103.66 7.21 77.48
CA GLY W 131 103.70 7.56 78.88
C GLY W 131 103.86 9.05 79.11
N ALA W 132 104.79 9.67 78.36
CA ALA W 132 104.98 11.11 78.47
C ALA W 132 103.73 11.87 78.06
N VAL W 133 103.09 11.44 76.96
CA VAL W 133 101.92 12.14 76.45
C VAL W 133 100.74 12.02 77.43
N GLU W 134 100.52 10.82 77.98
CA GLU W 134 99.42 10.67 78.92
C GLU W 134 99.69 11.38 80.25
N LYS W 135 100.95 11.41 80.69
CA LYS W 135 101.30 12.23 81.84
C LYS W 135 101.02 13.70 81.59
N PHE W 136 101.36 14.19 80.39
CA PHE W 136 101.08 15.57 80.03
C PHE W 136 99.58 15.84 80.03
N ARG W 137 98.80 14.89 79.51
CA ARG W 137 97.35 15.06 79.48
C ARG W 137 96.75 15.11 80.89
N VAL W 138 97.19 14.22 81.78
CA VAL W 138 96.62 14.19 83.11
C VAL W 138 97.12 15.32 84.00
N ASP W 139 98.29 15.90 83.68
CA ASP W 139 98.77 17.03 84.46
C ASP W 139 98.34 18.37 83.90
N GLY W 140 97.93 18.42 82.63
CA GLY W 140 97.63 19.69 81.98
C GLY W 140 98.81 20.60 81.82
N THR W 141 100.00 20.05 81.55
CA THR W 141 101.22 20.83 81.44
C THR W 141 102.17 20.11 80.49
N GLY W 142 102.78 20.88 79.59
CA GLY W 142 103.70 20.32 78.62
C GLY W 142 105.05 21.02 78.59
N PRO W 143 106.00 20.44 77.85
CA PRO W 143 107.37 20.99 77.84
C PRO W 143 107.59 22.07 76.81
N ALA W 144 106.50 22.66 76.29
CA ALA W 144 106.48 23.75 75.30
C ALA W 144 107.00 23.31 73.94
N GLY W 145 106.58 24.02 72.90
CA GLY W 145 106.95 23.67 71.55
C GLY W 145 106.30 24.57 70.50
N PHE W 146 106.08 24.03 69.30
CA PHE W 146 105.53 24.78 68.20
C PHE W 146 104.23 24.14 67.73
N SER W 147 103.31 24.95 67.24
CA SER W 147 102.11 24.47 66.58
C SER W 147 101.86 25.30 65.33
N PRO W 148 101.24 24.71 64.30
CA PRO W 148 100.94 25.49 63.09
C PRO W 148 100.00 26.66 63.31
N GLY W 149 99.19 26.63 64.36
CA GLY W 149 98.21 27.69 64.58
C GLY W 149 98.83 28.77 65.42
N VAL W 150 98.51 28.79 66.73
CA VAL W 150 99.35 29.52 67.66
C VAL W 150 100.77 29.00 67.52
N GLY W 151 101.74 29.92 67.52
CA GLY W 151 103.09 29.58 67.11
C GLY W 151 103.89 28.86 68.16
N LYS W 152 105.14 29.29 68.37
CA LYS W 152 105.97 28.69 69.41
C LYS W 152 105.37 29.03 70.76
N PHE W 153 104.70 28.06 71.37
CA PHE W 153 104.01 28.28 72.63
C PHE W 153 104.90 27.93 73.81
N ASP W 154 104.74 28.69 74.89
CA ASP W 154 105.44 28.40 76.12
C ASP W 154 104.71 27.28 76.88
N SER W 155 105.30 26.86 78.01
CA SER W 155 104.71 25.79 78.79
C SER W 155 103.45 26.21 79.55
N ASP W 156 103.15 27.51 79.59
CA ASP W 156 102.01 28.02 80.34
C ASP W 156 100.74 28.13 79.51
N ILE W 157 100.79 27.79 78.22
CA ILE W 157 99.61 27.89 77.38
C ILE W 157 98.57 26.84 77.73
N PHE W 158 98.99 25.75 78.38
CA PHE W 158 98.06 24.69 78.77
C PHE W 158 97.25 25.03 80.01
N ASP W 159 97.64 26.06 80.74
CA ASP W 159 96.92 26.42 81.96
C ASP W 159 95.56 27.00 81.63
N GLY W 160 94.56 26.65 82.43
CA GLY W 160 93.21 27.11 82.19
C GLY W 160 92.52 26.49 81.01
N LEU W 161 93.01 25.35 80.54
CA LEU W 161 92.44 24.65 79.39
C LEU W 161 91.62 23.46 79.86
N ASP W 162 90.45 23.28 79.25
CA ASP W 162 89.67 22.06 79.45
C ASP W 162 90.52 20.87 79.06
N LYS W 163 90.60 19.88 79.94
CA LYS W 163 91.44 18.73 79.64
C LYS W 163 90.87 17.92 78.49
N LEU W 164 89.54 17.80 78.40
CA LEU W 164 88.93 17.02 77.34
C LEU W 164 89.00 17.73 76.00
N TYR W 165 88.85 19.05 76.01
CA TYR W 165 88.82 19.86 74.79
C TYR W 165 89.85 20.96 74.93
N PRO W 166 91.16 20.64 74.84
CA PRO W 166 92.18 21.65 75.11
C PRO W 166 92.22 22.76 74.07
N GLY W 167 92.19 22.41 72.79
CA GLY W 167 92.28 23.42 71.76
C GLY W 167 93.65 24.06 71.75
N GLY W 168 93.69 25.29 71.24
CA GLY W 168 94.89 26.08 71.19
C GLY W 168 95.98 25.44 70.34
N PRO W 169 97.02 24.93 71.00
CA PRO W 169 98.04 24.16 70.27
C PRO W 169 97.48 22.93 69.57
N PHE W 170 96.41 22.34 70.10
CA PHE W 170 95.76 21.20 69.49
C PHE W 170 94.72 21.60 68.47
N ASP W 171 94.62 22.88 68.16
CA ASP W 171 93.69 23.38 67.15
C ASP W 171 94.42 24.32 66.20
N PRO W 172 95.34 23.80 65.37
CA PRO W 172 96.06 24.69 64.44
C PRO W 172 95.15 25.32 63.39
N LEU W 173 94.12 24.62 62.96
CA LEU W 173 93.22 25.14 61.93
C LEU W 173 92.01 25.86 62.52
N ASN W 174 91.94 25.99 63.84
CA ASN W 174 90.81 26.56 64.56
C ASN W 174 89.53 25.81 64.25
N LEU W 175 88.62 26.43 63.48
CA LEU W 175 87.31 25.88 63.14
C LEU W 175 86.41 25.68 64.35
N ALA W 176 86.83 26.13 65.54
CA ALA W 176 86.05 25.98 66.76
C ALA W 176 85.95 27.28 67.54
N ASP W 177 86.28 28.41 66.92
CA ASP W 177 86.22 29.69 67.61
C ASP W 177 84.77 30.09 67.91
N ASP W 178 83.87 29.87 66.95
CA ASP W 178 82.46 30.12 67.19
C ASP W 178 81.92 29.05 68.14
N PRO W 179 81.30 29.44 69.25
CA PRO W 179 80.75 28.44 70.19
C PRO W 179 79.71 27.52 69.58
N GLU W 180 78.89 28.02 68.64
CA GLU W 180 77.88 27.17 68.03
C GLU W 180 78.51 26.08 67.17
N VAL W 181 79.50 26.45 66.35
CA VAL W 181 80.15 25.43 65.53
C VAL W 181 80.98 24.52 66.41
N PHE W 182 81.52 25.02 67.53
CA PHE W 182 82.25 24.16 68.45
C PHE W 182 81.33 23.12 69.07
N ALA W 183 80.12 23.53 69.46
CA ALA W 183 79.16 22.59 70.05
C ALA W 183 78.72 21.55 69.03
N GLU W 184 78.40 21.97 67.81
CA GLU W 184 77.94 20.98 66.83
C GLU W 184 79.08 20.09 66.36
N LEU W 185 80.32 20.59 66.36
CA LEU W 185 81.46 19.73 66.06
C LEU W 185 81.75 18.78 67.20
N GLN W 186 81.46 19.17 68.44
CA GLN W 186 81.53 18.23 69.55
C GLN W 186 80.53 17.10 69.37
N VAL W 187 79.32 17.44 68.93
CA VAL W 187 78.31 16.42 68.63
C VAL W 187 78.79 15.50 67.52
N LYS W 188 79.36 16.08 66.46
CA LYS W 188 79.88 15.27 65.36
C LYS W 188 81.01 14.36 65.83
N GLU W 189 81.90 14.89 66.68
CA GLU W 189 83.00 14.11 67.22
C GLU W 189 82.50 12.92 68.02
N ILE W 190 81.54 13.15 68.93
CA ILE W 190 81.10 12.05 69.78
C ILE W 190 80.31 11.02 68.96
N LYS W 191 79.54 11.45 67.96
CA LYS W 191 78.80 10.49 67.15
C LYS W 191 79.74 9.67 66.28
N ASN W 192 80.73 10.32 65.66
CA ASN W 192 81.73 9.60 64.88
C ASN W 192 82.53 8.63 65.74
N GLY W 193 82.89 9.06 66.96
CA GLY W 193 83.64 8.19 67.83
C GLY W 193 82.86 7.00 68.33
N ARG W 194 81.57 7.20 68.64
CA ARG W 194 80.74 6.06 69.04
C ARG W 194 80.56 5.09 67.88
N LEU W 195 80.36 5.62 66.67
CA LEU W 195 80.28 4.77 65.48
C LEU W 195 81.57 4.00 65.28
N ALA W 196 82.71 4.65 65.52
CA ALA W 196 83.99 3.97 65.35
C ALA W 196 84.23 2.92 66.43
N MET W 197 83.77 3.17 67.66
CA MET W 197 83.88 2.17 68.72
C MET W 197 83.06 0.93 68.38
N ILE W 198 81.83 1.15 67.91
CA ILE W 198 80.99 0.03 67.46
C ILE W 198 81.66 -0.70 66.30
N ALA W 199 82.28 0.06 65.39
CA ALA W 199 82.94 -0.53 64.24
C ALA W 199 84.15 -1.34 64.64
N VAL W 200 84.91 -0.90 65.64
CA VAL W 200 86.09 -1.63 66.08
C VAL W 200 85.68 -2.92 66.78
N LEU W 201 84.64 -2.86 67.61
CA LEU W 201 84.10 -4.08 68.21
C LEU W 201 83.61 -5.05 67.13
N ALA W 202 82.96 -4.51 66.09
CA ALA W 202 82.56 -5.32 64.95
C ALA W 202 83.76 -5.92 64.25
N PHE W 203 84.83 -5.14 64.08
CA PHE W 203 86.05 -5.65 63.44
C PHE W 203 86.60 -6.83 64.22
N ALA W 204 86.67 -6.70 65.54
CA ALA W 204 87.21 -7.77 66.37
C ALA W 204 86.37 -9.03 66.28
N ILE W 205 85.06 -8.90 66.44
CA ILE W 205 84.21 -10.09 66.46
C ILE W 205 84.11 -10.72 65.07
N GLN W 206 84.03 -9.90 64.03
CA GLN W 206 84.05 -10.43 62.66
C GLN W 206 85.35 -11.15 62.35
N SER W 207 86.48 -10.58 62.79
CA SER W 207 87.77 -11.22 62.56
C SER W 207 87.85 -12.56 63.28
N TYR W 208 87.35 -12.62 64.52
CA TYR W 208 87.33 -13.88 65.24
C TYR W 208 86.44 -14.91 64.54
N VAL W 209 85.26 -14.49 64.08
CA VAL W 209 84.31 -15.45 63.52
C VAL W 209 84.77 -15.94 62.14
N THR W 210 85.16 -15.02 61.27
CA THR W 210 85.44 -15.36 59.87
C THR W 210 86.90 -15.68 59.60
N GLY W 211 87.81 -15.33 60.50
CA GLY W 211 89.21 -15.59 60.26
C GLY W 211 89.89 -14.65 59.30
N GLU W 212 89.23 -13.57 58.89
CA GLU W 212 89.81 -12.62 57.95
C GLU W 212 89.41 -11.21 58.37
N GLY W 213 90.12 -10.23 57.80
CA GLY W 213 89.94 -8.85 58.16
C GLY W 213 88.67 -8.22 57.64
N PRO W 214 88.34 -7.02 58.14
CA PRO W 214 87.08 -6.38 57.75
C PRO W 214 87.02 -5.94 56.30
N TYR W 215 88.15 -5.56 55.69
CA TYR W 215 88.11 -5.24 54.27
C TYR W 215 87.79 -6.48 53.44
N ALA W 216 88.37 -7.61 53.80
CA ALA W 216 88.04 -8.86 53.13
C ALA W 216 86.56 -9.20 53.35
N ASN W 217 86.06 -8.97 54.57
CA ASN W 217 84.66 -9.22 54.86
C ASN W 217 83.74 -8.39 53.98
N ILE W 218 84.01 -7.08 53.91
CA ILE W 218 83.13 -6.19 53.15
C ILE W 218 83.22 -6.48 51.66
N THR W 219 84.41 -6.79 51.16
CA THR W 219 84.56 -7.03 49.73
C THR W 219 83.92 -8.34 49.31
N LYS W 220 84.16 -9.42 50.07
CA LYS W 220 83.56 -10.70 49.74
C LYS W 220 82.05 -10.65 49.89
N HIS W 221 81.54 -9.93 50.90
CA HIS W 221 80.10 -9.83 51.07
C HIS W 221 79.48 -9.00 49.96
N LEU W 222 80.12 -7.88 49.58
CA LEU W 222 79.58 -7.07 48.49
C LEU W 222 79.73 -7.72 47.14
N SER W 223 80.60 -8.72 47.02
CA SER W 223 80.70 -9.51 45.81
C SER W 223 79.76 -10.70 45.78
N ASP W 224 79.30 -11.18 46.94
CA ASP W 224 78.32 -12.25 47.01
C ASP W 224 77.54 -12.15 48.31
N PRO W 225 76.48 -11.33 48.35
CA PRO W 225 75.82 -11.07 49.65
C PRO W 225 75.11 -12.27 50.23
N PHE W 226 74.29 -12.95 49.44
CA PHE W 226 73.58 -14.11 49.93
C PHE W 226 74.48 -15.34 50.02
N GLY W 227 75.66 -15.30 49.41
CA GLY W 227 76.57 -16.43 49.45
C GLY W 227 77.70 -16.25 50.45
N TYR W 228 77.83 -15.05 51.01
CA TYR W 228 78.87 -14.77 52.00
C TYR W 228 78.29 -13.81 53.04
N ASN W 229 77.90 -14.36 54.18
CA ASN W 229 77.42 -13.55 55.30
C ASN W 229 77.64 -14.35 56.58
N LEU W 230 77.13 -13.81 57.69
CA LEU W 230 77.31 -14.45 58.99
C LEU W 230 76.68 -15.83 59.02
N LEU W 231 75.48 -15.97 58.47
CA LEU W 231 74.80 -17.25 58.48
C LEU W 231 75.47 -18.27 57.58
N THR W 232 76.03 -17.85 56.45
CA THR W 232 76.78 -18.75 55.59
C THR W 232 78.10 -19.21 56.24
N VAL W 233 78.85 -18.30 56.86
CA VAL W 233 80.09 -18.73 57.50
C VAL W 233 79.82 -19.51 58.78
N LEU W 234 78.65 -19.34 59.40
CA LEU W 234 78.25 -20.20 60.50
C LEU W 234 77.79 -21.55 60.00
N GLN W 235 77.21 -21.59 58.79
CA GLN W 235 76.84 -22.86 58.15
C GLN W 235 78.07 -23.70 57.88
N GLY W 236 79.08 -23.12 57.22
CA GLY W 236 80.30 -23.86 56.97
C GLY W 236 80.25 -24.73 55.73
N ASP W 237 80.02 -26.03 55.91
CA ASP W 237 79.71 -26.90 54.78
C ASP W 237 78.45 -26.39 54.09
N ASP W 238 78.42 -26.52 52.75
CA ASP W 238 77.62 -25.62 51.93
C ASP W 238 76.13 -25.57 52.28
N ARG W 239 75.36 -26.63 51.97
CA ARG W 239 74.10 -27.03 52.60
C ARG W 239 73.59 -28.26 51.85
N VAL W 240 72.90 -29.17 52.52
CA VAL W 240 72.17 -30.21 51.80
C VAL W 240 70.90 -29.57 51.25
N PRO W 241 70.69 -29.57 49.93
CA PRO W 241 69.53 -28.88 49.36
C PRO W 241 68.21 -29.49 49.81
N THR W 242 67.24 -28.63 50.10
CA THR W 242 65.93 -29.11 50.55
C THR W 242 65.21 -29.84 49.44
N LEU W 243 65.12 -29.23 48.26
CA LEU W 243 64.46 -29.79 47.07
C LEU W 243 63.03 -30.26 47.34
N SER X 1 60.32 36.36 35.33
CA SER X 1 60.77 36.07 36.68
C SER X 1 62.01 36.89 37.04
N ALA X 2 61.84 38.22 37.04
CA ALA X 2 62.87 39.17 37.43
C ALA X 2 64.13 39.02 36.57
N TRP X 3 63.98 39.32 35.29
CA TRP X 3 65.11 39.29 34.36
C TRP X 3 65.92 40.57 34.35
N TYR X 4 65.49 41.59 35.10
CA TYR X 4 66.21 42.85 35.20
C TYR X 4 66.32 43.27 36.66
N GLY X 5 67.12 44.30 36.91
CA GLY X 5 67.25 44.85 38.22
C GLY X 5 68.29 44.13 39.08
N PRO X 6 68.32 44.46 40.37
CA PRO X 6 69.31 43.86 41.27
C PRO X 6 68.92 42.50 41.81
N ASP X 7 67.75 41.98 41.43
CA ASP X 7 67.33 40.64 41.84
C ASP X 7 67.39 39.64 40.70
N ARG X 8 68.07 39.98 39.61
CA ARG X 8 68.13 39.11 38.46
C ARG X 8 69.01 37.89 38.75
N PRO X 9 68.79 36.77 38.06
CA PRO X 9 69.68 35.63 38.21
C PRO X 9 71.04 35.91 37.62
N LEU X 10 72.07 35.31 38.22
CA LEU X 10 73.45 35.57 37.85
C LEU X 10 74.13 34.27 37.40
N PHE X 11 75.36 34.43 36.89
CA PHE X 11 76.02 33.37 36.13
C PHE X 11 76.75 32.36 36.98
N LEU X 12 76.67 32.44 38.31
CA LEU X 12 77.16 31.38 39.17
C LEU X 12 76.13 31.00 40.22
N GLY X 13 74.86 31.32 39.94
CA GLY X 13 73.78 31.07 40.87
C GLY X 13 74.01 31.78 42.18
N SER X 14 73.68 31.09 43.27
CA SER X 14 73.91 31.62 44.61
C SER X 14 75.38 31.81 44.91
N LEU X 15 76.27 31.19 44.13
CA LEU X 15 77.71 31.37 44.27
C LEU X 15 78.23 32.54 43.46
N SER X 16 77.36 33.41 42.96
CA SER X 16 77.80 34.49 42.09
C SER X 16 78.50 35.60 42.86
N GLY X 17 78.14 35.80 44.12
CA GLY X 17 78.70 36.93 44.81
C GLY X 17 78.07 38.23 44.33
N GLU X 18 78.80 39.32 44.56
CA GLU X 18 78.34 40.62 44.11
C GLU X 18 78.72 40.84 42.65
N PRO X 19 77.78 41.18 41.77
CA PRO X 19 78.12 41.47 40.38
C PRO X 19 78.90 42.77 40.27
N PRO X 20 79.62 42.99 39.17
CA PRO X 20 80.33 44.26 38.99
C PRO X 20 79.35 45.43 38.92
N SER X 21 79.83 46.60 39.38
CA SER X 21 78.97 47.76 39.54
C SER X 21 78.43 48.29 38.22
N TYR X 22 79.12 48.06 37.11
CA TYR X 22 78.62 48.53 35.82
C TYR X 22 77.57 47.62 35.22
N LEU X 23 77.36 46.43 35.79
CA LEU X 23 76.32 45.51 35.35
C LEU X 23 75.15 45.63 36.31
N THR X 24 74.31 46.63 36.06
CA THR X 24 73.20 46.95 36.95
C THR X 24 71.91 46.24 36.58
N GLY X 25 71.93 45.36 35.57
CA GLY X 25 70.71 44.69 35.17
C GLY X 25 69.82 45.51 34.25
N GLU X 26 70.36 46.56 33.64
CA GLU X 26 69.56 47.38 32.74
C GLU X 26 69.32 46.66 31.41
N PHE X 27 70.30 45.91 30.94
CA PHE X 27 70.34 45.40 29.60
C PHE X 27 70.01 43.90 29.56
N PRO X 28 69.47 43.41 28.45
CA PRO X 28 69.12 41.99 28.35
C PRO X 28 70.34 41.09 28.46
N GLY X 29 70.15 39.93 29.07
CA GLY X 29 71.22 38.96 29.19
C GLY X 29 72.23 39.27 30.27
N ASP X 30 71.92 40.16 31.19
CA ASP X 30 72.84 40.48 32.28
C ASP X 30 72.79 39.37 33.32
N TYR X 31 73.84 38.56 33.37
CA TYR X 31 74.02 37.57 34.42
C TYR X 31 75.19 37.91 35.33
N GLY X 32 75.65 39.16 35.29
CA GLY X 32 76.76 39.60 36.12
C GLY X 32 78.08 38.96 35.79
N TRP X 33 78.36 38.74 34.50
CA TRP X 33 79.58 38.06 34.06
C TRP X 33 80.41 39.00 33.20
N ASP X 34 81.31 39.74 33.84
CA ASP X 34 82.41 40.42 33.16
C ASP X 34 83.68 40.24 33.98
N THR X 35 84.00 38.99 34.30
CA THR X 35 85.14 38.69 35.18
C THR X 35 86.47 39.19 34.61
N ALA X 36 86.56 39.41 33.30
CA ALA X 36 87.74 40.01 32.71
C ALA X 36 87.72 41.53 32.74
N GLY X 37 86.60 42.13 33.11
CA GLY X 37 86.51 43.58 33.18
C GLY X 37 86.56 44.29 31.85
N LEU X 38 86.18 43.61 30.77
CA LEU X 38 86.30 44.19 29.44
C LEU X 38 85.22 45.24 29.17
N SER X 39 84.13 45.23 29.93
CA SER X 39 83.02 46.14 29.73
C SER X 39 82.96 47.23 30.80
N ALA X 40 84.12 47.58 31.36
CA ALA X 40 84.16 48.48 32.50
C ALA X 40 83.75 49.90 32.11
N ASP X 41 84.22 50.39 30.95
CA ASP X 41 83.65 51.72 30.76
C ASP X 41 82.49 51.69 29.77
N PRO X 42 81.51 52.59 29.96
CA PRO X 42 80.22 52.45 29.25
C PRO X 42 80.32 52.49 27.73
N THR X 43 81.30 53.19 27.16
CA THR X 43 81.41 53.26 25.71
C THR X 43 81.69 51.89 25.11
N THR X 44 82.72 51.20 25.60
CA THR X 44 82.97 49.87 25.08
C THR X 44 81.95 48.87 25.59
N PHE X 45 81.25 49.15 26.70
CA PHE X 45 80.14 48.29 27.07
C PHE X 45 79.02 48.34 26.03
N ALA X 46 78.69 49.53 25.55
CA ALA X 46 77.68 49.66 24.50
C ALA X 46 78.15 49.03 23.20
N ARG X 47 79.42 49.24 22.85
CA ARG X 47 79.95 48.63 21.63
C ARG X 47 79.98 47.11 21.74
N TYR X 48 80.33 46.58 22.92
CA TYR X 48 80.32 45.13 23.12
C TYR X 48 78.91 44.57 23.11
N ARG X 49 77.93 45.34 23.60
CA ARG X 49 76.55 44.87 23.54
C ARG X 49 76.05 44.78 22.11
N THR X 50 76.34 45.78 21.28
CA THR X 50 75.89 45.69 19.89
C THR X 50 76.67 44.60 19.14
N ILE X 51 77.96 44.42 19.46
CA ILE X 51 78.73 43.35 18.84
C ILE X 51 78.18 41.99 19.23
N GLU X 52 77.85 41.82 20.52
CA GLU X 52 77.30 40.56 21.01
C GLU X 52 75.96 40.26 20.36
N LEU X 53 75.07 41.25 20.24
CA LEU X 53 73.77 40.96 19.65
C LEU X 53 73.87 40.68 18.15
N ILE X 54 74.76 41.40 17.45
CA ILE X 54 74.97 41.12 16.04
C ILE X 54 75.53 39.71 15.85
N HIS X 55 76.50 39.32 16.67
CA HIS X 55 77.04 37.97 16.65
C HIS X 55 75.97 36.95 16.97
N ALA X 56 75.10 37.26 17.94
CA ALA X 56 74.06 36.34 18.35
C ALA X 56 73.07 36.08 17.22
N ARG X 57 72.63 37.13 16.55
CA ARG X 57 71.68 36.96 15.45
C ARG X 57 72.34 36.24 14.27
N TRP X 58 73.59 36.58 13.96
CA TRP X 58 74.31 35.86 12.92
C TRP X 58 74.46 34.39 13.26
N ALA X 59 74.73 34.07 14.53
CA ALA X 59 74.89 32.69 14.94
C ALA X 59 73.58 31.93 15.02
N LEU X 60 72.47 32.61 15.31
CA LEU X 60 71.16 31.97 15.21
C LEU X 60 70.89 31.52 13.78
N LEU X 61 71.09 32.45 12.84
CA LEU X 61 70.93 32.10 11.42
C LEU X 61 71.94 31.02 11.01
N GLY X 62 73.18 31.12 11.50
CA GLY X 62 74.20 30.16 11.12
C GLY X 62 73.96 28.77 11.67
N ALA X 63 73.51 28.67 12.92
CA ALA X 63 73.20 27.36 13.49
C ALA X 63 72.03 26.72 12.76
N LEU X 64 70.99 27.51 12.46
CA LEU X 64 69.88 26.95 11.71
C LEU X 64 70.32 26.50 10.31
N GLY X 65 71.16 27.30 9.65
CA GLY X 65 71.63 26.96 8.32
C GLY X 65 72.71 25.91 8.29
N ILE X 66 73.34 25.62 9.41
CA ILE X 66 74.26 24.49 9.49
C ILE X 66 73.50 23.21 9.72
N ILE X 67 72.46 23.27 10.55
CA ILE X 67 71.67 22.07 10.83
C ILE X 67 70.81 21.67 9.63
N THR X 68 70.18 22.66 8.97
CA THR X 68 69.06 22.37 8.07
C THR X 68 69.41 21.51 6.86
N PRO X 69 70.44 21.80 6.05
CA PRO X 69 70.67 20.94 4.87
C PRO X 69 71.11 19.54 5.23
N GLU X 70 71.80 19.35 6.36
CA GLU X 70 72.15 18.00 6.79
C GLU X 70 70.90 17.18 7.13
N LEU X 71 69.96 17.80 7.85
CA LEU X 71 68.71 17.12 8.16
C LEU X 71 67.90 16.83 6.90
N LEU X 72 67.88 17.78 5.96
CA LEU X 72 67.18 17.56 4.71
C LEU X 72 67.81 16.45 3.89
N ALA X 73 69.14 16.37 3.87
CA ALA X 73 69.81 15.30 3.15
C ALA X 73 69.57 13.95 3.81
N LYS X 74 69.52 13.92 5.14
CA LYS X 74 69.17 12.68 5.82
C LYS X 74 67.68 12.35 5.71
N ASN X 75 66.85 13.30 5.30
CA ASN X 75 65.44 13.06 5.09
C ASN X 75 65.07 12.93 3.61
N GLY X 76 66.04 12.87 2.72
CA GLY X 76 65.79 12.53 1.33
C GLY X 76 65.94 13.66 0.34
N VAL X 77 66.16 14.89 0.78
CA VAL X 77 66.42 15.99 -0.17
C VAL X 77 67.76 15.75 -0.84
N PRO X 78 67.84 15.75 -2.17
CA PRO X 78 69.05 15.28 -2.87
C PRO X 78 70.23 16.25 -2.83
N PHE X 79 70.77 16.48 -1.64
CA PHE X 79 72.11 17.02 -1.51
C PHE X 79 73.09 15.88 -1.73
N SER X 80 74.09 16.10 -2.57
CA SER X 80 74.81 14.95 -3.14
C SER X 80 75.79 14.32 -2.17
N GLU X 81 76.91 14.99 -1.90
CA GLU X 81 77.84 14.52 -0.88
C GLU X 81 78.45 15.62 -0.03
N ASP X 82 78.59 16.84 -0.55
CA ASP X 82 79.27 17.92 0.15
C ASP X 82 78.36 19.07 0.50
N GLY X 83 77.30 19.28 -0.27
CA GLY X 83 76.26 20.21 0.14
C GLY X 83 75.50 19.74 1.36
N ALA X 84 75.58 18.44 1.67
CA ALA X 84 74.92 17.91 2.85
C ALA X 84 75.49 18.51 4.12
N ILE X 85 76.81 18.67 4.19
CA ILE X 85 77.46 19.14 5.41
C ILE X 85 78.06 20.52 5.18
N TRP X 86 78.04 21.31 6.25
CA TRP X 86 78.21 22.76 6.13
C TRP X 86 79.64 23.14 5.77
N PHE X 87 80.63 22.43 6.28
CA PHE X 87 82.01 22.84 6.05
C PHE X 87 82.55 22.32 4.73
N LYS X 88 81.75 21.58 3.97
CA LYS X 88 82.06 21.26 2.59
C LYS X 88 81.07 21.84 1.60
N ALA X 89 79.99 22.48 2.09
CA ALA X 89 78.97 23.03 1.19
C ALA X 89 79.52 24.15 0.31
N GLY X 90 80.59 24.82 0.75
CA GLY X 90 81.17 25.87 -0.07
C GLY X 90 81.78 25.37 -1.36
N ALA X 91 82.34 24.16 -1.36
CA ALA X 91 83.02 23.62 -2.52
C ALA X 91 82.06 23.22 -3.64
N GLU X 92 80.75 23.12 -3.36
CA GLU X 92 79.79 22.68 -4.37
C GLU X 92 79.74 23.61 -5.57
N ILE X 93 80.03 24.91 -5.37
CA ILE X 93 80.04 25.85 -6.48
C ILE X 93 81.15 25.58 -7.48
N PHE X 94 82.14 24.76 -7.12
CA PHE X 94 83.14 24.33 -8.07
C PHE X 94 82.77 23.04 -8.79
N LYS X 95 81.70 22.37 -8.37
CA LYS X 95 81.24 21.19 -9.09
C LYS X 95 80.63 21.60 -10.43
N GLU X 96 80.81 20.74 -11.44
CA GLU X 96 80.33 21.07 -12.78
C GLU X 96 78.82 21.10 -12.86
N GLY X 97 78.12 20.41 -11.96
CA GLY X 97 76.69 20.58 -11.84
C GLY X 97 76.26 21.84 -11.13
N GLY X 98 77.21 22.53 -10.49
CA GLY X 98 76.92 23.79 -9.85
C GLY X 98 76.28 23.64 -8.47
N LEU X 99 76.05 24.79 -7.86
CA LEU X 99 75.38 24.88 -6.56
C LEU X 99 73.90 25.11 -6.81
N ASN X 100 73.09 24.10 -6.53
CA ASN X 100 71.66 24.13 -6.76
C ASN X 100 70.94 24.08 -5.42
N TYR X 101 70.04 25.02 -5.20
CA TYR X 101 69.30 25.07 -3.94
C TYR X 101 68.40 23.85 -3.81
N LEU X 102 68.45 23.21 -2.64
CA LEU X 102 67.69 22.01 -2.31
C LEU X 102 67.97 20.85 -3.25
N GLY X 103 69.11 20.87 -3.94
CA GLY X 103 69.43 19.86 -4.93
C GLY X 103 68.72 20.03 -6.25
N ASN X 104 67.77 20.96 -6.34
CA ASN X 104 67.02 21.20 -7.56
C ASN X 104 67.85 22.09 -8.48
N GLU X 105 68.26 21.54 -9.62
CA GLU X 105 69.10 22.26 -10.56
C GLU X 105 68.39 23.44 -11.21
N ASN X 106 67.07 23.50 -11.10
CA ASN X 106 66.33 24.68 -11.54
C ASN X 106 66.52 25.86 -10.59
N LEU X 107 66.81 25.59 -9.33
CA LEU X 107 66.98 26.66 -8.33
C LEU X 107 68.45 27.08 -8.28
N ILE X 108 68.67 28.39 -8.38
CA ILE X 108 69.98 29.02 -8.34
C ILE X 108 70.89 28.50 -9.45
N HIS X 109 71.41 27.28 -9.31
CA HIS X 109 72.33 26.70 -10.29
C HIS X 109 73.54 27.60 -10.52
N ALA X 110 74.12 28.06 -9.41
CA ALA X 110 75.23 29.01 -9.47
C ALA X 110 76.55 28.30 -9.73
N GLN X 111 77.39 28.91 -10.56
CA GLN X 111 78.75 28.41 -10.77
C GLN X 111 79.83 29.47 -10.62
N SER X 112 79.51 30.76 -10.68
CA SER X 112 80.53 31.81 -10.60
C SER X 112 80.63 32.30 -9.16
N ILE X 113 81.63 31.77 -8.45
CA ILE X 113 81.85 32.16 -7.05
C ILE X 113 82.24 33.63 -6.95
N LEU X 114 82.96 34.15 -7.95
CA LEU X 114 83.32 35.57 -7.92
C LEU X 114 82.10 36.45 -8.06
N ALA X 115 81.16 36.08 -8.94
CA ALA X 115 79.92 36.84 -9.07
C ALA X 115 79.09 36.75 -7.80
N THR X 116 79.01 35.56 -7.19
CA THR X 116 78.27 35.40 -5.95
C THR X 116 78.85 36.27 -4.85
N LEU X 117 80.19 36.26 -4.72
CA LEU X 117 80.85 37.06 -3.70
C LEU X 117 80.68 38.55 -3.97
N ALA X 118 80.74 38.97 -5.24
CA ALA X 118 80.56 40.39 -5.54
C ALA X 118 79.15 40.87 -5.20
N VAL X 119 78.14 40.05 -5.51
CA VAL X 119 76.77 40.39 -5.14
C VAL X 119 76.63 40.48 -3.63
N GLN X 120 77.22 39.52 -2.91
CA GLN X 120 77.17 39.58 -1.45
C GLN X 120 77.88 40.81 -0.91
N VAL X 121 79.04 41.16 -1.49
CA VAL X 121 79.79 42.31 -1.01
C VAL X 121 78.99 43.59 -1.18
N ILE X 122 78.40 43.80 -2.37
CA ILE X 122 77.65 45.04 -2.58
C ILE X 122 76.40 45.09 -1.71
N VAL X 123 75.66 43.98 -1.62
CA VAL X 123 74.39 43.99 -0.87
C VAL X 123 74.66 44.15 0.62
N MET X 124 75.57 43.35 1.17
CA MET X 124 75.87 43.42 2.59
C MET X 124 76.60 44.70 2.94
N GLY X 125 77.38 45.27 2.01
CA GLY X 125 77.98 46.56 2.27
C GLY X 125 76.96 47.66 2.39
N ALA X 126 75.96 47.66 1.50
CA ALA X 126 74.87 48.62 1.62
C ALA X 126 74.12 48.43 2.93
N ALA X 127 73.78 47.18 3.26
CA ALA X 127 73.00 46.90 4.46
C ALA X 127 73.76 47.27 5.73
N GLU X 128 75.04 46.91 5.82
CA GLU X 128 75.82 47.19 7.02
C GLU X 128 76.19 48.67 7.10
N GLY X 129 76.37 49.34 5.97
CA GLY X 129 76.52 50.79 6.01
C GLY X 129 75.27 51.47 6.53
N PHE X 130 74.09 50.98 6.12
CA PHE X 130 72.85 51.52 6.66
C PHE X 130 72.75 51.27 8.16
N ARG X 131 73.12 50.06 8.60
CA ARG X 131 73.06 49.75 10.04
C ARG X 131 74.02 50.63 10.83
N ALA X 132 75.23 50.84 10.31
CA ALA X 132 76.19 51.69 11.00
C ALA X 132 75.73 53.14 11.03
N ASN X 133 75.23 53.64 9.90
CA ASN X 133 74.75 55.02 9.85
C ASN X 133 73.49 55.21 10.68
N GLY X 134 72.77 54.14 11.01
CA GLY X 134 71.57 54.28 11.80
C GLY X 134 70.41 54.89 11.05
N GLU X 135 70.50 54.97 9.73
CA GLU X 135 69.47 55.60 8.92
C GLU X 135 69.44 54.95 7.55
N ALA X 136 68.30 55.10 6.88
CA ALA X 136 68.09 54.62 5.53
C ALA X 136 67.14 55.58 4.85
N PRO X 137 67.02 55.52 3.52
CA PRO X 137 66.07 56.42 2.83
C PRO X 137 64.63 56.27 3.29
N GLY X 138 64.25 55.11 3.84
CA GLY X 138 62.90 54.95 4.37
C GLY X 138 62.87 54.68 5.85
N VAL X 139 64.03 54.65 6.50
CA VAL X 139 64.16 54.29 7.91
C VAL X 139 64.92 55.41 8.61
N GLU X 140 64.22 56.20 9.43
CA GLU X 140 64.81 57.34 10.10
C GLU X 140 64.40 57.39 11.56
N GLY X 141 65.36 57.66 12.44
CA GLY X 141 65.09 57.84 13.84
C GLY X 141 64.71 56.58 14.59
N LEU X 142 65.44 55.49 14.35
CA LEU X 142 65.21 54.22 15.00
C LEU X 142 66.39 53.86 15.90
N ASP X 143 66.18 52.86 16.73
CA ASP X 143 67.26 52.35 17.57
C ASP X 143 68.29 51.63 16.71
N PRO X 144 69.58 51.88 16.91
CA PRO X 144 70.60 51.18 16.10
C PRO X 144 70.61 49.68 16.30
N LEU X 145 70.24 49.18 17.48
CA LEU X 145 70.32 47.77 17.79
C LEU X 145 68.97 47.06 17.78
N TYR X 146 67.89 47.77 18.14
CA TYR X 146 66.53 47.24 18.09
C TYR X 146 65.68 48.18 17.26
N PRO X 147 65.86 48.19 15.94
CA PRO X 147 65.18 49.18 15.11
C PRO X 147 63.66 49.03 15.11
N GLY X 148 63.17 47.86 14.77
CA GLY X 148 61.74 47.71 14.64
C GLY X 148 61.23 48.41 13.39
N GLY X 149 59.98 48.86 13.47
CA GLY X 149 59.31 49.41 12.32
C GLY X 149 59.18 48.37 11.22
N PRO X 150 59.81 48.64 10.08
CA PRO X 150 59.87 47.61 9.02
C PRO X 150 60.62 46.37 9.45
N PHE X 151 61.49 46.46 10.45
CA PHE X 151 62.17 45.31 11.00
C PHE X 151 61.34 44.58 12.04
N ASP X 152 60.15 45.08 12.36
CA ASP X 152 59.17 44.34 13.16
C ASP X 152 57.84 44.33 12.42
N PRO X 153 57.73 43.56 11.33
CA PRO X 153 56.48 43.55 10.55
C PRO X 153 55.25 43.13 11.35
N LEU X 154 55.39 42.14 12.23
CA LEU X 154 54.24 41.61 12.95
C LEU X 154 53.98 42.31 14.27
N GLY X 155 54.84 43.26 14.65
CA GLY X 155 54.58 44.08 15.82
C GLY X 155 54.61 43.34 17.15
N LEU X 156 55.54 42.39 17.30
CA LEU X 156 55.66 41.70 18.59
C LEU X 156 56.21 42.61 19.67
N ALA X 157 57.02 43.61 19.28
CA ALA X 157 57.65 44.50 20.23
C ALA X 157 56.86 45.81 20.34
N ASP X 158 55.63 45.69 20.84
CA ASP X 158 54.78 46.84 21.07
C ASP X 158 54.58 47.13 22.56
N ASP X 159 54.20 46.14 23.34
CA ASP X 159 54.18 46.29 24.79
C ASP X 159 55.61 46.31 25.30
N PRO X 160 56.00 47.30 26.12
CA PRO X 160 57.39 47.34 26.62
C PRO X 160 57.78 46.13 27.47
N GLU X 161 56.86 45.59 28.27
CA GLU X 161 57.18 44.43 29.09
C GLU X 161 57.45 43.20 28.22
N ALA X 162 56.58 42.97 27.24
CA ALA X 162 56.80 41.88 26.30
C ALA X 162 58.07 42.11 25.48
N PHE X 163 58.37 43.37 25.17
CA PHE X 163 59.61 43.69 24.46
C PHE X 163 60.83 43.31 25.29
N ALA X 164 60.82 43.63 26.58
CA ALA X 164 61.95 43.27 27.43
C ALA X 164 62.09 41.77 27.56
N GLU X 165 60.96 41.06 27.72
CA GLU X 165 61.00 39.60 27.80
C GLU X 165 61.53 38.99 26.51
N LEU X 166 61.10 39.50 25.36
CA LEU X 166 61.58 38.98 24.09
C LEU X 166 63.03 39.34 23.86
N LYS X 167 63.50 40.46 24.40
CA LYS X 167 64.92 40.80 24.34
C LYS X 167 65.75 39.78 25.10
N VAL X 168 65.29 39.41 26.30
CA VAL X 168 65.99 38.39 27.08
C VAL X 168 65.99 37.06 26.34
N LYS X 169 64.84 36.70 25.75
CA LYS X 169 64.75 35.46 24.99
C LYS X 169 65.69 35.46 23.79
N GLU X 170 65.76 36.59 23.08
CA GLU X 170 66.63 36.71 21.92
C GLU X 170 68.09 36.57 22.29
N ILE X 171 68.52 37.27 23.35
CA ILE X 171 69.93 37.20 23.71
C ILE X 171 70.29 35.82 24.25
N LYS X 172 69.37 35.15 24.97
CA LYS X 172 69.68 33.82 25.47
C LYS X 172 69.75 32.79 24.34
N ASN X 173 68.80 32.85 23.40
CA ASN X 173 68.86 31.98 22.24
C ASN X 173 70.11 32.25 21.41
N GLY X 174 70.47 33.53 21.26
CA GLY X 174 71.65 33.86 20.49
C GLY X 174 72.94 33.41 21.14
N ARG X 175 73.03 33.50 22.47
CA ARG X 175 74.20 32.99 23.16
C ARG X 175 74.29 31.48 23.06
N LEU X 176 73.15 30.79 23.16
CA LEU X 176 73.13 29.35 22.93
C LEU X 176 73.56 29.02 21.52
N ALA X 177 73.15 29.83 20.54
CA ALA X 177 73.52 29.59 19.15
C ALA X 177 75.00 29.87 18.90
N MET X 178 75.56 30.89 19.55
CA MET X 178 77.00 31.14 19.44
C MET X 178 77.79 29.99 20.06
N PHE X 179 77.35 29.51 21.22
CA PHE X 179 77.97 28.35 21.85
C PHE X 179 77.91 27.13 20.93
N SER X 180 76.76 26.90 20.31
CA SER X 180 76.61 25.76 19.42
C SER X 180 77.40 25.94 18.13
N CYS X 181 77.58 27.17 17.66
CA CYS X 181 78.37 27.39 16.45
C CYS X 181 79.85 27.18 16.72
N LEU X 182 80.32 27.60 17.90
CA LEU X 182 81.67 27.24 18.31
C LEU X 182 81.83 25.73 18.40
N GLY X 183 80.81 25.05 18.94
CA GLY X 183 80.80 23.60 18.92
C GLY X 183 80.86 23.02 17.53
N PHE X 184 80.13 23.62 16.59
CA PHE X 184 80.15 23.17 15.20
C PHE X 184 81.54 23.29 14.60
N PHE X 185 82.18 24.43 14.85
CA PHE X 185 83.53 24.65 14.31
C PHE X 185 84.52 23.65 14.88
N VAL X 186 84.52 23.48 16.20
CA VAL X 186 85.48 22.60 16.84
C VAL X 186 85.22 21.14 16.48
N GLN X 187 83.94 20.75 16.39
CA GLN X 187 83.61 19.38 16.01
C GLN X 187 83.99 19.09 14.56
N ALA X 188 83.82 20.07 13.68
CA ALA X 188 84.26 19.89 12.30
C ALA X 188 85.77 19.74 12.23
N ILE X 189 86.50 20.54 13.00
CA ILE X 189 87.96 20.45 13.01
C ILE X 189 88.41 19.09 13.56
N VAL X 190 87.81 18.65 14.66
CA VAL X 190 88.31 17.46 15.35
C VAL X 190 87.81 16.19 14.68
N THR X 191 86.48 16.01 14.61
CA THR X 191 85.92 14.78 14.09
C THR X 191 86.03 14.69 12.57
N GLY X 192 85.88 15.82 11.88
CA GLY X 192 85.86 15.80 10.43
C GLY X 192 84.54 15.41 9.81
N LYS X 193 83.49 15.25 10.62
CA LYS X 193 82.16 14.90 10.13
C LYS X 193 81.19 16.04 10.42
N GLY X 194 80.00 15.92 9.88
CA GLY X 194 78.95 16.87 10.15
C GLY X 194 78.43 16.74 11.56
N PRO X 195 77.87 17.82 12.11
CA PRO X 195 77.35 17.77 13.48
C PRO X 195 76.22 16.79 13.68
N ILE X 196 75.34 16.61 12.68
CA ILE X 196 74.27 15.63 12.80
C ILE X 196 74.82 14.22 12.81
N GLN X 197 75.86 13.97 12.00
CA GLN X 197 76.52 12.67 12.03
C GLN X 197 77.21 12.44 13.37
N ASN X 198 77.79 13.49 13.96
CA ASN X 198 78.37 13.37 15.29
C ASN X 198 77.31 13.01 16.31
N LEU X 199 76.15 13.66 16.24
CA LEU X 199 75.05 13.36 17.15
C LEU X 199 74.57 11.93 16.97
N GLN X 200 74.47 11.47 15.72
CA GLN X 200 74.02 10.10 15.47
C GLN X 200 75.02 9.06 15.98
N ASP X 201 76.32 9.33 15.80
CA ASP X 201 77.34 8.43 16.35
C ASP X 201 77.28 8.39 17.87
N HIS X 202 77.11 9.56 18.49
CA HIS X 202 77.00 9.61 19.94
C HIS X 202 75.78 8.87 20.44
N LEU X 203 74.64 9.04 19.77
CA LEU X 203 73.45 8.29 20.14
C LEU X 203 73.64 6.80 19.91
N ALA X 204 74.43 6.43 18.92
CA ALA X 204 74.73 5.02 18.69
C ALA X 204 75.52 4.42 19.85
N ASP X 205 76.51 5.13 20.37
CA ASP X 205 77.28 4.62 21.51
C ASP X 205 77.86 5.77 22.33
N PRO X 206 77.09 6.28 23.29
CA PRO X 206 77.55 7.46 24.05
C PRO X 206 78.76 7.20 24.94
N GLY X 207 78.99 5.95 25.35
CA GLY X 207 80.11 5.67 26.22
C GLY X 207 81.46 5.86 25.54
N VAL X 208 81.55 5.50 24.26
CA VAL X 208 82.82 5.53 23.55
C VAL X 208 82.81 6.47 22.35
N ASN X 209 81.66 6.97 21.92
CA ASN X 209 81.61 7.96 20.83
C ASN X 209 81.39 9.34 21.45
N ASN X 210 82.49 9.95 21.88
CA ASN X 210 82.47 11.28 22.47
C ASN X 210 83.81 11.94 22.19
N ALA X 211 83.97 13.16 22.71
CA ALA X 211 85.16 13.95 22.41
C ALA X 211 86.43 13.30 22.97
N PHE X 212 86.32 12.59 24.10
CA PHE X 212 87.49 11.91 24.65
C PHE X 212 88.00 10.83 23.70
N ALA X 213 87.11 10.24 22.91
CA ALA X 213 87.54 9.29 21.88
C ALA X 213 88.47 9.93 20.86
N SER X 214 88.38 11.24 20.67
CA SER X 214 89.27 11.98 19.79
C SER X 214 90.30 12.78 20.56
N ALA X 215 90.56 12.42 21.82
CA ALA X 215 91.49 13.18 22.65
C ALA X 215 92.95 12.91 22.31
N THR X 216 93.24 11.82 21.59
CA THR X 216 94.61 11.41 21.34
C THR X 216 95.05 11.65 19.89
N LYS X 217 94.21 12.26 19.06
CA LYS X 217 94.50 12.37 17.64
C LYS X 217 95.27 13.62 17.27
N PHE X 218 95.54 14.51 18.22
CA PHE X 218 96.29 15.74 17.96
C PHE X 218 97.62 15.77 18.68
N VAL X 219 98.02 14.68 19.32
CA VAL X 219 99.22 14.67 20.16
C VAL X 219 100.46 14.85 19.29
N PRO X 220 101.39 15.72 19.67
CA PRO X 220 102.60 15.91 18.86
C PRO X 220 103.54 14.73 18.96
N THR X 221 104.05 14.29 17.81
CA THR X 221 104.94 13.15 17.72
C THR X 221 106.39 13.61 17.68
N PRO X 222 107.32 12.85 18.29
CA PRO X 222 108.74 13.23 18.32
C PRO X 222 109.40 13.18 16.94
N GLN Y 1 -2.44 -60.65 13.28
CA GLN Y 1 -2.84 -61.53 14.36
C GLN Y 1 -1.75 -61.66 15.42
N ARG Y 2 -0.49 -61.60 14.99
CA ARG Y 2 0.64 -61.75 15.89
C ARG Y 2 1.00 -60.38 16.46
N VAL Y 3 0.44 -60.10 17.64
CA VAL Y 3 0.65 -58.80 18.26
C VAL Y 3 2.11 -58.61 18.67
N ARG Y 4 2.79 -59.69 19.06
CA ARG Y 4 4.21 -59.59 19.37
C ARG Y 4 5.03 -59.19 18.15
N THR Y 5 4.73 -59.79 16.99
CA THR Y 5 5.44 -59.45 15.77
C THR Y 5 5.15 -58.03 15.31
N VAL Y 6 3.88 -57.62 15.37
CA VAL Y 6 3.56 -56.25 14.95
C VAL Y 6 4.15 -55.24 15.94
N LEU Y 7 4.28 -55.62 17.21
CA LEU Y 7 4.94 -54.77 18.21
C LEU Y 7 6.42 -54.62 17.90
N ASP Y 8 7.11 -55.75 17.70
CA ASP Y 8 8.54 -55.72 17.40
C ASP Y 8 8.83 -55.16 16.02
N MET Y 9 7.82 -54.98 15.19
CA MET Y 9 8.00 -54.37 13.87
C MET Y 9 7.67 -52.88 13.86
N ASP Y 10 6.73 -52.43 14.71
CA ASP Y 10 6.53 -51.00 14.87
C ASP Y 10 7.61 -50.36 15.73
N ASP Y 11 8.22 -51.14 16.63
CA ASP Y 11 9.21 -50.59 17.55
C ASP Y 11 10.44 -49.99 16.89
N PRO Y 12 11.12 -50.62 15.92
CA PRO Y 12 12.32 -49.99 15.37
C PRO Y 12 12.02 -48.76 14.53
N ALA Y 13 10.88 -48.72 13.86
CA ALA Y 13 10.51 -47.52 13.13
C ALA Y 13 10.13 -46.39 14.07
N LYS Y 14 9.46 -46.70 15.17
CA LYS Y 14 9.03 -45.68 16.13
C LYS Y 14 8.97 -46.30 17.52
N GLU Y 15 9.84 -45.84 18.42
CA GLU Y 15 9.87 -46.33 19.78
C GLU Y 15 8.81 -45.70 20.67
N GLU Y 16 8.18 -44.61 20.22
CA GLU Y 16 7.18 -43.89 20.99
C GLU Y 16 5.76 -44.36 20.70
N THR Y 17 5.60 -45.41 19.90
CA THR Y 17 4.29 -45.92 19.56
C THR Y 17 3.58 -46.47 20.81
N VAL Y 18 2.27 -46.21 20.90
CA VAL Y 18 1.51 -46.55 22.09
C VAL Y 18 1.44 -48.06 22.32
N LYS Y 19 1.57 -48.86 21.26
CA LYS Y 19 1.65 -50.30 21.44
C LYS Y 19 2.90 -50.71 22.21
N GLU Y 20 4.00 -50.00 21.96
CA GLU Y 20 5.24 -50.21 22.72
C GLU Y 20 5.14 -49.62 24.11
N LEU Y 21 4.43 -48.51 24.26
CA LEU Y 21 4.32 -47.86 25.55
C LEU Y 21 3.23 -48.46 26.45
N ARG Y 22 2.45 -49.40 25.94
CA ARG Y 22 1.32 -49.95 26.67
C ARG Y 22 1.57 -51.41 27.03
N LYS Y 23 1.29 -51.76 28.28
CA LYS Y 23 1.37 -53.14 28.79
C LYS Y 23 2.77 -53.72 28.62
N ASP Y 24 3.80 -52.90 28.71
CA ASP Y 24 5.18 -53.35 28.59
C ASP Y 24 5.84 -53.58 29.93
N ILE Y 25 5.08 -53.49 31.04
CA ILE Y 25 5.59 -53.99 32.31
C ILE Y 25 5.69 -55.51 32.27
N ASN Y 26 4.86 -56.16 31.46
CA ASN Y 26 4.96 -57.60 31.28
C ASN Y 26 6.24 -57.97 30.55
N ASN Y 27 6.76 -57.06 29.73
CA ASN Y 27 8.03 -57.24 29.05
C ASN Y 27 9.17 -56.74 29.94
N GLU Z 1 -58.21 14.21 15.44
CA GLU Z 1 -56.89 14.78 15.23
C GLU Z 1 -56.23 14.19 13.97
N ASN Z 2 -57.06 13.84 12.99
CA ASN Z 2 -56.63 13.18 11.76
C ASN Z 2 -55.95 11.85 12.06
N THR Z 3 -56.71 10.97 12.72
CA THR Z 3 -56.26 9.67 13.19
C THR Z 3 -56.38 8.60 12.12
N SER Z 4 -56.99 8.93 10.98
CA SER Z 4 -57.26 7.94 9.93
C SER Z 4 -55.97 7.34 9.39
N LEU Z 5 -56.04 6.03 9.10
CA LEU Z 5 -54.84 5.30 8.68
C LEU Z 5 -54.36 5.76 7.31
N TRP Z 6 -55.28 5.85 6.34
CA TRP Z 6 -54.89 6.30 5.01
C TRP Z 6 -54.44 7.75 5.03
N ALA Z 7 -55.09 8.59 5.86
CA ALA Z 7 -54.66 9.97 5.98
C ALA Z 7 -53.25 10.08 6.55
N ARG Z 8 -52.93 9.28 7.56
CA ARG Z 8 -51.58 9.28 8.12
C ARG Z 8 -50.56 8.80 7.11
N PHE Z 9 -50.89 7.73 6.37
CA PHE Z 9 -50.00 7.22 5.34
C PHE Z 9 -49.77 8.26 4.26
N CYS Z 10 -50.82 8.95 3.84
CA CYS Z 10 -50.70 9.97 2.80
C CYS Z 10 -49.88 11.15 3.28
N GLU Z 11 -50.08 11.58 4.53
CA GLU Z 11 -49.29 12.67 5.07
C GLU Z 11 -47.82 12.29 5.18
N TRP Z 12 -47.52 11.02 5.46
CA TRP Z 12 -46.13 10.60 5.46
C TRP Z 12 -45.55 10.55 4.05
N ILE Z 13 -46.34 10.07 3.09
CA ILE Z 13 -45.86 9.93 1.72
C ILE Z 13 -45.56 11.29 1.11
N THR Z 14 -46.46 12.25 1.30
CA THR Z 14 -46.31 13.57 0.71
C THR Z 14 -45.56 14.53 1.61
N SER Z 15 -44.91 14.03 2.66
CA SER Z 15 -44.21 14.90 3.60
C SER Z 15 -42.97 15.49 2.96
N THR Z 16 -42.80 16.80 3.12
CA THR Z 16 -41.58 17.46 2.69
C THR Z 16 -40.51 17.47 3.77
N GLU Z 17 -40.77 16.85 4.91
CA GLU Z 17 -39.78 16.76 5.98
C GLU Z 17 -38.97 15.47 5.93
N ASN Z 18 -39.26 14.57 4.99
CA ASN Z 18 -38.41 13.41 4.81
C ASN Z 18 -37.09 13.82 4.18
N ARG Z 19 -36.04 13.07 4.49
CA ARG Z 19 -34.71 13.37 3.96
C ARG Z 19 -34.71 13.28 2.44
N LEU Z 20 -35.31 12.23 1.89
CA LEU Z 20 -35.59 12.12 0.47
C LEU Z 20 -37.09 12.11 0.30
N TYR Z 21 -37.58 12.95 -0.59
CA TYR Z 21 -39.02 13.00 -0.86
C TYR Z 21 -39.46 11.71 -1.52
N ILE Z 22 -40.63 11.21 -1.11
CA ILE Z 22 -41.17 10.01 -1.72
C ILE Z 22 -42.25 10.39 -2.71
N GLY Z 23 -43.37 10.89 -2.21
CA GLY Z 23 -44.51 11.19 -3.06
C GLY Z 23 -45.15 9.99 -3.72
N TRP Z 24 -46.25 10.25 -4.42
CA TRP Z 24 -46.95 9.17 -5.10
C TRP Z 24 -46.20 8.70 -6.34
N PHE Z 25 -45.42 9.58 -6.95
CA PHE Z 25 -44.51 9.10 -7.99
C PHE Z 25 -43.37 8.32 -7.38
N GLY Z 26 -42.98 8.63 -6.15
CA GLY Z 26 -41.91 7.91 -5.50
C GLY Z 26 -42.32 6.53 -5.03
N VAL Z 27 -43.60 6.33 -4.73
CA VAL Z 27 -44.03 4.99 -4.33
C VAL Z 27 -44.02 4.01 -5.49
N ILE Z 28 -43.87 4.48 -6.73
CA ILE Z 28 -43.64 3.61 -7.87
C ILE Z 28 -42.15 3.63 -8.20
N MET Z 29 -41.53 4.80 -8.00
CA MET Z 29 -40.13 4.97 -8.38
C MET Z 29 -39.20 4.11 -7.53
N ILE Z 30 -39.37 4.15 -6.21
CA ILE Z 30 -38.47 3.48 -5.28
C ILE Z 30 -38.48 1.97 -5.45
N PRO Z 31 -39.63 1.26 -5.49
CA PRO Z 31 -39.54 -0.19 -5.68
C PRO Z 31 -39.01 -0.61 -7.04
N THR Z 32 -39.42 0.06 -8.12
CA THR Z 32 -38.92 -0.30 -9.44
C THR Z 32 -37.43 -0.04 -9.56
N LEU Z 33 -36.96 1.09 -9.05
CA LEU Z 33 -35.54 1.38 -9.13
C LEU Z 33 -34.72 0.48 -8.23
N LEU Z 34 -35.25 0.12 -7.06
CA LEU Z 34 -34.53 -0.81 -6.20
C LEU Z 34 -34.45 -2.19 -6.84
N THR Z 35 -35.52 -2.62 -7.49
CA THR Z 35 -35.49 -3.89 -8.22
C THR Z 35 -34.46 -3.84 -9.34
N ALA Z 36 -34.45 -2.76 -10.11
CA ALA Z 36 -33.50 -2.64 -11.22
C ALA Z 36 -32.07 -2.58 -10.72
N ILE Z 37 -31.82 -1.84 -9.64
CA ILE Z 37 -30.48 -1.75 -9.07
C ILE Z 37 -30.00 -3.10 -8.58
N SER Z 38 -30.87 -3.82 -7.85
CA SER Z 38 -30.49 -5.12 -7.31
C SER Z 38 -30.15 -6.10 -8.42
N VAL Z 39 -31.02 -6.19 -9.43
CA VAL Z 39 -30.79 -7.14 -10.51
C VAL Z 39 -29.59 -6.73 -11.33
N TYR Z 40 -29.39 -5.43 -11.55
CA TYR Z 40 -28.24 -4.98 -12.33
C TYR Z 40 -26.93 -5.30 -11.63
N ILE Z 41 -26.86 -5.04 -10.33
CA ILE Z 41 -25.62 -5.30 -9.60
C ILE Z 41 -25.33 -6.80 -9.57
N ILE Z 42 -26.35 -7.61 -9.26
CA ILE Z 42 -26.16 -9.05 -9.19
C ILE Z 42 -25.77 -9.62 -10.54
N ALA Z 43 -26.42 -9.16 -11.61
CA ALA Z 43 -26.12 -9.66 -12.95
C ALA Z 43 -24.75 -9.21 -13.42
N PHE Z 44 -24.41 -7.94 -13.18
CA PHE Z 44 -23.10 -7.42 -13.57
C PHE Z 44 -21.98 -8.16 -12.86
N ILE Z 45 -22.23 -8.61 -11.63
CA ILE Z 45 -21.19 -9.33 -10.91
C ILE Z 45 -21.12 -10.79 -11.36
N ALA Z 46 -22.26 -11.48 -11.40
CA ALA Z 46 -22.22 -12.94 -11.50
C ALA Z 46 -23.21 -13.49 -12.50
N ALA Z 47 -23.43 -12.81 -13.61
CA ALA Z 47 -24.41 -13.46 -14.47
C ALA Z 47 -23.75 -14.40 -15.46
N PRO Z 48 -24.41 -15.51 -15.79
CA PRO Z 48 -23.86 -16.44 -16.79
C PRO Z 48 -23.94 -15.83 -18.18
N PRO Z 49 -23.18 -16.37 -19.14
CA PRO Z 49 -23.19 -15.79 -20.49
C PRO Z 49 -24.55 -15.89 -21.18
N VAL Z 50 -24.84 -14.88 -21.99
CA VAL Z 50 -26.15 -14.70 -22.61
C VAL Z 50 -26.01 -14.84 -24.11
N ASP Z 51 -26.83 -15.69 -24.71
CA ASP Z 51 -26.90 -15.85 -26.16
C ASP Z 51 -27.67 -14.67 -26.75
N ILE Z 52 -26.95 -13.56 -26.96
CA ILE Z 52 -27.59 -12.32 -27.37
C ILE Z 52 -28.16 -12.43 -28.79
N ASP Z 53 -27.42 -13.03 -29.71
CA ASP Z 53 -27.83 -13.07 -31.10
C ASP Z 53 -28.80 -14.21 -31.40
N GLY Z 54 -29.13 -15.03 -30.41
CA GLY Z 54 -30.01 -16.14 -30.64
C GLY Z 54 -29.44 -17.24 -31.50
N ILE Z 55 -28.11 -17.29 -31.63
CA ILE Z 55 -27.46 -18.26 -32.51
C ILE Z 55 -26.68 -19.27 -31.67
N ARG Z 56 -27.12 -19.47 -30.42
CA ARG Z 56 -26.51 -20.41 -29.48
C ARG Z 56 -25.04 -20.12 -29.25
N GLU Z 57 -24.69 -18.83 -29.19
CA GLU Z 57 -23.30 -18.40 -29.08
C GLU Z 57 -23.24 -17.31 -28.02
N PRO Z 58 -23.10 -17.69 -26.75
CA PRO Z 58 -23.31 -16.74 -25.66
C PRO Z 58 -22.16 -15.75 -25.46
N VAL Z 59 -22.49 -14.65 -24.80
CA VAL Z 59 -21.56 -13.55 -24.50
C VAL Z 59 -21.51 -13.39 -22.99
N SER Z 60 -20.29 -13.41 -22.42
CA SER Z 60 -20.09 -13.55 -20.99
C SER Z 60 -20.65 -12.39 -20.17
N GLY Z 61 -20.07 -11.20 -20.30
CA GLY Z 61 -20.65 -10.03 -19.65
C GLY Z 61 -20.27 -9.73 -18.21
N SER Z 62 -20.06 -10.73 -17.36
CA SER Z 62 -19.93 -10.49 -15.93
C SER Z 62 -18.50 -10.69 -15.43
N LEU Z 63 -18.21 -10.05 -14.30
CA LEU Z 63 -16.86 -10.05 -13.73
C LEU Z 63 -16.40 -11.45 -13.40
N LEU Z 64 -17.26 -12.25 -12.76
CA LEU Z 64 -16.91 -13.61 -12.41
C LEU Z 64 -16.70 -14.50 -13.63
N TYR Z 65 -17.10 -14.06 -14.82
CA TYR Z 65 -16.82 -14.81 -16.03
C TYR Z 65 -15.69 -14.18 -16.85
N GLY Z 66 -14.85 -13.37 -16.21
CA GLY Z 66 -13.65 -12.90 -16.84
C GLY Z 66 -13.69 -11.50 -17.43
N ASN Z 67 -14.60 -10.66 -16.98
CA ASN Z 67 -14.70 -9.29 -17.46
C ASN Z 67 -14.11 -8.34 -16.44
N ASN Z 68 -13.60 -7.21 -16.92
CA ASN Z 68 -13.21 -6.12 -16.04
C ASN Z 68 -14.36 -5.12 -15.97
N ILE Z 69 -14.11 -3.98 -15.33
CA ILE Z 69 -15.15 -2.97 -15.19
C ILE Z 69 -15.52 -2.37 -16.54
N ILE Z 70 -14.53 -2.23 -17.43
CA ILE Z 70 -14.80 -1.65 -18.74
C ILE Z 70 -15.57 -2.64 -19.62
N THR Z 71 -15.12 -3.88 -19.67
CA THR Z 71 -15.74 -4.85 -20.57
C THR Z 71 -16.97 -5.53 -19.97
N GLY Z 72 -17.23 -5.35 -18.68
CA GLY Z 72 -18.38 -5.97 -18.08
C GLY Z 72 -19.67 -5.31 -18.52
N ALA Z 73 -20.71 -6.12 -18.70
CA ALA Z 73 -21.99 -5.61 -19.15
C ALA Z 73 -23.09 -6.57 -18.74
N VAL Z 74 -24.29 -6.03 -18.62
CA VAL Z 74 -25.50 -6.85 -18.63
C VAL Z 74 -25.93 -6.95 -20.09
N VAL Z 75 -25.84 -8.18 -20.63
CA VAL Z 75 -26.00 -8.46 -22.05
C VAL Z 75 -27.48 -8.41 -22.41
N PRO Z 76 -27.83 -7.82 -23.55
CA PRO Z 76 -29.25 -7.76 -23.95
C PRO Z 76 -29.85 -9.14 -24.19
N THR Z 77 -31.16 -9.13 -24.29
CA THR Z 77 -31.96 -10.35 -24.38
C THR Z 77 -31.71 -11.05 -25.70
N SER Z 78 -31.95 -12.35 -25.73
CA SER Z 78 -31.72 -13.16 -26.92
C SER Z 78 -32.56 -12.67 -28.09
N ASN Z 79 -31.99 -12.78 -29.29
CA ASN Z 79 -32.73 -12.43 -30.50
C ASN Z 79 -33.89 -13.38 -30.76
N ALA Z 80 -33.79 -14.62 -30.28
CA ALA Z 80 -34.89 -15.56 -30.42
C ALA Z 80 -36.12 -15.09 -29.66
N ILE Z 81 -35.93 -14.38 -28.55
CA ILE Z 81 -37.05 -13.81 -27.82
C ILE Z 81 -37.63 -12.61 -28.56
N GLY Z 82 -36.77 -11.78 -29.13
CA GLY Z 82 -37.26 -10.61 -29.85
C GLY Z 82 -37.87 -9.57 -28.94
N LEU Z 83 -39.17 -9.30 -29.11
CA LEU Z 83 -39.89 -8.34 -28.28
C LEU Z 83 -40.91 -9.01 -27.37
N HIS Z 84 -40.76 -10.31 -27.12
CA HIS Z 84 -41.83 -11.14 -26.58
C HIS Z 84 -41.94 -11.12 -25.05
N PHE Z 85 -41.31 -10.18 -24.35
CA PHE Z 85 -41.56 -9.99 -22.91
C PHE Z 85 -41.27 -11.22 -22.06
N TYR Z 86 -40.01 -11.46 -21.76
CA TYR Z 86 -39.55 -12.64 -21.03
C TYR Z 86 -39.31 -12.38 -19.53
N PRO Z 87 -40.30 -12.59 -18.65
CA PRO Z 87 -40.04 -12.51 -17.21
C PRO Z 87 -39.68 -13.87 -16.63
N ILE Z 88 -39.32 -13.85 -15.35
CA ILE Z 88 -38.79 -15.04 -14.68
C ILE Z 88 -39.83 -16.16 -14.69
N TRP Z 89 -41.09 -15.83 -14.38
CA TRP Z 89 -42.11 -16.87 -14.34
C TRP Z 89 -42.47 -17.40 -15.72
N GLU Z 90 -42.02 -16.76 -16.80
CA GLU Z 90 -42.21 -17.34 -18.12
C GLU Z 90 -41.06 -18.24 -18.53
N ALA Z 91 -40.08 -18.44 -17.65
CA ALA Z 91 -38.97 -19.34 -17.91
C ALA Z 91 -39.19 -20.65 -17.17
N ALA Z 92 -38.72 -21.74 -17.78
CA ALA Z 92 -38.78 -23.04 -17.11
C ALA Z 92 -37.85 -23.09 -15.91
N SER Z 93 -36.73 -22.40 -15.98
CA SER Z 93 -35.78 -22.37 -14.87
C SER Z 93 -35.05 -21.04 -14.89
N LEU Z 94 -34.49 -20.68 -13.73
CA LEU Z 94 -33.67 -19.50 -13.63
C LEU Z 94 -32.45 -19.58 -14.55
N ASP Z 95 -31.93 -20.79 -14.76
CA ASP Z 95 -30.81 -20.97 -15.67
C ASP Z 95 -31.19 -20.62 -17.10
N GLU Z 96 -32.37 -21.05 -17.54
CA GLU Z 96 -32.85 -20.68 -18.87
C GLU Z 96 -33.11 -19.19 -18.98
N TRP Z 97 -33.67 -18.60 -17.92
CA TRP Z 97 -33.92 -17.16 -17.89
C TRP Z 97 -32.62 -16.37 -18.00
N LEU Z 98 -31.57 -16.84 -17.33
CA LEU Z 98 -30.27 -16.19 -17.40
C LEU Z 98 -29.63 -16.40 -18.77
N TYR Z 99 -29.77 -17.60 -19.33
CA TYR Z 99 -29.18 -17.88 -20.63
C TYR Z 99 -29.82 -17.04 -21.73
N ASN Z 100 -31.09 -16.70 -21.58
CA ASN Z 100 -31.81 -16.03 -22.64
C ASN Z 100 -31.88 -14.52 -22.51
N GLY Z 101 -31.23 -13.94 -21.49
CA GLY Z 101 -31.18 -12.50 -21.35
C GLY Z 101 -32.32 -11.86 -20.59
N GLY Z 102 -32.99 -12.61 -19.71
CA GLY Z 102 -34.03 -12.08 -18.86
C GLY Z 102 -33.66 -10.93 -17.94
N PRO Z 103 -32.48 -10.95 -17.31
CA PRO Z 103 -32.10 -9.79 -16.48
C PRO Z 103 -32.10 -8.49 -17.23
N TYR Z 104 -31.76 -8.49 -18.53
CA TYR Z 104 -31.76 -7.25 -19.28
C TYR Z 104 -33.15 -6.66 -19.39
N GLN Z 105 -34.15 -7.47 -19.76
CA GLN Z 105 -35.51 -6.94 -19.85
C GLN Z 105 -36.02 -6.51 -18.49
N LEU Z 106 -35.69 -7.26 -17.43
CA LEU Z 106 -36.13 -6.86 -16.10
C LEU Z 106 -35.58 -5.49 -15.74
N VAL Z 107 -34.27 -5.30 -15.92
CA VAL Z 107 -33.64 -4.04 -15.56
C VAL Z 107 -34.15 -2.90 -16.44
N VAL Z 108 -34.33 -3.15 -17.73
CA VAL Z 108 -34.77 -2.09 -18.63
C VAL Z 108 -36.19 -1.65 -18.32
N CYS Z 109 -37.11 -2.61 -18.10
CA CYS Z 109 -38.48 -2.24 -17.80
C CYS Z 109 -38.58 -1.49 -16.48
N HIS Z 110 -37.89 -1.98 -15.45
CA HIS Z 110 -37.93 -1.31 -14.16
C HIS Z 110 -37.25 0.05 -14.21
N PHE Z 111 -36.18 0.17 -14.99
CA PHE Z 111 -35.48 1.45 -15.13
C PHE Z 111 -36.33 2.46 -15.86
N PHE Z 112 -37.06 2.03 -16.89
CA PHE Z 112 -37.95 2.94 -17.61
C PHE Z 112 -39.04 3.45 -16.69
N LEU Z 113 -39.69 2.54 -15.95
CA LEU Z 113 -40.70 2.96 -14.99
C LEU Z 113 -40.12 3.89 -13.93
N GLY Z 114 -38.91 3.58 -13.46
CA GLY Z 114 -38.29 4.38 -12.43
C GLY Z 114 -37.92 5.77 -12.90
N VAL Z 115 -37.46 5.91 -14.15
CA VAL Z 115 -37.08 7.25 -14.61
C VAL Z 115 -38.30 8.07 -14.98
N CYS Z 116 -39.36 7.44 -15.49
CA CYS Z 116 -40.61 8.17 -15.69
C CYS Z 116 -41.18 8.66 -14.37
N CYS Z 117 -41.15 7.81 -13.34
CA CYS Z 117 -41.62 8.24 -12.03
C CYS Z 117 -40.64 9.17 -11.34
N TYR Z 118 -39.36 9.15 -11.72
CA TYR Z 118 -38.40 10.14 -11.24
C TYR Z 118 -38.74 11.52 -11.78
N MET Z 119 -39.09 11.60 -13.06
CA MET Z 119 -39.54 12.85 -13.65
C MET Z 119 -40.82 13.34 -12.98
N GLY Z 120 -41.78 12.43 -12.77
CA GLY Z 120 -42.99 12.80 -12.05
C GLY Z 120 -42.72 13.25 -10.62
N ARG Z 121 -41.76 12.59 -9.96
CA ARG Z 121 -41.39 12.96 -8.59
C ARG Z 121 -40.73 14.32 -8.54
N GLU Z 122 -39.94 14.66 -9.56
CA GLU Z 122 -39.38 16.00 -9.66
C GLU Z 122 -40.49 17.04 -9.75
N TRP Z 123 -41.50 16.78 -10.61
CA TRP Z 123 -42.65 17.67 -10.65
C TRP Z 123 -43.32 17.75 -9.28
N GLU Z 124 -43.50 16.60 -8.62
CA GLU Z 124 -44.26 16.56 -7.38
C GLU Z 124 -43.58 17.36 -6.28
N LEU Z 125 -42.26 17.20 -6.14
CA LEU Z 125 -41.56 17.98 -5.12
C LEU Z 125 -41.56 19.46 -5.46
N SER Z 126 -41.44 19.81 -6.74
CA SER Z 126 -41.54 21.22 -7.12
C SER Z 126 -42.90 21.79 -6.75
N TYR Z 127 -43.95 20.98 -6.89
CA TYR Z 127 -45.28 21.41 -6.52
C TYR Z 127 -45.43 21.56 -5.01
N ARG Z 128 -44.88 20.62 -4.24
CA ARG Z 128 -45.00 20.68 -2.78
C ARG Z 128 -44.16 21.79 -2.18
N LEU Z 129 -43.12 22.24 -2.88
CA LEU Z 129 -42.28 23.33 -2.39
C LEU Z 129 -42.74 24.70 -2.87
N GLY Z 130 -43.77 24.76 -3.72
CA GLY Z 130 -44.19 26.04 -4.26
C GLY Z 130 -43.34 26.53 -5.40
N MET Z 131 -42.67 25.65 -6.12
CA MET Z 131 -41.78 26.02 -7.21
C MET Z 131 -42.51 25.96 -8.54
N ARG Z 132 -41.86 26.50 -9.55
CA ARG Z 132 -42.30 26.31 -10.91
C ARG Z 132 -41.90 24.92 -11.39
N PRO Z 133 -42.69 24.30 -12.27
CA PRO Z 133 -42.68 22.83 -12.41
C PRO Z 133 -41.82 22.25 -13.53
N TRP Z 134 -41.00 23.03 -14.22
CA TRP Z 134 -40.47 22.59 -15.50
C TRP Z 134 -39.08 21.97 -15.43
N ILE Z 135 -38.56 21.72 -14.23
CA ILE Z 135 -37.36 20.90 -14.09
C ILE Z 135 -37.63 19.48 -14.59
N ALA Z 136 -38.85 18.99 -14.41
CA ALA Z 136 -39.25 17.71 -14.99
C ALA Z 136 -39.21 17.77 -16.52
N VAL Z 137 -39.63 18.90 -17.10
CA VAL Z 137 -39.55 19.06 -18.55
C VAL Z 137 -38.11 19.04 -19.01
N ALA Z 138 -37.20 19.66 -18.24
CA ALA Z 138 -35.78 19.60 -18.57
C ALA Z 138 -35.25 18.17 -18.49
N TYR Z 139 -35.66 17.43 -17.45
CA TYR Z 139 -35.21 16.06 -17.27
C TYR Z 139 -35.83 15.09 -18.28
N SER Z 140 -36.89 15.51 -18.97
CA SER Z 140 -37.48 14.67 -20.01
C SER Z 140 -36.52 14.35 -21.15
N ALA Z 141 -35.48 15.17 -21.36
CA ALA Z 141 -34.57 14.90 -22.47
C ALA Z 141 -33.66 13.69 -22.22
N PRO Z 142 -32.95 13.55 -21.09
CA PRO Z 142 -32.25 12.28 -20.85
C PRO Z 142 -33.20 11.10 -20.72
N VAL Z 143 -34.42 11.31 -20.22
CA VAL Z 143 -35.41 10.24 -20.16
C VAL Z 143 -35.76 9.78 -21.58
N ALA Z 144 -35.96 10.74 -22.49
CA ALA Z 144 -36.23 10.40 -23.88
C ALA Z 144 -35.06 9.65 -24.49
N ALA Z 145 -33.83 10.07 -24.19
CA ALA Z 145 -32.66 9.40 -24.76
C ALA Z 145 -32.53 7.97 -24.24
N ALA Z 146 -32.74 7.76 -22.94
CA ALA Z 146 -32.68 6.43 -22.38
C ALA Z 146 -33.79 5.54 -22.93
N THR Z 147 -35.00 6.09 -23.06
CA THR Z 147 -36.11 5.33 -23.64
C THR Z 147 -35.83 4.97 -25.08
N ALA Z 148 -35.21 5.87 -25.84
CA ALA Z 148 -34.86 5.57 -27.22
C ALA Z 148 -33.87 4.44 -27.31
N VAL Z 149 -32.80 4.49 -26.50
CA VAL Z 149 -31.77 3.46 -26.65
C VAL Z 149 -32.16 2.13 -26.03
N PHE Z 150 -33.06 2.11 -25.04
CA PHE Z 150 -33.37 0.87 -24.36
C PHE Z 150 -34.68 0.25 -24.78
N ILE Z 151 -35.63 1.03 -25.28
CA ILE Z 151 -36.98 0.56 -25.58
C ILE Z 151 -37.36 0.84 -27.03
N ILE Z 152 -37.23 2.09 -27.47
CA ILE Z 152 -37.77 2.50 -28.76
C ILE Z 152 -36.98 1.88 -29.90
N TYR Z 153 -35.65 1.89 -29.80
CA TYR Z 153 -34.85 1.23 -30.83
C TYR Z 153 -35.08 -0.28 -30.86
N PRO Z 154 -35.14 -1.02 -29.75
CA PRO Z 154 -35.59 -2.41 -29.84
C PRO Z 154 -36.98 -2.59 -30.43
N ILE Z 155 -37.91 -1.67 -30.18
CA ILE Z 155 -39.24 -1.77 -30.78
C ILE Z 155 -39.15 -1.64 -32.29
N GLY Z 156 -38.44 -0.62 -32.76
CA GLY Z 156 -38.34 -0.41 -34.19
C GLY Z 156 -37.53 -1.48 -34.90
N GLN Z 157 -36.60 -2.11 -34.20
CA GLN Z 157 -35.77 -3.15 -34.79
C GLN Z 157 -36.31 -4.55 -34.60
N GLY Z 158 -37.29 -4.74 -33.73
CA GLY Z 158 -37.91 -6.02 -33.53
C GLY Z 158 -37.30 -6.91 -32.46
N SER Z 159 -36.27 -6.45 -31.76
CA SER Z 159 -35.63 -7.30 -30.78
C SER Z 159 -34.91 -6.48 -29.71
N PHE Z 160 -35.10 -6.88 -28.45
CA PHE Z 160 -34.36 -6.30 -27.35
C PHE Z 160 -32.87 -6.62 -27.40
N SER Z 161 -32.47 -7.60 -28.22
CA SER Z 161 -31.05 -7.79 -28.53
C SER Z 161 -30.44 -6.56 -29.17
N ASP Z 162 -31.25 -5.69 -29.74
CA ASP Z 162 -30.78 -4.44 -30.31
C ASP Z 162 -30.80 -3.30 -29.31
N GLY Z 163 -31.18 -3.55 -28.06
CA GLY Z 163 -31.02 -2.55 -27.05
C GLY Z 163 -29.55 -2.31 -26.73
N MET Z 164 -29.29 -1.17 -26.13
CA MET Z 164 -27.92 -0.86 -25.75
C MET Z 164 -27.53 -1.75 -24.57
N PRO Z 165 -26.42 -2.48 -24.66
CA PRO Z 165 -25.99 -3.31 -23.53
C PRO Z 165 -25.68 -2.48 -22.30
N LEU Z 166 -26.00 -3.01 -21.13
CA LEU Z 166 -25.81 -2.25 -19.90
C LEU Z 166 -24.36 -2.38 -19.49
N GLY Z 167 -23.51 -1.60 -20.16
CA GLY Z 167 -22.08 -1.68 -19.96
C GLY Z 167 -21.39 -0.61 -20.75
N ILE Z 168 -20.07 -0.62 -20.68
CA ILE Z 168 -19.24 0.41 -21.28
C ILE Z 168 -18.82 0.00 -22.68
N SER Z 169 -18.11 -1.13 -22.77
CA SER Z 169 -17.79 -1.68 -24.08
C SER Z 169 -19.04 -2.09 -24.83
N GLY Z 170 -20.09 -2.51 -24.11
CA GLY Z 170 -21.36 -2.76 -24.77
C GLY Z 170 -21.96 -1.51 -25.36
N THR Z 171 -21.84 -0.38 -24.67
CA THR Z 171 -22.26 0.90 -25.23
C THR Z 171 -21.49 1.22 -26.50
N PHE Z 172 -20.17 0.99 -26.48
CA PHE Z 172 -19.37 1.25 -27.69
C PHE Z 172 -19.79 0.34 -28.83
N ASN Z 173 -20.10 -0.93 -28.53
CA ASN Z 173 -20.57 -1.85 -29.56
C ASN Z 173 -21.89 -1.36 -30.15
N PHE Z 174 -22.79 -0.90 -29.29
CA PHE Z 174 -24.07 -0.35 -29.74
C PHE Z 174 -23.85 0.82 -30.68
N MET Z 175 -22.96 1.74 -30.31
CA MET Z 175 -22.67 2.91 -31.15
C MET Z 175 -22.10 2.50 -32.49
N ILE Z 176 -21.15 1.57 -32.50
CA ILE Z 176 -20.46 1.18 -33.73
C ILE Z 176 -21.43 0.49 -34.67
N VAL Z 177 -22.20 -0.47 -34.17
CA VAL Z 177 -23.17 -1.16 -35.02
C VAL Z 177 -24.25 -0.19 -35.48
N PHE Z 178 -24.63 0.78 -34.64
CA PHE Z 178 -25.62 1.76 -35.02
C PHE Z 178 -25.13 2.62 -36.18
N GLN Z 179 -23.88 3.05 -36.13
CA GLN Z 179 -23.32 3.82 -37.24
C GLN Z 179 -23.23 2.98 -38.50
N ALA Z 180 -22.83 1.70 -38.35
CA ALA Z 180 -22.75 0.79 -39.48
C ALA Z 180 -24.09 0.65 -40.20
N GLU Z 181 -25.17 0.58 -39.43
CA GLU Z 181 -26.47 0.30 -40.04
C GLU Z 181 -27.28 1.54 -40.38
N HIS Z 182 -27.01 2.69 -39.77
CA HIS Z 182 -27.85 3.84 -39.94
C HIS Z 182 -27.13 5.12 -40.32
N ASN Z 183 -25.80 5.16 -40.29
CA ASN Z 183 -25.01 6.36 -40.56
C ASN Z 183 -25.47 7.52 -39.68
N ILE Z 184 -25.40 7.30 -38.37
CA ILE Z 184 -25.91 8.28 -37.40
C ILE Z 184 -25.10 9.57 -37.46
N LEU Z 185 -23.82 9.50 -37.82
CA LEU Z 185 -23.01 10.71 -37.91
C LEU Z 185 -23.54 11.66 -38.98
N MET Z 186 -24.09 11.12 -40.07
CA MET Z 186 -24.67 11.93 -41.13
C MET Z 186 -26.13 12.26 -40.88
N HIS Z 187 -26.66 11.96 -39.71
CA HIS Z 187 -28.03 12.31 -39.36
C HIS Z 187 -28.09 13.71 -38.77
N PRO Z 188 -28.94 14.59 -39.31
CA PRO Z 188 -29.02 15.97 -38.77
C PRO Z 188 -29.45 16.02 -37.31
N PHE Z 189 -30.30 15.11 -36.86
CA PHE Z 189 -30.70 15.11 -35.46
C PHE Z 189 -29.53 14.78 -34.55
N HIS Z 190 -28.68 13.85 -34.98
CA HIS Z 190 -27.46 13.60 -34.24
C HIS Z 190 -26.50 14.78 -34.30
N MET Z 191 -26.44 15.48 -35.44
CA MET Z 191 -25.63 16.69 -35.51
C MET Z 191 -26.13 17.73 -34.53
N PHE Z 192 -27.45 17.85 -34.39
CA PHE Z 192 -28.03 18.76 -33.40
C PHE Z 192 -27.70 18.32 -31.99
N GLY Z 193 -27.71 17.02 -31.73
CA GLY Z 193 -27.32 16.53 -30.42
C GLY Z 193 -25.86 16.80 -30.09
N VAL Z 194 -24.98 16.62 -31.06
CA VAL Z 194 -23.57 16.92 -30.86
C VAL Z 194 -23.38 18.42 -30.62
N ALA Z 195 -24.08 19.24 -31.39
CA ALA Z 195 -24.07 20.68 -31.15
C ALA Z 195 -24.61 21.00 -29.77
N GLY Z 196 -25.58 20.25 -29.29
CA GLY Z 196 -26.12 20.49 -27.96
C GLY Z 196 -25.16 20.15 -26.85
N VAL Z 197 -24.47 19.02 -26.94
CA VAL Z 197 -23.53 18.68 -25.88
C VAL Z 197 -22.31 19.60 -25.93
N PHE Z 198 -21.81 19.90 -27.14
CA PHE Z 198 -20.68 20.83 -27.26
C PHE Z 198 -21.07 22.23 -26.80
N GLY Z 199 -22.25 22.70 -27.18
CA GLY Z 199 -22.73 23.98 -26.72
C GLY Z 199 -23.03 24.01 -25.25
N GLY Z 200 -23.54 22.92 -24.69
CA GLY Z 200 -23.75 22.85 -23.26
C GLY Z 200 -22.45 22.95 -22.50
N SER Z 201 -21.41 22.28 -22.99
CA SER Z 201 -20.09 22.44 -22.40
C SER Z 201 -19.59 23.88 -22.52
N LEU Z 202 -19.73 24.46 -23.72
CA LEU Z 202 -19.29 25.83 -23.96
C LEU Z 202 -20.01 26.81 -23.05
N PHE Z 203 -21.34 26.69 -22.96
CA PHE Z 203 -22.14 27.64 -22.19
C PHE Z 203 -22.00 27.42 -20.69
N SER Z 204 -21.83 26.18 -20.25
CA SER Z 204 -21.53 25.95 -18.83
C SER Z 204 -20.19 26.58 -18.46
N ALA Z 205 -19.17 26.36 -19.29
CA ALA Z 205 -17.87 26.98 -19.03
C ALA Z 205 -17.96 28.49 -19.09
N MET Z 206 -18.68 29.03 -20.07
CA MET Z 206 -18.80 30.47 -20.25
C MET Z 206 -19.52 31.12 -19.08
N HIS Z 207 -20.67 30.55 -18.69
CA HIS Z 207 -21.44 31.12 -17.59
C HIS Z 207 -20.70 31.02 -16.27
N GLY Z 208 -20.09 29.86 -15.99
CA GLY Z 208 -19.32 29.72 -14.76
C GLY Z 208 -18.12 30.65 -14.73
N SER Z 209 -17.45 30.81 -15.88
CA SER Z 209 -16.29 31.69 -15.93
C SER Z 209 -16.69 33.14 -15.77
N LEU Z 210 -17.84 33.55 -16.33
CA LEU Z 210 -18.29 34.92 -16.17
C LEU Z 210 -18.69 35.21 -14.73
N VAL Z 211 -19.42 34.29 -14.10
CA VAL Z 211 -19.83 34.49 -12.71
C VAL Z 211 -18.62 34.50 -11.79
N THR Z 212 -17.66 33.59 -12.01
CA THR Z 212 -16.44 33.58 -11.22
C THR Z 212 -15.59 34.83 -11.48
N SER Z 213 -15.61 35.35 -12.71
CA SER Z 213 -14.87 36.55 -13.04
C SER Z 213 -15.41 37.77 -12.32
N SER Z 214 -16.73 37.88 -12.25
CA SER Z 214 -17.36 39.05 -11.65
C SER Z 214 -17.72 38.87 -10.19
N LEU Z 215 -17.07 37.92 -9.51
CA LEU Z 215 -17.30 37.73 -8.08
C LEU Z 215 -16.82 38.95 -7.30
N ILE Z 216 -17.65 39.40 -6.36
CA ILE Z 216 -17.34 40.58 -5.58
C ILE Z 216 -16.39 40.21 -4.44
N ARG Z 217 -15.46 41.10 -4.14
CA ARG Z 217 -14.46 40.84 -3.10
C ARG Z 217 -15.13 40.83 -1.73
N GLU Z 218 -15.19 39.64 -1.12
CA GLU Z 218 -15.69 39.50 0.23
C GLU Z 218 -14.73 38.74 1.14
N THR Z 219 -13.72 38.09 0.60
CA THR Z 219 -12.76 37.28 1.36
C THR Z 219 -11.35 37.81 1.14
N THR Z 220 -10.37 37.05 1.65
CA THR Z 220 -8.95 37.33 1.50
C THR Z 220 -8.31 36.26 0.63
N GLU Z 221 -7.04 36.48 0.28
CA GLU Z 221 -6.35 35.51 -0.56
C GLU Z 221 -6.07 34.21 0.17
N ASN Z 222 -5.90 34.26 1.49
CA ASN Z 222 -5.66 33.03 2.24
C ASN Z 222 -6.92 32.20 2.40
N GLU Z 223 -8.07 32.72 1.99
CA GLU Z 223 -9.35 32.03 2.10
C GLU Z 223 -9.89 31.73 0.71
N SER Z 224 -10.63 30.63 0.60
CA SER Z 224 -11.30 30.28 -0.64
C SER Z 224 -12.36 31.32 -0.98
N ALA Z 225 -12.42 31.70 -2.26
CA ALA Z 225 -13.37 32.72 -2.69
C ALA Z 225 -14.81 32.27 -2.49
N ASN Z 226 -15.06 30.96 -2.48
CA ASN Z 226 -16.39 30.43 -2.20
C ASN Z 226 -16.89 30.87 -0.82
N ALA Z 227 -15.96 31.08 0.12
CA ALA Z 227 -16.34 31.55 1.45
C ALA Z 227 -16.95 32.95 1.43
N GLY Z 228 -16.82 33.67 0.32
CA GLY Z 228 -17.50 34.94 0.18
C GLY Z 228 -19.00 34.81 0.00
N TYR Z 229 -19.51 33.61 -0.27
CA TYR Z 229 -20.94 33.38 -0.38
C TYR Z 229 -21.45 32.67 0.86
N LYS Z 230 -22.58 33.15 1.40
CA LYS Z 230 -23.25 32.52 2.52
C LYS Z 230 -24.58 31.95 2.05
N PHE Z 231 -24.92 30.77 2.56
CA PHE Z 231 -26.15 30.10 2.15
C PHE Z 231 -27.36 30.86 2.67
N GLY Z 232 -28.18 31.37 1.75
CA GLY Z 232 -29.34 32.13 2.11
C GLY Z 232 -29.13 33.63 2.20
N GLN Z 233 -28.02 34.15 1.67
CA GLN Z 233 -27.81 35.59 1.66
C GLN Z 233 -28.75 36.26 0.66
N GLU Z 234 -29.24 37.44 1.02
CA GLU Z 234 -30.23 38.11 0.19
C GLU Z 234 -29.62 38.76 -1.04
N GLU Z 235 -28.45 39.36 -0.88
CA GLU Z 235 -27.84 40.15 -1.95
C GLU Z 235 -27.11 39.27 -2.95
N GLU Z 236 -26.89 39.82 -4.14
CA GLU Z 236 -26.20 39.10 -5.19
C GLU Z 236 -24.72 38.99 -4.88
N THR Z 237 -24.12 37.85 -5.26
CA THR Z 237 -22.73 37.57 -4.95
C THR Z 237 -21.78 37.95 -6.08
N TYR Z 238 -22.28 38.41 -7.22
CA TYR Z 238 -21.42 38.79 -8.34
C TYR Z 238 -22.07 39.94 -9.11
N ASN Z 239 -21.27 40.55 -9.97
CA ASN Z 239 -21.67 41.74 -10.73
C ASN Z 239 -22.17 41.31 -12.11
N ILE Z 240 -23.49 41.21 -12.24
CA ILE Z 240 -24.10 40.83 -13.51
C ILE Z 240 -23.81 41.89 -14.57
N VAL Z 241 -23.81 43.16 -14.17
CA VAL Z 241 -23.56 44.24 -15.10
C VAL Z 241 -22.13 44.17 -15.65
N ALA Z 242 -21.15 43.91 -14.77
CA ALA Z 242 -19.77 43.79 -15.21
C ALA Z 242 -19.57 42.57 -16.10
N ALA Z 243 -20.19 41.44 -15.74
CA ALA Z 243 -20.07 40.24 -16.58
C ALA Z 243 -20.67 40.47 -17.97
N HIS Z 244 -21.85 41.10 -18.02
CA HIS Z 244 -22.47 41.40 -19.31
C HIS Z 244 -21.64 42.39 -20.11
N GLY Z 245 -21.06 43.39 -19.46
CA GLY Z 245 -20.20 44.31 -20.16
C GLY Z 245 -18.98 43.66 -20.76
N TYR Z 246 -18.35 42.75 -20.00
CA TYR Z 246 -17.21 42.00 -20.53
C TYR Z 246 -17.63 41.15 -21.73
N PHE Z 247 -18.78 40.46 -21.62
CA PHE Z 247 -19.22 39.61 -22.72
C PHE Z 247 -19.53 40.42 -23.98
N GLY Z 248 -20.19 41.57 -23.81
CA GLY Z 248 -20.49 42.42 -24.93
C GLY Z 248 -19.25 43.01 -25.58
N ARG Z 249 -18.29 43.44 -24.78
CA ARG Z 249 -17.02 43.88 -25.35
C ARG Z 249 -16.25 42.73 -25.97
N LEU Z 250 -16.50 41.50 -25.51
CA LEU Z 250 -15.75 40.35 -26.01
C LEU Z 250 -16.17 39.97 -27.42
N ILE Z 251 -17.47 39.81 -27.67
CA ILE Z 251 -17.95 39.42 -29.00
C ILE Z 251 -18.78 40.51 -29.67
N PHE Z 252 -19.94 40.84 -29.09
CA PHE Z 252 -20.83 41.85 -29.64
C PHE Z 252 -21.56 42.49 -28.48
N GLN Z 253 -21.66 43.81 -28.48
CA GLN Z 253 -22.43 44.49 -27.44
C GLN Z 253 -23.90 44.12 -27.50
N TYR Z 254 -24.37 43.74 -28.68
CA TYR Z 254 -25.70 43.18 -28.85
C TYR Z 254 -25.58 41.65 -28.84
N ALA Z 255 -26.70 40.96 -29.09
CA ALA Z 255 -26.77 39.49 -29.07
C ALA Z 255 -26.27 38.95 -27.73
N SER Z 256 -26.71 39.58 -26.65
CA SER Z 256 -26.26 39.26 -25.31
C SER Z 256 -27.46 38.89 -24.45
N PHE Z 257 -27.20 38.67 -23.16
CA PHE Z 257 -28.18 38.17 -22.20
C PHE Z 257 -28.12 38.98 -20.92
N ASN Z 258 -28.22 40.30 -21.03
CA ASN Z 258 -28.22 41.17 -19.85
C ASN Z 258 -29.36 40.85 -18.89
N ASN Z 259 -30.43 40.24 -19.37
CA ASN Z 259 -31.46 39.68 -18.51
C ASN Z 259 -30.98 38.32 -18.01
N SER Z 260 -30.76 38.21 -16.70
CA SER Z 260 -30.25 36.99 -16.10
C SER Z 260 -31.22 35.83 -16.28
N ARG Z 261 -32.52 36.12 -16.19
CA ARG Z 261 -33.53 35.09 -16.40
C ARG Z 261 -33.50 34.58 -17.84
N SER Z 262 -33.33 35.48 -18.81
CA SER Z 262 -33.22 35.06 -20.20
C SER Z 262 -31.96 34.22 -20.43
N LEU Z 263 -30.86 34.61 -19.77
CA LEU Z 263 -29.62 33.84 -19.88
C LEU Z 263 -29.81 32.43 -19.36
N HIS Z 264 -30.43 32.29 -18.20
CA HIS Z 264 -30.61 30.94 -17.61
C HIS Z 264 -31.65 30.16 -18.41
N PHE Z 265 -32.66 30.81 -18.98
CA PHE Z 265 -33.56 30.09 -19.87
C PHE Z 265 -32.82 29.55 -21.08
N PHE Z 266 -31.89 30.34 -21.63
CA PHE Z 266 -31.09 29.84 -22.75
C PHE Z 266 -30.24 28.65 -22.35
N LEU Z 267 -29.60 28.74 -21.17
CA LEU Z 267 -28.80 27.63 -20.65
C LEU Z 267 -29.64 26.38 -20.46
N ALA Z 268 -30.89 26.56 -20.05
CA ALA Z 268 -31.77 25.40 -19.91
C ALA Z 268 -32.20 24.86 -21.27
N VAL Z 269 -32.56 25.74 -22.20
CA VAL Z 269 -33.29 25.27 -23.38
C VAL Z 269 -32.36 24.68 -24.42
N TRP Z 270 -31.11 25.17 -24.54
CA TRP Z 270 -30.27 24.71 -25.65
C TRP Z 270 -29.92 23.23 -25.56
N PRO Z 271 -29.25 22.73 -24.51
CA PRO Z 271 -28.95 21.30 -24.49
C PRO Z 271 -30.17 20.43 -24.39
N VAL Z 272 -31.25 20.92 -23.76
CA VAL Z 272 -32.45 20.10 -23.62
C VAL Z 272 -33.11 19.87 -24.96
N VAL Z 273 -33.28 20.93 -25.75
CA VAL Z 273 -33.91 20.77 -27.06
C VAL Z 273 -32.99 19.98 -28.01
N CYS Z 274 -31.68 20.13 -27.87
CA CYS Z 274 -30.80 19.37 -28.77
C CYS Z 274 -30.77 17.89 -28.41
N ILE Z 275 -30.83 17.57 -27.11
CA ILE Z 275 -30.91 16.18 -26.69
C ILE Z 275 -32.27 15.59 -27.07
N TRP Z 276 -33.33 16.39 -27.01
CA TRP Z 276 -34.62 15.98 -27.59
C TRP Z 276 -34.46 15.58 -29.05
N LEU Z 277 -33.77 16.43 -29.81
CA LEU Z 277 -33.60 16.16 -31.24
C LEU Z 277 -32.80 14.88 -31.48
N THR Z 278 -31.70 14.68 -30.75
CA THR Z 278 -30.90 13.49 -31.02
C THR Z 278 -31.59 12.22 -30.50
N ALA Z 279 -32.37 12.31 -29.42
CA ALA Z 279 -33.15 11.17 -28.98
C ALA Z 279 -34.22 10.82 -30.01
N LEU Z 280 -34.83 11.84 -30.60
CA LEU Z 280 -35.76 11.59 -31.70
C LEU Z 280 -35.05 11.03 -32.92
N GLY Z 281 -33.80 11.41 -33.15
CA GLY Z 281 -33.05 10.81 -34.24
C GLY Z 281 -32.83 9.33 -34.04
N ILE Z 282 -32.46 8.94 -32.82
CA ILE Z 282 -32.34 7.51 -32.49
C ILE Z 282 -33.68 6.82 -32.66
N SER Z 283 -34.77 7.46 -32.24
CA SER Z 283 -36.09 6.88 -32.35
C SER Z 283 -36.56 6.76 -33.80
N THR Z 284 -36.14 7.68 -34.67
CA THR Z 284 -36.51 7.59 -36.08
C THR Z 284 -35.67 6.53 -36.79
N MET Z 285 -34.38 6.45 -36.47
CA MET Z 285 -33.54 5.42 -37.05
C MET Z 285 -33.91 4.04 -36.53
N ALA Z 286 -34.68 3.97 -35.44
CA ALA Z 286 -35.31 2.72 -35.05
C ALA Z 286 -36.21 2.17 -36.15
N PHE Z 287 -36.89 3.07 -36.87
CA PHE Z 287 -37.74 2.67 -37.99
C PHE Z 287 -37.02 2.83 -39.32
N ASN Z 288 -35.69 2.84 -39.30
CA ASN Z 288 -34.83 2.81 -40.49
C ASN Z 288 -35.09 4.02 -41.40
N LEU Z 289 -34.88 5.20 -40.85
CA LEU Z 289 -34.89 6.42 -41.65
C LEU Z 289 -33.50 6.95 -41.93
N ASN Z 290 -32.52 6.66 -41.07
CA ASN Z 290 -31.09 6.76 -41.36
C ASN Z 290 -30.56 8.17 -41.65
N GLY Z 291 -29.24 8.31 -41.67
CA GLY Z 291 -28.62 9.58 -41.98
C GLY Z 291 -28.47 9.78 -43.47
N PHE Z 292 -27.90 10.93 -43.82
CA PHE Z 292 -27.77 11.32 -45.22
C PHE Z 292 -26.89 10.33 -45.98
N ASN Z 293 -27.42 9.78 -47.06
CA ASN Z 293 -26.70 8.85 -47.91
C ASN Z 293 -26.20 9.63 -49.10
N PHE Z 294 -24.91 9.99 -49.06
CA PHE Z 294 -24.26 10.72 -50.14
C PHE Z 294 -23.24 9.86 -50.87
N ASN Z 295 -23.45 8.54 -50.85
CA ASN Z 295 -22.54 7.64 -51.55
C ASN Z 295 -22.72 7.79 -53.05
N GLN Z 296 -21.61 8.03 -53.75
CA GLN Z 296 -21.58 8.19 -55.21
C GLN Z 296 -22.49 9.33 -55.67
N SER Z 297 -22.57 10.39 -54.87
CA SER Z 297 -23.34 11.56 -55.26
C SER Z 297 -22.63 12.39 -56.32
N VAL Z 298 -21.31 12.48 -56.26
CA VAL Z 298 -20.52 13.30 -57.16
C VAL Z 298 -19.97 12.41 -58.26
N VAL Z 299 -20.38 12.69 -59.49
CA VAL Z 299 -19.85 12.01 -60.67
C VAL Z 299 -19.33 13.07 -61.63
N ASP Z 300 -18.39 12.67 -62.48
CA ASP Z 300 -17.77 13.60 -63.42
C ASP Z 300 -18.64 13.70 -64.67
N SER Z 301 -18.10 14.33 -65.72
CA SER Z 301 -18.84 14.46 -66.96
C SER Z 301 -19.10 13.11 -67.60
N ASN Z 302 -18.12 12.21 -67.55
CA ASN Z 302 -18.26 10.89 -68.14
C ASN Z 302 -18.94 9.90 -67.21
N GLY Z 303 -19.33 10.32 -66.01
CA GLY Z 303 -20.04 9.46 -65.10
C GLY Z 303 -19.18 8.71 -64.11
N ARG Z 304 -17.86 8.85 -64.18
CA ARG Z 304 -16.99 8.23 -63.18
C ARG Z 304 -17.30 8.78 -61.80
N VAL Z 305 -17.41 7.89 -60.82
CA VAL Z 305 -17.69 8.33 -59.45
C VAL Z 305 -16.45 9.02 -58.90
N LEU Z 306 -16.62 10.25 -58.44
CA LEU Z 306 -15.58 10.95 -57.69
C LEU Z 306 -15.88 10.72 -56.21
N ASN Z 307 -15.04 9.93 -55.56
CA ASN Z 307 -15.25 9.62 -54.15
C ASN Z 307 -15.10 10.89 -53.31
N THR Z 308 -15.85 10.94 -52.22
CA THR Z 308 -15.81 12.06 -51.31
C THR Z 308 -15.54 11.56 -49.90
N TRP Z 309 -15.55 12.49 -48.95
CA TRP Z 309 -15.43 12.11 -47.55
C TRP Z 309 -16.61 11.24 -47.11
N ALA Z 310 -17.78 11.47 -47.70
CA ALA Z 310 -18.91 10.57 -47.45
C ALA Z 310 -18.61 9.16 -47.94
N ASP Z 311 -17.90 9.05 -49.07
CA ASP Z 311 -17.54 7.73 -49.55
C ASP Z 311 -16.48 7.06 -48.68
N ILE Z 312 -15.57 7.84 -48.10
CA ILE Z 312 -14.62 7.27 -47.16
C ILE Z 312 -15.34 6.77 -45.90
N ILE Z 313 -16.29 7.57 -45.41
CA ILE Z 313 -17.15 7.14 -44.30
C ILE Z 313 -17.89 5.87 -44.67
N ASN Z 314 -18.33 5.78 -45.93
CA ASN Z 314 -19.03 4.58 -46.38
C ASN Z 314 -18.13 3.36 -46.37
N ARG Z 315 -16.85 3.53 -46.75
CA ARG Z 315 -15.90 2.42 -46.66
C ARG Z 315 -15.73 1.97 -45.21
N ALA Z 316 -15.61 2.93 -44.29
CA ALA Z 316 -15.54 2.59 -42.88
C ALA Z 316 -16.79 1.85 -42.42
N ASN Z 317 -17.96 2.33 -42.83
CA ASN Z 317 -19.22 1.69 -42.45
C ASN Z 317 -19.35 0.31 -43.06
N LEU Z 318 -18.82 0.09 -44.25
CA LEU Z 318 -18.79 -1.25 -44.83
C LEU Z 318 -17.95 -2.19 -43.99
N GLY Z 319 -16.79 -1.71 -43.54
CA GLY Z 319 -15.98 -2.52 -42.63
C GLY Z 319 -16.68 -2.81 -41.33
N MET Z 320 -17.44 -1.83 -40.82
CA MET Z 320 -18.23 -2.04 -39.61
C MET Z 320 -19.35 -3.05 -39.84
N GLU Z 321 -20.00 -2.99 -41.01
CA GLU Z 321 -21.17 -3.81 -41.29
C GLU Z 321 -20.79 -5.25 -41.56
N VAL Z 322 -19.75 -5.50 -42.35
CA VAL Z 322 -19.39 -6.88 -42.70
C VAL Z 322 -18.77 -7.64 -41.54
N MET Z 323 -18.56 -6.99 -40.39
CA MET Z 323 -17.96 -7.66 -39.25
C MET Z 323 -18.88 -7.81 -38.05
N HIS Z 324 -19.96 -7.05 -37.94
CA HIS Z 324 -20.86 -7.19 -36.82
C HIS Z 324 -21.76 -8.39 -37.04
N GLU Z 325 -21.98 -9.16 -35.96
CA GLU Z 325 -22.77 -10.40 -36.01
C GLU Z 325 -22.25 -11.32 -37.10
N ARG Z 326 -20.99 -11.73 -36.95
CA ARG Z 326 -20.27 -12.41 -38.01
C ARG Z 326 -20.86 -13.75 -38.39
N ASN Z 327 -21.71 -14.33 -37.52
CA ASN Z 327 -22.31 -15.64 -37.77
C ASN Z 327 -23.83 -15.59 -37.77
N ALA Z 328 -24.43 -14.42 -37.66
CA ALA Z 328 -25.87 -14.30 -37.48
C ALA Z 328 -26.64 -14.08 -38.77
N HIS Z 329 -25.97 -13.76 -39.88
CA HIS Z 329 -26.64 -13.40 -41.12
C HIS Z 329 -26.55 -14.55 -42.11
N ASN Z 330 -27.69 -15.00 -42.60
CA ASN Z 330 -27.75 -16.04 -43.62
C ASN Z 330 -28.05 -15.50 -45.01
N PHE Z 331 -28.54 -14.27 -45.12
CA PHE Z 331 -28.96 -13.67 -46.37
C PHE Z 331 -28.30 -12.31 -46.53
N PRO Z 332 -28.09 -11.86 -47.78
CA PRO Z 332 -27.26 -10.66 -47.99
C PRO Z 332 -27.81 -9.38 -47.39
N LEU Z 333 -29.11 -9.14 -47.48
CA LEU Z 333 -29.67 -7.89 -46.99
C LEU Z 333 -29.87 -7.93 -45.48
N ASP Z 334 -29.45 -6.87 -44.81
CA ASP Z 334 -29.61 -6.75 -43.36
C ASP Z 334 -30.94 -6.05 -43.03
N LEU Z 335 -32.02 -6.69 -43.48
CA LEU Z 335 -33.35 -6.10 -43.29
C LEU Z 335 -33.79 -6.18 -41.83
N ALA Z 336 -33.48 -7.28 -41.17
CA ALA Z 336 -33.81 -7.43 -39.76
C ALA Z 336 -32.73 -6.80 -38.89
N GLY AA 1 -9.46 28.45 6.25
CA GLY AA 1 -8.05 28.71 6.01
C GLY AA 1 -7.66 28.53 4.56
N LEU AA 2 -6.40 28.19 4.32
CA LEU AA 2 -5.97 27.96 2.95
C LEU AA 2 -6.66 26.73 2.36
N PRO AA 3 -7.07 26.80 1.10
CA PRO AA 3 -7.38 25.58 0.37
C PRO AA 3 -6.12 24.74 0.19
N TRP AA 4 -6.32 23.43 0.06
CA TRP AA 4 -5.19 22.51 -0.10
C TRP AA 4 -4.36 22.85 -1.33
N TYR AA 5 -4.96 23.44 -2.35
CA TYR AA 5 -4.26 23.80 -3.57
C TYR AA 5 -3.54 25.14 -3.47
N ARG AA 6 -3.44 25.73 -2.28
CA ARG AA 6 -2.74 27.00 -2.11
C ARG AA 6 -1.66 26.94 -1.03
N VAL AA 7 -1.37 25.77 -0.49
CA VAL AA 7 -0.51 25.67 0.68
C VAL AA 7 0.88 26.22 0.38
N HIS AA 8 1.44 25.88 -0.78
CA HIS AA 8 2.77 26.30 -1.13
C HIS AA 8 2.88 27.80 -1.34
N THR AA 9 1.76 28.52 -1.36
CA THR AA 9 1.85 29.97 -1.42
C THR AA 9 2.49 30.59 -0.18
N VAL AA 10 2.61 29.83 0.92
CA VAL AA 10 3.18 30.41 2.14
C VAL AA 10 4.63 30.84 1.99
N VAL AA 11 5.32 30.43 0.93
CA VAL AA 11 6.70 30.83 0.70
C VAL AA 11 6.82 31.82 -0.46
N ILE AA 12 5.72 32.50 -0.83
CA ILE AA 12 5.81 33.50 -1.88
C ILE AA 12 6.65 34.70 -1.41
N ASN AA 13 6.39 35.19 -0.21
CA ASN AA 13 7.10 36.35 0.32
C ASN AA 13 8.17 35.96 1.34
N ASP AA 14 8.67 34.74 1.26
CA ASP AA 14 9.72 34.24 2.15
C ASP AA 14 10.85 33.70 1.27
N PRO AA 15 11.84 34.54 0.94
CA PRO AA 15 12.91 34.06 0.06
C PRO AA 15 13.74 32.93 0.65
N GLY AA 16 13.95 32.94 1.97
CA GLY AA 16 14.72 31.86 2.58
C GLY AA 16 14.02 30.52 2.48
N ARG AA 17 12.72 30.49 2.72
CA ARG AA 17 12.00 29.24 2.60
C ARG AA 17 11.68 28.89 1.16
N LEU AA 18 11.67 29.88 0.26
CA LEU AA 18 11.64 29.55 -1.17
C LEU AA 18 12.92 28.84 -1.58
N ILE AA 19 14.06 29.32 -1.09
CA ILE AA 19 15.32 28.63 -1.31
C ILE AA 19 15.28 27.24 -0.69
N SER AA 20 14.66 27.13 0.49
CA SER AA 20 14.58 25.85 1.18
C SER AA 20 13.75 24.83 0.39
N VAL AA 21 12.58 25.25 -0.12
CA VAL AA 21 11.77 24.32 -0.88
C VAL AA 21 12.40 24.02 -2.23
N HIS AA 22 13.12 24.97 -2.82
CA HIS AA 22 13.88 24.67 -4.03
C HIS AA 22 14.96 23.64 -3.77
N LEU AA 23 15.65 23.76 -2.63
CA LEU AA 23 16.68 22.81 -2.27
C LEU AA 23 16.10 21.43 -2.01
N MET AA 24 14.93 21.38 -1.36
CA MET AA 24 14.26 20.10 -1.14
C MET AA 24 13.84 19.46 -2.46
N HIS AA 25 13.30 20.26 -3.36
CA HIS AA 25 12.93 19.74 -4.68
C HIS AA 25 14.16 19.23 -5.43
N THR AA 26 15.25 19.98 -5.38
CA THR AA 26 16.47 19.55 -6.05
C THR AA 26 17.03 18.28 -5.42
N ALA AA 27 16.92 18.16 -4.10
CA ALA AA 27 17.33 16.93 -3.42
C ALA AA 27 16.49 15.75 -3.87
N LEU AA 28 15.17 15.96 -4.00
CA LEU AA 28 14.30 14.88 -4.45
C LEU AA 28 14.63 14.47 -5.88
N VAL AA 29 14.90 15.43 -6.75
CA VAL AA 29 15.18 15.11 -8.15
C VAL AA 29 16.52 14.40 -8.28
N ALA AA 30 17.55 14.86 -7.55
CA ALA AA 30 18.84 14.19 -7.56
C ALA AA 30 18.74 12.78 -6.98
N GLY AA 31 17.98 12.62 -5.90
CA GLY AA 31 17.78 11.30 -5.33
C GLY AA 31 17.04 10.37 -6.27
N TRP AA 32 16.05 10.90 -7.00
CA TRP AA 32 15.40 10.10 -8.02
C TRP AA 32 16.40 9.66 -9.09
N ALA AA 33 17.27 10.57 -9.53
CA ALA AA 33 18.24 10.22 -10.56
C ALA AA 33 19.15 9.10 -10.09
N GLY AA 34 19.65 9.21 -8.85
CA GLY AA 34 20.49 8.15 -8.31
C GLY AA 34 19.76 6.83 -8.15
N ALA AA 35 18.56 6.86 -7.59
CA ALA AA 35 17.80 5.64 -7.35
C ALA AA 35 17.38 4.98 -8.66
N MET AA 36 17.01 5.78 -9.65
CA MET AA 36 16.67 5.25 -10.96
C MET AA 36 17.87 4.59 -11.62
N THR AA 37 19.04 5.22 -11.52
CA THR AA 37 20.25 4.60 -12.04
C THR AA 37 20.54 3.26 -11.36
N LEU AA 38 20.38 3.22 -10.03
CA LEU AA 38 20.64 1.98 -9.30
C LEU AA 38 19.65 0.90 -9.71
N PHE AA 39 18.37 1.26 -9.88
CA PHE AA 39 17.37 0.30 -10.34
C PHE AA 39 17.71 -0.24 -11.72
N GLU AA 40 18.11 0.64 -12.64
CA GLU AA 40 18.39 0.20 -14.00
C GLU AA 40 19.67 -0.63 -14.08
N ILE AA 41 20.66 -0.33 -13.23
CA ILE AA 41 21.83 -1.20 -13.16
C ILE AA 41 21.45 -2.56 -12.58
N ALA AA 42 20.59 -2.58 -11.56
CA ALA AA 42 20.18 -3.84 -10.97
C ALA AA 42 19.42 -4.71 -11.95
N VAL AA 43 18.61 -4.12 -12.83
CA VAL AA 43 17.80 -4.91 -13.75
C VAL AA 43 18.39 -5.01 -15.15
N PHE AA 44 19.52 -4.36 -15.42
CA PHE AA 44 20.06 -4.33 -16.78
C PHE AA 44 20.91 -5.57 -17.07
N ASP AA 45 20.78 -6.07 -18.29
CA ASP AA 45 21.54 -7.24 -18.75
C ASP AA 45 22.49 -6.82 -19.86
N PRO AA 46 23.79 -6.70 -19.61
CA PRO AA 46 24.72 -6.22 -20.64
C PRO AA 46 25.31 -7.32 -21.51
N SER AA 47 24.72 -8.51 -21.46
CA SER AA 47 25.34 -9.68 -22.11
C SER AA 47 25.40 -9.53 -23.62
N ASP AA 48 24.34 -9.03 -24.24
CA ASP AA 48 24.25 -8.95 -25.71
C ASP AA 48 23.92 -7.53 -26.14
N PRO AA 49 24.94 -6.71 -26.39
CA PRO AA 49 24.68 -5.35 -26.89
C PRO AA 49 24.06 -5.30 -28.28
N VAL AA 50 24.07 -6.40 -29.02
CA VAL AA 50 23.56 -6.41 -30.39
C VAL AA 50 22.07 -6.71 -30.42
N LEU AA 51 21.65 -7.81 -29.81
CA LEU AA 51 20.25 -8.21 -29.85
C LEU AA 51 19.47 -7.89 -28.58
N ASN AA 52 20.15 -7.52 -27.51
CA ASN AA 52 19.49 -7.02 -26.30
C ASN AA 52 20.15 -5.73 -25.84
N PRO AA 53 20.00 -4.65 -26.61
CA PRO AA 53 20.51 -3.36 -26.17
C PRO AA 53 19.62 -2.76 -25.09
N MET AA 54 20.09 -1.65 -24.52
CA MET AA 54 19.42 -1.06 -23.37
C MET AA 54 18.00 -0.61 -23.71
N TRP AA 55 17.77 -0.12 -24.93
CA TRP AA 55 16.44 0.33 -25.29
C TRP AA 55 15.46 -0.83 -25.50
N ARG AA 56 15.95 -2.06 -25.57
CA ARG AA 56 15.07 -3.21 -25.54
C ARG AA 56 14.74 -3.65 -24.12
N GLN AA 57 15.39 -3.07 -23.11
CA GLN AA 57 15.24 -3.50 -21.73
C GLN AA 57 14.55 -2.45 -20.87
N GLY AA 58 13.98 -1.41 -21.46
CA GLY AA 58 13.29 -0.42 -20.69
C GLY AA 58 14.16 0.57 -19.96
N MET AA 59 15.42 0.70 -20.36
CA MET AA 59 16.34 1.61 -19.68
C MET AA 59 16.04 3.04 -20.11
N PHE AA 60 15.77 3.89 -19.14
CA PHE AA 60 15.36 5.27 -19.39
C PHE AA 60 16.44 6.28 -19.09
N VAL AA 61 17.12 6.17 -17.94
CA VAL AA 61 18.20 7.08 -17.61
C VAL AA 61 19.56 6.54 -18.04
N LEU AA 62 19.68 5.24 -18.25
CA LEU AA 62 20.92 4.67 -18.78
C LEU AA 62 21.32 5.26 -20.13
N PRO AA 63 20.42 5.49 -21.11
CA PRO AA 63 20.85 6.20 -22.32
C PRO AA 63 21.36 7.60 -22.04
N PHE AA 64 20.79 8.30 -21.06
CA PHE AA 64 21.25 9.66 -20.80
C PHE AA 64 22.60 9.68 -20.10
N LEU AA 65 22.90 8.64 -19.32
CA LEU AA 65 24.25 8.46 -18.82
C LEU AA 65 25.22 8.15 -19.95
N THR AA 66 24.83 7.24 -20.85
CA THR AA 66 25.72 6.82 -21.93
C THR AA 66 25.98 7.95 -22.92
N ARG AA 67 25.01 8.85 -23.09
CA ARG AA 67 25.12 9.89 -24.10
C ARG AA 67 26.26 10.85 -23.82
N LEU AA 68 26.49 11.19 -22.55
CA LEU AA 68 27.48 12.19 -22.19
C LEU AA 68 28.84 11.60 -21.83
N GLY AA 69 29.01 10.29 -21.91
CA GLY AA 69 30.33 9.69 -21.77
C GLY AA 69 30.46 8.61 -20.71
N VAL AA 70 29.47 8.38 -19.86
CA VAL AA 70 29.56 7.32 -18.86
C VAL AA 70 29.19 6.00 -19.55
N THR AA 71 30.19 5.16 -19.82
CA THR AA 71 29.96 3.94 -20.58
C THR AA 71 30.42 2.69 -19.86
N GLN AA 72 31.01 2.80 -18.67
CA GLN AA 72 31.53 1.65 -17.95
C GLN AA 72 30.79 1.51 -16.63
N SER AA 73 30.80 0.31 -16.09
CA SER AA 73 30.20 0.02 -14.80
C SER AA 73 31.23 -0.60 -13.88
N TRP AA 74 30.92 -0.60 -12.59
CA TRP AA 74 31.76 -1.29 -11.62
C TRP AA 74 31.59 -2.80 -11.66
N GLY AA 75 30.61 -3.29 -12.41
CA GLY AA 75 30.42 -4.71 -12.65
C GLY AA 75 31.35 -5.29 -13.68
N GLY AA 76 32.30 -4.51 -14.19
CA GLY AA 76 33.32 -5.00 -15.09
C GLY AA 76 32.98 -4.97 -16.55
N TRP AA 77 31.78 -4.53 -16.91
CA TRP AA 77 31.36 -4.50 -18.31
C TRP AA 77 31.32 -3.07 -18.82
N THR AA 78 31.39 -2.96 -20.14
CA THR AA 78 31.27 -1.69 -20.85
C THR AA 78 30.02 -1.76 -21.72
N ILE AA 79 29.38 -0.60 -21.92
CA ILE AA 79 28.14 -0.56 -22.69
C ILE AA 79 28.35 -0.94 -24.15
N SER AA 80 29.57 -0.81 -24.66
CA SER AA 80 29.85 -1.18 -26.04
C SER AA 80 30.26 -2.63 -26.19
N GLY AA 81 30.35 -3.39 -25.10
CA GLY AA 81 30.62 -4.80 -25.15
C GLY AA 81 32.04 -5.21 -24.82
N GLU AA 82 32.92 -4.28 -24.50
CA GLU AA 82 34.28 -4.62 -24.13
C GLU AA 82 34.33 -4.93 -22.63
N THR AA 83 35.54 -5.11 -22.11
CA THR AA 83 35.77 -5.31 -20.69
C THR AA 83 36.35 -4.04 -20.09
N SER AA 84 35.76 -3.58 -19.00
CA SER AA 84 36.23 -2.39 -18.29
C SER AA 84 37.10 -2.85 -17.11
N SER AA 85 38.41 -2.64 -17.23
CA SER AA 85 39.33 -2.94 -16.14
C SER AA 85 39.62 -1.74 -15.26
N ASN AA 86 39.44 -0.52 -15.77
CA ASN AA 86 39.61 0.70 -14.99
C ASN AA 86 38.40 1.59 -15.21
N PRO AA 87 37.23 1.22 -14.67
CA PRO AA 87 36.03 2.06 -14.86
C PRO AA 87 36.12 3.41 -14.18
N GLY AA 88 36.99 3.56 -13.17
CA GLY AA 88 37.13 4.83 -12.50
C GLY AA 88 35.97 5.13 -11.56
N ILE AA 89 35.98 6.36 -11.07
CA ILE AA 89 34.89 6.81 -10.19
C ILE AA 89 33.61 6.98 -10.99
N TRP AA 90 33.70 7.54 -12.19
CA TRP AA 90 32.52 7.91 -12.95
C TRP AA 90 32.06 6.73 -13.82
N SER AA 91 31.62 5.69 -13.13
CA SER AA 91 30.86 4.63 -13.75
C SER AA 91 29.37 4.94 -13.60
N TYR AA 92 28.52 4.02 -14.06
CA TYR AA 92 27.09 4.18 -13.86
C TYR AA 92 26.75 4.21 -12.37
N GLU AA 93 27.27 3.25 -11.62
CA GLU AA 93 27.06 3.21 -10.19
C GLU AA 93 27.72 4.39 -9.49
N GLY AA 94 28.84 4.87 -10.03
CA GLY AA 94 29.48 6.05 -9.47
C GLY AA 94 28.63 7.30 -9.60
N ALA AA 95 28.04 7.49 -10.78
CA ALA AA 95 27.12 8.61 -10.97
C ALA AA 95 25.89 8.48 -10.09
N ALA AA 96 25.38 7.25 -9.95
CA ALA AA 96 24.25 7.02 -9.06
C ALA AA 96 24.58 7.39 -7.63
N ALA AA 97 25.74 6.93 -7.14
CA ALA AA 97 26.15 7.23 -5.77
C ALA AA 97 26.38 8.71 -5.57
N SER AA 98 26.97 9.38 -6.56
CA SER AA 98 27.18 10.82 -6.47
C SER AA 98 25.86 11.56 -6.40
N HIS AA 99 24.85 11.08 -7.12
CA HIS AA 99 23.53 11.72 -7.06
C HIS AA 99 22.87 11.49 -5.72
N ILE AA 100 23.04 10.32 -5.13
CA ILE AA 100 22.48 10.06 -3.80
C ILE AA 100 23.14 10.95 -2.76
N VAL AA 101 24.46 11.09 -2.82
CA VAL AA 101 25.18 11.95 -1.89
C VAL AA 101 24.77 13.41 -2.08
N LEU AA 102 24.62 13.83 -3.34
CA LEU AA 102 24.14 15.18 -3.62
C LEU AA 102 22.76 15.40 -3.06
N SER AA 103 21.88 14.41 -3.18
CA SER AA 103 20.53 14.53 -2.62
C SER AA 103 20.58 14.70 -1.11
N GLY AA 104 21.42 13.93 -0.42
CA GLY AA 104 21.53 14.11 1.02
C GLY AA 104 22.06 15.47 1.42
N LEU AA 105 23.08 15.96 0.72
CA LEU AA 105 23.64 17.27 1.03
C LEU AA 105 22.63 18.38 0.78
N LEU AA 106 21.88 18.28 -0.31
CA LEU AA 106 20.84 19.26 -0.59
C LEU AA 106 19.71 19.18 0.44
N PHE AA 107 19.41 17.99 0.95
CA PHE AA 107 18.42 17.88 2.02
C PHE AA 107 18.89 18.62 3.27
N LEU AA 108 20.16 18.45 3.64
CA LEU AA 108 20.68 19.18 4.80
C LEU AA 108 20.66 20.69 4.58
N ALA AA 109 21.03 21.13 3.37
CA ALA AA 109 21.00 22.55 3.05
C ALA AA 109 19.57 23.09 3.09
N SER AA 110 18.61 22.29 2.64
CA SER AA 110 17.21 22.67 2.70
C SER AA 110 16.75 22.84 4.14
N VAL AA 111 17.19 21.94 5.02
CA VAL AA 111 16.86 22.06 6.44
C VAL AA 111 17.42 23.35 7.01
N TRP AA 112 18.69 23.65 6.68
CA TRP AA 112 19.32 24.87 7.19
C TRP AA 112 18.60 26.11 6.70
N HIS AA 113 18.21 26.13 5.43
CA HIS AA 113 17.54 27.31 4.91
C HIS AA 113 16.11 27.44 5.38
N TRP AA 114 15.47 26.32 5.72
CA TRP AA 114 14.17 26.41 6.35
C TRP AA 114 14.28 27.04 7.73
N VAL AA 115 15.27 26.61 8.51
CA VAL AA 115 15.40 27.12 9.87
C VAL AA 115 15.86 28.57 9.87
N TYR AA 116 16.91 28.88 9.13
CA TYR AA 116 17.49 30.22 9.11
C TYR AA 116 16.97 31.03 7.93
N TRP AA 117 15.65 31.19 7.90
CA TRP AA 117 14.97 31.89 6.82
C TRP AA 117 15.12 33.41 6.92
N ASP AA 118 15.37 33.94 8.10
CA ASP AA 118 15.25 35.38 8.37
C ASP AA 118 16.61 36.06 8.24
N LEU AA 119 17.13 36.05 7.03
CA LEU AA 119 18.48 36.56 6.77
C LEU AA 119 18.44 38.03 6.35
N GLU AA 120 19.44 38.78 6.84
CA GLU AA 120 19.61 40.17 6.45
C GLU AA 120 19.72 40.33 4.94
N LEU AA 121 20.29 39.33 4.26
CA LEU AA 121 20.41 39.36 2.81
C LEU AA 121 19.06 39.53 2.13
N PHE AA 122 17.98 39.05 2.75
CA PHE AA 122 16.66 39.15 2.17
C PHE AA 122 15.95 40.45 2.53
N ARG AA 123 16.58 41.31 3.33
CA ARG AA 123 16.00 42.60 3.68
C ARG AA 123 16.59 43.67 2.78
N ASP AA 124 15.73 44.57 2.26
CA ASP AA 124 16.33 45.64 1.48
C ASP AA 124 16.96 46.68 2.40
N PRO AA 125 18.03 47.34 1.95
CA PRO AA 125 18.72 48.29 2.84
C PRO AA 125 17.92 49.53 3.19
N ARG AA 126 16.97 49.95 2.36
CA ARG AA 126 16.31 51.24 2.60
C ARG AA 126 15.05 51.11 3.44
N THR AA 127 14.05 50.39 2.93
CA THR AA 127 12.73 50.37 3.56
C THR AA 127 12.59 49.29 4.63
N GLY AA 128 13.52 48.35 4.72
CA GLY AA 128 13.39 47.29 5.68
C GLY AA 128 12.27 46.31 5.38
N LYS AA 129 11.86 46.22 4.13
CA LYS AA 129 10.82 45.28 3.71
C LYS AA 129 11.43 44.21 2.81
N THR AA 130 10.94 42.99 2.95
CA THR AA 130 11.53 41.85 2.26
C THR AA 130 11.37 42.00 0.76
N ALA AA 131 12.49 41.98 0.04
CA ALA AA 131 12.48 42.22 -1.39
C ALA AA 131 13.62 41.46 -2.04
N LEU AA 132 13.38 40.94 -3.24
CA LEU AA 132 14.40 40.32 -4.06
C LEU AA 132 14.60 41.19 -5.30
N ASP AA 133 15.86 41.53 -5.60
CA ASP AA 133 16.17 42.30 -6.79
C ASP AA 133 16.20 41.34 -7.98
N LEU AA 134 14.99 41.04 -8.47
CA LEU AA 134 14.84 40.03 -9.52
C LEU AA 134 15.60 40.32 -10.81
N PRO AA 135 15.68 41.57 -11.32
CA PRO AA 135 16.56 41.79 -12.49
C PRO AA 135 18.03 41.42 -12.26
N LYS AA 136 18.61 41.83 -11.13
CA LYS AA 136 20.01 41.49 -10.89
C LYS AA 136 20.18 40.00 -10.59
N ILE AA 137 19.20 39.38 -9.94
CA ILE AA 137 19.25 37.94 -9.72
C ILE AA 137 19.23 37.20 -11.06
N PHE AA 138 18.37 37.65 -11.97
CA PHE AA 138 18.35 37.06 -13.31
C PHE AA 138 19.67 37.28 -14.03
N GLY AA 139 20.27 38.45 -13.88
CA GLY AA 139 21.57 38.70 -14.48
C GLY AA 139 22.64 37.76 -13.97
N ILE AA 140 22.68 37.55 -12.64
CA ILE AA 140 23.63 36.63 -12.05
C ILE AA 140 23.40 35.21 -12.58
N HIS AA 141 22.15 34.77 -12.57
CA HIS AA 141 21.83 33.41 -13.01
C HIS AA 141 22.12 33.21 -14.48
N LEU AA 142 21.83 34.21 -15.31
CA LEU AA 142 22.12 34.11 -16.73
C LEU AA 142 23.62 34.08 -16.99
N PHE AA 143 24.38 34.87 -16.24
CA PHE AA 143 25.84 34.83 -16.35
C PHE AA 143 26.38 33.45 -15.97
N LEU AA 144 25.88 32.87 -14.88
CA LEU AA 144 26.32 31.54 -14.48
C LEU AA 144 25.92 30.48 -15.51
N ALA AA 145 24.70 30.58 -16.03
CA ALA AA 145 24.23 29.64 -17.03
C ALA AA 145 25.05 29.73 -18.31
N GLY AA 146 25.43 30.95 -18.70
CA GLY AA 146 26.30 31.11 -19.85
C GLY AA 146 27.67 30.51 -19.62
N LEU AA 147 28.23 30.71 -18.43
CA LEU AA 147 29.52 30.11 -18.12
C LEU AA 147 29.44 28.59 -18.17
N LEU AA 148 28.38 28.02 -17.59
CA LEU AA 148 28.24 26.57 -17.55
C LEU AA 148 28.00 26.00 -18.95
N CYS AA 149 27.18 26.67 -19.75
CA CYS AA 149 26.93 26.23 -21.12
C CYS AA 149 28.19 26.29 -21.96
N PHE AA 150 28.96 27.38 -21.83
CA PHE AA 150 30.21 27.50 -22.58
C PHE AA 150 31.20 26.43 -22.15
N GLY AA 151 31.30 26.18 -20.85
CA GLY AA 151 32.23 25.15 -20.38
C GLY AA 151 31.84 23.76 -20.85
N PHE AA 152 30.55 23.45 -20.81
CA PHE AA 152 30.06 22.15 -21.28
C PHE AA 152 30.33 21.98 -22.77
N GLY AA 153 30.13 23.04 -23.55
CA GLY AA 153 30.35 22.93 -24.98
C GLY AA 153 31.80 22.97 -25.40
N ALA AA 154 32.64 23.68 -24.64
CA ALA AA 154 34.02 23.88 -25.03
C ALA AA 154 34.98 22.87 -24.41
N PHE AA 155 34.58 22.19 -23.34
CA PHE AA 155 35.48 21.26 -22.68
C PHE AA 155 34.96 19.84 -22.63
N HIS AA 156 33.68 19.65 -22.31
CA HIS AA 156 33.14 18.29 -22.27
C HIS AA 156 32.97 17.72 -23.67
N VAL AA 157 32.12 18.35 -24.48
CA VAL AA 157 31.72 17.72 -25.73
C VAL AA 157 32.75 17.87 -26.83
N THR AA 158 33.66 18.84 -26.72
CA THR AA 158 34.78 18.90 -27.65
C THR AA 158 35.83 17.84 -27.32
N GLY AA 159 35.81 17.30 -26.11
CA GLY AA 159 36.78 16.31 -25.71
C GLY AA 159 38.15 16.85 -25.37
N VAL AA 160 38.33 18.17 -25.32
CA VAL AA 160 39.63 18.70 -24.98
C VAL AA 160 39.94 18.46 -23.51
N PHE AA 161 38.93 18.45 -22.67
CA PHE AA 161 39.11 18.12 -21.27
C PHE AA 161 38.13 17.06 -20.79
N GLY AA 162 36.91 17.08 -21.28
CA GLY AA 162 35.93 16.06 -20.96
C GLY AA 162 35.99 14.89 -21.92
N PRO AA 163 35.00 13.98 -21.83
CA PRO AA 163 35.03 12.77 -22.64
C PRO AA 163 34.43 12.86 -24.03
N GLY AA 164 33.69 13.92 -24.34
CA GLY AA 164 32.94 13.98 -25.58
C GLY AA 164 31.50 13.56 -25.38
N ILE AA 165 30.88 13.16 -26.49
CA ILE AA 165 29.50 12.67 -26.47
C ILE AA 165 29.40 11.46 -27.38
N TRP AA 166 28.27 10.76 -27.26
CA TRP AA 166 28.03 9.59 -28.10
C TRP AA 166 27.81 10.02 -29.55
N VAL AA 167 28.57 9.42 -30.45
CA VAL AA 167 28.49 9.63 -31.89
C VAL AA 167 28.41 8.26 -32.53
N SER AA 168 27.59 8.14 -33.56
CA SER AA 168 27.40 6.86 -34.25
C SER AA 168 27.40 7.09 -35.75
N ASP AA 169 27.49 5.98 -36.48
CA ASP AA 169 27.26 5.98 -37.90
C ASP AA 169 25.76 6.19 -38.16
N PRO AA 170 25.38 6.59 -39.38
CA PRO AA 170 23.96 6.84 -39.66
C PRO AA 170 23.05 5.63 -39.42
N TYR AA 171 23.58 4.42 -39.50
CA TYR AA 171 22.79 3.22 -39.30
C TYR AA 171 22.99 2.59 -37.94
N GLY AA 172 23.65 3.31 -37.02
CA GLY AA 172 23.75 2.89 -35.63
C GLY AA 172 24.45 1.56 -35.43
N LEU AA 173 25.53 1.33 -36.15
CA LEU AA 173 26.20 0.04 -36.07
C LEU AA 173 27.34 0.06 -35.06
N THR AA 174 28.29 0.98 -35.21
CA THR AA 174 29.44 0.96 -34.33
C THR AA 174 29.15 1.66 -33.00
N GLY AA 175 29.05 2.98 -33.00
CA GLY AA 175 28.61 3.70 -31.83
C GLY AA 175 29.72 3.87 -30.80
N SER AA 176 30.05 5.09 -30.40
CA SER AA 176 31.08 5.28 -29.40
C SER AA 176 31.01 6.70 -28.87
N VAL AA 177 31.49 6.90 -27.65
CA VAL AA 177 31.64 8.24 -27.12
C VAL AA 177 32.95 8.81 -27.64
N GLN AA 178 32.85 9.89 -28.41
CA GLN AA 178 33.98 10.50 -29.09
C GLN AA 178 33.99 12.00 -28.83
N PRO AA 179 35.16 12.63 -28.92
CA PRO AA 179 35.20 14.08 -28.98
C PRO AA 179 34.64 14.58 -30.30
N VAL AA 180 34.03 15.77 -30.26
CA VAL AA 180 33.34 16.34 -31.40
C VAL AA 180 33.86 17.75 -31.66
N ALA AA 181 34.28 18.01 -32.89
CA ALA AA 181 34.69 19.34 -33.29
C ALA AA 181 33.48 20.19 -33.66
N PRO AA 182 33.41 21.43 -33.19
CA PRO AA 182 32.26 22.28 -33.52
C PRO AA 182 32.23 22.68 -34.99
N SER AA 183 31.01 22.82 -35.51
CA SER AA 183 30.77 23.21 -36.90
C SER AA 183 30.25 24.64 -36.89
N TRP AA 184 31.03 25.57 -37.43
CA TRP AA 184 30.73 26.98 -37.35
C TRP AA 184 30.06 27.54 -38.60
N GLY AA 185 29.80 26.71 -39.60
CA GLY AA 185 29.09 27.12 -40.79
C GLY AA 185 27.60 26.86 -40.69
N ALA AA 186 26.99 26.61 -41.84
CA ALA AA 186 25.58 26.23 -41.87
C ALA AA 186 25.36 24.82 -41.38
N GLU AA 187 26.36 23.94 -41.54
CA GLU AA 187 26.24 22.56 -41.09
C GLU AA 187 26.07 22.45 -39.58
N GLY AA 188 26.50 23.47 -38.83
CA GLY AA 188 26.25 23.50 -37.40
C GLY AA 188 24.79 23.58 -37.05
N PHE AA 189 23.95 24.01 -37.99
CA PHE AA 189 22.51 23.99 -37.80
C PHE AA 189 21.86 22.77 -38.45
N ASP AA 190 22.67 21.82 -38.92
CA ASP AA 190 22.17 20.50 -39.25
C ASP AA 190 21.90 19.75 -37.94
N PRO AA 191 20.66 19.37 -37.66
CA PRO AA 191 20.35 18.81 -36.34
C PRO AA 191 20.82 17.38 -36.16
N TYR AA 192 21.13 16.67 -37.24
CA TYR AA 192 21.76 15.38 -37.14
C TYR AA 192 23.28 15.47 -37.17
N ASN AA 193 23.82 16.66 -37.38
CA ASN AA 193 25.26 16.86 -37.30
C ASN AA 193 25.69 16.95 -35.84
N PRO AA 194 26.54 16.05 -35.34
CA PRO AA 194 26.97 16.14 -33.94
C PRO AA 194 27.79 17.36 -33.64
N GLY AA 195 28.41 17.98 -34.65
CA GLY AA 195 29.22 19.17 -34.44
C GLY AA 195 28.43 20.41 -34.10
N GLY AA 196 27.11 20.37 -34.29
CA GLY AA 196 26.29 21.52 -33.94
C GLY AA 196 26.18 21.76 -32.46
N VAL AA 197 26.27 20.71 -31.65
CA VAL AA 197 26.12 20.81 -30.20
C VAL AA 197 27.25 21.61 -29.55
N PRO AA 198 28.54 21.32 -29.81
CA PRO AA 198 29.59 22.20 -29.22
C PRO AA 198 29.52 23.63 -29.72
N ALA AA 199 29.23 23.83 -31.01
CA ALA AA 199 29.16 25.18 -31.55
C ALA AA 199 28.02 25.97 -30.92
N HIS AA 200 26.84 25.34 -30.79
CA HIS AA 200 25.72 25.97 -30.10
C HIS AA 200 26.09 26.33 -28.69
N HIS AA 201 26.70 25.40 -27.96
CA HIS AA 201 26.93 25.65 -26.55
C HIS AA 201 27.99 26.73 -26.35
N ILE AA 202 29.02 26.75 -27.19
CA ILE AA 202 30.03 27.81 -27.10
C ILE AA 202 29.42 29.17 -27.43
N ALA AA 203 28.71 29.27 -28.55
CA ALA AA 203 28.15 30.56 -28.96
C ALA AA 203 27.08 31.04 -28.00
N ALA AA 204 26.16 30.15 -27.59
CA ALA AA 204 25.11 30.51 -26.66
C ALA AA 204 25.65 30.80 -25.27
N GLY AA 205 26.74 30.14 -24.86
CA GLY AA 205 27.36 30.47 -23.59
C GLY AA 205 28.00 31.84 -23.61
N ILE AA 206 28.68 32.18 -24.71
CA ILE AA 206 29.23 33.52 -24.84
C ILE AA 206 28.13 34.57 -24.82
N LEU AA 207 27.04 34.31 -25.54
CA LEU AA 207 25.92 35.23 -25.56
C LEU AA 207 25.26 35.33 -24.19
N GLY AA 208 25.17 34.21 -23.47
CA GLY AA 208 24.60 34.23 -22.13
C GLY AA 208 25.45 34.99 -21.15
N VAL AA 209 26.78 34.88 -21.28
CA VAL AA 209 27.68 35.65 -20.43
C VAL AA 209 27.53 37.14 -20.70
N LEU AA 210 27.50 37.52 -21.98
CA LEU AA 210 27.36 38.94 -22.34
C LEU AA 210 26.00 39.49 -21.91
N ALA AA 211 24.93 38.72 -22.11
CA ALA AA 211 23.60 39.16 -21.70
C ALA AA 211 23.47 39.21 -20.18
N GLY AA 212 24.11 38.29 -19.47
CA GLY AA 212 24.11 38.36 -18.02
C GLY AA 212 24.86 39.58 -17.50
N LEU AA 213 25.97 39.92 -18.14
CA LEU AA 213 26.66 41.16 -17.79
C LEU AA 213 25.79 42.38 -18.06
N PHE AA 214 25.06 42.37 -19.19
CA PHE AA 214 24.12 43.43 -19.48
C PHE AA 214 23.06 43.55 -18.40
N HIS AA 215 22.50 42.42 -17.96
CA HIS AA 215 21.46 42.47 -16.95
C HIS AA 215 21.99 42.76 -15.56
N LEU AA 216 23.28 42.54 -15.34
CA LEU AA 216 23.91 42.93 -14.10
C LEU AA 216 24.09 44.43 -14.07
N VAL AA 218 22.66 47.10 -16.48
CA VAL AA 218 21.53 47.95 -16.85
C VAL AA 218 20.24 47.59 -16.11
N ARG AA 219 19.67 48.57 -15.42
CA ARG AA 219 18.40 48.42 -14.73
C ARG AA 219 17.25 48.46 -15.74
N PRO AA 220 16.14 47.77 -15.45
CA PRO AA 220 14.99 47.82 -16.34
C PRO AA 220 14.34 49.19 -16.36
N SER AA 221 13.64 49.47 -17.45
CA SER AA 221 12.86 50.70 -17.52
C SER AA 221 11.62 50.59 -16.64
N ILE AA 222 11.07 51.75 -16.27
CA ILE AA 222 9.89 51.75 -15.41
C ILE AA 222 8.67 51.22 -16.16
N ARG AA 223 8.55 51.55 -17.45
CA ARG AA 223 7.42 51.06 -18.25
C ARG AA 223 7.43 49.55 -18.34
N LEU AA 224 8.58 48.97 -18.69
CA LEU AA 224 8.66 47.52 -18.82
C LEU AA 224 8.59 46.84 -17.45
N TYR AA 225 9.11 47.49 -16.41
CA TYR AA 225 9.00 46.98 -15.05
C TYR AA 225 7.54 46.83 -14.64
N PHE AA 226 6.73 47.87 -14.87
CA PHE AA 226 5.33 47.78 -14.49
C PHE AA 226 4.54 46.88 -15.43
N GLY AA 227 4.91 46.84 -16.71
CA GLY AA 227 4.19 46.01 -17.67
C GLY AA 227 4.46 44.52 -17.51
N LEU AA 228 5.61 44.16 -16.96
CA LEU AA 228 5.94 42.77 -16.74
C LEU AA 228 5.88 42.35 -15.28
N SER AA 229 5.65 43.29 -14.37
CA SER AA 229 5.59 43.03 -12.92
C SER AA 229 6.89 42.35 -12.44
N MET AA 230 8.00 43.07 -12.62
CA MET AA 230 9.29 42.54 -12.21
C MET AA 230 9.52 42.60 -10.71
N GLY AA 231 8.60 43.21 -9.96
CA GLY AA 231 8.63 43.15 -8.52
C GLY AA 231 7.93 41.95 -7.92
N SER AA 232 7.31 41.11 -8.74
CA SER AA 232 6.55 39.97 -8.26
C SER AA 232 7.20 38.69 -8.76
N ILE AA 233 7.43 37.75 -7.84
CA ILE AA 233 8.04 36.47 -8.16
C ILE AA 233 7.11 35.60 -9.01
N GLU AA 234 5.80 35.85 -8.97
CA GLU AA 234 4.87 35.04 -9.76
C GLU AA 234 4.98 35.35 -11.25
N SER AA 235 5.35 36.57 -11.62
CA SER AA 235 5.63 36.87 -13.03
C SER AA 235 6.83 36.06 -13.53
N VAL AA 236 7.88 35.99 -12.71
CA VAL AA 236 9.03 35.16 -13.03
C VAL AA 236 8.62 33.70 -13.13
N LEU AA 237 7.72 33.26 -12.26
CA LEU AA 237 7.23 31.90 -12.33
C LEU AA 237 6.49 31.63 -13.64
N SER AA 238 5.64 32.56 -14.06
CA SER AA 238 4.91 32.38 -15.31
C SER AA 238 5.86 32.32 -16.51
N SER AA 239 6.83 33.23 -16.56
CA SER AA 239 7.78 33.22 -17.67
C SER AA 239 8.66 31.98 -17.65
N SER AA 240 9.07 31.52 -16.46
CA SER AA 240 9.87 30.31 -16.36
C SER AA 240 9.08 29.08 -16.79
N ILE AA 241 7.80 29.02 -16.43
CA ILE AA 241 6.96 27.91 -16.87
C ILE AA 241 6.79 27.95 -18.39
N ALA AA 242 6.67 29.15 -18.95
CA ALA AA 242 6.62 29.30 -20.40
C ALA AA 242 7.89 28.75 -21.06
N ALA AA 243 9.05 29.13 -20.52
CA ALA AA 243 10.32 28.65 -21.06
C ALA AA 243 10.45 27.14 -20.95
N VAL AA 244 10.02 26.56 -19.83
CA VAL AA 244 10.21 25.13 -19.68
C VAL AA 244 9.24 24.33 -20.53
N PHE AA 245 8.01 24.82 -20.81
CA PHE AA 245 7.23 23.99 -21.73
C PHE AA 245 7.62 24.22 -23.18
N TRP AA 246 8.15 25.40 -23.52
CA TRP AA 246 8.80 25.56 -24.82
C TRP AA 246 9.92 24.54 -24.99
N ALA AA 247 10.79 24.42 -23.99
CA ALA AA 247 11.89 23.47 -24.05
C ALA AA 247 11.39 22.04 -24.05
N ALA AA 248 10.30 21.75 -23.33
CA ALA AA 248 9.75 20.40 -23.32
C ALA AA 248 9.21 20.02 -24.69
N PHE AA 249 8.54 20.95 -25.37
CA PHE AA 249 8.12 20.69 -26.74
C PHE AA 249 9.32 20.45 -27.65
N VAL AA 250 10.38 21.24 -27.48
CA VAL AA 250 11.57 21.08 -28.31
C VAL AA 250 12.20 19.71 -28.10
N VAL AA 251 12.36 19.29 -26.83
CA VAL AA 251 13.03 18.01 -26.58
C VAL AA 251 12.14 16.84 -26.96
N ALA AA 252 10.81 16.98 -26.84
CA ALA AA 252 9.93 15.91 -27.28
C ALA AA 252 9.96 15.75 -28.80
N GLY AA 253 9.95 16.87 -29.53
CA GLY AA 253 10.08 16.78 -30.98
C GLY AA 253 11.42 16.22 -31.39
N THR AA 254 12.50 16.65 -30.73
CA THR AA 254 13.83 16.14 -31.04
C THR AA 254 13.94 14.65 -30.78
N MET AA 255 13.41 14.18 -29.65
CA MET AA 255 13.45 12.74 -29.35
C MET AA 255 12.60 11.95 -30.33
N TRP AA 256 11.43 12.46 -30.71
CA TRP AA 256 10.54 11.68 -31.57
C TRP AA 256 11.07 11.63 -33.00
N TYR AA 257 11.52 12.76 -33.55
CA TYR AA 257 12.01 12.77 -34.92
C TYR AA 257 13.46 12.32 -35.05
N GLY AA 258 14.19 12.24 -33.95
CA GLY AA 258 15.59 11.87 -34.03
C GLY AA 258 16.48 13.07 -34.29
N SER AA 259 17.68 13.02 -33.75
CA SER AA 259 18.69 14.04 -33.96
C SER AA 259 20.05 13.46 -33.58
N ALA AA 260 21.07 14.31 -33.57
CA ALA AA 260 22.40 13.88 -33.13
C ALA AA 260 22.45 13.63 -31.62
N ALA AA 261 21.53 14.22 -30.86
CA ALA AA 261 21.51 14.04 -29.42
C ALA AA 261 20.60 12.90 -28.97
N THR AA 262 19.97 12.20 -29.89
CA THR AA 262 19.13 11.04 -29.56
C THR AA 262 19.54 9.87 -30.45
N PRO AA 263 20.70 9.26 -30.18
CA PRO AA 263 21.17 8.18 -31.04
C PRO AA 263 20.29 6.94 -30.95
N ILE AA 264 20.20 6.22 -32.06
CA ILE AA 264 19.35 5.03 -32.10
C ILE AA 264 19.97 3.90 -31.30
N GLU AA 265 21.29 3.89 -31.13
CA GLU AA 265 21.91 2.85 -30.31
C GLU AA 265 21.59 3.03 -28.83
N LEU AA 266 21.16 4.22 -28.42
CA LEU AA 266 20.82 4.48 -27.03
C LEU AA 266 19.32 4.53 -26.81
N PHE AA 267 18.55 5.04 -27.75
CA PHE AA 267 17.12 5.24 -27.56
C PHE AA 267 16.25 4.36 -28.44
N GLY AA 268 16.83 3.60 -29.36
CA GLY AA 268 16.06 2.83 -30.30
C GLY AA 268 15.82 3.59 -31.59
N PRO AA 269 15.37 2.88 -32.62
CA PRO AA 269 15.03 3.54 -33.87
C PRO AA 269 13.81 4.44 -33.71
N THR AA 270 13.66 5.36 -34.65
CA THR AA 270 12.46 6.17 -34.70
C THR AA 270 11.40 5.47 -35.55
N ARG AA 271 10.17 5.98 -35.46
CA ARG AA 271 9.11 5.45 -36.32
C ARG AA 271 9.30 5.86 -37.77
N TYR AA 272 9.98 6.98 -38.01
CA TYR AA 272 10.16 7.47 -39.37
C TYR AA 272 11.22 6.70 -40.14
N GLN AA 273 12.12 6.01 -39.44
CA GLN AA 273 13.05 5.13 -40.15
C GLN AA 273 12.35 3.87 -40.64
N TRP AA 274 11.31 3.43 -39.94
CA TRP AA 274 10.47 2.37 -40.47
C TRP AA 274 9.53 2.89 -41.55
N ASP AA 275 9.00 4.10 -41.37
CA ASP AA 275 8.05 4.68 -42.31
C ASP AA 275 8.68 5.25 -43.56
N GLN AA 276 10.02 5.33 -43.62
CA GLN AA 276 10.71 5.82 -44.80
C GLN AA 276 11.70 4.82 -45.36
N GLY AA 277 11.69 3.58 -44.85
CA GLY AA 277 12.56 2.53 -45.36
C GLY AA 277 14.03 2.80 -45.21
N PHE AA 278 14.45 3.37 -44.10
CA PHE AA 278 15.85 3.72 -43.88
C PHE AA 278 16.73 2.46 -43.83
N PHE AA 279 16.50 1.61 -42.83
CA PHE AA 279 17.31 0.41 -42.69
C PHE AA 279 17.03 -0.59 -43.81
N GLN AA 280 15.79 -0.67 -44.26
CA GLN AA 280 15.47 -1.56 -45.38
C GLN AA 280 16.22 -1.16 -46.63
N GLN AA 281 16.27 0.14 -46.93
CA GLN AA 281 17.01 0.63 -48.08
C GLN AA 281 18.50 0.39 -47.92
N GLU AA 282 19.05 0.60 -46.73
CA GLU AA 282 20.48 0.35 -46.53
C GLU AA 282 20.81 -1.13 -46.69
N ILE AA 283 19.98 -2.02 -46.16
CA ILE AA 283 20.21 -3.46 -46.29
C ILE AA 283 20.13 -3.88 -47.75
N GLN AA 284 19.11 -3.38 -48.46
CA GLN AA 284 18.97 -3.72 -49.87
C GLN AA 284 20.11 -3.17 -50.71
N LYS AA 285 20.62 -1.98 -50.37
CA LYS AA 285 21.78 -1.44 -51.07
C LYS AA 285 23.02 -2.29 -50.81
N ARG AA 286 23.24 -2.69 -49.56
CA ARG AA 286 24.38 -3.53 -49.24
C ARG AA 286 24.28 -4.92 -49.85
N VAL AA 287 23.07 -5.39 -50.13
CA VAL AA 287 22.92 -6.67 -50.80
C VAL AA 287 23.06 -6.52 -52.32
N ALA AA 288 22.56 -5.40 -52.87
CA ALA AA 288 22.71 -5.15 -54.30
C ALA AA 288 24.17 -4.96 -54.68
N GLN AA 289 24.91 -4.16 -53.91
CA GLN AA 289 26.35 -4.19 -53.98
C GLN AA 289 26.82 -5.54 -53.43
N SER AA 290 27.95 -6.02 -53.95
CA SER AA 290 28.47 -7.37 -53.73
C SER AA 290 27.55 -8.44 -54.28
N THR AA 291 26.51 -8.07 -55.02
CA THR AA 291 25.84 -8.97 -55.95
C THR AA 291 26.27 -8.69 -57.39
N SER AA 292 26.43 -7.40 -57.71
CA SER AA 292 27.11 -7.02 -58.95
C SER AA 292 28.57 -7.41 -58.93
N GLU AA 293 29.15 -7.66 -57.75
CA GLU AA 293 30.51 -8.12 -57.61
C GLU AA 293 30.63 -9.64 -57.62
N GLY AA 294 29.57 -10.35 -57.99
CA GLY AA 294 29.65 -11.75 -58.30
C GLY AA 294 29.33 -12.71 -57.18
N LEU AA 295 29.15 -12.24 -55.95
CA LEU AA 295 28.78 -13.15 -54.88
C LEU AA 295 27.33 -13.61 -55.04
N SER AA 296 27.03 -14.76 -54.46
CA SER AA 296 25.69 -15.34 -54.56
C SER AA 296 24.76 -14.64 -53.57
N VAL AA 297 23.57 -15.21 -53.38
CA VAL AA 297 22.61 -14.62 -52.45
C VAL AA 297 22.79 -15.17 -51.04
N SER AA 298 23.31 -16.39 -50.90
CA SER AA 298 23.66 -16.90 -49.58
C SER AA 298 24.78 -16.07 -48.95
N GLU AA 299 25.77 -15.70 -49.76
CA GLU AA 299 26.69 -14.63 -49.35
C GLU AA 299 26.02 -13.28 -49.59
N ALA AA 300 26.61 -12.25 -48.98
CA ALA AA 300 26.13 -10.86 -49.00
C ALA AA 300 24.82 -10.71 -48.21
N TRP AA 301 24.26 -11.82 -47.75
CA TRP AA 301 23.25 -11.82 -46.70
C TRP AA 301 23.81 -12.34 -45.39
N ALA AA 302 24.82 -13.20 -45.43
CA ALA AA 302 25.61 -13.53 -44.26
C ALA AA 302 26.58 -12.40 -43.90
N LYS AA 303 26.85 -11.49 -44.83
CA LYS AA 303 27.65 -10.30 -44.55
C LYS AA 303 26.83 -9.18 -43.95
N ILE AA 304 25.51 -9.28 -43.99
CA ILE AA 304 24.65 -8.24 -43.41
C ILE AA 304 24.79 -8.26 -41.89
N PRO AA 305 25.07 -7.13 -41.25
CA PRO AA 305 25.17 -7.12 -39.79
C PRO AA 305 23.83 -7.49 -39.14
N GLU AA 306 23.92 -8.36 -38.13
CA GLU AA 306 22.72 -8.79 -37.44
C GLU AA 306 22.08 -7.65 -36.67
N LYS AA 307 22.89 -6.69 -36.20
CA LYS AA 307 22.37 -5.48 -35.61
C LYS AA 307 21.57 -4.67 -36.63
N LEU AA 308 22.08 -4.57 -37.85
CA LEU AA 308 21.37 -3.86 -38.91
C LEU AA 308 20.06 -4.55 -39.26
N ALA AA 309 20.07 -5.89 -39.26
CA ALA AA 309 18.82 -6.61 -39.49
C ALA AA 309 17.84 -6.45 -38.34
N PHE AA 310 18.35 -6.32 -37.11
CA PHE AA 310 17.49 -6.09 -35.95
C PHE AA 310 16.87 -4.70 -36.00
N TYR AA 311 17.56 -3.73 -36.58
CA TYR AA 311 17.00 -2.40 -36.75
C TYR AA 311 15.83 -2.37 -37.72
N ASP AA 312 15.67 -3.41 -38.55
CA ASP AA 312 14.63 -3.47 -39.56
C ASP AA 312 13.44 -4.32 -39.11
N TYR AA 313 13.09 -4.25 -37.84
CA TYR AA 313 12.00 -5.03 -37.27
C TYR AA 313 11.01 -4.08 -36.60
N ILE AA 314 9.73 -4.20 -36.97
CA ILE AA 314 8.73 -3.24 -36.53
C ILE AA 314 8.49 -3.33 -35.02
N GLY AA 315 8.86 -4.45 -34.38
CA GLY AA 315 8.80 -4.53 -32.94
C GLY AA 315 9.73 -3.56 -32.24
N ASN AA 316 10.73 -3.06 -32.94
CA ASN AA 316 11.60 -2.01 -32.44
C ASN AA 316 11.11 -0.61 -32.80
N ASN AA 317 10.01 -0.53 -33.52
CA ASN AA 317 9.36 0.75 -33.77
C ASN AA 317 8.82 1.32 -32.46
N PRO AA 318 9.13 2.57 -32.13
CA PRO AA 318 8.58 3.15 -30.89
C PRO AA 318 7.09 3.41 -30.94
N ALA AA 319 6.48 3.36 -32.12
CA ALA AA 319 5.07 3.65 -32.29
C ALA AA 319 4.24 2.39 -32.54
N LYS AA 320 4.64 1.27 -31.93
CA LYS AA 320 3.86 0.04 -31.99
C LYS AA 320 3.44 -0.45 -30.62
N GLY AA 321 3.69 0.32 -29.57
CA GLY AA 321 3.35 -0.06 -28.22
C GLY AA 321 1.95 0.37 -27.83
N GLY AA 322 1.72 0.40 -26.52
CA GLY AA 322 0.45 0.81 -26.00
C GLY AA 322 0.64 1.62 -24.73
N LEU AA 323 -0.43 2.33 -24.37
CA LEU AA 323 -0.39 3.16 -23.16
C LEU AA 323 -0.24 2.31 -21.91
N PHE AA 324 -0.87 1.13 -21.88
CA PHE AA 324 -0.84 0.26 -20.72
C PHE AA 324 -0.13 -1.06 -21.01
N ARG AA 325 0.62 -1.13 -22.10
CA ARG AA 325 1.59 -2.20 -22.32
C ARG AA 325 2.89 -1.74 -21.68
N THR AA 326 3.14 -2.20 -20.47
CA THR AA 326 4.15 -1.60 -19.61
C THR AA 326 5.47 -2.37 -19.64
N GLY AA 327 6.56 -1.63 -19.46
CA GLY AA 327 7.85 -2.25 -19.25
C GLY AA 327 8.74 -2.31 -20.47
N ALA AA 328 9.57 -3.35 -20.52
CA ALA AA 328 10.55 -3.51 -21.59
C ALA AA 328 9.91 -4.15 -22.81
N MET AA 329 10.49 -3.87 -23.98
CA MET AA 329 10.07 -4.54 -25.20
C MET AA 329 10.37 -6.03 -25.15
N ASN AA 330 11.38 -6.43 -24.37
CA ASN AA 330 11.65 -7.84 -24.17
C ASN AA 330 10.48 -8.53 -23.47
N SER AA 331 9.85 -7.84 -22.52
CA SER AA 331 8.63 -8.37 -21.93
C SER AA 331 7.46 -8.37 -22.89
N GLY AA 332 7.60 -7.71 -24.04
CA GLY AA 332 6.55 -7.69 -25.03
C GLY AA 332 6.65 -8.80 -26.05
N ASP AA 333 7.80 -8.92 -26.71
CA ASP AA 333 7.93 -9.94 -27.75
C ASP AA 333 9.03 -10.97 -27.48
N GLY AA 334 9.75 -10.87 -26.38
CA GLY AA 334 10.83 -11.76 -26.07
C GLY AA 334 12.18 -11.10 -26.27
N ILE AA 335 13.21 -11.73 -25.71
CA ILE AA 335 14.59 -11.33 -25.97
C ILE AA 335 15.03 -11.94 -27.28
N ALA AA 336 15.54 -11.12 -28.19
CA ALA AA 336 15.98 -11.63 -29.48
C ALA AA 336 17.18 -12.56 -29.31
N VAL AA 337 17.08 -13.76 -29.87
CA VAL AA 337 18.13 -14.75 -29.77
C VAL AA 337 19.01 -14.78 -31.02
N GLY AA 338 18.39 -14.73 -32.19
CA GLY AA 338 19.15 -14.72 -33.42
C GLY AA 338 18.36 -14.31 -34.63
N TRP AA 339 19.06 -13.78 -35.63
CA TRP AA 339 18.46 -13.44 -36.91
C TRP AA 339 18.30 -14.71 -37.74
N LEU AA 340 17.06 -15.04 -38.08
CA LEU AA 340 16.80 -16.26 -38.85
C LEU AA 340 17.28 -16.15 -40.29
N GLY AA 341 17.63 -14.97 -40.76
CA GLY AA 341 18.04 -14.78 -42.13
C GLY AA 341 16.96 -14.14 -42.97
N HIS AA 342 17.37 -13.61 -44.12
CA HIS AA 342 16.44 -12.97 -45.03
C HIS AA 342 15.53 -14.02 -45.67
N ALA AA 343 14.24 -13.73 -45.73
CA ALA AA 343 13.25 -14.60 -46.34
C ALA AA 343 12.91 -14.07 -47.73
N SER AA 344 13.18 -14.87 -48.75
CA SER AA 344 12.86 -14.53 -50.13
C SER AA 344 11.80 -15.49 -50.63
N PHE AA 345 10.70 -14.95 -51.15
CA PHE AA 345 9.56 -15.75 -51.57
C PHE AA 345 9.52 -15.82 -53.09
N LYS AA 346 9.14 -16.98 -53.62
CA LYS AA 346 8.94 -17.13 -55.05
C LYS AA 346 7.71 -17.97 -55.31
N ASP AA 347 7.08 -17.75 -56.46
CA ASP AA 347 5.89 -18.49 -56.84
C ASP AA 347 6.30 -19.71 -57.67
N GLN AA 348 5.32 -20.40 -58.24
CA GLN AA 348 5.60 -21.67 -58.90
C GLN AA 348 6.32 -21.47 -60.24
N GLU AA 349 6.19 -20.30 -60.85
CA GLU AA 349 6.82 -20.09 -62.15
C GLU AA 349 8.20 -19.45 -62.04
N GLY AA 350 8.43 -18.63 -61.02
CA GLY AA 350 9.79 -18.17 -60.77
C GLY AA 350 9.98 -16.73 -60.35
N ARG AA 351 8.94 -15.89 -60.43
CA ARG AA 351 9.12 -14.49 -60.06
C ARG AA 351 9.26 -14.36 -58.54
N GLU AA 352 9.99 -13.34 -58.13
CA GLU AA 352 10.16 -13.07 -56.71
C GLU AA 352 8.97 -12.27 -56.18
N LEU AA 353 8.50 -12.65 -55.00
CA LEU AA 353 7.42 -11.97 -54.32
C LEU AA 353 7.94 -11.38 -53.02
N PHE AA 354 7.33 -10.29 -52.60
CA PHE AA 354 7.73 -9.57 -51.40
C PHE AA 354 6.51 -9.36 -50.52
N VAL AA 355 6.68 -9.60 -49.22
CA VAL AA 355 5.59 -9.36 -48.29
C VAL AA 355 5.41 -7.87 -48.11
N ARG AA 356 4.18 -7.40 -48.27
CA ARG AA 356 3.85 -6.02 -47.95
C ARG AA 356 4.04 -5.78 -46.46
N ARG AA 357 4.94 -4.88 -46.11
CA ARG AA 357 5.26 -4.65 -44.72
C ARG AA 357 4.11 -3.95 -44.00
N MET AA 358 3.97 -4.25 -42.72
CA MET AA 358 2.92 -3.66 -41.93
C MET AA 358 3.20 -2.18 -41.68
N PRO AA 359 2.28 -1.28 -42.02
CA PRO AA 359 2.46 0.13 -41.67
C PRO AA 359 2.28 0.36 -40.18
N THR AA 360 2.69 1.54 -39.74
CA THR AA 360 2.74 1.84 -38.31
C THR AA 360 1.35 1.93 -37.69
N PHE AA 361 0.35 2.39 -38.44
CA PHE AA 361 -1.00 2.56 -37.90
C PHE AA 361 -1.66 1.25 -37.51
N PHE AA 362 -1.38 0.18 -38.24
CA PHE AA 362 -2.20 -1.03 -38.20
C PHE AA 362 -1.78 -1.93 -37.06
N GLU AA 363 -2.71 -2.19 -36.13
CA GLU AA 363 -2.49 -3.24 -35.14
C GLU AA 363 -2.37 -4.58 -35.82
N THR AA 364 -3.25 -4.87 -36.78
CA THR AA 364 -3.19 -6.07 -37.59
C THR AA 364 -3.19 -5.67 -39.06
N PHE AA 365 -2.50 -6.47 -39.88
CA PHE AA 365 -2.36 -6.17 -41.28
C PHE AA 365 -2.49 -7.46 -42.09
N PRO AA 366 -3.22 -7.41 -43.21
CA PRO AA 366 -3.35 -8.62 -44.04
C PRO AA 366 -2.05 -8.97 -44.74
N VAL AA 367 -1.81 -10.28 -44.87
CA VAL AA 367 -0.57 -10.78 -45.46
C VAL AA 367 -0.72 -10.80 -46.97
N VAL AA 368 0.10 -10.02 -47.66
CA VAL AA 368 0.03 -9.83 -49.11
C VAL AA 368 1.42 -9.98 -49.70
N LEU AA 369 1.54 -10.80 -50.74
CA LEU AA 369 2.78 -11.01 -51.48
C LEU AA 369 2.63 -10.38 -52.86
N ILE AA 370 3.44 -9.35 -53.10
CA ILE AA 370 3.37 -8.54 -54.31
C ILE AA 370 4.62 -8.81 -55.15
N ASP AA 371 4.46 -8.76 -56.48
CA ASP AA 371 5.56 -9.08 -57.37
C ASP AA 371 6.44 -7.85 -57.59
N LYS AA 372 7.35 -7.93 -58.56
CA LYS AA 372 8.29 -6.85 -58.81
C LYS AA 372 7.59 -5.61 -59.33
N ASP AA 373 6.56 -5.78 -60.15
CA ASP AA 373 5.91 -4.66 -60.83
C ASP AA 373 4.76 -4.06 -60.04
N GLY AA 374 4.51 -4.53 -58.82
CA GLY AA 374 3.45 -3.97 -58.01
C GLY AA 374 2.11 -4.67 -58.13
N VAL AA 375 2.07 -5.88 -58.67
CA VAL AA 375 0.84 -6.64 -58.81
C VAL AA 375 0.78 -7.67 -57.69
N VAL AA 376 -0.34 -7.70 -56.97
CA VAL AA 376 -0.52 -8.67 -55.91
C VAL AA 376 -0.64 -10.06 -56.53
N ARG AA 377 0.30 -10.94 -56.18
CA ARG AA 377 0.30 -12.29 -56.71
C ARG AA 377 -0.15 -13.33 -55.70
N ALA AA 378 0.10 -13.13 -54.41
CA ALA AA 378 -0.33 -14.11 -53.42
C ALA AA 378 -0.86 -13.38 -52.19
N ASP AA 379 -1.63 -14.11 -51.40
CA ASP AA 379 -2.10 -13.59 -50.12
C ASP AA 379 -2.48 -14.76 -49.22
N VAL AA 380 -2.67 -14.45 -47.94
CA VAL AA 380 -3.29 -15.38 -47.00
C VAL AA 380 -4.77 -15.01 -46.92
N PRO AA 381 -5.67 -15.80 -47.50
CA PRO AA 381 -7.07 -15.34 -47.62
C PRO AA 381 -7.79 -15.35 -46.29
N PHE AA 382 -8.62 -14.33 -46.10
CA PHE AA 382 -9.65 -14.44 -45.07
C PHE AA 382 -10.77 -15.35 -45.54
N ARG AA 383 -11.09 -15.29 -46.83
CA ARG AA 383 -12.12 -16.12 -47.44
C ARG AA 383 -11.41 -17.17 -48.29
N LYS AA 384 -11.28 -18.38 -47.75
CA LYS AA 384 -10.60 -19.47 -48.44
C LYS AA 384 -11.58 -20.44 -49.08
N ALA AA 385 -12.76 -19.96 -49.47
CA ALA AA 385 -13.76 -20.78 -50.13
C ALA AA 385 -13.66 -20.69 -51.65
N GLU AA 386 -13.50 -19.48 -52.17
CA GLU AA 386 -13.32 -19.25 -53.60
C GLU AA 386 -12.12 -18.34 -53.83
N SER AA 387 -11.07 -18.52 -53.04
CA SER AA 387 -9.86 -17.73 -53.17
C SER AA 387 -9.13 -18.05 -54.46
N LYS AA 388 -8.39 -17.07 -54.97
CA LYS AA 388 -7.64 -17.25 -56.21
C LYS AA 388 -6.21 -16.72 -56.10
N TYR AA 389 -5.77 -16.30 -54.92
CA TYR AA 389 -4.37 -15.92 -54.70
C TYR AA 389 -3.76 -16.61 -53.49
N SER AA 390 -4.36 -17.71 -53.03
CA SER AA 390 -3.83 -18.36 -51.84
C SER AA 390 -2.46 -18.96 -52.14
N ILE AA 391 -1.63 -19.03 -51.09
CA ILE AA 391 -0.26 -19.55 -51.23
C ILE AA 391 -0.28 -20.98 -51.74
N GLU AA 392 -1.30 -21.75 -51.35
CA GLU AA 392 -1.40 -23.15 -51.79
C GLU AA 392 -1.54 -23.26 -53.30
N GLN AA 393 -2.37 -22.42 -53.92
CA GLN AA 393 -2.57 -22.51 -55.35
C GLN AA 393 -1.52 -21.74 -56.15
N VAL AA 394 -0.98 -20.66 -55.59
CA VAL AA 394 0.08 -19.95 -56.29
C VAL AA 394 1.38 -20.75 -56.26
N GLY AA 395 1.56 -21.58 -55.23
CA GLY AA 395 2.77 -22.38 -55.13
C GLY AA 395 3.96 -21.55 -54.71
N VAL AA 396 3.91 -20.99 -53.51
CA VAL AA 396 4.92 -20.08 -53.02
C VAL AA 396 5.86 -20.84 -52.09
N SER AA 397 7.15 -20.76 -52.36
CA SER AA 397 8.19 -21.27 -51.48
C SER AA 397 9.01 -20.10 -50.93
N VAL AA 398 9.65 -20.35 -49.80
CA VAL AA 398 10.48 -19.35 -49.13
C VAL AA 398 11.88 -19.91 -48.92
N THR AA 399 12.89 -19.09 -49.21
CA THR AA 399 14.28 -19.46 -49.05
C THR AA 399 14.97 -18.45 -48.14
N PHE AA 400 15.79 -18.94 -47.22
CA PHE AA 400 16.42 -18.08 -46.23
C PHE AA 400 17.91 -17.92 -46.53
N TYR AA 401 18.41 -16.71 -46.33
CA TYR AA 401 19.78 -16.35 -46.62
C TYR AA 401 20.38 -15.60 -45.45
N GLY AA 402 21.39 -16.18 -44.82
CA GLY AA 402 22.24 -15.45 -43.89
C GLY AA 402 21.95 -15.56 -42.41
N GLY AA 403 21.09 -16.48 -42.00
CA GLY AA 403 20.82 -16.63 -40.58
C GLY AA 403 21.07 -18.03 -40.08
N GLU AA 404 20.44 -18.41 -38.96
CA GLU AA 404 20.45 -19.81 -38.56
C GLU AA 404 19.73 -20.66 -39.60
N LEU AA 405 18.76 -20.08 -40.28
CA LEU AA 405 18.17 -20.67 -41.48
C LEU AA 405 18.91 -20.03 -42.66
N ASN AA 406 19.75 -20.81 -43.34
CA ASN AA 406 20.52 -20.31 -44.47
C ASN AA 406 20.59 -21.41 -45.52
N GLY AA 407 20.05 -21.13 -46.69
CA GLY AA 407 19.98 -22.12 -47.75
C GLY AA 407 18.83 -23.09 -47.61
N LEU AA 408 18.15 -23.11 -46.47
CA LEU AA 408 17.04 -24.01 -46.24
C LEU AA 408 15.79 -23.44 -46.91
N THR AA 409 15.17 -24.23 -47.78
CA THR AA 409 13.99 -23.83 -48.52
C THR AA 409 12.77 -24.55 -47.97
N PHE AA 410 11.68 -23.82 -47.80
CA PHE AA 410 10.42 -24.35 -47.31
C PHE AA 410 9.37 -24.18 -48.40
N THR AA 411 8.80 -25.29 -48.85
CA THR AA 411 7.71 -25.27 -49.82
C THR AA 411 6.38 -25.65 -49.20
N ASP AA 412 6.36 -25.96 -47.91
CA ASP AA 412 5.14 -26.45 -47.26
C ASP AA 412 4.20 -25.29 -46.95
N PRO AA 413 2.92 -25.41 -47.29
CA PRO AA 413 1.94 -24.42 -46.80
C PRO AA 413 1.89 -24.42 -45.28
N SER AA 414 1.56 -23.25 -44.75
CA SER AA 414 1.50 -22.85 -43.34
C SER AA 414 2.87 -22.65 -42.72
N THR AA 415 3.93 -23.19 -43.31
CA THR AA 415 5.24 -22.71 -42.89
C THR AA 415 5.71 -21.58 -43.80
N VAL AA 416 5.33 -21.62 -45.08
CA VAL AA 416 5.43 -20.42 -45.90
C VAL AA 416 4.55 -19.32 -45.30
N LYS AA 417 3.40 -19.70 -44.75
CA LYS AA 417 2.50 -18.70 -44.16
C LYS AA 417 3.06 -18.12 -42.86
N LYS AA 418 3.64 -18.96 -41.99
CA LYS AA 418 4.22 -18.42 -40.76
C LYS AA 418 5.40 -17.51 -41.08
N TYR AA 419 6.24 -17.88 -42.06
CA TYR AA 419 7.36 -17.00 -42.35
C TYR AA 419 6.94 -15.76 -43.13
N ALA AA 420 5.83 -15.82 -43.88
CA ALA AA 420 5.30 -14.62 -44.50
C ALA AA 420 4.74 -13.67 -43.47
N ARG AA 421 4.04 -14.20 -42.47
CA ARG AA 421 3.52 -13.36 -41.39
C ARG AA 421 4.65 -12.76 -40.57
N LYS AA 422 5.75 -13.49 -40.40
CA LYS AA 422 6.90 -12.91 -39.72
C LYS AA 422 7.64 -11.90 -40.60
N ALA AA 423 7.62 -12.09 -41.92
CA ALA AA 423 8.22 -11.14 -42.84
C ALA AA 423 7.38 -9.88 -42.99
N GLN AA 424 6.11 -9.93 -42.60
CA GLN AA 424 5.29 -8.72 -42.53
C GLN AA 424 5.90 -7.69 -41.59
N LEU AA 425 6.56 -8.15 -40.53
CA LEU AA 425 7.11 -7.28 -39.50
C LEU AA 425 8.53 -6.82 -39.80
N GLY AA 426 9.07 -7.17 -40.95
CA GLY AA 426 10.43 -6.81 -41.30
C GLY AA 426 11.34 -8.03 -41.32
N GLU AA 427 12.55 -7.89 -40.79
CA GLU AA 427 13.44 -9.04 -40.67
C GLU AA 427 12.94 -9.98 -39.59
N ILE AA 428 13.18 -11.28 -39.81
CA ILE AA 428 12.62 -12.33 -38.96
C ILE AA 428 13.66 -12.76 -37.94
N PHE AA 429 13.25 -12.81 -36.68
CA PHE AA 429 14.11 -13.19 -35.57
C PHE AA 429 13.42 -14.26 -34.75
N GLU AA 430 14.23 -15.02 -34.01
CA GLU AA 430 13.71 -15.92 -32.99
C GLU AA 430 13.79 -15.23 -31.63
N PHE AA 431 12.79 -15.49 -30.79
CA PHE AA 431 12.64 -14.75 -29.55
C PHE AA 431 12.47 -15.71 -28.39
N ASP AA 432 13.32 -15.55 -27.38
CA ASP AA 432 13.14 -16.23 -26.10
C ASP AA 432 12.03 -15.53 -25.32
N ARG AA 433 10.95 -16.24 -25.07
CA ARG AA 433 9.80 -15.67 -24.38
C ARG AA 433 9.52 -16.30 -23.03
N SER AA 434 10.21 -17.38 -22.68
CA SER AA 434 10.00 -18.03 -21.40
C SER AA 434 10.83 -17.40 -20.27
N THR AA 435 11.80 -16.55 -20.60
CA THR AA 435 12.61 -15.93 -19.56
C THR AA 435 11.82 -14.86 -18.81
N LEU AA 436 11.12 -14.00 -19.54
CA LEU AA 436 10.38 -12.91 -18.94
C LEU AA 436 8.87 -13.07 -19.06
N GLN AA 437 8.40 -14.21 -19.56
CA GLN AA 437 6.98 -14.48 -19.80
C GLN AA 437 6.36 -13.40 -20.68
N SER AA 438 6.91 -13.27 -21.88
CA SER AA 438 6.41 -12.29 -22.83
C SER AA 438 5.00 -12.64 -23.29
N ASP AA 439 4.16 -11.62 -23.43
CA ASP AA 439 2.76 -11.80 -23.77
C ASP AA 439 2.49 -11.79 -25.26
N GLY AA 440 3.43 -11.32 -26.08
CA GLY AA 440 3.28 -11.34 -27.51
C GLY AA 440 2.85 -10.04 -28.15
N VAL AA 441 2.53 -9.02 -27.37
CA VAL AA 441 2.15 -7.72 -27.90
C VAL AA 441 3.35 -6.78 -27.82
N PHE AA 442 3.43 -5.86 -28.77
CA PHE AA 442 4.59 -4.99 -28.85
C PHE AA 442 4.55 -3.91 -27.77
N ARG AA 443 5.72 -3.58 -27.24
CA ARG AA 443 5.87 -2.49 -26.30
C ARG AA 443 6.44 -1.28 -27.01
N SER AA 444 6.42 -0.15 -26.32
CA SER AA 444 7.06 1.05 -26.82
C SER AA 444 8.49 1.13 -26.32
N SER AA 445 9.27 1.98 -26.96
CA SER AA 445 10.67 2.16 -26.63
C SER AA 445 10.83 3.32 -25.67
N PRO AA 446 12.01 3.47 -25.05
CA PRO AA 446 12.26 4.67 -24.23
C PRO AA 446 12.09 5.96 -25.00
N ARG AA 447 12.36 5.97 -26.30
CA ARG AA 447 12.09 7.15 -27.13
C ARG AA 447 10.62 7.53 -27.08
N GLY AA 448 9.75 6.55 -27.31
CA GLY AA 448 8.32 6.82 -27.27
C GLY AA 448 7.82 7.22 -25.89
N TRP AA 449 8.32 6.55 -24.85
CA TRP AA 449 7.88 6.89 -23.50
C TRP AA 449 8.34 8.30 -23.11
N PHE AA 450 9.57 8.67 -23.47
CA PHE AA 450 10.06 10.01 -23.22
C PHE AA 450 9.19 11.04 -23.93
N THR AA 451 8.89 10.80 -25.20
CA THR AA 451 8.09 11.74 -25.97
C THR AA 451 6.71 11.91 -25.36
N PHE AA 452 6.09 10.80 -24.94
CA PHE AA 452 4.76 10.86 -24.35
C PHE AA 452 4.77 11.67 -23.06
N GLY AA 453 5.69 11.34 -22.15
CA GLY AA 453 5.76 12.05 -20.89
C GLY AA 453 5.99 13.54 -21.07
N HIS AA 454 6.89 13.90 -21.98
CA HIS AA 454 7.26 15.30 -22.08
C HIS AA 454 6.25 16.11 -22.88
N LEU AA 455 5.55 15.51 -23.85
CA LEU AA 455 4.46 16.22 -24.49
C LEU AA 455 3.31 16.47 -23.52
N SER AA 456 2.99 15.47 -22.68
CA SER AA 456 1.94 15.67 -21.69
C SER AA 456 2.33 16.75 -20.68
N PHE AA 457 3.58 16.72 -20.22
CA PHE AA 457 4.06 17.75 -19.32
C PHE AA 457 4.06 19.12 -19.99
N ALA AA 458 4.35 19.16 -21.29
CA ALA AA 458 4.36 20.44 -22.00
C ALA AA 458 2.98 21.07 -22.06
N LEU AA 459 1.93 20.27 -22.35
CA LEU AA 459 0.59 20.86 -22.33
C LEU AA 459 0.15 21.29 -20.93
N LEU AA 460 0.41 20.43 -19.92
CA LEU AA 460 0.05 20.80 -18.56
C LEU AA 460 0.77 22.06 -18.12
N PHE AA 461 2.02 22.23 -18.54
CA PHE AA 461 2.75 23.44 -18.20
C PHE AA 461 2.31 24.64 -19.02
N PHE AA 462 1.75 24.42 -20.21
CA PHE AA 462 1.09 25.54 -20.89
C PHE AA 462 -0.08 26.06 -20.06
N PHE AA 463 -0.88 25.14 -19.51
CA PHE AA 463 -1.97 25.58 -18.63
C PHE AA 463 -1.42 26.29 -17.39
N GLY AA 464 -0.36 25.75 -16.80
CA GLY AA 464 0.22 26.40 -15.63
C GLY AA 464 0.74 27.79 -15.92
N HIS AA 465 1.35 27.98 -17.09
CA HIS AA 465 1.83 29.29 -17.48
C HIS AA 465 0.67 30.26 -17.67
N ILE AA 466 -0.41 29.80 -18.29
CA ILE AA 466 -1.60 30.64 -18.42
C ILE AA 466 -2.11 31.05 -17.05
N TRP AA 467 -2.22 30.07 -16.14
CA TRP AA 467 -2.75 30.35 -14.81
C TRP AA 467 -1.90 31.35 -14.06
N HIS AA 468 -0.58 31.21 -14.13
CA HIS AA 468 0.29 32.11 -13.36
C HIS AA 468 0.47 33.47 -14.00
N GLY AA 469 0.50 33.56 -15.33
CA GLY AA 469 0.49 34.87 -15.96
C GLY AA 469 -0.79 35.63 -15.64
N SER AA 470 -1.93 34.93 -15.67
CA SER AA 470 -3.19 35.55 -15.29
C SER AA 470 -3.19 35.96 -13.82
N ARG AA 471 -2.60 35.11 -12.95
CA ARG AA 471 -2.53 35.44 -11.54
C ARG AA 471 -1.68 36.68 -11.30
N THR AA 472 -0.58 36.83 -12.02
CA THR AA 472 0.27 38.00 -11.86
C THR AA 472 -0.41 39.26 -12.37
N ILE AA 473 -0.98 39.21 -13.57
CA ILE AA 473 -1.59 40.39 -14.16
C ILE AA 473 -2.82 40.81 -13.36
N PHE AA 474 -3.57 39.85 -12.84
CA PHE AA 474 -4.84 40.10 -12.18
C PHE AA 474 -4.75 39.84 -10.68
N ARG AA 475 -3.63 40.22 -10.06
CA ARG AA 475 -3.43 39.95 -8.64
C ARG AA 475 -4.41 40.73 -7.78
N ASP AA 476 -4.60 42.01 -8.09
CA ASP AA 476 -5.44 42.89 -7.27
C ASP AA 476 -6.91 42.48 -7.27
N VAL AA 477 -7.34 41.63 -8.19
CA VAL AA 477 -8.70 41.12 -8.20
C VAL AA 477 -8.74 39.62 -7.94
N PHE AA 478 -7.69 39.07 -7.32
CA PHE AA 478 -7.68 37.62 -7.08
C PHE AA 478 -8.73 37.21 -6.06
N ALA AA 479 -8.96 38.04 -5.05
CA ALA AA 479 -9.98 37.77 -4.05
C ALA AA 479 -11.36 38.31 -4.46
N GLY AA 480 -11.47 38.95 -5.62
CA GLY AA 480 -12.73 39.47 -6.10
C GLY AA 480 -12.59 40.89 -6.61
N ILE AA 481 -13.64 41.32 -7.30
CA ILE AA 481 -13.70 42.67 -7.88
C ILE AA 481 -14.25 43.64 -6.85
N ASP AA 482 -14.14 44.94 -7.14
CA ASP AA 482 -14.69 45.96 -6.26
C ASP AA 482 -16.21 46.00 -6.36
N GLU AA 483 -16.83 46.59 -5.33
CA GLU AA 483 -18.29 46.65 -5.25
C GLU AA 483 -18.88 47.58 -6.30
N ASP AA 484 -18.09 48.52 -6.83
CA ASP AA 484 -18.51 49.64 -7.68
C ASP AA 484 -19.61 49.36 -8.71
N SER BA 1 -39.87 26.47 -68.96
CA SER BA 1 -41.06 25.74 -69.40
C SER BA 1 -42.32 26.40 -68.88
N LEU BA 2 -43.46 26.08 -69.51
CA LEU BA 2 -44.73 26.67 -69.09
C LEU BA 2 -45.14 26.18 -67.71
N THR BA 3 -44.86 24.91 -67.40
CA THR BA 3 -45.18 24.38 -66.09
C THR BA 3 -44.37 25.06 -65.00
N LEU BA 4 -43.06 25.22 -65.22
CA LEU BA 4 -42.21 25.89 -64.24
C LEU BA 4 -42.60 27.35 -64.09
N ILE BA 5 -42.93 28.01 -65.20
CA ILE BA 5 -43.34 29.42 -65.14
C ILE BA 5 -44.62 29.57 -64.35
N LEU BA 6 -45.60 28.70 -64.58
CA LEU BA 6 -46.86 28.78 -63.86
C LEU BA 6 -46.69 28.43 -62.38
N GLN BA 7 -45.81 27.45 -62.08
CA GLN BA 7 -45.51 27.14 -60.68
C GLN BA 7 -44.84 28.32 -59.99
N LEU BA 8 -43.93 29.00 -60.67
CA LEU BA 8 -43.28 30.18 -60.10
C LEU BA 8 -44.27 31.32 -59.90
N VAL BA 9 -45.20 31.51 -60.84
CA VAL BA 9 -46.21 32.55 -60.71
C VAL BA 9 -47.10 32.27 -59.51
N ALA BA 10 -47.56 31.02 -59.38
CA ALA BA 10 -48.40 30.65 -58.24
C ALA BA 10 -47.63 30.78 -56.92
N LEU BA 11 -46.36 30.38 -56.91
CA LEU BA 11 -45.53 30.49 -55.72
C LEU BA 11 -45.36 31.94 -55.30
N PHE BA 12 -45.05 32.81 -56.27
CA PHE BA 12 -44.88 34.23 -55.95
C PHE BA 12 -46.19 34.85 -55.48
N ALA BA 13 -47.31 34.46 -56.09
CA ALA BA 13 -48.60 34.99 -55.67
C ALA BA 13 -48.93 34.59 -54.23
N VAL BA 14 -48.77 33.31 -53.90
CA VAL BA 14 -49.12 32.87 -52.55
C VAL BA 14 -48.14 33.43 -51.53
N VAL BA 15 -46.86 33.56 -51.89
CA VAL BA 15 -45.88 34.12 -50.97
C VAL BA 15 -46.16 35.61 -50.73
N ALA BA 16 -46.55 36.33 -51.77
CA ALA BA 16 -46.81 37.76 -51.63
C ALA BA 16 -48.18 38.07 -51.04
N ALA BA 17 -49.10 37.11 -51.00
CA ALA BA 17 -50.47 37.38 -50.57
C ALA BA 17 -50.53 37.88 -49.13
N GLY BA 18 -50.05 37.09 -48.18
CA GLY BA 18 -50.10 37.43 -46.78
C GLY BA 18 -49.35 38.70 -46.39
N PRO BA 19 -48.10 38.83 -46.84
CA PRO BA 19 -47.40 40.11 -46.66
C PRO BA 19 -48.12 41.30 -47.28
N LEU BA 20 -48.77 41.11 -48.44
CA LEU BA 20 -49.55 42.21 -49.01
C LEU BA 20 -50.74 42.55 -48.12
N VAL BA 21 -51.36 41.56 -47.51
CA VAL BA 21 -52.47 41.82 -46.58
C VAL BA 21 -51.97 42.63 -45.39
N VAL BA 22 -50.82 42.26 -44.85
CA VAL BA 22 -50.28 42.98 -43.69
C VAL BA 22 -49.88 44.41 -44.09
N VAL BA 23 -49.26 44.57 -45.27
CA VAL BA 23 -48.85 45.90 -45.73
C VAL BA 23 -50.08 46.78 -45.97
N LEU BA 24 -51.12 46.21 -46.59
CA LEU BA 24 -52.34 46.97 -46.85
C LEU BA 24 -53.04 47.36 -45.55
N LEU BA 25 -53.01 46.48 -44.54
CA LEU BA 25 -53.61 46.85 -43.27
C LEU BA 25 -52.75 47.86 -42.51
N SER BA 26 -51.45 47.87 -42.76
CA SER BA 26 -50.59 48.87 -42.14
C SER BA 26 -50.81 50.25 -42.75
N VAL BA 27 -50.89 50.33 -44.08
CA VAL BA 27 -51.05 51.63 -44.72
C VAL BA 27 -52.51 52.08 -44.74
N ARG BA 28 -53.46 51.15 -44.62
CA ARG BA 28 -54.89 51.45 -44.66
C ARG BA 28 -55.43 51.28 -43.24
N GLY BA 29 -55.31 52.35 -42.45
CA GLY BA 29 -55.82 52.32 -41.10
C GLY BA 29 -54.94 51.54 -40.14
N GLY BA 30 -55.38 50.35 -39.75
CA GLY BA 30 -54.67 49.58 -38.75
C GLY BA 30 -55.44 48.39 -38.22
N ASN BA 31 -55.55 48.30 -36.89
CA ASN BA 31 -56.22 47.21 -36.17
C ASN BA 31 -55.58 45.86 -36.43
N LEU BA 32 -54.34 45.85 -36.89
CA LEU BA 32 -53.59 44.62 -37.05
C LEU BA 32 -52.84 44.33 -35.76
N GLY CA 1 -55.69 42.88 -31.60
CA GLY CA 1 -54.82 42.11 -30.74
C GLY CA 1 -54.54 42.81 -29.42
N ARG CA 2 -53.73 42.18 -28.57
CA ARG CA 2 -53.42 42.70 -27.25
C ARG CA 2 -51.91 42.74 -27.06
N ASP CA 3 -51.48 43.59 -26.14
CA ASP CA 3 -50.08 43.77 -25.80
C ASP CA 3 -49.72 42.99 -24.53
N GLN CA 4 -48.44 43.02 -24.17
CA GLN CA 4 -47.98 42.39 -22.95
C GLN CA 4 -48.41 43.15 -21.71
N GLU CA 5 -48.53 44.48 -21.81
CA GLU CA 5 -48.84 45.30 -20.64
C GLU CA 5 -50.23 45.00 -20.10
N THR CA 6 -51.21 44.77 -20.98
CA THR CA 6 -52.57 44.50 -20.53
C THR CA 6 -52.82 43.02 -20.27
N THR CA 7 -51.95 42.13 -20.73
CA THR CA 7 -52.16 40.70 -20.57
C THR CA 7 -51.11 40.01 -19.72
N GLY CA 8 -49.91 40.55 -19.62
CA GLY CA 8 -48.84 39.85 -18.91
C GLY CA 8 -48.19 38.74 -19.70
N PHE CA 9 -48.51 38.62 -20.99
CA PHE CA 9 -47.95 37.58 -21.83
C PHE CA 9 -47.15 38.21 -22.96
N ALA CA 10 -45.94 37.72 -23.18
CA ALA CA 10 -45.14 38.17 -24.29
C ALA CA 10 -45.69 37.63 -25.60
N TRP CA 11 -45.18 38.17 -26.71
CA TRP CA 11 -45.71 37.81 -28.02
C TRP CA 11 -45.52 36.33 -28.32
N TRP CA 12 -44.41 35.74 -27.86
CA TRP CA 12 -44.17 34.32 -28.09
C TRP CA 12 -45.09 33.43 -27.25
N ALA CA 13 -45.83 34.01 -26.31
CA ALA CA 13 -46.91 33.30 -25.63
C ALA CA 13 -48.25 33.98 -25.90
N GLY CA 14 -48.36 34.64 -27.05
CA GLY CA 14 -49.51 35.50 -27.30
C GLY CA 14 -50.83 34.76 -27.39
N ASN CA 15 -50.80 33.49 -27.77
CA ASN CA 15 -52.02 32.69 -27.79
C ASN CA 15 -52.59 32.52 -26.40
N ALA CA 16 -51.74 32.52 -25.37
CA ALA CA 16 -52.24 32.50 -24.00
C ALA CA 16 -53.11 33.71 -23.70
N ARG CA 17 -52.87 34.82 -24.41
CA ARG CA 17 -53.69 36.03 -24.26
C ARG CA 17 -55.16 35.77 -24.53
N LEU CA 18 -55.49 34.75 -25.32
CA LEU CA 18 -56.88 34.43 -25.62
C LEU CA 18 -57.35 33.17 -24.91
N ILE CA 19 -56.77 32.89 -23.74
CA ILE CA 19 -57.29 31.81 -22.89
C ILE CA 19 -58.72 32.12 -22.44
N ASN CA 20 -58.97 33.37 -22.02
CA ASN CA 20 -60.27 33.75 -21.49
C ASN CA 20 -61.11 34.55 -22.49
N LEU CA 21 -60.79 34.47 -23.77
CA LEU CA 21 -61.58 35.11 -24.82
C LEU CA 21 -62.24 34.00 -25.63
N SER CA 22 -63.51 33.74 -25.36
CA SER CA 22 -64.19 32.60 -25.96
C SER CA 22 -64.33 32.74 -27.46
N GLY CA 23 -64.73 33.92 -27.94
CA GLY CA 23 -64.92 34.11 -29.37
C GLY CA 23 -63.63 34.03 -30.16
N LYS CA 24 -62.58 34.67 -29.67
CA LYS CA 24 -61.29 34.64 -30.37
C LYS CA 24 -60.66 33.26 -30.29
N LEU CA 25 -60.83 32.56 -29.16
CA LEU CA 25 -60.36 31.19 -29.06
C LEU CA 25 -61.09 30.28 -30.05
N LEU CA 26 -62.39 30.48 -30.19
CA LEU CA 26 -63.17 29.74 -31.18
C LEU CA 26 -62.69 30.06 -32.59
N GLY CA 27 -62.36 31.32 -32.86
CA GLY CA 27 -61.84 31.68 -34.17
C GLY CA 27 -60.51 31.04 -34.48
N ALA CA 28 -59.61 31.02 -33.50
CA ALA CA 28 -58.34 30.32 -33.67
C ALA CA 28 -58.56 28.86 -33.96
N HIS CA 29 -59.49 28.23 -33.23
CA HIS CA 29 -59.79 26.82 -33.44
C HIS CA 29 -60.34 26.54 -34.82
N VAL CA 30 -61.29 27.35 -35.28
CA VAL CA 30 -61.93 27.10 -36.56
C VAL CA 30 -60.97 27.35 -37.70
N ALA CA 31 -60.14 28.40 -37.59
CA ALA CA 31 -59.09 28.63 -38.58
C ALA CA 31 -58.10 27.48 -38.62
N HIS CA 32 -57.76 26.92 -37.45
CA HIS CA 32 -56.86 25.79 -37.40
C HIS CA 32 -57.46 24.55 -38.04
N ALA CA 33 -58.74 24.29 -37.78
CA ALA CA 33 -59.41 23.17 -38.43
C ALA CA 33 -59.44 23.35 -39.94
N GLY CA 34 -59.65 24.59 -40.38
CA GLY CA 34 -59.51 24.88 -41.81
C GLY CA 34 -58.13 24.58 -42.32
N LEU CA 35 -57.10 24.87 -41.51
CA LEU CA 35 -55.73 24.54 -41.91
C LEU CA 35 -55.53 23.04 -42.07
N ILE CA 36 -56.08 22.24 -41.15
CA ILE CA 36 -55.94 20.79 -41.23
C ILE CA 36 -56.63 20.26 -42.48
N VAL CA 37 -57.86 20.72 -42.73
CA VAL CA 37 -58.58 20.27 -43.91
C VAL CA 37 -57.91 20.79 -45.19
N PHE CA 38 -57.30 21.97 -45.13
CA PHE CA 38 -56.54 22.50 -46.25
C PHE CA 38 -55.37 21.59 -46.57
N TRP CA 39 -54.61 21.18 -45.55
CA TRP CA 39 -53.49 20.29 -45.82
C TRP CA 39 -53.98 18.97 -46.37
N ALA CA 40 -55.07 18.44 -45.84
CA ALA CA 40 -55.62 17.19 -46.36
C ALA CA 40 -55.94 17.31 -47.84
N GLY CA 41 -56.69 18.36 -48.22
CA GLY CA 41 -57.08 18.51 -49.61
C GLY CA 41 -55.91 18.81 -50.53
N ALA CA 42 -55.03 19.72 -50.12
CA ALA CA 42 -53.89 20.09 -50.94
C ALA CA 42 -52.92 18.92 -51.11
N MET CA 43 -52.63 18.20 -50.04
CA MET CA 43 -51.75 17.05 -50.13
C MET CA 43 -52.37 15.93 -50.96
N ASN CA 44 -53.68 15.75 -50.84
CA ASN CA 44 -54.35 14.74 -51.66
C ASN CA 44 -54.29 15.11 -53.14
N LEU CA 45 -54.51 16.38 -53.47
CA LEU CA 45 -54.43 16.81 -54.86
C LEU CA 45 -53.01 16.72 -55.40
N PHE CA 46 -52.02 17.05 -54.55
CA PHE CA 46 -50.62 16.87 -54.92
C PHE CA 46 -50.32 15.41 -55.21
N GLU CA 47 -50.80 14.51 -54.36
CA GLU CA 47 -50.51 13.08 -54.53
C GLU CA 47 -51.20 12.53 -55.77
N VAL CA 48 -52.43 12.96 -56.07
CA VAL CA 48 -53.07 12.46 -57.27
C VAL CA 48 -52.44 13.05 -58.52
N SER CA 49 -51.97 14.31 -58.46
CA SER CA 49 -51.30 14.89 -59.61
C SER CA 49 -49.96 14.22 -59.86
N HIS CA 50 -49.26 13.80 -58.81
CA HIS CA 50 -48.00 13.09 -58.95
C HIS CA 50 -48.17 11.58 -59.01
N PHE CA 51 -49.39 11.07 -58.92
CA PHE CA 51 -49.59 9.64 -58.94
C PHE CA 51 -49.33 9.07 -60.32
N VAL CA 52 -48.61 7.95 -60.36
CA VAL CA 52 -48.28 7.26 -61.59
C VAL CA 52 -48.91 5.87 -61.52
N PRO CA 53 -49.70 5.47 -62.51
CA PRO CA 53 -50.57 4.29 -62.31
C PRO CA 53 -49.83 2.97 -62.23
N GLU CA 54 -48.76 2.77 -63.00
CA GLU CA 54 -48.16 1.44 -63.07
C GLU CA 54 -47.39 1.09 -61.80
N LYS CA 55 -46.80 2.08 -61.13
CA LYS CA 55 -46.07 1.77 -59.91
C LYS CA 55 -47.01 1.70 -58.71
N PRO CA 56 -46.71 0.86 -57.73
CA PRO CA 56 -47.51 0.82 -56.50
C PRO CA 56 -47.34 2.09 -55.68
N MET CA 57 -48.38 2.36 -54.87
CA MET CA 57 -48.47 3.62 -54.14
C MET CA 57 -47.26 3.85 -53.24
N TYR CA 58 -46.80 2.79 -52.58
CA TYR CA 58 -45.70 2.95 -51.63
C TYR CA 58 -44.39 3.29 -52.32
N GLU CA 59 -44.26 3.05 -53.63
CA GLU CA 59 -43.07 3.48 -54.33
C GLU CA 59 -43.11 4.94 -54.72
N GLN CA 60 -44.22 5.63 -54.49
CA GLN CA 60 -44.42 6.98 -54.99
C GLN CA 60 -44.48 8.02 -53.89
N GLY CA 61 -44.16 7.65 -52.65
CA GLY CA 61 -44.16 8.59 -51.55
C GLY CA 61 -45.52 9.13 -51.18
N LEU CA 62 -46.53 8.27 -51.13
CA LEU CA 62 -47.90 8.67 -50.89
C LEU CA 62 -48.37 8.14 -49.53
N ILE CA 63 -49.03 8.99 -48.76
CA ILE CA 63 -49.53 8.60 -47.45
C ILE CA 63 -51.04 8.75 -47.30
N LEU CA 64 -51.70 9.54 -48.14
CA LEU CA 64 -53.14 9.74 -48.05
C LEU CA 64 -53.92 8.86 -49.02
N LEU CA 65 -53.41 8.71 -50.23
CA LEU CA 65 -54.00 7.76 -51.16
C LEU CA 65 -54.05 6.34 -50.62
N PRO CA 66 -53.05 5.82 -49.90
CA PRO CA 66 -53.25 4.54 -49.21
C PRO CA 66 -54.41 4.55 -48.22
N HIS CA 67 -54.66 5.67 -47.55
CA HIS CA 67 -55.79 5.73 -46.62
C HIS CA 67 -57.12 5.62 -47.35
N ILE CA 68 -57.27 6.38 -48.45
CA ILE CA 68 -58.52 6.30 -49.20
C ILE CA 68 -58.65 4.94 -49.88
N ALA CA 69 -57.54 4.36 -50.34
CA ALA CA 69 -57.59 3.04 -50.95
C ALA CA 69 -57.96 1.97 -49.93
N THR CA 70 -57.48 2.10 -48.70
CA THR CA 70 -57.89 1.19 -47.64
C THR CA 70 -59.38 1.36 -47.33
N LEU CA 71 -59.87 2.60 -47.39
CA LEU CA 71 -61.32 2.80 -47.33
C LEU CA 71 -62.03 2.12 -48.49
N GLY CA 72 -61.35 1.95 -49.62
CA GLY CA 72 -61.87 1.11 -50.67
C GLY CA 72 -62.35 1.86 -51.88
N TYR CA 73 -61.69 2.97 -52.20
CA TYR CA 73 -62.06 3.81 -53.32
C TYR CA 73 -61.02 3.64 -54.42
N GLY CA 74 -61.48 3.37 -55.63
CA GLY CA 74 -60.62 3.37 -56.79
C GLY CA 74 -59.66 2.21 -56.92
N VAL CA 75 -59.80 1.17 -56.10
CA VAL CA 75 -58.92 0.01 -56.15
C VAL CA 75 -59.74 -1.23 -56.42
N GLY CA 76 -59.06 -2.27 -56.86
CA GLY CA 76 -59.67 -3.55 -57.13
C GLY CA 76 -58.93 -4.69 -56.45
N PRO CA 77 -59.02 -5.89 -57.03
CA PRO CA 77 -58.28 -7.03 -56.47
C PRO CA 77 -56.77 -6.80 -56.52
N GLY CA 78 -56.09 -7.26 -55.47
CA GLY CA 78 -54.66 -7.10 -55.38
C GLY CA 78 -54.18 -5.69 -55.10
N GLY CA 79 -55.07 -4.79 -54.73
CA GLY CA 79 -54.69 -3.41 -54.50
C GLY CA 79 -54.42 -2.61 -55.74
N GLU CA 80 -54.79 -3.13 -56.91
CA GLU CA 80 -54.55 -2.41 -58.16
C GLU CA 80 -55.51 -1.23 -58.28
N VAL CA 81 -54.96 -0.07 -58.63
CA VAL CA 81 -55.75 1.14 -58.74
C VAL CA 81 -56.54 1.11 -60.04
N LEU CA 82 -57.85 1.31 -59.95
CA LEU CA 82 -58.72 1.36 -61.12
C LEU CA 82 -59.12 2.77 -61.53
N ASP CA 83 -59.16 3.69 -60.57
CA ASP CA 83 -59.59 5.05 -60.83
C ASP CA 83 -59.05 5.95 -59.73
N THR CA 84 -58.56 7.13 -60.12
CA THR CA 84 -58.08 8.11 -59.17
C THR CA 84 -59.05 9.27 -59.00
N PHE CA 85 -60.16 9.26 -59.72
CA PHE CA 85 -61.20 10.26 -59.53
C PHE CA 85 -61.78 10.29 -58.11
N PRO CA 86 -62.03 9.17 -57.42
CA PRO CA 86 -62.44 9.28 -56.01
C PRO CA 86 -61.43 10.01 -55.14
N TYR CA 87 -60.13 9.77 -55.37
CA TYR CA 87 -59.11 10.49 -54.64
C TYR CA 87 -59.13 11.98 -54.97
N PHE CA 88 -59.33 12.30 -56.24
CA PHE CA 88 -59.42 13.71 -56.65
C PHE CA 88 -60.63 14.39 -56.01
N VAL CA 89 -61.76 13.67 -55.91
CA VAL CA 89 -62.95 14.23 -55.30
C VAL CA 89 -62.73 14.46 -53.80
N SER CA 90 -62.07 13.52 -53.13
CA SER CA 90 -61.74 13.69 -51.72
C SER CA 90 -60.89 14.93 -51.52
N GLY CA 91 -59.85 15.08 -52.34
CA GLY CA 91 -58.99 16.26 -52.23
C GLY CA 91 -59.73 17.55 -52.49
N VAL CA 92 -60.59 17.56 -53.51
CA VAL CA 92 -61.32 18.79 -53.86
C VAL CA 92 -62.32 19.14 -52.76
N LEU CA 93 -63.03 18.15 -52.23
CA LEU CA 93 -64.01 18.42 -51.18
C LEU CA 93 -63.33 18.97 -49.93
N HIS CA 94 -62.19 18.40 -49.56
CA HIS CA 94 -61.45 18.94 -48.43
C HIS CA 94 -60.96 20.36 -48.71
N LEU CA 95 -60.43 20.61 -49.91
CA LEU CA 95 -59.88 21.93 -50.19
C LEU CA 95 -60.96 22.99 -50.23
N ILE CA 96 -62.16 22.64 -50.70
CA ILE CA 96 -63.25 23.61 -50.70
C ILE CA 96 -63.77 23.84 -49.28
N SER CA 97 -63.92 22.77 -48.50
CA SER CA 97 -64.41 22.93 -47.12
C SER CA 97 -63.44 23.74 -46.27
N SER CA 98 -62.15 23.66 -46.58
CA SER CA 98 -61.16 24.44 -45.86
C SER CA 98 -61.38 25.93 -46.04
N ALA CA 99 -61.92 26.35 -47.19
CA ALA CA 99 -62.22 27.76 -47.40
C ALA CA 99 -63.31 28.26 -46.46
N VAL CA 100 -64.37 27.47 -46.30
CA VAL CA 100 -65.46 27.85 -45.40
C VAL CA 100 -64.96 27.87 -43.95
N LEU CA 101 -64.18 26.87 -43.56
CA LEU CA 101 -63.64 26.84 -42.21
C LEU CA 101 -62.68 28.00 -41.97
N GLY CA 102 -61.87 28.34 -42.98
CA GLY CA 102 -60.97 29.47 -42.85
C GLY CA 102 -61.71 30.80 -42.75
N PHE CA 103 -62.80 30.94 -43.51
CA PHE CA 103 -63.61 32.16 -43.39
C PHE CA 103 -64.21 32.28 -42.00
N GLY CA 104 -64.75 31.18 -41.47
CA GLY CA 104 -65.30 31.22 -40.12
C GLY CA 104 -64.25 31.54 -39.07
N GLY CA 105 -63.07 30.93 -39.19
CA GLY CA 105 -62.01 31.21 -38.24
C GLY CA 105 -61.50 32.63 -38.31
N VAL CA 106 -61.31 33.16 -39.51
CA VAL CA 106 -60.87 34.54 -39.66
C VAL CA 106 -61.93 35.51 -39.15
N TYR CA 107 -63.21 35.21 -39.41
CA TYR CA 107 -64.29 36.06 -38.91
C TYR CA 107 -64.29 36.11 -37.39
N HIS CA 108 -64.29 34.94 -36.75
CA HIS CA 108 -64.38 34.91 -35.29
C HIS CA 108 -63.09 35.39 -34.64
N SER CA 109 -61.95 35.33 -35.35
CA SER CA 109 -60.73 35.89 -34.82
C SER CA 109 -60.72 37.41 -34.88
N LEU CA 110 -61.22 37.98 -35.99
CA LEU CA 110 -61.07 39.41 -36.22
C LEU CA 110 -62.27 40.23 -35.73
N ILE CA 111 -63.45 39.96 -36.28
CA ILE CA 111 -64.61 40.83 -36.03
C ILE CA 111 -65.73 40.12 -35.29
N GLY CA 112 -65.55 38.87 -34.89
CA GLY CA 112 -66.52 38.22 -34.05
C GLY CA 112 -66.45 38.79 -32.65
N PRO CA 113 -67.45 38.49 -31.82
CA PRO CA 113 -67.39 38.91 -30.42
C PRO CA 113 -66.21 38.27 -29.70
N GLU CA 114 -65.56 39.05 -28.83
CA GLU CA 114 -64.41 38.53 -28.11
C GLU CA 114 -64.82 37.47 -27.10
N THR CA 115 -65.90 37.70 -26.38
CA THR CA 115 -66.46 36.74 -25.43
C THR CA 115 -67.88 36.39 -25.84
N LEU CA 116 -68.20 35.11 -25.82
CA LEU CA 116 -69.52 34.62 -26.19
C LEU CA 116 -70.48 34.57 -25.01
N GLU CA 117 -70.01 34.90 -23.81
CA GLU CA 117 -70.80 34.65 -22.61
C GLU CA 117 -72.02 35.56 -22.51
N GLU CA 118 -71.93 36.78 -23.05
CA GLU CA 118 -73.00 37.74 -22.89
C GLU CA 118 -74.15 37.50 -23.87
N SER CA 119 -73.85 37.61 -25.17
CA SER CA 119 -74.91 37.55 -26.18
C SER CA 119 -75.23 36.15 -26.67
N TYR CA 120 -74.37 35.17 -26.40
CA TYR CA 120 -74.57 33.80 -26.88
C TYR CA 120 -74.35 32.82 -25.73
N PRO CA 121 -75.28 32.77 -24.77
CA PRO CA 121 -75.06 31.94 -23.58
C PRO CA 121 -74.97 30.44 -23.86
N PHE CA 122 -75.50 29.96 -24.99
CA PHE CA 122 -75.32 28.57 -25.35
C PHE CA 122 -73.85 28.26 -25.62
N PHE CA 123 -73.16 29.15 -26.33
CA PHE CA 123 -71.75 28.96 -26.64
C PHE CA 123 -70.82 29.55 -25.60
N GLY CA 124 -71.32 30.47 -24.76
CA GLY CA 124 -70.47 31.06 -23.75
C GLY CA 124 -70.10 30.05 -22.69
N TYR CA 125 -68.86 30.16 -22.19
CA TYR CA 125 -68.38 29.24 -21.18
C TYR CA 125 -67.30 29.91 -20.36
N VAL CA 126 -67.17 29.48 -19.11
CA VAL CA 126 -65.98 29.70 -18.33
C VAL CA 126 -65.37 28.35 -18.01
N TRP CA 127 -64.06 28.32 -17.81
CA TRP CA 127 -63.36 27.05 -17.67
C TRP CA 127 -63.75 26.33 -16.38
N LYS CA 128 -64.09 27.07 -15.33
CA LYS CA 128 -64.51 26.45 -14.09
C LYS CA 128 -65.95 25.93 -14.14
N ASP CA 129 -66.71 26.25 -15.18
CA ASP CA 129 -68.07 25.75 -15.35
C ASP CA 129 -67.97 24.30 -15.80
N LYS CA 130 -67.95 23.39 -14.83
CA LYS CA 130 -67.75 21.97 -15.12
C LYS CA 130 -68.93 21.39 -15.88
N ASN CA 131 -70.15 21.86 -15.62
CA ASN CA 131 -71.31 21.39 -16.36
C ASN CA 131 -71.23 21.76 -17.84
N LYS CA 132 -70.86 23.01 -18.14
CA LYS CA 132 -70.71 23.42 -19.53
C LYS CA 132 -69.55 22.71 -20.21
N MET CA 133 -68.46 22.46 -19.46
CA MET CA 133 -67.34 21.70 -20.00
C MET CA 133 -67.77 20.29 -20.37
N THR CA 134 -68.54 19.64 -19.51
CA THR CA 134 -69.03 18.30 -19.83
C THR CA 134 -70.05 18.34 -20.95
N ASN CA 135 -70.80 19.44 -21.10
CA ASN CA 135 -71.71 19.56 -22.23
C ASN CA 135 -70.95 19.60 -23.54
N ILE CA 136 -69.90 20.43 -23.61
CA ILE CA 136 -69.10 20.52 -24.84
C ILE CA 136 -68.41 19.19 -25.13
N LEU CA 137 -67.87 18.56 -24.09
CA LEU CA 137 -67.28 17.23 -24.24
C LEU CA 137 -68.30 16.22 -24.74
N GLY CA 138 -69.54 16.31 -24.27
CA GLY CA 138 -70.58 15.40 -24.73
C GLY CA 138 -70.94 15.60 -26.19
N TYR CA 139 -71.04 16.87 -26.62
CA TYR CA 139 -71.28 17.16 -28.02
C TYR CA 139 -70.19 16.58 -28.89
N HIS CA 140 -68.93 16.76 -28.48
CA HIS CA 140 -67.83 16.25 -29.29
C HIS CA 140 -67.76 14.73 -29.26
N LEU CA 141 -68.13 14.11 -28.14
CA LEU CA 141 -68.20 12.66 -28.09
C LEU CA 141 -69.28 12.13 -29.02
N ILE CA 142 -70.42 12.82 -29.09
CA ILE CA 142 -71.47 12.41 -30.03
C ILE CA 142 -70.99 12.54 -31.47
N ILE CA 143 -70.28 13.62 -31.79
CA ILE CA 143 -69.73 13.79 -33.14
C ILE CA 143 -68.73 12.69 -33.47
N LEU CA 144 -67.86 12.35 -32.53
CA LEU CA 144 -66.87 11.29 -32.77
C LEU CA 144 -67.53 9.93 -32.91
N GLY CA 145 -68.57 9.65 -32.12
CA GLY CA 145 -69.32 8.42 -32.29
C GLY CA 145 -70.00 8.35 -33.64
N CYS CA 146 -70.50 9.48 -34.13
CA CYS CA 146 -71.09 9.51 -35.47
C CYS CA 146 -70.03 9.29 -36.54
N GLY CA 147 -68.80 9.77 -36.33
CA GLY CA 147 -67.73 9.48 -37.28
C GLY CA 147 -67.35 8.01 -37.32
N ALA CA 148 -67.25 7.39 -36.14
CA ALA CA 148 -67.00 5.94 -36.09
C ALA CA 148 -68.13 5.16 -36.75
N TRP CA 149 -69.37 5.60 -36.54
CA TRP CA 149 -70.49 4.96 -37.21
C TRP CA 149 -70.49 5.23 -38.71
N LEU CA 150 -69.92 6.36 -39.14
CA LEU CA 150 -69.74 6.59 -40.57
C LEU CA 150 -68.78 5.58 -41.16
N LEU CA 151 -67.69 5.28 -40.45
CA LEU CA 151 -66.80 4.22 -40.89
C LEU CA 151 -67.52 2.88 -40.95
N VAL CA 152 -68.35 2.60 -39.94
CA VAL CA 152 -69.11 1.35 -39.93
C VAL CA 152 -70.07 1.27 -41.12
N LEU CA 153 -70.75 2.37 -41.42
CA LEU CA 153 -71.68 2.39 -42.54
C LEU CA 153 -70.96 2.22 -43.86
N LYS CA 154 -69.79 2.84 -44.01
CA LYS CA 154 -68.99 2.64 -45.21
C LYS CA 154 -68.55 1.20 -45.35
N ALA CA 155 -68.23 0.55 -44.22
CA ALA CA 155 -67.78 -0.84 -44.27
C ALA CA 155 -68.93 -1.80 -44.58
N LEU CA 156 -70.13 -1.51 -44.07
CA LEU CA 156 -71.24 -2.45 -44.21
C LEU CA 156 -72.06 -2.25 -45.47
N TYR CA 157 -72.46 -1.01 -45.77
CA TYR CA 157 -73.44 -0.76 -46.82
C TYR CA 157 -72.95 0.07 -47.98
N PHE CA 158 -71.80 0.74 -47.86
CA PHE CA 158 -71.38 1.73 -48.86
C PHE CA 158 -70.11 1.28 -49.59
N GLY CA 159 -70.05 0.01 -49.97
CA GLY CA 159 -68.98 -0.50 -50.77
C GLY CA 159 -67.94 -1.31 -50.04
N GLY CA 160 -67.96 -1.32 -48.71
CA GLY CA 160 -66.99 -2.06 -47.94
C GLY CA 160 -65.64 -1.37 -47.95
N VAL CA 161 -64.65 -2.04 -47.35
CA VAL CA 161 -63.30 -1.51 -47.33
C VAL CA 161 -62.35 -2.61 -47.80
N TYR CA 162 -61.11 -2.23 -48.03
CA TYR CA 162 -60.15 -3.18 -48.61
C TYR CA 162 -59.73 -4.21 -47.57
N ASP CA 163 -59.97 -5.47 -47.87
CA ASP CA 163 -59.52 -6.60 -47.06
C ASP CA 163 -58.27 -7.17 -47.71
N THR CA 164 -57.13 -7.01 -47.05
CA THR CA 164 -55.91 -7.62 -47.53
C THR CA 164 -55.88 -9.12 -47.29
N TRP CA 165 -56.74 -9.61 -46.41
CA TRP CA 165 -56.84 -11.03 -46.09
C TRP CA 165 -57.83 -11.79 -46.95
N ALA CA 166 -58.44 -11.12 -47.93
CA ALA CA 166 -59.32 -11.80 -48.86
C ALA CA 166 -58.52 -12.81 -49.69
N PRO CA 167 -59.10 -13.96 -50.02
CA PRO CA 167 -58.35 -14.97 -50.78
C PRO CA 167 -57.96 -14.47 -52.16
N GLY CA 168 -56.75 -14.83 -52.58
CA GLY CA 168 -56.22 -14.38 -53.85
C GLY CA 168 -55.44 -13.10 -53.81
N GLY CA 169 -55.18 -12.54 -52.62
CA GLY CA 169 -54.36 -11.36 -52.52
C GLY CA 169 -55.13 -10.08 -52.22
N GLY CA 170 -56.23 -10.19 -51.50
CA GLY CA 170 -56.97 -9.02 -51.07
C GLY CA 170 -57.86 -8.40 -52.13
N ASP CA 171 -58.94 -7.76 -51.68
CA ASP CA 171 -59.92 -7.12 -52.55
C ASP CA 171 -60.81 -6.27 -51.66
N VAL CA 172 -61.58 -5.37 -52.27
CA VAL CA 172 -62.54 -4.58 -51.51
C VAL CA 172 -63.72 -5.48 -51.14
N ARG CA 173 -64.06 -5.51 -49.86
CA ARG CA 173 -65.02 -6.46 -49.34
C ARG CA 173 -66.09 -5.74 -48.52
N ILE CA 174 -67.32 -6.25 -48.62
CA ILE CA 174 -68.39 -5.91 -47.70
C ILE CA 174 -68.19 -6.70 -46.42
N ILE CA 175 -68.16 -6.01 -45.29
CA ILE CA 175 -68.00 -6.66 -44.00
C ILE CA 175 -69.39 -7.04 -43.50
N SER CA 176 -69.69 -8.33 -43.56
CA SER CA 176 -70.91 -8.88 -42.97
C SER CA 176 -70.54 -9.59 -41.68
N ASN CA 177 -71.40 -9.47 -40.68
CA ASN CA 177 -71.22 -10.00 -39.33
C ASN CA 177 -69.93 -9.49 -38.70
N PRO CA 178 -69.86 -8.22 -38.31
CA PRO CA 178 -68.71 -7.75 -37.54
C PRO CA 178 -68.68 -8.35 -36.16
N THR CA 179 -67.48 -8.46 -35.59
CA THR CA 179 -67.30 -9.07 -34.28
C THR CA 179 -67.79 -8.12 -33.20
N THR CA 180 -69.01 -8.34 -32.74
CA THR CA 180 -69.60 -7.53 -31.68
C THR CA 180 -69.42 -8.14 -30.29
N ASN CA 181 -68.69 -9.25 -30.18
CA ASN CA 181 -68.49 -9.89 -28.89
C ASN CA 181 -67.61 -9.02 -28.00
N ALA CA 182 -68.11 -8.73 -26.79
CA ALA CA 182 -67.42 -7.83 -25.89
C ALA CA 182 -66.10 -8.41 -25.42
N ALA CA 183 -66.06 -9.73 -25.19
CA ALA CA 183 -64.83 -10.37 -24.77
C ALA CA 183 -63.74 -10.21 -25.82
N ILE CA 184 -64.09 -10.45 -27.09
CA ILE CA 184 -63.12 -10.30 -28.18
C ILE CA 184 -62.72 -8.85 -28.35
N ILE CA 185 -63.67 -7.92 -28.23
CA ILE CA 185 -63.38 -6.53 -28.49
C ILE CA 185 -62.48 -5.94 -27.40
N PHE CA 186 -62.80 -6.17 -26.14
CA PHE CA 186 -62.04 -5.59 -25.05
C PHE CA 186 -60.83 -6.42 -24.64
N GLY CA 187 -60.71 -7.65 -25.15
CA GLY CA 187 -59.46 -8.36 -25.02
C GLY CA 187 -58.31 -7.59 -25.63
N TYR CA 188 -58.55 -7.00 -26.82
CA TYR CA 188 -57.54 -6.19 -27.48
C TYR CA 188 -57.07 -5.04 -26.60
N ILE CA 189 -58.00 -4.38 -25.92
CA ILE CA 189 -57.61 -3.27 -25.06
C ILE CA 189 -56.95 -3.74 -23.77
N VAL CA 190 -57.13 -5.00 -23.38
CA VAL CA 190 -56.43 -5.51 -22.21
C VAL CA 190 -55.28 -6.45 -22.57
N LYS CA 191 -54.91 -6.53 -23.85
CA LYS CA 191 -53.74 -7.32 -24.22
C LYS CA 191 -52.46 -6.61 -23.81
N SER CA 192 -51.40 -7.41 -23.65
CA SER CA 192 -50.07 -6.89 -23.45
C SER CA 192 -49.60 -6.17 -24.72
N PRO CA 193 -48.77 -5.13 -24.58
CA PRO CA 193 -48.22 -4.46 -25.76
C PRO CA 193 -46.95 -5.09 -26.34
N PHE CA 194 -46.49 -6.21 -25.81
CA PHE CA 194 -45.21 -6.76 -26.22
C PHE CA 194 -45.36 -7.69 -27.42
N GLY CA 195 -44.24 -8.33 -27.79
CA GLY CA 195 -44.24 -9.18 -28.96
C GLY CA 195 -45.12 -10.40 -28.77
N GLY CA 196 -45.81 -10.77 -29.85
CA GLY CA 196 -46.80 -11.82 -29.82
C GLY CA 196 -48.16 -11.37 -29.34
N ASP CA 197 -48.23 -10.28 -28.58
CA ASP CA 197 -49.49 -9.69 -28.15
C ASP CA 197 -49.81 -8.42 -28.90
N GLY CA 198 -48.93 -7.41 -28.83
CA GLY CA 198 -49.07 -6.22 -29.66
C GLY CA 198 -50.18 -5.27 -29.28
N TRP CA 199 -50.92 -5.54 -28.20
CA TRP CA 199 -52.04 -4.70 -27.71
C TRP CA 199 -53.07 -4.58 -28.83
N ILE CA 200 -53.48 -3.37 -29.23
CA ILE CA 200 -54.51 -3.21 -30.25
C ILE CA 200 -53.94 -3.16 -31.66
N VAL CA 201 -52.63 -3.04 -31.81
CA VAL CA 201 -52.01 -3.03 -33.13
C VAL CA 201 -52.16 -4.39 -33.80
N SER CA 202 -52.28 -5.45 -33.01
CA SER CA 202 -52.36 -6.80 -33.54
C SER CA 202 -53.74 -7.18 -34.04
N VAL CA 203 -54.66 -6.23 -34.19
CA VAL CA 203 -55.94 -6.55 -34.81
C VAL CA 203 -55.72 -6.92 -36.26
N ASP CA 204 -56.25 -8.07 -36.66
CA ASP CA 204 -55.84 -8.70 -37.90
C ASP CA 204 -56.99 -8.99 -38.85
N ASN CA 205 -58.20 -8.52 -38.55
CA ASN CA 205 -59.31 -8.77 -39.45
C ASN CA 205 -60.29 -7.61 -39.41
N LEU CA 206 -60.90 -7.37 -40.57
CA LEU CA 206 -61.84 -6.26 -40.70
C LEU CA 206 -63.08 -6.46 -39.86
N GLU CA 207 -63.46 -7.71 -39.59
CA GLU CA 207 -64.59 -7.97 -38.71
C GLU CA 207 -64.31 -7.44 -37.31
N ASP CA 208 -63.10 -7.71 -36.79
CA ASP CA 208 -62.72 -7.18 -35.49
C ASP CA 208 -62.64 -5.66 -35.52
N ILE CA 209 -62.08 -5.09 -36.59
CA ILE CA 209 -61.93 -3.64 -36.69
C ILE CA 209 -63.31 -2.96 -36.68
N ILE CA 210 -64.23 -3.47 -37.49
CA ILE CA 210 -65.54 -2.83 -37.62
C ILE CA 210 -66.39 -3.08 -36.38
N GLY CA 211 -66.28 -4.24 -35.75
CA GLY CA 211 -66.97 -4.46 -34.49
C GLY CA 211 -66.47 -3.55 -33.39
N GLY CA 212 -65.15 -3.36 -33.32
CA GLY CA 212 -64.61 -2.40 -32.38
C GLY CA 212 -65.07 -0.99 -32.67
N HIS CA 213 -65.27 -0.66 -33.95
CA HIS CA 213 -65.75 0.68 -34.28
C HIS CA 213 -67.23 0.86 -33.94
N ILE CA 214 -68.02 -0.21 -34.06
CA ILE CA 214 -69.40 -0.17 -33.57
C ILE CA 214 -69.40 0.10 -32.07
N TRP CA 215 -68.52 -0.60 -31.34
CA TRP CA 215 -68.43 -0.39 -29.90
C TRP CA 215 -67.99 1.03 -29.57
N ILE CA 216 -66.98 1.55 -30.28
CA ILE CA 216 -66.49 2.90 -30.02
C ILE CA 216 -67.56 3.94 -30.32
N GLY CA 217 -68.28 3.79 -31.44
CA GLY CA 217 -69.32 4.75 -31.77
C GLY CA 217 -70.45 4.75 -30.77
N THR CA 218 -70.93 3.56 -30.39
CA THR CA 218 -72.02 3.49 -29.43
C THR CA 218 -71.59 4.01 -28.07
N LEU CA 219 -70.38 3.66 -27.62
CA LEU CA 219 -69.90 4.15 -26.34
C LEU CA 219 -69.69 5.65 -26.35
N CYS CA 220 -69.20 6.21 -27.47
CA CYS CA 220 -68.99 7.64 -27.56
C CYS CA 220 -70.32 8.38 -27.53
N ILE CA 221 -71.34 7.87 -28.21
CA ILE CA 221 -72.65 8.52 -28.18
C ILE CA 221 -73.26 8.43 -26.79
N LEU CA 222 -73.17 7.26 -26.16
CA LEU CA 222 -73.74 7.09 -24.82
C LEU CA 222 -73.02 7.96 -23.79
N GLY CA 223 -71.68 8.02 -23.86
CA GLY CA 223 -70.93 8.91 -22.98
C GLY CA 223 -71.19 10.37 -23.27
N GLY CA 224 -71.45 10.72 -24.53
CA GLY CA 224 -71.81 12.09 -24.84
C GLY CA 224 -73.12 12.49 -24.20
N ILE CA 225 -74.13 11.64 -24.30
CA ILE CA 225 -75.40 11.90 -23.64
C ILE CA 225 -75.21 11.95 -22.13
N TRP CA 226 -74.38 11.04 -21.60
CA TRP CA 226 -74.07 11.01 -20.18
C TRP CA 226 -73.47 12.32 -19.70
N HIS CA 227 -72.52 12.86 -20.46
CA HIS CA 227 -71.87 14.10 -20.06
C HIS CA 227 -72.74 15.33 -20.29
N ILE CA 228 -73.64 15.29 -21.26
CA ILE CA 228 -74.61 16.36 -21.40
C ILE CA 228 -75.54 16.39 -20.19
N TYR CA 229 -75.93 15.21 -19.69
CA TYR CA 229 -76.93 15.14 -18.63
C TYR CA 229 -76.34 14.90 -17.24
N THR CA 230 -75.02 14.95 -17.09
CA THR CA 230 -74.41 14.82 -15.77
C THR CA 230 -73.40 15.92 -15.53
N THR CA 231 -73.01 16.06 -14.27
CA THR CA 231 -72.00 16.92 -13.72
C THR CA 231 -70.92 16.06 -13.09
N PRO CA 232 -69.64 16.43 -13.18
CA PRO CA 232 -68.58 15.60 -12.58
C PRO CA 232 -68.80 15.38 -11.08
N TRP CA 233 -68.53 14.16 -10.65
CA TRP CA 233 -68.77 13.76 -9.28
C TRP CA 233 -67.76 14.43 -8.35
N PRO CA 234 -68.05 14.51 -7.04
CA PRO CA 234 -67.10 15.14 -6.11
C PRO CA 234 -65.71 14.53 -6.11
N TRP CA 235 -65.58 13.22 -6.32
CA TRP CA 235 -64.24 12.64 -6.40
C TRP CA 235 -63.48 13.17 -7.61
N ALA CA 236 -64.17 13.34 -8.74
CA ALA CA 236 -63.53 13.94 -9.92
C ALA CA 236 -63.21 15.40 -9.68
N ARG CA 237 -64.11 16.13 -9.01
CA ARG CA 237 -63.88 17.56 -8.75
C ARG CA 237 -62.73 17.76 -7.78
N ARG CA 238 -62.45 16.79 -6.92
CA ARG CA 238 -61.27 16.89 -6.07
C ARG CA 238 -60.02 16.38 -6.77
N ALA CA 239 -60.16 15.42 -7.68
CA ALA CA 239 -58.98 14.84 -8.33
C ALA CA 239 -58.41 15.74 -9.42
N PHE CA 240 -59.26 16.42 -10.17
CA PHE CA 240 -58.79 17.15 -11.34
C PHE CA 240 -58.54 18.62 -11.03
N VAL CA 241 -57.97 19.31 -12.02
CA VAL CA 241 -57.84 20.76 -12.03
C VAL CA 241 -58.73 21.30 -13.13
N TRP CA 242 -59.51 22.32 -12.81
CA TRP CA 242 -60.57 22.78 -13.68
C TRP CA 242 -60.17 24.14 -14.25
N SER CA 243 -59.42 24.09 -15.34
CA SER CA 243 -59.00 25.27 -16.07
C SER CA 243 -58.68 24.87 -17.50
N GLY CA 244 -58.63 25.87 -18.38
CA GLY CA 244 -58.38 25.60 -19.78
C GLY CA 244 -57.03 24.95 -20.04
N GLU CA 245 -56.00 25.41 -19.33
CA GLU CA 245 -54.68 24.81 -19.49
C GLU CA 245 -54.66 23.36 -18.99
N ALA CA 246 -55.38 23.08 -17.90
CA ALA CA 246 -55.46 21.70 -17.42
C ALA CA 246 -56.18 20.81 -18.43
N TYR CA 247 -57.28 21.28 -19.01
CA TYR CA 247 -57.97 20.50 -20.03
C TYR CA 247 -57.07 20.27 -21.24
N LEU CA 248 -56.33 21.31 -21.64
CA LEU CA 248 -55.39 21.18 -22.73
C LEU CA 248 -54.32 20.14 -22.41
N SER CA 249 -53.83 20.11 -21.18
CA SER CA 249 -52.82 19.13 -20.80
C SER CA 249 -53.37 17.71 -20.84
N TYR CA 250 -54.63 17.53 -20.42
CA TYR CA 250 -55.25 16.20 -20.50
C TYR CA 250 -55.34 15.74 -21.95
N SER CA 251 -55.78 16.65 -22.83
CA SER CA 251 -55.84 16.33 -24.26
C SER CA 251 -54.47 16.06 -24.84
N LEU CA 252 -53.45 16.79 -24.37
CA LEU CA 252 -52.09 16.59 -24.86
C LEU CA 252 -51.57 15.22 -24.50
N ALA CA 253 -51.82 14.76 -23.26
CA ALA CA 253 -51.44 13.41 -22.88
C ALA CA 253 -52.17 12.37 -23.72
N ALA CA 254 -53.48 12.58 -23.93
CA ALA CA 254 -54.26 11.63 -24.71
C ALA CA 254 -53.76 11.54 -26.16
N VAL CA 255 -53.49 12.68 -26.78
CA VAL CA 255 -53.04 12.63 -28.17
C VAL CA 255 -51.58 12.21 -28.29
N SER CA 256 -50.77 12.39 -27.25
CA SER CA 256 -49.43 11.81 -27.26
C SER CA 256 -49.51 10.29 -27.27
N LEU CA 257 -50.38 9.73 -26.43
CA LEU CA 257 -50.61 8.29 -26.44
C LEU CA 257 -51.13 7.82 -27.80
N MET CA 258 -52.04 8.60 -28.39
CA MET CA 258 -52.57 8.25 -29.71
C MET CA 258 -51.50 8.31 -30.79
N GLY CA 259 -50.59 9.29 -30.70
CA GLY CA 259 -49.52 9.39 -31.70
C GLY CA 259 -48.55 8.23 -31.62
N PHE CA 260 -48.18 7.84 -30.40
CA PHE CA 260 -47.33 6.65 -30.25
C PHE CA 260 -48.03 5.41 -30.78
N THR CA 261 -49.33 5.27 -30.47
CA THR CA 261 -50.09 4.12 -30.96
C THR CA 261 -50.18 4.12 -32.48
N ALA CA 262 -50.38 5.29 -33.10
CA ALA CA 262 -50.45 5.38 -34.55
C ALA CA 262 -49.11 5.04 -35.19
N CYS CA 263 -48.02 5.48 -34.58
CA CYS CA 263 -46.69 5.05 -34.98
C CYS CA 263 -46.60 3.53 -35.03
N CYS CA 264 -47.06 2.88 -33.95
CA CYS CA 264 -46.97 1.42 -33.90
C CYS CA 264 -47.89 0.76 -34.92
N PHE CA 265 -49.09 1.33 -35.14
CA PHE CA 265 -49.97 0.82 -36.19
C PHE CA 265 -49.31 0.88 -37.56
N ALA CA 266 -48.72 2.04 -37.90
CA ALA CA 266 -48.08 2.19 -39.20
C ALA CA 266 -46.89 1.24 -39.34
N TRP CA 267 -46.14 1.01 -38.26
CA TRP CA 267 -44.97 0.16 -38.39
C TRP CA 267 -45.30 -1.33 -38.40
N PHE CA 268 -46.33 -1.77 -37.67
CA PHE CA 268 -46.58 -3.19 -37.48
C PHE CA 268 -47.81 -3.72 -38.18
N ASN CA 269 -48.91 -2.96 -38.21
CA ASN CA 269 -50.18 -3.46 -38.71
C ASN CA 269 -50.19 -3.49 -40.22
N ASN CA 270 -50.57 -4.64 -40.79
CA ASN CA 270 -50.75 -4.77 -42.23
C ASN CA 270 -52.20 -5.04 -42.62
N THR CA 271 -53.13 -4.99 -41.65
CA THR CA 271 -54.54 -5.17 -41.93
C THR CA 271 -55.23 -3.83 -42.14
N ALA CA 272 -55.15 -2.94 -41.15
CA ALA CA 272 -55.63 -1.58 -41.32
C ALA CA 272 -54.70 -0.75 -42.19
N TYR CA 273 -53.46 -1.21 -42.38
CA TYR CA 273 -52.49 -0.56 -43.25
C TYR CA 273 -52.00 -1.61 -44.23
N PRO CA 274 -52.79 -1.92 -45.26
CA PRO CA 274 -52.44 -3.02 -46.17
C PRO CA 274 -51.11 -2.77 -46.87
N SER CA 275 -50.33 -3.85 -47.00
CA SER CA 275 -49.02 -3.76 -47.60
C SER CA 275 -49.08 -3.43 -49.07
N GLU CA 276 -50.21 -3.71 -49.73
CA GLU CA 276 -50.40 -3.32 -51.12
C GLU CA 276 -50.30 -1.82 -51.32
N PHE CA 277 -50.71 -1.04 -50.31
CA PHE CA 277 -50.71 0.41 -50.39
C PHE CA 277 -49.60 1.05 -49.61
N TYR CA 278 -49.18 0.44 -48.50
CA TYR CA 278 -48.19 1.03 -47.61
C TYR CA 278 -46.81 0.40 -47.75
N GLY CA 279 -46.66 -0.63 -48.57
CA GLY CA 279 -45.43 -1.38 -48.61
C GLY CA 279 -45.40 -2.39 -47.48
N PRO CA 280 -44.44 -3.30 -47.53
CA PRO CA 280 -44.31 -4.28 -46.45
C PRO CA 280 -43.90 -3.60 -45.14
N THR CA 281 -44.27 -4.23 -44.04
CA THR CA 281 -43.67 -3.85 -42.78
C THR CA 281 -42.22 -4.38 -42.73
N GLY CA 282 -41.48 -3.96 -41.72
CA GLY CA 282 -40.15 -4.49 -41.47
C GLY CA 282 -40.10 -6.00 -41.29
N PRO CA 283 -40.94 -6.52 -40.38
CA PRO CA 283 -41.07 -7.98 -40.29
C PRO CA 283 -41.49 -8.62 -41.59
N GLU CA 284 -42.40 -7.97 -42.34
CA GLU CA 284 -42.85 -8.53 -43.61
C GLU CA 284 -41.70 -8.63 -44.60
N ALA CA 285 -40.87 -7.60 -44.68
CA ALA CA 285 -39.75 -7.61 -45.61
C ALA CA 285 -38.71 -8.65 -45.23
N SER CA 286 -38.42 -8.78 -43.93
CA SER CA 286 -37.46 -9.79 -43.51
C SER CA 286 -37.96 -11.21 -43.80
N GLN CA 287 -39.23 -11.48 -43.47
CA GLN CA 287 -39.79 -12.79 -43.78
C GLN CA 287 -39.90 -13.02 -45.27
N ALA CA 288 -40.10 -11.95 -46.05
CA ALA CA 288 -40.16 -12.09 -47.51
C ALA CA 288 -38.79 -12.44 -48.07
N GLN CA 289 -37.73 -11.83 -47.54
CA GLN CA 289 -36.39 -12.21 -47.96
C GLN CA 289 -36.11 -13.67 -47.63
N ALA CA 290 -36.48 -14.10 -46.42
CA ALA CA 290 -36.28 -15.49 -46.04
C ALA CA 290 -37.04 -16.43 -46.96
N PHE CA 291 -38.29 -16.09 -47.27
CA PHE CA 291 -39.12 -16.93 -48.15
C PHE CA 291 -38.56 -16.97 -49.57
N THR CA 292 -38.08 -15.83 -50.07
CA THR CA 292 -37.53 -15.79 -51.42
C THR CA 292 -36.25 -16.60 -51.54
N PHE CA 293 -35.36 -16.48 -50.55
CA PHE CA 293 -34.15 -17.29 -50.59
C PHE CA 293 -34.43 -18.75 -50.27
N LEU CA 294 -35.59 -19.06 -49.67
CA LEU CA 294 -36.00 -20.45 -49.56
C LEU CA 294 -36.45 -21.00 -50.90
N VAL CA 295 -37.32 -20.26 -51.59
CA VAL CA 295 -37.90 -20.78 -52.83
C VAL CA 295 -36.87 -20.81 -53.95
N ARG CA 296 -35.91 -19.89 -53.95
CA ARG CA 296 -34.86 -19.91 -54.97
C ARG CA 296 -34.00 -21.16 -54.85
N ASP CA 297 -33.56 -21.47 -53.63
CA ASP CA 297 -32.72 -22.64 -53.43
C ASP CA 297 -33.53 -23.94 -53.52
N GLN CA 298 -34.84 -23.88 -53.26
CA GLN CA 298 -35.69 -25.02 -53.57
C GLN CA 298 -35.76 -25.27 -55.07
N ARG CA 299 -35.87 -24.19 -55.86
CA ARG CA 299 -35.82 -24.32 -57.31
C ARG CA 299 -34.44 -24.75 -57.81
N LEU CA 300 -33.39 -24.54 -57.00
CA LEU CA 300 -32.06 -25.02 -57.31
C LEU CA 300 -31.81 -26.43 -56.79
N GLY CA 301 -32.84 -27.07 -56.23
CA GLY CA 301 -32.75 -28.46 -55.82
C GLY CA 301 -32.34 -28.69 -54.39
N ALA CA 302 -31.95 -27.65 -53.65
CA ALA CA 302 -31.48 -27.84 -52.28
C ALA CA 302 -32.64 -28.19 -51.36
N ASN CA 303 -32.37 -29.03 -50.38
CA ASN CA 303 -33.36 -29.38 -49.36
C ASN CA 303 -33.35 -28.31 -48.29
N VAL CA 304 -34.42 -27.53 -48.20
CA VAL CA 304 -34.48 -26.39 -47.30
C VAL CA 304 -34.87 -26.80 -45.88
N ALA CA 305 -35.06 -28.09 -45.61
CA ALA CA 305 -35.39 -28.57 -44.29
C ALA CA 305 -34.19 -29.11 -43.53
N SER CA 306 -33.21 -29.67 -44.23
CA SER CA 306 -32.03 -30.24 -43.61
C SER CA 306 -30.81 -29.33 -43.73
N ALA CA 307 -30.97 -28.14 -44.30
CA ALA CA 307 -29.84 -27.23 -44.50
C ALA CA 307 -29.62 -26.41 -43.24
N GLN CA 308 -28.42 -26.51 -42.67
CA GLN CA 308 -28.07 -25.74 -41.49
C GLN CA 308 -26.99 -24.73 -41.80
N GLY CA 309 -27.05 -23.59 -41.13
CA GLY CA 309 -26.12 -22.52 -41.35
C GLY CA 309 -24.83 -22.71 -40.58
N PRO CA 310 -24.00 -21.67 -40.54
CA PRO CA 310 -22.72 -21.78 -39.81
C PRO CA 310 -22.89 -22.05 -38.33
N THR CA 311 -23.96 -21.56 -37.72
CA THR CA 311 -24.19 -21.77 -36.29
C THR CA 311 -24.79 -23.13 -35.99
N GLY CA 312 -25.46 -23.75 -36.95
CA GLY CA 312 -26.09 -25.04 -36.75
C GLY CA 312 -27.58 -24.99 -36.50
N LEU CA 313 -28.19 -23.81 -36.47
CA LEU CA 313 -29.62 -23.72 -36.21
C LEU CA 313 -30.45 -24.14 -37.43
N GLY CA 314 -30.03 -23.73 -38.62
CA GLY CA 314 -30.81 -23.96 -39.81
C GLY CA 314 -30.86 -22.71 -40.66
N LYS CA 315 -30.46 -22.83 -41.93
CA LYS CA 315 -30.34 -21.65 -42.78
C LYS CA 315 -31.70 -21.13 -43.21
N TYR CA 316 -32.65 -22.02 -43.49
CA TYR CA 316 -33.96 -21.63 -43.98
C TYR CA 316 -35.07 -21.82 -42.97
N LEU CA 317 -35.03 -22.88 -42.18
CA LEU CA 317 -36.08 -23.17 -41.22
C LEU CA 317 -35.49 -23.47 -39.86
N MET CA 318 -36.15 -22.99 -38.82
CA MET CA 318 -35.77 -23.28 -37.44
C MET CA 318 -37.04 -23.29 -36.60
N ARG CA 319 -36.88 -23.23 -35.28
CA ARG CA 319 -38.00 -23.28 -34.36
C ARG CA 319 -38.07 -22.01 -33.53
N SER CA 320 -39.28 -21.54 -33.30
CA SER CA 320 -39.52 -20.49 -32.32
C SER CA 320 -39.34 -21.06 -30.92
N PRO CA 321 -39.15 -20.20 -29.91
CA PRO CA 321 -39.02 -20.71 -28.54
C PRO CA 321 -40.22 -21.50 -28.05
N THR CA 322 -41.38 -21.39 -28.70
CA THR CA 322 -42.54 -22.21 -28.37
C THR CA 322 -42.71 -23.40 -29.29
N GLY CA 323 -41.81 -23.60 -30.25
CA GLY CA 323 -41.80 -24.81 -31.06
C GLY CA 323 -42.31 -24.66 -32.48
N GLU CA 324 -42.81 -23.50 -32.88
CA GLU CA 324 -43.37 -23.33 -34.21
C GLU CA 324 -42.26 -23.31 -35.26
N ILE CA 325 -42.52 -23.94 -36.40
CA ILE CA 325 -41.57 -23.92 -37.50
C ILE CA 325 -41.58 -22.53 -38.14
N ILE CA 326 -40.43 -21.87 -38.13
CA ILE CA 326 -40.31 -20.48 -38.55
C ILE CA 326 -39.14 -20.37 -39.51
N PHE CA 327 -39.05 -19.22 -40.17
CA PHE CA 327 -37.92 -18.94 -41.06
C PHE CA 327 -36.64 -18.71 -40.25
N GLY CA 328 -35.53 -19.22 -40.78
CA GLY CA 328 -34.26 -19.14 -40.09
C GLY CA 328 -33.58 -17.80 -40.27
N GLY CA 329 -32.48 -17.62 -39.53
CA GLY CA 329 -31.76 -16.38 -39.54
C GLY CA 329 -32.30 -15.38 -38.55
N GLU CA 330 -31.83 -14.14 -38.70
CA GLU CA 330 -32.20 -13.07 -37.77
C GLU CA 330 -33.70 -12.78 -37.82
N THR CA 331 -34.35 -13.10 -38.94
CA THR CA 331 -35.79 -12.90 -39.06
C THR CA 331 -36.57 -13.83 -38.12
N MET CA 332 -35.86 -14.68 -37.36
CA MET CA 332 -36.49 -15.37 -36.25
C MET CA 332 -37.14 -14.38 -35.28
N ARG CA 333 -36.54 -13.19 -35.12
CA ARG CA 333 -37.14 -12.17 -34.27
C ARG CA 333 -38.50 -11.72 -34.77
N PHE CA 334 -38.77 -11.92 -36.07
CA PHE CA 334 -40.06 -11.59 -36.66
C PHE CA 334 -40.89 -12.82 -36.91
N TRP CA 335 -40.72 -13.86 -36.09
CA TRP CA 335 -41.44 -15.11 -36.30
C TRP CA 335 -42.94 -14.98 -36.06
N ASP CA 336 -43.37 -13.97 -35.31
CA ASP CA 336 -44.78 -13.75 -35.05
C ASP CA 336 -45.45 -12.90 -36.12
N PHE CA 337 -44.75 -12.57 -37.19
CA PHE CA 337 -45.35 -11.85 -38.30
C PHE CA 337 -46.42 -12.70 -38.98
N ARG CA 338 -47.53 -12.07 -39.33
CA ARG CA 338 -48.60 -12.71 -40.09
C ARG CA 338 -48.95 -11.83 -41.28
N GLY CA 339 -48.93 -12.41 -42.47
CA GLY CA 339 -49.25 -11.69 -43.69
C GLY CA 339 -50.04 -12.54 -44.66
N PRO CA 340 -50.78 -11.89 -45.56
CA PRO CA 340 -51.66 -12.64 -46.47
C PRO CA 340 -50.93 -13.59 -47.41
N TRP CA 341 -49.65 -13.36 -47.67
CA TRP CA 341 -48.89 -14.19 -48.59
C TRP CA 341 -48.19 -15.36 -47.91
N VAL CA 342 -48.27 -15.48 -46.59
CA VAL CA 342 -47.52 -16.51 -45.88
C VAL CA 342 -48.48 -17.41 -45.08
N GLU CA 343 -49.62 -16.86 -44.67
CA GLU CA 343 -50.59 -17.61 -43.88
C GLU CA 343 -51.23 -18.79 -44.62
N PRO CA 344 -51.41 -18.77 -45.95
CA PRO CA 344 -51.75 -20.03 -46.64
C PRO CA 344 -50.69 -21.11 -46.52
N LEU CA 345 -49.44 -20.76 -46.22
CA LEU CA 345 -48.38 -21.75 -46.10
C LEU CA 345 -48.22 -22.27 -44.68
N ARG CA 346 -49.00 -21.78 -43.73
CA ARG CA 346 -48.84 -22.13 -42.33
C ARG CA 346 -49.92 -23.12 -41.90
N GLY CA 347 -49.50 -24.28 -41.44
CA GLY CA 347 -50.38 -25.21 -40.76
C GLY CA 347 -50.28 -25.00 -39.27
N PRO CA 348 -50.88 -25.92 -38.49
CA PRO CA 348 -50.93 -25.73 -37.03
C PRO CA 348 -49.56 -25.67 -36.38
N SER CA 349 -48.58 -26.38 -36.90
CA SER CA 349 -47.23 -26.38 -36.35
C SER CA 349 -46.36 -25.24 -36.88
N GLY CA 350 -46.91 -24.37 -37.72
CA GLY CA 350 -46.12 -23.29 -38.29
C GLY CA 350 -45.91 -23.47 -39.78
N LEU CA 351 -44.72 -23.16 -40.29
CA LEU CA 351 -44.44 -23.29 -41.71
C LEU CA 351 -44.49 -24.75 -42.11
N ASP CA 352 -45.52 -25.14 -42.85
CA ASP CA 352 -45.71 -26.53 -43.21
C ASP CA 352 -44.70 -26.93 -44.29
N LEU CA 353 -44.04 -28.08 -44.08
CA LEU CA 353 -42.97 -28.50 -44.98
C LEU CA 353 -43.50 -28.89 -46.36
N VAL CA 354 -44.59 -29.66 -46.40
CA VAL CA 354 -45.13 -30.08 -47.69
C VAL CA 354 -45.76 -28.90 -48.41
N LYS CA 355 -46.36 -27.96 -47.69
CA LYS CA 355 -46.86 -26.74 -48.33
C LYS CA 355 -45.72 -25.91 -48.90
N LEU CA 356 -44.62 -25.78 -48.17
CA LEU CA 356 -43.46 -25.10 -48.72
C LEU CA 356 -42.80 -25.88 -49.85
N LYS CA 357 -43.05 -27.18 -49.93
CA LYS CA 357 -42.49 -27.98 -51.02
C LYS CA 357 -43.34 -27.96 -52.29
N ASN CA 358 -44.66 -27.82 -52.17
CA ASN CA 358 -45.54 -28.01 -53.32
C ASN CA 358 -46.59 -26.94 -53.55
N ASP CA 359 -46.97 -26.16 -52.54
CA ASP CA 359 -48.16 -25.31 -52.61
C ASP CA 359 -47.83 -23.83 -52.57
N ILE CA 360 -46.80 -23.41 -53.29
CA ILE CA 360 -46.39 -22.02 -53.35
C ILE CA 360 -46.98 -21.38 -54.60
N GLN CA 361 -47.72 -20.28 -54.41
CA GLN CA 361 -48.42 -19.61 -55.50
C GLN CA 361 -47.55 -18.53 -56.14
N PRO CA 362 -47.73 -18.33 -57.45
CA PRO CA 362 -46.93 -17.29 -58.15
C PRO CA 362 -47.17 -15.89 -57.61
N TRP CA 363 -48.40 -15.58 -57.20
CA TRP CA 363 -48.65 -14.26 -56.62
C TRP CA 363 -47.95 -14.10 -55.29
N GLN CA 364 -47.89 -15.19 -54.50
CA GLN CA 364 -47.12 -15.16 -53.26
C GLN CA 364 -45.64 -14.93 -53.54
N GLU CA 365 -45.09 -15.61 -54.55
CA GLU CA 365 -43.69 -15.41 -54.91
C GLU CA 365 -43.42 -13.98 -55.36
N ARG CA 366 -44.32 -13.42 -56.18
CA ARG CA 366 -44.13 -12.06 -56.66
C ARG CA 366 -44.21 -11.04 -55.53
N ARG CA 367 -45.18 -11.21 -54.62
CA ARG CA 367 -45.27 -10.30 -53.48
C ARG CA 367 -44.06 -10.42 -52.58
N ALA CA 368 -43.55 -11.64 -52.38
CA ALA CA 368 -42.38 -11.83 -51.54
C ALA CA 368 -41.15 -11.15 -52.15
N ALA CA 369 -40.94 -11.31 -53.46
CA ALA CA 369 -39.81 -10.66 -54.11
C ALA CA 369 -39.93 -9.14 -54.09
N GLU CA 370 -41.14 -8.64 -54.35
CA GLU CA 370 -41.39 -7.20 -54.29
C GLU CA 370 -41.12 -6.64 -52.90
N TYR CA 371 -41.60 -7.33 -51.87
CA TYR CA 371 -41.46 -6.84 -50.51
C TYR CA 371 -40.03 -6.97 -50.01
N MET CA 372 -39.29 -7.96 -50.52
CA MET CA 372 -37.86 -8.05 -50.22
C MET CA 372 -37.12 -6.87 -50.83
N THR CA 373 -37.44 -6.52 -52.08
CA THR CA 373 -36.74 -5.40 -52.70
C THR CA 373 -37.22 -4.03 -52.21
N HIS CA 374 -38.37 -3.96 -51.53
CA HIS CA 374 -38.87 -2.68 -51.04
C HIS CA 374 -39.03 -2.68 -49.54
N ALA CA 375 -38.01 -3.13 -48.83
CA ALA CA 375 -38.00 -3.11 -47.38
C ALA CA 375 -38.07 -1.68 -46.87
N PRO CA 376 -38.68 -1.46 -45.70
CA PRO CA 376 -38.73 -0.10 -45.14
C PRO CA 376 -37.39 0.37 -44.58
N LEU CA 377 -36.37 0.40 -45.43
CA LEU CA 377 -35.06 0.91 -45.06
C LEU CA 377 -34.63 1.93 -46.10
N GLY CA 378 -34.23 3.10 -45.63
CA GLY CA 378 -33.80 4.16 -46.53
C GLY CA 378 -33.26 5.32 -45.75
N SER CA 379 -32.67 6.27 -46.46
CA SER CA 379 -32.10 7.46 -45.87
C SER CA 379 -33.10 8.61 -45.91
N LEU CA 380 -32.81 9.66 -45.15
CA LEU CA 380 -33.76 10.76 -45.09
C LEU CA 380 -33.71 11.66 -46.31
N ASN CA 381 -32.68 11.54 -47.15
CA ASN CA 381 -32.72 12.10 -48.49
C ASN CA 381 -33.29 11.10 -49.49
N SER CA 382 -33.94 10.05 -49.00
CA SER CA 382 -34.68 9.07 -49.80
C SER CA 382 -33.77 8.30 -50.74
N VAL CA 383 -32.73 7.71 -50.17
CA VAL CA 383 -31.91 6.72 -50.85
C VAL CA 383 -32.26 5.36 -50.25
N GLY CA 384 -32.84 4.49 -51.06
CA GLY CA 384 -33.32 3.23 -50.54
C GLY CA 384 -32.20 2.28 -50.15
N GLY CA 385 -32.46 1.50 -49.13
CA GLY CA 385 -31.53 0.50 -48.66
C GLY CA 385 -30.86 0.90 -47.36
N VAL CA 386 -29.90 0.07 -46.95
CA VAL CA 386 -29.13 0.29 -45.72
C VAL CA 386 -28.22 1.48 -45.92
N ALA CA 387 -27.62 1.96 -44.82
CA ALA CA 387 -26.81 3.17 -44.85
C ALA CA 387 -25.58 3.02 -45.75
N THR CA 388 -25.14 1.80 -46.02
CA THR CA 388 -23.97 1.59 -46.85
C THR CA 388 -24.29 1.51 -48.34
N GLU CA 389 -25.55 1.38 -48.72
CA GLU CA 389 -25.90 1.32 -50.13
C GLU CA 389 -25.73 2.67 -50.80
N ILE CA 390 -25.37 2.63 -52.09
CA ILE CA 390 -25.11 3.82 -52.87
C ILE CA 390 -26.43 4.43 -53.35
N ASN CA 391 -26.35 5.65 -53.89
CA ASN CA 391 -27.52 6.37 -54.35
C ASN CA 391 -27.95 5.82 -55.71
N ALA CA 392 -28.73 4.75 -55.68
CA ALA CA 392 -29.29 4.17 -56.90
C ALA CA 392 -30.79 4.30 -56.97
N VAL CA 393 -31.51 3.81 -55.96
CA VAL CA 393 -32.97 3.83 -55.96
C VAL CA 393 -33.44 4.95 -55.05
N ASN CA 394 -34.65 5.42 -55.32
CA ASN CA 394 -35.28 6.54 -54.62
C ASN CA 394 -36.50 5.97 -53.90
N PHE CA 395 -36.32 5.56 -52.65
CA PHE CA 395 -37.42 4.91 -51.94
C PHE CA 395 -37.22 5.02 -50.44
N VAL CA 396 -38.23 5.55 -49.75
CA VAL CA 396 -38.42 5.36 -48.33
C VAL CA 396 -39.87 4.96 -48.12
N SER CA 397 -40.09 3.95 -47.29
CA SER CA 397 -41.42 3.40 -47.11
C SER CA 397 -42.36 4.41 -46.46
N PRO CA 398 -43.62 4.45 -46.89
CA PRO CA 398 -44.61 5.27 -46.17
C PRO CA 398 -44.78 4.84 -44.73
N ARG CA 399 -44.64 3.55 -44.44
CA ARG CA 399 -44.67 3.09 -43.06
C ARG CA 399 -43.55 3.73 -42.25
N SER CA 400 -42.35 3.80 -42.83
CA SER CA 400 -41.24 4.44 -42.15
C SER CA 400 -41.50 5.92 -41.93
N TRP CA 401 -42.01 6.62 -42.95
CA TRP CA 401 -42.31 8.04 -42.81
C TRP CA 401 -43.35 8.28 -41.72
N LEU CA 402 -44.43 7.51 -41.73
CA LEU CA 402 -45.49 7.66 -40.75
C LEU CA 402 -45.01 7.36 -39.35
N ALA CA 403 -44.27 6.25 -39.18
CA ALA CA 403 -43.81 5.86 -37.87
C ALA CA 403 -42.86 6.89 -37.29
N THR CA 404 -41.90 7.36 -38.08
CA THR CA 404 -40.95 8.35 -37.58
C THR CA 404 -41.64 9.65 -37.23
N SER CA 405 -42.47 10.17 -38.13
CA SER CA 405 -43.14 11.45 -37.89
C SER CA 405 -44.04 11.36 -36.66
N HIS CA 406 -44.75 10.25 -36.50
CA HIS CA 406 -45.73 10.19 -35.43
C HIS CA 406 -45.12 9.82 -34.11
N PHE CA 407 -43.98 9.11 -34.08
CA PHE CA 407 -43.25 9.03 -32.83
C PHE CA 407 -42.74 10.41 -32.41
N CYS CA 408 -42.23 11.19 -33.35
CA CYS CA 408 -41.76 12.53 -32.99
C CYS CA 408 -42.90 13.39 -32.46
N LEU CA 409 -44.06 13.34 -33.13
CA LEU CA 409 -45.20 14.13 -32.70
C LEU CA 409 -45.73 13.66 -31.35
N GLY CA 410 -45.79 12.35 -31.13
CA GLY CA 410 -46.21 11.84 -29.84
C GLY CA 410 -45.29 12.26 -28.72
N PHE CA 411 -43.97 12.25 -28.98
CA PHE CA 411 -43.03 12.64 -27.94
C PHE CA 411 -43.15 14.13 -27.62
N PHE CA 412 -43.22 14.99 -28.64
CA PHE CA 412 -43.36 16.41 -28.35
C PHE CA 412 -44.68 16.71 -27.66
N PHE CA 413 -45.74 15.99 -27.99
CA PHE CA 413 -47.00 16.26 -27.31
C PHE CA 413 -47.03 15.69 -25.90
N PHE CA 414 -46.25 14.64 -25.62
CA PHE CA 414 -46.03 14.25 -24.23
C PHE CA 414 -45.30 15.35 -23.45
N VAL CA 415 -44.28 15.95 -24.06
CA VAL CA 415 -43.55 17.02 -23.40
C VAL CA 415 -44.46 18.23 -23.17
N GLY CA 416 -45.29 18.55 -24.16
CA GLY CA 416 -46.24 19.63 -23.99
C GLY CA 416 -47.28 19.34 -22.92
N HIS CA 417 -47.67 18.07 -22.80
CA HIS CA 417 -48.54 17.67 -21.71
C HIS CA 417 -47.88 17.90 -20.36
N LEU CA 418 -46.59 17.55 -20.24
CA LEU CA 418 -45.87 17.80 -18.99
C LEU CA 418 -45.83 19.29 -18.69
N TRP CA 419 -45.49 20.10 -19.69
CA TRP CA 419 -45.41 21.54 -19.52
C TRP CA 419 -46.74 22.12 -19.05
N HIS CA 420 -47.83 21.75 -19.73
CA HIS CA 420 -49.12 22.35 -19.41
C HIS CA 420 -49.74 21.78 -18.16
N ALA CA 421 -49.50 20.51 -17.83
CA ALA CA 421 -49.99 19.97 -16.57
C ALA CA 421 -49.29 20.61 -15.39
N GLY CA 422 -47.96 20.76 -15.48
CA GLY CA 422 -47.24 21.46 -14.44
C GLY CA 422 -47.68 22.91 -14.29
N ARG CA 423 -47.83 23.61 -15.41
CA ARG CA 423 -48.24 25.01 -15.33
C ARG CA 423 -49.67 25.15 -14.84
N ALA CA 424 -50.56 24.22 -15.19
CA ALA CA 424 -51.92 24.26 -14.70
C ALA CA 424 -51.97 24.04 -13.19
N ARG CA 425 -51.22 23.06 -12.68
CA ARG CA 425 -51.15 22.88 -11.24
C ARG CA 425 -50.57 24.10 -10.54
N ALA CA 426 -49.48 24.66 -11.08
CA ALA CA 426 -48.84 25.81 -10.45
C ALA CA 426 -49.72 27.05 -10.49
N ALA CA 427 -50.47 27.23 -11.58
CA ALA CA 427 -51.33 28.40 -11.71
C ALA CA 427 -52.57 28.27 -10.84
N ALA CA 428 -53.12 27.06 -10.73
CA ALA CA 428 -54.23 26.84 -9.80
C ALA CA 428 -53.79 27.04 -8.37
N ALA CA 429 -52.58 26.58 -8.02
CA ALA CA 429 -52.08 26.76 -6.66
C ALA CA 429 -51.61 28.18 -6.39
N GLY CA 430 -51.32 28.96 -7.42
CA GLY CA 430 -50.99 30.35 -7.26
C GLY CA 430 -49.53 30.73 -7.23
N PHE CA 431 -48.64 29.85 -7.68
CA PHE CA 431 -47.22 30.19 -7.73
C PHE CA 431 -46.62 29.86 -9.08
N GLU CA 432 -47.36 30.11 -10.16
CA GLU CA 432 -46.80 29.95 -11.49
C GLU CA 432 -45.91 31.11 -11.91
N LYS CA 433 -45.94 32.23 -11.19
CA LYS CA 433 -45.09 33.37 -11.48
C LYS CA 433 -43.84 33.41 -10.64
N GLY CA 434 -43.71 32.55 -9.63
CA GLY CA 434 -42.52 32.46 -8.82
C GLY CA 434 -42.83 32.44 -7.35
N ILE CA 435 -41.77 32.42 -6.56
CA ILE CA 435 -41.88 32.41 -5.11
C ILE CA 435 -42.17 33.83 -4.63
N ASP CA 436 -43.02 33.93 -3.59
CA ASP CA 436 -43.57 35.22 -3.19
C ASP CA 436 -42.53 36.17 -2.59
N ARG CA 437 -41.40 35.65 -2.12
CA ARG CA 437 -40.29 36.38 -1.49
C ARG CA 437 -40.66 36.97 -0.13
N VAL CA 438 -41.91 36.84 0.30
CA VAL CA 438 -42.31 37.27 1.63
C VAL CA 438 -42.93 36.13 2.43
N ASP CA 439 -43.46 35.10 1.78
CA ASP CA 439 -44.08 33.94 2.42
C ASP CA 439 -43.51 32.66 1.83
N GLU CA 440 -42.18 32.60 1.74
CA GLU CA 440 -41.51 31.47 1.09
C GLU CA 440 -41.72 30.20 1.90
N PRO CA 441 -42.25 29.14 1.29
CA PRO CA 441 -42.60 27.92 2.07
C PRO CA 441 -41.41 27.22 2.69
N VAL CA 442 -40.28 27.15 1.99
CA VAL CA 442 -39.13 26.40 2.49
C VAL CA 442 -38.58 27.04 3.76
N LEU CA 443 -38.60 28.37 3.83
CA LEU CA 443 -38.19 29.07 5.04
C LEU CA 443 -39.06 28.74 6.24
N SER CA 444 -40.29 28.27 6.00
CA SER CA 444 -41.17 27.84 7.07
C SER CA 444 -41.05 26.35 7.37
N MET CA 445 -40.17 25.64 6.69
CA MET CA 445 -40.03 24.19 6.87
C MET CA 445 -38.90 23.88 7.83
N ARG CA 446 -38.97 22.68 8.40
CA ARG CA 446 -37.91 22.22 9.29
C ARG CA 446 -36.64 21.94 8.47
N PRO CA 447 -35.47 22.26 9.00
CA PRO CA 447 -34.24 22.08 8.23
C PRO CA 447 -33.83 20.62 8.05
N LEU CA 448 -32.63 20.42 7.51
CA LEU CA 448 -32.08 19.12 7.11
C LEU CA 448 -32.89 18.47 6.00
N ASP CA 449 -33.65 19.29 5.28
CA ASP CA 449 -34.35 18.89 4.06
C ASP CA 449 -35.26 17.70 4.26
N ILE DA 1 1.66 55.56 -15.02
CA ILE DA 1 2.75 54.73 -14.56
C ILE DA 1 3.28 55.27 -13.24
N GLY DA 2 2.47 55.13 -12.20
CA GLY DA 2 2.81 55.63 -10.89
C GLY DA 2 2.64 57.14 -10.80
N THR DA 3 2.99 57.67 -9.62
CA THR DA 3 2.92 59.10 -9.37
C THR DA 3 4.23 59.75 -9.83
N TYR DA 4 4.45 59.68 -11.14
CA TYR DA 4 5.68 60.16 -11.75
C TYR DA 4 5.36 60.68 -13.14
N GLN DA 5 6.08 61.72 -13.55
CA GLN DA 5 5.84 62.36 -14.85
C GLN DA 5 6.59 61.56 -15.91
N GLU DA 6 5.86 60.68 -16.60
CA GLU DA 6 6.45 59.78 -17.59
C GLU DA 6 6.49 60.40 -18.99
N LYS DA 7 5.55 61.30 -19.28
CA LYS DA 7 5.32 61.93 -20.59
C LYS DA 7 4.82 60.92 -21.62
N ARG DA 8 4.02 61.39 -22.56
CA ARG DA 8 3.33 60.51 -23.50
C ARG DA 8 4.19 60.25 -24.73
N THR DA 9 3.99 59.07 -25.32
CA THR DA 9 4.72 58.62 -26.50
C THR DA 9 3.74 58.06 -27.52
N TRP DA 10 4.29 57.61 -28.65
CA TRP DA 10 3.47 56.96 -29.67
C TRP DA 10 2.85 55.69 -29.14
N PHE DA 11 3.53 54.99 -28.23
CA PHE DA 11 2.91 53.84 -27.58
C PHE DA 11 1.67 54.25 -26.80
N ASP DA 12 1.74 55.38 -26.09
CA ASP DA 12 0.59 55.83 -25.34
C ASP DA 12 -0.56 56.23 -26.26
N ASP DA 13 -0.24 56.89 -27.38
CA ASP DA 13 -1.29 57.23 -28.35
C ASP DA 13 -1.92 55.98 -28.96
N ALA DA 14 -1.10 55.00 -29.34
CA ALA DA 14 -1.62 53.77 -29.92
C ALA DA 14 -2.44 52.99 -28.90
N ASP DA 15 -2.01 52.98 -27.64
CA ASP DA 15 -2.77 52.31 -26.59
C ASP DA 15 -4.10 53.00 -26.34
N ASP DA 16 -4.10 54.34 -26.36
CA ASP DA 16 -5.35 55.08 -26.19
C ASP DA 16 -6.32 54.78 -27.32
N TRP DA 17 -5.83 54.69 -28.56
CA TRP DA 17 -6.73 54.39 -29.66
C TRP DA 17 -7.20 52.94 -29.64
N LEU DA 18 -6.30 51.99 -29.36
CA LEU DA 18 -6.64 50.58 -29.41
C LEU DA 18 -7.59 50.18 -28.29
N ARG DA 19 -7.42 50.76 -27.10
CA ARG DA 19 -8.29 50.44 -25.99
C ARG DA 19 -9.53 51.33 -25.93
N GLN DA 20 -9.81 52.10 -26.98
CA GLN DA 20 -10.99 52.93 -27.02
C GLN DA 20 -12.25 52.06 -27.11
N ASP DA 21 -13.31 52.48 -26.43
CA ASP DA 21 -14.57 51.74 -26.42
C ASP DA 21 -15.33 52.01 -27.71
N ARG DA 22 -15.35 51.02 -28.59
CA ARG DA 22 -16.01 51.17 -29.89
C ARG DA 22 -16.92 49.98 -30.16
N PHE DA 23 -17.44 49.88 -31.39
CA PHE DA 23 -18.36 48.80 -31.72
C PHE DA 23 -17.68 47.44 -31.66
N VAL DA 24 -16.45 47.35 -32.15
CA VAL DA 24 -15.62 46.16 -31.95
C VAL DA 24 -14.35 46.59 -31.23
N PHE DA 25 -14.10 46.00 -30.07
CA PHE DA 25 -12.87 46.27 -29.36
C PHE DA 25 -11.70 45.67 -30.13
N VAL DA 26 -10.69 46.49 -30.41
CA VAL DA 26 -9.51 45.99 -31.09
C VAL DA 26 -8.46 45.62 -30.05
N GLY DA 27 -7.97 46.63 -29.34
CA GLY DA 27 -6.90 46.41 -28.39
C GLY DA 27 -5.60 46.03 -29.09
N TRP DA 28 -4.58 45.76 -28.26
CA TRP DA 28 -3.32 45.28 -28.79
C TRP DA 28 -3.44 43.86 -29.31
N SER DA 29 -4.33 43.07 -28.71
CA SER DA 29 -4.55 41.70 -29.15
C SER DA 29 -5.31 41.62 -30.46
N GLY DA 30 -6.06 42.67 -30.83
CA GLY DA 30 -6.79 42.65 -32.07
C GLY DA 30 -5.89 42.60 -33.29
N LEU DA 31 -4.72 43.22 -33.22
CA LEU DA 31 -3.76 43.20 -34.30
C LEU DA 31 -3.29 41.80 -34.65
N LEU DA 32 -3.36 40.87 -33.69
CA LEU DA 32 -3.11 39.46 -33.95
C LEU DA 32 -4.39 38.69 -34.24
N LEU DA 33 -5.48 39.01 -33.55
CA LEU DA 33 -6.69 38.20 -33.65
C LEU DA 33 -7.42 38.43 -34.97
N LEU DA 34 -7.76 39.70 -35.27
CA LEU DA 34 -8.65 39.98 -36.39
C LEU DA 34 -8.11 39.52 -37.74
N PRO DA 35 -6.86 39.82 -38.14
CA PRO DA 35 -6.40 39.27 -39.42
C PRO DA 35 -6.27 37.75 -39.41
N CYS DA 36 -5.75 37.16 -38.34
CA CYS DA 36 -5.54 35.71 -38.33
C CYS DA 36 -6.87 34.96 -38.32
N ALA DA 37 -7.81 35.36 -37.47
CA ALA DA 37 -9.12 34.71 -37.45
C ALA DA 37 -9.86 34.94 -38.75
N TYR DA 38 -9.80 36.17 -39.28
CA TYR DA 38 -10.42 36.47 -40.56
C TYR DA 38 -9.87 35.58 -41.66
N PHE DA 39 -8.55 35.41 -41.68
CA PHE DA 39 -7.94 34.61 -42.74
C PHE DA 39 -8.25 33.13 -42.57
N ALA DA 40 -8.31 32.64 -41.34
CA ALA DA 40 -8.64 31.24 -41.12
C ALA DA 40 -10.07 30.93 -41.57
N VAL DA 41 -11.03 31.77 -41.15
CA VAL DA 41 -12.42 31.53 -41.53
C VAL DA 41 -12.61 31.71 -43.03
N GLY DA 42 -12.05 32.77 -43.59
CA GLY DA 42 -12.19 32.99 -45.02
C GLY DA 42 -11.50 31.93 -45.85
N GLY DA 43 -10.35 31.44 -45.40
CA GLY DA 43 -9.69 30.37 -46.10
C GLY DA 43 -10.46 29.07 -46.05
N TRP DA 44 -11.09 28.77 -44.91
CA TRP DA 44 -11.92 27.57 -44.86
C TRP DA 44 -13.12 27.69 -45.78
N LEU DA 45 -13.78 28.85 -45.80
CA LEU DA 45 -14.92 29.04 -46.69
C LEU DA 45 -14.49 28.98 -48.15
N THR DA 46 -13.34 29.58 -48.47
CA THR DA 46 -12.80 29.55 -49.82
C THR DA 46 -12.47 28.12 -50.24
N GLY DA 47 -11.88 27.33 -49.34
CA GLY DA 47 -11.57 25.95 -49.67
C GLY DA 47 -12.79 25.09 -49.87
N CYS DA 48 -13.81 25.30 -49.04
CA CYS DA 48 -15.05 24.54 -49.21
C CYS DA 48 -15.79 24.97 -50.48
N THR DA 49 -15.64 26.22 -50.90
CA THR DA 49 -16.35 26.68 -52.08
C THR DA 49 -15.64 26.30 -53.38
N PHE DA 50 -14.32 26.49 -53.44
CA PHE DA 50 -13.61 26.40 -54.71
C PHE DA 50 -12.47 25.39 -54.74
N VAL DA 51 -11.77 25.15 -53.65
CA VAL DA 51 -10.54 24.38 -53.67
C VAL DA 51 -10.85 22.90 -53.60
N THR DA 52 -10.22 22.11 -54.46
CA THR DA 52 -10.45 20.69 -54.56
C THR DA 52 -9.50 19.91 -53.66
N SER DA 53 -9.82 18.63 -53.47
CA SER DA 53 -8.95 17.68 -52.79
C SER DA 53 -8.50 16.58 -53.73
N TRP DA 54 -8.56 16.83 -55.03
CA TRP DA 54 -8.35 15.80 -56.02
C TRP DA 54 -6.90 15.34 -56.07
N TYR DA 55 -5.97 16.23 -55.79
CA TYR DA 55 -4.56 15.90 -55.87
C TYR DA 55 -3.95 15.48 -54.55
N THR DA 56 -4.57 15.83 -53.42
CA THR DA 56 -4.05 15.43 -52.12
C THR DA 56 -4.67 14.13 -51.62
N HIS DA 57 -5.98 13.98 -51.75
CA HIS DA 57 -6.68 12.80 -51.26
C HIS DA 57 -7.35 11.99 -52.34
N GLY DA 58 -7.39 12.48 -53.58
CA GLY DA 58 -8.20 11.85 -54.61
C GLY DA 58 -9.68 11.94 -54.31
N LEU DA 59 -10.14 13.08 -53.82
CA LEU DA 59 -11.52 13.26 -53.41
C LEU DA 59 -12.06 14.57 -53.96
N ALA DA 60 -13.37 14.60 -54.16
CA ALA DA 60 -14.09 15.85 -54.40
C ALA DA 60 -14.52 16.40 -53.04
N SER DA 61 -14.13 17.63 -52.74
CA SER DA 61 -14.45 18.20 -51.44
C SER DA 61 -14.82 19.67 -51.55
N SER DA 62 -15.43 20.08 -52.65
CA SER DA 62 -15.75 21.48 -52.85
C SER DA 62 -17.14 21.61 -53.43
N TYR DA 63 -17.80 22.73 -53.11
CA TYR DA 63 -19.11 23.03 -53.66
C TYR DA 63 -19.05 23.09 -55.18
N ILE DA 64 -17.97 23.66 -55.73
CA ILE DA 64 -17.84 23.75 -57.18
C ILE DA 64 -17.68 22.37 -57.80
N GLU DA 65 -17.31 21.36 -57.02
CA GLU DA 65 -17.28 19.99 -57.51
C GLU DA 65 -18.59 19.25 -57.29
N GLY DA 66 -19.54 19.85 -56.58
CA GLY DA 66 -20.83 19.23 -56.32
C GLY DA 66 -21.06 18.80 -54.89
N CYS DA 67 -20.12 19.02 -53.99
CA CYS DA 67 -20.32 18.65 -52.60
C CYS DA 67 -21.27 19.62 -51.92
N ASN DA 68 -21.98 19.12 -50.91
CA ASN DA 68 -22.84 19.97 -50.10
C ASN DA 68 -22.05 20.46 -48.89
N PHE DA 69 -22.74 21.13 -47.96
CA PHE DA 69 -22.07 21.67 -46.78
C PHE DA 69 -21.50 20.57 -45.90
N LEU DA 70 -22.18 19.43 -45.82
CA LEU DA 70 -21.71 18.34 -44.99
C LEU DA 70 -20.54 17.59 -45.62
N THR DA 71 -20.33 17.71 -46.92
CA THR DA 71 -19.35 16.90 -47.64
C THR DA 71 -18.10 17.67 -48.05
N ALA DA 72 -18.22 18.96 -48.31
CA ALA DA 72 -17.05 19.76 -48.69
C ALA DA 72 -16.11 19.94 -47.50
N ALA DA 73 -14.82 20.00 -47.80
CA ALA DA 73 -13.82 20.16 -46.76
C ALA DA 73 -12.55 20.77 -47.34
N VAL DA 74 -11.86 21.52 -46.50
CA VAL DA 74 -10.46 21.87 -46.77
C VAL DA 74 -9.61 20.69 -46.30
N SER DA 75 -9.08 19.93 -47.24
CA SER DA 75 -8.44 18.67 -46.89
C SER DA 75 -6.96 18.85 -46.60
N THR DA 76 -6.43 17.91 -45.83
CA THR DA 76 -5.05 17.90 -45.44
C THR DA 76 -4.16 17.65 -46.65
N PRO DA 77 -2.90 18.08 -46.59
CA PRO DA 77 -1.97 17.83 -47.70
C PRO DA 77 -1.67 16.35 -47.85
N ALA DA 78 -1.02 16.02 -48.96
CA ALA DA 78 -0.64 14.65 -49.22
C ALA DA 78 0.46 14.20 -48.26
N ASN DA 79 0.43 12.92 -47.90
CA ASN DA 79 1.34 12.38 -46.91
C ASN DA 79 2.80 12.44 -47.36
N SER DA 80 3.05 12.45 -48.66
CA SER DA 80 4.42 12.59 -49.15
C SER DA 80 5.01 13.96 -48.83
N LEU DA 81 4.16 14.93 -48.49
CA LEU DA 81 4.67 16.22 -48.02
C LEU DA 81 5.05 16.18 -46.55
N GLY DA 82 4.67 15.13 -45.82
CA GLY DA 82 5.06 15.01 -44.42
C GLY DA 82 4.49 16.13 -43.57
N HIS DA 83 5.35 16.73 -42.76
CA HIS DA 83 4.99 17.86 -41.91
C HIS DA 83 5.47 19.18 -42.49
N SER DA 84 5.50 19.30 -43.81
CA SER DA 84 5.89 20.54 -44.45
C SER DA 84 4.93 21.67 -44.08
N LEU DA 85 5.49 22.83 -43.76
CA LEU DA 85 4.66 23.98 -43.43
C LEU DA 85 3.91 24.50 -44.65
N LEU DA 86 4.41 24.22 -45.85
CA LEU DA 86 3.75 24.58 -47.12
C LEU DA 86 3.42 26.06 -47.20
N PHE DA 87 4.45 26.89 -47.02
CA PHE DA 87 4.32 28.29 -47.34
C PHE DA 87 4.10 28.45 -48.84
N VAL DA 88 3.39 29.51 -49.23
CA VAL DA 88 3.19 29.75 -50.65
C VAL DA 88 4.52 30.06 -51.33
N TRP DA 89 5.47 30.63 -50.60
CA TRP DA 89 6.82 30.81 -51.08
C TRP DA 89 7.72 29.61 -50.81
N GLY DA 90 7.17 28.54 -50.24
CA GLY DA 90 7.96 27.40 -49.83
C GLY DA 90 8.49 26.59 -50.99
N PRO DA 91 9.32 25.59 -50.69
CA PRO DA 91 9.93 24.79 -51.77
C PRO DA 91 8.93 23.98 -52.57
N GLU DA 92 7.73 23.76 -52.07
CA GLU DA 92 6.71 23.00 -52.79
C GLU DA 92 5.90 23.91 -53.71
N ALA DA 93 5.26 24.94 -53.14
CA ALA DA 93 4.44 25.84 -53.95
C ALA DA 93 5.30 26.74 -54.83
N GLN DA 94 6.37 27.32 -54.27
CA GLN DA 94 7.30 28.18 -54.99
C GLN DA 94 6.61 29.40 -55.61
N GLY DA 95 5.62 29.94 -54.90
CA GLY DA 95 4.97 31.16 -55.31
C GLY DA 95 3.71 30.98 -56.12
N ASP DA 96 3.49 29.82 -56.71
CA ASP DA 96 2.32 29.59 -57.55
C ASP DA 96 1.11 29.36 -56.66
N LEU DA 97 0.18 30.32 -56.64
CA LEU DA 97 -0.95 30.25 -55.72
C LEU DA 97 -1.91 29.14 -56.09
N THR DA 98 -2.15 28.93 -57.39
CA THR DA 98 -3.06 27.88 -57.83
C THR DA 98 -2.52 26.49 -57.48
N ARG DA 99 -1.24 26.25 -57.72
CA ARG DA 99 -0.65 24.97 -57.34
C ARG DA 99 -0.54 24.84 -55.82
N TRP DA 100 -0.40 25.96 -55.12
CA TRP DA 100 -0.44 25.93 -53.66
C TRP DA 100 -1.80 25.47 -53.16
N PHE DA 101 -2.87 25.96 -53.80
CA PHE DA 101 -4.22 25.48 -53.48
C PHE DA 101 -4.35 24.00 -53.81
N GLN DA 102 -3.80 23.57 -54.94
CA GLN DA 102 -3.93 22.17 -55.34
C GLN DA 102 -3.13 21.23 -54.45
N LEU DA 103 -2.04 21.70 -53.86
CA LEU DA 103 -1.13 20.85 -53.08
C LEU DA 103 -1.57 20.69 -51.64
N GLY DA 104 -2.66 21.32 -51.22
CA GLY DA 104 -3.10 21.24 -49.85
C GLY DA 104 -2.52 22.28 -48.92
N GLY DA 105 -1.85 23.31 -49.46
CA GLY DA 105 -1.29 24.35 -48.62
C GLY DA 105 -2.33 25.20 -47.92
N LEU DA 106 -3.55 25.21 -48.44
CA LEU DA 106 -4.63 25.92 -47.77
C LEU DA 106 -4.97 25.31 -46.42
N TRP DA 107 -4.79 23.99 -46.27
CA TRP DA 107 -4.99 23.37 -44.96
C TRP DA 107 -4.00 23.93 -43.94
N ALA DA 108 -2.73 24.01 -44.31
CA ALA DA 108 -1.73 24.53 -43.39
C ALA DA 108 -1.97 26.01 -43.12
N PHE DA 109 -2.37 26.77 -44.14
CA PHE DA 109 -2.74 28.17 -43.96
C PHE DA 109 -3.85 28.31 -42.93
N VAL DA 110 -4.93 27.55 -43.10
CA VAL DA 110 -6.08 27.64 -42.20
C VAL DA 110 -5.70 27.20 -40.80
N ALA DA 111 -4.94 26.11 -40.67
CA ALA DA 111 -4.58 25.59 -39.36
C ALA DA 111 -3.70 26.56 -38.59
N LEU DA 112 -2.65 27.09 -39.24
CA LEU DA 112 -1.74 27.99 -38.55
C LEU DA 112 -2.41 29.32 -38.21
N HIS DA 113 -3.18 29.87 -39.14
CA HIS DA 113 -3.89 31.11 -38.84
C HIS DA 113 -4.97 30.90 -37.80
N GLY DA 114 -5.60 29.73 -37.76
CA GLY DA 114 -6.56 29.44 -36.71
C GLY DA 114 -5.91 29.31 -35.35
N ALA DA 115 -4.73 28.68 -35.29
CA ALA DA 115 -4.00 28.60 -34.03
C ALA DA 115 -3.62 29.99 -33.51
N PHE DA 116 -3.11 30.84 -34.39
CA PHE DA 116 -2.77 32.19 -33.96
C PHE DA 116 -4.00 33.02 -33.66
N GLY DA 117 -5.12 32.74 -34.33
CA GLY DA 117 -6.37 33.39 -33.98
C GLY DA 117 -6.88 32.98 -32.61
N LEU DA 118 -6.70 31.71 -32.26
CA LEU DA 118 -7.05 31.26 -30.92
C LEU DA 118 -6.18 31.94 -29.87
N ILE DA 119 -4.89 32.06 -30.15
CA ILE DA 119 -3.99 32.79 -29.25
C ILE DA 119 -4.44 34.25 -29.10
N GLY DA 120 -4.79 34.88 -30.22
CA GLY DA 120 -5.24 36.26 -30.18
C GLY DA 120 -6.56 36.44 -29.46
N PHE DA 121 -7.47 35.48 -29.60
CA PHE DA 121 -8.75 35.57 -28.90
C PHE DA 121 -8.56 35.39 -27.40
N MET DA 122 -7.65 34.50 -27.00
CA MET DA 122 -7.33 34.36 -25.58
C MET DA 122 -6.71 35.64 -25.03
N LEU DA 123 -5.81 36.26 -25.80
CA LEU DA 123 -5.25 37.54 -25.41
C LEU DA 123 -6.30 38.63 -25.36
N ARG DA 124 -7.30 38.57 -26.23
CA ARG DA 124 -8.41 39.51 -26.19
C ARG DA 124 -9.23 39.34 -24.92
N GLN DA 125 -9.48 38.10 -24.52
CA GLN DA 125 -10.15 37.83 -23.25
C GLN DA 125 -9.37 38.43 -22.09
N PHE DA 126 -8.05 38.21 -22.09
CA PHE DA 126 -7.19 38.76 -21.04
C PHE DA 126 -7.25 40.29 -21.02
N GLU DA 127 -7.14 40.91 -22.21
CA GLU DA 127 -7.08 42.36 -22.31
C GLU DA 127 -8.40 43.02 -21.88
N ILE DA 128 -9.52 42.46 -22.32
CA ILE DA 128 -10.81 43.02 -21.95
C ILE DA 128 -11.08 42.81 -20.46
N ALA DA 129 -10.71 41.65 -19.92
CA ALA DA 129 -10.87 41.42 -18.49
C ALA DA 129 -10.02 42.38 -17.68
N ARG DA 130 -8.81 42.71 -18.15
CA ARG DA 130 -7.98 43.66 -17.44
C ARG DA 130 -8.53 45.08 -17.55
N SER DA 131 -9.08 45.43 -18.71
CA SER DA 131 -9.67 46.77 -18.87
C SER DA 131 -10.89 46.95 -17.99
N VAL DA 132 -11.75 45.93 -17.89
CA VAL DA 132 -12.95 46.01 -17.06
C VAL DA 132 -12.66 45.66 -15.60
N ASN DA 133 -11.44 45.22 -15.29
CA ASN DA 133 -11.03 44.83 -13.94
C ASN DA 133 -11.86 43.66 -13.43
N LEU DA 134 -11.95 42.61 -14.24
CA LEU DA 134 -12.54 41.34 -13.87
C LEU DA 134 -11.47 40.26 -13.86
N ARG DA 135 -11.75 39.18 -13.18
CA ARG DA 135 -10.82 38.06 -13.09
C ARG DA 135 -10.81 37.26 -14.40
N PRO DA 136 -9.64 36.74 -14.79
CA PRO DA 136 -9.52 36.16 -16.14
C PRO DA 136 -9.93 34.69 -16.25
N TYR DA 137 -11.05 34.35 -15.62
CA TYR DA 137 -11.48 32.96 -15.64
C TYR DA 137 -12.07 32.57 -16.99
N ASN DA 138 -12.52 33.53 -17.78
CA ASN DA 138 -12.97 33.22 -19.13
C ASN DA 138 -11.82 32.73 -20.00
N ALA DA 139 -10.66 33.40 -19.92
CA ALA DA 139 -9.49 32.94 -20.66
C ALA DA 139 -8.98 31.62 -20.09
N ILE DA 140 -9.03 31.46 -18.76
CA ILE DA 140 -8.63 30.20 -18.16
C ILE DA 140 -9.51 29.05 -18.67
N ALA DA 141 -10.81 29.31 -18.81
CA ALA DA 141 -11.71 28.29 -19.37
C ALA DA 141 -11.47 28.07 -20.86
N PHE DA 142 -11.13 29.12 -21.60
CA PHE DA 142 -10.86 28.99 -23.02
C PHE DA 142 -9.55 28.31 -23.32
N SER DA 143 -8.70 28.12 -22.30
CA SER DA 143 -7.47 27.33 -22.48
C SER DA 143 -7.76 25.90 -22.93
N ALA DA 144 -8.94 25.36 -22.62
CA ALA DA 144 -9.23 23.96 -22.94
C ALA DA 144 -9.57 23.71 -24.40
N PRO DA 145 -10.40 24.53 -25.07
CA PRO DA 145 -10.52 24.35 -26.54
C PRO DA 145 -9.22 24.58 -27.28
N ILE DA 146 -8.36 25.47 -26.78
CA ILE DA 146 -7.03 25.64 -27.40
C ILE DA 146 -6.20 24.38 -27.21
N ALA DA 147 -6.29 23.75 -26.04
CA ALA DA 147 -5.57 22.50 -25.83
C ALA DA 147 -6.07 21.41 -26.77
N VAL DA 148 -7.39 21.35 -26.97
CA VAL DA 148 -7.96 20.38 -27.90
C VAL DA 148 -7.48 20.64 -29.33
N PHE DA 149 -7.53 21.91 -29.75
CA PHE DA 149 -7.10 22.24 -31.10
C PHE DA 149 -5.63 21.91 -31.31
N VAL DA 150 -4.78 22.26 -30.34
CA VAL DA 150 -3.36 22.00 -30.47
C VAL DA 150 -3.09 20.50 -30.55
N SER DA 151 -3.66 19.74 -29.61
CA SER DA 151 -3.38 18.30 -29.55
C SER DA 151 -3.94 17.57 -30.76
N VAL DA 152 -5.07 18.01 -31.29
CA VAL DA 152 -5.72 17.27 -32.39
C VAL DA 152 -5.17 17.69 -33.75
N PHE DA 153 -5.03 18.99 -34.00
CA PHE DA 153 -4.67 19.47 -35.32
C PHE DA 153 -3.17 19.71 -35.49
N LEU DA 154 -2.40 19.78 -34.41
CA LEU DA 154 -0.96 19.95 -34.53
C LEU DA 154 -0.21 18.76 -33.97
N ILE DA 155 -0.43 18.42 -32.69
CA ILE DA 155 0.40 17.41 -32.03
C ILE DA 155 0.17 16.03 -32.63
N TYR DA 156 -1.09 15.67 -32.90
CA TYR DA 156 -1.34 14.35 -33.47
C TYR DA 156 -0.76 14.17 -34.87
N PRO DA 157 -0.98 15.07 -35.84
CA PRO DA 157 -0.27 14.89 -37.12
C PRO DA 157 1.24 15.00 -37.01
N LEU DA 158 1.75 15.83 -36.09
CA LEU DA 158 3.19 15.91 -35.92
C LEU DA 158 3.77 14.61 -35.37
N GLY DA 159 2.99 13.90 -34.55
CA GLY DA 159 3.39 12.57 -34.12
C GLY DA 159 3.21 11.50 -35.16
N GLN DA 160 2.30 11.70 -36.11
CA GLN DA 160 2.10 10.75 -37.18
C GLN DA 160 3.05 11.07 -38.33
N SER DA 161 2.82 10.47 -39.50
CA SER DA 161 3.72 10.64 -40.63
C SER DA 161 3.55 11.98 -41.34
N GLY DA 162 2.47 12.70 -41.09
CA GLY DA 162 2.32 14.01 -41.69
C GLY DA 162 0.94 14.57 -41.49
N TRP DA 163 0.79 15.81 -41.98
CA TRP DA 163 -0.46 16.55 -41.88
C TRP DA 163 -1.62 15.80 -42.49
N PHE DA 164 -1.35 14.86 -43.40
CA PHE DA 164 -2.37 14.03 -44.02
C PHE DA 164 -3.25 13.34 -43.00
N PHE DA 165 -2.69 12.98 -41.85
CA PHE DA 165 -3.48 12.25 -40.87
C PHE DA 165 -4.11 13.16 -39.82
N ALA DA 166 -3.96 14.47 -39.98
CA ALA DA 166 -4.72 15.43 -39.22
C ALA DA 166 -6.16 15.46 -39.71
N PRO DA 167 -7.09 16.02 -38.94
CA PRO DA 167 -8.45 16.19 -39.45
C PRO DA 167 -8.48 17.24 -40.55
N SER DA 168 -9.26 16.96 -41.59
CA SER DA 168 -9.54 17.94 -42.62
C SER DA 168 -10.72 18.79 -42.19
N PHE DA 169 -10.63 20.08 -42.44
CA PHE DA 169 -11.64 21.03 -41.95
C PHE DA 169 -12.92 20.85 -42.76
N GLY DA 170 -13.89 20.15 -42.19
CA GLY DA 170 -15.13 19.85 -42.86
C GLY DA 170 -15.89 18.76 -42.14
N VAL DA 171 -17.21 18.70 -42.35
CA VAL DA 171 -18.08 17.89 -41.50
C VAL DA 171 -17.81 16.40 -41.70
N ALA DA 172 -17.97 15.91 -42.93
CA ALA DA 172 -17.74 14.50 -43.20
C ALA DA 172 -16.27 14.12 -43.04
N SER DA 173 -15.36 15.08 -43.20
CA SER DA 173 -13.95 14.78 -42.97
C SER DA 173 -13.67 14.59 -41.49
N ILE DA 174 -14.33 15.37 -40.63
CA ILE DA 174 -14.24 15.11 -39.19
C ILE DA 174 -14.84 13.76 -38.85
N PHE DA 175 -15.94 13.38 -39.52
CA PHE DA 175 -16.51 12.06 -39.27
C PHE DA 175 -15.55 10.95 -39.70
N ARG DA 176 -14.88 11.14 -40.83
CA ARG DA 176 -13.79 10.25 -41.23
C ARG DA 176 -12.75 10.14 -40.13
N PHE DA 177 -12.31 11.29 -39.61
CA PHE DA 177 -11.29 11.32 -38.57
C PHE DA 177 -11.73 10.54 -37.34
N ILE DA 178 -13.01 10.67 -36.98
CA ILE DA 178 -13.55 9.99 -35.81
C ILE DA 178 -13.57 8.48 -36.03
N LEU DA 179 -14.10 8.04 -37.18
CA LEU DA 179 -14.14 6.62 -37.46
C LEU DA 179 -12.74 6.03 -37.63
N PHE DA 180 -11.82 6.84 -38.13
CA PHE DA 180 -10.42 6.44 -38.23
C PHE DA 180 -9.83 6.20 -36.84
N PHE DA 181 -10.10 7.11 -35.89
CA PHE DA 181 -9.61 6.86 -34.54
C PHE DA 181 -10.23 5.63 -33.94
N GLN DA 182 -11.54 5.41 -34.14
CA GLN DA 182 -12.15 4.19 -33.62
C GLN DA 182 -11.44 2.96 -34.18
N GLY DA 183 -11.34 2.87 -35.50
CA GLY DA 183 -10.80 1.67 -36.11
C GLY DA 183 -9.33 1.43 -35.80
N PHE DA 184 -8.52 2.50 -35.79
CA PHE DA 184 -7.09 2.33 -35.69
C PHE DA 184 -6.56 2.45 -34.27
N HIS DA 185 -7.25 3.18 -33.38
CA HIS DA 185 -6.77 3.41 -32.04
C HIS DA 185 -7.62 2.77 -30.95
N ASN DA 186 -8.86 2.35 -31.26
CA ASN DA 186 -9.84 1.97 -30.24
C ASN DA 186 -10.00 3.09 -29.22
N TRP DA 187 -10.27 4.29 -29.73
CA TRP DA 187 -10.27 5.52 -28.95
C TRP DA 187 -11.41 5.55 -27.92
N THR DA 188 -12.49 4.80 -28.15
CA THR DA 188 -13.52 4.69 -27.13
C THR DA 188 -13.00 3.99 -25.88
N LEU DA 189 -12.14 3.00 -26.05
CA LEU DA 189 -11.58 2.27 -24.92
C LEU DA 189 -10.56 3.08 -24.13
N ASN DA 190 -10.18 4.24 -24.61
CA ASN DA 190 -9.15 5.03 -23.94
C ASN DA 190 -9.73 5.73 -22.72
N PRO DA 191 -9.14 5.54 -21.53
CA PRO DA 191 -9.67 6.20 -20.32
C PRO DA 191 -9.62 7.71 -20.36
N PHE DA 192 -8.63 8.30 -21.03
CA PHE DA 192 -8.59 9.76 -21.15
C PHE DA 192 -9.75 10.28 -21.99
N HIS DA 193 -10.07 9.57 -23.07
CA HIS DA 193 -11.26 9.90 -23.83
C HIS DA 193 -12.52 9.69 -23.00
N MET DA 194 -12.54 8.66 -22.15
CA MET DA 194 -13.69 8.43 -21.29
C MET DA 194 -13.89 9.59 -20.32
N MET DA 195 -12.78 10.10 -19.77
CA MET DA 195 -12.87 11.28 -18.89
C MET DA 195 -13.33 12.50 -19.66
N GLY DA 196 -12.89 12.65 -20.92
CA GLY DA 196 -13.37 13.76 -21.73
C GLY DA 196 -14.86 13.68 -22.03
N VAL DA 197 -15.34 12.48 -22.36
CA VAL DA 197 -16.77 12.29 -22.61
C VAL DA 197 -17.57 12.57 -21.35
N ALA DA 198 -17.08 12.09 -20.20
CA ALA DA 198 -17.74 12.38 -18.94
C ALA DA 198 -17.79 13.87 -18.66
N GLY DA 199 -16.70 14.58 -18.94
CA GLY DA 199 -16.68 16.03 -18.72
C GLY DA 199 -17.66 16.76 -19.62
N VAL DA 200 -17.71 16.39 -20.91
CA VAL DA 200 -18.60 17.08 -21.84
C VAL DA 200 -20.06 16.80 -21.50
N LEU DA 201 -20.38 15.52 -21.23
CA LEU DA 201 -21.77 15.16 -20.92
C LEU DA 201 -22.19 15.74 -19.57
N GLY DA 202 -21.30 15.73 -18.58
CA GLY DA 202 -21.61 16.35 -17.31
C GLY DA 202 -21.75 17.85 -17.41
N ALA DA 203 -21.00 18.49 -18.31
CA ALA DA 203 -21.14 19.92 -18.50
C ALA DA 203 -22.46 20.27 -19.16
N ALA DA 204 -22.88 19.47 -20.15
CA ALA DA 204 -24.20 19.67 -20.73
C ALA DA 204 -25.30 19.45 -19.71
N LEU DA 205 -25.15 18.41 -18.87
CA LEU DA 205 -26.07 18.18 -17.77
C LEU DA 205 -26.12 19.38 -16.83
N LEU DA 206 -24.95 19.92 -16.48
CA LEU DA 206 -24.89 21.04 -15.55
C LEU DA 206 -25.56 22.27 -16.12
N CYS DA 207 -25.30 22.56 -17.40
CA CYS DA 207 -25.92 23.69 -18.07
C CYS DA 207 -27.44 23.58 -18.04
N ALA DA 208 -27.96 22.43 -18.46
CA ALA DA 208 -29.40 22.21 -18.49
C ALA DA 208 -30.01 22.30 -17.10
N ILE DA 209 -29.40 21.61 -16.13
CA ILE DA 209 -29.97 21.51 -14.80
C ILE DA 209 -29.91 22.85 -14.08
N HIS DA 210 -28.85 23.63 -14.30
CA HIS DA 210 -28.74 24.91 -13.63
C HIS DA 210 -29.69 25.93 -14.23
N GLY DA 211 -29.81 25.94 -15.57
CA GLY DA 211 -30.79 26.82 -16.19
C GLY DA 211 -32.21 26.51 -15.74
N ALA DA 212 -32.56 25.22 -15.70
CA ALA DA 212 -33.90 24.83 -15.26
C ALA DA 212 -34.12 25.19 -13.79
N THR DA 213 -33.12 24.94 -12.94
CA THR DA 213 -33.26 25.23 -11.52
C THR DA 213 -33.46 26.72 -11.27
N VAL DA 214 -32.68 27.57 -11.95
CA VAL DA 214 -32.85 29.00 -11.79
C VAL DA 214 -34.20 29.45 -12.30
N GLU DA 215 -34.59 28.99 -13.49
CA GLU DA 215 -35.86 29.42 -14.07
C GLU DA 215 -37.07 28.93 -13.29
N ASN DA 216 -36.93 27.85 -12.53
CA ASN DA 216 -38.06 27.32 -11.78
C ASN DA 216 -38.01 27.63 -10.29
N THR DA 217 -36.93 28.24 -9.79
CA THR DA 217 -36.88 28.72 -8.42
C THR DA 217 -36.95 30.23 -8.34
N LEU DA 218 -37.45 30.89 -9.38
CA LEU DA 218 -37.49 32.35 -9.42
C LEU DA 218 -38.41 32.91 -8.35
N PHE DA 219 -38.07 34.11 -7.88
CA PHE DA 219 -38.99 34.89 -7.07
C PHE DA 219 -40.00 35.56 -7.98
N GLU DA 220 -41.13 35.97 -7.39
CA GLU DA 220 -42.20 36.56 -8.19
C GLU DA 220 -41.78 37.91 -8.75
N ASP DA 221 -41.47 38.87 -7.87
CA ASP DA 221 -40.82 40.14 -8.21
C ASP DA 221 -41.58 40.97 -9.24
N GLY DA 222 -42.89 40.80 -9.34
CA GLY DA 222 -43.67 41.59 -10.28
C GLY DA 222 -44.85 40.86 -10.88
N ASP DA 223 -45.97 41.56 -11.04
CA ASP DA 223 -47.15 40.96 -11.62
C ASP DA 223 -46.97 40.75 -13.12
N GLY DA 224 -47.49 39.64 -13.61
CA GLY DA 224 -47.34 39.31 -15.01
C GLY DA 224 -46.82 37.90 -15.22
N ALA DA 225 -47.43 37.16 -16.15
CA ALA DA 225 -47.06 35.78 -16.39
C ALA DA 225 -45.76 35.63 -17.16
N ASN DA 226 -45.21 36.73 -17.70
CA ASN DA 226 -43.89 36.71 -18.32
C ASN DA 226 -42.87 37.07 -17.25
N THR DA 227 -42.12 36.08 -16.78
CA THR DA 227 -41.16 36.31 -15.70
C THR DA 227 -39.90 37.02 -16.17
N PHE DA 228 -39.63 37.01 -17.48
CA PHE DA 228 -38.41 37.63 -18.00
C PHE DA 228 -38.39 39.13 -17.83
N ARG DA 229 -39.54 39.75 -17.56
CA ARG DA 229 -39.60 41.18 -17.29
C ARG DA 229 -39.51 41.52 -15.82
N ALA DA 230 -39.31 40.52 -14.96
CA ALA DA 230 -39.23 40.75 -13.52
C ALA DA 230 -37.79 40.91 -13.03
N PHE DA 231 -36.83 40.99 -13.95
CA PHE DA 231 -35.42 41.17 -13.60
C PHE DA 231 -34.95 42.54 -14.08
N ASN DA 232 -34.36 43.30 -13.18
CA ASN DA 232 -33.66 44.53 -13.54
C ASN DA 232 -32.17 44.34 -13.31
N PRO DA 233 -31.33 44.59 -14.32
CA PRO DA 233 -29.89 44.36 -14.15
C PRO DA 233 -29.25 45.18 -13.04
N THR DA 234 -29.78 46.36 -12.74
CA THR DA 234 -29.26 47.17 -11.65
C THR DA 234 -30.09 46.91 -10.39
N GLN DA 235 -29.88 45.72 -9.83
CA GLN DA 235 -30.57 45.32 -8.62
C GLN DA 235 -29.58 44.56 -7.73
N ALA DA 236 -29.84 44.58 -6.43
CA ALA DA 236 -28.93 44.04 -5.43
C ALA DA 236 -29.59 42.94 -4.61
N GLU DA 237 -30.33 42.06 -5.27
CA GLU DA 237 -30.92 40.91 -4.61
C GLU DA 237 -31.00 39.77 -5.60
N GLU DA 238 -30.99 38.54 -5.07
CA GLU DA 238 -31.07 37.36 -5.93
C GLU DA 238 -32.46 37.25 -6.54
N THR DA 239 -32.52 36.71 -7.75
CA THR DA 239 -33.79 36.54 -8.45
C THR DA 239 -34.36 35.14 -8.31
N TYR DA 240 -33.60 34.20 -7.78
CA TYR DA 240 -34.10 32.86 -7.52
C TYR DA 240 -33.70 32.45 -6.11
N SER DA 241 -34.51 31.59 -5.51
CA SER DA 241 -34.30 31.17 -4.14
C SER DA 241 -33.28 30.03 -4.09
N MET DA 242 -32.07 30.35 -3.65
CA MET DA 242 -31.04 29.33 -3.48
C MET DA 242 -31.45 28.33 -2.40
N VAL DA 243 -32.14 28.80 -1.35
CA VAL DA 243 -32.59 27.92 -0.28
C VAL DA 243 -33.59 26.90 -0.82
N THR DA 244 -34.54 27.36 -1.63
CA THR DA 244 -35.54 26.47 -2.20
C THR DA 244 -34.92 25.51 -3.21
N ALA DA 245 -33.99 26.01 -4.03
CA ALA DA 245 -33.29 25.14 -4.97
C ALA DA 245 -32.50 24.05 -4.25
N ASN DA 246 -31.81 24.43 -3.18
CA ASN DA 246 -31.05 23.47 -2.39
C ASN DA 246 -31.97 22.44 -1.73
N ARG DA 247 -33.10 22.89 -1.20
CA ARG DA 247 -34.05 21.95 -0.60
C ARG DA 247 -34.57 20.96 -1.63
N PHE DA 248 -34.93 21.47 -2.81
CA PHE DA 248 -35.46 20.63 -3.87
C PHE DA 248 -34.44 19.58 -4.29
N TRP DA 249 -33.21 19.99 -4.55
CA TRP DA 249 -32.25 19.03 -5.05
C TRP DA 249 -31.72 18.11 -3.96
N SER DA 250 -31.71 18.57 -2.71
CA SER DA 250 -31.36 17.68 -1.61
C SER DA 250 -32.40 16.59 -1.44
N GLN DA 251 -33.68 16.91 -1.61
CA GLN DA 251 -34.70 15.89 -1.45
C GLN DA 251 -34.97 15.09 -2.71
N ILE DA 252 -34.52 15.56 -3.88
CA ILE DA 252 -34.69 14.79 -5.11
C ILE DA 252 -33.48 13.89 -5.33
N PHE DA 253 -32.29 14.50 -5.37
CA PHE DA 253 -31.07 13.80 -5.76
C PHE DA 253 -30.26 13.32 -4.57
N GLY DA 254 -30.49 13.86 -3.39
CA GLY DA 254 -29.72 13.48 -2.22
C GLY DA 254 -28.73 14.55 -1.82
N VAL DA 255 -28.10 15.18 -2.81
CA VAL DA 255 -27.14 16.24 -2.58
C VAL DA 255 -27.56 17.45 -3.40
N ALA DA 256 -27.09 18.62 -2.96
CA ALA DA 256 -27.38 19.87 -3.64
C ALA DA 256 -26.28 20.86 -3.33
N PHE DA 257 -26.08 21.81 -4.24
CA PHE DA 257 -25.18 22.91 -3.97
C PHE DA 257 -25.79 23.82 -2.91
N SER DA 258 -24.92 24.35 -2.05
CA SER DA 258 -25.31 25.42 -1.14
C SER DA 258 -24.49 26.67 -1.35
N ASN DA 259 -23.52 26.63 -2.26
CA ASN DA 259 -22.63 27.75 -2.53
C ASN DA 259 -22.74 28.10 -4.01
N LYS DA 260 -23.22 29.31 -4.30
CA LYS DA 260 -23.36 29.76 -5.68
C LYS DA 260 -22.00 29.86 -6.35
N ARG DA 261 -21.00 30.38 -5.64
CA ARG DA 261 -19.66 30.51 -6.20
C ARG DA 261 -19.06 29.15 -6.52
N TRP DA 262 -19.24 28.18 -5.62
CA TRP DA 262 -18.75 26.84 -5.88
C TRP DA 262 -19.49 26.20 -7.05
N LEU DA 263 -20.80 26.44 -7.15
CA LEU DA 263 -21.57 25.90 -8.26
C LEU DA 263 -21.06 26.42 -9.60
N HIS DA 264 -20.83 27.72 -9.69
CA HIS DA 264 -20.35 28.34 -10.95
C HIS DA 264 -18.90 27.94 -11.24
N PHE DA 265 -18.05 27.78 -10.22
CA PHE DA 265 -16.73 27.26 -10.47
C PHE DA 265 -16.78 25.81 -10.94
N PHE DA 266 -17.73 25.02 -10.43
CA PHE DA 266 -17.89 23.64 -10.89
C PHE DA 266 -18.34 23.60 -12.35
N MET DA 267 -19.24 24.52 -12.72
CA MET DA 267 -19.64 24.65 -14.13
C MET DA 267 -18.45 25.00 -15.01
N LEU DA 268 -17.56 25.85 -14.52
CA LEU DA 268 -16.30 26.10 -15.23
C LEU DA 268 -15.44 24.84 -15.28
N PHE DA 269 -15.38 24.11 -14.17
CA PHE DA 269 -14.34 23.11 -13.96
C PHE DA 269 -14.58 21.86 -14.79
N VAL DA 270 -15.83 21.39 -14.88
CA VAL DA 270 -16.10 20.09 -15.49
C VAL DA 270 -15.72 20.03 -16.97
N PRO DA 271 -16.19 20.93 -17.85
CA PRO DA 271 -15.81 20.80 -19.27
C PRO DA 271 -14.34 21.08 -19.54
N VAL DA 272 -13.72 22.00 -18.80
CA VAL DA 272 -12.30 22.28 -19.00
C VAL DA 272 -11.46 21.06 -18.64
N THR DA 273 -11.77 20.42 -17.51
CA THR DA 273 -11.06 19.21 -17.11
C THR DA 273 -11.28 18.09 -18.12
N GLY DA 274 -12.52 17.92 -18.59
CA GLY DA 274 -12.77 16.89 -19.59
C GLY DA 274 -11.99 17.11 -20.88
N LEU DA 275 -11.96 18.35 -21.35
CA LEU DA 275 -11.24 18.63 -22.59
C LEU DA 275 -9.74 18.48 -22.42
N TRP DA 276 -9.21 18.84 -21.24
CA TRP DA 276 -7.79 18.63 -21.00
C TRP DA 276 -7.43 17.15 -20.93
N MET DA 277 -8.29 16.34 -20.31
CA MET DA 277 -8.05 14.90 -20.28
C MET DA 277 -8.08 14.30 -21.68
N SER DA 278 -9.04 14.72 -22.49
CA SER DA 278 -9.10 14.22 -23.87
C SER DA 278 -7.90 14.67 -24.67
N ALA DA 279 -7.41 15.89 -24.43
CA ALA DA 279 -6.21 16.36 -25.10
C ALA DA 279 -4.99 15.52 -24.73
N LEU DA 280 -4.87 15.15 -23.45
CA LEU DA 280 -3.78 14.26 -23.04
C LEU DA 280 -3.89 12.91 -23.71
N GLY DA 281 -5.11 12.39 -23.86
CA GLY DA 281 -5.29 11.14 -24.57
C GLY DA 281 -4.92 11.22 -26.04
N VAL DA 282 -5.25 12.33 -26.69
CA VAL DA 282 -4.87 12.50 -28.10
C VAL DA 282 -3.36 12.63 -28.24
N VAL DA 283 -2.72 13.28 -27.27
CA VAL DA 283 -1.26 13.32 -27.24
C VAL DA 283 -0.69 11.91 -27.13
N GLY DA 284 -1.31 11.07 -26.31
CA GLY DA 284 -0.92 9.67 -26.28
C GLY DA 284 -1.09 8.99 -27.63
N LEU DA 285 -2.19 9.26 -28.32
CA LEU DA 285 -2.43 8.65 -29.63
C LEU DA 285 -1.50 9.16 -30.71
N ALA DA 286 -0.92 10.36 -30.53
CA ALA DA 286 0.03 10.88 -31.52
C ALA DA 286 1.24 9.96 -31.67
N LEU DA 287 1.57 9.21 -30.64
CA LEU DA 287 2.68 8.27 -30.65
C LEU DA 287 2.21 6.84 -30.78
N ASN DA 288 0.93 6.64 -31.13
CA ASN DA 288 0.27 5.34 -31.18
C ASN DA 288 0.31 4.62 -29.84
N LEU DA 289 0.36 5.37 -28.75
CA LEU DA 289 0.27 4.81 -27.41
C LEU DA 289 -1.21 4.74 -27.04
N ARG DA 290 -1.84 3.68 -27.53
CA ARG DA 290 -3.28 3.50 -27.43
C ARG DA 290 -3.63 2.58 -26.27
N ALA DA 291 -4.85 2.75 -25.76
CA ALA DA 291 -5.49 1.76 -24.92
C ALA DA 291 -6.32 0.82 -25.79
N TYR DA 292 -5.62 0.16 -26.70
CA TYR DA 292 -6.30 -0.63 -27.72
C TYR DA 292 -6.86 -1.94 -27.17
N ASP DA 293 -6.11 -2.62 -26.32
CA ASP DA 293 -6.46 -3.99 -25.97
C ASP DA 293 -6.30 -4.23 -24.49
N PHE DA 294 -7.02 -5.24 -24.00
CA PHE DA 294 -6.80 -5.83 -22.68
C PHE DA 294 -6.13 -7.18 -22.91
N VAL DA 295 -4.84 -7.25 -22.54
CA VAL DA 295 -4.03 -8.40 -22.93
C VAL DA 295 -4.51 -9.68 -22.26
N SER DA 296 -4.99 -9.59 -21.03
CA SER DA 296 -5.51 -10.77 -20.35
C SER DA 296 -6.75 -11.31 -21.08
N GLN DA 297 -7.63 -10.41 -21.52
CA GLN DA 297 -8.80 -10.84 -22.29
C GLN DA 297 -8.40 -11.40 -23.65
N GLU DA 298 -7.36 -10.84 -24.28
CA GLU DA 298 -6.91 -11.40 -25.55
C GLU DA 298 -6.33 -12.80 -25.37
N ILE DA 299 -5.57 -13.02 -24.29
CA ILE DA 299 -5.04 -14.35 -23.99
C ILE DA 299 -6.18 -15.31 -23.71
N ARG DA 300 -7.17 -14.88 -22.92
CA ARG DA 300 -8.32 -15.72 -22.62
C ARG DA 300 -9.10 -16.08 -23.87
N ALA DA 301 -9.24 -15.13 -24.80
CA ALA DA 301 -9.92 -15.42 -26.05
C ALA DA 301 -9.09 -16.34 -26.94
N ALA DA 302 -7.76 -16.20 -26.90
CA ALA DA 302 -6.90 -17.04 -27.74
C ALA DA 302 -6.88 -18.48 -27.26
N GLU DA 303 -6.99 -18.71 -25.95
CA GLU DA 303 -6.98 -20.06 -25.42
C GLU DA 303 -8.38 -20.59 -25.09
N ASP DA 304 -9.42 -19.89 -25.52
CA ASP DA 304 -10.79 -20.34 -25.27
C ASP DA 304 -11.72 -19.80 -26.35
N PRO DA 305 -12.15 -20.64 -27.29
CA PRO DA 305 -12.99 -20.16 -28.40
C PRO DA 305 -14.43 -19.85 -28.01
N GLU DA 306 -14.84 -20.15 -26.78
CA GLU DA 306 -16.20 -19.85 -26.35
C GLU DA 306 -16.30 -18.57 -25.54
N PHE DA 307 -15.20 -17.86 -25.34
CA PHE DA 307 -15.18 -16.65 -24.53
C PHE DA 307 -15.37 -15.45 -25.45
N GLU DA 308 -16.52 -14.79 -25.36
CA GLU DA 308 -16.78 -13.59 -26.12
C GLU DA 308 -17.26 -12.49 -25.19
N THR DA 309 -16.72 -11.29 -25.38
CA THR DA 309 -17.21 -10.10 -24.73
C THR DA 309 -17.46 -9.03 -25.78
N PHE DA 310 -18.17 -7.98 -25.38
CA PHE DA 310 -18.37 -6.85 -26.25
C PHE DA 310 -17.05 -6.19 -26.62
N TYR DA 311 -16.05 -6.31 -25.76
CA TYR DA 311 -14.71 -5.82 -26.08
C TYR DA 311 -14.12 -6.58 -27.26
N THR DA 312 -14.26 -7.92 -27.27
CA THR DA 312 -13.76 -8.70 -28.40
C THR DA 312 -14.54 -8.40 -29.67
N LYS DA 313 -15.86 -8.20 -29.54
CA LYS DA 313 -16.65 -7.79 -30.70
C LYS DA 313 -16.18 -6.47 -31.26
N ASN DA 314 -15.84 -5.52 -30.37
CA ASN DA 314 -15.34 -4.24 -30.82
C ASN DA 314 -13.97 -4.35 -31.47
N ILE DA 315 -13.14 -5.27 -30.99
CA ILE DA 315 -11.84 -5.50 -31.64
C ILE DA 315 -12.05 -6.00 -33.06
N LEU DA 316 -12.99 -6.93 -33.24
CA LEU DA 316 -13.32 -7.42 -34.58
C LEU DA 316 -13.83 -6.29 -35.47
N LEU DA 317 -14.69 -5.42 -34.92
CA LEU DA 317 -15.21 -4.31 -35.69
C LEU DA 317 -14.10 -3.33 -36.08
N ASN DA 318 -13.13 -3.11 -35.19
CA ASN DA 318 -12.01 -2.24 -35.52
C ASN DA 318 -11.17 -2.83 -36.63
N GLU DA 319 -10.95 -4.15 -36.60
CA GLU DA 319 -10.23 -4.81 -37.69
C GLU DA 319 -10.94 -4.63 -39.01
N GLY DA 320 -12.27 -4.77 -39.00
CA GLY DA 320 -13.04 -4.51 -40.20
C GLY DA 320 -12.92 -3.08 -40.70
N ILE DA 321 -12.96 -2.11 -39.77
CA ILE DA 321 -12.83 -0.71 -40.14
C ILE DA 321 -11.50 -0.46 -40.85
N ARG DA 322 -10.41 -0.93 -40.22
CA ARG DA 322 -9.08 -0.69 -40.79
C ARG DA 322 -8.95 -1.32 -42.17
N ALA DA 323 -9.38 -2.58 -42.29
CA ALA DA 323 -9.19 -3.29 -43.55
C ALA DA 323 -10.02 -2.68 -44.67
N TRP DA 324 -11.28 -2.32 -44.41
CA TRP DA 324 -12.10 -1.79 -45.48
C TRP DA 324 -11.91 -0.30 -45.70
N MET DA 325 -11.22 0.39 -44.79
CA MET DA 325 -11.01 1.82 -44.92
C MET DA 325 -9.66 2.17 -45.54
N ALA DA 326 -8.63 1.33 -45.32
CA ALA DA 326 -7.25 1.72 -45.58
C ALA DA 326 -7.00 2.03 -47.05
N ALA DA 327 -7.53 1.20 -47.96
CA ALA DA 327 -7.18 1.31 -49.37
C ALA DA 327 -7.60 2.65 -49.95
N GLN DA 328 -8.79 3.12 -49.61
CA GLN DA 328 -9.26 4.40 -50.10
C GLN DA 328 -8.88 5.56 -49.20
N ASP DA 329 -8.56 5.30 -47.94
CA ASP DA 329 -8.29 6.37 -46.98
C ASP DA 329 -6.84 6.77 -46.93
N GLN DA 330 -5.93 5.87 -47.31
CA GLN DA 330 -4.49 6.15 -47.34
C GLN DA 330 -3.97 5.80 -48.72
N PRO DA 331 -4.19 6.68 -49.71
CA PRO DA 331 -3.74 6.38 -51.08
C PRO DA 331 -2.24 6.22 -51.21
N HIS DA 332 -1.47 6.93 -50.38
CA HIS DA 332 -0.01 6.84 -50.42
C HIS DA 332 0.49 5.43 -50.10
N GLU DA 333 -0.30 4.67 -49.35
CA GLU DA 333 0.06 3.30 -49.06
C GLU DA 333 -0.04 2.40 -50.28
N LYS DA 334 -0.77 2.83 -51.31
CA LYS DA 334 -0.94 2.10 -52.57
C LYS DA 334 -1.47 0.68 -52.32
N LEU DA 335 -2.38 0.57 -51.37
CA LEU DA 335 -2.91 -0.73 -50.96
C LEU DA 335 -3.97 -1.18 -51.95
N THR DA 336 -3.68 -2.24 -52.69
CA THR DA 336 -4.67 -2.91 -53.53
C THR DA 336 -4.86 -4.32 -52.97
N LEU DA 337 -5.72 -4.42 -51.96
CA LEU DA 337 -5.97 -5.69 -51.30
C LEU DA 337 -7.10 -6.42 -52.00
N PRO DA 338 -6.89 -7.65 -52.48
CA PRO DA 338 -8.00 -8.39 -53.09
C PRO DA 338 -9.09 -8.69 -52.07
N GLU DA 339 -10.32 -8.77 -52.59
CA GLU DA 339 -11.51 -8.95 -51.75
C GLU DA 339 -11.38 -10.15 -50.81
N GLU DA 340 -10.74 -11.22 -51.29
CA GLU DA 340 -10.61 -12.44 -50.50
C GLU DA 340 -9.83 -12.25 -49.21
N VAL DA 341 -8.98 -11.22 -49.11
CA VAL DA 341 -8.24 -11.03 -47.86
C VAL DA 341 -8.95 -10.07 -46.92
N LEU DA 342 -10.08 -9.50 -47.34
CA LEU DA 342 -10.81 -8.58 -46.47
C LEU DA 342 -11.59 -9.36 -45.42
N PRO DA 343 -11.40 -9.05 -44.14
CA PRO DA 343 -12.19 -9.72 -43.09
C PRO DA 343 -13.67 -9.37 -43.19
N ARG DA 344 -14.50 -10.40 -43.24
CA ARG DA 344 -15.94 -10.23 -43.39
C ARG DA 344 -16.66 -11.25 -42.53
N GLY DA 345 -17.97 -11.06 -42.39
CA GLY DA 345 -18.83 -12.03 -41.75
C GLY DA 345 -19.61 -12.85 -42.77
N ASN DA 346 -20.47 -13.72 -42.25
CA ASN DA 346 -21.25 -14.61 -43.08
C ASN DA 346 -22.40 -13.83 -43.73
N ALA DA 347 -22.44 -13.85 -45.07
CA ALA DA 347 -23.57 -13.37 -45.85
C ALA DA 347 -23.90 -11.90 -45.60
N LEU DA 348 -22.87 -11.10 -45.36
CA LEU DA 348 -23.06 -9.66 -45.18
C LEU DA 348 -21.76 -8.91 -45.43
N GLU EA 1 -22.75 58.59 -34.27
CA GLU EA 1 -23.06 57.23 -34.69
C GLU EA 1 -24.57 57.09 -34.95
N ARG EA 2 -25.00 55.88 -35.28
CA ARG EA 2 -26.39 55.63 -35.63
C ARG EA 2 -26.70 54.18 -35.25
N PRO EA 3 -27.87 53.92 -34.62
CA PRO EA 3 -28.08 52.63 -33.93
C PRO EA 3 -28.43 51.44 -34.82
N PHE EA 4 -28.14 51.54 -36.11
CA PHE EA 4 -28.14 50.44 -37.08
C PHE EA 4 -29.53 49.96 -37.49
N SER EA 5 -30.55 50.35 -36.72
CA SER EA 5 -31.92 50.19 -37.17
C SER EA 5 -32.36 51.40 -37.97
N ASP EA 6 -31.89 52.57 -37.54
CA ASP EA 6 -31.97 53.77 -38.36
C ASP EA 6 -31.19 53.58 -39.66
N ILE EA 7 -30.04 52.89 -39.61
CA ILE EA 7 -29.31 52.57 -40.84
C ILE EA 7 -30.14 51.64 -41.72
N LEU EA 8 -30.65 50.55 -41.13
CA LEU EA 8 -31.38 49.57 -41.93
C LEU EA 8 -32.72 50.09 -42.42
N THR EA 9 -33.21 51.20 -41.89
CA THR EA 9 -34.48 51.78 -42.32
C THR EA 9 -34.28 53.14 -42.99
N SER EA 10 -33.26 53.27 -43.83
CA SER EA 10 -32.98 54.55 -44.47
C SER EA 10 -32.89 54.39 -45.99
N ILE EA 11 -33.57 55.28 -46.69
CA ILE EA 11 -33.63 55.22 -48.15
C ILE EA 11 -32.26 55.47 -48.76
N ARG EA 12 -31.40 56.25 -48.09
CA ARG EA 12 -30.03 56.43 -48.57
C ARG EA 12 -29.28 55.11 -48.57
N TYR EA 13 -29.40 54.35 -47.47
CA TYR EA 13 -28.82 53.01 -47.40
C TYR EA 13 -29.36 52.14 -48.52
N TRP EA 14 -30.67 52.16 -48.74
CA TRP EA 14 -31.22 51.22 -49.70
C TRP EA 14 -30.94 51.62 -51.15
N VAL EA 15 -30.80 52.92 -51.44
CA VAL EA 15 -30.44 53.30 -52.80
C VAL EA 15 -28.95 53.09 -53.06
N ILE EA 16 -28.11 53.08 -52.03
CA ILE EA 16 -26.73 52.63 -52.23
C ILE EA 16 -26.71 51.12 -52.47
N HIS EA 17 -27.46 50.37 -51.67
CA HIS EA 17 -27.26 48.94 -51.64
C HIS EA 17 -28.03 48.17 -52.69
N SER EA 18 -29.11 48.74 -53.22
CA SER EA 18 -29.76 48.17 -54.40
C SER EA 18 -28.85 48.18 -55.62
N ILE EA 19 -27.78 48.98 -55.59
CA ILE EA 19 -26.74 48.92 -56.60
C ILE EA 19 -25.58 48.05 -56.16
N THR EA 20 -25.11 48.21 -54.93
CA THR EA 20 -23.88 47.51 -54.53
C THR EA 20 -24.10 46.01 -54.38
N VAL EA 21 -25.15 45.59 -53.67
CA VAL EA 21 -25.35 44.17 -53.38
C VAL EA 21 -25.63 43.35 -54.63
N PRO EA 22 -26.55 43.73 -55.53
CA PRO EA 22 -26.71 42.94 -56.76
C PRO EA 22 -25.47 42.92 -57.64
N SER EA 23 -24.67 44.00 -57.63
CA SER EA 23 -23.43 44.00 -58.39
C SER EA 23 -22.46 42.93 -57.87
N LEU EA 24 -22.37 42.79 -56.54
CA LEU EA 24 -21.51 41.75 -55.97
C LEU EA 24 -22.05 40.36 -56.26
N PHE EA 25 -23.38 40.18 -56.19
CA PHE EA 25 -23.97 38.89 -56.52
C PHE EA 25 -23.67 38.51 -57.97
N ILE EA 26 -23.84 39.46 -58.90
CA ILE EA 26 -23.55 39.21 -60.30
C ILE EA 26 -22.05 38.98 -60.50
N ALA EA 27 -21.21 39.66 -59.73
CA ALA EA 27 -19.77 39.42 -59.83
C ALA EA 27 -19.41 37.99 -59.45
N GLY EA 28 -20.02 37.48 -58.36
CA GLY EA 28 -19.80 36.08 -58.01
C GLY EA 28 -20.33 35.12 -59.05
N TRP EA 29 -21.50 35.42 -59.60
CA TRP EA 29 -22.07 34.59 -60.66
C TRP EA 29 -21.15 34.54 -61.87
N LEU EA 30 -20.61 35.70 -62.28
CA LEU EA 30 -19.70 35.73 -63.41
C LEU EA 30 -18.38 35.05 -63.10
N PHE EA 31 -17.94 35.13 -61.83
CA PHE EA 31 -16.71 34.46 -61.43
C PHE EA 31 -16.83 32.95 -61.61
N VAL EA 32 -17.97 32.37 -61.24
CA VAL EA 32 -18.15 30.94 -61.47
C VAL EA 32 -18.40 30.64 -62.95
N SER EA 33 -19.28 31.41 -63.60
CA SER EA 33 -19.73 31.04 -64.94
C SER EA 33 -18.67 31.25 -66.00
N THR EA 34 -17.73 32.17 -65.79
CA THR EA 34 -16.70 32.43 -66.79
C THR EA 34 -15.48 31.54 -66.65
N GLY EA 35 -15.47 30.62 -65.69
CA GLY EA 35 -14.35 29.74 -65.50
C GLY EA 35 -13.19 30.34 -64.73
N LEU EA 36 -13.31 31.60 -64.32
CA LEU EA 36 -12.24 32.24 -63.56
C LEU EA 36 -12.04 31.57 -62.21
N ALA EA 37 -13.11 31.00 -61.64
CA ALA EA 37 -12.96 30.24 -60.41
C ALA EA 37 -12.07 29.03 -60.61
N TYR EA 38 -12.29 28.29 -61.71
CA TYR EA 38 -11.45 27.15 -62.02
C TYR EA 38 -10.01 27.57 -62.26
N ASP EA 39 -9.82 28.66 -63.01
CA ASP EA 39 -8.46 29.13 -63.31
C ASP EA 39 -7.73 29.57 -62.04
N VAL EA 40 -8.42 30.27 -61.15
CA VAL EA 40 -7.78 30.81 -59.96
C VAL EA 40 -7.49 29.73 -58.94
N PHE EA 41 -8.43 28.82 -58.69
CA PHE EA 41 -8.29 27.89 -57.58
C PHE EA 41 -7.89 26.49 -58.00
N GLY EA 42 -7.74 26.22 -59.29
CA GLY EA 42 -7.19 24.94 -59.71
C GLY EA 42 -8.10 23.76 -59.58
N SER EA 43 -9.37 23.96 -59.26
CA SER EA 43 -10.31 22.85 -59.22
C SER EA 43 -10.58 22.37 -60.64
N PRO EA 44 -10.47 21.07 -60.91
CA PRO EA 44 -10.73 20.58 -62.27
C PRO EA 44 -12.20 20.74 -62.66
N ARG EA 45 -12.40 21.01 -63.94
CA ARG EA 45 -13.73 21.00 -64.50
C ARG EA 45 -14.25 19.56 -64.55
N PRO EA 46 -15.56 19.36 -64.66
CA PRO EA 46 -16.10 18.00 -64.60
C PRO EA 46 -15.61 17.07 -65.69
N ASN EA 47 -15.08 17.61 -66.80
CA ASN EA 47 -14.58 16.76 -67.88
C ASN EA 47 -13.09 16.47 -67.77
N GLU EA 48 -12.37 17.09 -66.84
CA GLU EA 48 -10.93 16.97 -66.78
C GLU EA 48 -10.45 16.48 -65.43
N TYR EA 49 -11.21 15.57 -64.80
CA TYR EA 49 -10.72 14.89 -63.62
C TYR EA 49 -9.71 13.81 -63.97
N PHE EA 50 -9.88 13.16 -65.12
CA PHE EA 50 -9.00 12.11 -65.57
C PHE EA 50 -8.49 12.45 -66.96
N THR EA 51 -7.26 12.05 -67.24
CA THR EA 51 -6.67 12.21 -68.56
C THR EA 51 -6.67 10.87 -69.29
N GLU EA 52 -6.13 10.86 -70.51
CA GLU EA 52 -5.97 9.60 -71.22
C GLU EA 52 -4.89 8.74 -70.61
N ASP EA 53 -3.90 9.35 -69.96
CA ASP EA 53 -2.81 8.59 -69.37
C ASP EA 53 -3.27 7.87 -68.11
N ARG EA 54 -3.75 8.61 -67.12
CA ARG EA 54 -4.21 8.02 -65.86
C ARG EA 54 -5.74 8.04 -65.82
N GLN EA 55 -6.31 6.90 -65.44
CA GLN EA 55 -7.75 6.78 -65.26
C GLN EA 55 -8.12 6.58 -63.79
N ASP EA 56 -7.23 6.93 -62.88
CA ASP EA 56 -7.48 6.85 -61.45
C ASP EA 56 -7.16 8.21 -60.82
N ALA EA 57 -7.29 8.27 -59.50
CA ALA EA 57 -7.04 9.51 -58.78
C ALA EA 57 -5.54 9.82 -58.77
N PRO EA 58 -5.17 11.10 -58.81
CA PRO EA 58 -3.75 11.46 -58.76
C PRO EA 58 -3.17 11.21 -57.38
N LEU EA 59 -1.84 11.14 -57.35
CA LEU EA 59 -1.12 10.89 -56.11
C LEU EA 59 0.17 11.69 -56.13
N ILE EA 60 0.27 12.69 -55.26
CA ILE EA 60 1.50 13.47 -55.13
C ILE EA 60 2.47 12.66 -54.27
N THR EA 61 3.53 12.14 -54.89
CA THR EA 61 4.50 11.32 -54.18
C THR EA 61 5.84 12.01 -53.97
N ASP EA 62 6.13 13.08 -54.70
CA ASP EA 62 7.36 13.84 -54.52
C ASP EA 62 7.05 15.12 -53.75
N ARG EA 63 7.95 15.50 -52.85
CA ARG EA 63 7.76 16.70 -52.05
C ARG EA 63 8.53 17.90 -52.61
N PHE EA 64 9.81 17.70 -52.93
CA PHE EA 64 10.67 18.80 -53.37
C PHE EA 64 10.56 19.09 -54.86
N ASN EA 65 9.77 18.30 -55.59
CA ASN EA 65 9.38 18.62 -56.96
C ASN EA 65 7.86 18.50 -57.10
N ALA EA 66 7.14 18.76 -56.01
CA ALA EA 66 5.68 18.65 -56.01
C ALA EA 66 5.05 19.66 -56.96
N LEU EA 67 5.72 20.79 -57.20
CA LEU EA 67 5.18 21.80 -58.11
C LEU EA 67 5.03 21.25 -59.53
N GLU EA 68 6.12 20.68 -60.07
CA GLU EA 68 6.01 20.13 -61.42
C GLU EA 68 5.24 18.81 -61.43
N GLN EA 69 5.25 18.07 -60.31
CA GLN EA 69 4.43 16.87 -60.26
C GLN EA 69 2.95 17.20 -60.35
N VAL EA 70 2.48 18.21 -59.63
CA VAL EA 70 1.07 18.58 -59.73
C VAL EA 70 0.79 19.31 -61.03
N LYS EA 71 1.80 19.98 -61.61
CA LYS EA 71 1.60 20.58 -62.93
C LYS EA 71 1.38 19.52 -64.00
N LYS EA 72 2.09 18.40 -63.93
CA LYS EA 72 1.92 17.35 -64.93
C LYS EA 72 0.80 16.37 -64.60
N LEU EA 73 0.37 16.28 -63.34
CA LEU EA 73 -0.80 15.48 -63.01
C LEU EA 73 -2.10 16.29 -63.01
N SER EA 74 -2.04 17.60 -63.20
CA SER EA 74 -3.24 18.41 -63.26
C SER EA 74 -3.78 18.42 -64.68
N ALA EA 75 -4.80 19.24 -64.94
CA ALA EA 75 -5.47 19.28 -66.24
C ALA EA 75 -4.78 20.21 -67.22
N GLN EA 76 -3.47 20.04 -67.37
CA GLN EA 76 -2.64 20.79 -68.30
C GLN EA 76 -2.75 22.31 -68.17
N ILE FA 1 -17.67 57.55 -43.27
CA ILE FA 1 -17.67 56.14 -42.90
C ILE FA 1 -16.27 55.68 -42.53
N PHE FA 2 -15.93 54.46 -42.94
CA PHE FA 2 -14.61 53.85 -42.74
C PHE FA 2 -14.25 53.74 -41.26
N THR FA 3 -15.27 53.60 -40.41
CA THR FA 3 -15.05 53.30 -39.01
C THR FA 3 -14.80 51.81 -38.84
N VAL FA 4 -14.51 51.38 -37.62
CA VAL FA 4 -14.23 49.98 -37.37
C VAL FA 4 -15.46 49.12 -37.62
N ARG FA 5 -16.65 49.64 -37.28
CA ARG FA 5 -17.88 48.91 -37.54
C ARG FA 5 -18.11 48.74 -39.03
N TRP FA 6 -17.91 49.80 -39.81
CA TRP FA 6 -18.05 49.73 -41.25
C TRP FA 6 -17.08 48.74 -41.85
N LEU FA 7 -15.81 48.79 -41.42
CA LEU FA 7 -14.80 47.90 -41.95
C LEU FA 7 -15.10 46.44 -41.62
N ALA FA 8 -15.48 46.16 -40.36
CA ALA FA 8 -15.78 44.79 -39.98
C ALA FA 8 -17.00 44.26 -40.71
N ILE FA 9 -18.06 45.07 -40.78
CA ILE FA 9 -19.29 44.64 -41.44
C ILE FA 9 -19.03 44.36 -42.91
N HIS FA 10 -18.27 45.22 -43.57
CA HIS FA 10 -18.09 45.03 -45.00
C HIS FA 10 -17.08 43.93 -45.31
N ALA FA 11 -16.06 43.74 -44.48
CA ALA FA 11 -15.18 42.60 -44.63
C ALA FA 11 -15.93 41.29 -44.43
N ILE FA 12 -16.97 41.29 -43.58
CA ILE FA 12 -17.80 40.10 -43.46
C ILE FA 12 -18.72 39.95 -44.66
N ALA FA 13 -19.35 41.04 -45.09
CA ALA FA 13 -20.51 40.98 -45.97
C ALA FA 13 -20.18 40.96 -47.46
N VAL FA 14 -19.19 41.73 -47.90
CA VAL FA 14 -18.87 41.78 -49.33
C VAL FA 14 -18.39 40.43 -49.85
N PRO FA 15 -17.42 39.74 -49.22
CA PRO FA 15 -17.13 38.36 -49.67
C PRO FA 15 -18.29 37.41 -49.45
N THR FA 16 -19.14 37.66 -48.46
CA THR FA 16 -20.30 36.80 -48.25
C THR FA 16 -21.24 36.87 -49.45
N ILE FA 17 -21.55 38.07 -49.92
CA ILE FA 17 -22.45 38.23 -51.06
C ILE FA 17 -21.78 37.72 -52.33
N PHE FA 18 -20.47 37.95 -52.48
CA PHE FA 18 -19.76 37.41 -53.63
C PHE FA 18 -19.82 35.88 -53.66
N PHE FA 19 -19.57 35.24 -52.51
CA PHE FA 19 -19.61 33.79 -52.43
C PHE FA 19 -21.03 33.26 -52.63
N LEU FA 20 -22.03 34.01 -52.15
CA LEU FA 20 -23.41 33.59 -52.35
C LEU FA 20 -23.79 33.61 -53.83
N GLY FA 21 -23.38 34.67 -54.55
CA GLY FA 21 -23.56 34.67 -55.99
C GLY FA 21 -22.81 33.54 -56.67
N ALA FA 22 -21.60 33.25 -56.18
CA ALA FA 22 -20.81 32.15 -56.75
C ALA FA 22 -21.51 30.80 -56.57
N ILE FA 23 -22.00 30.53 -55.37
CA ILE FA 23 -22.64 29.25 -55.08
C ILE FA 23 -23.98 29.14 -55.80
N THR FA 24 -24.72 30.25 -55.90
CA THR FA 24 -25.95 30.26 -56.67
C THR FA 24 -25.69 29.97 -58.14
N ALA FA 25 -24.61 30.53 -58.69
CA ALA FA 25 -24.24 30.21 -60.06
C ALA FA 25 -23.89 28.74 -60.22
N MET FA 26 -23.12 28.19 -59.28
CA MET FA 26 -22.71 26.80 -59.43
C MET FA 26 -23.82 25.81 -59.09
N GLN FA 27 -24.95 26.27 -58.54
CA GLN FA 27 -26.12 25.41 -58.48
C GLN FA 27 -26.64 25.05 -59.86
N PHE FA 28 -26.40 25.91 -60.86
CA PHE FA 28 -26.92 25.71 -62.20
C PHE FA 28 -25.86 25.24 -63.18
N ILE FA 29 -24.95 24.39 -62.72
CA ILE FA 29 -23.90 23.83 -63.55
C ILE FA 29 -24.29 22.39 -63.90
N GLN FA 30 -24.38 22.11 -65.19
CA GLN FA 30 -24.58 20.74 -65.69
C GLN FA 30 -23.27 20.25 -66.28
N ARG FA 31 -22.82 19.08 -65.81
CA ARG FA 31 -21.55 18.51 -66.25
C ARG FA 31 -21.61 18.04 -67.70
N GLU GA 1 12.63 44.95 13.65
CA GLU GA 1 13.69 44.08 14.15
C GLU GA 1 14.55 43.57 12.99
N PRO GA 2 15.86 43.53 13.20
CA PRO GA 2 16.77 43.11 12.14
C PRO GA 2 16.79 41.60 11.96
N GLY GA 3 17.26 41.17 10.80
CA GLY GA 3 17.35 39.77 10.47
C GLY GA 3 18.61 39.14 11.03
N ILE GA 4 18.95 37.98 10.49
CA ILE GA 4 20.13 37.25 10.91
C ILE GA 4 21.33 37.72 10.09
N VAL GA 5 22.35 38.22 10.76
CA VAL GA 5 23.56 38.66 10.09
C VAL GA 5 24.46 37.45 9.85
N THR GA 6 25.04 37.39 8.67
CA THR GA 6 25.82 36.26 8.20
C THR GA 6 26.96 36.80 7.35
N PRO GA 7 28.17 36.25 7.48
CA PRO GA 7 29.28 36.72 6.62
C PRO GA 7 29.00 36.61 5.14
N LEU GA 8 28.53 35.44 4.68
CA LEU GA 8 28.15 35.30 3.28
C LEU GA 8 26.97 36.19 2.93
N GLY GA 9 26.08 36.44 3.90
CA GLY GA 9 24.96 37.32 3.64
C GLY GA 9 25.39 38.76 3.38
N THR GA 10 26.35 39.27 4.17
CA THR GA 10 26.89 40.59 3.90
C THR GA 10 27.71 40.60 2.63
N LEU GA 11 28.36 39.49 2.31
CA LEU GA 11 29.10 39.41 1.05
C LEU GA 11 28.15 39.49 -0.15
N LEU GA 12 26.97 38.90 -0.05
CA LEU GA 12 26.00 38.92 -1.14
C LEU GA 12 24.99 40.05 -1.04
N ARG GA 13 25.02 40.82 0.04
CA ARG GA 13 24.00 41.84 0.26
C ARG GA 13 23.95 42.92 -0.82
N PRO GA 14 25.06 43.50 -1.32
CA PRO GA 14 24.94 44.48 -2.40
C PRO GA 14 24.22 43.96 -3.63
N LEU GA 15 24.45 42.69 -3.97
CA LEU GA 15 23.78 42.06 -5.11
C LEU GA 15 22.27 41.97 -4.92
N ASN GA 16 21.77 42.16 -3.71
CA ASN GA 16 20.34 42.24 -3.46
C ASN GA 16 19.99 43.57 -2.81
N SER GA 17 20.61 44.66 -3.28
CA SER GA 17 20.39 45.97 -2.69
C SER GA 17 19.67 46.96 -3.60
N GLU GA 18 19.55 46.67 -4.89
CA GLU GA 18 18.96 47.60 -5.84
C GLU GA 18 17.56 47.16 -6.27
N ALA GA 19 16.79 46.59 -5.34
CA ALA GA 19 15.44 46.17 -5.65
C ALA GA 19 14.53 47.38 -5.87
N GLY GA 20 13.71 47.31 -6.91
CA GLY GA 20 12.80 48.39 -7.25
C GLY GA 20 13.45 49.57 -7.93
N LYS GA 21 14.70 49.47 -8.33
CA LYS GA 21 15.43 50.57 -8.97
C LYS GA 21 15.33 50.42 -10.48
N VAL GA 22 14.75 51.42 -11.14
CA VAL GA 22 14.42 51.34 -12.55
C VAL GA 22 14.92 52.57 -13.28
N LEU GA 23 15.04 52.45 -14.60
CA LEU GA 23 15.35 53.58 -15.45
C LEU GA 23 14.07 54.33 -15.81
N PRO GA 24 14.11 55.66 -15.83
CA PRO GA 24 12.94 56.41 -16.31
C PRO GA 24 12.74 56.24 -17.81
N GLY GA 25 11.49 56.37 -18.23
CA GLY GA 25 11.18 56.26 -19.64
C GLY GA 25 11.09 54.81 -20.11
N TRP GA 26 11.52 54.59 -21.34
CA TRP GA 26 11.45 53.27 -21.96
C TRP GA 26 12.78 52.52 -21.94
N GLY GA 27 13.88 53.19 -21.61
CA GLY GA 27 15.16 52.50 -21.47
C GLY GA 27 15.62 51.86 -22.76
N THR GA 28 16.05 50.60 -22.65
CA THR GA 28 16.57 49.83 -23.78
C THR GA 28 15.51 48.94 -24.41
N THR GA 29 14.23 49.35 -24.34
CA THR GA 29 13.14 48.52 -24.85
C THR GA 29 13.21 48.35 -26.37
N VAL GA 30 13.65 49.40 -27.08
CA VAL GA 30 13.77 49.30 -28.53
C VAL GA 30 14.85 48.30 -28.92
N LEU GA 31 16.01 48.35 -28.24
CA LEU GA 31 17.06 47.36 -28.49
C LEU GA 31 16.59 45.97 -28.11
N MET GA 32 15.81 45.86 -27.04
CA MET GA 32 15.26 44.56 -26.65
C MET GA 32 14.32 44.02 -27.72
N ALA GA 33 13.49 44.88 -28.31
CA ALA GA 33 12.61 44.45 -29.39
C ALA GA 33 13.40 44.03 -30.62
N VAL GA 34 14.49 44.74 -30.91
CA VAL GA 34 15.35 44.35 -32.03
C VAL GA 34 15.95 42.97 -31.79
N ALA GA 35 16.45 42.73 -30.57
CA ALA GA 35 16.99 41.41 -30.23
C ALA GA 35 15.92 40.33 -30.28
N ILE GA 36 14.70 40.67 -29.85
CA ILE GA 36 13.60 39.71 -29.86
C ILE GA 36 13.24 39.33 -31.29
N LEU GA 37 13.15 40.31 -32.19
CA LEU GA 37 12.80 39.99 -33.57
C LEU GA 37 13.93 39.24 -34.27
N LEU GA 38 15.18 39.57 -33.95
CA LEU GA 38 16.31 38.80 -34.49
C LEU GA 38 16.27 37.35 -34.01
N PHE GA 39 15.93 37.14 -32.73
CA PHE GA 39 15.80 35.79 -32.20
C PHE GA 39 14.65 35.06 -32.86
N ALA GA 40 13.55 35.76 -33.14
CA ALA GA 40 12.43 35.15 -33.85
C ALA GA 40 12.84 34.72 -35.25
N VAL GA 41 13.62 35.55 -35.95
CA VAL GA 41 14.11 35.18 -37.27
C VAL GA 41 15.03 33.98 -37.18
N PHE GA 42 15.91 33.94 -36.17
CA PHE GA 42 16.81 32.81 -36.00
C PHE GA 42 16.04 31.51 -35.73
N LEU GA 43 15.03 31.57 -34.86
CA LEU GA 43 14.21 30.40 -34.58
C LEU GA 43 13.43 29.97 -35.81
N LEU GA 44 12.97 30.93 -36.61
CA LEU GA 44 12.31 30.60 -37.87
C LEU GA 44 13.27 29.88 -38.82
N ILE GA 45 14.52 30.35 -38.88
CA ILE GA 45 15.51 29.71 -39.74
C ILE GA 45 15.74 28.27 -39.34
N ILE GA 46 15.97 28.03 -38.04
CA ILE GA 46 16.27 26.66 -37.64
C ILE GA 46 15.03 25.77 -37.75
N LEU GA 47 13.84 26.33 -37.48
CA LEU GA 47 12.60 25.57 -37.66
C LEU GA 47 12.40 25.18 -39.12
N GLU GA 48 12.67 26.08 -40.04
CA GLU GA 48 12.49 25.76 -41.46
C GLU GA 48 13.59 24.87 -42.00
N ILE GA 49 14.78 24.90 -41.40
CA ILE GA 49 15.81 23.91 -41.75
C ILE GA 49 15.37 22.52 -41.33
N TYR GA 50 14.91 22.37 -40.10
CA TYR GA 50 14.54 21.05 -39.60
C TYR GA 50 13.20 20.59 -40.13
N ASN GA 51 12.38 21.50 -40.65
CA ASN GA 51 11.15 21.18 -41.36
C ASN GA 51 11.40 20.85 -42.82
N SER GA 52 12.61 21.09 -43.32
CA SER GA 52 13.00 20.99 -44.73
C SER GA 52 12.24 21.97 -45.60
N SER GA 53 11.69 23.04 -45.00
CA SER GA 53 11.15 24.16 -45.76
C SER GA 53 12.23 25.15 -46.17
N LEU GA 54 13.43 25.01 -45.62
CA LEU GA 54 14.58 25.83 -45.97
C LEU GA 54 15.72 24.89 -46.31
N ILE GA 55 16.14 24.89 -47.58
CA ILE GA 55 17.15 23.98 -48.08
C ILE GA 55 18.45 24.76 -48.26
N LEU GA 56 19.50 24.33 -47.59
CA LEU GA 56 20.82 24.92 -47.71
C LEU GA 56 21.78 23.90 -48.30
N ASP GA 57 22.86 24.41 -48.90
CA ASP GA 57 23.81 23.54 -49.59
C ASP GA 57 24.55 22.63 -48.62
N GLY GA 58 24.99 23.17 -47.49
CA GLY GA 58 25.74 22.36 -46.53
C GLY GA 58 24.90 21.47 -45.65
N VAL GA 59 23.63 21.81 -45.46
CA VAL GA 59 22.77 21.11 -44.52
C VAL GA 59 22.09 19.95 -45.23
N THR GA 60 22.29 18.74 -44.70
CA THR GA 60 21.67 17.54 -45.26
C THR GA 60 20.31 17.23 -44.64
N ASN GA 61 20.15 17.54 -43.35
CA ASN GA 61 18.88 17.38 -42.63
C ASN GA 61 18.38 15.93 -42.68
N SER GA 62 19.29 15.01 -42.45
CA SER GA 62 18.96 13.58 -42.42
C SER GA 62 20.03 12.86 -41.63
N TRP GA 63 19.77 11.58 -41.35
CA TRP GA 63 20.71 10.76 -40.60
C TRP GA 63 22.05 10.60 -41.30
N GLU GA 64 22.11 10.83 -42.62
CA GLU GA 64 23.37 10.80 -43.34
C GLU GA 64 24.32 11.92 -42.89
N SER GA 65 23.80 12.94 -42.21
CA SER GA 65 24.67 13.94 -41.59
C SER GA 65 25.55 13.33 -40.51
N LEU GA 66 25.18 12.16 -39.99
CA LEU GA 66 26.06 11.44 -39.07
C LEU GA 66 27.31 10.91 -39.77
N ALA GA 67 27.28 10.76 -41.08
CA ALA GA 67 28.42 10.23 -41.82
C ALA GA 67 29.58 11.23 -41.84
N MET HA 1 -42.98 -20.93 -10.15
CA MET HA 1 -43.08 -19.79 -11.05
C MET HA 1 -44.43 -19.11 -10.92
N LEU HA 2 -45.50 -19.90 -10.80
CA LEU HA 2 -46.82 -19.33 -10.62
C LEU HA 2 -46.93 -18.63 -9.27
N THR HA 3 -46.28 -19.17 -8.24
CA THR HA 3 -46.23 -18.49 -6.95
C THR HA 3 -45.51 -17.16 -7.08
N LEU HA 4 -44.39 -17.14 -7.81
CA LEU HA 4 -43.66 -15.91 -8.04
C LEU HA 4 -44.51 -14.91 -8.81
N LYS HA 5 -45.24 -15.39 -9.82
CA LYS HA 5 -46.09 -14.51 -10.61
C LYS HA 5 -47.21 -13.92 -9.76
N ILE HA 6 -47.81 -14.74 -8.89
CA ILE HA 6 -48.87 -14.27 -8.01
C ILE HA 6 -48.34 -13.21 -7.06
N PHE HA 7 -47.15 -13.46 -6.49
CA PHE HA 7 -46.56 -12.49 -5.56
C PHE HA 7 -46.23 -11.17 -6.27
N VAL HA 8 -45.66 -11.25 -7.47
CA VAL HA 8 -45.30 -10.04 -8.20
C VAL HA 8 -46.55 -9.28 -8.62
N TYR HA 9 -47.59 -9.99 -9.04
CA TYR HA 9 -48.85 -9.34 -9.38
C TYR HA 9 -49.43 -8.62 -8.18
N THR HA 10 -49.38 -9.26 -7.01
CA THR HA 10 -49.85 -8.61 -5.78
C THR HA 10 -49.04 -7.36 -5.46
N VAL HA 11 -47.72 -7.44 -5.61
CA VAL HA 11 -46.85 -6.30 -5.29
C VAL HA 11 -47.13 -5.14 -6.23
N VAL HA 12 -47.18 -5.42 -7.53
CA VAL HA 12 -47.40 -4.38 -8.52
C VAL HA 12 -48.78 -3.76 -8.36
N THR HA 13 -49.79 -4.60 -8.11
CA THR HA 13 -51.13 -4.07 -7.89
C THR HA 13 -51.20 -3.21 -6.65
N PHE HA 14 -50.50 -3.60 -5.59
CA PHE HA 14 -50.47 -2.82 -4.36
C PHE HA 14 -49.86 -1.44 -4.60
N PHE HA 15 -48.70 -1.40 -5.28
CA PHE HA 15 -48.04 -0.12 -5.48
C PHE HA 15 -48.82 0.77 -6.46
N VAL HA 16 -49.39 0.16 -7.50
CA VAL HA 16 -50.18 0.93 -8.46
C VAL HA 16 -51.45 1.48 -7.80
N GLY HA 17 -52.10 0.67 -6.95
CA GLY HA 17 -53.26 1.16 -6.23
C GLY HA 17 -52.92 2.29 -5.28
N LEU HA 18 -51.77 2.18 -4.60
CA LEU HA 18 -51.30 3.27 -3.75
C LEU HA 18 -51.12 4.54 -4.57
N PHE HA 19 -50.48 4.43 -5.73
CA PHE HA 19 -50.28 5.57 -6.63
C PHE HA 19 -51.62 6.19 -7.03
N ILE HA 20 -52.55 5.36 -7.49
CA ILE HA 20 -53.82 5.84 -8.03
C ILE HA 20 -54.64 6.53 -6.94
N PHE HA 21 -54.82 5.89 -5.80
CA PHE HA 21 -55.63 6.48 -4.76
C PHE HA 21 -54.90 7.60 -4.01
N GLY HA 22 -53.57 7.63 -4.09
CA GLY HA 22 -52.86 8.77 -3.57
C GLY HA 22 -53.09 10.03 -4.38
N PHE HA 23 -53.04 9.92 -5.70
CA PHE HA 23 -53.42 11.10 -6.49
C PHE HA 23 -54.92 11.34 -6.48
N LEU HA 24 -55.73 10.34 -6.13
CA LEU HA 24 -57.15 10.58 -5.90
C LEU HA 24 -57.42 11.26 -4.57
N SER HA 25 -56.47 11.23 -3.63
CA SER HA 25 -56.69 11.76 -2.28
C SER HA 25 -56.43 13.27 -2.21
N ASN HA 26 -57.24 14.02 -2.97
CA ASN HA 26 -57.29 15.49 -2.88
C ASN HA 26 -55.93 16.12 -3.16
N ASP HA 27 -55.19 15.53 -4.10
CA ASP HA 27 -53.81 15.94 -4.37
C ASP HA 27 -53.64 17.41 -4.76
N PRO HA 28 -54.50 18.03 -5.58
CA PRO HA 28 -54.32 19.48 -5.84
C PRO HA 28 -54.40 20.34 -4.58
N SER HA 29 -54.96 19.85 -3.49
CA SER HA 29 -54.92 20.62 -2.25
C SER HA 29 -53.58 20.54 -1.52
N ARG HA 30 -52.70 19.64 -1.92
CA ARG HA 30 -51.43 19.44 -1.21
C ARG HA 30 -50.33 20.35 -1.77
N ASN HA 31 -50.53 21.65 -1.60
CA ASN HA 31 -49.55 22.63 -2.03
C ASN HA 31 -49.51 23.77 -1.03
N PRO HA 32 -48.36 24.43 -0.88
CA PRO HA 32 -48.25 25.55 0.06
C PRO HA 32 -48.78 26.87 -0.49
N GLY HA 33 -49.38 26.87 -1.68
CA GLY HA 33 -49.81 28.11 -2.28
C GLY HA 33 -51.01 28.71 -1.58
N LYS HA 34 -51.27 29.98 -1.90
CA LYS HA 34 -52.40 30.71 -1.37
C LYS HA 34 -53.49 30.73 -2.43
N GLY HA 35 -54.67 30.23 -2.07
CA GLY HA 35 -55.77 30.13 -3.01
C GLY HA 35 -55.64 28.94 -3.94
N ILE IA 1 -33.52 56.88 -40.84
CA ILE IA 1 -34.50 57.93 -40.69
C ILE IA 1 -35.88 57.29 -40.50
N GLY IA 2 -36.00 56.04 -40.94
CA GLY IA 2 -37.21 55.28 -40.69
C GLY IA 2 -38.29 55.38 -41.75
N ARG IA 3 -37.93 55.77 -42.98
CA ARG IA 3 -38.95 55.91 -44.02
C ARG IA 3 -39.49 54.55 -44.46
N ILE IA 4 -38.70 53.51 -44.38
CA ILE IA 4 -39.12 52.16 -44.73
C ILE IA 4 -39.24 51.34 -43.45
N PRO IA 5 -40.34 50.60 -43.25
CA PRO IA 5 -40.51 49.87 -41.99
C PRO IA 5 -39.49 48.75 -41.83
N LEU IA 6 -38.99 48.62 -40.59
CA LEU IA 6 -37.99 47.60 -40.29
C LEU IA 6 -38.56 46.20 -40.44
N TRP IA 7 -39.85 46.01 -40.11
CA TRP IA 7 -40.46 44.71 -40.30
C TRP IA 7 -40.58 44.36 -41.78
N LEU IA 8 -40.88 45.34 -42.63
CA LEU IA 8 -40.91 45.10 -44.06
C LEU IA 8 -39.53 44.76 -44.59
N VAL IA 9 -38.51 45.46 -44.10
CA VAL IA 9 -37.13 45.17 -44.50
C VAL IA 9 -36.75 43.76 -44.10
N GLY IA 10 -37.05 43.38 -42.85
CA GLY IA 10 -36.74 42.04 -42.38
C GLY IA 10 -37.52 40.96 -43.11
N THR IA 11 -38.76 41.25 -43.48
CA THR IA 11 -39.56 40.28 -44.23
C THR IA 11 -38.98 40.05 -45.61
N VAL IA 12 -38.57 41.13 -46.30
CA VAL IA 12 -37.96 40.97 -47.63
C VAL IA 12 -36.63 40.23 -47.51
N VAL IA 13 -35.83 40.55 -46.49
CA VAL IA 13 -34.55 39.88 -46.30
C VAL IA 13 -34.76 38.39 -46.02
N GLY IA 14 -35.72 38.06 -45.16
CA GLY IA 14 -36.01 36.66 -44.90
C GLY IA 14 -36.56 35.94 -46.10
N LEU IA 15 -37.35 36.63 -46.94
CA LEU IA 15 -37.82 36.03 -48.18
C LEU IA 15 -36.67 35.69 -49.11
N LEU IA 16 -35.71 36.60 -49.26
CA LEU IA 16 -34.54 36.31 -50.09
C LEU IA 16 -33.70 35.19 -49.49
N ALA IA 17 -33.57 35.13 -48.17
CA ALA IA 17 -32.82 34.05 -47.54
C ALA IA 17 -33.48 32.70 -47.76
N ILE IA 18 -34.81 32.65 -47.60
CA ILE IA 18 -35.55 31.41 -47.83
C ILE IA 18 -35.46 31.00 -49.30
N GLY IA 19 -35.53 31.98 -50.20
CA GLY IA 19 -35.38 31.67 -51.62
C GLY IA 19 -34.02 31.11 -51.98
N LEU IA 20 -32.96 31.70 -51.40
CA LEU IA 20 -31.61 31.19 -51.63
C LEU IA 20 -31.44 29.78 -51.06
N LEU IA 21 -32.02 29.54 -49.89
CA LEU IA 21 -31.93 28.20 -49.31
C LEU IA 21 -32.72 27.18 -50.13
N ALA IA 22 -33.86 27.60 -50.67
CA ALA IA 22 -34.63 26.73 -51.56
C ALA IA 22 -33.88 26.45 -52.84
N ILE IA 23 -33.16 27.44 -53.37
CA ILE IA 23 -32.31 27.23 -54.54
C ILE IA 23 -31.21 26.24 -54.22
N PHE IA 24 -30.60 26.36 -53.03
CA PHE IA 24 -29.54 25.43 -52.63
C PHE IA 24 -30.07 24.01 -52.51
N PHE IA 25 -31.27 23.84 -51.94
CA PHE IA 25 -31.85 22.50 -51.82
C PHE IA 25 -32.28 21.96 -53.18
N TYR IA 26 -32.74 22.83 -54.08
CA TYR IA 26 -33.05 22.41 -55.44
C TYR IA 26 -31.80 21.93 -56.17
N GLY IA 27 -30.67 22.61 -55.95
CA GLY IA 27 -29.42 22.21 -56.56
C GLY IA 27 -28.83 20.92 -56.03
N SER IA 28 -29.38 20.40 -54.93
CA SER IA 28 -28.96 19.08 -54.46
C SER IA 28 -29.47 17.97 -55.36
N TYR IA 29 -30.60 18.21 -56.05
CA TYR IA 29 -31.22 17.20 -56.90
C TYR IA 29 -30.89 17.38 -58.37
N VAL IA 30 -30.20 18.45 -58.75
CA VAL IA 30 -29.84 18.70 -60.13
C VAL IA 30 -28.36 19.04 -60.23
N GLY IA 31 -27.81 18.86 -61.42
CA GLY IA 31 -26.45 19.32 -61.69
C GLY IA 31 -25.40 18.45 -61.02
N LEU IA 32 -24.37 19.11 -60.49
CA LEU IA 32 -23.26 18.42 -59.85
C LEU IA 32 -23.66 17.94 -58.45
N GLY IA 33 -23.17 16.76 -58.08
CA GLY IA 33 -23.45 16.20 -56.78
C GLY IA 33 -24.89 15.82 -56.55
N SER IA 34 -25.59 15.40 -57.60
CA SER IA 34 -27.00 15.02 -57.51
C SER IA 34 -27.20 13.53 -57.74
N SER IA 35 -26.13 12.74 -57.73
CA SER IA 35 -26.14 11.29 -57.97
C SER IA 35 -26.67 10.95 -59.36
N LEU IA 36 -26.60 11.89 -60.29
CA LEU IA 36 -27.17 11.69 -61.61
C LEU IA 36 -26.23 12.24 -62.68
N LYS JA 1 -52.20 11.21 -62.06
CA LYS JA 1 -52.45 12.47 -62.73
C LYS JA 1 -53.83 13.01 -62.39
N LEU JA 2 -54.00 14.32 -62.55
CA LEU JA 2 -55.31 14.94 -62.38
C LEU JA 2 -56.22 14.55 -63.54
N PRO JA 3 -57.53 14.73 -63.37
CA PRO JA 3 -58.44 14.59 -64.52
C PRO JA 3 -58.07 15.58 -65.61
N GLU JA 4 -58.37 15.20 -66.86
CA GLU JA 4 -57.88 15.92 -68.03
C GLU JA 4 -58.37 17.36 -68.06
N ALA JA 5 -59.60 17.62 -67.62
CA ALA JA 5 -60.09 18.99 -67.55
C ALA JA 5 -59.35 19.80 -66.48
N TYR JA 6 -58.81 19.15 -65.46
CA TYR JA 6 -58.09 19.83 -64.40
C TYR JA 6 -56.58 19.72 -64.54
N ALA JA 7 -56.10 19.05 -65.60
CA ALA JA 7 -54.67 18.95 -65.84
C ALA JA 7 -53.93 20.27 -65.98
N PRO JA 8 -54.44 21.32 -66.66
CA PRO JA 8 -53.70 22.59 -66.71
C PRO JA 8 -53.52 23.27 -65.35
N PHE JA 9 -54.24 22.86 -64.32
CA PHE JA 9 -54.10 23.43 -62.99
C PHE JA 9 -53.14 22.63 -62.10
N SER JA 10 -52.49 21.60 -62.66
CA SER JA 10 -51.44 20.91 -61.94
C SER JA 10 -50.31 21.82 -61.45
N PRO JA 11 -49.84 22.83 -62.19
CA PRO JA 11 -48.81 23.73 -61.60
C PRO JA 11 -49.25 24.43 -60.33
N ILE JA 12 -50.51 24.85 -60.23
CA ILE JA 12 -50.94 25.48 -58.99
C ILE JA 12 -51.26 24.43 -57.93
N VAL JA 13 -51.59 23.20 -58.34
CA VAL JA 13 -51.73 22.10 -57.39
C VAL JA 13 -50.39 21.82 -56.71
N ASP JA 14 -49.29 21.85 -57.48
CA ASP JA 14 -47.99 21.49 -56.96
C ASP JA 14 -47.43 22.47 -55.93
N VAL JA 15 -48.05 23.64 -55.78
CA VAL JA 15 -47.57 24.64 -54.82
C VAL JA 15 -48.37 24.61 -53.51
N LEU JA 16 -49.62 24.15 -53.55
CA LEU JA 16 -50.53 24.29 -52.41
C LEU JA 16 -50.05 23.71 -51.07
N PRO JA 17 -49.41 22.53 -50.99
CA PRO JA 17 -49.12 21.97 -49.65
C PRO JA 17 -48.20 22.83 -48.77
N ILE JA 18 -47.48 23.79 -49.32
CA ILE JA 18 -46.60 24.61 -48.49
C ILE JA 18 -47.30 25.80 -47.84
N ILE JA 19 -48.55 26.06 -48.22
CA ILE JA 19 -49.29 27.19 -47.66
C ILE JA 19 -49.48 27.07 -46.15
N PRO JA 20 -49.81 25.91 -45.57
CA PRO JA 20 -49.79 25.81 -44.11
C PRO JA 20 -48.45 26.14 -43.49
N VAL JA 21 -47.33 25.82 -44.13
CA VAL JA 21 -46.04 26.29 -43.64
C VAL JA 21 -45.97 27.81 -43.72
N LEU JA 22 -46.57 28.40 -44.75
CA LEU JA 22 -46.54 29.85 -44.90
C LEU JA 22 -47.35 30.56 -43.82
N PHE JA 23 -48.36 29.91 -43.25
CA PHE JA 23 -49.22 30.60 -42.28
C PHE JA 23 -48.48 30.99 -41.00
N ILE JA 24 -47.65 30.11 -40.45
CA ILE JA 24 -46.94 30.44 -39.22
C ILE JA 24 -45.91 31.55 -39.47
N LEU JA 25 -45.29 31.54 -40.64
CA LEU JA 25 -44.41 32.64 -41.01
C LEU JA 25 -45.19 33.94 -41.17
N LEU JA 26 -46.42 33.86 -41.67
CA LEU JA 26 -47.27 35.05 -41.75
C LEU JA 26 -47.62 35.57 -40.36
N ALA JA 27 -47.81 34.68 -39.39
CA ALA JA 27 -48.01 35.09 -38.01
C ALA JA 27 -46.80 35.86 -37.50
N PHE JA 28 -45.60 35.38 -37.81
CA PHE JA 28 -44.39 36.10 -37.41
C PHE JA 28 -44.28 37.45 -38.12
N VAL JA 29 -44.71 37.52 -39.39
CA VAL JA 29 -44.71 38.79 -40.11
C VAL JA 29 -45.64 39.79 -39.45
N TRP JA 30 -46.84 39.34 -39.08
CA TRP JA 30 -47.80 40.22 -38.41
C TRP JA 30 -47.27 40.70 -37.08
N GLN JA 31 -46.62 39.80 -36.32
CA GLN JA 31 -46.04 40.20 -35.04
C GLN JA 31 -44.90 41.19 -35.22
N ALA JA 32 -44.10 41.03 -36.27
CA ALA JA 32 -43.07 42.01 -36.57
C ALA JA 32 -43.68 43.34 -36.97
N SER JA 33 -44.81 43.31 -37.69
CA SER JA 33 -45.45 44.54 -38.12
C SER JA 33 -46.06 45.30 -36.96
N VAL JA 34 -46.49 44.59 -35.91
CA VAL JA 34 -46.97 45.28 -34.71
C VAL JA 34 -45.81 45.45 -33.73
N SER JA 35 -44.58 45.26 -34.22
CA SER JA 35 -43.34 45.45 -33.47
C SER JA 35 -43.26 44.54 -32.25
N PHE JA 36 -43.84 43.33 -32.37
CA PHE JA 36 -43.88 42.34 -31.29
C PHE JA 36 -44.45 42.95 -30.01
N ARG JA 37 -45.61 43.59 -30.17
CA ARG JA 37 -46.25 44.38 -29.14
C ARG JA 37 -46.53 43.59 -27.86
N MET KA 1 11.01 38.41 8.99
CA MET KA 1 10.74 39.55 9.85
C MET KA 1 11.11 39.26 11.29
N ALA KA 2 10.24 38.53 11.99
CA ALA KA 2 10.41 38.27 13.42
C ALA KA 2 11.12 36.94 13.64
N ARG KA 3 11.27 36.58 14.92
CA ARG KA 3 11.80 35.26 15.23
C ARG KA 3 10.87 34.14 14.77
N PRO KA 4 9.55 34.19 14.98
CA PRO KA 4 8.68 33.25 14.28
C PRO KA 4 8.43 33.70 12.85
N ASN KA 5 8.04 32.74 12.01
CA ASN KA 5 7.76 33.04 10.63
C ASN KA 5 6.37 33.68 10.52
N PRO KA 6 6.27 34.91 10.00
CA PRO KA 6 4.95 35.55 9.92
C PRO KA 6 4.03 34.95 8.88
N ASN KA 7 4.56 34.19 7.94
CA ASN KA 7 3.76 33.58 6.87
C ASN KA 7 3.14 32.26 7.31
N LYS KA 8 2.46 32.28 8.44
CA LYS KA 8 1.81 31.08 8.98
C LYS KA 8 0.36 31.05 8.51
N GLN KA 9 -0.02 29.96 7.85
CA GLN KA 9 -1.36 29.80 7.34
C GLN KA 9 -1.91 28.42 7.71
N VAL KA 10 -3.21 28.35 7.94
CA VAL KA 10 -3.87 27.13 8.39
C VAL KA 10 -4.60 26.53 7.21
N VAL KA 11 -4.44 25.23 7.02
CA VAL KA 11 -5.01 24.53 5.88
C VAL KA 11 -6.39 24.00 6.25
N GLU KA 12 -7.35 24.19 5.35
CA GLU KA 12 -8.75 23.86 5.59
C GLU KA 12 -9.22 22.86 4.54
N LEU KA 13 -10.03 21.89 4.98
CA LEU KA 13 -10.62 20.92 4.06
C LEU KA 13 -11.96 20.51 4.67
N ASN KA 14 -13.06 21.03 4.13
CA ASN KA 14 -14.36 20.72 4.70
C ASN KA 14 -14.83 19.35 4.22
N ARG KA 15 -15.99 18.94 4.74
CA ARG KA 15 -16.48 17.58 4.48
C ARG KA 15 -16.92 17.39 3.03
N SER KA 16 -17.47 18.44 2.40
CA SER KA 16 -17.83 18.33 1.00
C SER KA 16 -16.61 18.13 0.13
N SER KA 17 -15.52 18.85 0.44
CA SER KA 17 -14.28 18.67 -0.29
C SER KA 17 -13.66 17.31 -0.01
N LEU KA 18 -13.81 16.79 1.21
CA LEU KA 18 -13.36 15.44 1.51
C LEU KA 18 -14.13 14.42 0.69
N TYR KA 19 -15.45 14.58 0.58
CA TYR KA 19 -16.26 13.67 -0.21
C TYR KA 19 -15.91 13.75 -1.69
N TRP KA 20 -15.65 14.97 -2.18
CA TRP KA 20 -15.24 15.12 -3.57
C TRP KA 20 -13.89 14.46 -3.83
N GLY KA 21 -12.94 14.63 -2.92
CA GLY KA 21 -11.65 13.99 -3.09
C GLY KA 21 -11.73 12.48 -3.03
N LEU KA 22 -12.49 11.94 -2.08
CA LEU KA 22 -12.68 10.50 -1.99
C LEU KA 22 -13.35 9.95 -3.24
N LEU KA 23 -14.36 10.65 -3.73
CA LEU KA 23 -15.03 10.23 -4.96
C LEU KA 23 -14.09 10.28 -6.14
N LEU KA 24 -13.27 11.33 -6.24
CA LEU KA 24 -12.31 11.43 -7.33
C LEU KA 24 -11.32 10.28 -7.29
N ILE KA 25 -10.79 9.98 -6.11
CA ILE KA 25 -9.79 8.92 -5.97
C ILE KA 25 -10.39 7.56 -6.34
N PHE KA 26 -11.57 7.25 -5.78
CA PHE KA 26 -12.16 5.95 -6.03
C PHE KA 26 -12.66 5.82 -7.47
N VAL KA 27 -13.17 6.89 -8.06
CA VAL KA 27 -13.64 6.83 -9.44
C VAL KA 27 -12.46 6.69 -10.40
N LEU KA 28 -11.34 7.38 -10.11
CA LEU KA 28 -10.13 7.17 -10.90
C LEU KA 28 -9.64 5.74 -10.78
N ALA KA 29 -9.69 5.17 -9.57
CA ALA KA 29 -9.29 3.79 -9.40
C ALA KA 29 -10.20 2.84 -10.19
N VAL KA 30 -11.50 3.09 -10.15
CA VAL KA 30 -12.45 2.26 -10.90
C VAL KA 30 -12.16 2.35 -12.39
N LEU KA 31 -11.94 3.57 -12.88
CA LEU KA 31 -11.71 3.76 -14.30
C LEU KA 31 -10.40 3.13 -14.77
N PHE KA 32 -9.33 3.31 -14.00
CA PHE KA 32 -8.01 2.92 -14.47
C PHE KA 32 -7.58 1.52 -14.03
N SER KA 33 -8.32 0.86 -13.14
CA SER KA 33 -7.87 -0.44 -12.66
C SER KA 33 -7.95 -1.50 -13.74
N SER KA 34 -8.95 -1.41 -14.63
CA SER KA 34 -9.06 -2.37 -15.72
C SER KA 34 -7.87 -2.28 -16.65
N TYR KA 35 -7.27 -1.11 -16.79
CA TYR KA 35 -6.10 -0.92 -17.64
C TYR KA 35 -4.80 -1.25 -16.91
N ILE KA 36 -4.74 -0.97 -15.61
CA ILE KA 36 -3.53 -1.29 -14.85
C ILE KA 36 -3.40 -2.80 -14.69
N PHE KA 37 -4.50 -3.49 -14.38
CA PHE KA 37 -4.48 -4.94 -14.38
C PHE KA 37 -4.43 -5.51 -15.80
N ASN KA 38 -4.76 -4.70 -16.80
CA ASN KA 38 -4.72 -5.06 -18.22
C ASN KA 38 -5.59 -6.28 -18.52
N VAL LA 1 -0.14 -5.91 -13.83
CA VAL LA 1 -0.19 -7.36 -13.79
C VAL LA 1 -1.01 -7.73 -12.54
N ASN LA 2 -1.03 -9.01 -12.18
CA ASN LA 2 -1.90 -9.50 -11.11
C ASN LA 2 -1.58 -8.85 -9.76
N ILE LA 3 -0.29 -8.68 -9.46
CA ILE LA 3 0.11 -8.22 -8.15
C ILE LA 3 0.72 -6.81 -8.18
N LEU LA 4 1.39 -6.42 -9.25
CA LEU LA 4 1.92 -5.07 -9.33
C LEU LA 4 0.80 -4.07 -9.56
N GLY LA 5 -0.20 -4.44 -10.36
CA GLY LA 5 -1.41 -3.65 -10.44
C GLY LA 5 -2.15 -3.59 -9.12
N LEU LA 6 -2.10 -4.68 -8.36
CA LEU LA 6 -2.74 -4.69 -7.04
C LEU LA 6 -2.09 -3.68 -6.10
N THR LA 7 -0.76 -3.68 -6.03
CA THR LA 7 -0.11 -2.72 -5.13
C THR LA 7 -0.23 -1.29 -5.66
N ALA LA 8 -0.23 -1.10 -6.98
CA ALA LA 8 -0.45 0.23 -7.53
C ALA LA 8 -1.82 0.77 -7.16
N THR LA 9 -2.86 -0.06 -7.30
CA THR LA 9 -4.21 0.35 -6.94
C THR LA 9 -4.32 0.62 -5.44
N ALA LA 10 -3.73 -0.23 -4.62
CA ALA LA 10 -3.80 -0.04 -3.18
C ALA LA 10 -3.12 1.26 -2.76
N LEU LA 11 -1.94 1.54 -3.32
CA LEU LA 11 -1.25 2.79 -2.98
C LEU LA 11 -2.01 4.00 -3.48
N PHE LA 12 -2.55 3.92 -4.71
CA PHE LA 12 -3.29 5.05 -5.26
C PHE LA 12 -4.56 5.32 -4.48
N ILE LA 13 -5.14 4.30 -3.85
CA ILE LA 13 -6.26 4.56 -2.96
C ILE LA 13 -5.77 5.17 -1.66
N ILE LA 14 -4.82 4.51 -1.00
CA ILE LA 14 -4.56 4.80 0.41
C ILE LA 14 -3.82 6.12 0.60
N ILE LA 15 -2.83 6.43 -0.25
CA ILE LA 15 -2.02 7.61 0.01
C ILE LA 15 -2.81 8.91 -0.18
N PRO LA 16 -3.54 9.13 -1.29
CA PRO LA 16 -4.42 10.31 -1.34
C PRO LA 16 -5.52 10.29 -0.31
N THR LA 17 -6.05 9.11 0.04
CA THR LA 17 -7.04 9.03 1.11
C THR LA 17 -6.43 9.47 2.43
N SER LA 18 -5.19 9.06 2.70
CA SER LA 18 -4.50 9.50 3.91
C SER LA 18 -4.33 11.01 3.93
N PHE LA 19 -3.93 11.59 2.79
CA PHE LA 19 -3.75 13.04 2.71
C PHE LA 19 -5.07 13.77 2.96
N LEU LA 20 -6.14 13.33 2.33
CA LEU LA 20 -7.45 13.95 2.50
C LEU LA 20 -7.95 13.79 3.93
N LEU LA 21 -7.71 12.62 4.52
CA LEU LA 21 -8.17 12.39 5.90
C LEU LA 21 -7.40 13.25 6.89
N ILE LA 22 -6.10 13.44 6.66
CA ILE LA 22 -5.32 14.33 7.52
C ILE LA 22 -5.90 15.73 7.49
N LEU LA 23 -6.13 16.25 6.28
CA LEU LA 23 -6.61 17.62 6.16
C LEU LA 23 -8.03 17.75 6.71
N TYR LA 24 -8.90 16.78 6.44
CA TYR LA 24 -10.27 16.85 6.94
C TYR LA 24 -10.32 16.76 8.45
N VAL LA 25 -9.51 15.87 9.05
CA VAL LA 25 -9.58 15.69 10.49
C VAL LA 25 -9.06 16.92 11.21
N LYS LA 26 -7.98 17.54 10.70
CA LYS LA 26 -7.54 18.79 11.32
C LYS LA 26 -8.59 19.90 11.15
N THR LA 27 -9.25 19.96 9.99
CA THR LA 27 -10.27 20.98 9.78
C THR LA 27 -11.47 20.76 10.71
N ALA LA 28 -11.92 19.51 10.84
CA ALA LA 28 -13.08 19.21 11.67
C ALA LA 28 -12.78 19.37 13.15
N ALA LA 29 -11.53 19.12 13.55
CA ALA LA 29 -11.13 19.48 14.91
C ALA LA 29 -11.14 20.99 15.10
N SER LA 30 -10.82 21.75 14.05
CA SER LA 30 -11.03 23.19 14.06
C SER LA 30 -12.46 23.59 13.72
N GLU LA 31 -13.40 22.64 13.79
CA GLU LA 31 -14.82 22.83 13.47
C GLU LA 31 -15.03 23.35 12.05
N LEU MA 1 -51.70 -35.40 -27.79
CA LEU MA 1 -52.73 -35.11 -28.78
C LEU MA 1 -52.59 -36.03 -29.98
N THR MA 2 -53.71 -36.43 -30.57
CA THR MA 2 -53.62 -37.20 -31.79
C THR MA 2 -53.32 -36.29 -32.97
N TYR MA 3 -52.81 -36.88 -34.04
CA TYR MA 3 -52.44 -36.09 -35.21
C TYR MA 3 -53.67 -35.48 -35.86
N ASP MA 4 -54.80 -36.20 -35.83
CA ASP MA 4 -56.04 -35.69 -36.43
C ASP MA 4 -56.51 -34.43 -35.71
N GLU MA 5 -56.55 -34.46 -34.38
CA GLU MA 5 -56.98 -33.28 -33.65
C GLU MA 5 -55.92 -32.18 -33.62
N LEU MA 6 -54.65 -32.53 -33.84
CA LEU MA 6 -53.65 -31.49 -34.04
C LEU MA 6 -53.90 -30.74 -35.34
N GLN MA 7 -54.20 -31.47 -36.43
CA GLN MA 7 -54.56 -30.81 -37.67
C GLN MA 7 -55.93 -30.15 -37.59
N GLY MA 8 -56.75 -30.51 -36.61
CA GLY MA 8 -58.01 -29.83 -36.41
C GLY MA 8 -57.92 -28.49 -35.71
N LEU MA 9 -56.73 -28.07 -35.29
CA LEU MA 9 -56.54 -26.78 -34.64
C LEU MA 9 -55.79 -25.84 -35.58
N THR MA 10 -56.03 -24.55 -35.42
CA THR MA 10 -55.40 -23.56 -36.29
C THR MA 10 -54.12 -23.02 -35.66
N TYR MA 11 -53.31 -22.37 -36.50
CA TYR MA 11 -52.03 -21.85 -36.08
C TYR MA 11 -52.17 -20.78 -35.00
N LEU MA 12 -53.28 -20.03 -35.03
CA LEU MA 12 -53.48 -18.98 -34.04
C LEU MA 12 -53.70 -19.55 -32.64
N GLN MA 13 -54.44 -20.66 -32.54
CA GLN MA 13 -54.67 -21.28 -31.24
C GLN MA 13 -53.63 -22.31 -30.86
N VAL MA 14 -52.72 -22.67 -31.77
CA VAL MA 14 -51.57 -23.47 -31.38
C VAL MA 14 -50.40 -22.58 -30.96
N LYS MA 15 -50.31 -21.37 -31.52
CA LYS MA 15 -49.16 -20.49 -31.32
C LYS MA 15 -49.00 -20.11 -29.86
N GLY MA 16 -47.78 -20.29 -29.33
CA GLY MA 16 -47.46 -19.95 -27.98
C GLY MA 16 -47.77 -21.03 -26.95
N THR MA 17 -48.43 -22.12 -27.35
CA THR MA 17 -48.84 -23.14 -26.41
C THR MA 17 -47.76 -24.20 -26.18
N GLY MA 18 -46.84 -24.36 -27.12
CA GLY MA 18 -45.83 -25.40 -27.03
C GLY MA 18 -46.20 -26.70 -27.70
N ILE MA 19 -47.46 -26.85 -28.12
CA ILE MA 19 -47.93 -28.09 -28.77
C ILE MA 19 -47.17 -28.33 -30.07
N ALA MA 20 -46.69 -27.26 -30.70
CA ALA MA 20 -45.91 -27.41 -31.93
C ALA MA 20 -44.61 -28.16 -31.72
N ASN MA 21 -44.13 -28.26 -30.48
CA ASN MA 21 -42.94 -29.05 -30.18
C ASN MA 21 -43.27 -30.46 -29.72
N THR MA 22 -44.54 -30.82 -29.64
CA THR MA 22 -44.96 -32.10 -29.08
C THR MA 22 -45.33 -33.08 -30.19
N CYS MA 23 -44.85 -34.31 -30.05
CA CYS MA 23 -45.22 -35.37 -30.99
C CYS MA 23 -46.70 -35.73 -30.84
N PRO MA 24 -47.32 -36.20 -31.92
CA PRO MA 24 -48.67 -36.76 -31.80
C PRO MA 24 -48.66 -38.04 -30.97
N VAL MA 25 -49.77 -38.26 -30.28
CA VAL MA 25 -49.94 -39.41 -29.41
C VAL MA 25 -51.05 -40.29 -29.99
N VAL MA 26 -50.75 -41.57 -30.19
CA VAL MA 26 -51.74 -42.50 -30.70
C VAL MA 26 -52.66 -42.89 -29.56
N GLU MA 27 -53.79 -42.19 -29.43
CA GLU MA 27 -54.74 -42.48 -28.36
C GLU MA 27 -55.56 -43.72 -28.67
N GLN MA 28 -55.86 -43.97 -29.93
CA GLN MA 28 -56.58 -45.16 -30.34
C GLN MA 28 -55.59 -46.28 -30.62
N GLY MA 29 -56.03 -47.34 -31.26
CA GLY MA 29 -55.14 -48.42 -31.65
C GLY MA 29 -54.95 -49.45 -30.56
N THR MA 30 -53.95 -50.30 -30.78
CA THR MA 30 -53.65 -51.38 -29.85
C THR MA 30 -52.14 -51.51 -29.70
N SER MA 31 -51.73 -52.24 -28.66
CA SER MA 31 -50.33 -52.41 -28.32
C SER MA 31 -49.79 -53.78 -28.73
N ASN MA 32 -50.47 -54.47 -29.66
CA ASN MA 32 -49.99 -55.78 -30.07
C ASN MA 32 -48.76 -55.68 -30.98
N VAL MA 33 -48.66 -54.59 -31.76
CA VAL MA 33 -47.49 -54.24 -32.57
C VAL MA 33 -47.23 -55.29 -33.66
N ARG MA 34 -47.06 -56.56 -33.27
CA ARG MA 34 -46.89 -57.63 -34.24
C ARG MA 34 -48.11 -57.83 -35.11
N GLU MA 35 -49.27 -57.31 -34.70
CA GLU MA 35 -50.46 -57.30 -35.56
C GLU MA 35 -50.39 -56.13 -36.54
N LEU MA 36 -49.32 -56.12 -37.33
CA LEU MA 36 -49.07 -55.11 -38.34
C LEU MA 36 -48.78 -55.82 -39.65
N LYS MA 37 -49.33 -55.30 -40.74
CA LYS MA 37 -49.14 -55.93 -42.04
C LYS MA 37 -47.70 -55.74 -42.48
N PRO MA 38 -46.94 -56.82 -42.69
CA PRO MA 38 -45.54 -56.67 -43.10
C PRO MA 38 -45.43 -56.24 -44.56
N GLY MA 39 -44.31 -55.61 -44.86
CA GLY MA 39 -44.03 -55.19 -46.22
C GLY MA 39 -43.09 -54.00 -46.22
N ASP MA 40 -43.06 -53.31 -47.36
CA ASP MA 40 -42.25 -52.12 -47.55
C ASP MA 40 -43.15 -50.90 -47.39
N TYR MA 41 -42.79 -50.01 -46.47
CA TYR MA 41 -43.59 -48.83 -46.16
C TYR MA 41 -42.74 -47.58 -46.35
N LYS MA 42 -43.40 -46.49 -46.71
CA LYS MA 42 -42.76 -45.18 -46.75
C LYS MA 42 -42.98 -44.52 -45.39
N LEU MA 43 -41.93 -44.47 -44.58
CA LEU MA 43 -41.99 -43.75 -43.32
C LEU MA 43 -42.23 -42.27 -43.59
N GLU MA 44 -43.28 -41.73 -43.00
CA GLU MA 44 -43.73 -40.40 -43.34
C GLU MA 44 -44.27 -39.75 -42.08
N LYS MA 45 -43.98 -38.45 -41.93
CA LYS MA 45 -44.28 -37.67 -40.71
C LYS MA 45 -43.63 -38.29 -39.48
N PHE MA 46 -42.38 -38.74 -39.63
CA PHE MA 46 -41.59 -39.13 -38.47
C PHE MA 46 -41.35 -37.92 -37.58
N CYS MA 47 -41.55 -38.10 -36.28
CA CYS MA 47 -41.43 -37.04 -35.29
C CYS MA 47 -40.81 -37.61 -34.02
N MET MA 48 -39.94 -36.83 -33.37
CA MET MA 48 -39.28 -37.25 -32.14
C MET MA 48 -39.31 -36.13 -31.12
N GLU MA 49 -39.71 -36.44 -29.89
CA GLU MA 49 -39.79 -35.46 -28.81
C GLU MA 49 -39.06 -35.99 -27.58
N PRO MA 50 -37.97 -35.35 -27.16
CA PRO MA 50 -37.30 -35.77 -25.93
C PRO MA 50 -38.16 -35.54 -24.70
N THR MA 51 -37.94 -36.37 -23.68
CA THR MA 51 -38.52 -36.18 -22.37
C THR MA 51 -37.47 -36.04 -21.28
N SER MA 52 -36.19 -36.25 -21.60
CA SER MA 52 -35.12 -36.15 -20.63
C SER MA 52 -33.79 -36.01 -21.35
N PHE MA 53 -32.94 -35.12 -20.84
CA PHE MA 53 -31.56 -35.01 -21.27
C PHE MA 53 -30.67 -35.32 -20.07
N THR MA 54 -29.72 -36.24 -20.26
CA THR MA 54 -28.74 -36.55 -19.25
C THR MA 54 -27.36 -36.58 -19.88
N VAL MA 55 -26.36 -36.17 -19.11
CA VAL MA 55 -25.01 -35.99 -19.61
C VAL MA 55 -24.07 -36.88 -18.81
N LYS MA 56 -23.23 -37.63 -19.52
CA LYS MA 56 -22.27 -38.51 -18.85
C LYS MA 56 -21.20 -37.67 -18.17
N GLU MA 57 -20.98 -37.93 -16.88
CA GLU MA 57 -20.12 -37.11 -16.06
C GLU MA 57 -19.33 -37.96 -15.08
N GLU MA 58 -18.18 -37.45 -14.68
CA GLU MA 58 -17.23 -38.10 -13.80
C GLU MA 58 -16.96 -37.19 -12.62
N ASP MA 59 -17.21 -37.68 -11.40
CA ASP MA 59 -16.99 -36.87 -10.21
C ASP MA 59 -15.57 -37.12 -9.69
N ALA MA 60 -15.28 -36.59 -8.50
CA ALA MA 60 -13.94 -36.71 -7.92
C ALA MA 60 -13.68 -38.09 -7.35
N LYS MA 61 -14.71 -38.75 -6.81
CA LYS MA 61 -14.52 -40.03 -6.12
C LYS MA 61 -14.38 -41.20 -7.07
N GLY MA 62 -14.52 -41.00 -8.38
CA GLY MA 62 -14.32 -42.06 -9.33
C GLY MA 62 -15.57 -42.70 -9.90
N ARG MA 63 -16.72 -42.05 -9.80
CA ARG MA 63 -17.98 -42.62 -10.25
C ARG MA 63 -18.44 -41.93 -11.52
N GLU MA 64 -18.78 -42.73 -12.53
CA GLU MA 64 -19.29 -42.23 -13.80
C GLU MA 64 -20.80 -42.45 -13.86
N GLU MA 65 -21.54 -41.41 -14.22
CA GLU MA 65 -22.99 -41.57 -14.32
C GLU MA 65 -23.56 -40.49 -15.21
N PHE MA 66 -24.80 -40.70 -15.66
CA PHE MA 66 -25.52 -39.71 -16.45
C PHE MA 66 -26.28 -38.81 -15.48
N VAL MA 67 -25.87 -37.55 -15.39
CA VAL MA 67 -26.48 -36.60 -14.48
C VAL MA 67 -27.54 -35.80 -15.21
N LYS MA 68 -28.49 -35.28 -14.44
CA LYS MA 68 -29.58 -34.48 -14.97
C LYS MA 68 -29.13 -33.03 -15.14
N THR MA 69 -29.68 -32.38 -16.15
CA THR MA 69 -29.30 -31.03 -16.54
C THR MA 69 -30.51 -30.11 -16.49
N LYS MA 70 -30.28 -28.83 -16.75
CA LYS MA 70 -31.35 -27.87 -16.96
C LYS MA 70 -31.33 -27.44 -18.42
N LEU MA 71 -32.46 -27.60 -19.10
CA LEU MA 71 -32.55 -27.23 -20.50
C LEU MA 71 -32.47 -25.71 -20.64
N LEU MA 72 -31.42 -25.23 -21.29
CA LEU MA 72 -31.22 -23.79 -21.41
C LEU MA 72 -32.02 -23.20 -22.56
N THR MA 73 -32.01 -23.87 -23.70
CA THR MA 73 -32.83 -23.42 -24.80
C THR MA 73 -34.31 -23.67 -24.49
N ARG MA 74 -35.16 -23.11 -25.32
CA ARG MA 74 -36.60 -23.22 -25.11
C ARG MA 74 -37.09 -24.45 -25.87
N LEU MA 75 -38.39 -24.54 -26.12
CA LEU MA 75 -38.93 -25.69 -26.83
C LEU MA 75 -38.51 -25.68 -28.30
N THR MA 76 -37.23 -25.92 -28.55
CA THR MA 76 -36.69 -25.98 -29.90
C THR MA 76 -36.02 -27.32 -30.19
N TYR MA 77 -36.22 -28.31 -29.31
CA TYR MA 77 -35.51 -29.58 -29.40
C TYR MA 77 -36.31 -30.66 -30.13
N GLY MA 78 -37.48 -30.34 -30.65
CA GLY MA 78 -38.28 -31.34 -31.32
C GLY MA 78 -37.81 -31.59 -32.75
N LEU MA 79 -37.89 -32.86 -33.16
CA LEU MA 79 -37.69 -33.26 -34.54
C LEU MA 79 -39.04 -33.73 -35.08
N ASP MA 80 -39.40 -33.29 -36.28
CA ASP MA 80 -40.67 -33.70 -36.87
C ASP MA 80 -40.57 -33.65 -38.38
N GLY MA 81 -41.58 -34.22 -39.03
CA GLY MA 81 -41.72 -34.13 -40.46
C GLY MA 81 -40.65 -34.84 -41.24
N MET MA 82 -40.03 -35.86 -40.66
CA MET MA 82 -38.99 -36.59 -41.36
C MET MA 82 -39.60 -37.70 -42.20
N ASN MA 83 -38.86 -38.10 -43.24
CA ASN MA 83 -39.32 -39.07 -44.21
C ASN MA 83 -38.31 -40.21 -44.32
N GLY MA 84 -38.79 -41.34 -44.83
CA GLY MA 84 -37.94 -42.50 -44.99
C GLY MA 84 -38.77 -43.69 -45.45
N SER MA 85 -38.15 -44.86 -45.32
CA SER MA 85 -38.81 -46.12 -45.63
C SER MA 85 -38.42 -47.15 -44.59
N MET MA 86 -39.33 -48.08 -44.32
CA MET MA 86 -39.04 -49.15 -43.37
C MET MA 86 -39.63 -50.46 -43.88
N LYS MA 87 -38.94 -51.54 -43.56
CA LYS MA 87 -39.26 -52.86 -44.06
C LYS MA 87 -39.60 -53.77 -42.89
N ILE MA 88 -40.77 -54.40 -42.94
CA ILE MA 88 -41.25 -55.27 -41.88
C ILE MA 88 -41.44 -56.67 -42.47
N ASN MA 89 -40.92 -57.67 -41.79
CA ASN MA 89 -41.05 -59.05 -42.22
C ASN MA 89 -42.03 -59.80 -41.32
N ASN MA 90 -42.45 -60.97 -41.79
CA ASN MA 90 -43.44 -61.75 -41.06
C ASN MA 90 -42.89 -62.29 -39.75
N ASP MA 91 -41.58 -62.53 -39.67
CA ASP MA 91 -40.98 -63.02 -38.45
C ASP MA 91 -40.88 -61.93 -37.37
N GLY MA 92 -41.08 -60.67 -37.72
CA GLY MA 92 -40.89 -59.57 -36.81
C GLY MA 92 -39.65 -58.74 -37.04
N SER MA 93 -38.79 -59.15 -37.97
CA SER MA 93 -37.60 -58.37 -38.29
C SER MA 93 -37.98 -57.07 -38.97
N VAL MA 94 -37.28 -55.99 -38.61
CA VAL MA 94 -37.58 -54.67 -39.14
C VAL MA 94 -36.28 -53.96 -39.49
N GLU MA 95 -36.32 -53.24 -40.61
CA GLU MA 95 -35.27 -52.35 -41.06
C GLU MA 95 -35.85 -50.94 -41.15
N PHE MA 96 -35.06 -49.96 -40.73
CA PHE MA 96 -35.56 -48.60 -40.50
C PHE MA 96 -34.58 -47.61 -41.11
N ARG MA 97 -35.10 -46.74 -41.97
CA ARG MA 97 -34.30 -45.73 -42.64
C ARG MA 97 -35.03 -44.40 -42.63
N GLU MA 98 -34.31 -43.33 -42.31
CA GLU MA 98 -34.83 -41.98 -42.35
C GLU MA 98 -34.10 -41.22 -43.47
N ASP MA 99 -34.87 -40.69 -44.42
CA ASP MA 99 -34.26 -40.05 -45.58
C ASP MA 99 -33.87 -38.59 -45.28
N GLU MA 100 -34.86 -37.75 -44.98
CA GLU MA 100 -34.60 -36.32 -44.81
C GLU MA 100 -35.76 -35.70 -44.05
N GLY MA 101 -35.52 -34.50 -43.55
CA GLY MA 101 -36.53 -33.73 -42.84
C GLY MA 101 -35.87 -32.79 -41.85
N LEU MA 102 -36.66 -32.38 -40.85
CA LEU MA 102 -36.13 -31.63 -39.71
C LEU MA 102 -35.52 -32.64 -38.73
N ASP MA 103 -34.34 -33.13 -39.10
CA ASP MA 103 -33.68 -34.21 -38.40
C ASP MA 103 -32.50 -33.73 -37.57
N TYR MA 104 -32.51 -32.45 -37.18
CA TYR MA 104 -31.46 -31.89 -36.33
C TYR MA 104 -32.05 -30.73 -35.55
N ALA MA 105 -31.60 -30.60 -34.30
CA ALA MA 105 -32.02 -29.50 -33.44
C ALA MA 105 -30.86 -29.14 -32.54
N ALA MA 106 -30.38 -27.90 -32.65
CA ALA MA 106 -29.34 -27.44 -31.75
C ALA MA 106 -29.93 -27.20 -30.37
N THR MA 107 -29.32 -27.79 -29.36
CA THR MA 107 -29.82 -27.73 -27.99
C THR MA 107 -28.66 -27.41 -27.07
N THR MA 108 -28.95 -26.76 -25.96
CA THR MA 108 -27.94 -26.48 -24.94
C THR MA 108 -28.51 -26.85 -23.58
N VAL MA 109 -27.73 -27.59 -22.79
CA VAL MA 109 -28.13 -27.93 -21.44
C VAL MA 109 -27.08 -27.40 -20.48
N LYS MA 110 -27.49 -27.24 -19.24
CA LYS MA 110 -26.61 -26.74 -18.19
C LYS MA 110 -26.39 -27.86 -17.17
N LEU MA 111 -25.14 -28.19 -16.95
CA LEU MA 111 -24.73 -29.16 -15.96
C LEU MA 111 -24.81 -28.55 -14.57
N PRO MA 112 -25.01 -29.38 -13.53
CA PRO MA 112 -24.85 -28.87 -12.16
C PRO MA 112 -23.44 -28.36 -11.93
N GLY MA 113 -23.31 -27.06 -11.75
CA GLY MA 113 -21.99 -26.45 -11.71
C GLY MA 113 -21.86 -25.30 -12.69
N GLY MA 114 -22.87 -25.13 -13.53
CA GLY MA 114 -22.92 -24.00 -14.44
C GLY MA 114 -22.29 -24.21 -15.79
N GLU MA 115 -21.84 -25.41 -16.12
CA GLU MA 115 -21.20 -25.65 -17.40
C GLU MA 115 -22.25 -25.79 -18.50
N TYR MA 116 -21.98 -25.16 -19.64
CA TYR MA 116 -22.87 -25.24 -20.80
C TYR MA 116 -22.42 -26.39 -21.69
N VAL MA 117 -23.36 -27.25 -22.05
CA VAL MA 117 -23.12 -28.34 -22.99
C VAL MA 117 -24.04 -28.13 -24.18
N PRO MA 118 -23.53 -27.59 -25.28
CA PRO MA 118 -24.30 -27.56 -26.53
C PRO MA 118 -24.10 -28.84 -27.33
N PHE MA 119 -25.17 -29.29 -27.95
CA PHE MA 119 -25.13 -30.50 -28.76
C PHE MA 119 -26.17 -30.39 -29.86
N LEU MA 120 -26.04 -31.25 -30.85
CA LEU MA 120 -26.95 -31.31 -31.98
C LEU MA 120 -27.77 -32.59 -31.83
N PHE MA 121 -28.97 -32.45 -31.28
CA PHE MA 121 -29.89 -33.59 -31.18
C PHE MA 121 -30.36 -33.93 -32.58
N THR MA 122 -29.81 -35.00 -33.15
CA THR MA 122 -30.06 -35.34 -34.53
C THR MA 122 -30.30 -36.84 -34.66
N ILE MA 123 -31.03 -37.21 -35.71
CA ILE MA 123 -31.33 -38.61 -36.00
C ILE MA 123 -31.12 -38.88 -37.48
N LYS MA 124 -30.41 -37.98 -38.17
CA LYS MA 124 -30.28 -38.04 -39.61
C LYS MA 124 -29.49 -39.26 -40.08
N GLU MA 125 -29.91 -39.77 -41.25
CA GLU MA 125 -29.25 -40.89 -41.92
C GLU MA 125 -29.21 -42.12 -41.01
N PHE MA 126 -30.29 -42.35 -40.28
CA PHE MA 126 -30.32 -43.38 -39.25
C PHE MA 126 -30.62 -44.73 -39.88
N ASP MA 127 -29.66 -45.65 -39.80
CA ASP MA 127 -29.88 -47.04 -40.15
C ASP MA 127 -30.20 -47.80 -38.87
N GLY MA 128 -31.37 -48.43 -38.82
CA GLY MA 128 -31.75 -49.20 -37.66
C GLY MA 128 -32.25 -50.59 -37.99
N LYS MA 129 -31.66 -51.62 -37.38
CA LYS MA 129 -32.07 -52.99 -37.61
C LYS MA 129 -32.54 -53.61 -36.30
N GLY MA 130 -33.52 -54.49 -36.39
CA GLY MA 130 -33.90 -55.17 -35.16
C GLY MA 130 -35.25 -55.86 -35.32
N THR MA 131 -36.02 -55.82 -34.23
CA THR MA 131 -37.35 -56.39 -34.16
C THR MA 131 -38.37 -55.28 -33.92
N LEU MA 132 -39.64 -55.67 -33.88
CA LEU MA 132 -40.69 -54.67 -33.73
C LEU MA 132 -40.74 -54.08 -32.32
N ASP MA 133 -40.31 -54.84 -31.32
CA ASP MA 133 -40.24 -54.32 -29.96
C ASP MA 133 -38.97 -53.53 -29.68
N SER MA 134 -37.95 -53.67 -30.52
CA SER MA 134 -36.70 -52.92 -30.38
C SER MA 134 -35.86 -53.05 -31.65
N PHE MA 135 -35.36 -51.93 -32.16
CA PHE MA 135 -34.39 -51.95 -33.24
C PHE MA 135 -33.35 -50.87 -32.97
N SER MA 136 -32.09 -51.26 -33.08
CA SER MA 136 -30.96 -50.38 -32.76
C SER MA 136 -30.22 -50.03 -34.04
N GLY MA 137 -29.55 -48.88 -34.02
CA GLY MA 137 -28.86 -48.45 -35.22
C GLY MA 137 -27.99 -47.25 -34.96
N ASP MA 138 -27.40 -46.77 -36.05
CA ASP MA 138 -26.46 -45.66 -36.02
C ASP MA 138 -26.98 -44.51 -36.87
N PHE MA 139 -26.63 -43.29 -36.45
CA PHE MA 139 -26.96 -42.09 -37.19
C PHE MA 139 -25.75 -41.17 -37.22
N LEU MA 140 -25.73 -40.29 -38.21
CA LEU MA 140 -24.64 -39.34 -38.38
C LEU MA 140 -24.90 -38.10 -37.52
N VAL MA 141 -23.89 -37.69 -36.77
CA VAL MA 141 -23.95 -36.46 -35.98
C VAL MA 141 -23.02 -35.45 -36.64
N PRO MA 142 -23.55 -34.46 -37.37
CA PRO MA 142 -22.69 -33.46 -38.00
C PRO MA 142 -22.01 -32.55 -36.99
N SER MA 143 -21.12 -31.69 -37.48
CA SER MA 143 -20.51 -30.70 -36.60
C SER MA 143 -21.54 -29.67 -36.17
N TYR MA 144 -21.44 -29.24 -34.91
CA TYR MA 144 -22.34 -28.23 -34.39
C TYR MA 144 -22.20 -26.92 -35.15
N ARG MA 145 -20.96 -26.49 -35.38
CA ARG MA 145 -20.68 -25.25 -36.08
C ARG MA 145 -20.34 -25.57 -37.53
N GLY MA 146 -20.86 -24.75 -38.45
CA GLY MA 146 -20.47 -24.86 -39.83
C GLY MA 146 -19.05 -24.39 -40.04
N SER MA 147 -18.49 -24.75 -41.21
CA SER MA 147 -17.09 -24.42 -41.50
C SER MA 147 -16.83 -22.93 -41.61
N THR MA 148 -17.86 -22.14 -41.88
CA THR MA 148 -17.71 -20.69 -41.97
C THR MA 148 -17.98 -19.98 -40.66
N PHE MA 149 -18.21 -20.72 -39.58
CA PHE MA 149 -18.38 -20.10 -38.27
C PHE MA 149 -17.09 -19.46 -37.82
N LEU MA 150 -17.19 -18.25 -37.28
CA LEU MA 150 -16.04 -17.50 -36.78
C LEU MA 150 -16.09 -17.45 -35.26
N ASP MA 151 -14.92 -17.58 -34.63
CA ASP MA 151 -14.81 -17.48 -33.19
C ASP MA 151 -14.85 -16.00 -32.80
N PRO MA 152 -14.84 -15.67 -31.50
CA PRO MA 152 -14.77 -14.25 -31.11
C PRO MA 152 -13.52 -13.52 -31.57
N LYS MA 153 -12.48 -14.21 -32.03
CA LYS MA 153 -11.32 -13.55 -32.62
C LYS MA 153 -11.27 -13.67 -34.13
N GLY MA 154 -12.34 -14.16 -34.75
CA GLY MA 154 -12.43 -14.23 -36.19
C GLY MA 154 -11.84 -15.48 -36.82
N ARG MA 155 -11.18 -16.33 -36.05
CA ARG MA 155 -10.61 -17.55 -36.60
C ARG MA 155 -11.70 -18.56 -36.93
N GLY MA 156 -11.49 -19.30 -38.01
CA GLY MA 156 -12.44 -20.32 -38.42
C GLY MA 156 -11.84 -21.21 -39.49
N GLY MA 157 -12.60 -22.24 -39.84
CA GLY MA 157 -12.11 -23.23 -40.79
C GLY MA 157 -12.06 -22.78 -42.23
N ALA MA 158 -13.22 -22.52 -42.83
CA ALA MA 158 -13.31 -22.11 -44.23
C ALA MA 158 -13.29 -20.61 -44.39
N THR MA 159 -13.10 -19.86 -43.31
CA THR MA 159 -13.09 -18.40 -43.33
C THR MA 159 -12.41 -17.93 -42.06
N GLY MA 160 -11.54 -16.94 -42.16
CA GLY MA 160 -11.04 -16.30 -40.97
C GLY MA 160 -9.56 -16.01 -41.06
N TYR MA 161 -8.95 -15.83 -39.89
CA TYR MA 161 -7.56 -15.41 -39.78
C TYR MA 161 -6.59 -16.58 -39.69
N ASP MA 162 -7.04 -17.72 -39.13
CA ASP MA 162 -6.26 -18.93 -38.86
C ASP MA 162 -5.20 -18.70 -37.79
N ASN MA 163 -5.14 -17.52 -37.18
CA ASN MA 163 -4.21 -17.25 -36.10
C ASN MA 163 -4.75 -16.10 -35.27
N ALA MA 164 -4.29 -16.03 -34.02
CA ALA MA 164 -4.62 -14.89 -33.16
C ALA MA 164 -3.84 -13.67 -33.63
N ILE MA 165 -4.52 -12.72 -34.25
CA ILE MA 165 -3.86 -11.55 -34.82
C ILE MA 165 -3.76 -10.39 -33.84
N ALA MA 166 -4.52 -10.41 -32.75
CA ALA MA 166 -4.35 -9.40 -31.71
C ALA MA 166 -3.02 -9.54 -30.99
N LEU MA 167 -2.36 -10.68 -31.11
CA LEU MA 167 -1.03 -10.89 -30.56
C LEU MA 167 -0.04 -10.95 -31.73
N PRO MA 168 0.71 -9.87 -31.99
CA PRO MA 168 1.65 -9.88 -33.13
C PRO MA 168 2.80 -10.85 -32.98
N ALA MA 169 3.06 -11.37 -31.78
CA ALA MA 169 4.15 -12.31 -31.57
C ALA MA 169 3.71 -13.60 -30.89
N LYS MA 170 2.40 -13.81 -30.68
CA LYS MA 170 1.89 -15.05 -30.07
C LYS MA 170 0.73 -15.58 -30.92
N ALA MA 171 1.07 -16.30 -31.99
CA ALA MA 171 0.15 -17.28 -32.58
C ALA MA 171 1.02 -18.34 -33.28
N ASP MA 172 1.41 -19.36 -32.53
CA ASP MA 172 2.25 -20.43 -33.05
C ASP MA 172 2.40 -21.54 -32.03
N ALA MA 173 2.26 -22.78 -32.49
CA ALA MA 173 2.81 -24.00 -31.90
C ALA MA 173 2.24 -24.38 -30.53
N ASP MA 174 1.39 -23.57 -29.92
CA ASP MA 174 0.85 -23.93 -28.62
C ASP MA 174 -0.67 -23.87 -28.63
N GLU MA 175 -1.22 -22.94 -29.41
CA GLU MA 175 -2.65 -22.87 -29.65
C GLU MA 175 -3.02 -23.53 -30.96
N ILE MA 176 -2.34 -24.63 -31.29
CA ILE MA 176 -2.56 -25.32 -32.56
C ILE MA 176 -3.98 -25.88 -32.63
N GLN MA 177 -4.52 -26.35 -31.50
CA GLN MA 177 -5.90 -26.79 -31.48
C GLN MA 177 -6.88 -25.63 -31.39
N ARG MA 178 -6.40 -24.41 -31.20
CA ARG MA 178 -7.24 -23.22 -31.19
C ARG MA 178 -7.17 -22.42 -32.48
N LEU MA 179 -5.99 -22.30 -33.10
CA LEU MA 179 -5.86 -21.46 -34.29
C LEU MA 179 -5.33 -22.19 -35.51
N ASN MA 180 -4.38 -23.12 -35.35
CA ASN MA 180 -3.73 -23.72 -36.51
C ASN MA 180 -4.73 -24.50 -37.36
N ASN MA 181 -5.64 -25.23 -36.72
CA ASN MA 181 -6.74 -25.86 -37.44
C ASN MA 181 -8.02 -25.77 -36.64
N LYS MA 182 -9.13 -25.59 -37.34
CA LYS MA 182 -10.47 -25.72 -36.78
C LYS MA 182 -11.08 -26.94 -37.44
N SER MA 183 -11.11 -28.05 -36.72
CA SER MA 183 -11.55 -29.32 -37.29
C SER MA 183 -13.07 -29.45 -37.23
N TYR MA 184 -13.65 -29.91 -38.34
CA TYR MA 184 -15.09 -30.11 -38.44
C TYR MA 184 -15.43 -31.55 -38.78
N THR MA 185 -14.61 -32.49 -38.32
CA THR MA 185 -14.81 -33.90 -38.63
C THR MA 185 -16.11 -34.41 -38.01
N PRO MA 186 -16.98 -35.05 -38.78
CA PRO MA 186 -18.27 -35.48 -38.24
C PRO MA 186 -18.14 -36.67 -37.29
N GLY MA 187 -19.20 -36.90 -36.51
CA GLY MA 187 -19.26 -37.99 -35.58
C GLY MA 187 -20.43 -38.91 -35.86
N LYS MA 188 -20.56 -39.92 -35.00
CA LYS MA 188 -21.63 -40.89 -35.10
C LYS MA 188 -22.30 -41.07 -33.75
N GLY MA 189 -23.56 -41.46 -33.78
CA GLY MA 189 -24.33 -41.68 -32.57
C GLY MA 189 -25.17 -42.93 -32.67
N SER MA 190 -25.50 -43.49 -31.52
CA SER MA 190 -26.25 -44.74 -31.43
C SER MA 190 -27.67 -44.46 -30.95
N ALA MA 191 -28.62 -45.22 -31.46
CA ALA MA 191 -30.01 -45.06 -31.04
C ALA MA 191 -30.68 -46.43 -30.97
N VAL MA 192 -31.68 -46.54 -30.09
CA VAL MA 192 -32.52 -47.71 -29.98
C VAL MA 192 -33.97 -47.22 -29.94
N PHE MA 193 -34.77 -47.66 -30.91
CA PHE MA 193 -36.18 -47.31 -30.97
C PHE MA 193 -37.01 -48.54 -30.62
N SER MA 194 -38.19 -48.30 -30.05
CA SER MA 194 -39.05 -49.37 -29.60
C SER MA 194 -40.50 -48.99 -29.89
N VAL MA 195 -41.17 -49.77 -30.74
CA VAL MA 195 -42.57 -49.52 -31.05
C VAL MA 195 -43.42 -49.96 -29.88
N ALA MA 196 -44.34 -49.09 -29.45
CA ALA MA 196 -45.23 -49.38 -28.34
C ALA MA 196 -46.69 -49.45 -28.76
N LYS MA 197 -47.20 -48.44 -29.44
CA LYS MA 197 -48.60 -48.37 -29.85
C LYS MA 197 -48.68 -48.34 -31.36
N VAL MA 198 -49.75 -48.94 -31.90
CA VAL MA 198 -49.93 -49.02 -33.35
C VAL MA 198 -51.43 -49.03 -33.65
N ASP MA 199 -51.79 -48.42 -34.78
CA ASP MA 199 -53.15 -48.46 -35.30
C ASP MA 199 -53.08 -48.80 -36.78
N THR MA 200 -53.58 -49.97 -37.15
CA THR MA 200 -53.46 -50.44 -38.54
C THR MA 200 -54.54 -49.89 -39.46
N GLU MA 201 -55.57 -49.24 -38.92
CA GLU MA 201 -56.55 -48.57 -39.78
C GLU MA 201 -55.91 -47.41 -40.52
N THR MA 202 -55.06 -46.65 -39.84
CA THR MA 202 -54.39 -45.50 -40.43
C THR MA 202 -52.90 -45.72 -40.67
N GLY MA 203 -52.31 -46.76 -40.07
CA GLY MA 203 -50.90 -47.01 -40.26
C GLY MA 203 -49.98 -46.23 -39.34
N GLU MA 204 -50.53 -45.47 -38.40
CA GLU MA 204 -49.69 -44.72 -37.47
C GLU MA 204 -49.00 -45.67 -36.50
N ILE MA 205 -47.71 -45.41 -36.26
CA ILE MA 205 -46.93 -46.14 -35.28
C ILE MA 205 -46.32 -45.13 -34.32
N ALA MA 206 -45.99 -45.61 -33.13
CA ALA MA 206 -45.44 -44.75 -32.09
C ALA MA 206 -44.60 -45.60 -31.15
N GLY MA 207 -43.89 -44.93 -30.25
CA GLY MA 207 -43.12 -45.65 -29.25
C GLY MA 207 -42.13 -44.74 -28.56
N VAL MA 208 -41.15 -45.35 -27.91
CA VAL MA 208 -40.12 -44.62 -27.19
C VAL MA 208 -38.77 -44.89 -27.87
N PHE MA 209 -37.83 -43.97 -27.63
CA PHE MA 209 -36.49 -44.09 -28.16
C PHE MA 209 -35.49 -43.67 -27.09
N GLU MA 210 -34.28 -44.21 -27.22
CA GLU MA 210 -33.17 -43.88 -26.33
C GLU MA 210 -31.92 -43.76 -27.19
N SER MA 211 -31.30 -42.60 -27.18
CA SER MA 211 -30.15 -42.30 -28.02
C SER MA 211 -28.98 -41.83 -27.17
N ILE MA 212 -27.78 -42.17 -27.63
CA ILE MA 212 -26.53 -41.69 -27.02
C ILE MA 212 -25.69 -41.10 -28.13
N GLN MA 213 -25.31 -39.84 -27.98
CA GLN MA 213 -24.61 -39.13 -29.04
C GLN MA 213 -23.55 -38.20 -28.47
N PRO MA 214 -22.50 -37.90 -29.22
CA PRO MA 214 -21.51 -36.94 -28.73
C PRO MA 214 -22.06 -35.51 -28.76
N SER MA 215 -21.49 -34.68 -27.89
CA SER MA 215 -21.82 -33.27 -27.85
C SER MA 215 -20.86 -32.50 -28.76
N ASP MA 216 -20.86 -31.17 -28.65
CA ASP MA 216 -20.00 -30.35 -29.48
C ASP MA 216 -18.54 -30.47 -29.05
N THR MA 217 -17.65 -30.45 -30.04
CA THR MA 217 -16.21 -30.48 -29.81
C THR MA 217 -15.58 -29.10 -29.86
N GLU MA 218 -16.39 -28.05 -30.07
CA GLU MA 218 -15.92 -26.66 -30.15
C GLU MA 218 -14.85 -26.48 -31.23
N MET MA 219 -15.09 -27.11 -32.40
CA MET MA 219 -14.22 -27.00 -33.57
C MET MA 219 -12.80 -27.46 -33.27
N GLY MA 220 -12.67 -28.75 -32.94
CA GLY MA 220 -11.38 -29.32 -32.62
C GLY MA 220 -10.79 -28.78 -31.34
N ALA MA 221 -11.49 -28.99 -30.23
CA ALA MA 221 -11.17 -28.38 -28.95
C ALA MA 221 -11.60 -29.36 -27.86
N HIS MA 222 -11.87 -28.83 -26.66
CA HIS MA 222 -12.28 -29.53 -25.45
C HIS MA 222 -13.22 -30.69 -25.76
N PRO MA 223 -12.86 -31.91 -25.34
CA PRO MA 223 -13.49 -33.12 -25.88
C PRO MA 223 -14.98 -33.20 -25.58
N ALA MA 224 -15.69 -33.87 -26.48
CA ALA MA 224 -17.14 -33.96 -26.39
C ALA MA 224 -17.58 -34.88 -25.27
N LYS MA 225 -18.78 -34.64 -24.76
CA LYS MA 225 -19.42 -35.49 -23.78
C LYS MA 225 -20.50 -36.32 -24.44
N ASP MA 226 -20.96 -37.35 -23.75
CA ASP MA 226 -22.01 -38.23 -24.24
C ASP MA 226 -23.34 -37.76 -23.68
N ILE MA 227 -24.27 -37.46 -24.58
CA ILE MA 227 -25.61 -36.99 -24.24
C ILE MA 227 -26.55 -38.18 -24.41
N LYS MA 228 -27.33 -38.47 -23.39
CA LYS MA 228 -28.31 -39.54 -23.41
C LYS MA 228 -29.70 -38.91 -23.47
N ILE MA 229 -30.39 -39.12 -24.58
CA ILE MA 229 -31.72 -38.56 -24.82
C ILE MA 229 -32.72 -39.70 -24.79
N THR MA 230 -33.63 -39.67 -23.84
CA THR MA 230 -34.79 -40.54 -23.87
C THR MA 230 -36.00 -39.73 -24.34
N GLY MA 231 -36.90 -40.39 -25.05
CA GLY MA 231 -38.06 -39.62 -25.50
C GLY MA 231 -39.06 -40.49 -26.23
N LEU MA 232 -40.06 -39.82 -26.78
CA LEU MA 232 -41.11 -40.46 -27.56
C LEU MA 232 -40.89 -40.21 -29.04
N TRP MA 233 -41.45 -41.08 -29.87
CA TRP MA 233 -41.41 -40.90 -31.31
C TRP MA 233 -42.71 -41.41 -31.91
N TYR MA 234 -43.03 -40.85 -33.08
CA TYR MA 234 -44.30 -41.08 -33.76
C TYR MA 234 -44.03 -41.08 -35.25
N GLY MA 235 -44.89 -41.74 -36.01
CA GLY MA 235 -44.77 -41.71 -37.46
C GLY MA 235 -45.98 -42.33 -38.11
N GLN MA 236 -46.06 -42.14 -39.42
CA GLN MA 236 -47.11 -42.72 -40.25
C GLN MA 236 -46.47 -43.59 -41.32
N LEU MA 237 -47.18 -44.63 -41.72
CA LEU MA 237 -46.65 -45.64 -42.63
C LEU MA 237 -47.31 -45.54 -43.99
N THR MA 238 -46.50 -45.54 -45.03
CA THR MA 238 -46.90 -45.40 -46.44
C THR MA 238 -47.69 -44.12 -46.69
N ALA NA 1 -3.10 27.35 -66.75
CA ALA NA 1 -4.52 27.46 -66.46
C ALA NA 1 -5.27 28.09 -67.62
N TYR NA 2 -5.67 27.25 -68.58
CA TYR NA 2 -6.42 27.74 -69.72
C TYR NA 2 -7.81 28.17 -69.31
N GLY NA 3 -8.24 29.35 -69.77
CA GLY NA 3 -9.51 29.91 -69.37
C GLY NA 3 -10.69 29.43 -70.17
N GLU NA 4 -11.52 28.57 -69.56
CA GLU NA 4 -12.75 28.10 -70.18
C GLU NA 4 -13.86 28.10 -69.15
N GLY NA 5 -15.03 28.59 -69.56
CA GLY NA 5 -16.10 28.81 -68.62
C GLY NA 5 -16.80 27.55 -68.19
N ALA NA 6 -17.56 27.67 -67.10
CA ALA NA 6 -18.36 26.57 -66.60
C ALA NA 6 -19.53 26.29 -67.51
N ASN NA 7 -19.89 25.01 -67.63
CA ASN NA 7 -20.99 24.58 -68.48
C ASN NA 7 -22.30 24.87 -67.76
N VAL NA 8 -22.91 26.01 -68.08
CA VAL NA 8 -24.18 26.43 -67.50
C VAL NA 8 -25.24 26.36 -68.58
N PHE NA 9 -26.31 25.62 -68.30
CA PHE NA 9 -27.43 25.40 -69.24
C PHE NA 9 -26.93 24.79 -70.56
N GLY NA 10 -26.12 23.74 -70.44
CA GLY NA 10 -25.52 23.12 -71.61
C GLY NA 10 -25.59 21.61 -71.63
N ARG NA 11 -26.64 21.03 -71.05
CA ARG NA 11 -26.94 19.61 -71.07
C ARG NA 11 -25.83 18.75 -70.46
N VAL NA 12 -25.94 17.43 -70.59
CA VAL NA 12 -24.98 16.48 -70.05
C VAL NA 12 -24.48 15.58 -71.17
N THR NA 13 -23.17 15.41 -71.26
CA THR NA 13 -22.58 14.51 -72.25
C THR NA 13 -23.00 13.07 -71.99
N ASN NA 14 -22.83 12.61 -70.75
CA ASN NA 14 -23.23 11.28 -70.31
C ASN NA 14 -24.69 11.34 -69.87
N LYS NA 15 -25.11 10.39 -69.02
CA LYS NA 15 -26.45 9.92 -68.67
C LYS NA 15 -26.92 8.87 -69.66
N SER NA 16 -26.04 8.37 -70.53
CA SER NA 16 -26.31 7.14 -71.25
C SER NA 16 -26.06 5.90 -70.40
N GLY NA 17 -25.31 6.05 -69.30
CA GLY NA 17 -25.06 4.97 -68.37
C GLY NA 17 -23.85 4.12 -68.66
N PHE NA 18 -23.19 4.31 -69.80
CA PHE NA 18 -22.06 3.48 -70.18
C PHE NA 18 -21.01 4.34 -70.87
N VAL NA 19 -19.78 3.86 -70.85
CA VAL NA 19 -18.65 4.50 -71.52
C VAL NA 19 -17.99 3.47 -72.42
N PRO NA 20 -17.84 3.73 -73.72
CA PRO NA 20 -17.19 2.74 -74.58
C PRO NA 20 -15.70 2.65 -74.33
N TYR NA 21 -15.14 1.48 -74.63
CA TYR NA 21 -13.70 1.26 -74.53
C TYR NA 21 -13.30 0.27 -75.61
N ALA NA 22 -12.32 0.65 -76.42
CA ALA NA 22 -11.74 -0.22 -77.43
C ALA NA 22 -10.32 -0.56 -77.01
N GLY NA 23 -10.05 -1.85 -76.86
CA GLY NA 23 -8.75 -2.30 -76.40
C GLY NA 23 -7.95 -3.02 -77.47
N ASP NA 24 -7.30 -4.11 -77.09
CA ASP NA 24 -6.53 -4.91 -78.03
C ASP NA 24 -7.47 -5.70 -78.93
N SER NA 25 -7.91 -5.09 -80.02
CA SER NA 25 -8.79 -5.71 -81.02
C SER NA 25 -10.10 -6.19 -80.43
N PHE NA 26 -10.67 -5.41 -79.51
CA PHE NA 26 -11.99 -5.68 -78.97
C PHE NA 26 -12.57 -4.38 -78.42
N ALA NA 27 -13.89 -4.30 -78.42
CA ALA NA 27 -14.60 -3.11 -77.96
C ALA NA 27 -15.79 -3.52 -77.10
N LEU NA 28 -16.00 -2.79 -76.01
CA LEU NA 28 -17.09 -3.11 -75.11
C LEU NA 28 -17.47 -1.87 -74.31
N LEU NA 29 -18.69 -1.90 -73.76
CA LEU NA 29 -19.25 -0.79 -73.00
C LEU NA 29 -19.01 -1.05 -71.51
N LEU NA 30 -18.13 -0.28 -70.90
CA LEU NA 30 -17.95 -0.38 -69.46
C LEU NA 30 -19.04 0.43 -68.76
N PRO NA 31 -19.40 0.05 -67.53
CA PRO NA 31 -20.29 0.89 -66.74
C PRO NA 31 -19.62 2.23 -66.46
N SER NA 32 -20.42 3.30 -66.47
CA SER NA 32 -19.88 4.65 -66.42
C SER NA 32 -19.22 4.95 -65.07
N LYS NA 33 -19.57 4.22 -64.02
CA LYS NA 33 -19.11 4.52 -62.67
C LYS NA 33 -18.00 3.60 -62.19
N TRP NA 34 -17.47 2.75 -63.06
CA TRP NA 34 -16.51 1.72 -62.66
C TRP NA 34 -15.08 2.20 -62.93
N ASN NA 35 -14.17 1.85 -62.02
CA ASN NA 35 -12.78 2.23 -62.04
C ASN NA 35 -11.90 1.10 -62.54
N PRO NA 36 -10.89 1.40 -63.37
CA PRO NA 36 -9.99 0.36 -63.84
C PRO NA 36 -9.19 -0.24 -62.69
N SER NA 37 -8.87 -1.52 -62.81
CA SER NA 37 -8.14 -2.25 -61.79
C SER NA 37 -6.87 -2.85 -62.38
N ASP NA 38 -5.78 -2.79 -61.61
CA ASP NA 38 -4.51 -3.36 -62.01
C ASP NA 38 -4.34 -4.79 -61.52
N GLU NA 39 -5.30 -5.33 -60.78
CA GLU NA 39 -5.22 -6.71 -60.32
C GLU NA 39 -5.38 -7.67 -61.50
N LYS NA 40 -4.54 -8.70 -61.51
CA LYS NA 40 -4.57 -9.73 -62.56
C LYS NA 40 -4.73 -11.07 -61.87
N GLU NA 41 -5.98 -11.48 -61.66
CA GLU NA 41 -6.25 -12.77 -61.02
C GLU NA 41 -5.93 -13.93 -61.96
N VAL NA 42 -6.07 -13.71 -63.26
CA VAL NA 42 -5.62 -14.63 -64.29
C VAL NA 42 -4.45 -13.97 -65.00
N ASP NA 43 -3.44 -14.76 -65.36
CA ASP NA 43 -2.21 -14.23 -65.92
C ASP NA 43 -2.34 -13.89 -67.41
N SER NA 44 -3.56 -13.79 -67.93
CA SER NA 44 -3.80 -13.39 -69.32
C SER NA 44 -4.81 -12.26 -69.41
N ILE NA 45 -5.03 -11.52 -68.33
CA ILE NA 45 -6.01 -10.44 -68.31
C ILE NA 45 -5.45 -9.25 -69.08
N VAL NA 46 -6.21 -8.77 -70.06
CA VAL NA 46 -5.87 -7.57 -70.81
C VAL NA 46 -6.50 -6.33 -70.20
N LEU NA 47 -7.75 -6.44 -69.76
CA LEU NA 47 -8.48 -5.34 -69.15
C LEU NA 47 -9.27 -5.86 -67.96
N ARG NA 48 -9.26 -5.09 -66.87
CA ARG NA 48 -10.11 -5.35 -65.71
C ARG NA 48 -10.63 -4.05 -65.14
N TYR NA 49 -11.92 -4.00 -64.86
CA TYR NA 49 -12.58 -2.90 -64.16
C TYR NA 49 -13.30 -3.45 -62.95
N ALA NA 50 -13.50 -2.59 -61.95
CA ALA NA 50 -14.24 -2.95 -60.76
C ALA NA 50 -15.11 -1.78 -60.34
N ASP NA 51 -16.20 -2.10 -59.65
CA ASP NA 51 -17.13 -1.06 -59.22
C ASP NA 51 -16.52 -0.23 -58.09
N ASN NA 52 -16.86 1.06 -58.10
CA ASN NA 52 -16.35 1.98 -57.07
C ASN NA 52 -16.87 1.62 -55.68
N PHE NA 53 -18.03 0.98 -55.59
CA PHE NA 53 -18.62 0.62 -54.31
C PHE NA 53 -18.24 -0.79 -53.88
N ASP NA 54 -18.56 -1.79 -54.71
CA ASP NA 54 -18.37 -3.20 -54.37
C ASP NA 54 -17.28 -3.78 -55.26
N ALA NA 55 -16.26 -4.36 -54.64
CA ALA NA 55 -15.20 -5.03 -55.40
C ALA NA 55 -15.65 -6.38 -55.95
N VAL NA 56 -16.76 -6.93 -55.45
CA VAL NA 56 -17.32 -8.15 -56.02
C VAL NA 56 -17.80 -7.89 -57.44
N ASN NA 57 -18.48 -6.77 -57.67
CA ASN NA 57 -18.92 -6.41 -59.01
C ASN NA 57 -17.72 -5.95 -59.84
N ASN NA 58 -17.14 -6.85 -60.61
CA ASN NA 58 -16.01 -6.53 -61.46
C ASN NA 58 -16.26 -7.11 -62.84
N VAL NA 59 -15.34 -6.83 -63.76
CA VAL NA 59 -15.44 -7.27 -65.15
C VAL NA 59 -14.03 -7.37 -65.70
N TYR NA 60 -13.77 -8.40 -66.49
CA TYR NA 60 -12.43 -8.52 -67.07
C TYR NA 60 -12.46 -9.35 -68.33
N VAL NA 61 -11.56 -9.00 -69.25
CA VAL NA 61 -11.33 -9.76 -70.47
C VAL NA 61 -10.01 -10.52 -70.32
N ILE NA 62 -9.96 -11.68 -70.95
CA ILE NA 62 -8.71 -12.44 -71.09
C ILE NA 62 -8.53 -12.79 -72.55
N ALA NA 63 -7.32 -12.58 -73.06
CA ALA NA 63 -6.93 -12.96 -74.41
C ALA NA 63 -5.93 -14.11 -74.27
N GLN NA 64 -6.46 -15.32 -74.18
CA GLN NA 64 -5.65 -16.53 -73.99
C GLN NA 64 -5.41 -17.18 -75.34
N ASP NA 65 -4.15 -17.45 -75.66
CA ASP NA 65 -3.80 -18.06 -76.94
C ASP NA 65 -4.40 -19.46 -77.02
N THR NA 66 -4.92 -19.80 -78.20
CA THR NA 66 -5.58 -21.08 -78.43
C THR NA 66 -4.95 -21.78 -79.63
N ASP NA 67 -5.03 -23.10 -79.62
CA ASP NA 67 -4.55 -23.92 -80.72
C ASP NA 67 -5.66 -24.47 -81.60
N LYS NA 68 -6.91 -24.41 -81.14
CA LYS NA 68 -8.03 -24.93 -81.89
C LYS NA 68 -8.40 -23.98 -83.02
N SER NA 69 -9.21 -24.49 -83.96
CA SER NA 69 -9.67 -23.65 -85.07
C SER NA 69 -10.60 -22.55 -84.59
N SER NA 70 -11.62 -22.92 -83.80
CA SER NA 70 -12.57 -21.96 -83.26
C SER NA 70 -13.33 -22.63 -82.13
N ILE NA 71 -14.14 -21.82 -81.43
CA ILE NA 71 -14.77 -22.26 -80.19
C ILE NA 71 -15.78 -23.39 -80.42
N GLN NA 72 -16.43 -23.40 -81.58
CA GLN NA 72 -17.36 -24.50 -81.87
C GLN NA 72 -16.64 -25.84 -82.01
N ASP NA 73 -15.34 -25.82 -82.33
CA ASP NA 73 -14.52 -27.02 -82.30
C ASP NA 73 -13.93 -27.28 -80.93
N TYR NA 74 -14.04 -26.34 -80.00
CA TYR NA 74 -13.57 -26.55 -78.64
C TYR NA 74 -14.46 -27.52 -77.88
N GLY NA 75 -15.70 -27.68 -78.32
CA GLY NA 75 -16.65 -28.57 -77.70
C GLY NA 75 -18.01 -27.91 -77.61
N SER NA 76 -18.89 -28.52 -76.83
CA SER NA 76 -20.19 -27.94 -76.54
C SER NA 76 -20.00 -26.77 -75.57
N PRO NA 77 -21.03 -25.97 -75.33
CA PRO NA 77 -20.92 -24.99 -74.23
C PRO NA 77 -20.61 -25.61 -72.88
N GLU NA 78 -21.17 -26.78 -72.60
CA GLU NA 78 -20.84 -27.48 -71.35
C GLU NA 78 -19.38 -27.89 -71.33
N GLU NA 79 -18.84 -28.34 -72.46
CA GLU NA 79 -17.43 -28.70 -72.52
C GLU NA 79 -16.54 -27.46 -72.42
N PHE NA 80 -17.03 -26.32 -72.91
CA PHE NA 80 -16.31 -25.06 -72.71
C PHE NA 80 -16.25 -24.70 -71.24
N ILE NA 81 -17.36 -24.88 -70.51
CA ILE NA 81 -17.39 -24.54 -69.10
C ILE NA 81 -16.54 -25.49 -68.29
N SER NA 82 -16.58 -26.79 -68.60
CA SER NA 82 -15.89 -27.79 -67.78
C SER NA 82 -14.39 -27.58 -67.76
N GLN NA 83 -13.82 -27.02 -68.83
CA GLN NA 83 -12.38 -26.80 -68.92
C GLN NA 83 -11.98 -25.38 -68.55
N PHE NA 84 -12.89 -24.60 -67.95
CA PHE NA 84 -12.58 -23.25 -67.51
C PHE NA 84 -13.07 -23.01 -66.09
N GLY NA 85 -13.01 -24.04 -65.24
CA GLY NA 85 -13.45 -23.94 -63.87
C GLY NA 85 -12.48 -23.28 -62.92
N TYR NA 86 -11.28 -22.94 -63.38
CA TYR NA 86 -10.31 -22.27 -62.52
C TYR NA 86 -10.63 -20.79 -62.32
N LEU NA 87 -11.50 -20.22 -63.16
CA LEU NA 87 -11.89 -18.82 -62.98
C LEU NA 87 -12.71 -18.63 -61.71
N LEU NA 88 -13.37 -19.69 -61.24
CA LEU NA 88 -14.21 -19.59 -60.05
C LEU NA 88 -13.38 -19.33 -58.80
N GLY NA 89 -12.21 -19.95 -58.70
CA GLY NA 89 -11.39 -19.84 -57.50
C GLY NA 89 -11.33 -21.14 -56.74
N ARG NA 90 -10.14 -21.69 -56.58
CA ARG NA 90 -9.98 -23.00 -55.96
C ARG NA 90 -10.38 -22.95 -54.48
N GLN NA 91 -11.02 -24.01 -54.02
CA GLN NA 91 -11.45 -24.12 -52.63
C GLN NA 91 -10.23 -24.39 -51.76
N ALA NA 92 -9.79 -23.38 -51.02
CA ALA NA 92 -8.63 -23.51 -50.14
C ALA NA 92 -9.00 -24.09 -48.77
N TRP NA 93 -10.16 -24.73 -48.67
CA TRP NA 93 -10.57 -25.45 -47.47
C TRP NA 93 -10.41 -26.94 -47.71
N ALA NA 94 -9.76 -27.63 -46.76
CA ALA NA 94 -9.45 -29.05 -46.93
C ALA NA 94 -9.97 -29.89 -45.77
N GLY NA 95 -10.89 -29.36 -44.97
CA GLY NA 95 -11.46 -30.10 -43.85
C GLY NA 95 -12.78 -30.74 -44.25
N GLN NA 96 -13.01 -31.95 -43.75
CA GLN NA 96 -14.26 -32.64 -44.03
C GLN NA 96 -15.41 -31.94 -43.33
N THR NA 97 -16.43 -31.54 -44.09
CA THR NA 97 -17.59 -30.86 -43.55
C THR NA 97 -18.85 -31.45 -44.15
N VAL NA 98 -19.67 -32.08 -43.31
CA VAL NA 98 -21.05 -32.42 -43.65
C VAL NA 98 -22.02 -31.44 -42.98
N SER NA 99 -21.49 -30.42 -42.31
CA SER NA 99 -22.28 -29.52 -41.47
C SER NA 99 -22.49 -28.16 -42.12
N GLU NA 100 -22.47 -28.09 -43.45
CA GLU NA 100 -22.84 -26.88 -44.18
C GLU NA 100 -23.98 -27.25 -45.11
N GLY NA 101 -25.20 -26.89 -44.71
CA GLY NA 101 -26.37 -27.29 -45.47
C GLY NA 101 -26.44 -26.60 -46.82
N GLY NA 102 -27.14 -27.26 -47.74
CA GLY NA 102 -27.14 -26.81 -49.12
C GLY NA 102 -25.88 -27.12 -49.88
N PHE NA 103 -24.99 -27.94 -49.30
CA PHE NA 103 -23.73 -28.30 -49.93
C PHE NA 103 -23.50 -29.79 -49.73
N ASP NA 104 -22.38 -30.28 -50.24
CA ASP NA 104 -22.11 -31.71 -50.32
C ASP NA 104 -20.81 -32.04 -49.59
N ALA NA 105 -20.32 -33.27 -49.82
CA ALA NA 105 -19.21 -33.82 -49.05
C ALA NA 105 -17.95 -32.97 -49.18
N ASN NA 106 -17.49 -32.45 -48.04
CA ASN NA 106 -16.24 -31.68 -47.93
C ASN NA 106 -16.23 -30.46 -48.84
N LYS NA 107 -17.40 -29.87 -49.08
CA LYS NA 107 -17.55 -28.79 -50.04
C LYS NA 107 -18.15 -27.57 -49.36
N VAL NA 108 -17.68 -26.39 -49.75
CA VAL NA 108 -18.21 -25.14 -49.21
C VAL NA 108 -18.67 -24.24 -50.35
N SER NA 109 -18.26 -24.57 -51.58
CA SER NA 109 -18.56 -23.73 -52.73
C SER NA 109 -19.13 -24.56 -53.86
N SER NA 110 -20.17 -24.02 -54.51
CA SER NA 110 -20.82 -24.70 -55.62
C SER NA 110 -21.13 -23.68 -56.72
N ALA NA 111 -21.39 -24.20 -57.91
CA ALA NA 111 -21.76 -23.37 -59.05
C ALA NA 111 -22.90 -24.02 -59.80
N ALA NA 112 -23.88 -23.22 -60.19
CA ALA NA 112 -25.04 -23.68 -60.95
C ALA NA 112 -25.11 -22.96 -62.27
N LEU NA 113 -25.20 -23.71 -63.36
CA LEU NA 113 -25.32 -23.12 -64.69
C LEU NA 113 -26.78 -22.73 -64.91
N LEU NA 114 -27.08 -21.44 -64.79
CA LEU NA 114 -28.46 -20.98 -64.91
C LEU NA 114 -28.98 -21.10 -66.34
N GLY NA 115 -28.12 -20.90 -67.32
CA GLY NA 115 -28.56 -20.97 -68.71
C GLY NA 115 -27.38 -20.81 -69.64
N VAL NA 116 -27.68 -20.92 -70.94
CA VAL NA 116 -26.67 -20.80 -71.98
C VAL NA 116 -27.37 -20.43 -73.28
N ALA NA 117 -26.70 -19.63 -74.09
CA ALA NA 117 -27.17 -19.25 -75.41
C ALA NA 117 -25.98 -19.15 -76.35
N THR NA 118 -26.26 -19.06 -77.65
CA THR NA 118 -25.23 -18.96 -78.68
C THR NA 118 -25.57 -17.76 -79.56
N GLU NA 119 -24.94 -16.63 -79.28
CA GLU NA 119 -25.07 -15.42 -80.08
C GLU NA 119 -24.04 -15.46 -81.22
N LYS NA 120 -24.50 -15.28 -82.44
CA LYS NA 120 -23.61 -15.32 -83.59
C LYS NA 120 -23.05 -13.93 -83.87
N ASP NA 121 -21.95 -13.90 -84.62
CA ASP NA 121 -21.38 -12.66 -85.11
C ASP NA 121 -22.14 -12.22 -86.36
N LYS NA 122 -21.57 -11.27 -87.10
CA LYS NA 122 -22.25 -10.75 -88.29
C LYS NA 122 -22.36 -11.79 -89.40
N LYS NA 123 -21.44 -12.77 -89.47
CA LYS NA 123 -21.51 -13.74 -90.55
C LYS NA 123 -21.74 -15.18 -90.09
N GLY NA 124 -20.83 -15.80 -89.35
CA GLY NA 124 -21.05 -17.16 -88.91
C GLY NA 124 -20.55 -17.55 -87.53
N LYS NA 125 -19.69 -16.73 -86.94
CA LYS NA 125 -18.96 -17.12 -85.74
C LYS NA 125 -19.83 -16.86 -84.51
N THR NA 126 -20.04 -17.89 -83.71
CA THR NA 126 -20.88 -17.73 -82.54
C THR NA 126 -20.09 -17.14 -81.38
N TYR NA 127 -20.83 -16.64 -80.39
CA TYR NA 127 -20.28 -16.23 -79.11
C TYR NA 127 -20.89 -17.15 -78.05
N TYR NA 128 -20.05 -17.93 -77.39
CA TYR NA 128 -20.55 -18.75 -76.30
C TYR NA 128 -20.83 -17.84 -75.10
N LYS NA 129 -22.11 -17.59 -74.86
CA LYS NA 129 -22.54 -16.84 -73.69
C LYS NA 129 -22.89 -17.81 -72.57
N PHE NA 130 -22.67 -17.38 -71.33
CA PHE NA 130 -22.91 -18.23 -70.18
C PHE NA 130 -23.51 -17.42 -69.05
N GLU NA 131 -24.02 -18.13 -68.04
CA GLU NA 131 -24.59 -17.51 -66.86
C GLU NA 131 -24.49 -18.52 -65.72
N ILE NA 132 -23.70 -18.19 -64.70
CA ILE NA 132 -23.42 -19.09 -63.59
C ILE NA 132 -23.80 -18.37 -62.30
N LEU NA 133 -24.34 -19.11 -61.35
CA LEU NA 133 -24.57 -18.62 -60.00
C LEU NA 133 -23.65 -19.41 -59.08
N SER NA 134 -22.64 -18.73 -58.54
CA SER NA 134 -21.73 -19.32 -57.57
C SER NA 134 -22.26 -19.06 -56.18
N ARG NA 135 -22.22 -20.08 -55.33
CA ARG NA 135 -22.68 -19.97 -53.96
C ARG NA 135 -21.63 -20.53 -53.03
N THR NA 136 -21.52 -19.94 -51.84
CA THR NA 136 -20.54 -20.33 -50.86
C THR NA 136 -21.25 -20.67 -49.55
N ALA NA 137 -20.52 -21.36 -48.66
CA ALA NA 137 -21.10 -21.77 -47.39
C ALA NA 137 -21.46 -20.56 -46.52
N ASP NA 138 -20.60 -19.54 -46.51
CA ASP NA 138 -20.97 -18.30 -45.84
C ASP NA 138 -21.96 -17.48 -46.64
N GLY NA 139 -22.16 -17.80 -47.92
CA GLY NA 139 -23.17 -17.15 -48.74
C GLY NA 139 -22.95 -15.66 -48.94
N ASN NA 140 -21.71 -15.28 -49.27
CA ASN NA 140 -21.36 -13.89 -49.48
C ASN NA 140 -22.26 -13.23 -50.51
N GLU NA 141 -22.99 -12.21 -50.06
CA GLU NA 141 -23.89 -11.42 -50.89
C GLU NA 141 -24.97 -12.28 -51.53
N GLY NA 142 -25.31 -13.41 -50.94
CA GLY NA 142 -26.32 -14.28 -51.49
C GLY NA 142 -25.91 -14.98 -52.77
N GLY NA 143 -24.61 -15.16 -52.98
CA GLY NA 143 -24.10 -15.73 -54.20
C GLY NA 143 -23.65 -14.67 -55.19
N ARG NA 144 -22.84 -15.10 -56.16
CA ARG NA 144 -22.29 -14.22 -57.18
C ARG NA 144 -22.70 -14.71 -58.56
N HIS NA 145 -23.24 -13.80 -59.36
CA HIS NA 145 -23.59 -14.10 -60.74
C HIS NA 145 -22.37 -13.83 -61.63
N GLN NA 146 -21.96 -14.85 -62.38
CA GLN NA 146 -20.87 -14.74 -63.34
C GLN NA 146 -21.46 -14.84 -64.74
N LEU NA 147 -21.21 -13.82 -65.55
CA LEU NA 147 -21.64 -13.81 -66.94
C LEU NA 147 -20.41 -13.93 -67.82
N VAL NA 148 -20.37 -14.97 -68.65
CA VAL NA 148 -19.20 -15.29 -69.45
C VAL NA 148 -19.60 -15.22 -70.92
N LYS NA 149 -18.80 -14.52 -71.72
CA LYS NA 149 -18.97 -14.46 -73.17
C LYS NA 149 -17.62 -14.67 -73.84
N ALA NA 150 -17.50 -15.71 -74.65
CA ALA NA 150 -16.20 -16.05 -75.19
C ALA NA 150 -16.30 -16.40 -76.67
N THR NA 151 -15.22 -16.10 -77.39
CA THR NA 151 -15.06 -16.57 -78.77
C THR NA 151 -13.61 -16.44 -79.20
N VAL NA 152 -13.27 -17.12 -80.29
CA VAL NA 152 -11.93 -17.08 -80.88
C VAL NA 152 -12.00 -16.31 -82.18
N SER NA 153 -11.13 -15.32 -82.34
CA SER NA 153 -11.14 -14.45 -83.52
C SER NA 153 -10.01 -14.76 -84.49
N ASN NA 154 -8.76 -14.67 -84.05
CA ASN NA 154 -7.60 -14.85 -84.93
C ASN NA 154 -6.56 -15.72 -84.24
N GLY NA 155 -6.99 -16.85 -83.70
CA GLY NA 155 -6.10 -17.67 -82.90
C GLY NA 155 -5.98 -17.23 -81.46
N LYS NA 156 -6.74 -16.23 -81.05
CA LYS NA 156 -6.78 -15.76 -79.68
C LYS NA 156 -8.19 -15.94 -79.14
N LEU NA 157 -8.31 -16.61 -77.99
CA LEU NA 157 -9.58 -16.77 -77.31
C LEU NA 157 -9.80 -15.55 -76.43
N TYR NA 158 -10.81 -14.75 -76.78
CA TYR NA 158 -11.22 -13.61 -75.98
C TYR NA 158 -12.41 -14.05 -75.12
N LEU NA 159 -12.26 -13.94 -73.80
CA LEU NA 159 -13.31 -14.33 -72.86
C LEU NA 159 -13.56 -13.18 -71.90
N LEU NA 160 -14.81 -12.74 -71.84
CA LEU NA 160 -15.27 -11.72 -70.92
C LEU NA 160 -15.98 -12.39 -69.75
N LYS NA 161 -15.62 -12.00 -68.53
CA LYS NA 161 -16.36 -12.44 -67.34
C LYS NA 161 -16.75 -11.23 -66.51
N VAL NA 162 -18.05 -11.18 -66.17
CA VAL NA 162 -18.62 -10.12 -65.35
C VAL NA 162 -19.12 -10.76 -64.06
N GLN NA 163 -18.61 -10.31 -62.92
CA GLN NA 163 -19.01 -10.84 -61.62
C GLN NA 163 -19.84 -9.80 -60.89
N ALA NA 164 -20.99 -10.21 -60.39
CA ALA NA 164 -21.89 -9.31 -59.68
C ALA NA 164 -22.42 -10.00 -58.43
N GLY NA 165 -22.66 -9.21 -57.39
CA GLY NA 165 -23.31 -9.73 -56.20
C GLY NA 165 -24.80 -9.91 -56.41
N ASP NA 166 -25.38 -10.88 -55.69
CA ASP NA 166 -26.81 -11.16 -55.85
C ASP NA 166 -27.67 -10.03 -55.28
N LYS NA 167 -27.28 -9.48 -54.13
CA LYS NA 167 -28.02 -8.32 -53.62
C LYS NA 167 -27.83 -7.13 -54.53
N ARG NA 168 -26.63 -6.97 -55.10
CA ARG NA 168 -26.44 -6.00 -56.18
C ARG NA 168 -27.32 -6.35 -57.37
N TRP NA 169 -27.45 -7.65 -57.67
CA TRP NA 169 -28.21 -8.09 -58.83
C TRP NA 169 -29.69 -7.72 -58.72
N PHE NA 170 -30.27 -7.81 -57.52
CA PHE NA 170 -31.66 -7.40 -57.40
C PHE NA 170 -31.85 -5.97 -56.90
N LYS NA 171 -30.77 -5.24 -56.59
CA LYS NA 171 -30.95 -3.79 -56.42
C LYS NA 171 -30.71 -3.02 -57.72
N GLY NA 172 -30.13 -3.65 -58.74
CA GLY NA 172 -30.04 -2.95 -60.02
C GLY NA 172 -28.79 -3.17 -60.86
N THR NA 173 -27.80 -3.87 -60.32
CA THR NA 173 -26.58 -4.14 -61.06
C THR NA 173 -26.82 -5.10 -62.23
N ASP NA 174 -27.97 -5.81 -62.24
CA ASP NA 174 -28.24 -6.77 -63.29
C ASP NA 174 -28.33 -6.11 -64.66
N LYS NA 175 -28.99 -4.95 -64.75
CA LYS NA 175 -29.17 -4.29 -66.03
C LYS NA 175 -27.84 -3.81 -66.61
N GLU NA 176 -26.99 -3.20 -65.80
CA GLU NA 176 -25.70 -2.75 -66.30
C GLU NA 176 -24.78 -3.93 -66.61
N CYS NA 177 -24.87 -5.02 -65.83
CA CYS NA 177 -24.06 -6.19 -66.14
C CYS NA 177 -24.48 -6.84 -67.45
N LEU NA 178 -25.78 -6.91 -67.72
CA LEU NA 178 -26.25 -7.45 -68.99
C LEU NA 178 -25.91 -6.51 -70.15
N GLY NA 179 -25.92 -5.20 -69.89
CA GLY NA 179 -25.47 -4.26 -70.92
C GLY NA 179 -23.99 -4.40 -71.23
N VAL NA 180 -23.18 -4.72 -70.23
CA VAL NA 180 -21.78 -5.01 -70.48
C VAL NA 180 -21.62 -6.30 -71.26
N LEU NA 181 -22.36 -7.34 -70.86
CA LEU NA 181 -22.20 -8.66 -71.47
C LEU NA 181 -22.66 -8.67 -72.92
N ASP NA 182 -23.75 -7.97 -73.23
CA ASP NA 182 -24.32 -7.97 -74.58
C ASP NA 182 -23.67 -6.94 -75.49
N SER NA 183 -22.45 -6.49 -75.18
CA SER NA 183 -21.75 -5.54 -76.02
C SER NA 183 -20.28 -5.90 -76.21
N PHE NA 184 -19.88 -7.12 -75.85
CA PHE NA 184 -18.49 -7.56 -75.99
C PHE NA 184 -18.26 -7.91 -77.46
N THR NA 185 -17.90 -6.90 -78.24
CA THR NA 185 -17.71 -7.05 -79.68
C THR NA 185 -16.21 -7.24 -79.94
N VAL NA 186 -15.82 -8.45 -80.31
CA VAL NA 186 -14.45 -8.74 -80.70
C VAL NA 186 -14.45 -9.29 -82.12
N VAL NA 187 -13.80 -8.56 -83.02
CA VAL NA 187 -13.64 -8.95 -84.42
C VAL NA 187 -12.23 -8.60 -84.85
N MET OA 1 -9.36 -12.91 -8.28
CA MET OA 1 -8.56 -11.88 -7.64
C MET OA 1 -8.90 -10.50 -8.17
N GLU OA 2 -8.88 -10.35 -9.50
CA GLU OA 2 -9.23 -9.06 -10.09
C GLU OA 2 -10.70 -8.73 -9.88
N ALA OA 3 -11.56 -9.75 -9.88
CA ALA OA 3 -12.99 -9.52 -9.62
C ALA OA 3 -13.19 -9.00 -8.20
N LEU OA 4 -12.40 -9.50 -7.25
CA LEU OA 4 -12.40 -8.96 -5.90
C LEU OA 4 -12.08 -7.47 -5.89
N VAL OA 5 -11.05 -7.07 -6.63
CA VAL OA 5 -10.65 -5.66 -6.66
C VAL OA 5 -11.74 -4.81 -7.30
N TYR OA 6 -12.33 -5.28 -8.39
CA TYR OA 6 -13.37 -4.51 -9.06
C TYR OA 6 -14.59 -4.34 -8.17
N THR OA 7 -15.03 -5.43 -7.53
CA THR OA 7 -16.18 -5.37 -6.65
C THR OA 7 -15.90 -4.48 -5.44
N PHE OA 8 -14.68 -4.57 -4.88
CA PHE OA 8 -14.31 -3.71 -3.77
C PHE OA 8 -14.34 -2.24 -4.15
N LEU OA 9 -13.80 -1.91 -5.32
CA LEU OA 9 -13.79 -0.52 -5.76
C LEU OA 9 -15.20 0.00 -6.00
N LEU OA 10 -16.06 -0.83 -6.60
CA LEU OA 10 -17.44 -0.41 -6.83
C LEU OA 10 -18.20 -0.20 -5.51
N ILE OA 11 -18.05 -1.13 -4.57
CA ILE OA 11 -18.79 -0.97 -3.31
C ILE OA 11 -18.20 0.16 -2.47
N GLY OA 12 -16.89 0.42 -2.59
CA GLY OA 12 -16.32 1.57 -1.91
C GLY OA 12 -16.83 2.88 -2.48
N THR OA 13 -16.98 2.96 -3.80
CA THR OA 13 -17.58 4.13 -4.41
C THR OA 13 -19.02 4.30 -3.95
N LEU OA 14 -19.78 3.21 -3.88
CA LEU OA 14 -21.16 3.31 -3.40
C LEU OA 14 -21.23 3.70 -1.93
N GLY OA 15 -20.26 3.25 -1.12
CA GLY OA 15 -20.21 3.69 0.26
C GLY OA 15 -19.92 5.17 0.40
N ILE OA 16 -19.01 5.68 -0.43
CA ILE OA 16 -18.75 7.12 -0.46
C ILE OA 16 -20.01 7.88 -0.86
N ILE OA 17 -20.76 7.35 -1.83
CA ILE OA 17 -22.03 7.98 -2.23
C ILE OA 17 -23.00 8.00 -1.05
N PHE OA 18 -23.12 6.87 -0.35
CA PHE OA 18 -24.02 6.77 0.79
C PHE OA 18 -23.67 7.79 1.86
N PHE OA 19 -22.38 7.90 2.18
CA PHE OA 19 -21.96 8.82 3.22
C PHE OA 19 -22.14 10.27 2.78
N SER OA 20 -21.86 10.58 1.50
CA SER OA 20 -22.02 11.94 1.03
C SER OA 20 -23.49 12.35 1.01
N ILE OA 21 -24.40 11.39 0.83
CA ILE OA 21 -25.82 11.71 0.87
C ILE OA 21 -26.28 11.89 2.31
N PHE OA 22 -26.07 10.89 3.16
CA PHE OA 22 -26.73 10.83 4.44
C PHE OA 22 -25.93 11.41 5.60
N PHE OA 23 -24.66 11.72 5.39
CA PHE OA 23 -23.81 12.31 6.42
C PHE OA 23 -23.09 13.53 5.90
N ARG OA 24 -23.75 14.27 5.01
CA ARG OA 24 -23.19 15.49 4.46
C ARG OA 24 -23.16 16.58 5.53
N GLU OA 25 -22.38 17.60 5.27
CA GLU OA 25 -22.44 18.80 6.09
C GLU OA 25 -23.75 19.49 5.79
N PRO OA 26 -24.60 19.73 6.78
CA PRO OA 26 -25.90 20.36 6.51
C PRO OA 26 -25.73 21.82 6.14
N PRO OA 27 -26.33 22.25 5.04
CA PRO OA 27 -26.30 23.68 4.70
C PRO OA 27 -27.04 24.50 5.75
N ARG OA 28 -26.44 25.62 6.14
CA ARG OA 28 -26.93 26.43 7.23
C ARG OA 28 -27.56 27.70 6.70
N ILE OA 29 -28.76 28.01 7.18
CA ILE OA 29 -29.52 29.16 6.71
C ILE OA 29 -28.88 30.47 7.16
N ALA OA 30 -27.99 30.44 8.15
CA ALA OA 30 -27.31 31.64 8.61
C ALA OA 30 -26.39 32.22 7.54
N LEU PA 1 -42.11 -33.40 -23.53
CA LEU PA 1 -41.40 -32.24 -23.01
C LEU PA 1 -40.45 -32.65 -21.89
N VAL PA 2 -39.33 -31.95 -21.80
CA VAL PA 2 -38.33 -32.28 -20.79
C VAL PA 2 -38.52 -31.48 -19.51
N ASP PA 3 -39.31 -30.41 -19.53
CA ASP PA 3 -39.49 -29.57 -18.35
C ASP PA 3 -40.82 -28.85 -18.46
N ASP PA 4 -41.26 -28.31 -17.33
CA ASP PA 4 -42.54 -27.62 -17.24
C ASP PA 4 -42.34 -26.12 -17.35
N ARG PA 5 -43.30 -25.44 -17.98
CA ARG PA 5 -43.30 -24.00 -18.07
C ARG PA 5 -44.74 -23.53 -18.18
N MET PA 6 -44.95 -22.26 -17.87
CA MET PA 6 -46.31 -21.74 -17.81
C MET PA 6 -46.96 -21.64 -19.19
N ASN PA 7 -46.14 -21.39 -20.23
CA ASN PA 7 -46.61 -21.27 -21.61
C ASN PA 7 -47.71 -20.21 -21.74
N GLY PA 8 -47.49 -19.09 -21.07
CA GLY PA 8 -48.46 -18.00 -21.11
C GLY PA 8 -48.09 -16.95 -22.13
N ASP PA 9 -46.91 -17.09 -22.73
CA ASP PA 9 -46.40 -16.10 -23.66
C ASP PA 9 -47.27 -16.01 -24.91
N GLY PA 10 -47.46 -14.78 -25.40
CA GLY PA 10 -48.34 -14.58 -26.54
C GLY PA 10 -49.79 -14.82 -26.17
N THR PA 11 -50.54 -15.34 -27.15
CA THR PA 11 -51.92 -15.81 -27.02
C THR PA 11 -52.92 -14.73 -26.62
N GLY PA 12 -52.47 -13.47 -26.49
CA GLY PA 12 -53.36 -12.37 -26.18
C GLY PA 12 -54.12 -12.52 -24.86
N LEU PA 13 -53.39 -12.66 -23.79
CA LEU PA 13 -53.94 -13.05 -22.51
C LEU PA 13 -54.31 -11.81 -21.68
N PRO PA 14 -55.54 -11.72 -21.19
CA PRO PA 14 -56.01 -10.47 -20.54
C PRO PA 14 -55.23 -10.18 -19.27
N PHE PA 15 -54.52 -9.05 -19.27
CA PHE PA 15 -53.61 -8.64 -18.19
C PHE PA 15 -52.56 -9.71 -17.89
N GLY PA 16 -52.29 -10.60 -18.85
CA GLY PA 16 -51.41 -11.73 -18.61
C GLY PA 16 -51.91 -12.65 -17.52
N VAL PA 17 -53.22 -12.84 -17.43
CA VAL PA 17 -53.82 -13.65 -16.37
C VAL PA 17 -54.09 -15.03 -16.96
N ASN PA 18 -53.17 -15.95 -16.73
CA ASN PA 18 -53.32 -17.34 -17.18
C ASN PA 18 -54.03 -18.21 -16.15
N ASP PA 19 -54.22 -17.70 -14.94
CA ASP PA 19 -54.96 -18.41 -13.90
C ASP PA 19 -55.83 -17.40 -13.19
N GLY PA 20 -57.10 -17.75 -12.97
CA GLY PA 20 -58.07 -16.82 -12.40
C GLY PA 20 -57.71 -16.31 -11.03
N ILE PA 21 -56.83 -17.02 -10.32
CA ILE PA 21 -56.35 -16.52 -9.04
C ILE PA 21 -55.58 -15.21 -9.22
N LEU PA 22 -54.98 -14.99 -10.38
CA LEU PA 22 -54.28 -13.73 -10.62
C LEU PA 22 -55.25 -12.58 -10.73
N GLY PA 23 -56.33 -12.76 -11.49
CA GLY PA 23 -57.36 -11.75 -11.54
C GLY PA 23 -57.99 -11.50 -10.18
N TRP PA 24 -58.14 -12.57 -9.40
CA TRP PA 24 -58.71 -12.41 -8.06
C TRP PA 24 -57.78 -11.65 -7.13
N VAL PA 25 -56.47 -11.90 -7.19
CA VAL PA 25 -55.58 -11.16 -6.30
C VAL PA 25 -55.44 -9.72 -6.76
N ILE PA 26 -55.51 -9.46 -8.07
CA ILE PA 26 -55.51 -8.06 -8.54
C ILE PA 26 -56.74 -7.34 -8.02
N ALA PA 27 -57.92 -7.96 -8.18
CA ALA PA 27 -59.15 -7.35 -7.72
C ALA PA 27 -59.15 -7.17 -6.22
N GLY PA 28 -58.65 -8.17 -5.48
CA GLY PA 28 -58.62 -8.08 -4.03
C GLY PA 28 -57.69 -7.00 -3.52
N THR PA 29 -56.49 -6.88 -4.10
CA THR PA 29 -55.56 -5.86 -3.67
C THR PA 29 -56.07 -4.46 -4.00
N LEU PA 30 -56.57 -4.28 -5.23
CA LEU PA 30 -57.13 -2.98 -5.60
C LEU PA 30 -58.33 -2.61 -4.75
N GLY PA 31 -59.21 -3.59 -4.49
CA GLY PA 31 -60.38 -3.32 -3.68
C GLY PA 31 -60.05 -3.10 -2.22
N THR PA 32 -58.99 -3.73 -1.70
CA THR PA 32 -58.59 -3.49 -0.33
C THR PA 32 -58.02 -2.08 -0.17
N ILE PA 33 -57.19 -1.65 -1.11
CA ILE PA 33 -56.67 -0.29 -1.07
C ILE PA 33 -57.81 0.72 -1.25
N TRP PA 34 -58.75 0.42 -2.15
CA TRP PA 34 -59.90 1.29 -2.34
C TRP PA 34 -60.75 1.35 -1.09
N ALA PA 35 -60.95 0.22 -0.42
CA ALA PA 35 -61.78 0.20 0.78
C ALA PA 35 -61.11 0.98 1.91
N ILE PA 36 -59.79 0.87 2.05
CA ILE PA 36 -59.09 1.68 3.05
C ILE PA 36 -59.24 3.16 2.72
N TYR PA 37 -59.06 3.52 1.46
CA TYR PA 37 -59.21 4.91 1.05
C TYR PA 37 -60.64 5.41 1.22
N PHE PA 38 -61.62 4.51 1.09
CA PHE PA 38 -63.03 4.90 1.13
C PHE PA 38 -63.54 5.03 2.55
N VAL PA 39 -63.25 4.05 3.40
CA VAL PA 39 -63.58 4.18 4.81
C VAL PA 39 -62.70 5.21 5.50
N SER PA 40 -61.64 5.65 4.84
CA SER PA 40 -60.75 6.67 5.38
C SER PA 40 -60.93 8.03 4.71
N GLN PA 41 -61.97 8.20 3.90
CA GLN PA 41 -62.24 9.50 3.28
C GLN PA 41 -63.11 10.33 4.22
N LYS PA 42 -63.30 11.60 3.85
CA LYS PA 42 -63.89 12.63 4.71
C LYS PA 42 -63.14 12.78 6.03
N ASP PA 43 -61.87 12.40 6.04
CA ASP PA 43 -61.02 12.47 7.22
C ASP PA 43 -59.88 13.48 7.04
N LEU PA 44 -59.94 14.30 6.01
CA LEU PA 44 -58.95 15.33 5.78
C LEU PA 44 -59.62 16.71 5.78
N SER QA 1 25.63 28.85 -52.24
CA SER QA 1 25.36 30.15 -51.63
C SER QA 1 23.89 30.31 -51.30
N VAL QA 2 23.24 31.28 -51.94
CA VAL QA 2 21.83 31.56 -51.70
C VAL QA 2 21.02 30.59 -52.57
N THR QA 3 20.45 29.57 -51.93
CA THR QA 3 19.56 28.65 -52.61
C THR QA 3 18.23 29.32 -52.90
N PRO QA 4 17.43 28.76 -53.81
CA PRO QA 4 16.08 29.32 -54.03
C PRO QA 4 15.23 29.36 -52.76
N SER QA 5 15.38 28.35 -51.90
CA SER QA 5 14.65 28.34 -50.64
C SER QA 5 15.11 29.50 -49.75
N LEU QA 6 16.41 29.78 -49.70
CA LEU QA 6 16.91 30.90 -48.91
C LEU QA 6 16.44 32.23 -49.47
N LYS QA 7 16.45 32.37 -50.80
CA LYS QA 7 15.97 33.61 -51.42
C LYS QA 7 14.49 33.83 -51.11
N ASN QA 8 13.68 32.78 -51.23
CA ASN QA 8 12.26 32.90 -50.94
C ASN QA 8 12.02 33.19 -49.45
N PHE QA 9 12.83 32.61 -48.58
CA PHE QA 9 12.70 32.89 -47.14
C PHE QA 9 13.03 34.35 -46.82
N LEU QA 10 14.10 34.89 -47.40
CA LEU QA 10 14.43 36.29 -47.18
C LEU QA 10 13.37 37.21 -47.74
N LEU QA 11 12.85 36.89 -48.94
CA LEU QA 11 11.76 37.69 -49.49
C LEU QA 11 10.50 37.60 -48.63
N SER QA 12 10.26 36.44 -48.02
CA SER QA 12 9.13 36.31 -47.10
C SER QA 12 9.31 37.14 -45.85
N LEU QA 13 10.55 37.24 -45.36
CA LEU QA 13 10.81 38.14 -44.24
C LEU QA 13 10.55 39.59 -44.62
N VAL QA 14 10.97 39.99 -45.82
CA VAL QA 14 10.69 41.34 -46.30
C VAL QA 14 9.19 41.57 -46.42
N ALA QA 15 8.46 40.57 -46.94
CA ALA QA 15 7.01 40.69 -47.05
C ALA QA 15 6.34 40.79 -45.70
N GLY QA 16 6.82 40.04 -44.71
CA GLY QA 16 6.27 40.14 -43.37
C GLY QA 16 6.54 41.50 -42.74
N ALA QA 17 7.71 42.07 -42.99
CA ALA QA 17 7.99 43.42 -42.53
C ALA QA 17 7.05 44.42 -43.19
N VAL QA 18 6.79 44.24 -44.49
CA VAL QA 18 5.84 45.11 -45.20
C VAL QA 18 4.45 44.97 -44.61
N VAL QA 19 4.06 43.74 -44.26
CA VAL QA 19 2.75 43.50 -43.64
C VAL QA 19 2.64 44.20 -42.29
N LEU QA 20 3.69 44.12 -41.48
CA LEU QA 20 3.69 44.81 -40.19
C LEU QA 20 3.62 46.33 -40.38
N ALA QA 21 4.33 46.85 -41.38
CA ALA QA 21 4.25 48.28 -41.67
C ALA QA 21 2.85 48.68 -42.11
N ALA QA 22 2.20 47.83 -42.90
CA ALA QA 22 0.83 48.12 -43.35
C ALA QA 22 -0.14 48.07 -42.17
N ILE QA 23 0.05 47.13 -41.25
CA ILE QA 23 -0.80 47.06 -40.06
C ILE QA 23 -0.62 48.32 -39.22
N ALA QA 24 0.62 48.77 -39.04
CA ALA QA 24 0.87 50.00 -38.28
C ALA QA 24 0.26 51.21 -38.99
N GLY QA 25 0.34 51.25 -40.33
CA GLY QA 25 -0.28 52.34 -41.07
C GLY QA 25 -1.79 52.32 -40.97
N ALA QA 26 -2.39 51.14 -40.93
CA ALA QA 26 -3.83 51.04 -40.72
C ALA QA 26 -4.22 51.47 -39.31
N VAL QA 27 -3.36 51.20 -38.33
CA VAL QA 27 -3.62 51.66 -36.97
C VAL QA 27 -3.57 53.19 -36.90
N THR QA 28 -2.51 53.78 -37.47
CA THR QA 28 -2.37 55.23 -37.42
C THR QA 28 -3.29 55.97 -38.38
N ALA QA 29 -3.92 55.26 -39.33
CA ALA QA 29 -4.90 55.87 -40.21
C ALA QA 29 -6.28 55.96 -39.58
N VAL QA 30 -6.46 55.38 -38.39
CA VAL QA 30 -7.70 55.34 -37.59
C VAL QA 30 -9.00 55.22 -38.39
N MET RA 1 -67.47 21.98 -73.47
CA MET RA 1 -67.82 22.04 -72.06
C MET RA 1 -66.58 22.06 -71.18
N THR RA 2 -65.49 21.44 -71.67
CA THR RA 2 -64.24 21.46 -70.94
C THR RA 2 -63.67 22.87 -70.83
N SER RA 3 -63.76 23.65 -71.91
CA SER RA 3 -63.28 25.02 -71.88
C SER RA 3 -64.13 25.88 -70.95
N ILE RA 4 -65.45 25.62 -70.91
CA ILE RA 4 -66.32 26.34 -69.98
C ILE RA 4 -65.92 26.05 -68.54
N LEU RA 5 -65.65 24.77 -68.23
CA LEU RA 5 -65.20 24.40 -66.90
C LEU RA 5 -63.86 25.05 -66.56
N GLN RA 6 -62.95 25.09 -67.53
CA GLN RA 6 -61.63 25.69 -67.28
C GLN RA 6 -61.75 27.19 -67.03
N ILE RA 7 -62.62 27.87 -67.77
CA ILE RA 7 -62.85 29.29 -67.55
C ILE RA 7 -63.49 29.51 -66.19
N ALA RA 8 -64.46 28.67 -65.81
CA ALA RA 8 -65.10 28.80 -64.51
C ALA RA 8 -64.11 28.55 -63.37
N LEU RA 9 -63.22 27.57 -63.54
CA LEU RA 9 -62.23 27.29 -62.50
C LEU RA 9 -61.19 28.40 -62.41
N LEU RA 10 -60.82 28.99 -63.55
CA LEU RA 10 -59.91 30.14 -63.52
C LEU RA 10 -60.56 31.31 -62.80
N GLY RA 11 -61.85 31.57 -63.07
CA GLY RA 11 -62.55 32.61 -62.35
C GLY RA 11 -62.67 32.31 -60.87
N LEU RA 12 -62.85 31.03 -60.53
CA LEU RA 12 -62.90 30.63 -59.13
C LEU RA 12 -61.56 30.86 -58.44
N VAL RA 13 -60.46 30.58 -59.14
CA VAL RA 13 -59.13 30.85 -58.59
C VAL RA 13 -58.94 32.35 -58.37
N LEU RA 14 -59.37 33.17 -59.33
CA LEU RA 14 -59.22 34.61 -59.18
C LEU RA 14 -60.07 35.15 -58.04
N VAL RA 15 -61.32 34.68 -57.92
CA VAL RA 15 -62.19 35.13 -56.83
C VAL RA 15 -61.66 34.65 -55.49
N SER RA 16 -61.12 33.43 -55.45
CA SER RA 16 -60.51 32.93 -54.21
C SER RA 16 -59.32 33.79 -53.80
N PHE RA 17 -58.48 34.18 -54.75
CA PHE RA 17 -57.35 35.05 -54.44
C PHE RA 17 -57.83 36.42 -53.96
N ALA RA 18 -58.86 36.96 -54.60
CA ALA RA 18 -59.42 38.24 -54.18
C ALA RA 18 -59.99 38.16 -52.77
N LEU RA 19 -60.69 37.06 -52.45
CA LEU RA 19 -61.23 36.90 -51.10
C LEU RA 19 -60.10 36.74 -50.08
N VAL RA 20 -59.08 35.97 -50.40
CA VAL RA 20 -57.95 35.78 -49.49
C VAL RA 20 -57.26 37.10 -49.20
N VAL RA 21 -57.09 37.95 -50.22
CA VAL RA 21 -56.40 39.20 -49.97
C VAL RA 21 -57.34 40.24 -49.34
N GLY RA 22 -58.65 40.15 -49.57
CA GLY RA 22 -59.54 41.23 -49.17
C GLY RA 22 -60.32 41.03 -47.90
N VAL RA 23 -60.78 39.81 -47.63
CA VAL RA 23 -61.60 39.56 -46.44
C VAL RA 23 -60.88 39.91 -45.14
N PRO RA 24 -59.61 39.49 -44.91
CA PRO RA 24 -58.92 40.01 -43.72
C PRO RA 24 -58.71 41.51 -43.75
N VAL RA 25 -58.49 42.09 -44.92
CA VAL RA 25 -58.30 43.53 -45.03
C VAL RA 25 -59.58 44.27 -44.66
N VAL RA 26 -60.72 43.80 -45.17
CA VAL RA 26 -62.00 44.43 -44.84
C VAL RA 26 -62.32 44.23 -43.36
N PHE RA 27 -62.04 43.03 -42.83
CA PHE RA 27 -62.35 42.75 -41.43
C PHE RA 27 -61.54 43.62 -40.49
N ALA RA 28 -60.24 43.75 -40.74
CA ALA RA 28 -59.38 44.52 -39.84
C ALA RA 28 -59.26 45.98 -40.24
N SER RA 29 -59.94 46.42 -41.28
CA SER RA 29 -59.92 47.85 -41.61
C SER RA 29 -60.80 48.63 -40.63
N PRO RA 30 -60.44 49.88 -40.34
CA PRO RA 30 -61.29 50.71 -39.47
C PRO RA 30 -62.60 51.07 -40.15
N ASN RA 31 -63.70 50.52 -39.64
CA ASN RA 31 -65.04 50.65 -40.23
C ASN RA 31 -65.06 50.19 -41.69
N GLY RA 32 -64.24 49.19 -42.01
CA GLY RA 32 -64.22 48.65 -43.36
C GLY RA 32 -65.26 47.57 -43.55
N TRP RA 33 -65.56 46.84 -42.47
CA TRP RA 33 -66.56 45.78 -42.57
C TRP RA 33 -67.96 46.35 -42.68
N THR RA 34 -68.25 47.43 -41.96
CA THR RA 34 -69.58 48.02 -41.99
C THR RA 34 -69.86 48.80 -43.27
N GLU RA 35 -68.86 48.99 -44.13
CA GLU RA 35 -69.04 49.70 -45.39
C GLU RA 35 -68.93 48.81 -46.61
N ASN RA 36 -68.12 47.74 -46.55
CA ASN RA 36 -67.91 46.84 -47.67
C ASN RA 36 -68.75 45.58 -47.58
N LYS RA 37 -69.90 45.66 -46.90
CA LYS RA 37 -70.79 44.51 -46.76
C LYS RA 37 -71.23 43.98 -48.10
N GLY RA 38 -71.64 44.86 -49.00
CA GLY RA 38 -72.11 44.43 -50.30
C GLY RA 38 -71.03 43.79 -51.13
N VAL RA 39 -69.82 44.37 -51.12
CA VAL RA 39 -68.72 43.81 -51.90
C VAL RA 39 -68.31 42.44 -51.36
N VAL RA 40 -68.22 42.31 -50.04
CA VAL RA 40 -67.82 41.02 -49.46
C VAL RA 40 -68.88 39.97 -49.71
N PHE RA 41 -70.16 40.34 -49.57
CA PHE RA 41 -71.23 39.38 -49.83
C PHE RA 41 -71.28 38.98 -51.29
N SER RA 42 -71.02 39.93 -52.20
CA SER RA 42 -70.97 39.62 -53.62
C SER RA 42 -69.82 38.67 -53.93
N GLY RA 43 -68.66 38.90 -53.31
CA GLY RA 43 -67.53 37.99 -53.51
C GLY RA 43 -67.81 36.59 -53.00
N LEU RA 44 -68.40 36.49 -51.80
CA LEU RA 44 -68.72 35.17 -51.25
C LEU RA 44 -69.79 34.47 -52.09
N SER RA 45 -70.80 35.22 -52.54
CA SER RA 45 -71.86 34.62 -53.36
C SER RA 45 -71.32 34.16 -54.70
N VAL RA 46 -70.47 34.95 -55.35
CA VAL RA 46 -69.93 34.53 -56.64
C VAL RA 46 -68.95 33.38 -56.45
N TRP RA 47 -68.26 33.32 -55.31
CA TRP RA 47 -67.39 32.18 -55.02
C TRP RA 47 -68.20 30.90 -54.89
N PHE RA 48 -69.29 30.94 -54.12
CA PHE RA 48 -70.14 29.76 -53.97
C PHE RA 48 -70.79 29.37 -55.29
N LEU RA 49 -71.21 30.37 -56.08
CA LEU RA 49 -71.80 30.09 -57.38
C LEU RA 49 -70.79 29.44 -58.32
N LEU RA 50 -69.55 29.91 -58.30
CA LEU RA 50 -68.53 29.32 -59.15
C LEU RA 50 -68.18 27.90 -58.71
N VAL RA 51 -68.16 27.66 -57.39
CA VAL RA 51 -67.91 26.30 -56.90
C VAL RA 51 -69.01 25.35 -57.35
N PHE RA 52 -70.27 25.77 -57.21
CA PHE RA 52 -71.38 24.93 -57.64
C PHE RA 52 -71.37 24.74 -59.16
N ALA RA 53 -71.02 25.78 -59.90
CA ALA RA 53 -70.97 25.68 -61.36
C ALA RA 53 -69.89 24.73 -61.81
N VAL RA 54 -68.72 24.77 -61.19
CA VAL RA 54 -67.66 23.83 -61.54
C VAL RA 54 -68.07 22.40 -61.20
N GLY RA 55 -68.70 22.21 -60.05
CA GLY RA 55 -69.18 20.89 -59.69
C GLY RA 55 -70.22 20.35 -60.66
N VAL RA 56 -71.09 21.23 -61.16
CA VAL RA 56 -72.09 20.80 -62.14
C VAL RA 56 -71.43 20.49 -63.48
N PHE RA 57 -70.53 21.36 -63.92
CA PHE RA 57 -69.89 21.19 -65.23
C PHE RA 57 -68.91 20.03 -65.26
N ASN RA 58 -68.47 19.55 -64.09
CA ASN RA 58 -67.63 18.35 -64.06
C ASN RA 58 -68.36 17.13 -64.59
N SER RA 59 -69.66 17.02 -64.32
CA SER RA 59 -70.44 15.89 -64.80
C SER RA 59 -70.67 15.92 -66.30
N PHE RA 60 -70.47 17.08 -66.95
CA PHE RA 60 -70.61 17.18 -68.40
C PHE RA 60 -69.28 17.20 -69.12
N ALA RA 61 -68.20 17.62 -68.45
CA ALA RA 61 -66.88 17.63 -69.07
C ALA RA 61 -66.24 16.26 -68.96
N THR SA 1 -134.01 5.91 -12.70
CA THR SA 1 -133.00 6.50 -13.57
C THR SA 1 -131.61 6.34 -12.98
N ILE SA 2 -131.02 7.49 -12.59
CA ILE SA 2 -129.71 7.49 -11.96
C ILE SA 2 -129.76 6.77 -10.62
N ASN SA 3 -130.92 6.75 -9.96
CA ASN SA 3 -131.11 5.97 -8.75
C ASN SA 3 -130.87 4.48 -8.97
N GLN SA 4 -130.97 4.01 -10.22
CA GLN SA 4 -130.66 2.61 -10.51
C GLN SA 4 -129.19 2.29 -10.30
N PHE SA 5 -128.30 3.29 -10.37
CA PHE SA 5 -126.87 3.05 -10.24
C PHE SA 5 -126.21 3.97 -9.22
N TYR SA 6 -126.98 4.69 -8.42
CA TYR SA 6 -126.42 5.55 -7.38
C TYR SA 6 -127.38 5.61 -6.21
N GLY SA 7 -126.85 5.99 -5.05
CA GLY SA 7 -127.67 6.20 -3.88
C GLY SA 7 -128.03 4.92 -3.15
N PRO SA 8 -128.96 5.01 -2.20
CA PRO SA 8 -129.32 3.82 -1.41
C PRO SA 8 -130.07 2.77 -2.21
N ASP SA 9 -130.95 3.19 -3.11
CA ASP SA 9 -131.77 2.26 -3.90
C ASP SA 9 -131.07 1.80 -5.17
N ARG SA 10 -129.74 1.87 -5.22
CA ARG SA 10 -129.02 1.43 -6.41
C ARG SA 10 -129.05 -0.08 -6.52
N ASN SA 11 -128.77 -0.57 -7.72
CA ASN SA 11 -128.68 -2.00 -7.96
C ASN SA 11 -127.48 -2.58 -7.25
N LYS SA 12 -127.64 -3.78 -6.71
CA LYS SA 12 -126.65 -4.37 -5.82
C LYS SA 12 -126.18 -5.72 -6.35
N TRP SA 13 -125.10 -6.21 -5.75
CA TRP SA 13 -124.39 -7.38 -6.24
C TRP SA 13 -125.04 -8.70 -5.85
N LEU SA 14 -126.15 -8.67 -5.12
CA LEU SA 14 -126.91 -9.88 -4.84
C LEU SA 14 -128.40 -9.66 -5.05
N GLY SA 15 -128.79 -8.56 -5.69
CA GLY SA 15 -130.18 -8.26 -5.91
C GLY SA 15 -130.89 -7.92 -4.61
N PRO SA 16 -131.97 -8.64 -4.33
CA PRO SA 16 -132.73 -8.37 -3.10
C PRO SA 16 -132.04 -8.87 -1.85
N TYR SA 17 -131.21 -9.90 -1.98
CA TYR SA 17 -130.54 -10.49 -0.82
C TYR SA 17 -129.19 -9.82 -0.55
N SER SA 18 -129.21 -8.50 -0.50
CA SER SA 18 -127.99 -7.72 -0.30
C SER SA 18 -128.25 -6.50 0.57
N THR SA 19 -129.03 -6.68 1.65
CA THR SA 19 -129.40 -5.56 2.51
C THR SA 19 -128.42 -5.34 3.64
N ASN SA 20 -127.18 -5.78 3.48
CA ASN SA 20 -126.14 -5.55 4.49
C ASN SA 20 -124.83 -5.16 3.80
N THR SA 21 -124.93 -4.24 2.85
CA THR SA 21 -123.75 -3.74 2.15
C THR SA 21 -122.84 -2.99 3.12
N PRO SA 22 -121.55 -2.90 2.81
CA PRO SA 22 -120.62 -2.17 3.68
C PRO SA 22 -121.02 -0.72 3.84
N PRO SA 23 -120.81 -0.14 5.03
CA PRO SA 23 -121.27 1.24 5.27
C PRO SA 23 -120.43 2.31 4.60
N TYR SA 24 -119.36 1.94 3.88
CA TYR SA 24 -118.56 2.92 3.17
C TYR SA 24 -118.80 2.91 1.66
N LEU SA 25 -119.56 1.95 1.16
CA LEU SA 25 -119.94 1.90 -0.26
C LEU SA 25 -121.28 2.62 -0.45
N THR SA 26 -121.29 3.90 -0.11
CA THR SA 26 -122.54 4.66 -0.03
C THR SA 26 -122.94 5.29 -1.36
N GLY SA 27 -122.88 4.49 -2.43
CA GLY SA 27 -123.52 4.84 -3.69
C GLY SA 27 -123.11 6.16 -4.30
N GLU SA 28 -121.83 6.50 -4.26
CA GLU SA 28 -121.37 7.78 -4.79
C GLU SA 28 -120.30 7.62 -5.87
N PHE SA 29 -120.04 6.41 -6.33
CA PHE SA 29 -118.99 6.15 -7.31
C PHE SA 29 -119.56 5.27 -8.41
N PRO SA 30 -118.96 5.29 -9.60
CA PRO SA 30 -119.40 4.39 -10.67
C PRO SA 30 -119.25 2.93 -10.26
N GLY SA 31 -120.18 2.10 -10.74
CA GLY SA 31 -120.25 0.74 -10.29
C GLY SA 31 -120.98 0.67 -8.97
N ASP SA 32 -120.25 0.31 -7.91
CA ASP SA 32 -120.74 0.33 -6.53
C ASP SA 32 -121.99 -0.53 -6.37
N TYR SA 33 -121.82 -1.82 -6.58
CA TYR SA 33 -122.88 -2.79 -6.31
C TYR SA 33 -122.89 -3.27 -4.87
N GLY SA 34 -122.00 -2.74 -4.03
CA GLY SA 34 -121.96 -3.14 -2.63
C GLY SA 34 -121.18 -4.42 -2.36
N TRP SA 35 -120.23 -4.76 -3.23
CA TRP SA 35 -119.48 -6.01 -3.12
C TRP SA 35 -118.10 -5.71 -2.55
N ASP SA 36 -117.99 -5.75 -1.22
CA ASP SA 36 -116.70 -5.68 -0.55
C ASP SA 36 -116.66 -6.69 0.60
N THR SA 37 -116.97 -7.95 0.28
CA THR SA 37 -117.03 -8.99 1.31
C THR SA 37 -115.70 -9.17 2.03
N ALA SA 38 -114.58 -8.93 1.35
CA ALA SA 38 -113.29 -9.00 2.02
C ALA SA 38 -112.95 -7.73 2.79
N GLY SA 39 -113.70 -6.65 2.57
CA GLY SA 39 -113.44 -5.40 3.27
C GLY SA 39 -112.11 -4.77 2.93
N LEU SA 40 -111.62 -4.99 1.71
CA LEU SA 40 -110.33 -4.44 1.31
C LEU SA 40 -110.39 -2.92 1.20
N SER SA 41 -111.53 -2.37 0.80
CA SER SA 41 -111.68 -0.94 0.57
C SER SA 41 -112.31 -0.22 1.76
N ALA SA 42 -112.10 -0.73 2.97
CA ALA SA 42 -112.65 -0.07 4.15
C ALA SA 42 -112.00 1.29 4.39
N ASP SA 43 -110.68 1.36 4.23
CA ASP SA 43 -110.01 2.65 4.31
C ASP SA 43 -110.34 3.50 3.08
N PRO SA 44 -110.65 4.78 3.27
CA PRO SA 44 -111.05 5.60 2.11
C PRO SA 44 -109.93 5.86 1.12
N GLU SA 45 -108.70 6.06 1.60
CA GLU SA 45 -107.58 6.29 0.69
C GLU SA 45 -107.28 5.03 -0.13
N THR SA 46 -107.29 3.87 0.52
CA THR SA 46 -107.12 2.61 -0.20
C THR SA 46 -108.29 2.36 -1.15
N PHE SA 47 -109.50 2.80 -0.77
CA PHE SA 47 -110.64 2.72 -1.68
C PHE SA 47 -110.42 3.55 -2.93
N LYS SA 48 -109.89 4.77 -2.78
CA LYS SA 48 -109.61 5.60 -3.94
C LYS SA 48 -108.52 4.99 -4.81
N ARG SA 49 -107.48 4.44 -4.17
CA ARG SA 49 -106.42 3.74 -4.90
C ARG SA 49 -107.00 2.57 -5.70
N TYR SA 50 -107.87 1.79 -5.06
CA TYR SA 50 -108.46 0.62 -5.72
C TYR SA 50 -109.38 1.03 -6.85
N ARG SA 51 -110.10 2.15 -6.69
CA ARG SA 51 -110.94 2.64 -7.78
C ARG SA 51 -110.09 3.06 -8.98
N GLU SA 52 -108.97 3.74 -8.73
CA GLU SA 52 -108.07 4.09 -9.83
C GLU SA 52 -107.51 2.85 -10.52
N LEU SA 53 -107.08 1.86 -9.73
CA LEU SA 53 -106.54 0.62 -10.29
C LEU SA 53 -107.62 -0.12 -11.09
N GLU SA 54 -108.84 -0.16 -10.57
CA GLU SA 54 -109.93 -0.85 -11.24
C GLU SA 54 -110.28 -0.19 -12.56
N LEU SA 55 -110.33 1.15 -12.60
CA LEU SA 55 -110.68 1.83 -13.84
C LEU SA 55 -109.58 1.69 -14.89
N ILE SA 56 -108.31 1.79 -14.46
CA ILE SA 56 -107.20 1.59 -15.39
C ILE SA 56 -107.22 0.17 -15.94
N HIS SA 57 -107.46 -0.82 -15.07
CA HIS SA 57 -107.56 -2.20 -15.51
C HIS SA 57 -108.75 -2.40 -16.43
N ALA SA 58 -109.85 -1.68 -16.17
CA ALA SA 58 -111.04 -1.79 -17.00
C ALA SA 58 -110.76 -1.33 -18.41
N ARG SA 59 -110.13 -0.17 -18.56
CA ARG SA 59 -109.82 0.35 -19.90
C ARG SA 59 -108.80 -0.54 -20.61
N TRP SA 60 -107.78 -0.99 -19.87
CA TRP SA 60 -106.79 -1.89 -20.46
C TRP SA 60 -107.43 -3.19 -20.92
N ALA SA 61 -108.41 -3.69 -20.16
CA ALA SA 61 -109.05 -4.95 -20.53
C ALA SA 61 -110.04 -4.77 -21.67
N LEU SA 62 -110.68 -3.60 -21.78
CA LEU SA 62 -111.50 -3.33 -22.96
C LEU SA 62 -110.65 -3.40 -24.22
N LEU SA 63 -109.51 -2.68 -24.21
CA LEU SA 63 -108.62 -2.71 -25.36
C LEU SA 63 -108.05 -4.11 -25.57
N GLY SA 64 -107.70 -4.81 -24.49
CA GLY SA 64 -107.11 -6.13 -24.61
C GLY SA 64 -108.07 -7.18 -25.13
N ALA SA 65 -109.32 -7.15 -24.68
CA ALA SA 65 -110.31 -8.09 -25.20
C ALA SA 65 -110.58 -7.84 -26.66
N LEU SA 66 -110.72 -6.56 -27.05
CA LEU SA 66 -110.91 -6.25 -28.46
C LEU SA 66 -109.72 -6.70 -29.30
N GLY SA 67 -108.50 -6.47 -28.79
CA GLY SA 67 -107.31 -6.84 -29.53
C GLY SA 67 -106.98 -8.31 -29.51
N MET SA 68 -107.57 -9.05 -28.57
CA MET SA 68 -107.42 -10.50 -28.55
C MET SA 68 -108.46 -11.19 -29.42
N VAL SA 69 -109.58 -10.53 -29.71
CA VAL SA 69 -110.56 -11.16 -30.60
C VAL SA 69 -110.40 -10.69 -32.03
N THR SA 70 -109.85 -9.49 -32.24
CA THR SA 70 -109.94 -8.86 -33.56
C THR SA 70 -109.13 -9.57 -34.65
N PRO SA 71 -107.83 -9.87 -34.48
CA PRO SA 71 -107.11 -10.54 -35.57
C PRO SA 71 -107.65 -11.93 -35.89
N GLU SA 72 -108.13 -12.67 -34.89
CA GLU SA 72 -108.66 -14.00 -35.16
C GLU SA 72 -110.01 -13.91 -35.87
N LEU SA 73 -110.74 -12.83 -35.67
CA LEU SA 73 -111.95 -12.59 -36.45
C LEU SA 73 -111.63 -12.15 -37.87
N LEU SA 74 -110.60 -11.31 -38.03
CA LEU SA 74 -110.14 -10.85 -39.33
C LEU SA 74 -109.17 -11.83 -39.97
N GLN SA 75 -109.12 -13.05 -39.46
CA GLN SA 75 -108.28 -14.10 -40.04
C GLN SA 75 -108.68 -14.37 -41.49
N ASP SA 76 -107.70 -14.81 -42.27
CA ASP SA 76 -107.92 -15.10 -43.69
C ASP SA 76 -108.67 -16.43 -43.82
N ASP SA 77 -108.78 -16.93 -45.05
CA ASP SA 77 -109.43 -18.21 -45.29
C ASP SA 77 -108.44 -19.36 -45.45
N ASP SA 78 -107.23 -19.08 -45.92
CA ASP SA 78 -106.18 -20.07 -46.03
C ASP SA 78 -105.05 -19.85 -45.03
N GLY SA 79 -105.23 -18.92 -44.09
CA GLY SA 79 -104.21 -18.62 -43.11
C GLY SA 79 -103.09 -17.74 -43.59
N ILE SA 80 -103.23 -17.12 -44.76
CA ILE SA 80 -102.20 -16.22 -45.27
C ILE SA 80 -102.07 -15.00 -44.38
N MET SA 81 -103.19 -14.40 -43.99
CA MET SA 81 -103.15 -13.30 -43.05
C MET SA 81 -102.85 -13.82 -41.65
N PHE SA 82 -101.84 -13.21 -41.02
CA PHE SA 82 -101.42 -13.38 -39.63
C PHE SA 82 -100.74 -14.71 -39.33
N GLY SA 83 -100.86 -15.70 -40.22
CA GLY SA 83 -100.46 -17.05 -39.88
C GLY SA 83 -100.98 -17.49 -38.52
N GLU SA 84 -100.16 -18.28 -37.82
CA GLU SA 84 -100.49 -18.71 -36.46
C GLU SA 84 -100.64 -17.53 -35.50
N SER SA 85 -100.01 -16.39 -35.81
CA SER SA 85 -100.19 -15.21 -34.97
C SER SA 85 -101.57 -14.60 -35.08
N ALA SA 86 -102.49 -15.21 -35.83
CA ALA SA 86 -103.90 -14.88 -35.65
C ALA SA 86 -104.36 -15.20 -34.23
N ILE SA 87 -103.78 -16.24 -33.63
CA ILE SA 87 -104.07 -16.58 -32.25
C ILE SA 87 -103.31 -15.62 -31.34
N TRP SA 88 -104.02 -15.02 -30.37
CA TRP SA 88 -103.45 -13.92 -29.60
C TRP SA 88 -102.24 -14.36 -28.79
N PHE SA 89 -102.32 -15.53 -28.15
CA PHE SA 89 -101.18 -15.96 -27.34
C PHE SA 89 -100.06 -16.53 -28.18
N LYS SA 90 -100.19 -16.50 -29.50
CA LYS SA 90 -99.10 -16.79 -30.41
C LYS SA 90 -98.74 -15.57 -31.25
N ALA SA 91 -99.25 -14.39 -30.89
CA ALA SA 91 -99.05 -13.20 -31.72
C ALA SA 91 -97.63 -12.68 -31.60
N GLY SA 92 -97.08 -12.66 -30.38
CA GLY SA 92 -95.77 -12.05 -30.16
C GLY SA 92 -94.67 -12.71 -30.97
N ALA SA 93 -94.74 -14.03 -31.11
CA ALA SA 93 -93.73 -14.76 -31.87
C ALA SA 93 -93.71 -14.36 -33.34
N ALA SA 94 -94.75 -13.66 -33.81
CA ALA SA 94 -94.74 -13.10 -35.16
C ALA SA 94 -93.53 -12.21 -35.40
N ILE SA 95 -93.06 -11.49 -34.37
CA ILE SA 95 -91.90 -10.63 -34.53
C ILE SA 95 -90.66 -11.41 -34.93
N PHE SA 96 -90.64 -12.72 -34.67
CA PHE SA 96 -89.49 -13.55 -35.00
C PHE SA 96 -89.60 -14.21 -36.37
N GLN SA 97 -90.72 -14.06 -37.06
CA GLN SA 97 -90.82 -14.67 -38.39
C GLN SA 97 -89.97 -13.89 -39.39
N GLU SA 98 -89.67 -14.53 -40.52
CA GLU SA 98 -88.74 -13.97 -41.48
C GLU SA 98 -89.25 -12.67 -42.09
N GLY SA 99 -90.53 -12.62 -42.42
CA GLY SA 99 -91.09 -11.38 -42.91
C GLY SA 99 -91.30 -10.31 -41.86
N GLY SA 100 -91.16 -10.67 -40.58
CA GLY SA 100 -91.42 -9.74 -39.51
C GLY SA 100 -92.91 -9.59 -39.27
N LEU SA 101 -93.23 -8.81 -38.25
CA LEU SA 101 -94.61 -8.51 -37.92
C LEU SA 101 -95.12 -7.48 -38.91
N ASN SA 102 -95.96 -7.93 -39.83
CA ASN SA 102 -96.63 -7.05 -40.80
C ASN SA 102 -98.06 -6.85 -40.35
N TYR SA 103 -98.45 -5.58 -40.21
CA TYR SA 103 -99.78 -5.27 -39.70
C TYR SA 103 -100.84 -5.67 -40.72
N LEU SA 104 -101.83 -6.46 -40.26
CA LEU SA 104 -102.90 -7.00 -41.09
C LEU SA 104 -102.36 -7.81 -42.28
N GLY SA 105 -101.17 -8.38 -42.13
CA GLY SA 105 -100.55 -9.16 -43.17
C GLY SA 105 -99.95 -8.37 -44.31
N ASN SA 106 -99.96 -7.04 -44.24
CA ASN SA 106 -99.50 -6.21 -45.33
C ASN SA 106 -98.05 -5.83 -45.08
N PRO SA 107 -97.11 -6.18 -45.97
CA PRO SA 107 -95.71 -5.82 -45.74
C PRO SA 107 -95.44 -4.32 -45.76
N SER SA 108 -96.32 -3.52 -46.35
CA SER SA 108 -96.14 -2.07 -46.33
C SER SA 108 -96.49 -1.45 -44.98
N LEU SA 109 -97.15 -2.20 -44.10
CA LEU SA 109 -97.52 -1.70 -42.79
C LEU SA 109 -96.59 -2.27 -41.73
N ILE SA 110 -96.01 -1.37 -40.93
CA ILE SA 110 -95.17 -1.69 -39.79
C ILE SA 110 -93.95 -2.49 -40.23
N HIS SA 111 -94.12 -3.78 -40.55
CA HIS SA 111 -93.01 -4.63 -41.00
C HIS SA 111 -91.89 -4.66 -39.96
N ALA SA 112 -92.27 -4.74 -38.69
CA ALA SA 112 -91.31 -4.67 -37.60
C ALA SA 112 -90.50 -5.95 -37.50
N GLN SA 113 -89.20 -5.81 -37.21
CA GLN SA 113 -88.30 -6.95 -37.17
C GLN SA 113 -87.46 -7.05 -35.90
N ASN SA 114 -87.39 -6.00 -35.08
CA ASN SA 114 -86.51 -5.97 -33.92
C ASN SA 114 -87.36 -5.88 -32.66
N ILE SA 115 -87.45 -7.01 -31.94
CA ILE SA 115 -88.25 -7.04 -30.72
C ILE SA 115 -87.62 -6.18 -29.64
N VAL SA 116 -86.28 -6.11 -29.59
CA VAL SA 116 -85.60 -5.27 -28.62
C VAL SA 116 -85.91 -3.80 -28.89
N ALA SA 117 -85.84 -3.40 -30.16
CA ALA SA 117 -86.12 -2.01 -30.51
C ALA SA 117 -87.56 -1.64 -30.22
N THR SA 118 -88.52 -2.50 -30.56
CA THR SA 118 -89.91 -2.15 -30.31
C THR SA 118 -90.22 -2.14 -28.82
N LEU SA 119 -89.59 -3.02 -28.04
CA LEU SA 119 -89.79 -2.99 -26.59
C LEU SA 119 -89.18 -1.73 -25.99
N ALA SA 120 -88.02 -1.30 -26.46
CA ALA SA 120 -87.41 -0.07 -25.95
C ALA SA 120 -88.27 1.14 -26.29
N VAL SA 121 -88.81 1.18 -27.51
CA VAL SA 121 -89.71 2.27 -27.90
C VAL SA 121 -90.96 2.26 -27.02
N GLN SA 122 -91.52 1.07 -26.77
CA GLN SA 122 -92.68 0.97 -25.91
C GLN SA 122 -92.37 1.42 -24.49
N VAL SA 123 -91.21 1.05 -23.97
CA VAL SA 123 -90.84 1.42 -22.61
C VAL SA 123 -90.75 2.93 -22.49
N VAL SA 124 -90.08 3.58 -23.45
CA VAL SA 124 -89.94 5.04 -23.40
C VAL SA 124 -91.30 5.71 -23.53
N LEU SA 125 -92.11 5.30 -24.51
CA LEU SA 125 -93.38 5.96 -24.76
C LEU SA 125 -94.35 5.75 -23.62
N MET SA 126 -94.47 4.50 -23.14
CA MET SA 126 -95.40 4.21 -22.06
C MET SA 126 -94.93 4.82 -20.75
N GLY SA 127 -93.62 4.89 -20.50
CA GLY SA 127 -93.15 5.58 -19.32
C GLY SA 127 -93.50 7.04 -19.32
N LEU SA 128 -93.32 7.71 -20.46
CA LEU SA 128 -93.75 9.10 -20.56
C LEU SA 128 -95.25 9.24 -20.38
N VAL SA 129 -96.02 8.34 -20.99
CA VAL SA 129 -97.48 8.41 -20.92
C VAL SA 129 -97.97 8.22 -19.49
N GLU SA 130 -97.43 7.23 -18.78
CA GLU SA 130 -97.85 6.99 -17.41
C GLU SA 130 -97.38 8.08 -16.46
N GLY SA 131 -96.18 8.63 -16.71
CA GLY SA 131 -95.75 9.78 -15.93
C GLY SA 131 -96.66 10.99 -16.15
N TYR SA 132 -97.11 11.18 -17.39
CA TYR SA 132 -98.07 12.26 -17.66
C TYR SA 132 -99.39 12.00 -16.95
N ARG SA 133 -99.85 10.75 -16.94
CA ARG SA 133 -101.09 10.42 -16.25
C ARG SA 133 -100.97 10.68 -14.75
N VAL SA 134 -99.82 10.39 -14.17
CA VAL SA 134 -99.65 10.54 -12.73
C VAL SA 134 -99.46 12.00 -12.35
N ASN SA 135 -98.56 12.71 -13.03
CA ASN SA 135 -98.16 14.05 -12.62
C ASN SA 135 -98.90 15.16 -13.34
N GLY SA 136 -99.10 15.02 -14.65
CA GLY SA 136 -99.59 16.11 -15.47
C GLY SA 136 -98.57 16.46 -16.53
N GLY SA 137 -99.01 16.72 -17.75
CA GLY SA 137 -98.09 16.97 -18.83
C GLY SA 137 -98.68 17.79 -19.96
N PRO SA 138 -98.32 17.42 -21.20
CA PRO SA 138 -98.76 18.20 -22.36
C PRO SA 138 -100.27 18.19 -22.58
N ALA SA 139 -100.99 17.22 -22.03
CA ALA SA 139 -102.43 17.10 -22.24
C ALA SA 139 -103.23 17.46 -21.00
N GLY SA 140 -102.59 17.92 -19.94
CA GLY SA 140 -103.29 18.28 -18.73
C GLY SA 140 -102.37 18.59 -17.57
N GLU SA 141 -102.82 19.42 -16.63
CA GLU SA 141 -101.99 19.82 -15.49
C GLU SA 141 -102.60 19.41 -14.15
N GLY SA 142 -103.87 19.73 -13.92
CA GLY SA 142 -104.49 19.43 -12.64
C GLY SA 142 -105.89 18.85 -12.77
N LEU SA 143 -106.11 18.07 -13.82
CA LEU SA 143 -107.41 17.49 -14.10
C LEU SA 143 -107.67 16.30 -13.17
N ASP SA 144 -108.82 15.66 -13.38
CA ASP SA 144 -109.18 14.51 -12.57
C ASP SA 144 -108.24 13.34 -12.85
N PRO SA 145 -107.81 12.62 -11.82
CA PRO SA 145 -106.89 11.48 -12.05
C PRO SA 145 -107.46 10.40 -12.93
N LEU SA 146 -108.78 10.23 -12.97
CA LEU SA 146 -109.41 9.17 -13.75
C LEU SA 146 -110.20 9.67 -14.95
N TYR SA 147 -110.77 10.87 -14.86
CA TYR SA 147 -111.56 11.45 -15.95
C TYR SA 147 -111.09 12.87 -16.24
N PRO SA 148 -109.93 13.04 -16.89
CA PRO SA 148 -109.45 14.39 -17.20
C PRO SA 148 -110.38 15.13 -18.15
N GLY SA 149 -110.63 14.55 -19.32
CA GLY SA 149 -111.71 14.99 -20.18
C GLY SA 149 -111.58 16.37 -20.79
N GLU SA 150 -110.38 16.82 -21.10
CA GLU SA 150 -110.19 18.04 -21.86
C GLU SA 150 -109.56 17.76 -23.22
N ALA SA 151 -108.39 17.13 -23.24
CA ALA SA 151 -107.83 16.61 -24.47
C ALA SA 151 -108.24 15.16 -24.70
N PHE SA 152 -108.71 14.48 -23.66
CA PHE SA 152 -109.15 13.10 -23.75
C PHE SA 152 -110.65 12.96 -23.83
N ASP SA 153 -111.37 14.08 -24.01
CA ASP SA 153 -112.78 14.06 -24.37
C ASP SA 153 -113.02 14.95 -25.58
N PRO SA 154 -112.61 14.53 -26.77
CA PRO SA 154 -113.17 15.13 -27.98
C PRO SA 154 -114.63 14.77 -28.12
N LEU SA 155 -115.33 15.56 -28.94
CA LEU SA 155 -116.76 15.43 -29.24
C LEU SA 155 -117.64 15.78 -28.04
N GLY SA 156 -117.03 16.04 -26.88
CA GLY SA 156 -117.72 16.58 -25.72
C GLY SA 156 -118.89 15.76 -25.20
N LEU SA 157 -118.74 14.45 -25.10
CA LEU SA 157 -119.85 13.62 -24.63
C LEU SA 157 -120.10 13.78 -23.13
N ALA SA 158 -119.04 14.04 -22.36
CA ALA SA 158 -119.13 14.08 -20.90
C ALA SA 158 -119.38 15.48 -20.36
N ASP SA 159 -120.02 16.35 -21.14
CA ASP SA 159 -120.32 17.70 -20.68
C ASP SA 159 -121.61 17.77 -19.87
N ASP SA 160 -122.59 16.92 -20.17
CA ASP SA 160 -123.80 16.85 -19.37
C ASP SA 160 -123.54 15.99 -18.14
N PRO SA 161 -123.74 16.51 -16.92
CA PRO SA 161 -123.45 15.70 -15.72
C PRO SA 161 -124.28 14.42 -15.60
N GLU SA 162 -125.53 14.44 -16.04
CA GLU SA 162 -126.32 13.21 -16.05
C GLU SA 162 -125.76 12.21 -17.05
N ALA SA 163 -125.47 12.69 -18.26
CA ALA SA 163 -124.82 11.83 -19.26
C ALA SA 163 -123.44 11.39 -18.79
N PHE SA 164 -122.72 12.27 -18.09
CA PHE SA 164 -121.41 11.91 -17.55
C PHE SA 164 -121.54 10.77 -16.53
N ALA SA 165 -122.53 10.85 -15.64
CA ALA SA 165 -122.71 9.81 -14.64
C ALA SA 165 -123.09 8.47 -15.28
N GLU SA 166 -124.06 8.50 -16.20
CA GLU SA 166 -124.46 7.23 -16.83
C GLU SA 166 -123.35 6.67 -17.72
N LEU SA 167 -122.55 7.53 -18.34
CA LEU SA 167 -121.41 7.05 -19.11
C LEU SA 167 -120.32 6.48 -18.22
N LYS SA 168 -120.12 7.04 -17.03
CA LYS SA 168 -119.18 6.45 -16.08
C LYS SA 168 -119.64 5.06 -15.64
N VAL SA 169 -120.93 4.90 -15.37
CA VAL SA 169 -121.44 3.58 -15.02
C VAL SA 169 -121.30 2.61 -16.18
N LYS SA 170 -121.59 3.07 -17.41
CA LYS SA 170 -121.42 2.22 -18.58
C LYS SA 170 -119.97 1.82 -18.77
N GLU SA 171 -119.05 2.76 -18.56
CA GLU SA 171 -117.63 2.49 -18.70
C GLU SA 171 -117.17 1.45 -17.71
N ILE SA 172 -117.56 1.60 -16.43
CA ILE SA 172 -117.09 0.65 -15.44
C ILE SA 172 -117.74 -0.72 -15.63
N LYS SA 173 -119.01 -0.77 -16.05
CA LYS SA 173 -119.65 -2.06 -16.27
C LYS SA 173 -119.04 -2.79 -17.46
N ASN SA 174 -118.84 -2.07 -18.57
CA ASN SA 174 -118.18 -2.67 -19.73
C ASN SA 174 -116.74 -3.06 -19.43
N GLY SA 175 -116.05 -2.27 -18.60
CA GLY SA 175 -114.69 -2.62 -18.24
C GLY SA 175 -114.62 -3.85 -17.36
N ARG SA 176 -115.57 -4.00 -16.43
CA ARG SA 176 -115.62 -5.21 -15.62
C ARG SA 176 -115.96 -6.43 -16.48
N LEU SA 177 -116.86 -6.26 -17.44
CA LEU SA 177 -117.15 -7.36 -18.37
C LEU SA 177 -115.93 -7.72 -19.19
N ALA SA 178 -115.16 -6.71 -19.63
CA ALA SA 178 -113.96 -6.97 -20.41
C ALA SA 178 -112.86 -7.61 -19.55
N MET SA 179 -112.77 -7.21 -18.28
CA MET SA 179 -111.81 -7.85 -17.38
C MET SA 179 -112.17 -9.32 -17.16
N PHE SA 180 -113.45 -9.61 -16.96
CA PHE SA 180 -113.91 -10.99 -16.84
C PHE SA 180 -113.60 -11.77 -18.10
N ALA SA 181 -113.85 -11.17 -19.27
CA ALA SA 181 -113.57 -11.85 -20.53
C ALA SA 181 -112.07 -12.05 -20.75
N CYS SA 182 -111.24 -11.12 -20.31
CA CYS SA 182 -109.80 -11.28 -20.47
C CYS SA 182 -109.25 -12.37 -19.57
N LEU SA 183 -109.76 -12.46 -18.33
CA LEU SA 183 -109.41 -13.58 -17.47
C LEU SA 183 -109.88 -14.89 -18.09
N GLY SA 184 -111.06 -14.89 -18.68
CA GLY SA 184 -111.51 -16.06 -19.42
C GLY SA 184 -110.60 -16.41 -20.57
N PHE SA 185 -110.11 -15.40 -21.29
CA PHE SA 185 -109.16 -15.62 -22.37
C PHE SA 185 -107.89 -16.27 -21.86
N PHE SA 186 -107.36 -15.77 -20.75
CA PHE SA 186 -106.13 -16.31 -20.19
C PHE SA 186 -106.31 -17.77 -19.77
N VAL SA 187 -107.38 -18.05 -19.02
CA VAL SA 187 -107.59 -19.40 -18.51
C VAL SA 187 -107.92 -20.37 -19.65
N GLN SA 188 -108.71 -19.91 -20.64
CA GLN SA 188 -109.02 -20.75 -21.78
C GLN SA 188 -107.78 -21.05 -22.60
N ALA SA 189 -106.90 -20.07 -22.77
CA ALA SA 189 -105.64 -20.29 -23.46
C ALA SA 189 -104.81 -21.35 -22.74
N ILE SA 190 -104.66 -21.19 -21.42
CA ILE SA 190 -103.86 -22.12 -20.62
C ILE SA 190 -104.44 -23.52 -20.70
N VAL SA 191 -105.76 -23.65 -20.61
CA VAL SA 191 -106.39 -24.96 -20.54
C VAL SA 191 -106.43 -25.62 -21.91
N THR SA 192 -107.05 -24.96 -22.88
CA THR SA 192 -107.33 -25.59 -24.17
C THR SA 192 -106.17 -25.50 -25.15
N GLY SA 193 -105.37 -24.44 -25.11
CA GLY SA 193 -104.37 -24.27 -26.14
C GLY SA 193 -104.92 -23.84 -27.47
N LYS SA 194 -106.10 -23.22 -27.48
CA LYS SA 194 -106.76 -22.75 -28.70
C LYS SA 194 -107.26 -21.33 -28.48
N GLY SA 195 -107.48 -20.64 -29.60
CA GLY SA 195 -107.96 -19.28 -29.57
C GLY SA 195 -109.38 -19.18 -29.03
N PRO SA 196 -109.76 -18.01 -28.52
CA PRO SA 196 -111.11 -17.85 -27.98
C PRO SA 196 -112.21 -18.01 -29.03
N ILE SA 197 -111.97 -17.53 -30.26
CA ILE SA 197 -112.98 -17.62 -31.29
C ILE SA 197 -113.18 -19.07 -31.72
N GLU SA 198 -112.09 -19.82 -31.85
CA GLU SA 198 -112.25 -21.22 -32.22
C GLU SA 198 -112.79 -22.05 -31.06
N ASN SA 199 -112.53 -21.63 -29.81
CA ASN SA 199 -113.23 -22.22 -28.68
C ASN SA 199 -114.72 -22.00 -28.79
N LEU SA 200 -115.13 -20.77 -29.14
CA LEU SA 200 -116.55 -20.47 -29.29
C LEU SA 200 -117.18 -21.27 -30.43
N THR SA 201 -116.47 -21.42 -31.54
CA THR SA 201 -117.03 -22.14 -32.68
C THR SA 201 -117.13 -23.63 -32.38
N ASP SA 202 -116.15 -24.21 -31.68
CA ASP SA 202 -116.26 -25.60 -31.28
C ASP SA 202 -117.40 -25.80 -30.28
N HIS SA 203 -117.58 -24.85 -29.35
CA HIS SA 203 -118.67 -24.94 -28.40
C HIS SA 203 -120.02 -24.86 -29.10
N LEU SA 204 -120.15 -23.97 -30.08
CA LEU SA 204 -121.39 -23.90 -30.84
C LEU SA 204 -121.56 -25.10 -31.76
N ALA SA 205 -120.46 -25.78 -32.12
CA ALA SA 205 -120.56 -27.03 -32.84
C ALA SA 205 -121.17 -28.12 -31.97
N ASN SA 206 -120.75 -28.22 -30.71
CA ASN SA 206 -121.31 -29.19 -29.78
C ASN SA 206 -121.19 -28.67 -28.35
N PRO SA 207 -122.24 -28.04 -27.82
CA PRO SA 207 -122.15 -27.50 -26.45
C PRO SA 207 -121.99 -28.55 -25.36
N ALA SA 208 -122.39 -29.80 -25.61
CA ALA SA 208 -122.31 -30.83 -24.59
C ALA SA 208 -120.97 -31.55 -24.57
N GLU SA 209 -120.21 -31.52 -25.66
CA GLU SA 209 -118.94 -32.22 -25.74
C GLU SA 209 -117.77 -31.27 -26.00
N ASN SA 210 -117.99 -29.97 -25.98
CA ASN SA 210 -116.94 -28.99 -26.13
C ASN SA 210 -117.01 -27.96 -25.01
N ASN SA 211 -117.26 -28.42 -23.80
CA ASN SA 211 -117.26 -27.56 -22.63
C ASN SA 211 -115.99 -27.78 -21.81
N ALA SA 212 -115.82 -26.95 -20.79
CA ALA SA 212 -114.59 -26.97 -19.99
C ALA SA 212 -114.41 -28.30 -19.27
N PHE SA 213 -115.51 -29.00 -18.98
CA PHE SA 213 -115.39 -30.31 -18.33
C PHE SA 213 -114.71 -31.33 -19.21
N ALA SA 214 -114.71 -31.13 -20.54
CA ALA SA 214 -113.94 -31.97 -21.43
C ALA SA 214 -112.44 -31.92 -21.13
N TYR SA 215 -111.97 -30.85 -20.49
CA TYR SA 215 -110.59 -30.74 -20.03
C TYR SA 215 -110.48 -30.79 -18.52
N ALA SA 216 -111.47 -31.36 -17.83
CA ALA SA 216 -111.45 -31.35 -16.37
C ALA SA 216 -110.36 -32.24 -15.79
N THR SA 217 -109.82 -33.17 -16.56
CA THR SA 217 -108.76 -34.06 -16.08
C THR SA 217 -107.42 -33.78 -16.76
N LYS SA 218 -107.14 -32.51 -17.07
CA LYS SA 218 -105.92 -32.19 -17.79
C LYS SA 218 -104.74 -31.97 -16.86
N PHE SA 219 -104.94 -31.26 -15.75
CA PHE SA 219 -103.87 -30.96 -14.81
C PHE SA 219 -103.76 -31.98 -13.69
N THR SA 220 -104.30 -33.18 -13.88
CA THR SA 220 -104.32 -34.16 -12.80
C THR SA 220 -102.91 -34.66 -12.50
N PRO SA 221 -102.56 -34.81 -11.22
CA PRO SA 221 -101.23 -35.33 -10.88
C PRO SA 221 -101.12 -36.81 -11.22
N GLN SA 222 -99.92 -37.23 -11.59
CA GLN SA 222 -99.69 -38.59 -12.03
C GLN SA 222 -99.17 -39.45 -10.90
N GLU TA 1 -107.25 -18.40 29.87
CA GLU TA 1 -106.94 -19.20 28.69
C GLU TA 1 -107.87 -18.88 27.53
N PHE TA 2 -107.26 -18.62 26.37
CA PHE TA 2 -107.90 -18.36 25.08
C PHE TA 2 -108.70 -17.05 25.05
N TYR TA 3 -108.68 -16.27 26.12
CA TYR TA 3 -109.36 -14.98 26.14
C TYR TA 3 -108.60 -14.04 27.06
N GLY TA 4 -108.78 -12.74 26.83
CA GLY TA 4 -108.18 -11.73 27.66
C GLY TA 4 -106.68 -11.60 27.44
N PRO TA 5 -106.01 -10.88 28.34
CA PRO TA 5 -104.56 -10.69 28.18
C PRO TA 5 -103.74 -11.93 28.48
N ASP TA 6 -104.19 -12.79 29.40
CA ASP TA 6 -103.45 -14.00 29.75
C ASP TA 6 -103.93 -15.19 28.91
N ARG TA 7 -103.94 -15.02 27.60
CA ARG TA 7 -104.44 -16.04 26.69
C ARG TA 7 -103.29 -16.76 26.01
N ALA TA 8 -103.63 -17.86 25.34
CA ALA TA 8 -102.66 -18.62 24.57
C ALA TA 8 -102.21 -17.82 23.36
N LYS TA 9 -100.90 -17.88 23.06
CA LYS TA 9 -100.29 -17.06 22.04
C LYS TA 9 -99.56 -17.93 21.01
N PHE TA 10 -99.27 -17.33 19.86
CA PHE TA 10 -98.76 -18.05 18.71
C PHE TA 10 -97.24 -18.14 18.68
N LEU TA 11 -96.55 -17.62 19.68
CA LEU TA 11 -95.13 -17.87 19.86
C LEU TA 11 -94.79 -18.11 21.32
N GLY TA 12 -95.81 -18.41 22.14
CA GLY TA 12 -95.64 -18.70 23.54
C GLY TA 12 -94.94 -17.60 24.30
N PRO TA 13 -93.85 -17.96 24.98
CA PRO TA 13 -93.09 -16.97 25.75
C PRO TA 13 -92.49 -15.87 24.89
N PHE TA 14 -92.45 -16.05 23.57
CA PHE TA 14 -91.93 -15.04 22.66
C PHE TA 14 -92.98 -14.01 22.24
N SER TA 15 -94.24 -14.18 22.63
CA SER TA 15 -95.29 -13.26 22.22
C SER TA 15 -95.66 -12.24 23.29
N GLU TA 16 -94.93 -12.18 24.40
CA GLU TA 16 -95.36 -11.38 25.53
C GLU TA 16 -95.24 -9.88 25.29
N ASN TA 17 -94.56 -9.44 24.24
CA ASN TA 17 -94.36 -8.02 24.00
C ASN TA 17 -95.03 -7.54 22.72
N ASP TA 18 -94.72 -8.14 21.57
CA ASP TA 18 -95.22 -7.63 20.29
C ASP TA 18 -96.52 -8.30 19.87
N THR TA 19 -97.50 -8.26 20.74
CA THR TA 19 -98.85 -8.62 20.34
C THR TA 19 -99.57 -7.38 19.83
N PRO TA 20 -100.20 -7.44 18.66
CA PRO TA 20 -100.87 -6.26 18.11
C PRO TA 20 -101.95 -5.73 19.04
N GLU TA 21 -102.07 -4.40 19.09
CA GLU TA 21 -102.94 -3.76 20.08
C GLU TA 21 -104.42 -4.02 19.79
N TYR TA 22 -104.77 -4.29 18.54
CA TYR TA 22 -106.15 -4.58 18.19
C TYR TA 22 -106.54 -6.02 18.48
N LEU TA 23 -105.57 -6.90 18.71
CA LEU TA 23 -105.84 -8.29 19.09
C LEU TA 23 -105.85 -8.39 20.60
N THR TA 24 -106.96 -7.97 21.18
CA THR TA 24 -107.14 -7.94 22.63
C THR TA 24 -107.65 -9.27 23.19
N GLY TA 25 -107.80 -10.28 22.34
CA GLY TA 25 -108.30 -11.57 22.80
C GLY TA 25 -109.75 -11.57 23.22
N GLU TA 26 -110.60 -10.84 22.51
CA GLU TA 26 -112.04 -10.88 22.72
C GLU TA 26 -112.76 -11.66 21.63
N PHE TA 27 -112.02 -12.34 20.76
CA PHE TA 27 -112.58 -13.12 19.67
C PHE TA 27 -112.00 -14.52 19.69
N PRO TA 28 -112.75 -15.50 19.19
CA PRO TA 28 -112.23 -16.89 19.18
C PRO TA 28 -111.01 -17.02 18.29
N GLY TA 29 -110.07 -17.86 18.73
CA GLY TA 29 -108.87 -18.11 17.96
C GLY TA 29 -107.83 -17.03 18.02
N ASP TA 30 -108.01 -16.02 18.87
CA ASP TA 30 -107.04 -14.94 19.00
C ASP TA 30 -105.79 -15.43 19.70
N TYR TA 31 -104.80 -15.87 18.94
CA TYR TA 31 -103.47 -16.18 19.47
C TYR TA 31 -102.52 -15.01 19.33
N GLY TA 32 -103.02 -13.85 18.90
CA GLY TA 32 -102.18 -12.69 18.72
C GLY TA 32 -101.40 -12.66 17.41
N TRP TA 33 -101.75 -13.51 16.45
CA TRP TA 33 -100.99 -13.63 15.21
C TRP TA 33 -101.56 -12.67 14.17
N ASP TA 34 -100.95 -11.48 14.08
CA ASP TA 34 -101.13 -10.61 12.92
C ASP TA 34 -99.81 -9.85 12.76
N THR TA 35 -98.91 -10.42 11.96
CA THR TA 35 -97.58 -9.85 11.79
C THR TA 35 -97.50 -8.92 10.60
N ALA TA 36 -98.33 -9.14 9.58
CA ALA TA 36 -98.34 -8.30 8.40
C ALA TA 36 -99.39 -7.21 8.47
N GLY TA 37 -100.17 -7.15 9.55
CA GLY TA 37 -101.14 -6.08 9.74
C GLY TA 37 -102.29 -6.06 8.77
N LEU TA 38 -102.78 -7.23 8.35
CA LEU TA 38 -103.94 -7.26 7.46
C LEU TA 38 -105.22 -6.87 8.17
N SER TA 39 -105.25 -6.93 9.49
CA SER TA 39 -106.46 -6.66 10.26
C SER TA 39 -106.27 -5.51 11.24
N ALA TA 40 -105.43 -4.53 10.90
CA ALA TA 40 -105.35 -3.32 11.69
C ALA TA 40 -106.66 -2.55 11.66
N ASP TA 41 -107.35 -2.56 10.53
CA ASP TA 41 -108.66 -1.93 10.43
C ASP TA 41 -109.72 -2.81 11.06
N PRO TA 42 -110.61 -2.27 11.90
CA PRO TA 42 -111.63 -3.11 12.54
C PRO TA 42 -112.63 -3.74 11.58
N GLN TA 43 -113.09 -2.99 10.57
CA GLN TA 43 -114.03 -3.55 9.60
C GLN TA 43 -113.38 -4.67 8.80
N THR TA 44 -112.14 -4.47 8.39
CA THR TA 44 -111.40 -5.51 7.68
C THR TA 44 -111.17 -6.72 8.58
N PHE TA 45 -110.91 -6.48 9.86
CA PHE TA 45 -110.77 -7.59 10.82
C PHE TA 45 -112.07 -8.37 10.95
N ALA TA 46 -113.20 -7.69 11.01
CA ALA TA 46 -114.48 -8.38 11.11
C ALA TA 46 -114.77 -9.20 9.86
N ARG TA 47 -114.51 -8.63 8.68
CA ARG TA 47 -114.74 -9.38 7.45
C ARG TA 47 -113.79 -10.56 7.34
N TYR TA 48 -112.54 -10.39 7.79
CA TYR TA 48 -111.59 -11.49 7.79
C TYR TA 48 -111.99 -12.57 8.77
N ARG TA 49 -112.58 -12.20 9.91
CA ARG TA 49 -113.07 -13.20 10.84
C ARG TA 49 -114.22 -14.00 10.23
N GLU TA 50 -115.12 -13.32 9.52
CA GLU TA 50 -116.19 -14.02 8.81
C GLU TA 50 -115.63 -14.97 7.76
N ILE TA 51 -114.67 -14.50 6.97
CA ILE TA 51 -114.07 -15.31 5.91
C ILE TA 51 -113.35 -16.51 6.52
N GLU TA 52 -112.61 -16.30 7.61
CA GLU TA 52 -111.87 -17.37 8.24
C GLU TA 52 -112.79 -18.40 8.86
N LEU TA 53 -113.90 -17.98 9.46
CA LEU TA 53 -114.83 -18.95 10.04
C LEU TA 53 -115.53 -19.77 8.96
N ILE TA 54 -115.95 -19.11 7.87
CA ILE TA 54 -116.57 -19.83 6.77
C ILE TA 54 -115.58 -20.81 6.15
N HIS TA 55 -114.33 -20.38 5.97
CA HIS TA 55 -113.28 -21.25 5.46
C HIS TA 55 -113.01 -22.41 6.40
N ALA TA 56 -113.04 -22.13 7.71
CA ALA TA 56 -112.78 -23.18 8.70
C ALA TA 56 -113.85 -24.25 8.64
N ARG TA 57 -115.11 -23.86 8.56
CA ARG TA 57 -116.18 -24.84 8.49
C ARG TA 57 -116.15 -25.62 7.18
N TRP TA 58 -115.89 -24.92 6.06
CA TRP TA 58 -115.75 -25.60 4.78
C TRP TA 58 -114.59 -26.57 4.80
N ALA TA 59 -113.50 -26.21 5.47
CA ALA TA 59 -112.34 -27.09 5.54
C ALA TA 59 -112.56 -28.26 6.48
N LEU TA 60 -113.35 -28.08 7.54
CA LEU TA 60 -113.71 -29.22 8.38
C LEU TA 60 -114.50 -30.24 7.56
N LEU TA 61 -115.51 -29.76 6.84
CA LEU TA 61 -116.29 -30.65 5.98
C LEU TA 61 -115.43 -31.28 4.90
N GLY TA 62 -114.54 -30.50 4.28
CA GLY TA 62 -113.70 -31.02 3.22
C GLY TA 62 -112.66 -32.01 3.71
N ALA TA 63 -112.05 -31.73 4.87
CA ALA TA 63 -111.07 -32.65 5.42
C ALA TA 63 -111.70 -33.95 5.86
N LEU TA 64 -112.96 -33.90 6.33
CA LEU TA 64 -113.65 -35.16 6.57
C LEU TA 64 -113.99 -35.87 5.27
N GLY TA 65 -114.40 -35.11 4.24
CA GLY TA 65 -114.83 -35.73 3.00
C GLY TA 65 -113.73 -36.19 2.08
N ILE TA 66 -112.50 -35.77 2.32
CA ILE TA 66 -111.36 -36.27 1.56
C ILE TA 66 -110.91 -37.61 2.11
N LEU TA 67 -110.92 -37.75 3.43
CA LEU TA 67 -110.37 -38.95 4.06
C LEU TA 67 -111.31 -40.14 3.98
N THR TA 68 -112.60 -39.93 4.27
CA THR TA 68 -113.52 -41.05 4.43
C THR TA 68 -113.69 -41.96 3.21
N PRO TA 69 -113.86 -41.49 1.97
CA PRO TA 69 -114.01 -42.43 0.86
C PRO TA 69 -112.74 -43.19 0.51
N GLU TA 70 -111.63 -42.91 1.17
CA GLU TA 70 -110.38 -43.66 1.01
C GLU TA 70 -110.10 -44.56 2.20
N LEU TA 71 -110.39 -44.08 3.41
CA LEU TA 71 -110.32 -44.93 4.58
C LEU TA 71 -111.32 -46.09 4.49
N LEU TA 72 -112.54 -45.81 4.02
CA LEU TA 72 -113.51 -46.88 3.83
C LEU TA 72 -113.09 -47.80 2.69
N SER TA 73 -112.43 -47.27 1.68
CA SER TA 73 -112.01 -48.11 0.55
C SER TA 73 -110.90 -49.06 0.95
N GLN TA 74 -109.92 -48.58 1.72
CA GLN TA 74 -108.80 -49.45 2.09
C GLN TA 74 -109.17 -50.36 3.25
N TYR TA 75 -109.67 -49.79 4.34
CA TYR TA 75 -109.88 -50.55 5.57
C TYR TA 75 -111.23 -51.26 5.58
N ALA TA 76 -112.32 -50.51 5.39
CA ALA TA 76 -113.65 -51.11 5.43
C ALA TA 76 -113.96 -51.94 4.19
N GLY TA 77 -113.12 -51.91 3.16
CA GLY TA 77 -113.33 -52.71 1.99
C GLY TA 77 -114.42 -52.23 1.06
N VAL TA 78 -114.90 -51.01 1.24
CA VAL TA 78 -115.91 -50.46 0.34
C VAL TA 78 -115.31 -50.24 -1.04
N GLN TA 79 -116.06 -50.60 -2.07
CA GLN TA 79 -115.58 -50.54 -3.45
C GLN TA 79 -116.17 -49.31 -4.12
N PHE TA 80 -115.46 -48.20 -4.04
CA PHE TA 80 -115.85 -46.99 -4.76
C PHE TA 80 -115.37 -47.08 -6.20
N GLY TA 81 -115.94 -46.22 -7.05
CA GLY TA 81 -115.39 -46.05 -8.38
C GLY TA 81 -113.98 -45.48 -8.34
N GLU TA 82 -113.75 -44.51 -7.46
CA GLU TA 82 -112.42 -43.97 -7.23
C GLU TA 82 -112.32 -43.40 -5.82
N PRO TA 83 -111.54 -44.02 -4.93
CA PRO TA 83 -111.38 -43.47 -3.59
C PRO TA 83 -110.57 -42.20 -3.55
N VAL TA 84 -109.67 -42.01 -4.51
CA VAL TA 84 -108.73 -40.90 -4.49
C VAL TA 84 -109.49 -39.61 -4.78
N TRP TA 85 -109.43 -38.67 -3.83
CA TRP TA 85 -110.32 -37.51 -3.85
C TRP TA 85 -110.09 -36.65 -5.09
N PHE TA 86 -108.83 -36.41 -5.45
CA PHE TA 86 -108.56 -35.57 -6.61
C PHE TA 86 -108.80 -36.29 -7.92
N LYS TA 87 -109.04 -37.60 -7.88
CA LYS TA 87 -109.53 -38.33 -9.04
C LYS TA 87 -111.02 -38.66 -8.91
N ALA TA 88 -111.71 -38.03 -7.96
CA ALA TA 88 -113.09 -38.39 -7.69
C ALA TA 88 -114.03 -37.88 -8.78
N GLY TA 89 -113.98 -36.58 -9.07
CA GLY TA 89 -114.96 -35.95 -9.94
C GLY TA 89 -114.97 -36.50 -11.35
N ALA TA 90 -113.92 -37.20 -11.76
CA ALA TA 90 -113.87 -37.78 -13.10
C ALA TA 90 -114.81 -38.97 -13.27
N GLN TA 91 -115.28 -39.56 -12.16
CA GLN TA 91 -116.12 -40.77 -12.27
C GLN TA 91 -117.40 -40.52 -13.06
N ILE TA 92 -117.91 -39.29 -13.00
CA ILE TA 92 -119.16 -38.95 -13.67
C ILE TA 92 -119.01 -39.01 -15.18
N PHE TA 93 -117.78 -39.02 -15.69
CA PHE TA 93 -117.52 -39.15 -17.11
C PHE TA 93 -117.36 -40.60 -17.56
N ALA TA 94 -117.44 -41.56 -16.65
CA ALA TA 94 -117.16 -42.95 -17.00
C ALA TA 94 -118.19 -43.88 -16.41
N ALA TA 95 -118.71 -44.79 -17.24
CA ALA TA 95 -119.53 -45.94 -16.84
C ALA TA 95 -120.79 -45.46 -16.15
N GLY TA 96 -121.02 -45.78 -14.89
CA GLY TA 96 -122.26 -45.44 -14.22
C GLY TA 96 -122.18 -44.18 -13.38
N GLY TA 97 -121.21 -43.32 -13.68
CA GLY TA 97 -121.09 -42.06 -12.98
C GLY TA 97 -120.73 -42.26 -11.52
N LEU TA 98 -121.42 -41.52 -10.65
CA LEU TA 98 -121.16 -41.53 -9.22
C LEU TA 98 -122.20 -42.35 -8.48
N ASN TA 99 -121.74 -43.09 -7.48
CA ASN TA 99 -122.60 -43.89 -6.62
C ASN TA 99 -122.13 -43.70 -5.19
N TYR TA 100 -123.07 -43.39 -4.29
CA TYR TA 100 -122.72 -42.82 -3.00
C TYR TA 100 -121.91 -43.76 -2.11
N LEU TA 101 -121.91 -45.06 -2.40
CA LEU TA 101 -120.99 -45.95 -1.69
C LEU TA 101 -120.43 -47.02 -2.62
N GLY TA 102 -120.44 -46.78 -3.93
CA GLY TA 102 -120.11 -47.78 -4.90
C GLY TA 102 -121.29 -48.61 -5.37
N ASN TA 103 -122.39 -48.59 -4.63
CA ASN TA 103 -123.58 -49.35 -5.01
C ASN TA 103 -124.33 -48.63 -6.11
N GLU TA 104 -124.65 -49.36 -7.18
CA GLU TA 104 -125.15 -48.75 -8.41
C GLU TA 104 -126.47 -48.02 -8.20
N SER TA 105 -127.37 -48.60 -7.41
CA SER TA 105 -128.69 -48.02 -7.23
C SER TA 105 -128.72 -46.84 -6.27
N LEU TA 106 -127.56 -46.29 -5.89
CA LEU TA 106 -127.53 -45.21 -4.91
C LEU TA 106 -127.71 -43.84 -5.56
N ILE TA 107 -126.84 -43.46 -6.48
CA ILE TA 107 -127.01 -42.17 -7.14
C ILE TA 107 -127.10 -42.35 -8.64
N HIS TA 108 -126.04 -42.87 -9.26
CA HIS TA 108 -125.97 -43.10 -10.70
C HIS TA 108 -126.24 -41.81 -11.48
N ALA TA 109 -125.48 -40.77 -11.14
CA ALA TA 109 -125.58 -39.48 -11.83
C ALA TA 109 -124.66 -39.49 -13.05
N GLN TA 110 -125.19 -39.03 -14.18
CA GLN TA 110 -124.43 -39.02 -15.43
C GLN TA 110 -124.29 -37.65 -16.06
N SER TA 111 -124.92 -36.62 -15.50
CA SER TA 111 -124.92 -35.28 -16.10
C SER TA 111 -124.18 -34.32 -15.18
N ILE TA 112 -122.94 -34.01 -15.54
CA ILE TA 112 -122.17 -33.01 -14.81
C ILE TA 112 -122.83 -31.65 -14.94
N ILE TA 113 -123.43 -31.36 -16.10
CA ILE TA 113 -124.14 -30.10 -16.29
C ILE TA 113 -125.32 -29.99 -15.34
N ALA TA 114 -126.09 -31.08 -15.20
CA ALA TA 114 -127.25 -31.04 -14.31
C ALA TA 114 -126.85 -30.93 -12.85
N THR TA 115 -125.85 -31.71 -12.42
CA THR TA 115 -125.45 -31.61 -11.02
C THR TA 115 -124.81 -30.25 -10.72
N LEU TA 116 -124.08 -29.69 -11.67
CA LEU TA 116 -123.52 -28.36 -11.49
C LEU TA 116 -124.61 -27.31 -11.39
N ALA TA 117 -125.63 -27.41 -12.25
CA ALA TA 117 -126.73 -26.44 -12.20
C ALA TA 117 -127.49 -26.53 -10.89
N VAL TA 118 -127.76 -27.76 -10.42
CA VAL TA 118 -128.47 -27.93 -9.16
C VAL TA 118 -127.65 -27.36 -8.01
N GLN TA 119 -126.35 -27.64 -7.98
CA GLN TA 119 -125.49 -27.10 -6.94
C GLN TA 119 -125.43 -25.59 -6.99
N VAL TA 120 -125.32 -25.01 -8.20
CA VAL TA 120 -125.27 -23.56 -8.33
C VAL TA 120 -126.53 -22.92 -7.80
N VAL TA 121 -127.70 -23.49 -8.13
CA VAL TA 121 -128.95 -22.92 -7.67
C VAL TA 121 -129.06 -23.00 -6.14
N LEU TA 122 -128.83 -24.19 -5.58
CA LEU TA 122 -129.01 -24.38 -4.14
C LEU TA 122 -127.98 -23.56 -3.36
N MET TA 123 -126.71 -23.62 -3.76
CA MET TA 123 -125.67 -22.90 -3.05
C MET TA 123 -125.81 -21.40 -3.22
N GLY TA 124 -126.27 -20.93 -4.39
CA GLY TA 124 -126.49 -19.51 -4.57
C GLY TA 124 -127.58 -18.98 -3.66
N LEU TA 125 -128.70 -19.71 -3.58
CA LEU TA 125 -129.76 -19.29 -2.67
C LEU TA 125 -129.28 -19.34 -1.22
N ALA TA 126 -128.57 -20.39 -0.84
CA ALA TA 126 -128.11 -20.52 0.54
C ALA TA 126 -127.12 -19.43 0.92
N GLU TA 127 -126.16 -19.13 0.04
CA GLU TA 127 -125.17 -18.11 0.33
C GLU TA 127 -125.77 -16.72 0.26
N ALA TA 128 -126.75 -16.49 -0.62
CA ALA TA 128 -127.47 -15.22 -0.62
C ALA TA 128 -128.21 -15.02 0.69
N TYR TA 129 -128.85 -16.08 1.21
CA TYR TA 129 -129.50 -15.99 2.50
C TYR TA 129 -128.51 -15.71 3.62
N ARG TA 130 -127.36 -16.40 3.59
CA ARG TA 130 -126.35 -16.18 4.62
C ARG TA 130 -125.81 -14.75 4.58
N ALA TA 131 -125.55 -14.23 3.39
CA ALA TA 131 -125.04 -12.87 3.25
C ALA TA 131 -126.09 -11.85 3.70
N ASN TA 132 -127.32 -11.99 3.22
CA ASN TA 132 -128.37 -11.03 3.55
C ASN TA 132 -128.80 -11.13 5.00
N GLY TA 133 -128.52 -12.24 5.67
CA GLY TA 133 -129.08 -12.45 6.99
C GLY TA 133 -130.49 -12.99 6.97
N GLY TA 134 -130.91 -13.60 5.86
CA GLY TA 134 -132.25 -14.14 5.74
C GLY TA 134 -133.20 -13.19 5.04
N SER TA 135 -134.40 -13.70 4.78
CA SER TA 135 -135.44 -12.92 4.11
C SER TA 135 -136.18 -12.04 5.11
N GLU TA 136 -137.34 -11.53 4.70
CA GLU TA 136 -138.08 -10.57 5.52
C GLU TA 136 -138.56 -11.19 6.83
N GLY TA 137 -138.77 -12.51 6.86
CA GLY TA 137 -139.27 -13.14 8.08
C GLY TA 137 -138.63 -14.45 8.43
N PHE TA 138 -137.75 -14.95 7.55
CA PHE TA 138 -137.08 -16.23 7.78
C PHE TA 138 -135.67 -15.97 8.28
N LEU TA 139 -135.47 -16.19 9.58
CA LEU TA 139 -134.14 -16.15 10.22
C LEU TA 139 -133.50 -14.77 10.07
N ASP TA 140 -134.32 -13.73 10.15
CA ASP TA 140 -133.86 -12.37 9.86
C ASP TA 140 -133.02 -11.79 11.00
N ASP TA 141 -133.40 -12.04 12.25
CA ASP TA 141 -132.78 -11.39 13.40
C ASP TA 141 -131.70 -12.24 14.05
N LEU TA 142 -131.01 -13.08 13.28
CA LEU TA 142 -129.95 -13.92 13.81
C LEU TA 142 -128.61 -13.22 13.67
N ASP TA 143 -127.55 -13.91 14.09
CA ASP TA 143 -126.19 -13.39 14.00
C ASP TA 143 -125.54 -13.91 12.72
N THR TA 144 -124.71 -13.06 12.11
CA THR TA 144 -124.14 -13.38 10.80
C THR TA 144 -123.22 -14.60 10.87
N LEU TA 145 -122.38 -14.67 11.89
CA LEU TA 145 -121.42 -15.78 12.00
C LEU TA 145 -121.97 -16.94 12.81
N TYR TA 146 -122.76 -16.67 13.83
CA TYR TA 146 -123.30 -17.69 14.73
C TYR TA 146 -124.81 -17.51 14.80
N PRO TA 147 -125.55 -17.98 13.78
CA PRO TA 147 -126.98 -17.71 13.73
C PRO TA 147 -127.77 -18.33 14.87
N GLY TA 148 -127.68 -19.65 15.03
CA GLY TA 148 -128.38 -20.33 16.11
C GLY TA 148 -129.87 -20.41 15.94
N GLY TA 149 -130.51 -21.25 16.76
CA GLY TA 149 -131.96 -21.42 16.65
C GLY TA 149 -132.39 -22.38 15.59
N ALA TA 150 -132.02 -22.11 14.33
CA ALA TA 150 -132.33 -23.00 13.23
C ALA TA 150 -131.15 -23.89 12.83
N PHE TA 151 -129.93 -23.43 13.04
CA PHE TA 151 -128.74 -24.22 12.74
C PHE TA 151 -128.12 -24.82 13.98
N ASP TA 152 -128.77 -24.68 15.13
CA ASP TA 152 -128.38 -25.35 16.37
C ASP TA 152 -129.60 -26.05 16.95
N PRO TA 153 -130.05 -27.15 16.34
CA PRO TA 153 -131.22 -27.86 16.89
C PRO TA 153 -130.95 -28.50 18.25
N LEU TA 154 -129.70 -28.84 18.55
CA LEU TA 154 -129.35 -29.46 19.81
C LEU TA 154 -129.08 -28.44 20.91
N GLY TA 155 -129.07 -27.16 20.58
CA GLY TA 155 -129.01 -26.11 21.60
C GLY TA 155 -127.73 -26.07 22.42
N LEU TA 156 -126.58 -26.29 21.78
CA LEU TA 156 -125.31 -26.15 22.48
C LEU TA 156 -124.86 -24.70 22.60
N ALA TA 157 -125.55 -23.76 21.96
CA ALA TA 157 -125.17 -22.36 22.00
C ALA TA 157 -125.49 -21.68 23.33
N ASP TA 158 -126.25 -22.33 24.20
CA ASP TA 158 -126.56 -21.76 25.51
C ASP TA 158 -125.31 -21.84 26.40
N ASP TA 159 -125.47 -21.35 27.66
CA ASP TA 159 -124.39 -21.28 28.64
C ASP TA 159 -123.20 -20.53 28.07
N PRO TA 160 -123.25 -19.18 28.03
CA PRO TA 160 -122.27 -18.36 27.30
C PRO TA 160 -120.79 -18.73 27.43
N ASP TA 161 -120.32 -19.16 28.60
CA ASP TA 161 -118.90 -19.56 28.68
C ASP TA 161 -118.66 -20.88 27.98
N THR TA 162 -119.62 -21.81 28.06
CA THR TA 162 -119.54 -23.03 27.25
C THR TA 162 -119.60 -22.71 25.78
N PHE TA 163 -120.42 -21.72 25.41
CA PHE TA 163 -120.48 -21.26 24.03
C PHE TA 163 -119.14 -20.70 23.57
N ALA TA 164 -118.47 -19.92 24.43
CA ALA TA 164 -117.19 -19.33 24.08
C ALA TA 164 -116.11 -20.39 23.91
N GLU TA 165 -116.04 -21.36 24.84
CA GLU TA 165 -115.04 -22.41 24.69
C GLU TA 165 -115.36 -23.33 23.51
N LEU TA 166 -116.64 -23.49 23.17
CA LEU TA 166 -117.01 -24.21 21.97
C LEU TA 166 -116.61 -23.45 20.71
N LYS TA 167 -116.70 -22.12 20.75
CA LYS TA 167 -116.20 -21.30 19.65
C LYS TA 167 -114.70 -21.49 19.47
N VAL TA 168 -113.96 -21.52 20.58
CA VAL TA 168 -112.52 -21.74 20.51
C VAL TA 168 -112.22 -23.12 19.94
N LYS TA 169 -112.98 -24.14 20.37
CA LYS TA 169 -112.82 -25.48 19.83
C LYS TA 169 -113.09 -25.50 18.33
N GLU TA 170 -114.16 -24.84 17.90
CA GLU TA 170 -114.52 -24.82 16.48
C GLU TA 170 -113.45 -24.14 15.65
N ILE TA 171 -112.93 -23.00 16.11
CA ILE TA 171 -111.98 -22.27 15.31
C ILE TA 171 -110.62 -23.00 15.28
N LYS TA 172 -110.23 -23.63 16.39
CA LYS TA 172 -108.97 -24.37 16.38
C LYS TA 172 -109.07 -25.61 15.50
N ASN TA 173 -110.20 -26.31 15.57
CA ASN TA 173 -110.42 -27.46 14.69
C ASN TA 173 -110.45 -27.03 13.23
N GLY TA 174 -111.08 -25.89 12.95
CA GLY TA 174 -111.14 -25.41 11.58
C GLY TA 174 -109.80 -24.98 11.04
N ARG TA 175 -108.96 -24.37 11.88
CA ARG TA 175 -107.61 -24.02 11.46
C ARG TA 175 -106.77 -25.27 11.22
N LEU TA 176 -106.94 -26.29 12.06
CA LEU TA 176 -106.28 -27.56 11.82
C LEU TA 176 -106.75 -28.18 10.50
N ALA TA 177 -108.05 -28.07 10.22
CA ALA TA 177 -108.58 -28.63 8.99
C ALA TA 177 -108.12 -27.85 7.76
N MET TA 178 -107.98 -26.53 7.88
CA MET TA 178 -107.44 -25.74 6.78
C MET TA 178 -105.99 -26.09 6.50
N PHE TA 179 -105.19 -26.24 7.56
CA PHE TA 179 -103.81 -26.68 7.40
C PHE TA 179 -103.75 -28.06 6.76
N SER TA 180 -104.61 -28.97 7.19
CA SER TA 180 -104.62 -30.31 6.64
C SER TA 180 -105.11 -30.34 5.20
N CYS TA 181 -106.04 -29.45 4.83
CA CYS TA 181 -106.49 -29.40 3.45
C CYS TA 181 -105.42 -28.83 2.54
N LEU TA 182 -104.68 -27.83 3.01
CA LEU TA 182 -103.52 -27.36 2.26
C LEU TA 182 -102.50 -28.49 2.10
N GLY TA 183 -102.30 -29.28 3.14
CA GLY TA 183 -101.45 -30.45 3.04
C GLY TA 183 -101.97 -31.46 2.03
N PHE TA 184 -103.28 -31.68 2.00
CA PHE TA 184 -103.89 -32.57 1.02
C PHE TA 184 -103.59 -32.09 -0.39
N PHE TA 185 -103.78 -30.79 -0.62
CA PHE TA 185 -103.54 -30.22 -1.96
C PHE TA 185 -102.09 -30.38 -2.38
N VAL TA 186 -101.17 -30.02 -1.49
CA VAL TA 186 -99.75 -30.04 -1.83
C VAL TA 186 -99.26 -31.48 -2.02
N GLN TA 187 -99.70 -32.40 -1.14
CA GLN TA 187 -99.34 -33.80 -1.29
C GLN TA 187 -99.87 -34.37 -2.59
N ALA TA 188 -101.11 -34.02 -2.95
CA ALA TA 188 -101.66 -34.47 -4.22
C ALA TA 188 -100.81 -33.98 -5.38
N ILE TA 189 -100.44 -32.70 -5.36
CA ILE TA 189 -99.66 -32.13 -6.45
C ILE TA 189 -98.30 -32.79 -6.56
N VAL TA 190 -97.63 -33.02 -5.42
CA VAL TA 190 -96.25 -33.50 -5.47
C VAL TA 190 -96.11 -35.01 -5.52
N THR TA 191 -97.19 -35.76 -5.28
CA THR TA 191 -97.09 -37.22 -5.28
C THR TA 191 -97.99 -37.91 -6.29
N GLY TA 192 -99.16 -37.36 -6.60
CA GLY TA 192 -100.09 -38.09 -7.42
C GLY TA 192 -100.76 -39.24 -6.71
N LYS TA 193 -100.69 -39.29 -5.38
CA LYS TA 193 -101.27 -40.36 -4.60
C LYS TA 193 -102.19 -39.77 -3.54
N GLY TA 194 -103.03 -40.62 -2.97
CA GLY TA 194 -104.00 -40.19 -2.01
C GLY TA 194 -103.39 -39.83 -0.67
N PRO TA 195 -104.17 -39.18 0.19
CA PRO TA 195 -103.65 -38.85 1.53
C PRO TA 195 -103.33 -40.06 2.38
N VAL TA 196 -104.26 -41.02 2.52
CA VAL TA 196 -103.94 -42.19 3.33
C VAL TA 196 -102.98 -43.12 2.61
N GLN TA 197 -102.93 -43.06 1.28
CA GLN TA 197 -101.87 -43.75 0.55
C GLN TA 197 -100.51 -43.18 0.90
N ASN TA 198 -100.40 -41.86 0.97
CA ASN TA 198 -99.16 -41.22 1.40
C ASN TA 198 -98.84 -41.59 2.85
N LEU TA 199 -99.86 -41.65 3.70
CA LEU TA 199 -99.65 -42.04 5.09
C LEU TA 199 -99.13 -43.46 5.22
N THR TA 200 -99.69 -44.38 4.43
CA THR TA 200 -99.21 -45.76 4.43
C THR TA 200 -97.78 -45.84 3.91
N ASP TA 201 -97.48 -45.11 2.83
CA ASP TA 201 -96.14 -45.08 2.28
C ASP TA 201 -95.14 -44.53 3.30
N HIS TA 202 -95.55 -43.56 4.09
CA HIS TA 202 -94.66 -43.01 5.11
C HIS TA 202 -94.50 -43.97 6.27
N LEU TA 203 -95.59 -44.61 6.71
CA LEU TA 203 -95.50 -45.54 7.82
C LEU TA 203 -94.65 -46.75 7.48
N ALA TA 204 -94.56 -47.10 6.20
CA ALA TA 204 -93.60 -48.11 5.75
C ALA TA 204 -92.29 -47.42 5.40
N ASP TA 205 -91.29 -47.55 6.29
CA ASP TA 205 -89.96 -46.94 6.16
C ASP TA 205 -90.03 -45.43 6.05
N PRO TA 206 -90.28 -44.72 7.16
CA PRO TA 206 -90.37 -43.26 7.10
C PRO TA 206 -89.07 -42.56 6.70
N THR TA 207 -87.92 -43.23 6.81
CA THR TA 207 -86.64 -42.58 6.53
C THR TA 207 -86.52 -42.22 5.05
N VAL TA 208 -86.96 -43.09 4.15
CA VAL TA 208 -86.80 -42.84 2.72
C VAL TA 208 -88.09 -42.25 2.16
N ASN TA 209 -89.23 -42.57 2.77
CA ASN TA 209 -90.53 -42.10 2.28
C ASN TA 209 -90.92 -40.85 3.05
N ASN TA 210 -90.31 -39.74 2.67
CA ASN TA 210 -90.62 -38.44 3.23
C ASN TA 210 -90.77 -37.43 2.10
N ALA TA 211 -91.24 -36.23 2.46
CA ALA TA 211 -91.47 -35.19 1.46
C ALA TA 211 -90.17 -34.78 0.76
N PHE TA 212 -89.04 -34.86 1.46
CA PHE TA 212 -87.77 -34.54 0.84
C PHE TA 212 -87.40 -35.53 -0.27
N ALA TA 213 -87.93 -36.75 -0.23
CA ALA TA 213 -87.75 -37.68 -1.33
C ALA TA 213 -88.38 -37.17 -2.61
N SER TA 214 -89.38 -36.29 -2.50
CA SER TA 214 -89.99 -35.63 -3.64
C SER TA 214 -89.47 -34.20 -3.82
N ALA TA 215 -88.34 -33.88 -3.19
CA ALA TA 215 -87.82 -32.51 -3.25
C ALA TA 215 -87.27 -32.14 -4.63
N THR TA 216 -86.87 -33.13 -5.43
CA THR TA 216 -86.28 -32.86 -6.74
C THR TA 216 -87.25 -33.07 -7.89
N LYS TA 217 -88.55 -33.19 -7.60
CA LYS TA 217 -89.51 -33.49 -8.66
C LYS TA 217 -89.73 -32.29 -9.57
N PHE TA 218 -89.87 -31.10 -8.99
CA PHE TA 218 -90.14 -29.89 -9.78
C PHE TA 218 -88.84 -29.14 -10.08
N THR TA 219 -87.89 -29.83 -10.70
CA THR TA 219 -86.60 -29.23 -11.00
C THR TA 219 -86.55 -28.82 -12.47
N PRO TA 220 -86.31 -27.56 -12.78
CA PRO TA 220 -86.26 -27.14 -14.19
C PRO TA 220 -85.06 -27.73 -14.91
N GLY TA 221 -85.23 -27.96 -16.21
CA GLY TA 221 -84.19 -28.56 -17.02
C GLY TA 221 -83.46 -27.57 -17.91
N SER UA 1 38.85 65.18 -19.53
CA SER UA 1 38.06 66.12 -18.74
C SER UA 1 36.60 65.68 -18.68
N LEU UA 2 36.26 64.90 -17.67
CA LEU UA 2 34.89 64.43 -17.45
C LEU UA 2 34.39 64.97 -16.11
N SER UA 3 33.07 65.15 -16.02
CA SER UA 3 32.48 65.75 -14.83
C SER UA 3 32.65 64.85 -13.61
N TYR UA 4 32.42 63.55 -13.78
CA TYR UA 4 32.47 62.62 -12.66
C TYR UA 4 33.88 62.15 -12.33
N LEU UA 5 34.83 62.28 -13.27
CA LEU UA 5 36.24 62.04 -13.00
C LEU UA 5 36.87 63.36 -12.59
N ASP UA 6 37.00 63.57 -11.28
CA ASP UA 6 37.54 64.82 -10.74
C ASP UA 6 39.01 64.74 -10.39
N GLY UA 7 39.67 63.61 -10.67
CA GLY UA 7 41.08 63.45 -10.40
C GLY UA 7 41.43 63.05 -8.99
N HIS UA 8 40.45 62.92 -8.10
CA HIS UA 8 40.74 62.55 -6.72
C HIS UA 8 41.09 61.07 -6.56
N LEU UA 9 40.90 60.26 -7.60
CA LEU UA 9 41.24 58.86 -7.49
C LEU UA 9 42.67 58.60 -7.96
N PRO UA 10 43.30 57.56 -7.43
CA PRO UA 10 44.58 57.11 -7.99
C PRO UA 10 44.40 56.62 -9.42
N GLY UA 11 45.51 56.58 -10.15
CA GLY UA 11 45.45 56.36 -11.58
C GLY UA 11 44.85 57.59 -12.22
N ASP UA 12 43.63 57.45 -12.74
CA ASP UA 12 42.79 58.56 -13.18
C ASP UA 12 43.47 59.40 -14.26
N MET UA 13 43.75 58.77 -15.39
CA MET UA 13 44.28 59.50 -16.54
C MET UA 13 43.16 59.98 -17.46
N GLY UA 14 42.13 60.57 -16.86
CA GLY UA 14 41.04 61.19 -17.61
C GLY UA 14 40.38 60.32 -18.65
N PHE UA 15 40.18 59.03 -18.33
CA PHE UA 15 39.80 58.05 -19.34
C PHE UA 15 38.45 57.43 -18.98
N ASP UA 16 37.44 57.74 -19.80
CA ASP UA 16 36.16 57.04 -19.81
C ASP UA 16 35.45 57.37 -21.13
N PRO UA 17 35.82 56.70 -22.23
CA PRO UA 17 35.14 56.99 -23.51
C PRO UA 17 33.64 56.74 -23.48
N LEU UA 18 33.21 55.71 -22.75
CA LEU UA 18 31.79 55.47 -22.53
C LEU UA 18 31.36 56.19 -21.26
N HIS UA 19 30.17 55.90 -20.76
CA HIS UA 19 29.66 56.50 -19.54
C HIS UA 19 29.56 55.45 -18.43
N LEU UA 20 30.58 54.60 -18.33
CA LEU UA 20 30.57 53.50 -17.39
C LEU UA 20 30.60 53.95 -15.93
N SER UA 21 31.05 55.18 -15.66
CA SER UA 21 31.03 55.72 -14.32
C SER UA 21 30.18 56.98 -14.19
N SER UA 22 29.53 57.42 -15.26
CA SER UA 22 28.66 58.59 -15.18
C SER UA 22 27.46 58.28 -14.31
N PRO UA 23 27.07 59.16 -13.40
CA PRO UA 23 25.85 58.94 -12.62
C PRO UA 23 24.62 58.91 -13.52
N THR UA 24 23.66 58.08 -13.16
CA THR UA 24 22.45 57.87 -13.95
C THR UA 24 21.22 58.16 -13.11
N VAL UA 25 20.24 58.82 -13.73
CA VAL UA 25 18.97 59.09 -13.07
C VAL UA 25 18.17 57.79 -12.94
N LEU UA 27 14.68 55.64 -10.69
CA LEU UA 27 13.44 55.69 -9.91
C LEU UA 27 13.39 54.51 -8.94
N GLN UA 28 12.87 54.72 -7.75
CA GLN UA 28 12.74 53.65 -6.76
C GLN UA 28 11.28 53.23 -6.67
N ILE UA 29 10.97 52.06 -7.21
CA ILE UA 29 9.62 51.52 -7.11
C ILE UA 29 9.44 50.88 -5.75
N GLY UA 30 8.28 51.08 -5.14
CA GLY UA 30 7.98 50.44 -3.89
C GLY UA 30 7.76 48.94 -4.06
N VAL UA 31 7.85 48.22 -2.94
CA VAL UA 31 7.68 46.77 -2.97
C VAL UA 31 6.22 46.43 -3.26
N ASP UA 32 6.02 45.35 -4.01
CA ASP UA 32 4.67 44.87 -4.24
C ASP UA 32 4.07 44.35 -2.94
N GLU UA 33 2.79 44.65 -2.73
CA GLU UA 33 2.08 44.08 -1.59
C GLU UA 33 1.85 42.59 -1.84
N GLU UA 34 2.23 41.76 -0.88
CA GLU UA 34 2.16 40.32 -1.06
C GLU UA 34 1.55 39.56 0.10
N ASP UA 35 1.05 40.25 1.13
CA ASP UA 35 0.40 39.57 2.24
C ASP UA 35 -0.93 39.01 1.78
N GLN UA 36 -1.10 37.70 1.88
CA GLN UA 36 -2.35 37.06 1.49
C GLN UA 36 -3.39 37.11 2.59
N ASN UA 37 -3.05 37.63 3.77
CA ASN UA 37 -4.03 37.84 4.82
C ASN UA 37 -4.87 39.08 4.59
N GLN UA 38 -4.43 39.98 3.71
CA GLN UA 38 -5.21 41.16 3.37
C GLN UA 38 -6.19 40.82 2.26
N ALA UA 39 -6.97 41.81 1.81
CA ALA UA 39 -7.99 41.58 0.79
C ALA UA 39 -7.52 41.93 -0.61
N GLN UA 40 -6.77 43.01 -0.77
CA GLN UA 40 -6.31 43.47 -2.07
C GLN UA 40 -4.82 43.78 -2.01
N ASN UA 41 -4.08 43.32 -3.01
CA ASN UA 41 -2.64 43.52 -3.10
C ASN UA 41 -2.31 44.27 -4.38
N LYS UA 42 -1.53 45.34 -4.26
CA LYS UA 42 -1.18 46.20 -5.37
C LYS UA 42 0.28 46.03 -5.75
N LYS UA 43 0.59 46.34 -7.01
CA LYS UA 43 1.92 46.09 -7.57
C LYS UA 43 2.79 47.36 -7.53
N GLY UA 44 3.05 47.83 -6.32
CA GLY UA 44 4.04 48.87 -6.10
C GLY UA 44 3.69 50.22 -6.69
N ASP UA 45 4.59 51.18 -6.48
CA ASP UA 45 4.49 52.54 -6.98
C ASP UA 45 5.84 53.22 -6.82
N VAL UA 46 6.00 54.38 -7.45
CA VAL UA 46 7.22 55.15 -7.32
C VAL UA 46 7.30 55.77 -5.93
N GLU UA 47 8.53 55.98 -5.44
CA GLU UA 47 8.73 56.52 -4.11
C GLU UA 47 9.75 57.64 -4.06
N ALA UA 48 10.71 57.64 -4.98
CA ALA UA 48 11.85 58.55 -4.87
C ALA UA 48 12.32 58.98 -6.25
N ILE UA 49 13.03 60.11 -6.27
CA ILE UA 49 13.56 60.72 -7.49
C ILE UA 49 15.07 60.85 -7.33
N PHE UA 50 15.81 60.51 -8.40
CA PHE UA 50 17.26 60.60 -8.40
C PHE UA 50 17.75 61.45 -9.57
N ARG UA 51 17.17 62.64 -9.71
CA ARG UA 51 17.66 63.58 -10.70
C ARG UA 51 19.07 64.05 -10.34
N PRO UA 52 20.06 63.88 -11.23
CA PRO UA 52 21.46 64.26 -10.97
C PRO UA 52 21.82 65.61 -11.58
N GLU UA 53 24.69 53.05 -7.20
CA GLU UA 53 25.22 52.86 -5.86
C GLU UA 53 26.04 51.57 -5.76
N VAL UA 54 25.37 50.44 -5.98
CA VAL UA 54 26.04 49.14 -5.85
C VAL UA 54 27.05 48.96 -6.97
N PHE UA 55 26.65 49.24 -8.21
CA PHE UA 55 27.54 49.17 -9.36
C PHE UA 55 27.85 50.60 -9.78
N GLY UA 56 28.87 51.18 -9.17
CA GLY UA 56 29.26 52.55 -9.45
C GLY UA 56 30.75 52.74 -9.48
N LEU UA 57 31.19 53.99 -9.34
CA LEU UA 57 32.63 54.29 -9.40
C LEU UA 57 33.38 53.65 -8.24
N ALA UA 58 32.76 53.57 -7.07
CA ALA UA 58 33.44 52.99 -5.91
C ALA UA 58 33.70 51.49 -6.11
N ARG UA 59 32.66 50.74 -6.49
CA ARG UA 59 32.85 49.32 -6.74
C ARG UA 59 33.76 49.08 -7.94
N PHE UA 60 33.68 49.93 -8.96
CA PHE UA 60 34.57 49.78 -10.10
C PHE UA 60 36.02 50.05 -9.72
N ARG UA 61 36.26 50.99 -8.82
CA ARG UA 61 37.60 51.25 -8.33
C ARG UA 61 38.15 50.05 -7.56
N GLU UA 62 37.33 49.50 -6.65
CA GLU UA 62 37.76 48.32 -5.90
C GLU UA 62 38.00 47.14 -6.83
N THR UA 63 37.13 46.94 -7.81
CA THR UA 63 37.28 45.86 -8.78
C THR UA 63 38.55 46.05 -9.60
N GLU UA 64 38.84 47.28 -10.01
CA GLU UA 64 40.06 47.57 -10.76
C GLU UA 64 41.30 47.26 -9.94
N VAL UA 65 41.30 47.65 -8.66
CA VAL UA 65 42.47 47.40 -7.82
C VAL UA 65 42.68 45.90 -7.62
N ILE UA 66 41.60 45.17 -7.33
CA ILE UA 66 41.70 43.73 -7.11
C ILE UA 66 42.16 43.03 -8.38
N HIS UA 67 41.65 43.47 -9.53
CA HIS UA 67 42.06 42.91 -10.81
C HIS UA 67 43.52 43.19 -11.10
N GLY UA 68 43.98 44.41 -10.81
CA GLY UA 68 45.37 44.74 -11.02
C GLY UA 68 46.29 43.91 -10.16
N ARG UA 69 45.94 43.73 -8.89
CA ARG UA 69 46.77 42.93 -8.00
C ARG UA 69 46.80 41.47 -8.43
N TRP UA 70 45.64 40.91 -8.79
CA TRP UA 70 45.61 39.53 -9.26
C TRP UA 70 46.41 39.35 -10.54
N ALA UA 71 46.29 40.30 -11.47
CA ALA UA 71 47.01 40.20 -12.73
C ALA UA 71 48.52 40.32 -12.53
N MET UA 72 48.94 41.24 -11.65
CA MET UA 72 50.38 41.40 -11.38
C MET UA 72 50.95 40.14 -10.72
N LEU UA 73 50.23 39.59 -9.74
CA LEU UA 73 50.67 38.36 -9.10
C LEU UA 73 50.72 37.21 -10.11
N GLY UA 74 49.74 37.15 -11.00
CA GLY UA 74 49.73 36.13 -12.03
C GLY UA 74 50.85 36.26 -13.03
N THR UA 75 51.18 37.49 -13.44
CA THR UA 75 52.31 37.70 -14.35
C THR UA 75 53.63 37.31 -13.69
N LEU UA 76 53.82 37.67 -12.42
CA LEU UA 76 55.02 37.25 -11.73
C LEU UA 76 55.09 35.73 -11.60
N GLY UA 77 53.96 35.10 -11.27
CA GLY UA 77 53.92 33.66 -11.17
C GLY UA 77 54.21 32.96 -12.48
N ALA UA 78 53.64 33.50 -13.56
CA ALA UA 78 53.90 32.95 -14.89
C ALA UA 78 55.37 33.08 -15.26
N ILE UA 79 55.96 34.25 -15.02
CA ILE UA 79 57.36 34.47 -15.36
C ILE UA 79 58.26 33.53 -14.55
N VAL UA 80 57.99 33.41 -13.25
CA VAL UA 80 58.82 32.56 -12.40
C VAL UA 80 58.67 31.09 -12.77
N GLY UA 81 57.44 30.64 -13.03
CA GLY UA 81 57.24 29.28 -13.49
C GLY UA 81 57.89 28.99 -14.83
N GLU UA 82 57.94 29.99 -15.71
CA GLU UA 82 58.72 29.87 -16.92
C GLU UA 82 60.21 29.78 -16.58
N ALA UA 83 60.89 28.83 -17.21
CA ALA UA 83 62.33 28.57 -17.13
C ALA UA 83 62.78 28.06 -15.76
N ALA UA 84 61.89 27.98 -14.77
CA ALA UA 84 62.18 27.24 -13.55
C ALA UA 84 61.55 25.86 -13.55
N THR UA 85 60.58 25.62 -14.43
CA THR UA 85 60.05 24.30 -14.68
C THR UA 85 60.02 23.95 -16.15
N GLY UA 86 60.12 24.93 -17.05
CA GLY UA 86 60.06 24.68 -18.47
C GLY UA 86 58.67 24.59 -19.06
N VAL UA 87 57.68 24.20 -18.25
CA VAL UA 87 56.32 24.08 -18.75
C VAL UA 87 55.71 25.45 -18.98
N SER UA 88 54.95 25.59 -20.05
CA SER UA 88 54.29 26.87 -20.32
C SER UA 88 53.13 27.05 -19.35
N TRP UA 89 52.79 28.31 -19.10
CA TRP UA 89 51.72 28.61 -18.14
C TRP UA 89 50.37 28.10 -18.64
N VAL UA 90 50.20 28.00 -19.97
CA VAL UA 90 48.96 27.45 -20.50
C VAL UA 90 48.87 25.95 -20.21
N ASP UA 91 49.99 25.24 -20.26
CA ASP UA 91 50.03 23.80 -20.03
C ASP UA 91 50.26 23.44 -18.57
N ALA UA 92 50.33 24.45 -17.69
CA ALA UA 92 50.60 24.18 -16.28
C ALA UA 92 49.48 23.35 -15.65
N GLY UA 93 48.22 23.66 -16.00
CA GLY UA 93 47.11 22.86 -15.49
C GLY UA 93 47.18 21.42 -15.95
N LYS UA 94 47.54 21.20 -17.21
CA LYS UA 94 47.67 19.84 -17.73
C LYS UA 94 48.76 19.06 -17.01
N VAL UA 95 49.94 19.67 -16.88
CA VAL UA 95 51.04 18.93 -16.27
C VAL UA 95 50.81 18.75 -14.77
N GLU UA 96 50.10 19.67 -14.12
CA GLU UA 96 49.78 19.48 -12.71
C GLU UA 96 48.70 18.43 -12.52
N LEU UA 97 47.76 18.33 -13.45
CA LEU UA 97 46.79 17.24 -13.42
C LEU UA 97 47.47 15.89 -13.62
N ASP UA 98 48.43 15.82 -14.54
CA ASP UA 98 49.20 14.59 -14.71
C ASP UA 98 50.00 14.26 -13.46
N GLY UA 99 50.62 15.27 -12.85
CA GLY UA 99 51.29 15.09 -11.58
C GLY UA 99 51.47 16.39 -10.84
N ALA UA 100 51.04 16.43 -9.58
CA ALA UA 100 51.13 17.65 -8.80
C ALA UA 100 52.53 17.82 -8.23
N GLN UA 101 53.11 18.99 -8.40
CA GLN UA 101 54.45 19.26 -7.93
C GLN UA 101 54.64 20.75 -7.75
N TYR UA 102 55.70 21.10 -7.02
CA TYR UA 102 56.14 22.48 -6.91
C TYR UA 102 57.66 22.49 -6.95
N LEU UA 103 58.22 23.34 -7.82
CA LEU UA 103 59.64 23.30 -8.17
C LEU UA 103 59.98 21.92 -8.72
N GLY UA 104 60.31 20.98 -7.82
CA GLY UA 104 60.44 19.59 -8.22
C GLY UA 104 59.77 18.62 -7.25
N GLN UA 105 59.42 19.12 -6.08
CA GLN UA 105 58.88 18.27 -5.02
C GLN UA 105 57.46 17.84 -5.37
N SER UA 106 57.18 16.56 -5.17
CA SER UA 106 55.90 15.99 -5.59
C SER UA 106 54.81 16.31 -4.58
N LEU UA 107 53.68 16.81 -5.08
CA LEU UA 107 52.61 17.21 -4.18
C LEU UA 107 51.48 16.20 -4.17
N PRO UA 108 50.95 15.87 -2.98
CA PRO UA 108 49.94 14.81 -2.85
C PRO UA 108 48.51 15.34 -2.98
N PHE UA 109 48.19 15.94 -4.12
CA PHE UA 109 46.87 16.52 -4.32
C PHE UA 109 46.39 16.26 -5.74
N SER UA 110 45.12 15.90 -5.86
CA SER UA 110 44.46 15.79 -7.14
C SER UA 110 43.64 17.04 -7.41
N ILE UA 111 43.08 17.13 -8.61
CA ILE UA 111 42.40 18.35 -9.04
C ILE UA 111 41.13 18.58 -8.25
N SER UA 112 40.39 17.51 -7.94
CA SER UA 112 39.17 17.67 -7.13
C SER UA 112 39.50 18.19 -5.74
N GLN UA 113 40.52 17.63 -5.10
CA GLN UA 113 40.92 18.10 -3.78
C GLN UA 113 41.43 19.53 -3.84
N LEU UA 114 42.16 19.87 -4.89
CA LEU UA 114 42.65 21.23 -5.07
C LEU UA 114 41.50 22.21 -5.22
N ILE UA 115 40.48 21.85 -6.01
CA ILE UA 115 39.29 22.69 -6.15
C ILE UA 115 38.62 22.90 -4.81
N TRP UA 116 38.41 21.83 -4.05
CA TRP UA 116 37.69 21.97 -2.79
C TRP UA 116 38.47 22.79 -1.76
N ILE UA 117 39.78 22.53 -1.63
CA ILE UA 117 40.58 23.25 -0.67
C ILE UA 117 40.70 24.72 -1.06
N GLU UA 118 40.94 25.00 -2.34
CA GLU UA 118 41.02 26.38 -2.80
C GLU UA 118 39.69 27.09 -2.61
N ALA UA 119 38.58 26.42 -2.90
CA ALA UA 119 37.27 27.02 -2.73
C ALA UA 119 37.05 27.43 -1.28
N ILE UA 120 37.27 26.51 -0.34
CA ILE UA 120 37.03 26.82 1.07
C ILE UA 120 37.97 27.90 1.56
N LEU UA 121 39.28 27.78 1.27
CA LEU UA 121 40.26 28.71 1.80
C LEU UA 121 40.09 30.11 1.23
N VAL UA 122 40.00 30.22 -0.10
CA VAL UA 122 39.87 31.55 -0.68
C VAL UA 122 38.47 32.11 -0.40
N GLY UA 123 37.46 31.27 -0.19
CA GLY UA 123 36.17 31.79 0.22
C GLY UA 123 36.21 32.45 1.58
N GLY UA 124 36.83 31.77 2.56
CA GLY UA 124 37.00 32.39 3.87
C GLY UA 124 37.85 33.64 3.81
N VAL UA 125 38.93 33.60 3.02
CA VAL UA 125 39.84 34.74 2.91
C VAL UA 125 39.14 35.94 2.28
N GLU UA 126 38.33 35.70 1.24
CA GLU UA 126 37.63 36.80 0.59
C GLU UA 126 36.48 37.31 1.45
N VAL UA 127 35.88 36.45 2.27
CA VAL UA 127 34.94 36.93 3.28
C VAL UA 127 35.63 37.90 4.24
N LEU UA 128 36.83 37.53 4.68
CA LEU UA 128 37.60 38.42 5.57
C LEU UA 128 37.95 39.73 4.88
N ARG UA 129 38.32 39.67 3.59
CA ARG UA 129 38.62 40.89 2.84
C ARG UA 129 37.41 41.78 2.70
N ASN UA 130 36.25 41.20 2.40
CA ASN UA 130 35.03 41.97 2.20
C ASN UA 130 34.37 42.40 3.50
N ASN UA 131 34.83 41.88 4.65
CA ASN UA 131 34.22 42.23 5.92
C ASN UA 131 34.37 43.71 6.28
N GLU UA 132 35.40 44.38 5.76
CA GLU UA 132 35.61 45.78 6.09
C GLU UA 132 34.55 46.66 5.43
N LEU UA 133 34.07 47.65 6.20
CA LEU UA 133 33.00 48.53 5.75
C LEU UA 133 33.51 49.72 4.94
N ASP UA 134 34.59 50.35 5.38
CA ASP UA 134 35.11 51.53 4.70
C ASP UA 134 35.65 51.17 3.33
N LEU UA 135 35.42 52.06 2.35
CA LEU UA 135 35.90 51.81 1.00
C LEU UA 135 37.42 51.84 0.93
N GLU UA 136 38.03 52.91 1.46
CA GLU UA 136 39.48 53.03 1.39
C GLU UA 136 40.18 52.00 2.25
N LYS UA 137 39.60 51.65 3.40
CA LYS UA 137 40.19 50.59 4.22
C LYS UA 137 39.98 49.22 3.60
N ARG UA 138 38.89 49.03 2.84
CA ARG UA 138 38.65 47.75 2.20
C ARG UA 138 39.53 47.55 0.98
N ILE UA 139 39.87 48.62 0.27
CA ILE UA 139 40.80 48.50 -0.85
C ILE UA 139 42.23 48.46 -0.35
N TYR UA 140 42.59 49.33 0.61
CA TYR UA 140 43.94 49.44 1.15
C TYR UA 140 43.87 49.24 2.66
N PRO UA 141 43.94 48.00 3.14
CA PRO UA 141 43.94 47.76 4.58
C PRO UA 141 45.22 48.27 5.24
N GLY UA 142 45.23 48.20 6.57
CA GLY UA 142 46.25 48.86 7.36
C GLY UA 142 47.63 48.25 7.34
N GLY UA 143 48.42 48.56 8.37
CA GLY UA 143 49.81 48.14 8.44
C GLY UA 143 50.01 46.65 8.59
N ALA UA 144 48.95 45.89 8.85
CA ALA UA 144 49.05 44.44 8.86
C ALA UA 144 49.48 43.91 7.49
N PHE UA 145 48.94 44.49 6.43
CA PHE UA 145 49.37 44.20 5.07
C PHE UA 145 50.43 45.17 4.58
N ASP UA 146 50.91 46.06 5.44
CA ASP UA 146 51.99 46.99 5.09
C ASP UA 146 53.08 46.92 6.15
N PRO UA 147 53.93 45.89 6.10
CA PRO UA 147 55.10 45.88 7.00
C PRO UA 147 56.05 47.05 6.81
N LEU UA 148 56.45 47.34 5.58
CA LEU UA 148 57.40 48.41 5.33
C LEU UA 148 56.83 49.79 5.64
N ASN UA 149 55.51 49.91 5.73
CA ASN UA 149 54.82 51.15 6.12
C ASN UA 149 55.17 52.31 5.19
N LEU UA 150 55.44 52.00 3.92
CA LEU UA 150 55.87 53.03 2.98
C LEU UA 150 54.72 53.83 2.39
N ALA UA 151 53.47 53.51 2.73
CA ALA UA 151 52.33 54.36 2.42
C ALA UA 151 51.49 54.53 3.68
N ASP UA 152 51.56 55.71 4.27
CA ASP UA 152 50.85 56.02 5.50
C ASP UA 152 50.47 57.50 5.45
N GLU UA 153 50.14 58.08 6.60
CA GLU UA 153 49.84 59.50 6.69
C GLU UA 153 51.09 60.24 7.17
N GLU UA 154 52.04 60.44 6.26
CA GLU UA 154 53.22 61.24 6.55
C GLU UA 154 53.42 62.39 5.57
N ASP UA 155 53.08 62.21 4.29
CA ASP UA 155 53.17 63.30 3.33
C ASP UA 155 51.99 63.38 2.37
N GLU UA 156 51.13 62.35 2.31
CA GLU UA 156 49.92 62.29 1.50
C GLU UA 156 50.20 62.39 0.00
N GLU UA 157 51.46 62.29 -0.42
CA GLU UA 157 51.78 62.44 -1.83
C GLU UA 157 52.55 61.23 -2.32
N LYS UA 158 53.49 60.73 -1.51
CA LYS UA 158 54.18 59.50 -1.85
C LYS UA 158 53.24 58.33 -1.79
N SER UA 159 52.31 58.32 -0.84
CA SER UA 159 51.27 57.29 -0.80
C SER UA 159 50.39 57.37 -2.04
N PHE UA 160 50.05 58.59 -2.47
CA PHE UA 160 49.24 58.74 -3.67
C PHE UA 160 49.99 58.24 -4.91
N ARG UA 161 51.29 58.51 -4.98
CA ARG UA 161 52.07 58.01 -6.11
C ARG UA 161 52.24 56.50 -6.04
N LEU UA 162 52.31 55.94 -4.83
CA LEU UA 162 52.33 54.50 -4.67
C LEU UA 162 51.05 53.88 -5.19
N LYS UA 163 49.91 54.50 -4.87
CA LYS UA 163 48.62 54.04 -5.38
C LYS UA 163 48.55 54.14 -6.89
N THR UA 164 49.00 55.25 -7.46
CA THR UA 164 48.92 55.43 -8.91
C THR UA 164 49.86 54.46 -9.62
N ALA UA 165 51.03 54.20 -9.04
CA ALA UA 165 51.95 53.23 -9.63
C ALA UA 165 51.40 51.83 -9.55
N GLU UA 166 50.72 51.50 -8.44
CA GLU UA 166 50.00 50.24 -8.34
C GLU UA 166 48.97 50.10 -9.46
N ILE UA 167 48.19 51.15 -9.70
CA ILE UA 167 47.15 51.09 -10.73
C ILE UA 167 47.77 50.96 -12.11
N LYS UA 168 48.82 51.73 -12.39
CA LYS UA 168 49.46 51.67 -13.70
C LYS UA 168 50.07 50.30 -13.95
N HIS UA 169 50.74 49.75 -12.94
CA HIS UA 169 51.34 48.44 -13.07
C HIS UA 169 50.27 47.36 -13.23
N GLY UA 170 49.16 47.49 -12.52
CA GLY UA 170 48.08 46.53 -12.66
C GLY UA 170 47.42 46.58 -14.03
N ARG UA 171 47.24 47.79 -14.57
CA ARG UA 171 46.69 47.92 -15.92
C ARG UA 171 47.65 47.32 -16.94
N LEU UA 172 48.95 47.57 -16.77
CA LEU UA 172 49.95 46.97 -17.65
C LEU UA 172 49.92 45.45 -17.57
N ALA UA 173 49.77 44.91 -16.35
CA ALA UA 173 49.73 43.46 -16.18
C ALA UA 173 48.44 42.86 -16.72
N MET UA 174 47.32 43.57 -16.62
CA MET UA 174 46.07 43.08 -17.21
C MET UA 174 46.18 43.02 -18.73
N VAL UA 175 46.72 44.08 -19.34
CA VAL UA 175 46.96 44.07 -20.79
C VAL UA 175 47.97 42.98 -21.14
N ALA UA 176 48.97 42.77 -20.28
CA ALA UA 176 49.97 41.74 -20.54
C ALA UA 176 49.39 40.34 -20.49
N PHE UA 177 48.47 40.10 -19.55
CA PHE UA 177 47.85 38.78 -19.48
C PHE UA 177 46.86 38.56 -20.62
N LEU UA 178 46.19 39.62 -21.06
CA LEU UA 178 45.41 39.53 -22.30
C LEU UA 178 46.29 39.19 -23.49
N GLY UA 179 47.47 39.82 -23.56
CA GLY UA 179 48.41 39.51 -24.62
C GLY UA 179 48.94 38.09 -24.53
N PHE UA 180 49.20 37.61 -23.32
CA PHE UA 180 49.60 36.21 -23.13
C PHE UA 180 48.51 35.27 -23.61
N GLY UA 181 47.25 35.58 -23.30
CA GLY UA 181 46.15 34.74 -23.74
C GLY UA 181 46.00 34.72 -25.25
N ILE UA 182 46.08 35.89 -25.89
CA ILE UA 182 45.94 35.91 -27.34
C ILE UA 182 47.17 35.32 -28.02
N GLN UA 183 48.33 35.37 -27.35
CA GLN UA 183 49.51 34.72 -27.90
C GLN UA 183 49.40 33.20 -27.83
N ALA UA 184 48.88 32.69 -26.72
CA ALA UA 184 48.64 31.25 -26.61
C ALA UA 184 47.56 30.79 -27.59
N ALA UA 185 46.52 31.60 -27.77
CA ALA UA 185 45.48 31.28 -28.75
C ALA UA 185 46.02 31.28 -30.17
N ALA UA 186 46.83 32.28 -30.51
CA ALA UA 186 47.47 32.35 -31.80
C ALA UA 186 48.70 31.45 -31.81
N THR UA 187 49.54 31.58 -32.83
CA THR UA 187 50.77 30.79 -32.90
C THR UA 187 51.76 31.29 -31.86
N GLY UA 188 51.74 30.67 -30.68
CA GLY UA 188 52.66 31.01 -29.62
C GLY UA 188 52.51 30.11 -28.42
N GLU UA 189 53.62 29.57 -27.92
CA GLU UA 189 53.61 28.62 -26.81
C GLU UA 189 54.71 29.02 -25.83
N GLY UA 190 54.35 29.83 -24.83
CA GLY UA 190 55.30 30.21 -23.82
C GLY UA 190 55.34 31.69 -23.51
N ALA UA 191 55.29 32.03 -22.22
CA ALA UA 191 55.39 33.43 -21.82
C ALA UA 191 56.80 33.98 -22.08
N LEU UA 192 57.81 33.11 -22.05
CA LEU UA 192 59.14 33.49 -22.49
C LEU UA 192 59.48 32.99 -23.89
N GLY UA 193 58.79 31.95 -24.36
CA GLY UA 193 59.00 31.46 -25.71
C GLY UA 193 58.58 32.45 -26.78
N SER UA 194 57.72 33.41 -26.44
CA SER UA 194 57.36 34.48 -27.35
C SER UA 194 57.78 35.85 -26.83
N LEU UA 195 58.49 35.91 -25.71
CA LEU UA 195 58.96 37.19 -25.18
C LEU UA 195 60.13 37.69 -26.01
N ALA UA 196 60.06 38.95 -26.42
CA ALA UA 196 61.10 39.56 -27.23
C ALA UA 196 61.79 40.70 -26.49
N PRO VA 1 -93.36 29.79 -22.79
CA PRO VA 1 -93.04 30.00 -24.20
C PRO VA 1 -92.19 31.24 -24.43
N ASP VA 2 -90.93 31.05 -24.82
CA ASP VA 2 -90.02 32.16 -25.09
C ASP VA 2 -90.39 32.75 -26.45
N LEU VA 3 -91.32 33.70 -26.43
CA LEU VA 3 -91.82 34.30 -27.66
C LEU VA 3 -90.89 35.37 -28.22
N GLU VA 4 -89.87 35.77 -27.48
CA GLU VA 4 -89.00 36.86 -27.92
C GLU VA 4 -88.00 36.42 -28.98
N LYS VA 5 -87.85 35.12 -29.22
CA LYS VA 5 -87.03 34.64 -30.32
C LYS VA 5 -87.72 34.78 -31.67
N TRP VA 6 -89.04 35.03 -31.68
CA TRP VA 6 -89.80 35.11 -32.92
C TRP VA 6 -90.57 36.41 -33.08
N TYR VA 7 -90.85 37.13 -32.01
CA TYR VA 7 -91.55 38.41 -32.08
C TYR VA 7 -90.75 39.46 -31.35
N GLY VA 8 -90.84 40.70 -31.83
CA GLY VA 8 -90.15 41.80 -31.22
C GLY VA 8 -88.85 42.14 -31.92
N PRO VA 9 -88.06 43.04 -31.32
CA PRO VA 9 -86.80 43.43 -31.98
C PRO VA 9 -85.72 42.37 -31.91
N ASP VA 10 -85.62 41.65 -30.79
CA ASP VA 10 -84.54 40.66 -30.62
C ASP VA 10 -84.97 39.26 -31.05
N ARG VA 11 -85.52 39.15 -32.26
CA ARG VA 11 -85.97 37.88 -32.79
C ARG VA 11 -84.90 37.28 -33.70
N LYS VA 12 -85.10 36.00 -34.03
CA LYS VA 12 -84.21 35.32 -34.95
C LYS VA 12 -84.34 35.92 -36.35
N LEU VA 13 -83.21 36.10 -37.02
CA LEU VA 13 -83.17 36.71 -38.34
C LEU VA 13 -82.55 35.73 -39.34
N PHE VA 14 -82.73 36.03 -40.62
CA PHE VA 14 -82.21 35.17 -41.67
C PHE VA 14 -80.70 35.29 -41.85
N LEU VA 15 -80.05 36.25 -41.20
CA LEU VA 15 -78.59 36.29 -41.14
C LEU VA 15 -78.16 36.60 -39.73
N PRO VA 16 -77.05 36.01 -39.27
CA PRO VA 16 -76.63 36.21 -37.87
C PRO VA 16 -76.14 37.61 -37.58
N GLY VA 17 -75.71 37.83 -36.32
CA GLY VA 17 -75.43 39.19 -35.87
C GLY VA 17 -74.26 39.84 -36.60
N GLY VA 18 -73.19 39.08 -36.83
CA GLY VA 18 -72.05 39.65 -37.54
C GLY VA 18 -72.31 39.92 -39.00
N LEU VA 19 -73.17 39.11 -39.62
CA LEU VA 19 -73.48 39.29 -41.04
C LEU VA 19 -74.59 40.30 -41.27
N LEU VA 20 -75.45 40.54 -40.28
CA LEU VA 20 -76.60 41.43 -40.46
C LEU VA 20 -76.82 42.21 -39.17
N ASP VA 21 -76.37 43.46 -39.15
CA ASP VA 21 -76.74 44.37 -38.08
C ASP VA 21 -78.22 44.71 -38.17
N ARG VA 22 -78.85 44.91 -37.02
CA ARG VA 22 -80.28 45.21 -36.97
C ARG VA 22 -80.55 46.68 -37.30
N ASP VA 23 -80.05 47.08 -38.48
CA ASP VA 23 -80.39 48.34 -39.11
C ASP VA 23 -80.66 48.19 -40.59
N ASP VA 24 -80.33 47.05 -41.19
CA ASP VA 24 -80.65 46.77 -42.59
C ASP VA 24 -82.00 46.08 -42.75
N VAL VA 25 -82.55 45.54 -41.68
CA VAL VA 25 -83.88 44.91 -41.72
C VAL VA 25 -84.92 45.96 -42.10
N PRO VA 26 -85.81 45.68 -43.05
CA PRO VA 26 -86.79 46.69 -43.47
C PRO VA 26 -87.73 47.08 -42.34
N GLU VA 27 -88.20 48.33 -42.40
CA GLU VA 27 -89.00 48.89 -41.31
C GLU VA 27 -90.37 48.23 -41.21
N TYR VA 28 -90.88 47.70 -42.31
CA TYR VA 28 -92.17 47.02 -42.28
C TYR VA 28 -92.09 45.61 -41.72
N LEU VA 29 -90.90 45.14 -41.38
CA LEU VA 29 -90.70 43.87 -40.70
C LEU VA 29 -90.12 44.19 -39.32
N ASN VA 30 -91.00 44.32 -38.33
CA ASN VA 30 -90.59 44.64 -36.97
C ASN VA 30 -91.10 43.61 -35.97
N GLY VA 31 -91.12 42.33 -36.37
CA GLY VA 31 -91.47 41.25 -35.48
C GLY VA 31 -92.89 41.26 -34.97
N GLU VA 32 -93.85 41.48 -35.87
CA GLU VA 32 -95.26 41.47 -35.52
C GLU VA 32 -95.98 40.24 -36.02
N LEU VA 33 -95.38 39.47 -36.93
CA LEU VA 33 -96.00 38.30 -37.53
C LEU VA 33 -95.08 37.10 -37.33
N ALA VA 34 -95.69 35.91 -37.38
CA ALA VA 34 -94.95 34.68 -37.22
C ALA VA 34 -94.01 34.46 -38.40
N GLY VA 35 -92.86 33.86 -38.11
CA GLY VA 35 -91.86 33.60 -39.14
C GLY VA 35 -91.20 34.83 -39.69
N ASP VA 36 -91.12 35.89 -38.90
CA ASP VA 36 -90.47 37.14 -39.33
C ASP VA 36 -88.98 37.03 -39.05
N TYR VA 37 -88.22 36.69 -40.09
CA TYR VA 37 -86.77 36.64 -40.02
C TYR VA 37 -86.14 37.87 -40.64
N GLY VA 38 -86.93 38.90 -40.92
CA GLY VA 38 -86.42 40.07 -41.60
C GLY VA 38 -85.92 39.79 -43.00
N TYR VA 39 -86.54 38.84 -43.69
CA TYR VA 39 -86.07 38.39 -45.00
C TYR VA 39 -86.94 39.01 -46.09
N ASP VA 40 -86.44 40.12 -46.66
CA ASP VA 40 -87.07 40.74 -47.82
C ASP VA 40 -85.99 41.48 -48.61
N PRO VA 41 -85.12 40.76 -49.32
CA PRO VA 41 -84.06 41.44 -50.07
C PRO VA 41 -84.60 42.30 -51.20
N LEU VA 42 -85.45 41.75 -52.05
CA LEU VA 42 -86.20 42.54 -53.00
C LEU VA 42 -87.36 43.20 -52.28
N GLY VA 43 -87.55 44.50 -52.51
CA GLY VA 43 -88.55 45.24 -51.76
C GLY VA 43 -89.97 44.92 -52.20
N LEU VA 44 -90.43 43.70 -51.91
CA LEU VA 44 -91.74 43.25 -52.32
C LEU VA 44 -92.83 43.53 -51.29
N GLY VA 45 -92.46 43.82 -50.05
CA GLY VA 45 -93.46 44.09 -49.03
C GLY VA 45 -93.92 45.53 -49.00
N LYS VA 46 -92.98 46.45 -48.77
CA LYS VA 46 -93.13 47.90 -48.91
C LYS VA 46 -94.01 48.55 -47.86
N ASP VA 47 -94.79 47.77 -47.11
CA ASP VA 47 -95.66 48.26 -46.05
C ASP VA 47 -96.38 47.08 -45.42
N GLU VA 48 -96.97 47.34 -44.26
CA GLU VA 48 -97.54 46.30 -43.42
C GLU VA 48 -98.75 45.64 -44.08
N GLU VA 49 -99.57 46.41 -44.80
CA GLU VA 49 -100.79 45.85 -45.39
C GLU VA 49 -100.46 44.91 -46.55
N GLN VA 50 -99.52 45.32 -47.42
CA GLN VA 50 -99.08 44.44 -48.49
C GLN VA 50 -98.41 43.20 -47.92
N VAL VA 51 -97.62 43.36 -46.85
CA VAL VA 51 -97.05 42.21 -46.17
C VAL VA 51 -98.14 41.30 -45.62
N GLU VA 52 -99.24 41.89 -45.14
CA GLU VA 52 -100.32 41.08 -44.57
C GLU VA 52 -101.03 40.26 -45.65
N LYS VA 53 -101.33 40.86 -46.80
CA LYS VA 53 -102.00 40.06 -47.83
C LYS VA 53 -101.04 39.04 -48.46
N TYR VA 54 -99.75 39.38 -48.53
CA TYR VA 54 -98.77 38.38 -48.94
C TYR VA 54 -98.65 37.27 -47.90
N ARG VA 55 -98.88 37.59 -46.63
CA ARG VA 55 -98.93 36.55 -45.59
C ARG VA 55 -100.15 35.67 -45.75
N ALA VA 56 -101.26 36.24 -46.19
CA ALA VA 56 -102.43 35.41 -46.55
C ALA VA 56 -102.06 34.41 -47.62
N ASN VA 57 -101.45 34.88 -48.71
CA ASN VA 57 -101.03 33.99 -49.77
C ASN VA 57 -100.00 32.96 -49.29
N GLU VA 58 -99.03 33.42 -48.49
CA GLU VA 58 -97.97 32.55 -47.98
C GLU VA 58 -98.54 31.45 -47.10
N LEU VA 59 -99.47 31.78 -46.21
CA LEU VA 59 -100.04 30.77 -45.32
C LEU VA 59 -100.89 29.78 -46.08
N LEU VA 60 -101.65 30.25 -47.08
CA LEU VA 60 -102.44 29.30 -47.88
C LEU VA 60 -101.54 28.35 -48.66
N HIS VA 61 -100.47 28.88 -49.28
CA HIS VA 61 -99.53 28.02 -49.97
C HIS VA 61 -98.84 27.07 -49.01
N ALA VA 62 -98.55 27.55 -47.81
CA ALA VA 62 -97.88 26.72 -46.81
C ALA VA 62 -98.75 25.54 -46.41
N ARG VA 63 -100.03 25.77 -46.16
CA ARG VA 63 -100.92 24.69 -45.78
C ARG VA 63 -101.14 23.71 -46.92
N TRP VA 64 -101.33 24.23 -48.15
CA TRP VA 64 -101.49 23.36 -49.29
C TRP VA 64 -100.26 22.52 -49.55
N ALA VA 65 -99.07 23.10 -49.39
CA ALA VA 65 -97.84 22.34 -49.59
C ALA VA 65 -97.59 21.36 -48.46
N MET VA 66 -98.01 21.68 -47.24
CA MET VA 66 -97.88 20.72 -46.15
C MET VA 66 -98.74 19.49 -46.40
N LEU VA 67 -99.95 19.68 -46.94
CA LEU VA 67 -100.74 18.53 -47.36
C LEU VA 67 -100.09 17.81 -48.54
N ALA VA 68 -99.56 18.59 -49.49
CA ALA VA 68 -99.06 18.02 -50.74
C ALA VA 68 -97.79 17.21 -50.54
N ALA VA 69 -96.91 17.61 -49.63
CA ALA VA 69 -95.68 16.87 -49.40
C ALA VA 69 -95.96 15.47 -48.90
N ALA VA 70 -96.86 15.35 -47.92
CA ALA VA 70 -97.27 14.04 -47.44
C ALA VA 70 -97.98 13.26 -48.54
N GLY VA 71 -98.88 13.91 -49.27
CA GLY VA 71 -99.59 13.23 -50.35
C GLY VA 71 -98.71 12.77 -51.48
N ILE VA 72 -97.56 13.42 -51.67
CA ILE VA 72 -96.61 12.97 -52.68
C ILE VA 72 -95.78 11.82 -52.15
N ILE VA 73 -95.24 11.97 -50.95
CA ILE VA 73 -94.21 11.03 -50.51
C ILE VA 73 -94.80 9.72 -49.99
N ILE VA 74 -96.01 9.72 -49.42
CA ILE VA 74 -96.49 8.54 -48.71
C ILE VA 74 -97.00 7.43 -49.65
N PRO VA 75 -97.87 7.70 -50.64
CA PRO VA 75 -98.28 6.59 -51.52
C PRO VA 75 -97.15 5.94 -52.28
N GLU VA 76 -96.13 6.70 -52.68
CA GLU VA 76 -94.99 6.11 -53.35
C GLU VA 76 -94.23 5.17 -52.44
N GLY VA 77 -94.01 5.58 -51.19
CA GLY VA 77 -93.35 4.70 -50.24
C GLY VA 77 -94.15 3.45 -49.94
N LEU VA 78 -95.48 3.60 -49.81
CA LEU VA 78 -96.33 2.45 -49.57
C LEU VA 78 -96.29 1.47 -50.74
N GLN VA 79 -96.37 1.99 -51.97
CA GLN VA 79 -96.31 1.12 -53.14
C GLN VA 79 -94.95 0.42 -53.24
N ALA VA 80 -93.86 1.15 -52.96
CA ALA VA 80 -92.54 0.55 -53.07
C ALA VA 80 -92.33 -0.50 -51.99
N ASN VA 81 -92.91 -0.32 -50.81
CA ASN VA 81 -92.79 -1.31 -49.76
C ASN VA 81 -93.81 -2.44 -49.90
N GLY VA 82 -94.78 -2.30 -50.80
CA GLY VA 82 -95.60 -3.45 -51.14
C GLY VA 82 -97.10 -3.28 -51.02
N ALA VA 83 -97.58 -2.04 -50.95
CA ALA VA 83 -99.01 -1.81 -50.96
C ALA VA 83 -99.56 -1.93 -52.37
N ASP VA 84 -100.84 -2.27 -52.47
CA ASP VA 84 -101.51 -2.37 -53.76
C ASP VA 84 -102.04 -1.01 -54.19
N ILE VA 85 -101.10 -0.11 -54.41
CA ILE VA 85 -101.37 1.24 -54.88
C ILE VA 85 -100.85 1.36 -56.31
N LYS VA 86 -101.67 1.93 -57.18
CA LYS VA 86 -101.25 2.25 -58.53
C LYS VA 86 -101.06 3.76 -58.66
N GLY VA 87 -100.07 4.14 -59.45
CA GLY VA 87 -99.73 5.55 -59.59
C GLY VA 87 -99.18 6.17 -58.32
N GLY VA 88 -98.39 5.40 -57.56
CA GLY VA 88 -97.81 5.95 -56.33
C GLY VA 88 -96.87 7.10 -56.58
N THR VA 89 -96.17 7.07 -57.71
CA THR VA 89 -95.28 8.18 -58.06
C THR VA 89 -96.12 9.38 -58.51
N TRP VA 90 -95.89 10.52 -57.88
CA TRP VA 90 -96.86 11.61 -57.87
C TRP VA 90 -97.10 12.20 -59.25
N PHE VA 91 -96.11 12.18 -60.13
CA PHE VA 91 -96.29 12.77 -61.44
C PHE VA 91 -96.92 11.81 -62.44
N GLU VA 92 -97.12 10.54 -62.09
CA GLU VA 92 -97.78 9.60 -62.99
C GLU VA 92 -99.06 9.02 -62.40
N THR VA 93 -99.60 9.64 -61.34
CA THR VA 93 -100.91 9.24 -60.83
C THR VA 93 -102.05 9.73 -61.69
N GLY VA 94 -101.85 10.80 -62.46
CA GLY VA 94 -102.92 11.33 -63.29
C GLY VA 94 -103.29 10.42 -64.44
N ALA VA 95 -102.28 9.87 -65.11
CA ALA VA 95 -102.52 9.01 -66.27
C ALA VA 95 -103.26 7.73 -65.90
N GLU VA 96 -103.17 7.31 -64.64
CA GLU VA 96 -103.80 6.06 -64.20
C GLU VA 96 -105.31 6.09 -64.32
N MET VA 97 -105.91 7.27 -64.44
CA MET VA 97 -107.34 7.42 -64.65
C MET VA 97 -107.63 8.06 -66.02
N LEU VA 98 -106.82 7.73 -67.03
CA LEU VA 98 -107.01 8.36 -68.34
C LEU VA 98 -107.99 7.59 -69.21
N ASN VA 99 -107.66 6.35 -69.54
CA ASN VA 99 -108.49 5.56 -70.46
C ASN VA 99 -109.56 4.78 -69.70
N GLY VA 100 -110.39 5.53 -68.97
CA GLY VA 100 -111.35 4.92 -68.09
C GLY VA 100 -110.76 4.25 -66.87
N GLY VA 101 -109.49 4.48 -66.59
CA GLY VA 101 -108.84 3.84 -65.47
C GLY VA 101 -109.33 4.38 -64.14
N THR VA 102 -109.05 3.62 -63.09
CA THR VA 102 -109.45 3.97 -61.74
C THR VA 102 -108.24 3.89 -60.82
N LEU VA 103 -108.44 4.24 -59.56
CA LEU VA 103 -107.39 4.23 -58.57
C LEU VA 103 -107.77 3.30 -57.42
N ASN VA 104 -106.77 2.99 -56.60
CA ASN VA 104 -106.95 2.25 -55.36
C ASN VA 104 -106.57 3.16 -54.20
N TYR VA 105 -107.44 3.24 -53.21
CA TYR VA 105 -107.20 4.10 -52.05
C TYR VA 105 -106.90 3.20 -50.87
N PHE VA 106 -105.67 3.28 -50.37
CA PHE VA 106 -105.23 2.43 -49.27
C PHE VA 106 -105.50 3.15 -47.96
N ALA VA 107 -106.59 2.80 -47.30
CA ALA VA 107 -106.93 3.36 -46.00
C ALA VA 107 -106.04 2.69 -44.96
N VAL VA 108 -105.05 3.42 -44.48
CA VAL VA 108 -104.06 2.84 -43.57
C VAL VA 108 -104.71 2.64 -42.20
N PRO VA 109 -104.51 1.49 -41.55
CA PRO VA 109 -103.84 0.28 -42.03
C PRO VA 109 -104.84 -0.73 -42.55
N PHE VA 110 -106.07 -0.26 -42.76
CA PHE VA 110 -107.21 -1.17 -42.90
C PHE VA 110 -107.17 -1.93 -44.22
N GLY VA 111 -106.77 -1.28 -45.29
CA GLY VA 111 -106.52 -2.00 -46.53
C GLY VA 111 -106.87 -1.18 -47.76
N VAL VA 112 -106.46 -1.72 -48.90
CA VAL VA 112 -106.77 -1.12 -50.19
C VAL VA 112 -108.26 -1.28 -50.49
N VAL VA 113 -108.90 -0.19 -50.90
CA VAL VA 113 -110.25 -0.26 -51.44
C VAL VA 113 -110.22 0.23 -52.88
N GLN VA 114 -110.94 -0.46 -53.75
CA GLN VA 114 -111.08 -0.03 -55.13
C GLN VA 114 -111.96 1.22 -55.18
N ASN VA 115 -111.49 2.24 -55.88
CA ASN VA 115 -112.26 3.47 -56.01
C ASN VA 115 -113.09 3.41 -57.29
N PRO VA 116 -114.43 3.43 -57.20
CA PRO VA 116 -115.25 3.32 -58.41
C PRO VA 116 -115.44 4.63 -59.16
N LEU VA 117 -115.10 5.77 -58.56
CA LEU VA 117 -115.40 7.05 -59.18
C LEU VA 117 -114.50 7.29 -60.38
N PRO VA 118 -115.05 7.60 -61.53
CA PRO VA 118 -114.23 7.88 -62.73
C PRO VA 118 -113.70 9.30 -62.68
N LEU VA 119 -112.88 9.63 -63.69
CA LEU VA 119 -112.17 10.90 -63.71
C LEU VA 119 -113.14 12.08 -63.78
N ALA VA 120 -114.20 11.96 -64.59
CA ALA VA 120 -115.15 13.06 -64.74
C ALA VA 120 -115.90 13.34 -63.44
N ALA VA 121 -116.36 12.27 -62.76
CA ALA VA 121 -117.05 12.46 -61.49
C ALA VA 121 -116.11 13.02 -60.44
N VAL VA 122 -114.87 12.53 -60.41
CA VAL VA 122 -113.89 13.01 -59.45
C VAL VA 122 -113.62 14.50 -59.65
N THR VA 123 -113.40 14.92 -60.90
CA THR VA 123 -113.08 16.32 -61.13
C THR VA 123 -114.29 17.22 -60.92
N LEU VA 124 -115.51 16.73 -61.18
CA LEU VA 124 -116.69 17.54 -60.91
C LEU VA 124 -116.89 17.72 -59.41
N ILE VA 125 -116.72 16.64 -58.64
CA ILE VA 125 -116.83 16.73 -57.19
C ILE VA 125 -115.77 17.68 -56.64
N GLU VA 126 -114.54 17.57 -57.14
CA GLU VA 126 -113.48 18.46 -56.68
C GLU VA 126 -113.79 19.91 -57.01
N ILE VA 127 -114.29 20.17 -58.22
CA ILE VA 127 -114.59 21.54 -58.62
C ILE VA 127 -115.66 22.14 -57.71
N VAL VA 128 -116.77 21.41 -57.50
CA VAL VA 128 -117.84 22.00 -56.71
C VAL VA 128 -117.45 22.15 -55.24
N LEU VA 129 -116.74 21.15 -54.69
CA LEU VA 129 -116.35 21.21 -53.28
C LEU VA 129 -115.33 22.30 -53.02
N LEU VA 130 -114.29 22.38 -53.86
CA LEU VA 130 -113.27 23.40 -53.67
C LEU VA 130 -113.81 24.79 -53.95
N GLY VA 131 -114.69 24.94 -54.95
CA GLY VA 131 -115.29 26.23 -55.20
C GLY VA 131 -116.13 26.70 -54.03
N ALA VA 132 -116.95 25.81 -53.47
CA ALA VA 132 -117.76 26.16 -52.31
C ALA VA 132 -116.88 26.52 -51.12
N VAL VA 133 -115.83 25.73 -50.88
CA VAL VA 133 -114.97 25.96 -49.72
C VAL VA 133 -114.22 27.28 -49.85
N GLU VA 134 -113.68 27.58 -51.03
CA GLU VA 134 -112.95 28.83 -51.21
C GLU VA 134 -113.89 30.03 -51.15
N LYS VA 135 -115.11 29.89 -51.67
CA LYS VA 135 -116.10 30.95 -51.56
C LYS VA 135 -116.47 31.20 -50.09
N PHE VA 136 -116.63 30.13 -49.31
CA PHE VA 136 -116.88 30.29 -47.89
C PHE VA 136 -115.72 30.98 -47.19
N ARG VA 137 -114.49 30.64 -47.59
CA ARG VA 137 -113.32 31.26 -46.98
C ARG VA 137 -113.27 32.76 -47.25
N VAL VA 138 -113.52 33.16 -48.51
CA VAL VA 138 -113.41 34.58 -48.82
C VAL VA 138 -114.60 35.36 -48.30
N ASP VA 139 -115.77 34.74 -48.20
CA ASP VA 139 -116.95 35.44 -47.71
C ASP VA 139 -117.05 35.46 -46.19
N GLY VA 140 -116.39 34.54 -45.49
CA GLY VA 140 -116.54 34.44 -44.06
C GLY VA 140 -117.88 33.92 -43.59
N THR VA 141 -118.58 33.15 -44.43
CA THR VA 141 -119.87 32.59 -44.09
C THR VA 141 -119.94 31.13 -44.50
N GLY VA 142 -120.56 30.30 -43.66
CA GLY VA 142 -120.72 28.89 -43.93
C GLY VA 142 -122.10 28.38 -43.54
N PRO VA 143 -122.60 27.37 -44.26
CA PRO VA 143 -124.01 27.00 -44.13
C PRO VA 143 -124.40 26.13 -42.95
N ALA VA 144 -123.56 25.17 -42.57
CA ALA VA 144 -123.94 24.13 -41.61
C ALA VA 144 -122.99 24.13 -40.43
N GLY VA 145 -123.12 23.11 -39.57
CA GLY VA 145 -122.41 23.06 -38.31
C GLY VA 145 -121.74 21.73 -38.06
N PHE VA 146 -121.73 21.35 -36.77
CA PHE VA 146 -121.19 20.10 -36.25
C PHE VA 146 -119.69 19.95 -36.56
N SER VA 147 -118.91 20.78 -35.89
CA SER VA 147 -117.50 20.46 -35.73
C SER VA 147 -117.24 19.98 -34.30
N PRO VA 148 -116.30 19.07 -34.11
CA PRO VA 148 -116.04 18.55 -32.75
C PRO VA 148 -115.53 19.64 -31.82
N GLY VA 149 -115.77 19.44 -30.53
CA GLY VA 149 -115.40 20.43 -29.53
C GLY VA 149 -116.38 21.57 -29.45
N VAL VA 150 -116.51 22.33 -30.54
CA VAL VA 150 -117.49 23.40 -30.59
C VAL VA 150 -118.91 22.87 -30.74
N GLY VA 151 -119.06 21.63 -31.21
CA GLY VA 151 -120.37 21.04 -31.38
C GLY VA 151 -121.10 21.53 -32.61
N LYS VA 152 -122.40 21.25 -32.63
CA LYS VA 152 -123.28 21.74 -33.68
C LYS VA 152 -123.39 23.25 -33.57
N PHE VA 153 -122.86 23.97 -34.57
CA PHE VA 153 -122.84 25.42 -34.54
C PHE VA 153 -123.75 25.99 -35.62
N ASP VA 154 -124.47 27.05 -35.28
CA ASP VA 154 -125.33 27.73 -36.23
C ASP VA 154 -124.49 28.45 -37.29
N SER VA 155 -125.16 28.87 -38.37
CA SER VA 155 -124.44 29.49 -39.47
C SER VA 155 -124.20 30.97 -39.21
N ASP VA 156 -123.72 31.30 -38.01
CA ASP VA 156 -123.34 32.65 -37.67
C ASP VA 156 -122.10 32.70 -36.77
N ILE VA 157 -121.48 31.56 -36.48
CA ILE VA 157 -120.30 31.53 -35.63
C ILE VA 157 -119.06 32.07 -36.33
N PHE VA 158 -119.14 32.30 -37.64
CA PHE VA 158 -117.99 32.74 -38.41
C PHE VA 158 -117.74 34.23 -38.33
N ASP VA 159 -118.67 35.01 -37.78
CA ASP VA 159 -118.42 36.45 -37.66
C ASP VA 159 -117.35 36.71 -36.60
N GLY VA 160 -116.47 37.66 -36.90
CA GLY VA 160 -115.37 37.94 -36.01
C GLY VA 160 -114.25 36.93 -36.02
N LEU VA 161 -114.41 35.83 -36.77
CA LEU VA 161 -113.34 34.86 -36.90
C LEU VA 161 -112.26 35.43 -37.82
N ASP VA 162 -111.05 35.53 -37.31
CA ASP VA 162 -109.96 36.11 -38.08
C ASP VA 162 -109.66 35.26 -39.31
N LYS VA 163 -109.48 35.93 -40.44
CA LYS VA 163 -109.01 35.25 -41.64
C LYS VA 163 -107.63 34.66 -41.38
N LEU VA 164 -107.39 33.48 -41.97
CA LEU VA 164 -106.18 32.68 -41.88
C LEU VA 164 -106.01 31.98 -40.53
N TYR VA 165 -106.82 32.37 -39.55
CA TYR VA 165 -106.78 31.74 -38.24
C TYR VA 165 -108.15 31.76 -37.59
N PRO VA 166 -109.18 31.16 -38.20
CA PRO VA 166 -110.50 31.20 -37.57
C PRO VA 166 -110.66 30.08 -36.56
N GLY VA 167 -110.90 30.43 -35.29
CA GLY VA 167 -111.10 29.42 -34.27
C GLY VA 167 -112.45 28.74 -34.38
N GLY VA 168 -112.97 28.25 -33.27
CA GLY VA 168 -114.28 27.65 -33.25
C GLY VA 168 -114.35 26.33 -33.98
N PRO VA 169 -115.06 26.32 -35.11
CA PRO VA 169 -115.21 25.06 -35.87
C PRO VA 169 -113.91 24.46 -36.36
N PHE VA 170 -112.93 25.28 -36.74
CA PHE VA 170 -111.67 24.78 -37.25
C PHE VA 170 -110.69 24.41 -36.16
N ASP VA 171 -111.14 24.39 -34.91
CA ASP VA 171 -110.30 24.08 -33.77
C ASP VA 171 -110.98 23.06 -32.87
N PRO VA 172 -111.11 21.81 -33.32
CA PRO VA 172 -111.75 20.80 -32.46
C PRO VA 172 -110.93 20.43 -31.23
N LEU VA 173 -109.61 20.54 -31.29
CA LEU VA 173 -108.74 20.07 -30.23
C LEU VA 173 -108.21 21.21 -29.36
N ASN VA 174 -108.81 22.40 -29.46
CA ASN VA 174 -108.39 23.60 -28.74
C ASN VA 174 -106.93 23.93 -29.02
N LEU VA 175 -106.03 23.61 -28.09
CA LEU VA 175 -104.58 23.65 -28.34
C LEU VA 175 -104.06 25.05 -28.69
N ALA VA 176 -104.95 26.05 -28.72
CA ALA VA 176 -104.58 27.39 -29.13
C ALA VA 176 -105.27 28.47 -28.32
N ASP VA 177 -106.02 28.14 -27.28
CA ASP VA 177 -106.71 29.14 -26.49
C ASP VA 177 -105.75 30.04 -25.74
N ASP VA 178 -104.63 29.50 -25.29
CA ASP VA 178 -103.59 30.32 -24.68
C ASP VA 178 -102.90 31.13 -25.77
N PRO VA 179 -102.91 32.46 -25.69
CA PRO VA 179 -102.31 33.27 -26.78
C PRO VA 179 -100.83 33.03 -27.00
N GLU VA 180 -100.06 32.75 -25.95
CA GLU VA 180 -98.63 32.54 -26.12
C GLU VA 180 -98.35 31.28 -26.94
N VAL VA 181 -98.98 30.16 -26.58
CA VAL VA 181 -98.79 28.95 -27.36
C VAL VA 181 -99.46 29.07 -28.72
N PHE VA 182 -100.48 29.91 -28.86
CA PHE VA 182 -101.07 30.14 -30.17
C PHE VA 182 -100.09 30.84 -31.10
N ALA VA 183 -99.40 31.88 -30.60
CA ALA VA 183 -98.40 32.56 -31.40
C ALA VA 183 -97.22 31.64 -31.71
N GLU VA 184 -96.80 30.84 -30.72
CA GLU VA 184 -95.70 29.91 -30.91
C GLU VA 184 -96.06 28.84 -31.94
N LEU VA 185 -97.30 28.37 -31.92
CA LEU VA 185 -97.76 27.40 -32.92
C LEU VA 185 -97.94 28.06 -34.29
N GLN VA 186 -98.24 29.36 -34.32
CA GLN VA 186 -98.23 30.07 -35.59
C GLN VA 186 -96.84 30.09 -36.21
N VAL VA 187 -95.83 30.33 -35.37
CA VAL VA 187 -94.44 30.27 -35.85
C VAL VA 187 -94.11 28.86 -36.34
N LYS VA 188 -94.51 27.84 -35.58
CA LYS VA 188 -94.29 26.46 -36.00
C LYS VA 188 -94.98 26.15 -37.33
N GLU VA 189 -96.21 26.62 -37.48
CA GLU VA 189 -96.98 26.38 -38.70
C GLU VA 189 -96.32 27.02 -39.91
N ILE VA 190 -95.92 28.29 -39.77
CA ILE VA 190 -95.33 28.96 -40.92
C ILE VA 190 -93.97 28.37 -41.27
N LYS VA 191 -93.19 27.95 -40.27
CA LYS VA 191 -91.90 27.33 -40.57
C LYS VA 191 -92.06 25.98 -41.24
N ASN VA 192 -93.00 25.16 -40.75
CA ASN VA 192 -93.28 23.88 -41.38
C ASN VA 192 -93.81 24.06 -42.79
N GLY VA 193 -94.64 25.08 -43.00
CA GLY VA 193 -95.17 25.33 -44.33
C GLY VA 193 -94.12 25.80 -45.31
N ARG VA 194 -93.20 26.66 -44.87
CA ARG VA 194 -92.10 27.07 -45.74
C ARG VA 194 -91.22 25.88 -46.09
N LEU VA 195 -90.93 25.03 -45.10
CA LEU VA 195 -90.17 23.81 -45.37
C LEU VA 195 -90.88 22.91 -46.36
N ALA VA 196 -92.21 22.79 -46.23
CA ALA VA 196 -92.96 21.94 -47.13
C ALA VA 196 -93.04 22.52 -48.53
N MET VA 197 -93.11 23.85 -48.66
CA MET VA 197 -93.10 24.48 -49.97
C MET VA 197 -91.78 24.22 -50.68
N ILE VA 198 -90.67 24.38 -49.97
CA ILE VA 198 -89.36 24.07 -50.54
C ILE VA 198 -89.28 22.59 -50.90
N ALA VA 199 -89.85 21.74 -50.05
CA ALA VA 199 -89.83 20.30 -50.31
C ALA VA 199 -90.63 19.94 -51.56
N VAL VA 200 -91.77 20.58 -51.77
CA VAL VA 200 -92.57 20.29 -52.96
C VAL VA 200 -91.87 20.78 -54.21
N LEU VA 201 -91.25 21.97 -54.14
CA LEU VA 201 -90.45 22.43 -55.28
C LEU VA 201 -89.29 21.47 -55.56
N ALA VA 202 -88.66 20.96 -54.51
CA ALA VA 202 -87.62 19.96 -54.67
C ALA VA 202 -88.16 18.68 -55.29
N PHE VA 203 -89.37 18.26 -54.89
CA PHE VA 203 -90.00 17.09 -55.47
C PHE VA 203 -90.18 17.27 -56.97
N ALA VA 204 -90.68 18.44 -57.37
CA ALA VA 204 -90.91 18.71 -58.78
C ALA VA 204 -89.61 18.69 -59.57
N ILE VA 205 -88.59 19.41 -59.08
CA ILE VA 205 -87.33 19.50 -59.81
C ILE VA 205 -86.63 18.15 -59.86
N GLN VA 206 -86.59 17.43 -58.74
CA GLN VA 206 -85.98 16.10 -58.71
C GLN VA 206 -86.70 15.13 -59.63
N SER VA 207 -88.03 15.17 -59.64
CA SER VA 207 -88.79 14.29 -60.50
C SER VA 207 -88.52 14.59 -61.97
N TYR VA 208 -88.46 15.87 -62.33
CA TYR VA 208 -88.14 16.24 -63.70
C TYR VA 208 -86.74 15.77 -64.09
N VAL VA 209 -85.77 15.96 -63.19
CA VAL VA 209 -84.39 15.63 -63.53
C VAL VA 209 -84.18 14.12 -63.61
N THR VA 210 -84.71 13.37 -62.64
CA THR VA 210 -84.35 11.96 -62.48
C THR VA 210 -85.39 11.00 -63.01
N GLY VA 211 -86.60 11.46 -63.35
CA GLY VA 211 -87.60 10.56 -63.87
C GLY VA 211 -88.23 9.64 -62.85
N GLU VA 212 -87.99 9.86 -61.57
CA GLU VA 212 -88.56 9.02 -60.52
C GLU VA 212 -88.96 9.89 -59.34
N GLY VA 213 -89.83 9.34 -58.49
CA GLY VA 213 -90.37 10.08 -57.39
C GLY VA 213 -89.38 10.30 -56.26
N PRO VA 214 -89.73 11.21 -55.34
CA PRO VA 214 -88.81 11.52 -54.23
C PRO VA 214 -88.51 10.36 -53.31
N TYR VA 215 -89.46 9.44 -53.12
CA TYR VA 215 -89.16 8.27 -52.30
C TYR VA 215 -88.11 7.40 -52.96
N ALA VA 216 -88.22 7.20 -54.27
CA ALA VA 216 -87.18 6.48 -55.01
C ALA VA 216 -85.86 7.21 -54.91
N ASN VA 217 -85.89 8.54 -55.01
CA ASN VA 217 -84.67 9.34 -54.89
C ASN VA 217 -83.99 9.12 -53.55
N ILE VA 218 -84.75 9.27 -52.45
CA ILE VA 218 -84.14 9.17 -51.12
C ILE VA 218 -83.69 7.75 -50.84
N THR VA 219 -84.46 6.74 -51.27
CA THR VA 219 -84.09 5.36 -50.98
C THR VA 219 -82.85 4.95 -51.76
N LYS VA 220 -82.76 5.30 -53.04
CA LYS VA 220 -81.58 4.95 -53.82
C LYS VA 220 -80.37 5.76 -53.38
N HIS VA 221 -80.56 7.02 -52.96
CA HIS VA 221 -79.44 7.80 -52.47
C HIS VA 221 -78.93 7.27 -51.14
N LEU VA 222 -79.81 6.83 -50.25
CA LEU VA 222 -79.35 6.20 -49.02
C LEU VA 222 -78.76 4.81 -49.29
N SER VA 223 -79.16 4.17 -50.38
CA SER VA 223 -78.49 2.93 -50.77
C SER VA 223 -77.06 3.19 -51.19
N ASP VA 224 -76.84 4.21 -52.03
CA ASP VA 224 -75.49 4.57 -52.46
C ASP VA 224 -75.40 6.08 -52.59
N PRO VA 225 -74.84 6.77 -51.60
CA PRO VA 225 -74.81 8.23 -51.66
C PRO VA 225 -73.84 8.78 -52.69
N PHE VA 226 -72.65 8.20 -52.79
CA PHE VA 226 -71.66 8.70 -53.74
C PHE VA 226 -71.83 8.14 -55.14
N GLY VA 227 -72.72 7.16 -55.31
CA GLY VA 227 -72.98 6.61 -56.62
C GLY VA 227 -74.36 6.96 -57.14
N TYR VA 228 -75.10 7.76 -56.37
CA TYR VA 228 -76.42 8.22 -56.81
C TYR VA 228 -76.68 9.58 -56.18
N ASN VA 229 -76.40 10.64 -56.92
CA ASN VA 229 -76.67 12.01 -56.48
C ASN VA 229 -76.95 12.85 -57.71
N LEU VA 230 -77.03 14.17 -57.51
CA LEU VA 230 -77.35 15.08 -58.62
C LEU VA 230 -76.26 15.04 -59.69
N LEU VA 231 -74.99 15.06 -59.28
CA LEU VA 231 -73.91 15.04 -60.25
C LEU VA 231 -73.83 13.69 -60.96
N THR VA 232 -74.12 12.61 -60.24
CA THR VA 232 -74.12 11.29 -60.86
C THR VA 232 -75.25 11.13 -61.87
N VAL VA 233 -76.43 11.70 -61.60
CA VAL VA 233 -77.50 11.60 -62.58
C VAL VA 233 -77.35 12.62 -63.70
N LEU VA 234 -76.60 13.70 -63.49
CA LEU VA 234 -76.27 14.58 -64.61
C LEU VA 234 -75.18 13.99 -65.49
N GLN VA 235 -74.31 13.15 -64.92
CA GLN VA 235 -73.23 12.55 -65.69
C GLN VA 235 -73.76 11.64 -66.79
N GLY VA 236 -74.84 10.91 -66.50
CA GLY VA 236 -75.48 10.07 -67.51
C GLY VA 236 -74.98 8.64 -67.53
N ASP VA 237 -73.76 8.44 -68.03
CA ASP VA 237 -73.16 7.12 -68.10
C ASP VA 237 -71.96 7.06 -67.17
N ASP VA 238 -71.37 5.86 -67.05
CA ASP VA 238 -70.21 5.69 -66.19
C ASP VA 238 -69.02 6.45 -66.77
N ARG VA 239 -68.36 7.24 -65.92
CA ARG VA 239 -67.25 8.07 -66.36
C ARG VA 239 -66.06 7.20 -66.73
N VAL VA 240 -65.27 7.67 -67.69
CA VAL VA 240 -64.03 7.02 -68.06
C VAL VA 240 -63.01 7.32 -66.98
N PRO VA 241 -62.39 6.31 -66.37
CA PRO VA 241 -61.47 6.56 -65.26
C PRO VA 241 -60.26 7.38 -65.70
N THR VA 242 -59.83 8.28 -64.80
CA THR VA 242 -58.69 9.15 -65.04
C THR VA 242 -57.38 8.52 -64.59
N LEU VA 243 -57.31 7.19 -64.57
CA LEU VA 243 -56.11 6.46 -64.21
C LEU VA 243 -54.94 6.81 -65.12
N SER WA 1 -77.85 13.44 -0.62
CA SER WA 1 -78.57 14.39 -1.48
C SER WA 1 -80.04 14.48 -1.09
N ALA WA 2 -80.28 14.76 0.19
CA ALA WA 2 -81.62 14.94 0.76
C ALA WA 2 -82.48 13.69 0.56
N TRP WA 3 -82.06 12.61 1.22
CA TRP WA 3 -82.78 11.35 1.17
C TRP WA 3 -84.04 11.34 2.02
N TYR WA 4 -84.21 12.31 2.90
CA TYR WA 4 -85.38 12.40 3.77
C TYR WA 4 -86.08 13.73 3.53
N GLY WA 5 -87.25 13.88 4.14
CA GLY WA 5 -87.99 15.11 4.09
C GLY WA 5 -88.79 15.26 2.80
N PRO WA 6 -89.40 16.44 2.62
CA PRO WA 6 -90.25 16.66 1.44
C PRO WA 6 -89.48 16.86 0.15
N ASP WA 7 -88.16 17.01 0.20
CA ASP WA 7 -87.35 17.19 -0.99
C ASP WA 7 -86.69 15.91 -1.45
N ARG WA 8 -87.09 14.76 -0.92
CA ARG WA 8 -86.47 13.50 -1.27
C ARG WA 8 -86.80 13.12 -2.72
N PRO WA 9 -85.91 12.38 -3.38
CA PRO WA 9 -86.23 11.90 -4.72
C PRO WA 9 -87.33 10.85 -4.68
N LEU WA 10 -88.10 10.77 -5.76
CA LEU WA 10 -89.25 9.90 -5.83
C LEU WA 10 -89.14 8.94 -7.00
N PHE WA 11 -90.08 8.01 -7.07
CA PHE WA 11 -89.97 6.83 -7.93
C PHE WA 11 -90.42 7.07 -9.37
N LEU WA 12 -90.76 8.31 -9.75
CA LEU WA 12 -90.98 8.63 -11.15
C LEU WA 12 -90.26 9.91 -11.53
N GLY WA 13 -89.26 10.29 -10.74
CA GLY WA 13 -88.52 11.52 -10.98
C GLY WA 13 -89.44 12.72 -10.98
N SER WA 14 -89.20 13.61 -11.94
CA SER WA 14 -90.03 14.80 -12.11
C SER WA 14 -91.46 14.47 -12.51
N LEU WA 15 -91.73 13.23 -12.92
CA LEU WA 15 -93.08 12.79 -13.23
C LEU WA 15 -93.78 12.16 -12.03
N SER WA 16 -93.18 12.26 -10.84
CA SER WA 16 -93.76 11.61 -9.67
C SER WA 16 -95.04 12.30 -9.21
N GLY WA 17 -95.09 13.63 -9.28
CA GLY WA 17 -96.21 14.35 -8.73
C GLY WA 17 -96.13 14.42 -7.22
N GLU WA 18 -97.30 14.48 -6.59
CA GLU WA 18 -97.37 14.54 -5.13
C GLU WA 18 -97.38 13.13 -4.57
N PRO WA 19 -96.45 12.78 -3.67
CA PRO WA 19 -96.51 11.48 -3.01
C PRO WA 19 -97.70 11.41 -2.07
N PRO WA 20 -98.11 10.21 -1.66
CA PRO WA 20 -99.19 10.10 -0.67
C PRO WA 20 -98.80 10.73 0.65
N SER WA 21 -99.82 11.19 1.38
CA SER WA 21 -99.58 11.98 2.59
C SER WA 21 -98.89 11.18 3.68
N TYR WA 22 -99.16 9.88 3.78
CA TYR WA 22 -98.53 9.07 4.81
C TYR WA 22 -97.06 8.76 4.49
N LEU WA 23 -96.65 8.92 3.23
CA LEU WA 23 -95.24 8.78 2.88
C LEU WA 23 -94.56 10.15 2.97
N THR WA 24 -94.37 10.59 4.21
CA THR WA 24 -93.79 11.90 4.47
C THR WA 24 -92.33 11.95 4.08
N GLY WA 25 -91.58 10.89 4.36
CA GLY WA 25 -90.15 10.90 4.10
C GLY WA 25 -89.37 10.66 5.38
N GLU WA 26 -90.07 10.14 6.39
CA GLU WA 26 -89.45 9.87 7.68
C GLU WA 26 -88.59 8.61 7.65
N PHE WA 27 -88.94 7.65 6.80
CA PHE WA 27 -88.34 6.33 6.85
C PHE WA 27 -87.42 6.09 5.65
N PRO WA 28 -86.41 5.24 5.80
CA PRO WA 28 -85.47 5.00 4.69
C PRO WA 28 -86.15 4.34 3.51
N GLY WA 29 -85.66 4.70 2.31
CA GLY WA 29 -86.19 4.14 1.09
C GLY WA 29 -87.51 4.73 0.63
N ASP WA 30 -87.94 5.84 1.21
CA ASP WA 30 -89.19 6.47 0.84
C ASP WA 30 -89.02 7.16 -0.51
N TYR WA 31 -89.52 6.53 -1.58
CA TYR WA 31 -89.55 7.12 -2.90
C TYR WA 31 -90.97 7.50 -3.30
N GLY WA 32 -91.90 7.55 -2.35
CA GLY WA 32 -93.27 7.91 -2.64
C GLY WA 32 -94.00 6.93 -3.53
N TRP WA 33 -93.71 5.64 -3.38
CA TRP WA 33 -94.33 4.60 -4.20
C TRP WA 33 -95.23 3.74 -3.31
N ASP WA 34 -96.49 4.16 -3.18
CA ASP WA 34 -97.55 3.31 -2.63
C ASP WA 34 -98.81 3.46 -3.48
N THR WA 35 -98.65 3.29 -4.79
CA THR WA 35 -99.77 3.47 -5.72
C THR WA 35 -100.90 2.50 -5.48
N ALA WA 36 -100.65 1.38 -4.79
CA ALA WA 36 -101.71 0.47 -4.40
C ALA WA 36 -102.36 0.83 -3.07
N GLY WA 37 -101.80 1.79 -2.34
CA GLY WA 37 -102.39 2.23 -1.10
C GLY WA 37 -102.38 1.22 0.02
N LEU WA 38 -101.44 0.28 0.00
CA LEU WA 38 -101.42 -0.80 0.99
C LEU WA 38 -100.83 -0.36 2.32
N SER WA 39 -100.29 0.85 2.41
CA SER WA 39 -99.70 1.35 3.65
C SER WA 39 -100.42 2.59 4.15
N ALA WA 40 -101.74 2.66 3.94
CA ALA WA 40 -102.51 3.82 4.40
C ALA WA 40 -102.54 3.89 5.92
N ASP WA 41 -102.80 2.75 6.58
CA ASP WA 41 -102.83 2.72 8.03
C ASP WA 41 -101.40 2.69 8.57
N PRO WA 42 -101.10 3.50 9.60
CA PRO WA 42 -99.75 3.49 10.17
C PRO WA 42 -99.31 2.16 10.76
N THR WA 43 -100.24 1.39 11.33
CA THR WA 43 -99.87 0.10 11.92
C THR WA 43 -99.41 -0.89 10.87
N THR WA 44 -100.20 -1.05 9.80
CA THR WA 44 -99.77 -1.93 8.71
C THR WA 44 -98.60 -1.35 7.94
N PHE WA 45 -98.43 -0.02 7.95
CA PHE WA 45 -97.23 0.57 7.37
C PHE WA 45 -95.99 0.16 8.14
N ALA WA 46 -96.05 0.19 9.48
CA ALA WA 46 -94.91 -0.25 10.29
C ALA WA 46 -94.64 -1.74 10.10
N ARG WA 47 -95.71 -2.54 10.04
CA ARG WA 47 -95.53 -3.97 9.81
C ARG WA 47 -94.94 -4.24 8.43
N TYR WA 48 -95.37 -3.49 7.41
CA TYR WA 48 -94.81 -3.65 6.08
C TYR WA 48 -93.36 -3.17 6.03
N ARG WA 49 -93.00 -2.14 6.80
CA ARG WA 49 -91.61 -1.69 6.85
C ARG WA 49 -90.70 -2.76 7.45
N THR WA 50 -91.13 -3.36 8.57
CA THR WA 50 -90.28 -4.40 9.16
C THR WA 50 -90.24 -5.64 8.27
N ILE WA 51 -91.34 -5.98 7.61
CA ILE WA 51 -91.34 -7.11 6.67
C ILE WA 51 -90.41 -6.82 5.50
N GLU WA 52 -90.46 -5.60 4.97
CA GLU WA 52 -89.60 -5.23 3.85
C GLU WA 52 -88.13 -5.29 4.23
N LEU WA 53 -87.77 -4.81 5.42
CA LEU WA 53 -86.36 -4.82 5.79
C LEU WA 53 -85.87 -6.23 6.10
N ILE WA 54 -86.72 -7.06 6.73
CA ILE WA 54 -86.35 -8.45 6.96
C ILE WA 54 -86.15 -9.17 5.64
N HIS WA 55 -87.07 -8.96 4.69
CA HIS WA 55 -86.93 -9.54 3.36
C HIS WA 55 -85.68 -9.02 2.66
N ALA WA 56 -85.38 -7.74 2.83
CA ALA WA 56 -84.22 -7.14 2.19
C ALA WA 56 -82.94 -7.77 2.70
N ARG WA 57 -82.83 -7.96 4.01
CA ARG WA 57 -81.61 -8.54 4.57
C ARG WA 57 -81.48 -10.01 4.19
N TRP WA 58 -82.60 -10.75 4.23
CA TRP WA 58 -82.59 -12.13 3.78
C TRP WA 58 -82.21 -12.23 2.31
N ALA WA 59 -82.65 -11.28 1.49
CA ALA WA 59 -82.34 -11.31 0.07
C ALA WA 59 -80.91 -10.87 -0.23
N LEU WA 60 -80.34 -9.98 0.58
CA LEU WA 60 -78.92 -9.67 0.44
C LEU WA 60 -78.08 -10.92 0.69
N LEU WA 61 -78.37 -11.61 1.79
CA LEU WA 61 -77.69 -12.87 2.06
C LEU WA 61 -77.96 -13.89 0.97
N GLY WA 62 -79.20 -13.97 0.50
CA GLY WA 62 -79.56 -14.96 -0.50
C GLY WA 62 -78.92 -14.71 -1.85
N ALA WA 63 -78.84 -13.45 -2.27
CA ALA WA 63 -78.18 -13.12 -3.53
C ALA WA 63 -76.70 -13.45 -3.45
N LEU WA 64 -76.04 -13.08 -2.35
CA LEU WA 64 -74.63 -13.40 -2.21
C LEU WA 64 -74.42 -14.92 -2.17
N GLY WA 65 -75.31 -15.65 -1.49
CA GLY WA 65 -75.16 -17.09 -1.38
C GLY WA 65 -75.60 -17.84 -2.62
N ILE WA 66 -76.39 -17.24 -3.48
CA ILE WA 66 -76.71 -17.84 -4.76
C ILE WA 66 -75.55 -17.64 -5.73
N ILE WA 67 -74.94 -16.46 -5.69
CA ILE WA 67 -73.85 -16.18 -6.62
C ILE WA 67 -72.58 -16.94 -6.23
N THR WA 68 -72.26 -17.00 -4.93
CA THR WA 68 -70.90 -17.37 -4.52
C THR WA 68 -70.46 -18.78 -4.90
N PRO WA 69 -71.21 -19.86 -4.63
CA PRO WA 69 -70.70 -21.18 -5.01
C PRO WA 69 -70.55 -21.39 -6.51
N GLU WA 70 -71.40 -20.77 -7.32
CA GLU WA 70 -71.24 -20.88 -8.77
C GLU WA 70 -69.94 -20.20 -9.23
N LEU WA 71 -69.65 -19.02 -8.69
CA LEU WA 71 -68.40 -18.34 -9.02
C LEU WA 71 -67.20 -19.14 -8.55
N LEU WA 72 -67.27 -19.72 -7.35
CA LEU WA 72 -66.17 -20.52 -6.84
C LEU WA 72 -65.95 -21.77 -7.68
N ALA WA 73 -67.04 -22.41 -8.11
CA ALA WA 73 -66.92 -23.58 -8.97
C ALA WA 73 -66.34 -23.22 -10.33
N LYS WA 74 -66.71 -22.06 -10.86
CA LYS WA 74 -66.11 -21.61 -12.12
C LYS WA 74 -64.67 -21.15 -11.92
N ASN WA 75 -64.25 -20.90 -10.68
CA ASN WA 75 -62.89 -20.52 -10.37
C ASN WA 75 -62.04 -21.68 -9.84
N GLY WA 76 -62.57 -22.90 -9.86
CA GLY WA 76 -61.78 -24.07 -9.55
C GLY WA 76 -62.11 -24.77 -8.24
N VAL WA 77 -62.98 -24.20 -7.42
CA VAL WA 77 -63.38 -24.89 -6.18
C VAL WA 77 -64.23 -26.11 -6.54
N PRO WA 78 -63.90 -27.31 -6.07
CA PRO WA 78 -64.54 -28.54 -6.57
C PRO WA 78 -65.94 -28.78 -6.02
N PHE WA 79 -66.87 -27.89 -6.38
CA PHE WA 79 -68.28 -28.23 -6.24
C PHE WA 79 -68.65 -29.21 -7.35
N SER WA 80 -69.41 -30.25 -6.98
CA SER WA 80 -69.46 -31.45 -7.81
C SER WA 80 -70.07 -31.24 -9.20
N GLU WA 81 -71.38 -31.11 -9.29
CA GLU WA 81 -72.01 -30.63 -10.52
C GLU WA 81 -73.25 -29.82 -10.16
N ASP WA 82 -73.74 -30.01 -8.94
CA ASP WA 82 -74.99 -29.42 -8.50
C ASP WA 82 -74.83 -28.52 -7.28
N GLY WA 83 -73.74 -28.63 -6.53
CA GLY WA 83 -73.44 -27.62 -5.53
C GLY WA 83 -73.15 -26.28 -6.15
N ALA WA 84 -72.67 -26.28 -7.40
CA ALA WA 84 -72.49 -25.03 -8.13
C ALA WA 84 -73.81 -24.31 -8.37
N ILE WA 85 -74.85 -25.07 -8.68
CA ILE WA 85 -76.13 -24.51 -9.06
C ILE WA 85 -76.99 -24.35 -7.81
N TRP WA 86 -77.52 -23.14 -7.60
CA TRP WA 86 -78.19 -22.85 -6.33
C TRP WA 86 -79.49 -23.63 -6.19
N PHE WA 87 -80.27 -23.75 -7.27
CA PHE WA 87 -81.56 -24.43 -7.16
C PHE WA 87 -81.43 -25.94 -7.25
N LYS WA 88 -80.23 -26.45 -7.55
CA LYS WA 88 -79.97 -27.88 -7.50
C LYS WA 88 -79.09 -28.26 -6.33
N ALA WA 89 -78.63 -27.31 -5.54
CA ALA WA 89 -77.77 -27.59 -4.39
C ALA WA 89 -78.58 -27.81 -3.13
N GLY WA 90 -79.58 -28.67 -3.23
CA GLY WA 90 -80.28 -29.19 -2.07
C GLY WA 90 -80.25 -30.69 -2.14
N ALA WA 91 -80.12 -31.20 -3.37
CA ALA WA 91 -80.03 -32.63 -3.61
C ALA WA 91 -78.68 -33.20 -3.22
N GLU WA 92 -77.67 -32.34 -2.97
CA GLU WA 92 -76.35 -32.81 -2.58
C GLU WA 92 -76.38 -33.57 -1.26
N ILE WA 93 -77.30 -33.20 -0.36
CA ILE WA 93 -77.42 -33.92 0.90
C ILE WA 93 -77.94 -35.33 0.68
N PHE WA 94 -78.53 -35.61 -0.48
CA PHE WA 94 -78.91 -36.97 -0.85
C PHE WA 94 -77.84 -37.67 -1.65
N LYS WA 95 -76.74 -36.98 -1.96
CA LYS WA 95 -75.62 -37.63 -2.63
C LYS WA 95 -74.91 -38.60 -1.69
N GLU WA 96 -74.17 -39.54 -2.28
CA GLU WA 96 -73.49 -40.56 -1.50
C GLU WA 96 -72.40 -39.96 -0.62
N GLY WA 97 -71.65 -39.01 -1.16
CA GLY WA 97 -70.64 -38.32 -0.37
C GLY WA 97 -71.17 -37.21 0.50
N GLY WA 98 -72.47 -36.97 0.49
CA GLY WA 98 -73.06 -35.95 1.32
C GLY WA 98 -72.76 -34.54 0.81
N LEU WA 99 -73.13 -33.58 1.64
CA LEU WA 99 -72.88 -32.17 1.36
C LEU WA 99 -71.58 -31.78 2.06
N ASN WA 100 -70.61 -31.35 1.26
CA ASN WA 100 -69.27 -31.02 1.74
C ASN WA 100 -69.03 -29.55 1.44
N TYR WA 101 -68.73 -28.77 2.49
CA TYR WA 101 -68.51 -27.34 2.31
C TYR WA 101 -67.25 -27.11 1.48
N LEU WA 102 -67.39 -26.25 0.46
CA LEU WA 102 -66.33 -25.92 -0.49
C LEU WA 102 -65.81 -27.15 -1.23
N GLY WA 103 -66.60 -28.21 -1.31
CA GLY WA 103 -66.16 -29.46 -1.89
C GLY WA 103 -65.24 -30.27 -1.01
N ASN WA 104 -64.90 -29.79 0.18
CA ASN WA 104 -63.97 -30.46 1.06
C ASN WA 104 -64.74 -31.44 1.95
N GLU WA 105 -64.39 -32.72 1.86
CA GLU WA 105 -65.07 -33.75 2.62
C GLU WA 105 -64.86 -33.60 4.12
N ASN WA 106 -63.81 -32.88 4.52
CA ASN WA 106 -63.55 -32.66 5.94
C ASN WA 106 -64.49 -31.64 6.56
N LEU WA 107 -65.12 -30.79 5.75
CA LEU WA 107 -66.01 -29.75 6.25
C LEU WA 107 -67.46 -30.20 6.14
N ILE WA 108 -68.19 -30.05 7.24
CA ILE WA 108 -69.59 -30.44 7.37
C ILE WA 108 -69.79 -31.92 7.10
N HIS WA 109 -69.77 -32.34 5.84
CA HIS WA 109 -70.03 -33.73 5.46
C HIS WA 109 -71.40 -34.19 5.97
N ALA WA 110 -72.43 -33.46 5.56
CA ALA WA 110 -73.78 -33.71 6.05
C ALA WA 110 -74.51 -34.72 5.17
N GLN WA 111 -75.24 -35.64 5.81
CA GLN WA 111 -76.05 -36.60 5.08
C GLN WA 111 -77.47 -36.76 5.63
N SER WA 112 -77.82 -36.10 6.72
CA SER WA 112 -79.15 -36.22 7.31
C SER WA 112 -79.88 -34.89 7.16
N ILE WA 113 -80.74 -34.81 6.14
CA ILE WA 113 -81.52 -33.59 5.91
C ILE WA 113 -82.49 -33.36 7.07
N LEU WA 114 -82.99 -34.43 7.68
CA LEU WA 114 -83.88 -34.27 8.83
C LEU WA 114 -83.15 -33.64 10.00
N ALA WA 115 -81.92 -34.07 10.27
CA ALA WA 115 -81.13 -33.47 11.33
C ALA WA 115 -80.79 -32.02 11.02
N THR WA 116 -80.43 -31.73 9.77
CA THR WA 116 -80.13 -30.36 9.38
C THR WA 116 -81.33 -29.45 9.56
N LEU WA 117 -82.50 -29.91 9.11
CA LEU WA 117 -83.72 -29.12 9.24
C LEU WA 117 -84.13 -28.96 10.69
N ALA WA 118 -83.92 -29.99 11.52
CA ALA WA 118 -84.25 -29.87 12.94
C ALA WA 118 -83.36 -28.84 13.63
N VAL WA 119 -82.06 -28.86 13.32
CA VAL WA 119 -81.16 -27.85 13.87
C VAL WA 119 -81.57 -26.45 13.42
N GLN WA 120 -81.91 -26.31 12.14
CA GLN WA 120 -82.34 -25.00 11.65
C GLN WA 120 -83.63 -24.54 12.33
N VAL WA 121 -84.59 -25.44 12.50
CA VAL WA 121 -85.85 -25.09 13.14
C VAL WA 121 -85.60 -24.62 14.56
N ILE WA 122 -84.76 -25.34 15.31
CA ILE WA 122 -84.48 -24.97 16.70
C ILE WA 122 -83.80 -23.60 16.75
N VAL WA 123 -82.74 -23.43 15.97
CA VAL WA 123 -81.94 -22.20 16.06
C VAL WA 123 -82.73 -20.99 15.57
N MET WA 124 -83.35 -21.11 14.40
CA MET WA 124 -84.08 -19.98 13.85
C MET WA 124 -85.38 -19.72 14.60
N GLY WA 125 -85.98 -20.75 15.21
CA GLY WA 125 -87.12 -20.51 16.07
C GLY WA 125 -86.75 -19.70 17.29
N ALA WA 126 -85.62 -20.04 17.92
CA ALA WA 126 -85.14 -19.24 19.04
C ALA WA 126 -84.83 -17.81 18.60
N ALA WA 127 -84.12 -17.66 17.49
CA ALA WA 127 -83.70 -16.34 17.04
C ALA WA 127 -84.88 -15.47 16.63
N GLU WA 128 -85.82 -16.04 15.87
CA GLU WA 128 -86.97 -15.26 15.42
C GLU WA 128 -87.96 -15.00 16.54
N GLY WA 129 -88.06 -15.92 17.51
CA GLY WA 129 -88.84 -15.61 18.70
C GLY WA 129 -88.24 -14.47 19.50
N PHE WA 130 -86.91 -14.45 19.60
CA PHE WA 130 -86.25 -13.33 20.26
C PHE WA 130 -86.50 -12.02 19.52
N ARG WA 131 -86.41 -12.05 18.19
CA ARG WA 131 -86.67 -10.85 17.40
C ARG WA 131 -88.11 -10.38 17.56
N ALA WA 132 -89.06 -11.30 17.53
CA ALA WA 132 -90.47 -10.94 17.69
C ALA WA 132 -90.73 -10.39 19.08
N ASN WA 133 -90.16 -11.02 20.12
CA ASN WA 133 -90.31 -10.51 21.48
C ASN WA 133 -89.62 -9.18 21.67
N GLY WA 134 -88.63 -8.85 20.86
CA GLY WA 134 -87.91 -7.62 21.03
C GLY WA 134 -86.97 -7.62 22.21
N GLU WA 135 -86.71 -8.78 22.79
CA GLU WA 135 -85.94 -8.90 24.01
C GLU WA 135 -85.45 -10.34 24.10
N ALA WA 136 -84.22 -10.51 24.57
CA ALA WA 136 -83.62 -11.81 24.78
C ALA WA 136 -82.88 -11.78 26.11
N PRO WA 137 -82.62 -12.95 26.71
CA PRO WA 137 -81.65 -12.98 27.81
C PRO WA 137 -80.33 -12.40 27.35
N GLY WA 138 -79.96 -11.25 27.90
CA GLY WA 138 -78.94 -10.44 27.28
C GLY WA 138 -79.47 -9.06 26.95
N VAL WA 139 -79.66 -8.79 25.65
CA VAL WA 139 -80.14 -7.49 25.20
C VAL WA 139 -81.58 -7.27 25.68
N GLU WA 140 -81.83 -6.09 26.25
CA GLU WA 140 -83.09 -5.85 26.95
C GLU WA 140 -83.95 -4.78 26.29
N GLY WA 141 -83.45 -3.55 26.15
CA GLY WA 141 -84.23 -2.51 25.52
C GLY WA 141 -83.58 -1.97 24.27
N LEU WA 142 -84.13 -2.31 23.10
CA LEU WA 142 -83.52 -1.99 21.83
C LEU WA 142 -84.63 -1.60 20.85
N ASP WA 143 -84.24 -1.40 19.60
CA ASP WA 143 -85.19 -1.16 18.51
C ASP WA 143 -85.48 -2.47 17.80
N PRO WA 144 -86.75 -2.80 17.55
CA PRO WA 144 -87.08 -4.09 16.95
C PRO WA 144 -86.51 -4.30 15.56
N LEU WA 145 -86.22 -3.24 14.82
CA LEU WA 145 -85.76 -3.35 13.45
C LEU WA 145 -84.31 -2.95 13.25
N TYR WA 146 -83.81 -2.01 14.05
CA TYR WA 146 -82.41 -1.60 14.03
C TYR WA 146 -81.87 -1.80 15.45
N PRO WA 147 -81.58 -3.04 15.84
CA PRO WA 147 -81.23 -3.29 17.25
C PRO WA 147 -79.92 -2.65 17.68
N GLY WA 148 -78.84 -2.89 16.95
CA GLY WA 148 -77.55 -2.39 17.39
C GLY WA 148 -77.01 -3.20 18.56
N GLY WA 149 -76.20 -2.54 19.39
CA GLY WA 149 -75.53 -3.20 20.47
C GLY WA 149 -74.58 -4.25 19.96
N PRO WA 150 -74.78 -5.51 20.39
CA PRO WA 150 -73.97 -6.60 19.82
C PRO WA 150 -74.24 -6.85 18.35
N PHE WA 151 -75.38 -6.38 17.84
CA PHE WA 151 -75.65 -6.44 16.41
C PHE WA 151 -74.95 -5.31 15.65
N ASP WA 152 -74.27 -4.41 16.35
CA ASP WA 152 -73.39 -3.42 15.72
C ASP WA 152 -72.04 -3.44 16.42
N PRO WA 153 -71.25 -4.51 16.22
CA PRO WA 153 -69.92 -4.56 16.88
C PRO WA 153 -68.98 -3.45 16.47
N LEU WA 154 -69.01 -3.03 15.21
CA LEU WA 154 -68.05 -2.03 14.74
C LEU WA 154 -68.50 -0.62 15.02
N GLY WA 155 -69.72 -0.42 15.51
CA GLY WA 155 -70.20 0.91 15.85
C GLY WA 155 -70.34 1.84 14.68
N LEU WA 156 -70.73 1.33 13.52
CA LEU WA 156 -70.87 2.17 12.34
C LEU WA 156 -72.08 3.08 12.43
N ALA WA 157 -73.04 2.77 13.30
CA ALA WA 157 -74.27 3.52 13.42
C ALA WA 157 -74.29 4.44 14.63
N ASP WA 158 -73.12 4.76 15.19
CA ASP WA 158 -73.08 5.62 16.37
C ASP WA 158 -73.49 7.05 16.04
N ASP WA 159 -72.99 7.58 14.92
CA ASP WA 159 -73.40 8.91 14.48
C ASP WA 159 -74.79 8.82 13.86
N PRO WA 160 -75.77 9.59 14.32
CA PRO WA 160 -77.12 9.51 13.74
C PRO WA 160 -77.21 9.86 12.27
N GLU WA 161 -76.41 10.83 11.80
CA GLU WA 161 -76.47 11.21 10.38
C GLU WA 161 -75.95 10.08 9.49
N ALA WA 162 -74.78 9.54 9.84
CA ALA WA 162 -74.26 8.37 9.14
C ALA WA 162 -75.19 7.18 9.28
N PHE WA 163 -75.89 7.08 10.42
CA PHE WA 163 -76.87 6.02 10.61
C PHE WA 163 -78.01 6.14 9.60
N ALA WA 164 -78.53 7.35 9.42
CA ALA WA 164 -79.60 7.55 8.43
C ALA WA 164 -79.12 7.26 7.01
N GLU WA 165 -77.89 7.71 6.69
CA GLU WA 165 -77.32 7.43 5.38
C GLU WA 165 -77.15 5.93 5.15
N LEU WA 166 -76.65 5.21 6.16
CA LEU WA 166 -76.47 3.77 6.02
C LEU WA 166 -77.79 3.04 6.00
N LYS WA 167 -78.82 3.58 6.65
CA LYS WA 167 -80.16 3.01 6.54
C LYS WA 167 -80.66 3.08 5.12
N VAL WA 168 -80.48 4.24 4.47
CA VAL WA 168 -80.87 4.39 3.07
C VAL WA 168 -80.07 3.43 2.20
N LYS WA 169 -78.76 3.32 2.45
CA LYS WA 169 -77.92 2.41 1.69
C LYS WA 169 -78.37 0.96 1.85
N GLU WA 170 -78.68 0.56 3.08
CA GLU WA 170 -79.13 -0.80 3.35
C GLU WA 170 -80.45 -1.10 2.66
N ILE WA 171 -81.41 -0.19 2.74
CA ILE WA 171 -82.71 -0.48 2.13
C ILE WA 171 -82.60 -0.50 0.61
N LYS WA 172 -81.78 0.36 0.02
CA LYS WA 172 -81.63 0.35 -1.43
C LYS WA 172 -80.92 -0.90 -1.91
N ASN WA 173 -79.85 -1.30 -1.20
CA ASN WA 173 -79.17 -2.54 -1.54
C ASN WA 173 -80.08 -3.74 -1.36
N GLY WA 174 -80.88 -3.75 -0.30
CA GLY WA 174 -81.79 -4.86 -0.07
C GLY WA 174 -82.89 -4.95 -1.11
N ARG WA 175 -83.40 -3.80 -1.56
CA ARG WA 175 -84.39 -3.81 -2.62
C ARG WA 175 -83.78 -4.28 -3.94
N LEU WA 176 -82.54 -3.87 -4.22
CA LEU WA 176 -81.85 -4.39 -5.39
C LEU WA 176 -81.64 -5.90 -5.29
N ALA WA 177 -81.32 -6.38 -4.09
CA ALA WA 177 -81.10 -7.81 -3.89
C ALA WA 177 -82.40 -8.60 -3.99
N MET WA 178 -83.51 -8.02 -3.51
CA MET WA 178 -84.81 -8.66 -3.68
C MET WA 178 -85.21 -8.74 -5.15
N PHE WA 179 -84.99 -7.64 -5.88
CA PHE WA 179 -85.22 -7.64 -7.33
C PHE WA 179 -84.38 -8.71 -8.02
N SER WA 180 -83.10 -8.80 -7.64
CA SER WA 180 -82.21 -9.79 -8.23
C SER WA 180 -82.58 -11.20 -7.83
N CYS WA 181 -83.11 -11.40 -6.62
CA CYS WA 181 -83.52 -12.74 -6.20
C CYS WA 181 -84.76 -13.19 -6.93
N LEU WA 182 -85.71 -12.29 -7.16
CA LEU WA 182 -86.83 -12.60 -8.04
C LEU WA 182 -86.35 -12.93 -9.44
N GLY WA 183 -85.35 -12.18 -9.93
CA GLY WA 183 -84.73 -12.51 -11.20
C GLY WA 183 -84.10 -13.89 -11.20
N PHE WA 184 -83.42 -14.25 -10.10
CA PHE WA 184 -82.82 -15.57 -9.98
C PHE WA 184 -83.88 -16.65 -10.07
N PHE WA 185 -84.99 -16.47 -9.35
CA PHE WA 185 -86.06 -17.45 -9.35
C PHE WA 185 -86.66 -17.64 -10.73
N VAL WA 186 -87.00 -16.53 -11.38
CA VAL WA 186 -87.64 -16.61 -12.69
C VAL WA 186 -86.67 -17.14 -13.75
N GLN WA 187 -85.40 -16.73 -13.68
CA GLN WA 187 -84.41 -17.24 -14.62
C GLN WA 187 -84.18 -18.72 -14.43
N ALA WA 188 -84.16 -19.19 -13.18
CA ALA WA 188 -84.01 -20.62 -12.93
C ALA WA 188 -85.19 -21.40 -13.51
N ILE WA 189 -86.40 -20.90 -13.30
CA ILE WA 189 -87.59 -21.58 -13.84
C ILE WA 189 -87.55 -21.60 -15.37
N VAL WA 190 -87.19 -20.48 -15.98
CA VAL WA 190 -87.26 -20.37 -17.44
C VAL WA 190 -86.14 -21.14 -18.12
N THR WA 191 -84.90 -20.97 -17.65
CA THR WA 191 -83.74 -21.49 -18.34
C THR WA 191 -83.24 -22.82 -17.81
N GLY WA 192 -83.48 -23.14 -16.54
CA GLY WA 192 -82.90 -24.34 -15.98
C GLY WA 192 -81.40 -24.27 -15.77
N LYS WA 193 -80.85 -23.07 -15.72
CA LYS WA 193 -79.41 -22.87 -15.59
C LYS WA 193 -79.14 -21.87 -14.47
N GLY WA 194 -77.90 -21.91 -13.97
CA GLY WA 194 -77.47 -20.97 -12.96
C GLY WA 194 -77.43 -19.55 -13.49
N PRO WA 195 -77.59 -18.58 -12.58
CA PRO WA 195 -77.54 -17.17 -13.02
C PRO WA 195 -76.21 -16.76 -13.63
N ILE WA 196 -75.09 -17.28 -13.13
CA ILE WA 196 -73.80 -16.95 -13.73
C ILE WA 196 -73.69 -17.55 -15.12
N GLN WA 197 -74.21 -18.76 -15.30
CA GLN WA 197 -74.24 -19.34 -16.64
C GLN WA 197 -75.14 -18.53 -17.57
N ASN WA 198 -76.25 -18.01 -17.05
CA ASN WA 198 -77.11 -17.13 -17.85
C ASN WA 198 -76.38 -15.87 -18.26
N LEU WA 199 -75.62 -15.29 -17.33
CA LEU WA 199 -74.84 -14.09 -17.64
C LEU WA 199 -73.78 -14.39 -18.70
N GLN WA 200 -73.09 -15.53 -18.59
CA GLN WA 200 -72.08 -15.89 -19.57
C GLN WA 200 -72.70 -16.14 -20.95
N ASP WA 201 -73.86 -16.81 -20.98
CA ASP WA 201 -74.55 -17.03 -22.24
C ASP WA 201 -74.97 -15.71 -22.87
N HIS WA 202 -75.45 -14.77 -22.05
CA HIS WA 202 -75.82 -13.46 -22.58
C HIS WA 202 -74.61 -12.71 -23.11
N LEU WA 203 -73.50 -12.72 -22.38
CA LEU WA 203 -72.29 -12.04 -22.83
C LEU WA 203 -71.71 -12.68 -24.08
N ALA WA 204 -71.99 -13.96 -24.33
CA ALA WA 204 -71.54 -14.60 -25.56
C ALA WA 204 -72.17 -13.93 -26.78
N ASP WA 205 -73.48 -13.69 -26.74
CA ASP WA 205 -74.19 -13.05 -27.84
C ASP WA 205 -75.46 -12.40 -27.32
N PRO WA 206 -75.40 -11.14 -26.89
CA PRO WA 206 -76.58 -10.52 -26.27
C PRO WA 206 -77.75 -10.30 -27.21
N GLY WA 207 -77.52 -10.28 -28.52
CA GLY WA 207 -78.61 -10.06 -29.46
C GLY WA 207 -79.61 -11.18 -29.47
N VAL WA 208 -79.15 -12.42 -29.33
CA VAL WA 208 -80.03 -13.58 -29.39
C VAL WA 208 -80.08 -14.36 -28.09
N ASN WA 209 -79.15 -14.17 -27.16
CA ASN WA 209 -79.18 -14.87 -25.88
C ASN WA 209 -79.77 -13.94 -24.84
N ASN WA 210 -81.09 -13.91 -24.79
CA ASN WA 210 -81.83 -13.09 -23.84
C ASN WA 210 -83.17 -13.75 -23.59
N ALA WA 211 -83.98 -13.09 -22.75
CA ALA WA 211 -85.26 -13.69 -22.34
C ALA WA 211 -86.21 -13.84 -23.51
N PHE WA 212 -86.08 -13.00 -24.54
CA PHE WA 212 -86.92 -13.15 -25.73
C PHE WA 212 -86.61 -14.42 -26.50
N ALA WA 213 -85.43 -15.01 -26.28
CA ALA WA 213 -85.16 -16.33 -26.85
C ALA WA 213 -85.96 -17.42 -26.19
N SER WA 214 -86.58 -17.15 -25.03
CA SER WA 214 -87.33 -18.15 -24.29
C SER WA 214 -88.80 -17.77 -24.14
N ALA WA 215 -89.29 -16.83 -24.95
CA ALA WA 215 -90.68 -16.42 -24.87
C ALA WA 215 -91.62 -17.45 -25.48
N THR WA 216 -91.12 -18.32 -26.35
CA THR WA 216 -91.93 -19.33 -27.02
C THR WA 216 -91.81 -20.69 -26.35
N LYS WA 217 -91.49 -20.72 -25.06
CA LYS WA 217 -91.23 -21.97 -24.36
C LYS WA 217 -92.40 -22.44 -23.51
N PHE WA 218 -93.22 -21.52 -23.01
CA PHE WA 218 -94.34 -21.85 -22.16
C PHE WA 218 -95.68 -21.80 -22.89
N VAL WA 219 -95.66 -21.74 -24.20
CA VAL WA 219 -96.89 -21.52 -24.98
C VAL WA 219 -97.79 -22.74 -24.84
N PRO WA 220 -99.09 -22.56 -24.57
CA PRO WA 220 -99.98 -23.71 -24.37
C PRO WA 220 -100.35 -24.35 -25.71
N THR WA 221 -100.03 -25.63 -25.84
CA THR WA 221 -100.30 -26.35 -27.07
C THR WA 221 -101.66 -27.03 -27.00
N PRO WA 222 -102.42 -27.07 -28.12
CA PRO WA 222 -103.73 -27.71 -28.13
C PRO WA 222 -103.66 -29.23 -28.02
N GLN XA 1 23.93 -1.33 -57.05
CA GLN XA 1 24.40 -0.49 -58.14
C GLN XA 1 23.26 -0.18 -59.11
N ARG XA 2 22.47 -1.20 -59.43
CA ARG XA 2 21.30 -1.03 -60.29
C ARG XA 2 20.19 -0.42 -59.44
N VAL XA 3 20.16 0.92 -59.45
CA VAL XA 3 19.29 1.68 -58.56
C VAL XA 3 17.83 1.44 -58.90
N ARG XA 4 17.51 1.25 -60.17
CA ARG XA 4 16.12 0.99 -60.53
C ARG XA 4 15.64 -0.35 -59.98
N THR XA 5 16.49 -1.40 -60.00
CA THR XA 5 16.00 -2.65 -59.45
C THR XA 5 15.99 -2.62 -57.93
N VAL XA 6 16.84 -1.81 -57.27
CA VAL XA 6 16.71 -1.77 -55.82
C VAL XA 6 15.49 -0.93 -55.42
N LEU XA 7 15.15 0.08 -56.23
CA LEU XA 7 13.90 0.79 -56.06
C LEU XA 7 12.69 -0.14 -56.24
N ASP XA 8 12.75 -1.00 -57.25
CA ASP XA 8 11.70 -1.99 -57.44
C ASP XA 8 11.71 -3.08 -56.37
N MET XA 9 12.86 -3.32 -55.72
CA MET XA 9 12.88 -4.17 -54.54
C MET XA 9 12.11 -3.55 -53.40
N ASP XA 10 12.32 -2.24 -53.18
CA ASP XA 10 11.65 -1.57 -52.08
C ASP XA 10 10.17 -1.31 -52.35
N ASP XA 11 9.78 -1.17 -53.62
CA ASP XA 11 8.39 -0.84 -53.98
C ASP XA 11 7.33 -1.76 -53.37
N PRO XA 12 7.39 -3.11 -53.51
CA PRO XA 12 6.24 -3.91 -53.10
C PRO XA 12 6.17 -4.12 -51.60
N ALA XA 13 7.35 -4.24 -50.98
CA ALA XA 13 7.40 -4.40 -49.54
C ALA XA 13 6.91 -3.13 -48.83
N LYS XA 14 7.15 -1.97 -49.42
CA LYS XA 14 6.83 -0.72 -48.75
C LYS XA 14 6.66 0.40 -49.77
N GLU XA 15 5.55 1.13 -49.70
CA GLU XA 15 5.20 2.13 -50.69
C GLU XA 15 5.41 3.57 -50.21
N GLU XA 16 6.26 3.78 -49.21
CA GLU XA 16 6.52 5.13 -48.71
C GLU XA 16 8.00 5.38 -48.46
N THR XA 17 8.88 4.59 -49.07
CA THR XA 17 10.32 4.76 -48.89
C THR XA 17 10.77 6.08 -49.51
N VAL XA 18 11.88 6.62 -49.01
CA VAL XA 18 12.41 7.85 -49.58
C VAL XA 18 12.93 7.60 -50.99
N LYS XA 19 13.38 6.36 -51.28
CA LYS XA 19 13.87 6.01 -52.61
C LYS XA 19 12.81 6.18 -53.68
N GLU XA 20 11.54 6.05 -53.31
CA GLU XA 20 10.41 6.15 -54.20
C GLU XA 20 9.56 7.40 -54.00
N LEU XA 21 9.70 8.08 -52.87
CA LEU XA 21 9.06 9.36 -52.65
C LEU XA 21 10.00 10.53 -52.94
N ARG XA 22 11.19 10.25 -53.44
CA ARG XA 22 12.13 11.28 -53.86
C ARG XA 22 12.52 11.02 -55.32
N LYS XA 23 12.55 12.09 -56.11
CA LYS XA 23 12.94 12.06 -57.52
C LYS XA 23 12.00 11.16 -58.33
N ASP XA 24 10.73 11.09 -57.92
CA ASP XA 24 9.73 10.28 -58.62
C ASP XA 24 8.95 11.10 -59.64
N ILE XA 25 9.56 12.12 -60.22
CA ILE XA 25 8.92 12.99 -61.20
C ILE XA 25 9.28 12.55 -62.61
N ASN XA 26 10.46 11.94 -62.77
CA ASN XA 26 10.82 11.36 -64.06
C ASN XA 26 10.12 10.04 -64.30
N ASN XA 27 9.53 9.45 -63.27
CA ASN XA 27 8.76 8.22 -63.41
C ASN XA 27 7.30 8.55 -63.64
#